data_4EP0
#
_entry.id   4EP0
#
_cell.length_a   316.868
_cell.length_b   211.380
_cell.length_c   178.605
_cell.angle_alpha   90.00
_cell.angle_beta   116.53
_cell.angle_gamma   90.00
#
_symmetry.space_group_name_H-M   'C 1 2 1'
#
_entity_poly.entity_id   1
_entity_poly.type   'polypeptide(L)'
_entity_poly.pdbx_seq_one_letter_code
;MTLSKIKLFYNTPFNNMQNTLHFNSNEERDAYFNSKFDVHEFTSTFNYRNMKGVLRVTIDLVSDRSCFEQLMGVNYCQVQ
YIQSNRVEYLFVTDIQQLNDKVCELSLVPDVVMTYTQGNVLNTLNNVNVIRQHYTQTEYEQNLEQIRSNNDVLATSTMRV
HAIKSELFTQLEYILTIGANLRKSFGTAEKPKFPSSSGSTHDGIYNPYDMYWFNDYESLKEVMDYLTGYPWIQQSIKNVT
IIPSGFIKQESLNDHEPVNGGDLSVRKLGKQGVSNQKDFNAISLDYQSLMFTLGLNPINDKHLLRPNIVTAELTDYAGNR
LPIDLSLIETNLEFDSFVTMGAKNEIKVYVKNYNARGNNVGQYIDNALTINNFDTIGFSVDSGELGKANSAYSRELSNSR
QMSSRINTVLDNDASVKDRLFNAISLSGGLSIKSALSGFNNEYEHYRDQKAQFKQMDALPNAITEGHVGYAPLFKQDKFG
VHLRLGRISQDELNNVKKYYNMFGYECNDYSTKLSDITSMSICNWVQFKGIWTLPNVDTGHMNMLRALFEAGVRLWHKES
DMINNTVVNNVIIKSLEHHHHHH
;
_entity_poly.pdbx_strand_id   A,B,C,D,E,F,G,H,I,J,K,L
#
# COMPACT_ATOMS: atom_id res chain seq x y z
N LEU A 3 29.67 -10.38 -69.28
CA LEU A 3 29.11 -11.44 -68.44
C LEU A 3 27.56 -11.50 -68.47
N SER A 4 26.92 -10.90 -69.47
CA SER A 4 25.46 -10.82 -69.48
C SER A 4 24.79 -10.38 -70.80
N LYS A 5 23.78 -11.14 -71.22
CA LYS A 5 23.03 -10.85 -72.43
C LYS A 5 21.83 -9.93 -72.12
N ILE A 6 21.58 -8.96 -73.00
CA ILE A 6 20.59 -7.89 -72.76
C ILE A 6 19.60 -7.65 -73.92
N LYS A 7 18.30 -7.68 -73.60
CA LYS A 7 17.28 -7.20 -74.54
C LYS A 7 16.97 -5.74 -74.20
N LEU A 8 16.45 -4.96 -75.15
CA LEU A 8 16.13 -3.54 -74.91
C LEU A 8 14.73 -3.06 -75.37
N PHE A 9 13.69 -3.50 -74.68
CA PHE A 9 12.30 -3.41 -75.20
C PHE A 9 11.81 -2.01 -75.57
N TYR A 10 11.10 -1.93 -76.69
CA TYR A 10 10.66 -0.67 -77.28
C TYR A 10 9.18 -0.36 -77.00
N ASN A 11 8.88 0.91 -76.80
CA ASN A 11 7.52 1.39 -76.52
C ASN A 11 6.68 0.50 -75.60
N THR A 12 7.17 0.30 -74.39
CA THR A 12 6.57 -0.63 -73.47
C THR A 12 5.49 0.08 -72.65
N PRO A 13 4.51 -0.67 -72.11
CA PRO A 13 3.52 -0.05 -71.22
C PRO A 13 4.06 0.24 -69.81
N PHE A 14 4.93 -0.64 -69.34
CA PHE A 14 5.61 -0.51 -68.04
C PHE A 14 6.51 0.71 -67.90
N ASN A 15 5.94 1.83 -67.45
CA ASN A 15 6.72 3.04 -67.16
C ASN A 15 6.27 3.83 -65.92
N ASN A 16 5.10 3.48 -65.37
CA ASN A 16 4.75 3.83 -64.00
C ASN A 16 5.52 2.85 -63.14
N MET A 17 6.16 3.36 -62.08
CA MET A 17 7.12 2.56 -61.31
C MET A 17 6.29 1.84 -60.23
N GLN A 18 5.13 1.30 -60.62
CA GLN A 18 3.98 1.06 -59.72
C GLN A 18 2.70 0.47 -60.39
N ASN A 19 2.63 0.50 -61.72
CA ASN A 19 1.78 -0.41 -62.50
C ASN A 19 2.60 -1.48 -63.18
N THR A 20 2.25 -2.73 -62.92
CA THR A 20 2.99 -3.87 -63.41
C THR A 20 2.06 -4.86 -64.11
N LEU A 21 2.67 -5.88 -64.72
CA LEU A 21 1.92 -7.01 -65.22
C LEU A 21 2.31 -8.22 -64.40
N HIS A 22 1.41 -9.20 -64.36
CA HIS A 22 1.58 -10.35 -63.49
C HIS A 22 1.25 -11.65 -64.18
N PHE A 23 2.18 -12.58 -64.03
CA PHE A 23 2.14 -13.88 -64.68
C PHE A 23 2.11 -14.98 -63.63
N ASN A 24 1.38 -16.05 -63.90
CA ASN A 24 1.23 -17.15 -62.97
C ASN A 24 2.56 -17.71 -62.48
N SER A 25 3.62 -17.48 -63.26
CA SER A 25 4.93 -18.02 -62.92
C SER A 25 6.04 -17.37 -63.73
N ASN A 26 7.24 -17.35 -63.16
CA ASN A 26 8.38 -16.63 -63.75
C ASN A 26 8.60 -16.92 -65.21
N GLU A 27 9.07 -18.12 -65.52
CA GLU A 27 9.47 -18.42 -66.90
C GLU A 27 8.32 -18.38 -67.93
N GLU A 28 7.10 -18.16 -67.45
CA GLU A 28 5.95 -17.89 -68.32
C GLU A 28 5.96 -16.42 -68.76
N ARG A 29 6.57 -15.57 -67.95
CA ARG A 29 6.80 -14.16 -68.29
C ARG A 29 8.10 -13.98 -69.08
N ASP A 30 9.10 -14.80 -68.80
CA ASP A 30 10.30 -14.76 -69.62
C ASP A 30 9.94 -15.26 -71.00
N ALA A 31 9.04 -16.23 -71.06
CA ALA A 31 8.52 -16.71 -72.33
C ALA A 31 7.81 -15.56 -73.03
N TYR A 32 7.02 -14.81 -72.27
CA TYR A 32 6.33 -13.64 -72.78
C TYR A 32 7.33 -12.63 -73.37
N PHE A 33 8.17 -12.08 -72.50
CA PHE A 33 9.11 -11.04 -72.90
C PHE A 33 10.03 -11.50 -74.00
N ASN A 34 10.60 -12.69 -73.87
CA ASN A 34 11.53 -13.20 -74.89
C ASN A 34 10.91 -13.38 -76.28
N SER A 35 9.75 -12.79 -76.55
CA SER A 35 9.07 -13.02 -77.80
C SER A 35 8.09 -11.89 -78.05
N LYS A 36 8.62 -10.71 -78.37
CA LYS A 36 7.75 -9.63 -78.86
C LYS A 36 8.45 -8.52 -79.65
N PHE A 37 9.75 -8.65 -79.92
CA PHE A 37 10.58 -7.46 -80.16
C PHE A 37 10.31 -6.72 -81.47
N ASP A 38 10.66 -5.42 -81.45
CA ASP A 38 10.57 -4.49 -82.59
C ASP A 38 11.87 -4.17 -83.39
N VAL A 39 12.96 -3.69 -82.76
CA VAL A 39 14.23 -3.57 -83.51
C VAL A 39 15.65 -3.57 -82.80
N HIS A 40 15.88 -4.33 -81.70
CA HIS A 40 17.22 -4.36 -81.00
C HIS A 40 17.48 -5.22 -79.71
N GLU A 41 18.47 -6.10 -79.78
CA GLU A 41 19.01 -6.84 -78.63
C GLU A 41 20.53 -6.98 -78.80
N PHE A 42 21.27 -7.08 -77.69
CA PHE A 42 22.74 -7.14 -77.76
C PHE A 42 23.39 -7.86 -76.57
N THR A 43 24.70 -7.65 -76.37
CA THR A 43 25.44 -8.26 -75.25
C THR A 43 26.56 -7.35 -74.75
N SER A 44 26.65 -7.20 -73.43
CA SER A 44 27.68 -6.37 -72.80
C SER A 44 27.79 -6.79 -71.33
N THR A 45 28.13 -5.86 -70.44
CA THR A 45 28.01 -6.12 -69.00
C THR A 45 27.89 -4.77 -68.33
N PHE A 46 27.52 -4.77 -67.06
CA PHE A 46 27.17 -3.51 -66.39
C PHE A 46 27.33 -3.53 -64.87
N ASN A 47 27.45 -2.31 -64.33
CA ASN A 47 27.81 -2.07 -62.93
C ASN A 47 26.56 -1.93 -62.09
N TYR A 48 26.70 -1.60 -60.82
CA TYR A 48 25.53 -1.51 -59.94
C TYR A 48 25.85 -0.82 -58.62
N ARG A 49 24.83 -0.17 -58.05
CA ARG A 49 24.97 0.51 -56.75
C ARG A 49 23.61 1.02 -56.27
N GLY A 53 18.95 0.19 -57.52
CA GLY A 53 19.36 1.27 -58.39
C GLY A 53 20.44 2.09 -57.71
N VAL A 54 20.98 3.12 -58.36
CA VAL A 54 20.75 3.46 -59.77
C VAL A 54 22.06 3.21 -60.50
N LEU A 55 21.99 2.84 -61.78
CA LEU A 55 23.19 2.41 -62.50
C LEU A 55 23.11 2.64 -64.01
N ARG A 56 24.26 2.48 -64.68
CA ARG A 56 24.36 2.76 -66.12
C ARG A 56 24.90 1.57 -66.95
N VAL A 57 24.51 1.53 -68.22
CA VAL A 57 25.03 0.57 -69.19
C VAL A 57 25.28 1.26 -70.53
N THR A 58 26.52 1.24 -70.99
CA THR A 58 26.86 1.83 -72.28
C THR A 58 26.44 0.86 -73.38
N ILE A 59 26.12 1.41 -74.54
CA ILE A 59 25.75 0.60 -75.70
C ILE A 59 25.98 1.37 -76.99
N ASP A 60 26.16 0.67 -78.11
CA ASP A 60 26.42 1.33 -79.39
C ASP A 60 25.73 0.74 -80.62
N LEU A 61 25.75 1.51 -81.70
CA LEU A 61 25.04 1.20 -82.94
C LEU A 61 25.94 1.49 -84.15
N VAL A 62 26.60 0.45 -84.67
CA VAL A 62 27.60 0.64 -85.74
C VAL A 62 26.91 0.88 -87.09
N SER A 63 25.67 0.38 -87.23
CA SER A 63 24.93 0.49 -88.48
C SER A 63 24.07 1.75 -88.51
N ASP A 64 24.58 2.80 -89.14
CA ASP A 64 23.82 4.05 -89.16
C ASP A 64 23.97 4.93 -90.41
N ARG A 65 22.94 5.74 -90.58
CA ARG A 65 22.77 6.71 -91.65
C ARG A 65 21.89 7.85 -91.13
N SER A 66 20.85 7.47 -90.38
CA SER A 66 20.03 8.41 -89.63
C SER A 66 19.63 7.82 -88.27
N CYS A 67 20.57 7.17 -87.57
CA CYS A 67 20.31 6.56 -86.24
C CYS A 67 21.10 7.32 -85.15
N PHE A 68 22.39 7.02 -85.02
CA PHE A 68 23.21 7.64 -83.98
C PHE A 68 22.61 7.32 -82.57
N GLU A 69 21.95 8.29 -81.93
CA GLU A 69 21.16 7.98 -80.76
C GLU A 69 19.90 7.29 -81.22
N GLN A 70 18.86 8.07 -81.49
CA GLN A 70 17.57 7.64 -82.09
C GLN A 70 17.31 6.11 -82.21
N LEU A 71 17.64 5.40 -81.13
CA LEU A 71 17.05 4.14 -80.80
C LEU A 71 15.73 4.51 -80.10
N MET A 72 15.72 5.69 -79.48
CA MET A 72 14.49 6.39 -79.14
C MET A 72 13.59 5.61 -78.19
N GLY A 73 12.54 4.97 -78.67
CA GLY A 73 11.39 4.63 -77.84
C GLY A 73 11.59 3.63 -76.72
N VAL A 74 12.79 3.05 -76.62
CA VAL A 74 13.16 2.16 -75.51
C VAL A 74 12.93 2.75 -74.13
N ASN A 75 12.28 1.96 -73.27
CA ASN A 75 12.03 2.37 -71.88
C ASN A 75 12.02 1.23 -70.85
N TYR A 76 12.41 0.03 -71.27
CA TYR A 76 12.35 -1.12 -70.38
C TYR A 76 13.30 -2.12 -70.98
N CYS A 77 13.91 -2.94 -70.14
CA CYS A 77 14.88 -3.89 -70.64
C CYS A 77 15.01 -5.14 -69.78
N GLN A 78 15.45 -6.21 -70.41
CA GLN A 78 15.77 -7.44 -69.71
C GLN A 78 17.26 -7.62 -69.70
N VAL A 79 17.75 -8.15 -68.60
CA VAL A 79 19.11 -8.60 -68.51
C VAL A 79 19.05 -10.01 -67.99
N GLN A 80 19.86 -10.90 -68.55
CA GLN A 80 20.10 -12.18 -67.90
C GLN A 80 21.59 -12.44 -67.81
N TYR A 81 22.06 -12.61 -66.60
CA TYR A 81 23.48 -12.84 -66.36
C TYR A 81 23.80 -14.28 -66.73
N ILE A 82 24.95 -14.47 -67.35
CA ILE A 82 25.43 -15.80 -67.69
C ILE A 82 26.92 -15.83 -67.34
N GLN A 83 27.44 -16.91 -66.76
CA GLN A 83 26.66 -18.06 -66.30
C GLN A 83 26.17 -17.74 -64.91
N SER A 84 24.91 -18.09 -64.68
CA SER A 84 24.08 -17.64 -63.57
C SER A 84 22.68 -17.87 -64.09
N ASN A 85 22.45 -17.41 -65.31
CA ASN A 85 21.19 -17.57 -66.02
C ASN A 85 20.00 -17.04 -65.23
N ARG A 86 20.25 -16.10 -64.32
CA ARG A 86 19.19 -15.47 -63.57
C ARG A 86 18.78 -14.23 -64.32
N VAL A 87 17.50 -13.92 -64.27
CA VAL A 87 16.95 -12.81 -65.04
C VAL A 87 16.50 -11.71 -64.10
N GLU A 88 16.60 -10.48 -64.59
CA GLU A 88 16.22 -9.30 -63.83
C GLU A 88 15.83 -8.21 -64.80
N TYR A 89 14.67 -7.60 -64.58
CA TYR A 89 14.19 -6.52 -65.45
C TYR A 89 14.37 -5.15 -64.79
N LEU A 90 14.58 -4.15 -65.64
CA LEU A 90 14.81 -2.77 -65.21
C LEU A 90 14.13 -1.78 -66.15
N PHE A 91 13.79 -0.61 -65.61
CA PHE A 91 13.30 0.49 -66.41
C PHE A 91 14.52 1.20 -66.89
N VAL A 92 14.46 1.69 -68.11
CA VAL A 92 15.51 2.57 -68.60
C VAL A 92 14.96 4.00 -68.49
N THR A 93 15.64 4.80 -67.68
CA THR A 93 15.12 6.08 -67.24
C THR A 93 15.46 7.21 -68.19
N ASP A 94 16.67 7.16 -68.75
CA ASP A 94 17.12 8.19 -69.67
C ASP A 94 18.21 7.66 -70.57
N ILE A 95 18.24 8.14 -71.81
CA ILE A 95 19.27 7.75 -72.76
C ILE A 95 20.08 8.97 -73.15
N GLN A 96 21.04 9.32 -72.31
CA GLN A 96 21.97 10.38 -72.65
C GLN A 96 22.94 9.84 -73.70
N GLN A 97 23.21 10.64 -74.72
CA GLN A 97 24.07 10.21 -75.82
C GLN A 97 25.48 10.69 -75.57
N LEU A 98 26.48 10.06 -76.20
CA LEU A 98 27.88 10.47 -76.08
C LEU A 98 28.49 10.93 -77.41
N ASN A 99 28.40 10.08 -78.43
CA ASN A 99 28.87 10.43 -79.76
C ASN A 99 27.90 9.91 -80.82
N ASP A 100 28.19 10.16 -82.09
CA ASP A 100 27.28 9.83 -83.17
C ASP A 100 26.98 8.33 -83.36
N LYS A 101 27.27 7.48 -82.38
CA LYS A 101 26.64 6.15 -82.34
C LYS A 101 26.61 5.41 -80.99
N VAL A 102 27.37 5.87 -80.01
CA VAL A 102 27.45 5.20 -78.71
C VAL A 102 26.69 5.99 -77.63
N CYS A 103 25.43 5.64 -77.40
CA CYS A 103 24.60 6.31 -76.41
C CYS A 103 24.62 5.53 -75.08
N GLU A 104 24.56 6.24 -73.96
CA GLU A 104 24.64 5.63 -72.63
C GLU A 104 23.31 5.62 -71.87
N LEU A 105 22.94 4.44 -71.37
CA LEU A 105 21.64 4.24 -70.75
C LEU A 105 21.74 4.21 -69.24
N SER A 106 20.86 4.95 -68.57
CA SER A 106 20.71 4.87 -67.12
C SER A 106 19.52 3.96 -66.81
N LEU A 107 19.62 3.19 -65.74
CA LEU A 107 18.68 2.12 -65.45
C LEU A 107 18.28 2.10 -63.98
N VAL A 108 17.13 1.50 -63.71
CA VAL A 108 16.68 1.33 -62.32
C VAL A 108 15.80 0.08 -62.22
N PRO A 109 16.04 -0.78 -61.22
CA PRO A 109 15.45 -2.12 -61.27
C PRO A 109 13.95 -2.17 -61.07
N ASP A 110 13.28 -2.96 -61.90
CA ASP A 110 11.84 -3.11 -61.79
C ASP A 110 11.66 -4.30 -60.88
N VAL A 111 12.00 -4.08 -59.62
CA VAL A 111 11.86 -5.08 -58.58
C VAL A 111 10.49 -5.74 -58.58
N VAL A 112 9.45 -4.99 -58.98
CA VAL A 112 8.08 -5.50 -58.92
C VAL A 112 7.86 -6.63 -59.93
N MET A 113 8.53 -6.54 -61.08
CA MET A 113 8.41 -7.55 -62.10
C MET A 113 9.36 -8.70 -61.81
N THR A 114 10.50 -8.38 -61.21
CA THR A 114 11.57 -9.34 -61.09
C THR A 114 11.23 -10.45 -60.10
N TYR A 115 10.81 -10.05 -58.91
CA TYR A 115 10.74 -10.97 -57.77
C TYR A 115 9.33 -11.45 -57.41
N THR A 116 8.33 -10.65 -57.70
CA THR A 116 6.98 -10.88 -57.17
C THR A 116 6.19 -11.88 -57.98
N GLN A 117 6.76 -12.36 -59.08
CA GLN A 117 6.00 -13.14 -60.04
C GLN A 117 5.42 -14.41 -59.46
N GLY A 118 4.21 -14.70 -59.91
CA GLY A 118 3.52 -15.91 -59.49
C GLY A 118 2.83 -15.80 -58.14
N ASN A 119 2.70 -16.95 -57.50
CA ASN A 119 1.90 -17.07 -56.30
C ASN A 119 2.73 -16.86 -55.05
N VAL A 120 3.47 -15.75 -55.00
CA VAL A 120 4.41 -15.52 -53.90
C VAL A 120 3.76 -14.77 -52.77
N LEU A 121 3.33 -13.56 -53.09
CA LEU A 121 2.84 -12.62 -52.10
C LEU A 121 1.68 -13.16 -51.26
N ASN A 122 0.98 -14.18 -51.80
CA ASN A 122 -0.10 -14.84 -51.07
C ASN A 122 0.42 -15.64 -49.86
N THR A 123 1.66 -16.11 -49.96
CA THR A 123 2.27 -16.89 -48.88
C THR A 123 2.57 -16.05 -47.66
N LEU A 124 2.71 -14.74 -47.87
CA LEU A 124 3.03 -13.81 -46.78
C LEU A 124 1.99 -13.75 -45.67
N ASN A 125 2.45 -13.91 -44.44
CA ASN A 125 1.59 -13.84 -43.28
C ASN A 125 1.96 -12.68 -42.37
N ASN A 126 0.97 -12.24 -41.60
CA ASN A 126 1.17 -11.22 -40.59
C ASN A 126 1.71 -9.96 -41.21
N VAL A 127 1.14 -9.56 -42.33
CA VAL A 127 1.46 -8.26 -42.90
C VAL A 127 0.25 -7.35 -42.75
N ASN A 128 0.49 -6.13 -42.28
CA ASN A 128 -0.57 -5.14 -42.26
C ASN A 128 -0.84 -4.70 -43.69
N VAL A 129 -2.01 -5.03 -44.21
CA VAL A 129 -2.39 -4.59 -45.55
C VAL A 129 -3.15 -3.32 -45.40
N ILE A 130 -3.33 -2.63 -46.52
CA ILE A 130 -4.01 -1.36 -46.53
C ILE A 130 -5.20 -1.44 -47.47
N ARG A 131 -4.89 -1.73 -48.71
CA ARG A 131 -5.91 -1.82 -49.72
C ARG A 131 -5.57 -2.98 -50.60
N GLN A 132 -6.56 -3.86 -50.84
CA GLN A 132 -6.41 -4.89 -51.87
C GLN A 132 -7.73 -5.14 -52.55
N HIS A 133 -7.71 -6.15 -53.41
CA HIS A 133 -8.91 -6.64 -54.05
C HIS A 133 -9.29 -7.97 -53.39
N TYR A 134 -10.58 -8.26 -53.32
CA TYR A 134 -11.08 -9.31 -52.46
C TYR A 134 -11.51 -10.55 -53.20
N THR A 135 -11.30 -11.71 -52.58
CA THR A 135 -11.87 -12.95 -53.09
C THR A 135 -13.37 -12.86 -52.79
N GLN A 136 -14.20 -13.67 -53.44
CA GLN A 136 -15.65 -13.59 -53.23
C GLN A 136 -16.01 -13.83 -51.76
N THR A 137 -15.33 -14.78 -51.13
CA THR A 137 -15.57 -15.09 -49.73
C THR A 137 -15.26 -13.88 -48.88
N GLU A 138 -14.02 -13.41 -48.99
CA GLU A 138 -13.56 -12.31 -48.16
C GLU A 138 -14.37 -11.05 -48.45
N TYR A 139 -14.86 -10.94 -49.69
CA TYR A 139 -15.72 -9.83 -50.09
C TYR A 139 -16.94 -9.82 -49.20
N GLU A 140 -17.67 -10.92 -49.17
CA GLU A 140 -18.85 -11.01 -48.33
C GLU A 140 -18.56 -10.66 -46.85
N GLN A 141 -17.32 -10.85 -46.40
CA GLN A 141 -16.96 -10.58 -45.00
C GLN A 141 -16.71 -9.10 -44.73
N ASN A 142 -15.75 -8.50 -45.42
CA ASN A 142 -15.55 -7.06 -45.32
C ASN A 142 -16.59 -6.32 -46.21
N LEU A 143 -17.85 -6.78 -46.26
CA LEU A 143 -18.86 -6.17 -47.16
C LEU A 143 -19.63 -5.07 -46.43
N GLU A 144 -20.13 -5.41 -45.24
CA GLU A 144 -20.84 -4.43 -44.44
C GLU A 144 -19.94 -3.22 -44.28
N GLN A 145 -18.65 -3.48 -44.07
CA GLN A 145 -17.67 -2.40 -44.05
C GLN A 145 -17.82 -1.58 -45.32
N ILE A 146 -17.46 -2.15 -46.47
CA ILE A 146 -17.30 -1.36 -47.70
C ILE A 146 -18.55 -0.55 -48.13
N ARG A 147 -19.70 -0.90 -47.58
CA ARG A 147 -20.94 -0.19 -47.85
C ARG A 147 -21.21 0.94 -46.86
N SER A 148 -20.59 0.86 -45.68
CA SER A 148 -20.71 1.91 -44.64
C SER A 148 -19.52 2.89 -44.50
N ASN A 149 -18.29 2.44 -44.75
CA ASN A 149 -17.12 3.32 -44.57
C ASN A 149 -17.17 4.51 -45.51
N ASN A 150 -16.31 5.50 -45.26
CA ASN A 150 -16.29 6.70 -46.08
C ASN A 150 -15.28 6.65 -47.21
N ASP A 151 -14.78 5.44 -47.47
CA ASP A 151 -13.90 5.15 -48.59
C ASP A 151 -14.70 5.04 -49.90
N VAL A 152 -15.07 6.19 -50.48
CA VAL A 152 -15.77 6.24 -51.79
C VAL A 152 -15.45 7.52 -52.52
N LEU A 153 -15.60 7.49 -53.84
CA LEU A 153 -15.26 8.61 -54.71
C LEU A 153 -16.22 9.82 -54.56
N ALA A 154 -15.66 11.03 -54.60
CA ALA A 154 -16.43 12.27 -54.67
C ALA A 154 -17.61 12.12 -55.62
N THR A 155 -18.82 12.27 -55.10
CA THR A 155 -20.02 12.09 -55.90
C THR A 155 -21.03 13.16 -55.58
N SER A 156 -21.74 13.66 -56.61
CA SER A 156 -22.58 14.85 -56.44
C SER A 156 -23.91 14.89 -57.22
N THR A 157 -24.25 13.83 -57.93
CA THR A 157 -25.25 13.95 -58.98
C THR A 157 -26.42 12.99 -58.79
N MET A 158 -26.97 12.96 -57.59
CA MET A 158 -28.11 12.11 -57.32
C MET A 158 -29.34 12.73 -57.94
N ARG A 159 -30.21 11.86 -58.42
CA ARG A 159 -31.46 12.27 -59.07
C ARG A 159 -32.52 11.22 -58.78
N VAL A 160 -33.79 11.61 -58.82
CA VAL A 160 -34.88 10.65 -58.65
C VAL A 160 -34.90 9.78 -59.89
N HIS A 161 -34.37 8.58 -59.73
CA HIS A 161 -34.04 7.72 -60.84
C HIS A 161 -35.26 6.94 -61.29
N ALA A 162 -35.99 6.43 -60.31
CA ALA A 162 -37.16 5.60 -60.54
C ALA A 162 -38.19 5.80 -59.43
N ILE A 163 -39.46 5.56 -59.75
CA ILE A 163 -40.52 5.56 -58.74
C ILE A 163 -41.45 4.34 -58.85
N LYS A 164 -41.61 3.62 -57.74
CA LYS A 164 -42.61 2.57 -57.59
C LYS A 164 -43.54 3.01 -56.48
N SER A 165 -44.81 2.62 -56.58
CA SER A 165 -45.80 3.04 -55.59
C SER A 165 -46.93 2.01 -55.45
N GLU A 166 -47.32 1.74 -54.20
CA GLU A 166 -48.49 0.91 -53.92
C GLU A 166 -49.69 1.83 -53.74
N LEU A 167 -50.45 1.98 -54.83
CA LEU A 167 -51.54 2.93 -54.89
C LEU A 167 -52.80 2.39 -54.26
N PHE A 168 -53.50 3.25 -53.54
CA PHE A 168 -54.79 2.87 -52.95
C PHE A 168 -55.88 3.12 -53.95
N THR A 169 -56.31 2.01 -54.51
CA THR A 169 -57.03 2.05 -55.76
C THR A 169 -58.52 2.05 -55.48
N GLN A 170 -58.94 1.22 -54.52
CA GLN A 170 -60.33 1.16 -54.09
C GLN A 170 -60.39 1.41 -52.60
N LEU A 171 -61.58 1.78 -52.10
CA LEU A 171 -61.76 2.16 -50.71
C LEU A 171 -62.83 1.34 -50.01
N GLU A 172 -62.78 1.40 -48.68
CA GLU A 172 -63.75 0.78 -47.77
C GLU A 172 -64.14 1.81 -46.72
N TYR A 173 -65.24 1.56 -45.99
CA TYR A 173 -65.77 2.53 -45.04
C TYR A 173 -66.22 1.91 -43.71
N ILE A 174 -65.83 2.54 -42.59
CA ILE A 174 -66.41 2.24 -41.28
C ILE A 174 -67.41 3.33 -40.90
N LEU A 175 -68.65 2.89 -40.67
CA LEU A 175 -69.71 3.74 -40.18
C LEU A 175 -69.81 3.39 -38.72
N THR A 176 -69.27 4.28 -37.90
CA THR A 176 -69.12 3.99 -36.49
C THR A 176 -70.07 4.89 -35.69
N ILE A 177 -71.15 4.28 -35.18
CA ILE A 177 -72.21 4.99 -34.46
C ILE A 177 -72.52 4.33 -33.12
N GLY A 178 -73.18 5.06 -32.24
CA GLY A 178 -73.45 4.61 -30.89
C GLY A 178 -74.89 4.19 -30.70
N ALA A 179 -75.34 3.30 -31.56
CA ALA A 179 -76.71 2.85 -31.55
C ALA A 179 -76.75 1.55 -32.35
N ASN A 180 -77.48 0.55 -31.87
CA ASN A 180 -77.56 -0.72 -32.56
C ASN A 180 -78.46 -0.65 -33.80
N LEU A 181 -77.86 -0.29 -34.94
CA LEU A 181 -78.59 -0.17 -36.22
C LEU A 181 -79.52 -1.31 -36.62
N ARG A 182 -79.33 -2.51 -36.04
CA ARG A 182 -80.07 -3.70 -36.48
C ARG A 182 -81.15 -4.19 -35.49
N LYS A 183 -81.77 -3.25 -34.75
CA LYS A 183 -83.05 -3.51 -34.04
C LYS A 183 -83.96 -2.26 -34.04
N SER A 184 -85.17 -2.39 -33.49
CA SER A 184 -86.25 -1.41 -33.70
C SER A 184 -85.95 0.05 -33.33
N PHE A 185 -86.22 0.97 -34.27
CA PHE A 185 -86.10 2.40 -34.02
C PHE A 185 -87.43 2.94 -33.53
N GLY A 186 -88.53 2.50 -34.15
CA GLY A 186 -89.85 3.03 -33.84
C GLY A 186 -90.26 4.10 -34.84
N THR A 187 -91.05 5.07 -34.37
CA THR A 187 -91.50 6.19 -35.21
C THR A 187 -91.27 7.53 -34.50
N ALA A 188 -91.63 8.61 -35.19
CA ALA A 188 -91.43 9.97 -34.67
C ALA A 188 -92.08 10.16 -33.31
N GLU A 189 -93.34 9.76 -33.19
CA GLU A 189 -94.11 9.99 -31.97
C GLU A 189 -93.72 9.01 -30.86
N LYS A 190 -93.37 7.78 -31.25
CA LYS A 190 -92.88 6.77 -30.32
C LYS A 190 -91.46 6.36 -30.72
N PRO A 191 -90.45 7.04 -30.16
CA PRO A 191 -89.06 6.71 -30.51
C PRO A 191 -88.42 5.68 -29.56
N LYS A 192 -87.59 4.80 -30.13
CA LYS A 192 -86.78 3.86 -29.34
C LYS A 192 -85.33 4.11 -29.70
N PHE A 193 -84.44 3.97 -28.71
CA PHE A 193 -83.01 4.23 -28.90
C PHE A 193 -82.17 2.99 -28.52
N PRO A 194 -82.02 2.04 -29.46
CA PRO A 194 -81.26 0.81 -29.16
C PRO A 194 -79.79 1.08 -28.85
N SER A 195 -79.35 0.77 -27.63
CA SER A 195 -77.98 1.02 -27.22
C SER A 195 -76.99 0.21 -28.04
N SER A 196 -75.85 0.82 -28.37
CA SER A 196 -74.80 0.17 -29.16
C SER A 196 -74.17 -1.00 -28.39
N SER A 197 -74.12 -2.16 -29.02
CA SER A 197 -73.56 -3.36 -28.37
C SER A 197 -72.06 -3.26 -28.06
N GLY A 198 -71.26 -2.79 -29.02
CA GLY A 198 -69.81 -2.77 -28.88
C GLY A 198 -69.16 -3.99 -29.51
N SER A 199 -68.10 -3.76 -30.27
CA SER A 199 -67.30 -4.82 -30.88
C SER A 199 -65.83 -4.64 -30.48
N THR A 200 -64.97 -5.58 -30.88
CA THR A 200 -63.55 -5.52 -30.49
C THR A 200 -62.63 -5.85 -31.66
N HIS A 201 -61.95 -4.84 -32.19
CA HIS A 201 -61.10 -5.02 -33.36
C HIS A 201 -59.69 -4.57 -33.07
N ASP A 202 -58.73 -5.39 -33.47
CA ASP A 202 -57.32 -5.14 -33.19
C ASP A 202 -57.12 -4.98 -31.68
N GLY A 203 -57.85 -5.77 -30.91
CA GLY A 203 -57.70 -5.74 -29.47
C GLY A 203 -58.03 -4.41 -28.79
N ILE A 204 -58.94 -3.64 -29.38
CA ILE A 204 -59.48 -2.46 -28.70
C ILE A 204 -61.00 -2.51 -28.68
N TYR A 205 -61.57 -2.54 -27.48
CA TYR A 205 -63.03 -2.54 -27.35
C TYR A 205 -63.60 -1.17 -27.60
N ASN A 206 -64.62 -1.17 -28.45
CA ASN A 206 -65.30 0.02 -28.82
C ASN A 206 -66.66 -0.01 -28.15
N PRO A 207 -66.99 1.07 -27.42
CA PRO A 207 -68.36 1.09 -26.91
C PRO A 207 -69.38 1.24 -28.04
N TYR A 208 -68.93 1.64 -29.21
CA TYR A 208 -69.81 1.85 -30.35
C TYR A 208 -69.91 0.62 -31.24
N ASP A 209 -70.85 0.66 -32.16
CA ASP A 209 -70.92 -0.33 -33.22
C ASP A 209 -70.12 0.19 -34.42
N MET A 210 -69.29 -0.68 -35.00
CA MET A 210 -68.61 -0.38 -36.25
C MET A 210 -69.31 -1.13 -37.38
N TYR A 211 -69.81 -0.41 -38.39
CA TYR A 211 -70.52 -1.04 -39.50
C TYR A 211 -69.76 -0.91 -40.81
N TRP A 212 -69.57 -2.04 -41.46
CA TRP A 212 -68.69 -2.16 -42.62
C TRP A 212 -69.40 -1.82 -43.91
N PHE A 213 -68.65 -1.27 -44.86
CA PHE A 213 -69.13 -1.09 -46.23
C PHE A 213 -67.95 -1.17 -47.17
N ASN A 214 -68.10 -1.91 -48.27
CA ASN A 214 -67.07 -1.94 -49.31
C ASN A 214 -67.59 -1.42 -50.64
N ASP A 215 -68.74 -0.75 -50.61
CA ASP A 215 -69.26 -0.07 -51.78
C ASP A 215 -69.84 1.26 -51.31
N TYR A 216 -69.59 2.34 -52.03
CA TYR A 216 -70.15 3.64 -51.65
C TYR A 216 -71.65 3.58 -51.65
N GLU A 217 -72.21 3.08 -52.74
CA GLU A 217 -73.66 3.02 -52.91
C GLU A 217 -74.31 2.31 -51.72
N SER A 218 -73.67 1.24 -51.23
CA SER A 218 -74.16 0.51 -50.06
C SER A 218 -74.27 1.42 -48.84
N LEU A 219 -73.21 2.17 -48.57
CA LEU A 219 -73.21 3.12 -47.47
C LEU A 219 -74.19 4.28 -47.71
N LYS A 220 -74.33 4.72 -48.96
CA LYS A 220 -75.22 5.82 -49.29
C LYS A 220 -76.66 5.44 -48.97
N GLU A 221 -77.07 4.25 -49.43
CA GLU A 221 -78.43 3.75 -49.20
C GLU A 221 -78.77 3.78 -47.71
N VAL A 222 -77.78 3.53 -46.86
CA VAL A 222 -78.01 3.48 -45.41
C VAL A 222 -77.89 4.89 -44.81
N MET A 223 -77.02 5.72 -45.37
CA MET A 223 -76.95 7.09 -44.91
C MET A 223 -78.27 7.79 -45.20
N ASP A 224 -78.92 7.38 -46.29
CA ASP A 224 -80.20 7.92 -46.68
C ASP A 224 -81.33 7.39 -45.79
N TYR A 225 -81.36 6.07 -45.61
CA TYR A 225 -82.34 5.42 -44.73
C TYR A 225 -82.33 6.10 -43.37
N LEU A 226 -81.14 6.56 -42.95
CA LEU A 226 -80.97 7.15 -41.62
C LEU A 226 -81.51 8.58 -41.50
N THR A 227 -81.64 9.31 -42.60
CA THR A 227 -82.22 10.64 -42.55
C THR A 227 -83.64 10.61 -41.99
N GLY A 228 -84.37 9.52 -42.20
CA GLY A 228 -85.70 9.38 -41.64
C GLY A 228 -85.74 8.97 -40.18
N TYR A 229 -84.60 9.01 -39.50
CA TYR A 229 -84.55 8.75 -38.07
C TYR A 229 -83.50 9.65 -37.39
N PRO A 230 -83.78 10.96 -37.30
CA PRO A 230 -82.88 11.97 -36.72
C PRO A 230 -82.45 11.75 -35.28
N TRP A 231 -83.04 10.80 -34.58
CA TRP A 231 -82.67 10.53 -33.20
C TRP A 231 -81.71 9.33 -33.11
N ILE A 232 -81.67 8.52 -34.17
CA ILE A 232 -80.70 7.45 -34.29
C ILE A 232 -79.46 8.00 -34.99
N GLN A 233 -79.69 8.87 -35.98
CA GLN A 233 -78.62 9.49 -36.76
C GLN A 233 -77.83 10.46 -35.92
N GLN A 234 -78.50 11.03 -34.91
CA GLN A 234 -77.87 11.91 -33.94
C GLN A 234 -76.61 11.30 -33.30
N SER A 235 -76.56 9.98 -33.21
CA SER A 235 -75.46 9.28 -32.54
C SER A 235 -74.56 8.58 -33.53
N ILE A 236 -74.07 9.32 -34.53
CA ILE A 236 -72.99 8.84 -35.39
C ILE A 236 -71.74 9.62 -34.99
N LYS A 237 -70.62 8.91 -34.80
CA LYS A 237 -69.35 9.58 -34.46
C LYS A 237 -68.68 10.10 -35.73
N ASN A 238 -68.69 9.26 -36.76
CA ASN A 238 -68.16 9.64 -38.05
C ASN A 238 -68.44 8.51 -39.02
N VAL A 239 -68.17 8.78 -40.28
CA VAL A 239 -67.95 7.70 -41.22
C VAL A 239 -66.56 7.95 -41.77
N THR A 240 -65.66 7.01 -41.55
CA THR A 240 -64.29 7.16 -41.98
C THR A 240 -64.08 6.43 -43.30
N ILE A 241 -63.16 6.95 -44.12
CA ILE A 241 -62.78 6.33 -45.39
C ILE A 241 -61.41 5.72 -45.26
N ILE A 242 -61.32 4.40 -45.28
CA ILE A 242 -60.03 3.73 -45.23
C ILE A 242 -59.66 3.14 -46.61
N PRO A 243 -58.41 2.68 -46.79
CA PRO A 243 -58.02 1.98 -48.01
C PRO A 243 -58.45 0.50 -48.03
N SER A 244 -58.74 0.01 -49.23
CA SER A 244 -59.21 -1.35 -49.43
C SER A 244 -58.27 -2.45 -48.90
N GLY A 245 -58.85 -3.62 -48.63
CA GLY A 245 -58.08 -4.82 -48.34
C GLY A 245 -57.33 -4.84 -47.03
N PHE A 246 -57.77 -4.06 -46.06
CA PHE A 246 -57.13 -4.09 -44.75
C PHE A 246 -57.94 -4.81 -43.70
N ILE A 247 -59.21 -5.12 -44.01
CA ILE A 247 -60.09 -5.82 -43.05
C ILE A 247 -60.36 -7.28 -43.40
N LYS A 248 -60.20 -8.14 -42.41
CA LYS A 248 -60.34 -9.58 -42.60
C LYS A 248 -61.83 -9.91 -42.72
N GLN A 249 -62.19 -10.79 -43.65
CA GLN A 249 -63.59 -11.16 -43.85
C GLN A 249 -64.21 -11.77 -42.59
N GLU A 250 -63.45 -12.63 -41.91
CA GLU A 250 -63.88 -13.25 -40.67
C GLU A 250 -63.71 -12.34 -39.45
N SER A 251 -63.66 -11.03 -39.69
CA SER A 251 -63.86 -10.06 -38.63
C SER A 251 -65.22 -9.37 -38.84
N LEU A 252 -65.97 -9.83 -39.85
CA LEU A 252 -67.26 -9.23 -40.21
C LEU A 252 -68.44 -10.18 -40.05
N ASN A 253 -69.50 -9.72 -39.39
CA ASN A 253 -70.77 -10.43 -39.34
C ASN A 253 -71.35 -10.49 -40.73
N ASP A 254 -72.27 -11.42 -40.94
CA ASP A 254 -72.96 -11.53 -42.22
C ASP A 254 -73.93 -10.37 -42.34
N HIS A 255 -74.54 -10.23 -43.51
CA HIS A 255 -75.48 -9.15 -43.77
C HIS A 255 -76.72 -9.27 -42.89
N GLU A 256 -76.78 -8.52 -41.80
CA GLU A 256 -77.99 -8.44 -40.97
C GLU A 256 -78.82 -7.26 -41.43
N PRO A 257 -80.17 -7.37 -41.34
CA PRO A 257 -81.02 -6.28 -41.81
C PRO A 257 -81.00 -5.08 -40.88
N VAL A 258 -81.24 -3.90 -41.43
CA VAL A 258 -81.19 -2.64 -40.66
C VAL A 258 -82.43 -2.54 -39.74
N ASN A 259 -83.06 -1.38 -39.62
CA ASN A 259 -84.17 -1.23 -38.69
C ASN A 259 -85.27 -2.21 -39.02
N GLY A 260 -85.80 -2.11 -40.24
CA GLY A 260 -86.85 -3.00 -40.67
C GLY A 260 -86.28 -4.40 -40.87
N GLY A 261 -85.56 -4.63 -41.97
CA GLY A 261 -85.20 -3.59 -42.91
C GLY A 261 -85.01 -4.13 -44.32
N ASP A 262 -84.99 -3.20 -45.27
CA ASP A 262 -84.78 -3.53 -46.67
C ASP A 262 -83.28 -3.59 -46.95
N LEU A 263 -82.48 -2.97 -46.07
CA LEU A 263 -81.04 -2.79 -46.24
C LEU A 263 -80.29 -3.65 -45.23
N SER A 264 -79.04 -3.98 -45.56
CA SER A 264 -78.23 -4.80 -44.68
C SER A 264 -76.92 -4.13 -44.34
N VAL A 265 -76.52 -4.22 -43.07
CA VAL A 265 -75.24 -3.67 -42.61
C VAL A 265 -74.44 -4.74 -41.85
N ARG A 266 -73.12 -4.72 -42.00
CA ARG A 266 -72.27 -5.78 -41.45
C ARG A 266 -71.44 -5.33 -40.25
N LYS A 267 -71.83 -5.78 -39.06
CA LYS A 267 -71.10 -5.43 -37.86
C LYS A 267 -69.67 -5.95 -37.93
N LEU A 268 -68.69 -5.08 -37.65
CA LEU A 268 -67.28 -5.46 -37.66
C LEU A 268 -66.78 -5.65 -36.23
N GLY A 269 -66.52 -6.90 -35.85
CA GLY A 269 -66.01 -7.19 -34.53
C GLY A 269 -65.27 -8.50 -34.49
N LYS A 270 -65.91 -9.51 -33.90
CA LYS A 270 -65.36 -10.86 -33.92
C LYS A 270 -63.91 -10.95 -33.44
N GLN A 271 -63.51 -10.05 -32.54
CA GLN A 271 -62.18 -10.10 -31.90
C GLN A 271 -60.95 -10.00 -32.84
N GLY A 272 -61.14 -10.12 -34.15
CA GLY A 272 -60.03 -10.34 -35.06
C GLY A 272 -59.17 -9.11 -35.26
N VAL A 273 -58.07 -9.29 -35.98
CA VAL A 273 -57.16 -8.20 -36.32
C VAL A 273 -57.34 -7.79 -37.78
N SER A 274 -56.56 -6.79 -38.19
CA SER A 274 -56.51 -6.35 -39.56
C SER A 274 -55.44 -7.14 -40.28
N ASN A 275 -55.37 -6.98 -41.60
CA ASN A 275 -54.29 -7.55 -42.36
C ASN A 275 -53.04 -6.72 -42.15
N GLN A 276 -52.00 -7.33 -41.60
CA GLN A 276 -50.71 -6.66 -41.47
C GLN A 276 -49.99 -6.67 -42.81
N LYS A 277 -50.62 -5.97 -43.76
CA LYS A 277 -50.42 -6.18 -45.20
C LYS A 277 -48.95 -6.20 -45.65
N ASP A 278 -48.58 -7.24 -46.38
CA ASP A 278 -47.31 -7.24 -47.10
C ASP A 278 -47.51 -6.26 -48.28
N PHE A 279 -46.89 -5.09 -48.20
CA PHE A 279 -46.91 -4.08 -49.28
C PHE A 279 -45.98 -4.47 -50.42
N ASN A 280 -46.52 -5.09 -51.46
CA ASN A 280 -45.66 -5.67 -52.49
C ASN A 280 -45.41 -4.84 -53.73
N ALA A 281 -46.39 -4.04 -54.13
CA ALA A 281 -46.20 -3.16 -55.28
C ALA A 281 -44.95 -2.27 -55.16
N ILE A 282 -44.53 -2.02 -53.93
CA ILE A 282 -43.47 -1.08 -53.63
C ILE A 282 -42.17 -1.78 -53.22
N SER A 283 -42.25 -3.07 -52.90
CA SER A 283 -41.09 -3.85 -52.41
C SER A 283 -40.25 -4.42 -53.54
N LEU A 284 -38.93 -4.41 -53.37
CA LEU A 284 -38.01 -5.01 -54.33
C LEU A 284 -37.09 -6.03 -53.66
N ASP A 285 -37.20 -7.28 -54.10
CA ASP A 285 -36.29 -8.30 -53.62
C ASP A 285 -34.93 -7.98 -54.19
N TYR A 286 -33.88 -8.72 -53.81
CA TYR A 286 -32.51 -8.35 -54.16
C TYR A 286 -32.32 -8.18 -55.65
N GLN A 287 -32.71 -9.22 -56.39
CA GLN A 287 -32.55 -9.22 -57.82
C GLN A 287 -33.27 -8.02 -58.41
N SER A 288 -34.53 -7.85 -58.02
CA SER A 288 -35.35 -6.74 -58.50
C SER A 288 -34.81 -5.37 -58.13
N LEU A 289 -34.15 -5.26 -56.98
CA LEU A 289 -33.65 -3.97 -56.54
C LEU A 289 -32.46 -3.55 -57.40
N MET A 290 -31.45 -4.41 -57.44
CA MET A 290 -30.23 -4.14 -58.18
C MET A 290 -30.61 -3.81 -59.62
N PHE A 291 -31.60 -4.56 -60.11
CA PHE A 291 -32.17 -4.37 -61.42
C PHE A 291 -32.65 -2.93 -61.59
N THR A 292 -33.59 -2.52 -60.75
CA THR A 292 -34.29 -1.25 -60.96
C THR A 292 -33.33 -0.05 -60.89
N LEU A 293 -32.21 -0.24 -60.21
CA LEU A 293 -31.20 0.79 -60.04
C LEU A 293 -30.14 0.76 -61.13
N GLY A 294 -30.27 -0.15 -62.08
CA GLY A 294 -29.25 -0.30 -63.10
C GLY A 294 -27.91 -0.64 -62.48
N LEU A 295 -27.95 -1.51 -61.46
CA LEU A 295 -26.74 -2.05 -60.84
C LEU A 295 -26.62 -3.50 -61.20
N ASN A 296 -25.42 -3.94 -61.56
CA ASN A 296 -25.23 -5.34 -61.90
C ASN A 296 -25.27 -6.19 -60.64
N PRO A 297 -26.31 -7.02 -60.48
CA PRO A 297 -26.54 -7.71 -59.20
C PRO A 297 -25.52 -8.76 -58.85
N ILE A 298 -24.63 -9.09 -59.77
CA ILE A 298 -23.76 -10.22 -59.60
C ILE A 298 -22.50 -9.83 -58.83
N ASN A 299 -22.02 -8.59 -59.02
CA ASN A 299 -20.81 -8.11 -58.33
C ASN A 299 -20.84 -6.62 -57.91
N ASP A 300 -22.04 -6.03 -57.79
CA ASP A 300 -22.16 -4.62 -57.38
C ASP A 300 -22.89 -4.44 -56.06
N LYS A 301 -23.00 -5.49 -55.25
CA LYS A 301 -23.72 -5.34 -53.99
C LYS A 301 -23.06 -4.29 -53.08
N HIS A 302 -21.75 -4.12 -53.24
CA HIS A 302 -21.02 -3.12 -52.47
C HIS A 302 -21.39 -1.66 -52.81
N LEU A 303 -22.21 -1.49 -53.86
CA LEU A 303 -22.66 -0.17 -54.28
C LEU A 303 -24.01 0.26 -53.65
N LEU A 304 -24.66 -0.62 -52.90
CA LEU A 304 -25.86 -0.23 -52.18
C LEU A 304 -25.47 0.55 -50.95
N ARG A 305 -25.01 1.77 -51.17
CA ARG A 305 -24.61 2.67 -50.11
C ARG A 305 -25.19 4.05 -50.43
N PRO A 306 -25.53 4.83 -49.39
CA PRO A 306 -26.35 6.04 -49.52
C PRO A 306 -25.84 7.09 -50.51
N ASN A 307 -24.54 7.22 -50.74
CA ASN A 307 -24.07 8.25 -51.69
C ASN A 307 -24.05 7.81 -53.14
N ILE A 308 -24.51 6.58 -53.40
CA ILE A 308 -24.74 6.09 -54.77
C ILE A 308 -26.24 5.86 -55.05
N VAL A 309 -26.97 5.38 -54.05
CA VAL A 309 -28.41 5.14 -54.17
C VAL A 309 -29.18 5.53 -52.92
N THR A 310 -30.37 6.10 -53.10
CA THR A 310 -31.18 6.57 -51.98
C THR A 310 -32.63 6.19 -52.15
N ALA A 311 -33.29 5.80 -51.06
CA ALA A 311 -34.69 5.38 -51.10
C ALA A 311 -35.52 6.15 -50.08
N GLU A 312 -36.67 6.68 -50.51
CA GLU A 312 -37.53 7.47 -49.62
C GLU A 312 -39.01 7.15 -49.84
N LEU A 313 -39.77 6.90 -48.78
CA LEU A 313 -41.22 6.75 -48.91
C LEU A 313 -41.94 8.05 -48.64
N THR A 314 -42.98 8.33 -49.40
CA THR A 314 -43.82 9.48 -49.11
C THR A 314 -45.27 9.23 -49.48
N ASP A 315 -46.18 9.86 -48.74
CA ASP A 315 -47.62 9.80 -49.05
C ASP A 315 -48.07 11.09 -49.74
N TYR A 316 -47.11 11.88 -50.17
CA TYR A 316 -47.37 13.13 -50.83
C TYR A 316 -48.20 14.08 -49.96
N ALA A 317 -48.16 13.86 -48.66
CA ALA A 317 -48.82 14.75 -47.70
C ALA A 317 -47.84 15.15 -46.60
N GLY A 318 -46.54 15.09 -46.88
CA GLY A 318 -45.55 15.49 -45.91
C GLY A 318 -45.07 14.38 -44.98
N ASN A 319 -45.84 13.31 -44.82
CA ASN A 319 -45.31 12.14 -44.11
C ASN A 319 -44.28 11.49 -45.03
N ARG A 320 -43.07 11.31 -44.52
CA ARG A 320 -41.99 10.72 -45.32
C ARG A 320 -41.30 9.61 -44.54
N LEU A 321 -40.45 8.85 -45.22
CA LEU A 321 -39.54 7.93 -44.56
C LEU A 321 -38.23 7.78 -45.36
N PRO A 322 -37.13 8.36 -44.84
CA PRO A 322 -35.83 8.15 -45.49
C PRO A 322 -35.29 6.74 -45.25
N ILE A 323 -34.55 6.21 -46.22
CA ILE A 323 -33.98 4.87 -46.09
C ILE A 323 -32.53 4.84 -46.60
N ASP A 324 -31.68 4.20 -45.81
CA ASP A 324 -30.25 4.18 -46.03
C ASP A 324 -29.96 2.79 -46.53
N LEU A 325 -29.75 2.67 -47.83
CA LEU A 325 -29.68 1.35 -48.45
C LEU A 325 -28.51 0.48 -47.98
N SER A 326 -27.59 1.04 -47.18
CA SER A 326 -26.47 0.29 -46.63
C SER A 326 -26.85 -0.63 -45.46
N LEU A 327 -28.12 -0.63 -45.11
CA LEU A 327 -28.58 -1.32 -43.92
C LEU A 327 -29.49 -2.53 -44.17
N ILE A 328 -30.21 -2.52 -45.30
CA ILE A 328 -30.92 -3.73 -45.77
C ILE A 328 -29.94 -4.83 -46.16
N GLU A 329 -29.94 -5.92 -45.41
CA GLU A 329 -28.95 -6.97 -45.62
C GLU A 329 -28.99 -7.56 -47.03
N THR A 330 -30.20 -7.82 -47.52
CA THR A 330 -30.39 -8.30 -48.90
C THR A 330 -31.66 -7.85 -49.63
N ASN A 331 -32.69 -7.44 -48.91
CA ASN A 331 -33.95 -7.12 -49.56
C ASN A 331 -34.64 -5.88 -49.02
N LEU A 332 -35.05 -5.02 -49.94
CA LEU A 332 -35.91 -3.90 -49.63
C LEU A 332 -37.36 -4.39 -49.61
N GLU A 333 -37.74 -5.16 -48.58
CA GLU A 333 -39.13 -5.57 -48.38
C GLU A 333 -39.87 -4.64 -47.42
N PHE A 334 -40.98 -4.09 -47.88
CA PHE A 334 -41.89 -3.29 -47.06
C PHE A 334 -43.04 -4.15 -46.52
N ASP A 335 -43.11 -4.30 -45.20
CA ASP A 335 -44.29 -4.85 -44.52
C ASP A 335 -44.99 -3.70 -43.81
N SER A 336 -46.15 -3.92 -43.21
CA SER A 336 -46.83 -2.85 -42.48
C SER A 336 -47.38 -3.28 -41.11
N PHE A 337 -47.82 -2.29 -40.36
CA PHE A 337 -48.35 -2.48 -39.01
C PHE A 337 -49.58 -1.59 -38.93
N VAL A 338 -50.71 -2.19 -39.27
CA VAL A 338 -51.97 -1.46 -39.41
C VAL A 338 -52.92 -1.91 -38.32
N THR A 339 -53.52 -0.92 -37.68
CA THR A 339 -54.56 -1.16 -36.70
C THR A 339 -55.74 -0.34 -37.23
N MET A 340 -56.93 -0.93 -37.20
CA MET A 340 -58.12 -0.33 -37.83
C MET A 340 -59.38 -0.38 -36.98
N GLY A 341 -60.37 0.38 -37.43
CA GLY A 341 -61.69 0.41 -36.84
C GLY A 341 -61.75 1.31 -35.64
N ALA A 342 -61.36 0.75 -34.51
CA ALA A 342 -61.24 1.48 -33.27
C ALA A 342 -60.29 2.68 -33.42
N LYS A 343 -59.08 2.43 -33.94
CA LYS A 343 -58.02 3.45 -34.19
C LYS A 343 -57.47 3.26 -35.62
N ASN A 344 -57.48 4.30 -36.45
CA ASN A 344 -57.15 4.15 -37.87
C ASN A 344 -55.77 4.64 -38.22
N GLU A 345 -54.85 3.71 -38.46
CA GLU A 345 -53.45 4.07 -38.66
C GLU A 345 -52.68 2.91 -39.26
N ILE A 346 -52.09 3.18 -40.42
CA ILE A 346 -51.20 2.25 -41.09
C ILE A 346 -49.81 2.81 -41.04
N LYS A 347 -48.90 2.13 -40.35
CA LYS A 347 -47.49 2.48 -40.51
C LYS A 347 -46.73 1.36 -41.18
N VAL A 348 -46.03 1.74 -42.24
CA VAL A 348 -45.33 0.80 -43.11
C VAL A 348 -43.85 0.95 -42.86
N TYR A 349 -43.23 -0.16 -42.49
CA TYR A 349 -41.82 -0.19 -42.11
C TYR A 349 -41.02 -0.99 -43.12
N VAL A 350 -39.71 -1.05 -42.92
CA VAL A 350 -38.83 -1.77 -43.83
C VAL A 350 -38.23 -2.92 -43.04
N LYS A 351 -38.37 -4.12 -43.60
CA LYS A 351 -38.08 -5.36 -42.88
C LYS A 351 -36.61 -5.52 -42.53
N ASN A 352 -36.30 -5.55 -41.23
CA ASN A 352 -34.95 -5.87 -40.76
C ASN A 352 -33.93 -4.81 -41.16
N TYR A 353 -34.38 -3.57 -41.09
CA TYR A 353 -33.58 -2.42 -41.43
C TYR A 353 -32.50 -2.27 -40.36
N ASN A 354 -31.26 -2.12 -40.77
CA ASN A 354 -30.14 -1.98 -39.85
C ASN A 354 -29.92 -3.23 -39.06
N ALA A 355 -30.57 -4.32 -39.43
CA ALA A 355 -30.44 -5.53 -38.65
C ALA A 355 -29.42 -6.44 -39.28
N ARG A 356 -28.81 -7.26 -38.43
CA ARG A 356 -27.96 -8.36 -38.85
C ARG A 356 -28.76 -9.65 -38.77
N GLY A 357 -29.77 -9.76 -39.65
CA GLY A 357 -30.84 -10.76 -39.59
C GLY A 357 -30.50 -12.18 -39.14
N ASN A 358 -31.50 -12.99 -38.76
CA ASN A 358 -32.92 -12.67 -38.89
C ASN A 358 -33.55 -12.25 -37.56
N ASN A 359 -33.02 -11.23 -36.91
CA ASN A 359 -33.80 -10.48 -35.92
C ASN A 359 -34.43 -9.28 -36.62
N VAL A 360 -35.56 -8.79 -36.12
CA VAL A 360 -36.15 -7.58 -36.71
C VAL A 360 -35.26 -6.41 -36.33
N GLY A 361 -35.20 -5.40 -37.17
CA GLY A 361 -34.29 -4.31 -36.93
C GLY A 361 -34.97 -3.24 -36.12
N GLN A 362 -35.13 -2.10 -36.77
CA GLN A 362 -35.78 -0.98 -36.13
C GLN A 362 -37.27 -1.29 -36.02
N TYR A 363 -37.75 -2.23 -36.81
CA TYR A 363 -39.15 -2.60 -36.79
C TYR A 363 -39.93 -1.33 -37.12
N ILE A 364 -40.82 -0.87 -36.22
CA ILE A 364 -41.72 0.26 -36.51
C ILE A 364 -41.18 1.59 -35.98
N ASP A 365 -40.08 1.56 -35.25
CA ASP A 365 -39.41 2.79 -34.90
C ASP A 365 -38.80 3.48 -36.15
N ASN A 366 -38.85 2.83 -37.30
CA ASN A 366 -38.51 3.47 -38.56
C ASN A 366 -39.59 3.21 -39.61
N ALA A 367 -40.69 3.95 -39.48
CA ALA A 367 -41.85 3.76 -40.32
C ALA A 367 -42.49 5.06 -40.80
N LEU A 368 -42.98 5.01 -42.04
CA LEU A 368 -43.84 6.04 -42.60
C LEU A 368 -45.22 5.81 -42.08
N THR A 369 -45.72 6.75 -41.28
CA THR A 369 -46.95 6.51 -40.53
C THR A 369 -48.12 7.35 -41.09
N ILE A 370 -49.18 6.64 -41.50
CA ILE A 370 -50.36 7.21 -42.16
C ILE A 370 -51.57 7.16 -41.25
N ASN A 371 -52.20 8.30 -41.04
CA ASN A 371 -53.46 8.32 -40.31
C ASN A 371 -54.27 9.61 -40.38
N ASN A 372 -54.16 10.34 -41.48
CA ASN A 372 -55.06 11.46 -41.73
C ASN A 372 -56.23 11.06 -42.62
N PHE A 373 -56.94 9.99 -42.27
CA PHE A 373 -57.99 9.47 -43.15
C PHE A 373 -59.21 10.39 -43.20
N ASP A 374 -59.91 10.36 -44.32
CA ASP A 374 -61.05 11.25 -44.53
C ASP A 374 -62.29 10.76 -43.78
N THR A 375 -63.05 11.69 -43.22
CA THR A 375 -64.38 11.37 -42.75
C THR A 375 -65.37 12.25 -43.48
N ILE A 376 -66.64 11.86 -43.47
CA ILE A 376 -67.62 12.49 -44.34
C ILE A 376 -68.76 13.11 -43.53
N GLY A 377 -69.14 14.33 -43.93
CA GLY A 377 -70.11 15.12 -43.20
C GLY A 377 -71.53 14.76 -43.59
N PHE A 378 -72.47 14.91 -42.65
CA PHE A 378 -73.87 14.64 -42.94
C PHE A 378 -74.83 15.68 -42.35
N SER A 379 -76.12 15.58 -42.67
CA SER A 379 -77.13 16.55 -42.24
C SER A 379 -78.28 15.86 -41.51
N VAL A 380 -78.86 16.56 -40.53
CA VAL A 380 -79.92 16.02 -39.68
C VAL A 380 -80.78 17.15 -39.12
N ASP A 381 -82.05 16.84 -38.84
CA ASP A 381 -82.95 17.77 -38.16
C ASP A 381 -83.51 17.17 -36.87
N ALA A 462 -78.24 18.08 -37.00
CA ALA A 462 -77.36 19.22 -37.15
C ALA A 462 -76.79 19.22 -38.58
N ILE A 463 -75.56 19.71 -38.74
CA ILE A 463 -74.90 19.72 -40.05
C ILE A 463 -73.47 19.20 -39.94
N THR A 464 -73.19 18.46 -38.87
CA THR A 464 -71.84 18.09 -38.42
C THR A 464 -70.90 17.73 -39.59
N GLU A 465 -69.74 18.38 -39.63
CA GLU A 465 -68.93 18.44 -40.86
C GLU A 465 -67.97 17.28 -41.10
N GLY A 466 -67.62 17.08 -42.37
CA GLY A 466 -66.67 16.05 -42.74
C GLY A 466 -65.23 16.55 -42.63
N HIS A 467 -64.29 15.62 -42.48
CA HIS A 467 -62.86 15.94 -42.47
C HIS A 467 -62.18 15.43 -43.75
N VAL A 468 -61.35 16.29 -44.33
CA VAL A 468 -60.68 16.01 -45.60
C VAL A 468 -59.19 15.81 -45.38
N GLY A 469 -58.64 14.83 -46.08
CA GLY A 469 -57.26 14.46 -45.91
C GLY A 469 -56.65 14.01 -47.21
N TYR A 470 -56.73 12.70 -47.48
CA TYR A 470 -56.17 12.14 -48.70
C TYR A 470 -57.17 12.10 -49.86
N ALA A 471 -58.34 12.69 -49.68
CA ALA A 471 -59.39 12.60 -50.71
C ALA A 471 -58.95 13.17 -52.07
N PRO A 472 -58.67 14.49 -52.15
CA PRO A 472 -58.39 15.04 -53.49
C PRO A 472 -57.15 14.45 -54.15
N LEU A 473 -56.26 13.87 -53.33
CA LEU A 473 -55.12 13.08 -53.81
C LEU A 473 -55.60 11.85 -54.53
N PHE A 474 -56.65 11.24 -54.00
CA PHE A 474 -57.18 10.03 -54.61
C PHE A 474 -57.88 10.29 -55.94
N LYS A 475 -58.53 11.45 -56.08
CA LYS A 475 -59.15 11.78 -57.36
C LYS A 475 -58.12 12.15 -58.42
N GLN A 476 -56.85 12.07 -58.07
CA GLN A 476 -55.76 12.19 -59.02
C GLN A 476 -54.95 10.89 -59.11
N ASP A 477 -55.45 9.83 -58.46
CA ASP A 477 -54.79 8.53 -58.39
C ASP A 477 -53.40 8.66 -57.80
N LYS A 478 -53.32 9.35 -56.68
CA LYS A 478 -52.07 9.49 -55.95
C LYS A 478 -52.27 9.21 -54.47
N PHE A 479 -53.45 8.75 -54.09
CA PHE A 479 -53.62 8.37 -52.71
C PHE A 479 -52.91 7.05 -52.62
N GLY A 480 -51.81 7.04 -51.91
CA GLY A 480 -51.04 5.82 -51.75
C GLY A 480 -49.66 6.12 -51.26
N VAL A 481 -48.90 5.06 -50.98
CA VAL A 481 -47.54 5.18 -50.50
C VAL A 481 -46.56 4.99 -51.66
N HIS A 482 -45.62 5.92 -51.80
CA HIS A 482 -44.73 5.98 -52.96
C HIS A 482 -43.27 5.90 -52.53
N LEU A 483 -42.45 5.27 -53.38
CA LEU A 483 -41.02 5.06 -53.13
C LEU A 483 -40.18 5.82 -54.15
N ARG A 484 -39.23 6.61 -53.67
CA ARG A 484 -38.36 7.38 -54.55
C ARG A 484 -36.98 6.77 -54.51
N LEU A 485 -36.70 5.96 -55.52
CA LEU A 485 -35.35 5.47 -55.74
C LEU A 485 -34.52 6.52 -56.47
N GLY A 486 -33.39 6.89 -55.85
CA GLY A 486 -32.49 7.90 -56.38
C GLY A 486 -31.17 7.24 -56.71
N ARG A 487 -30.55 7.73 -57.76
CA ARG A 487 -29.24 7.23 -58.14
C ARG A 487 -28.41 8.34 -58.77
N ILE A 488 -27.10 8.21 -58.67
CA ILE A 488 -26.16 9.12 -59.32
C ILE A 488 -26.09 8.90 -60.85
N SER A 489 -25.66 9.95 -61.58
CA SER A 489 -25.47 9.91 -63.05
C SER A 489 -24.81 8.61 -63.49
N GLN A 490 -25.19 8.12 -64.68
CA GLN A 490 -24.52 6.96 -65.25
C GLN A 490 -23.01 7.19 -65.28
N ASP A 491 -22.55 8.37 -65.72
CA ASP A 491 -21.11 8.63 -65.81
C ASP A 491 -20.53 8.50 -64.42
N GLU A 492 -21.09 9.22 -63.46
CA GLU A 492 -20.55 9.22 -62.11
C GLU A 492 -20.57 7.82 -61.49
N LEU A 493 -21.56 7.03 -61.87
CA LEU A 493 -21.64 5.64 -61.42
C LEU A 493 -20.43 4.84 -61.90
N ASN A 494 -19.96 5.17 -63.09
CA ASN A 494 -18.76 4.55 -63.62
C ASN A 494 -17.49 5.07 -62.96
N ASN A 495 -17.41 6.37 -62.71
CA ASN A 495 -16.26 6.93 -62.02
C ASN A 495 -16.04 6.19 -60.72
N VAL A 496 -17.14 5.79 -60.06
CA VAL A 496 -17.05 5.06 -58.80
C VAL A 496 -16.68 3.63 -59.10
N LYS A 497 -17.40 3.03 -60.03
CA LYS A 497 -17.14 1.65 -60.42
C LYS A 497 -15.64 1.53 -60.68
N LYS A 498 -15.12 2.48 -61.46
CA LYS A 498 -13.72 2.51 -61.84
C LYS A 498 -12.85 2.60 -60.59
N TYR A 499 -13.07 3.64 -59.80
CA TYR A 499 -12.28 3.88 -58.60
C TYR A 499 -12.07 2.62 -57.75
N TYR A 500 -13.15 1.87 -57.55
CA TYR A 500 -13.09 0.70 -56.72
C TYR A 500 -12.31 -0.35 -57.47
N ASN A 501 -12.73 -0.62 -58.71
CA ASN A 501 -12.08 -1.63 -59.53
C ASN A 501 -10.59 -1.38 -59.71
N MET A 502 -10.18 -0.13 -59.54
CA MET A 502 -8.79 0.30 -59.75
C MET A 502 -7.94 0.15 -58.49
N PHE A 503 -8.49 0.57 -57.35
CA PHE A 503 -7.72 0.67 -56.12
C PHE A 503 -8.22 -0.26 -55.03
N GLY A 504 -9.02 -1.26 -55.38
CA GLY A 504 -9.57 -2.12 -54.36
C GLY A 504 -10.40 -1.40 -53.31
N TYR A 505 -10.53 -2.03 -52.16
CA TYR A 505 -11.27 -1.45 -51.05
C TYR A 505 -10.32 -1.28 -49.86
N GLU A 506 -10.74 -0.46 -48.90
CA GLU A 506 -9.93 -0.15 -47.74
C GLU A 506 -10.09 -1.23 -46.68
N CYS A 507 -9.00 -1.96 -46.39
CA CYS A 507 -8.99 -2.87 -45.25
C CYS A 507 -7.98 -2.39 -44.21
N ASN A 508 -8.43 -2.26 -42.96
CA ASN A 508 -7.56 -1.89 -41.85
C ASN A 508 -7.00 -3.11 -41.09
N ASP A 509 -6.68 -4.15 -41.85
CA ASP A 509 -6.27 -5.43 -41.27
C ASP A 509 -4.79 -5.36 -41.02
N TYR A 510 -4.40 -5.12 -39.77
CA TYR A 510 -3.01 -5.34 -39.40
C TYR A 510 -2.87 -6.85 -39.31
N SER A 511 -1.66 -7.39 -39.39
CA SER A 511 -1.47 -8.84 -39.20
C SER A 511 -2.51 -9.74 -39.92
N THR A 512 -2.37 -9.88 -41.23
CA THR A 512 -3.31 -10.69 -42.01
C THR A 512 -2.59 -11.21 -43.25
N LYS A 513 -3.01 -12.39 -43.73
CA LYS A 513 -2.48 -12.92 -44.99
C LYS A 513 -3.12 -12.18 -46.13
N LEU A 514 -2.34 -11.88 -47.15
CA LEU A 514 -2.85 -11.20 -48.33
C LEU A 514 -4.03 -11.99 -48.90
N SER A 515 -5.07 -11.28 -49.33
CA SER A 515 -6.14 -11.92 -50.07
C SER A 515 -5.50 -12.42 -51.36
N ASP A 516 -6.18 -13.26 -52.12
CA ASP A 516 -5.58 -13.75 -53.36
C ASP A 516 -5.19 -12.59 -54.29
N ILE A 517 -4.14 -12.84 -55.05
CA ILE A 517 -3.53 -11.86 -55.94
C ILE A 517 -4.21 -11.86 -57.31
N THR A 518 -5.00 -12.91 -57.58
CA THR A 518 -5.71 -13.09 -58.84
C THR A 518 -7.20 -13.14 -58.58
N SER A 519 -7.65 -12.44 -57.55
CA SER A 519 -9.06 -12.41 -57.25
C SER A 519 -9.80 -11.95 -58.51
N MET A 520 -9.27 -10.88 -59.09
CA MET A 520 -9.95 -10.17 -60.14
C MET A 520 -9.69 -10.73 -61.53
N SER A 521 -10.35 -10.12 -62.52
CA SER A 521 -10.29 -10.54 -63.91
C SER A 521 -9.43 -9.61 -64.77
N ILE A 522 -9.25 -8.37 -64.32
CA ILE A 522 -8.52 -7.37 -65.10
C ILE A 522 -7.24 -6.94 -64.39
N CYS A 523 -7.38 -6.61 -63.11
CA CYS A 523 -6.25 -6.15 -62.31
C CYS A 523 -6.53 -6.30 -60.82
N ASN A 524 -5.47 -6.49 -60.04
CA ASN A 524 -5.56 -6.54 -58.58
C ASN A 524 -4.73 -5.42 -57.96
N TRP A 525 -5.25 -4.79 -56.92
CA TRP A 525 -4.53 -3.70 -56.31
C TRP A 525 -3.89 -4.46 -55.17
N VAL A 526 -2.76 -3.98 -54.67
CA VAL A 526 -2.14 -4.61 -53.50
C VAL A 526 -1.19 -3.63 -52.82
N GLN A 527 -1.50 -3.28 -51.58
CA GLN A 527 -0.80 -2.23 -50.84
C GLN A 527 -0.63 -2.66 -49.38
N PHE A 528 0.61 -2.85 -48.95
CA PHE A 528 0.86 -3.29 -47.58
C PHE A 528 2.19 -2.89 -46.88
N LYS A 529 2.03 -2.55 -45.61
CA LYS A 529 3.12 -2.15 -44.71
C LYS A 529 3.83 -3.43 -44.26
N GLY A 530 5.03 -3.31 -43.69
CA GLY A 530 5.74 -4.47 -43.16
C GLY A 530 4.97 -5.33 -42.15
N ILE A 531 5.51 -6.48 -41.74
CA ILE A 531 6.88 -6.92 -42.06
C ILE A 531 6.98 -8.31 -42.73
N TRP A 532 7.80 -8.32 -43.79
CA TRP A 532 7.93 -9.46 -44.67
C TRP A 532 9.28 -9.46 -45.35
N THR A 533 9.74 -10.65 -45.72
CA THR A 533 10.83 -10.78 -46.65
C THR A 533 10.45 -11.88 -47.65
N LEU A 534 10.93 -11.72 -48.89
CA LEU A 534 10.80 -12.78 -49.89
C LEU A 534 12.06 -13.64 -49.92
N PRO A 535 11.88 -14.95 -50.05
CA PRO A 535 13.02 -15.86 -50.03
C PRO A 535 14.12 -15.54 -51.04
N ASN A 536 15.28 -15.12 -50.54
CA ASN A 536 16.54 -15.09 -51.28
C ASN A 536 16.56 -13.88 -52.19
N VAL A 537 16.43 -12.71 -51.59
CA VAL A 537 16.41 -11.49 -52.38
C VAL A 537 17.37 -10.49 -51.76
N ASP A 538 18.15 -9.86 -52.63
CA ASP A 538 19.14 -8.89 -52.21
C ASP A 538 18.48 -7.92 -51.27
N THR A 539 18.95 -7.88 -50.03
CA THR A 539 18.37 -7.02 -49.02
C THR A 539 18.11 -5.59 -49.49
N GLY A 540 18.95 -5.08 -50.40
CA GLY A 540 18.70 -3.77 -50.99
C GLY A 540 17.37 -3.76 -51.74
N HIS A 541 17.24 -4.69 -52.68
CA HIS A 541 16.03 -4.83 -53.47
C HIS A 541 14.78 -5.05 -52.63
N MET A 542 14.94 -5.70 -51.49
CA MET A 542 13.82 -5.89 -50.59
C MET A 542 13.33 -4.54 -50.11
N ASN A 543 14.24 -3.74 -49.55
CA ASN A 543 13.89 -2.39 -49.08
C ASN A 543 13.05 -1.61 -50.08
N MET A 544 13.24 -1.90 -51.37
CA MET A 544 12.39 -1.30 -52.39
C MET A 544 11.02 -1.96 -52.40
N LEU A 545 10.97 -3.28 -52.60
CA LEU A 545 9.70 -3.99 -52.63
C LEU A 545 8.85 -3.65 -51.42
N ARG A 546 9.47 -3.70 -50.24
CA ARG A 546 8.75 -3.52 -48.99
C ARG A 546 8.02 -2.18 -49.01
N ALA A 547 8.67 -1.18 -49.63
CA ALA A 547 8.21 0.21 -49.61
C ALA A 547 7.47 0.60 -50.87
N LEU A 548 7.67 -0.17 -51.92
CA LEU A 548 6.97 0.10 -53.16
C LEU A 548 5.55 -0.39 -52.94
N PHE A 549 5.42 -1.46 -52.15
CA PHE A 549 4.11 -1.99 -51.84
C PHE A 549 3.42 -1.25 -50.72
N GLU A 550 4.17 -0.59 -49.85
CA GLU A 550 3.52 0.26 -48.85
C GLU A 550 2.68 1.34 -49.54
N ALA A 551 3.11 1.74 -50.73
CA ALA A 551 2.38 2.75 -51.50
C ALA A 551 1.56 2.14 -52.63
N GLY A 552 1.31 0.84 -52.57
CA GLY A 552 0.40 0.19 -53.50
C GLY A 552 0.97 -0.06 -54.89
N VAL A 553 0.45 -1.08 -55.55
CA VAL A 553 0.93 -1.52 -56.84
C VAL A 553 -0.21 -2.19 -57.58
N ARG A 554 -0.47 -1.78 -58.82
CA ARG A 554 -1.52 -2.44 -59.57
C ARG A 554 -0.95 -3.60 -60.38
N LEU A 555 -1.50 -4.78 -60.11
CA LEU A 555 -1.13 -6.02 -60.80
C LEU A 555 -2.11 -6.35 -61.89
N TRP A 556 -1.78 -5.94 -63.10
CA TRP A 556 -2.64 -6.23 -64.21
C TRP A 556 -2.46 -7.69 -64.61
N HIS A 557 -3.46 -8.24 -65.27
CA HIS A 557 -3.42 -9.64 -65.61
C HIS A 557 -3.22 -9.87 -67.10
N LYS A 558 -3.74 -8.98 -67.93
CA LYS A 558 -3.51 -9.06 -69.37
C LYS A 558 -2.90 -7.76 -69.86
N GLU A 559 -1.97 -7.83 -70.81
CA GLU A 559 -1.36 -6.61 -71.34
C GLU A 559 -2.39 -5.78 -72.07
N SER A 560 -3.27 -6.43 -72.82
CA SER A 560 -4.33 -5.71 -73.54
C SER A 560 -5.14 -4.82 -72.62
N ASP A 561 -5.39 -5.27 -71.41
CA ASP A 561 -6.16 -4.50 -70.43
C ASP A 561 -5.44 -3.21 -70.02
N MET A 562 -4.13 -3.16 -70.24
CA MET A 562 -3.33 -2.01 -69.86
C MET A 562 -3.46 -0.85 -70.87
N ILE A 563 -4.00 -1.11 -72.05
CA ILE A 563 -4.20 -0.05 -73.06
C ILE A 563 -5.57 -0.14 -73.70
N ASN A 564 -6.56 -0.57 -72.92
CA ASN A 564 -7.95 -0.42 -73.31
C ASN A 564 -8.77 -0.04 -72.08
N ASN A 565 -9.94 0.56 -72.29
CA ASN A 565 -10.73 1.10 -71.19
C ASN A 565 -11.54 0.03 -70.49
N THR A 566 -10.88 -1.06 -70.14
CA THR A 566 -11.54 -2.29 -69.70
C THR A 566 -11.73 -2.35 -68.19
N VAL A 567 -11.11 -1.43 -67.45
CA VAL A 567 -11.02 -1.60 -66.00
C VAL A 567 -12.43 -1.46 -65.40
N VAL A 568 -13.31 -0.82 -66.14
CA VAL A 568 -14.68 -0.61 -65.68
C VAL A 568 -15.36 -1.97 -65.47
N ASN A 569 -14.91 -2.99 -66.21
CA ASN A 569 -15.48 -4.34 -66.12
C ASN A 569 -14.62 -5.31 -65.29
N ASN A 570 -13.79 -4.78 -64.39
CA ASN A 570 -13.10 -5.65 -63.45
C ASN A 570 -14.14 -6.35 -62.60
N VAL A 571 -13.84 -7.57 -62.17
CA VAL A 571 -14.81 -8.41 -61.43
C VAL A 571 -14.17 -9.71 -60.88
N ILE A 572 -14.83 -10.32 -59.89
CA ILE A 572 -14.24 -11.44 -59.15
C ILE A 572 -14.46 -12.70 -59.98
N ILE A 573 -14.75 -13.84 -59.34
CA ILE A 573 -15.09 -15.07 -60.05
C ILE A 573 -15.94 -15.99 -59.13
N LEU B 3 39.92 -9.03 -35.74
CA LEU B 3 39.67 -9.01 -34.30
C LEU B 3 38.22 -9.41 -33.98
N SER B 4 37.53 -10.11 -34.89
CA SER B 4 36.12 -10.42 -34.67
C SER B 4 35.47 -11.44 -35.62
N LYS B 5 34.75 -12.40 -35.04
CA LYS B 5 34.07 -13.45 -35.81
C LYS B 5 32.64 -13.03 -36.16
N ILE B 6 32.20 -13.34 -37.38
CA ILE B 6 30.93 -12.83 -37.93
C ILE B 6 30.03 -13.90 -38.56
N LYS B 7 28.76 -13.94 -38.14
CA LYS B 7 27.72 -14.70 -38.84
C LYS B 7 26.96 -13.76 -39.77
N LEU B 8 26.33 -14.28 -40.83
CA LEU B 8 25.61 -13.42 -41.78
C LEU B 8 24.18 -13.90 -42.15
N PHE B 9 23.24 -13.80 -41.22
CA PHE B 9 21.95 -14.50 -41.32
C PHE B 9 21.09 -14.21 -42.54
N TYR B 10 20.50 -15.27 -43.08
CA TYR B 10 19.78 -15.22 -44.35
C TYR B 10 18.27 -15.18 -44.16
N ASN B 11 17.58 -14.43 -45.04
CA ASN B 11 16.13 -14.28 -45.04
C ASN B 11 15.50 -14.16 -43.65
N THR B 12 15.91 -13.14 -42.92
CA THR B 12 15.53 -12.98 -41.55
C THR B 12 14.23 -12.17 -41.49
N PRO B 13 13.45 -12.30 -40.40
CA PRO B 13 12.25 -11.47 -40.22
C PRO B 13 12.53 -10.03 -39.77
N PHE B 14 13.58 -9.87 -38.99
CA PHE B 14 14.11 -8.56 -38.51
C PHE B 14 14.61 -7.60 -39.62
N ASN B 15 13.71 -6.82 -40.17
CA ASN B 15 14.09 -5.80 -41.14
C ASN B 15 13.32 -4.48 -41.00
N ASN B 16 12.25 -4.47 -40.21
CA ASN B 16 11.71 -3.23 -39.67
C ASN B 16 12.65 -2.82 -38.56
N MET B 17 13.03 -1.55 -38.53
CA MET B 17 14.09 -1.10 -37.63
C MET B 17 13.40 -0.76 -36.30
N GLN B 18 12.47 -1.62 -35.85
CA GLN B 18 11.36 -1.25 -34.95
C GLN B 18 10.38 -2.41 -34.58
N ASN B 19 10.43 -3.51 -35.33
CA ASN B 19 9.91 -4.80 -34.86
C ASN B 19 11.05 -5.74 -34.53
N THR B 20 11.03 -6.25 -33.30
CA THR B 20 12.12 -7.05 -32.77
C THR B 20 11.57 -8.34 -32.15
N LEU B 21 12.48 -9.22 -31.78
CA LEU B 21 12.15 -10.37 -30.96
C LEU B 21 12.77 -10.19 -29.58
N HIS B 22 12.22 -10.88 -28.59
CA HIS B 22 12.63 -10.68 -27.22
C HIS B 22 12.77 -11.98 -26.47
N PHE B 23 13.90 -12.11 -25.79
CA PHE B 23 14.30 -13.29 -25.08
C PHE B 23 14.48 -12.96 -23.62
N ASN B 24 14.12 -13.91 -22.74
CA ASN B 24 14.21 -13.72 -21.30
C ASN B 24 15.58 -13.29 -20.85
N SER B 25 16.61 -13.58 -21.65
CA SER B 25 17.98 -13.26 -21.26
C SER B 25 18.92 -13.36 -22.46
N ASN B 26 20.01 -12.61 -22.39
CA ASN B 26 20.94 -12.48 -23.52
C ASN B 26 21.38 -13.80 -24.14
N GLU B 27 22.18 -14.56 -23.42
CA GLU B 27 22.79 -15.76 -23.99
C GLU B 27 21.77 -16.85 -24.37
N GLU B 28 20.50 -16.63 -24.05
CA GLU B 28 19.41 -17.47 -24.53
C GLU B 28 19.05 -17.11 -25.97
N ARG B 29 19.31 -15.85 -26.34
CA ARG B 29 19.16 -15.38 -27.71
C ARG B 29 20.41 -15.65 -28.52
N ASP B 30 21.56 -15.62 -27.88
CA ASP B 30 22.78 -15.98 -28.59
C ASP B 30 22.70 -17.47 -28.89
N ALA B 31 22.10 -18.22 -27.97
CA ALA B 31 21.86 -19.64 -28.19
C ALA B 31 20.92 -19.83 -29.37
N TYR B 32 19.87 -19.01 -29.42
CA TYR B 32 18.93 -19.01 -30.53
C TYR B 32 19.66 -18.75 -31.84
N PHE B 33 20.21 -17.55 -31.99
CA PHE B 33 20.87 -17.14 -33.23
C PHE B 33 22.01 -18.06 -33.64
N ASN B 34 22.89 -18.42 -32.72
CA ASN B 34 24.00 -19.32 -33.03
C ASN B 34 23.58 -20.72 -33.53
N SER B 35 22.34 -20.90 -33.95
CA SER B 35 21.85 -22.21 -34.29
C SER B 35 20.62 -22.07 -35.17
N LYS B 36 20.79 -21.62 -36.41
CA LYS B 36 19.71 -21.70 -37.39
C LYS B 36 20.13 -21.64 -38.87
N PHE B 37 21.43 -21.61 -39.16
CA PHE B 37 21.91 -21.01 -40.41
C PHE B 37 21.56 -21.80 -41.68
N ASP B 38 21.53 -21.05 -42.79
CA ASP B 38 21.28 -21.56 -44.15
C ASP B 38 22.52 -21.79 -45.09
N VAL B 39 23.38 -20.78 -45.35
CA VAL B 39 24.62 -21.05 -46.12
C VAL B 39 25.92 -20.15 -46.00
N HIS B 40 26.25 -19.57 -44.82
CA HIS B 40 27.47 -18.69 -44.66
C HIS B 40 27.83 -18.00 -43.29
N GLU B 41 29.05 -18.28 -42.81
CA GLU B 41 29.66 -17.55 -41.70
C GLU B 41 31.17 -17.41 -41.97
N PHE B 42 31.81 -16.37 -41.43
CA PHE B 42 33.24 -16.11 -41.71
C PHE B 42 33.95 -15.35 -40.58
N THR B 43 35.12 -14.75 -40.88
CA THR B 43 35.88 -13.96 -39.91
C THR B 43 36.63 -12.81 -40.59
N SER B 44 36.53 -11.61 -40.01
CA SER B 44 37.21 -10.43 -40.53
C SER B 44 37.34 -9.41 -39.39
N THR B 45 37.28 -8.13 -39.74
CA THR B 45 37.14 -7.06 -38.75
C THR B 45 36.60 -5.84 -39.47
N PHE B 46 36.13 -4.86 -38.70
CA PHE B 46 35.38 -3.77 -39.30
C PHE B 46 35.41 -2.46 -38.49
N ASN B 47 35.14 -1.39 -39.20
CA ASN B 47 35.30 -0.02 -38.70
C ASN B 47 33.98 0.46 -38.10
N TYR B 48 33.90 1.73 -37.69
CA TYR B 48 32.66 2.22 -37.08
C TYR B 48 32.63 3.75 -36.99
N ARG B 49 31.43 4.34 -37.03
CA ARG B 49 31.25 5.78 -36.89
C ARG B 49 29.78 6.13 -36.78
N GLY B 53 25.63 3.68 -35.84
CA GLY B 53 25.81 3.54 -37.28
C GLY B 53 26.57 4.75 -37.79
N VAL B 54 26.84 4.84 -39.11
CA VAL B 54 26.65 3.78 -40.12
C VAL B 54 28.04 3.33 -40.55
N LEU B 55 28.20 2.07 -40.96
CA LEU B 55 29.53 1.52 -41.24
C LEU B 55 29.54 0.34 -42.21
N ARG B 56 30.73 -0.02 -42.67
CA ARG B 56 30.89 -1.05 -43.71
C ARG B 56 31.81 -2.20 -43.29
N VAL B 57 31.56 -3.39 -43.86
CA VAL B 57 32.44 -4.55 -43.71
C VAL B 57 32.60 -5.29 -45.05
N THR B 58 33.84 -5.39 -45.52
CA THR B 58 34.11 -6.08 -46.77
C THR B 58 34.06 -7.58 -46.51
N ILE B 59 33.71 -8.34 -47.53
CA ILE B 59 33.69 -9.79 -47.42
C ILE B 59 33.80 -10.42 -48.81
N ASP B 60 34.28 -11.67 -48.88
CA ASP B 60 34.46 -12.34 -50.17
C ASP B 60 34.09 -13.82 -50.22
N LEU B 61 33.97 -14.32 -51.46
CA LEU B 61 33.52 -15.67 -51.76
C LEU B 61 34.40 -16.32 -52.84
N VAL B 62 35.37 -17.13 -52.40
CA VAL B 62 36.37 -17.70 -53.33
C VAL B 62 35.78 -18.88 -54.11
N SER B 63 34.73 -19.51 -53.55
CA SER B 63 34.09 -20.67 -54.17
C SER B 63 32.92 -20.25 -55.05
N ASP B 64 33.16 -20.12 -56.36
CA ASP B 64 32.08 -19.69 -57.24
C ASP B 64 32.09 -20.25 -58.67
N ARG B 65 30.89 -20.22 -59.22
CA ARG B 65 30.55 -20.67 -60.57
C ARG B 65 29.35 -19.86 -61.05
N SER B 66 28.39 -19.67 -60.13
CA SER B 66 27.27 -18.76 -60.32
C SER B 66 26.92 -18.00 -59.03
N CYS B 67 27.94 -17.54 -58.29
CA CYS B 67 27.75 -16.80 -57.03
C CYS B 67 28.19 -15.34 -57.20
N PHE B 68 29.50 -15.09 -57.12
CA PHE B 68 30.03 -13.74 -57.21
C PHE B 68 29.43 -12.84 -56.08
N GLU B 69 28.48 -11.96 -56.40
CA GLU B 69 27.68 -11.33 -55.36
C GLU B 69 26.73 -12.38 -54.82
N GLN B 70 25.54 -12.48 -55.42
CA GLN B 70 24.48 -13.47 -55.13
C GLN B 70 24.66 -14.39 -53.88
N LEU B 71 25.09 -13.78 -52.78
CA LEU B 71 24.85 -14.28 -51.45
C LEU B 71 23.42 -13.80 -51.12
N MET B 72 23.02 -12.69 -51.75
CA MET B 72 21.61 -12.33 -51.90
C MET B 72 20.89 -12.14 -50.56
N GLY B 73 20.11 -13.13 -50.10
CA GLY B 73 19.04 -12.90 -49.14
C GLY B 73 19.44 -12.40 -47.76
N VAL B 74 20.72 -12.29 -47.48
CA VAL B 74 21.23 -11.75 -46.21
C VAL B 74 20.72 -10.36 -45.87
N ASN B 75 20.22 -10.19 -44.64
CA ASN B 75 19.76 -8.88 -44.18
C ASN B 75 19.98 -8.56 -42.70
N TYR B 76 20.69 -9.44 -42.00
CA TYR B 76 20.90 -9.31 -40.57
C TYR B 76 22.14 -10.10 -40.25
N CYS B 77 22.89 -9.68 -39.24
CA CYS B 77 24.14 -10.34 -38.94
C CYS B 77 24.52 -10.20 -37.48
N GLN B 78 25.31 -11.15 -37.02
CA GLN B 78 25.90 -11.11 -35.69
C GLN B 78 27.37 -10.86 -35.83
N VAL B 79 27.89 -10.10 -34.89
CA VAL B 79 29.32 -9.94 -34.74
C VAL B 79 29.62 -10.23 -33.29
N GLN B 80 30.69 -10.96 -33.03
CA GLN B 80 31.24 -11.02 -31.69
C GLN B 80 32.74 -10.76 -31.72
N TYR B 81 33.13 -9.71 -31.00
CA TYR B 81 34.52 -9.29 -30.94
C TYR B 81 35.26 -10.23 -30.03
N ILE B 82 36.46 -10.62 -30.44
CA ILE B 82 37.33 -11.45 -29.64
C ILE B 82 38.72 -10.85 -29.71
N GLN B 83 39.46 -10.79 -28.60
CA GLN B 83 39.00 -11.14 -27.27
C GLN B 83 38.31 -9.94 -26.65
N SER B 84 37.20 -10.22 -26.00
CA SER B 84 36.20 -9.24 -25.63
C SER B 84 34.97 -10.11 -25.47
N ASN B 85 34.74 -10.96 -26.47
CA ASN B 85 33.64 -11.91 -26.49
C ASN B 85 32.28 -11.26 -26.25
N ARG B 86 32.18 -9.97 -26.56
CA ARG B 86 30.91 -9.28 -26.46
C ARG B 86 30.23 -9.39 -27.81
N VAL B 87 28.92 -9.50 -27.79
CA VAL B 87 28.15 -9.69 -29.00
C VAL B 87 27.32 -8.45 -29.30
N GLU B 88 27.10 -8.19 -30.59
CA GLU B 88 26.35 -7.03 -31.06
C GLU B 88 25.74 -7.38 -32.41
N TYR B 89 24.43 -7.16 -32.56
CA TYR B 89 23.74 -7.47 -33.81
C TYR B 89 23.46 -6.22 -34.62
N LEU B 90 23.45 -6.38 -35.95
CA LEU B 90 23.29 -5.28 -36.87
C LEU B 90 22.43 -5.70 -38.05
N PHE B 91 21.71 -4.73 -38.61
CA PHE B 91 21.01 -4.95 -39.87
C PHE B 91 22.01 -4.73 -40.98
N VAL B 92 21.90 -5.52 -42.04
CA VAL B 92 22.69 -5.23 -43.23
C VAL B 92 21.74 -4.55 -44.21
N THR B 93 22.10 -3.33 -44.58
CA THR B 93 21.20 -2.41 -45.28
C THR B 93 21.29 -2.57 -46.79
N ASP B 94 22.49 -2.81 -47.29
CA ASP B 94 22.71 -2.94 -48.72
C ASP B 94 23.99 -3.72 -48.97
N ILE B 95 24.00 -4.51 -50.04
CA ILE B 95 25.19 -5.24 -50.44
C ILE B 95 25.69 -4.77 -51.81
N GLN B 96 26.43 -3.67 -51.82
CA GLN B 96 27.05 -3.18 -53.04
C GLN B 96 28.22 -4.10 -53.36
N GLN B 97 28.34 -4.50 -54.61
CA GLN B 97 29.38 -5.43 -55.03
C GLN B 97 30.57 -4.65 -55.57
N LEU B 98 31.75 -5.27 -55.57
CA LEU B 98 32.97 -4.64 -56.11
C LEU B 98 33.52 -5.38 -57.33
N ASN B 99 33.76 -6.67 -57.18
CA ASN B 99 34.23 -7.49 -58.28
C ASN B 99 33.55 -8.86 -58.25
N ASP B 100 33.90 -9.73 -59.19
CA ASP B 100 33.22 -11.03 -59.36
C ASP B 100 33.39 -12.01 -58.18
N LYS B 101 33.79 -11.55 -57.00
CA LYS B 101 33.58 -12.32 -55.77
C LYS B 101 33.63 -11.59 -54.43
N VAL B 102 34.14 -10.35 -54.40
CA VAL B 102 34.29 -9.58 -53.16
C VAL B 102 33.25 -8.46 -53.07
N CYS B 103 32.12 -8.74 -52.42
CA CYS B 103 31.03 -7.78 -52.27
C CYS B 103 31.14 -7.07 -50.92
N GLU B 104 30.78 -5.78 -50.87
CA GLU B 104 30.94 -4.95 -49.67
C GLU B 104 29.60 -4.66 -49.00
N LEU B 105 29.53 -4.92 -47.69
CA LEU B 105 28.29 -4.80 -46.90
C LEU B 105 28.24 -3.54 -46.06
N SER B 106 27.14 -2.81 -46.15
CA SER B 106 26.93 -1.66 -45.28
C SER B 106 26.03 -2.16 -44.15
N LEU B 107 26.23 -1.61 -42.96
CA LEU B 107 25.60 -2.11 -41.74
C LEU B 107 25.09 -1.00 -40.85
N VAL B 108 24.13 -1.32 -39.98
CA VAL B 108 23.62 -0.35 -39.01
C VAL B 108 23.12 -1.09 -37.76
N PRO B 109 23.54 -0.63 -36.58
CA PRO B 109 23.37 -1.48 -35.39
C PRO B 109 21.91 -1.69 -34.97
N ASP B 110 21.56 -2.94 -34.65
CA ASP B 110 20.23 -3.26 -34.18
C ASP B 110 20.29 -3.14 -32.67
N VAL B 111 20.42 -1.90 -32.22
CA VAL B 111 20.49 -1.57 -30.82
C VAL B 111 19.35 -2.20 -30.02
N VAL B 112 18.20 -2.38 -30.66
CA VAL B 112 17.04 -2.90 -29.92
C VAL B 112 17.27 -4.36 -29.52
N MET B 113 17.97 -5.12 -30.36
CA MET B 113 18.25 -6.53 -30.07
C MET B 113 19.47 -6.67 -29.16
N THR B 114 20.40 -5.74 -29.29
CA THR B 114 21.68 -5.88 -28.64
C THR B 114 21.56 -5.70 -27.13
N TYR B 115 20.93 -4.60 -26.74
CA TYR B 115 21.03 -4.11 -25.36
C TYR B 115 19.78 -4.35 -24.49
N THR B 116 18.62 -4.44 -25.12
CA THR B 116 17.36 -4.42 -24.38
C THR B 116 16.96 -5.80 -23.86
N GLN B 117 17.78 -6.81 -24.14
CA GLN B 117 17.37 -8.18 -23.90
C GLN B 117 17.11 -8.49 -22.44
N GLY B 118 16.07 -9.28 -22.22
CA GLY B 118 15.69 -9.71 -20.88
C GLY B 118 14.87 -8.68 -20.12
N ASN B 119 15.00 -8.74 -18.80
CA ASN B 119 14.17 -7.97 -17.88
C ASN B 119 14.79 -6.63 -17.53
N VAL B 120 15.21 -5.88 -18.54
CA VAL B 120 15.94 -4.64 -18.31
C VAL B 120 14.99 -3.47 -18.18
N LEU B 121 14.26 -3.22 -19.25
CA LEU B 121 13.43 -2.01 -19.38
C LEU B 121 12.39 -1.87 -18.27
N ASN B 122 12.07 -2.98 -17.60
CA ASN B 122 11.18 -2.95 -16.45
C ASN B 122 11.80 -2.24 -15.25
N THR B 123 13.12 -2.28 -15.16
CA THR B 123 13.83 -1.64 -14.07
C THR B 123 13.76 -0.12 -14.14
N LEU B 124 13.55 0.41 -15.34
CA LEU B 124 13.51 1.84 -15.57
C LEU B 124 12.38 2.55 -14.80
N ASN B 125 12.75 3.60 -14.07
CA ASN B 125 11.79 4.40 -13.33
C ASN B 125 11.75 5.82 -13.85
N ASN B 126 10.62 6.48 -13.57
CA ASN B 126 10.42 7.87 -13.90
C ASN B 126 10.59 8.13 -15.39
N VAL B 127 10.06 7.24 -16.21
CA VAL B 127 10.05 7.49 -17.65
C VAL B 127 8.62 7.82 -18.09
N ASN B 128 8.48 8.87 -18.88
CA ASN B 128 7.19 9.14 -19.50
C ASN B 128 6.94 8.13 -20.58
N VAL B 129 5.98 7.24 -20.35
CA VAL B 129 5.59 6.27 -21.37
C VAL B 129 4.47 6.88 -22.18
N ILE B 130 4.19 6.26 -23.32
CA ILE B 130 3.17 6.74 -24.22
C ILE B 130 2.17 5.64 -24.44
N ARG B 131 2.66 4.51 -24.95
CA ARG B 131 1.82 3.38 -25.23
C ARG B 131 2.54 2.13 -24.83
N GLN B 132 1.88 1.26 -24.07
CA GLN B 132 2.41 -0.07 -23.83
C GLN B 132 1.29 -1.07 -23.75
N HIS B 133 1.67 -2.29 -23.38
CA HIS B 133 0.72 -3.33 -23.11
C HIS B 133 0.68 -3.53 -21.59
N TYR B 134 -0.49 -3.91 -21.05
CA TYR B 134 -0.75 -3.86 -19.61
C TYR B 134 -0.75 -5.20 -18.91
N THR B 135 -0.28 -5.20 -17.67
CA THR B 135 -0.39 -6.40 -16.83
C THR B 135 -1.87 -6.46 -16.46
N GLN B 136 -2.36 -7.61 -16.00
CA GLN B 136 -3.80 -7.72 -15.67
C GLN B 136 -4.20 -6.71 -14.61
N THR B 137 -3.33 -6.47 -13.65
CA THR B 137 -3.63 -5.51 -12.59
C THR B 137 -3.76 -4.10 -13.15
N GLU B 138 -2.71 -3.66 -13.82
CA GLU B 138 -2.65 -2.31 -14.36
C GLU B 138 -3.74 -2.11 -15.40
N TYR B 139 -4.09 -3.18 -16.10
CA TYR B 139 -5.21 -3.17 -17.03
C TYR B 139 -6.46 -2.71 -16.29
N GLU B 140 -6.82 -3.42 -15.25
CA GLU B 140 -8.01 -3.06 -14.51
C GLU B 140 -7.98 -1.59 -14.06
N GLN B 141 -6.78 -1.03 -13.89
CA GLN B 141 -6.64 0.36 -13.41
C GLN B 141 -6.86 1.41 -14.51
N ASN B 142 -6.06 1.35 -15.56
CA ASN B 142 -6.29 2.22 -16.71
C ASN B 142 -7.42 1.63 -17.59
N LEU B 143 -8.49 1.07 -17.00
CA LEU B 143 -9.54 0.38 -17.78
C LEU B 143 -10.65 1.36 -18.14
N GLU B 144 -11.15 2.06 -17.14
CA GLU B 144 -12.17 3.07 -17.35
C GLU B 144 -11.66 4.03 -18.41
N GLN B 145 -10.36 4.36 -18.34
CA GLN B 145 -9.74 5.12 -19.41
C GLN B 145 -10.02 4.44 -20.74
N ILE B 146 -9.40 3.29 -20.97
CA ILE B 146 -9.35 2.71 -22.31
C ILE B 146 -10.73 2.48 -22.97
N ARG B 147 -11.79 2.48 -22.17
CA ARG B 147 -13.15 2.35 -22.69
C ARG B 147 -13.80 3.70 -23.01
N SER B 148 -13.27 4.76 -22.41
CA SER B 148 -13.79 6.11 -22.66
C SER B 148 -12.95 6.99 -23.60
N ASN B 149 -11.62 6.84 -23.61
CA ASN B 149 -10.79 7.72 -24.45
C ASN B 149 -11.09 7.53 -25.94
N ASN B 150 -10.57 8.42 -26.77
CA ASN B 150 -10.82 8.34 -28.20
C ASN B 150 -9.73 7.59 -28.97
N ASP B 151 -8.90 6.88 -28.22
CA ASP B 151 -7.88 5.99 -28.77
C ASP B 151 -8.52 4.69 -29.24
N VAL B 152 -9.12 4.69 -30.43
CA VAL B 152 -9.68 3.46 -31.03
C VAL B 152 -9.68 3.59 -32.55
N LEU B 153 -9.67 2.44 -33.24
CA LEU B 153 -9.58 2.38 -34.70
C LEU B 153 -10.86 2.88 -35.41
N ALA B 154 -10.68 3.55 -36.55
CA ALA B 154 -11.77 3.92 -37.45
C ALA B 154 -12.77 2.79 -37.61
N THR B 155 -14.02 3.04 -37.21
CA THR B 155 -15.05 2.01 -37.25
C THR B 155 -16.37 2.60 -37.75
N SER B 156 -17.10 1.84 -38.59
CA SER B 156 -18.25 2.38 -39.32
C SER B 156 -19.45 1.44 -39.53
N THR B 157 -19.39 0.22 -39.01
CA THR B 157 -20.29 -0.84 -39.48
C THR B 157 -21.15 -1.44 -38.38
N MET B 158 -21.79 -0.58 -37.59
CA MET B 158 -22.66 -1.02 -36.52
C MET B 158 -23.97 -1.50 -37.11
N ARG B 159 -24.51 -2.56 -36.52
CA ARG B 159 -25.74 -3.17 -36.97
C ARG B 159 -26.47 -3.73 -35.76
N VAL B 160 -27.79 -3.88 -35.85
CA VAL B 160 -28.57 -4.44 -34.75
C VAL B 160 -28.25 -5.93 -34.71
N HIS B 161 -27.38 -6.26 -33.77
CA HIS B 161 -26.74 -7.54 -33.73
C HIS B 161 -27.67 -8.58 -33.11
N ALA B 162 -28.31 -8.18 -32.02
CA ALA B 162 -29.15 -9.06 -31.24
C ALA B 162 -30.29 -8.26 -30.63
N ILE B 163 -31.41 -8.93 -30.36
CA ILE B 163 -32.50 -8.34 -29.56
C ILE B 163 -33.04 -9.28 -28.43
N LYS B 164 -33.11 -8.73 -27.22
CA LYS B 164 -33.77 -9.38 -26.10
C LYS B 164 -34.87 -8.44 -25.67
N SER B 165 -35.95 -8.98 -25.12
CA SER B 165 -37.09 -8.18 -24.76
C SER B 165 -37.89 -8.82 -23.64
N GLU B 166 -38.28 -8.02 -22.66
CA GLU B 166 -39.18 -8.47 -21.61
C GLU B 166 -40.60 -8.17 -22.06
N LEU B 167 -41.26 -9.18 -22.60
CA LEU B 167 -42.58 -9.01 -23.20
C LEU B 167 -43.70 -9.05 -22.16
N PHE B 168 -44.68 -8.17 -22.33
CA PHE B 168 -45.86 -8.17 -21.47
C PHE B 168 -46.88 -9.13 -22.00
N THR B 169 -46.89 -10.27 -21.35
CA THR B 169 -47.49 -11.46 -21.92
C THR B 169 -48.94 -11.53 -21.51
N GLN B 170 -49.21 -11.27 -20.21
CA GLN B 170 -50.56 -11.26 -19.65
C GLN B 170 -50.83 -9.90 -19.00
N LEU B 171 -52.11 -9.58 -18.82
CA LEU B 171 -52.49 -8.26 -18.34
C LEU B 171 -53.36 -8.29 -17.08
N GLU B 172 -53.45 -7.14 -16.42
CA GLU B 172 -54.27 -6.93 -15.24
C GLU B 172 -55.06 -5.64 -15.44
N TYR B 173 -56.09 -5.42 -14.61
CA TYR B 173 -56.97 -4.25 -14.77
C TYR B 173 -57.33 -3.57 -13.44
N ILE B 174 -57.27 -2.23 -13.44
CA ILE B 174 -57.85 -1.44 -12.34
C ILE B 174 -59.16 -0.81 -12.81
N LEU B 175 -60.21 -1.11 -12.06
CA LEU B 175 -61.51 -0.54 -12.32
C LEU B 175 -61.63 0.49 -11.23
N THR B 176 -61.45 1.74 -11.62
CA THR B 176 -61.36 2.82 -10.65
C THR B 176 -62.60 3.73 -10.78
N ILE B 177 -63.49 3.60 -9.79
CA ILE B 177 -64.79 4.29 -9.77
C ILE B 177 -65.02 4.97 -8.43
N GLY B 178 -65.95 5.92 -8.43
CA GLY B 178 -66.19 6.77 -7.28
C GLY B 178 -67.46 6.40 -6.54
N ALA B 179 -67.59 5.13 -6.21
CA ALA B 179 -68.76 4.60 -5.56
C ALA B 179 -68.35 3.29 -4.94
N ASN B 180 -68.79 3.03 -3.72
CA ASN B 180 -68.41 1.79 -3.06
C ASN B 180 -69.17 0.59 -3.62
N LEU B 181 -68.59 -0.07 -4.61
CA LEU B 181 -69.19 -1.25 -5.27
C LEU B 181 -69.71 -2.37 -4.39
N ARG B 182 -69.29 -2.43 -3.13
CA ARG B 182 -69.62 -3.58 -2.28
C ARG B 182 -70.63 -3.26 -1.13
N LYS B 183 -71.56 -2.33 -1.37
CA LYS B 183 -72.75 -2.16 -0.51
C LYS B 183 -73.98 -1.74 -1.35
N SER B 184 -75.14 -1.59 -0.72
CA SER B 184 -76.43 -1.51 -1.43
C SER B 184 -76.59 -0.40 -2.48
N PHE B 185 -77.01 -0.78 -3.69
CA PHE B 185 -77.33 0.18 -4.75
C PHE B 185 -78.81 0.57 -4.68
N GLY B 186 -79.67 -0.42 -4.45
CA GLY B 186 -81.10 -0.20 -4.45
C GLY B 186 -81.73 -0.59 -5.78
N THR B 187 -82.80 0.11 -6.17
CA THR B 187 -83.48 -0.13 -7.44
C THR B 187 -83.70 1.17 -8.19
N ALA B 188 -84.28 1.06 -9.39
CA ALA B 188 -84.53 2.20 -10.25
C ALA B 188 -85.32 3.29 -9.54
N GLU B 189 -86.40 2.89 -8.89
CA GLU B 189 -87.31 3.85 -8.29
C GLU B 189 -86.75 4.37 -6.98
N LYS B 190 -86.05 3.49 -6.25
CA LYS B 190 -85.38 3.87 -5.02
C LYS B 190 -83.87 3.68 -5.16
N PRO B 191 -83.15 4.72 -5.59
CA PRO B 191 -81.70 4.58 -5.78
C PRO B 191 -80.89 4.99 -4.55
N LYS B 192 -79.80 4.27 -4.31
CA LYS B 192 -78.83 4.63 -3.27
C LYS B 192 -77.47 4.79 -3.93
N PHE B 193 -76.68 5.74 -3.44
CA PHE B 193 -75.37 6.05 -4.04
C PHE B 193 -74.28 5.95 -2.97
N PRO B 194 -73.77 4.72 -2.70
CA PRO B 194 -72.71 4.52 -1.69
C PRO B 194 -71.40 5.22 -2.05
N SER B 195 -71.01 6.19 -1.21
CA SER B 195 -69.81 6.98 -1.48
C SER B 195 -68.57 6.10 -1.46
N SER B 196 -67.62 6.42 -2.35
CA SER B 196 -66.35 5.70 -2.44
C SER B 196 -65.47 5.91 -1.21
N SER B 197 -65.07 4.79 -0.58
CA SER B 197 -64.24 4.85 0.62
C SER B 197 -62.86 5.50 0.40
N GLY B 198 -62.16 5.11 -0.67
CA GLY B 198 -60.79 5.56 -0.89
C GLY B 198 -59.77 4.57 -0.37
N SER B 199 -58.71 4.34 -1.14
CA SER B 199 -57.61 3.48 -0.73
C SER B 199 -56.30 4.23 -0.95
N THR B 200 -55.19 3.61 -0.56
CA THR B 200 -53.88 4.28 -0.68
C THR B 200 -52.78 3.35 -1.23
N HIS B 201 -52.35 3.59 -2.45
CA HIS B 201 -51.37 2.71 -3.10
C HIS B 201 -50.21 3.50 -3.58
N ASP B 202 -49.01 2.98 -3.33
CA ASP B 202 -47.78 3.68 -3.65
C ASP B 202 -47.77 5.05 -3.00
N GLY B 203 -48.28 5.14 -1.78
CA GLY B 203 -48.29 6.39 -1.05
C GLY B 203 -49.08 7.53 -1.69
N ILE B 204 -50.14 7.23 -2.44
CA ILE B 204 -51.05 8.27 -2.96
C ILE B 204 -52.48 7.90 -2.62
N TYR B 205 -53.14 8.75 -1.84
CA TYR B 205 -54.51 8.49 -1.49
C TYR B 205 -55.39 8.84 -2.64
N ASN B 206 -56.28 7.90 -2.91
CA ASN B 206 -57.28 8.03 -3.94
C ASN B 206 -58.64 8.30 -3.31
N PRO B 207 -59.31 9.40 -3.70
CA PRO B 207 -60.68 9.52 -3.21
C PRO B 207 -61.60 8.42 -3.74
N TYR B 208 -61.17 7.73 -4.79
CA TYR B 208 -61.95 6.67 -5.42
C TYR B 208 -61.62 5.29 -4.86
N ASP B 209 -62.45 4.33 -5.21
CA ASP B 209 -62.14 2.94 -4.96
C ASP B 209 -61.43 2.39 -6.19
N MET B 210 -60.34 1.65 -5.95
CA MET B 210 -59.63 0.92 -6.98
C MET B 210 -59.97 -0.56 -6.89
N TYR B 211 -60.55 -1.13 -7.95
CA TYR B 211 -60.96 -2.54 -7.94
C TYR B 211 -60.15 -3.37 -8.93
N TRP B 212 -59.60 -4.46 -8.40
CA TRP B 212 -58.64 -5.28 -9.09
C TRP B 212 -59.30 -6.36 -9.92
N PHE B 213 -58.65 -6.71 -11.02
CA PHE B 213 -59.04 -7.87 -11.83
C PHE B 213 -57.80 -8.40 -12.52
N ASN B 214 -57.60 -9.72 -12.49
CA ASN B 214 -56.51 -10.37 -13.23
C ASN B 214 -57.04 -11.35 -14.29
N ASP B 215 -58.33 -11.23 -14.60
CA ASP B 215 -58.94 -12.00 -15.68
C ASP B 215 -59.94 -11.09 -16.37
N TYR B 216 -59.93 -11.07 -17.70
CA TYR B 216 -60.88 -10.24 -18.44
C TYR B 216 -62.29 -10.60 -18.08
N GLU B 217 -62.59 -11.91 -18.15
CA GLU B 217 -63.95 -12.42 -17.92
C GLU B 217 -64.46 -11.93 -16.59
N SER B 218 -63.59 -11.92 -15.59
CA SER B 218 -63.94 -11.41 -14.27
C SER B 218 -64.43 -9.96 -14.34
N LEU B 219 -63.64 -9.11 -14.99
CA LEU B 219 -64.02 -7.71 -15.16
C LEU B 219 -65.27 -7.57 -16.05
N LYS B 220 -65.40 -8.43 -17.05
CA LYS B 220 -66.54 -8.35 -17.95
C LYS B 220 -67.83 -8.59 -17.17
N GLU B 221 -67.83 -9.64 -16.35
CA GLU B 221 -69.01 -10.01 -15.57
C GLU B 221 -69.48 -8.85 -14.72
N VAL B 222 -68.54 -8.04 -14.24
CA VAL B 222 -68.88 -6.92 -13.39
C VAL B 222 -69.24 -5.67 -14.23
N MET B 223 -68.60 -5.51 -15.38
CA MET B 223 -68.94 -4.41 -16.25
C MET B 223 -70.38 -4.60 -16.72
N ASP B 224 -70.77 -5.87 -16.84
CA ASP B 224 -72.12 -6.24 -17.27
C ASP B 224 -73.11 -6.01 -16.15
N TYR B 225 -72.79 -6.54 -14.97
CA TYR B 225 -73.63 -6.35 -13.78
C TYR B 225 -73.91 -4.86 -13.58
N LEU B 226 -72.96 -4.02 -13.98
CA LEU B 226 -73.08 -2.59 -13.77
C LEU B 226 -74.04 -1.90 -14.73
N THR B 227 -74.23 -2.46 -15.92
CA THR B 227 -75.17 -1.88 -16.84
C THR B 227 -76.57 -1.75 -16.25
N GLY B 228 -76.92 -2.65 -15.33
CA GLY B 228 -78.20 -2.59 -14.66
C GLY B 228 -78.27 -1.58 -13.52
N TYR B 229 -77.26 -0.72 -13.43
CA TYR B 229 -77.28 0.36 -12.45
C TYR B 229 -76.60 1.63 -13.01
N PRO B 230 -77.27 2.29 -13.97
CA PRO B 230 -76.73 3.47 -14.66
C PRO B 230 -76.40 4.66 -13.76
N TRP B 231 -76.76 4.62 -12.49
CA TRP B 231 -76.46 5.73 -11.60
C TRP B 231 -75.22 5.41 -10.75
N ILE B 232 -74.88 4.12 -10.65
CA ILE B 232 -73.60 3.68 -10.06
C ILE B 232 -72.50 3.64 -11.13
N GLN B 233 -72.88 3.20 -12.33
CA GLN B 233 -71.95 3.15 -13.45
C GLN B 233 -71.57 4.56 -13.91
N GLN B 234 -72.45 5.51 -13.68
CA GLN B 234 -72.22 6.91 -14.02
C GLN B 234 -70.90 7.42 -13.43
N SER B 235 -70.49 6.83 -12.30
CA SER B 235 -69.29 7.30 -11.61
C SER B 235 -68.13 6.34 -11.74
N ILE B 236 -67.77 5.99 -12.97
CA ILE B 236 -66.52 5.29 -13.25
C ILE B 236 -65.58 6.33 -13.86
N LYS B 237 -64.34 6.36 -13.40
CA LYS B 237 -63.34 7.27 -14.01
C LYS B 237 -62.73 6.63 -15.25
N ASN B 238 -62.39 5.36 -15.13
CA ASN B 238 -61.89 4.57 -16.24
C ASN B 238 -61.71 3.15 -15.78
N VAL B 239 -61.45 2.28 -16.74
CA VAL B 239 -60.85 1.01 -16.42
C VAL B 239 -59.56 1.00 -17.21
N THR B 240 -58.45 0.89 -16.49
CA THR B 240 -57.16 0.92 -17.14
C THR B 240 -56.63 -0.49 -17.30
N ILE B 241 -55.82 -0.69 -18.35
CA ILE B 241 -55.16 -1.96 -18.60
C ILE B 241 -53.67 -1.80 -18.33
N ILE B 242 -53.20 -2.48 -17.29
CA ILE B 242 -51.79 -2.50 -16.97
C ILE B 242 -51.18 -3.86 -17.29
N PRO B 243 -49.85 -3.96 -17.27
CA PRO B 243 -49.17 -5.24 -17.42
C PRO B 243 -49.14 -6.10 -16.15
N SER B 244 -49.09 -7.40 -16.36
CA SER B 244 -49.17 -8.38 -15.27
C SER B 244 -48.02 -8.27 -14.26
N GLY B 245 -48.27 -8.76 -13.05
CA GLY B 245 -47.23 -8.96 -12.04
C GLY B 245 -46.64 -7.70 -11.43
N PHE B 246 -47.38 -6.61 -11.48
CA PHE B 246 -46.89 -5.38 -10.89
C PHE B 246 -47.56 -5.07 -9.58
N ILE B 247 -48.64 -5.77 -9.24
CA ILE B 247 -49.34 -5.53 -7.97
C ILE B 247 -49.10 -6.64 -6.93
N LYS B 248 -48.80 -6.21 -5.72
CA LYS B 248 -48.53 -7.14 -4.62
C LYS B 248 -49.85 -7.73 -4.11
N GLN B 249 -49.84 -9.02 -3.83
CA GLN B 249 -51.06 -9.69 -3.37
C GLN B 249 -51.58 -9.07 -2.08
N GLU B 250 -50.67 -8.74 -1.18
CA GLU B 250 -51.04 -8.13 0.09
C GLU B 250 -51.25 -6.62 -0.01
N SER B 251 -51.56 -6.14 -1.22
CA SER B 251 -52.14 -4.82 -1.39
C SER B 251 -53.61 -4.95 -1.81
N LEU B 252 -54.13 -6.19 -1.80
CA LEU B 252 -55.48 -6.49 -2.24
C LEU B 252 -56.34 -7.11 -1.14
N ASN B 253 -57.54 -6.55 -0.94
CA ASN B 253 -58.54 -7.19 -0.11
C ASN B 253 -58.95 -8.52 -0.74
N ASP B 254 -59.52 -9.40 0.06
CA ASP B 254 -60.02 -10.66 -0.44
C ASP B 254 -61.28 -10.42 -1.25
N HIS B 255 -61.82 -11.48 -1.83
CA HIS B 255 -63.00 -11.35 -2.65
C HIS B 255 -64.23 -10.96 -1.82
N GLU B 256 -64.62 -9.68 -1.86
CA GLU B 256 -65.86 -9.22 -1.24
C GLU B 256 -66.96 -9.17 -2.30
N PRO B 257 -68.21 -9.49 -1.91
CA PRO B 257 -69.28 -9.52 -2.90
C PRO B 257 -69.66 -8.12 -3.40
N VAL B 258 -70.18 -8.03 -4.62
CA VAL B 258 -70.58 -6.76 -5.21
C VAL B 258 -71.90 -6.27 -4.55
N ASN B 259 -72.83 -5.69 -5.31
CA ASN B 259 -74.02 -5.10 -4.71
C ASN B 259 -74.78 -6.12 -3.88
N GLY B 260 -75.19 -7.20 -4.53
CA GLY B 260 -75.90 -8.24 -3.82
C GLY B 260 -74.94 -8.98 -2.92
N GLY B 261 -74.09 -9.84 -3.47
CA GLY B 261 -73.95 -10.03 -4.91
C GLY B 261 -73.50 -11.42 -5.26
N ASP B 262 -73.66 -11.74 -6.54
CA ASP B 262 -73.24 -13.03 -7.08
C ASP B 262 -71.76 -12.96 -7.47
N LEU B 263 -71.26 -11.74 -7.64
CA LEU B 263 -69.92 -11.49 -8.16
C LEU B 263 -69.05 -10.92 -7.06
N SER B 264 -67.72 -11.05 -7.21
CA SER B 264 -66.79 -10.53 -6.22
C SER B 264 -65.75 -9.60 -6.84
N VAL B 265 -65.46 -8.51 -6.15
CA VAL B 265 -64.44 -7.58 -6.58
C VAL B 265 -63.45 -7.33 -5.42
N ARG B 266 -62.17 -7.15 -5.77
CA ARG B 266 -61.11 -7.00 -4.77
C ARG B 266 -60.55 -5.56 -4.64
N LYS B 267 -60.90 -4.88 -3.56
CA LYS B 267 -60.41 -3.53 -3.33
C LYS B 267 -58.89 -3.53 -3.23
N LEU B 268 -58.25 -2.65 -3.99
CA LEU B 268 -56.80 -2.50 -3.97
C LEU B 268 -56.37 -1.27 -3.14
N GLY B 269 -55.73 -1.52 -2.00
CA GLY B 269 -55.31 -0.43 -1.12
C GLY B 269 -54.26 -0.92 -0.14
N LYS B 270 -54.63 -1.06 1.13
CA LYS B 270 -53.74 -1.65 2.14
C LYS B 270 -52.37 -0.95 2.19
N GLN B 271 -52.34 0.33 1.88
CA GLN B 271 -51.12 1.15 2.01
C GLN B 271 -49.91 0.71 1.19
N GLY B 272 -49.93 -0.48 0.60
CA GLY B 272 -48.72 -1.07 0.06
C GLY B 272 -48.25 -0.43 -1.21
N VAL B 273 -47.08 -0.87 -1.70
CA VAL B 273 -46.51 -0.38 -2.95
C VAL B 273 -46.64 -1.45 -4.02
N SER B 274 -46.13 -1.10 -5.20
CA SER B 274 -46.08 -2.01 -6.33
C SER B 274 -44.77 -2.78 -6.26
N ASN B 275 -44.64 -3.78 -7.12
CA ASN B 275 -43.38 -4.47 -7.27
C ASN B 275 -42.44 -3.59 -8.06
N GLN B 276 -41.31 -3.20 -7.47
CA GLN B 276 -40.31 -2.44 -8.21
C GLN B 276 -39.49 -3.39 -9.10
N LYS B 277 -40.19 -3.98 -10.08
CA LYS B 277 -39.80 -5.25 -10.73
C LYS B 277 -38.37 -5.29 -11.22
N ASP B 278 -37.63 -6.32 -10.81
CA ASP B 278 -36.36 -6.60 -11.46
C ASP B 278 -36.74 -7.16 -12.85
N PHE B 279 -36.48 -6.37 -13.91
CA PHE B 279 -36.70 -6.79 -15.31
C PHE B 279 -35.61 -7.72 -15.83
N ASN B 280 -35.84 -9.03 -15.77
CA ASN B 280 -34.74 -9.97 -16.00
C ASN B 280 -34.64 -10.52 -17.41
N ALA B 281 -35.76 -10.66 -18.09
CA ALA B 281 -35.74 -11.17 -19.46
C ALA B 281 -34.82 -10.32 -20.38
N ILE B 282 -34.60 -9.08 -19.98
CA ILE B 282 -33.89 -8.11 -20.78
C ILE B 282 -32.47 -7.84 -20.26
N SER B 283 -32.21 -8.26 -19.01
CA SER B 283 -30.95 -7.97 -18.33
C SER B 283 -29.87 -9.00 -18.61
N LEU B 284 -28.65 -8.52 -18.81
CA LEU B 284 -27.49 -9.40 -19.04
C LEU B 284 -26.37 -9.16 -18.04
N ASP B 285 -26.08 -10.18 -17.24
CA ASP B 285 -24.96 -10.11 -16.31
C ASP B 285 -23.70 -10.12 -17.15
N TYR B 286 -22.55 -9.92 -16.51
CA TYR B 286 -21.31 -9.69 -17.25
C TYR B 286 -21.07 -10.81 -18.24
N GLN B 287 -21.08 -12.04 -17.72
CA GLN B 287 -20.77 -13.21 -18.52
C GLN B 287 -21.74 -13.28 -19.67
N SER B 288 -23.01 -13.08 -19.36
CA SER B 288 -24.07 -13.15 -20.37
C SER B 288 -24.02 -12.01 -21.38
N LEU B 289 -23.51 -10.85 -20.97
CA LEU B 289 -23.45 -9.71 -21.89
C LEU B 289 -22.35 -9.92 -22.93
N MET B 290 -21.14 -10.17 -22.46
CA MET B 290 -19.98 -10.40 -23.32
C MET B 290 -20.29 -11.54 -24.28
N PHE B 291 -20.95 -12.55 -23.75
CA PHE B 291 -21.46 -13.68 -24.52
C PHE B 291 -22.31 -13.21 -25.69
N THR B 292 -23.39 -12.50 -25.40
CA THR B 292 -24.41 -12.17 -26.41
C THR B 292 -23.87 -11.28 -27.52
N LEU B 293 -22.79 -10.57 -27.22
CA LEU B 293 -22.14 -9.69 -28.19
C LEU B 293 -21.02 -10.38 -28.96
N GLY B 294 -20.77 -11.65 -28.68
CA GLY B 294 -19.68 -12.36 -29.33
C GLY B 294 -18.35 -11.73 -28.97
N LEU B 295 -18.21 -11.33 -27.71
CA LEU B 295 -16.97 -10.79 -27.17
C LEU B 295 -16.41 -11.81 -26.21
N ASN B 296 -15.10 -12.06 -26.27
CA ASN B 296 -14.51 -13.00 -25.35
C ASN B 296 -14.41 -12.39 -23.94
N PRO B 297 -15.19 -12.90 -22.97
CA PRO B 297 -15.36 -12.22 -21.70
C PRO B 297 -14.10 -12.20 -20.84
N ILE B 298 -13.08 -12.95 -21.26
CA ILE B 298 -11.92 -13.19 -20.41
C ILE B 298 -10.88 -12.05 -20.55
N ASN B 299 -10.77 -11.48 -21.75
CA ASN B 299 -9.82 -10.38 -21.98
C ASN B 299 -10.31 -9.29 -22.95
N ASP B 300 -11.62 -9.17 -23.15
CA ASP B 300 -12.18 -8.13 -24.03
C ASP B 300 -13.07 -7.11 -23.30
N LYS B 301 -12.96 -6.98 -21.98
CA LYS B 301 -13.80 -6.02 -21.29
C LYS B 301 -13.56 -4.59 -21.80
N HIS B 302 -12.34 -4.34 -22.28
CA HIS B 302 -12.00 -3.02 -22.80
C HIS B 302 -12.68 -2.70 -24.12
N LEU B 303 -13.42 -3.65 -24.67
CA LEU B 303 -14.18 -3.40 -25.90
C LEU B 303 -15.63 -2.95 -25.67
N LEU B 304 -16.05 -2.93 -24.40
CA LEU B 304 -17.37 -2.43 -24.05
C LEU B 304 -17.35 -0.92 -24.09
N ARG B 305 -17.31 -0.39 -25.30
CA ARG B 305 -17.28 1.03 -25.52
C ARG B 305 -18.18 1.32 -26.70
N PRO B 306 -18.83 2.50 -26.71
CA PRO B 306 -19.94 2.82 -27.62
C PRO B 306 -19.68 2.64 -29.13
N ASN B 307 -18.46 2.82 -29.62
CA ASN B 307 -18.20 2.65 -31.07
C ASN B 307 -17.92 1.21 -31.49
N ILE B 308 -18.01 0.28 -30.55
CA ILE B 308 -17.95 -1.15 -30.83
C ILE B 308 -19.29 -1.83 -30.53
N VAL B 309 -19.95 -1.40 -29.46
CA VAL B 309 -21.25 -1.96 -29.07
C VAL B 309 -22.21 -0.91 -28.53
N THR B 310 -23.48 -1.03 -28.88
CA THR B 310 -24.49 -0.04 -28.52
C THR B 310 -25.77 -0.71 -28.03
N ALA B 311 -26.37 -0.16 -26.97
CA ALA B 311 -27.58 -0.71 -26.36
C ALA B 311 -28.69 0.34 -26.28
N GLU B 312 -29.88 -0.01 -26.72
CA GLU B 312 -31.01 0.92 -26.69
C GLU B 312 -32.31 0.23 -26.29
N LEU B 313 -33.06 0.84 -25.38
CA LEU B 313 -34.37 0.29 -25.03
C LEU B 313 -35.47 1.01 -25.80
N THR B 314 -36.50 0.29 -26.21
CA THR B 314 -37.66 0.90 -26.85
C THR B 314 -38.93 0.10 -26.58
N ASP B 315 -40.04 0.82 -26.51
CA ASP B 315 -41.35 0.20 -26.36
C ASP B 315 -42.08 0.19 -27.67
N TYR B 316 -41.35 0.44 -28.76
CA TYR B 316 -41.88 0.50 -30.13
C TYR B 316 -43.00 1.52 -30.28
N ALA B 317 -43.04 2.49 -29.38
CA ALA B 317 -44.02 3.56 -29.45
C ALA B 317 -43.29 4.88 -29.34
N GLY B 318 -42.01 4.90 -29.69
CA GLY B 318 -41.25 6.13 -29.69
C GLY B 318 -40.58 6.46 -28.38
N ASN B 319 -41.04 5.89 -27.26
CA ASN B 319 -40.28 6.02 -26.02
C ASN B 319 -39.02 5.19 -26.17
N ARG B 320 -37.86 5.81 -25.99
CA ARG B 320 -36.59 5.11 -26.16
C ARG B 320 -35.67 5.37 -24.98
N LEU B 321 -34.59 4.59 -24.88
CA LEU B 321 -33.50 4.87 -23.95
C LEU B 321 -32.16 4.44 -24.51
N PRO B 322 -31.30 5.40 -24.87
CA PRO B 322 -29.96 5.05 -25.34
C PRO B 322 -29.07 4.66 -24.18
N ILE B 323 -28.10 3.77 -24.42
CA ILE B 323 -27.18 3.33 -23.38
C ILE B 323 -25.75 3.27 -23.90
N ASP B 324 -24.83 3.82 -23.12
CA ASP B 324 -23.44 3.93 -23.49
C ASP B 324 -22.72 2.87 -22.70
N LEU B 325 -22.32 1.78 -23.36
CA LEU B 325 -21.87 0.61 -22.65
C LEU B 325 -20.56 0.85 -21.86
N SER B 326 -19.91 1.99 -22.09
CA SER B 326 -18.67 2.30 -21.36
C SER B 326 -18.91 2.75 -19.92
N LEU B 327 -20.16 2.74 -19.46
CA LEU B 327 -20.51 3.28 -18.15
C LEU B 327 -21.03 2.26 -17.14
N ILE B 328 -21.61 1.15 -17.63
CA ILE B 328 -21.86 -0.01 -16.75
C ILE B 328 -20.56 -0.69 -16.29
N GLU B 329 -20.31 -0.62 -14.97
CA GLU B 329 -19.04 -1.09 -14.42
C GLU B 329 -18.80 -2.57 -14.70
N THR B 330 -19.83 -3.38 -14.51
CA THR B 330 -19.74 -4.81 -14.84
C THR B 330 -21.03 -5.44 -15.35
N ASN B 331 -22.20 -4.86 -15.11
CA ASN B 331 -23.44 -5.54 -15.46
C ASN B 331 -24.47 -4.62 -16.05
N LEU B 332 -24.98 -5.05 -17.20
CA LEU B 332 -26.17 -4.46 -17.76
C LEU B 332 -27.43 -5.01 -17.05
N GLU B 333 -27.66 -4.61 -15.78
CA GLU B 333 -28.90 -4.97 -15.08
C GLU B 333 -29.94 -3.88 -15.21
N PHE B 334 -31.13 -4.24 -15.72
CA PHE B 334 -32.33 -3.38 -15.72
C PHE B 334 -33.22 -3.63 -14.51
N ASP B 335 -33.40 -2.61 -13.68
CA ASP B 335 -34.40 -2.63 -12.61
C ASP B 335 -35.47 -1.60 -13.03
N SER B 336 -36.57 -1.48 -12.27
CA SER B 336 -37.61 -0.49 -12.58
C SER B 336 -38.12 0.29 -11.39
N PHE B 337 -38.88 1.33 -11.70
CA PHE B 337 -39.47 2.22 -10.72
C PHE B 337 -40.90 2.45 -11.15
N VAL B 338 -41.77 1.61 -10.63
CA VAL B 338 -43.15 1.59 -11.06
C VAL B 338 -44.04 2.06 -9.94
N THR B 339 -44.96 2.94 -10.30
CA THR B 339 -45.98 3.38 -9.39
C THR B 339 -47.29 3.09 -10.12
N MET B 340 -48.27 2.56 -9.39
CA MET B 340 -49.50 2.06 -9.98
C MET B 340 -50.77 2.46 -9.24
N GLY B 341 -51.88 2.23 -9.92
CA GLY B 341 -53.19 2.40 -9.34
C GLY B 341 -53.58 3.84 -9.42
N ALA B 342 -53.13 4.59 -8.43
CA ALA B 342 -53.37 6.01 -8.39
C ALA B 342 -52.80 6.70 -9.65
N LYS B 343 -51.54 6.39 -9.98
CA LYS B 343 -50.83 6.98 -11.12
C LYS B 343 -50.12 5.84 -11.80
N ASN B 344 -50.34 5.68 -13.10
CA ASN B 344 -49.84 4.51 -13.81
C ASN B 344 -48.65 4.82 -14.65
N GLU B 345 -47.48 4.38 -14.18
CA GLU B 345 -46.22 4.68 -14.86
C GLU B 345 -45.08 3.78 -14.40
N ILE B 346 -44.50 3.08 -15.40
CA ILE B 346 -43.33 2.23 -15.20
C ILE B 346 -42.19 2.90 -15.89
N LYS B 347 -41.17 3.32 -15.15
CA LYS B 347 -39.93 3.69 -15.80
C LYS B 347 -38.82 2.76 -15.38
N VAL B 348 -38.15 2.22 -16.40
CA VAL B 348 -37.16 1.18 -16.22
C VAL B 348 -35.82 1.84 -16.47
N TYR B 349 -34.91 1.68 -15.50
CA TYR B 349 -33.59 2.32 -15.55
C TYR B 349 -32.52 1.28 -15.60
N VAL B 350 -31.29 1.74 -15.73
CA VAL B 350 -30.16 0.83 -15.78
C VAL B 350 -29.34 1.01 -14.50
N LYS B 351 -29.03 -0.11 -13.84
CA LYS B 351 -28.50 -0.09 -12.47
C LYS B 351 -27.07 0.45 -12.44
N ASN B 352 -26.88 1.56 -11.74
CA ASN B 352 -25.54 2.10 -11.50
C ASN B 352 -24.81 2.53 -12.79
N TYR B 353 -25.60 3.14 -13.67
CA TYR B 353 -25.14 3.66 -14.94
C TYR B 353 -24.28 4.88 -14.67
N ASN B 354 -23.09 4.88 -15.25
CA ASN B 354 -22.15 5.98 -15.06
C ASN B 354 -21.65 6.06 -13.63
N ALA B 355 -21.92 5.02 -12.85
CA ALA B 355 -21.54 5.07 -11.46
C ALA B 355 -20.24 4.34 -11.26
N ARG B 356 -19.48 4.81 -10.28
CA ARG B 356 -18.33 4.07 -9.78
C ARG B 356 -18.76 3.32 -8.53
N GLY B 357 -19.62 2.33 -8.75
CA GLY B 357 -20.38 1.63 -7.72
C GLY B 357 -19.70 1.33 -6.41
N ASN B 358 -20.48 0.88 -5.42
CA ASN B 358 -21.94 0.70 -5.48
C ASN B 358 -22.82 1.85 -4.94
N ASN B 359 -22.62 3.06 -5.45
CA ASN B 359 -23.64 4.08 -5.30
C ASN B 359 -24.49 3.95 -6.54
N VAL B 360 -25.73 4.40 -6.47
CA VAL B 360 -26.59 4.44 -7.65
C VAL B 360 -26.12 5.57 -8.55
N GLY B 361 -26.25 5.37 -9.85
CA GLY B 361 -25.69 6.31 -10.78
C GLY B 361 -26.72 7.35 -11.09
N GLN B 362 -27.14 7.34 -12.34
CA GLN B 362 -28.14 8.27 -12.78
C GLN B 362 -29.49 7.87 -12.19
N TYR B 363 -29.60 6.64 -11.71
CA TYR B 363 -30.86 6.16 -11.16
C TYR B 363 -31.90 6.39 -12.25
N ILE B 364 -32.96 7.15 -11.96
CA ILE B 364 -34.11 7.23 -12.85
C ILE B 364 -34.02 8.42 -13.79
N ASP B 365 -32.99 9.23 -13.62
CA ASP B 365 -32.79 10.35 -14.52
C ASP B 365 -32.31 9.82 -15.86
N ASN B 366 -32.06 8.52 -15.94
CA ASN B 366 -31.80 7.85 -17.22
C ASN B 366 -32.65 6.60 -17.37
N ALA B 367 -33.92 6.82 -17.72
CA ALA B 367 -34.91 5.75 -17.79
C ALA B 367 -35.85 5.87 -18.98
N LEU B 368 -36.23 4.69 -19.48
CA LEU B 368 -37.28 4.55 -20.48
C LEU B 368 -38.57 4.57 -19.73
N THR B 369 -39.39 5.56 -19.99
CA THR B 369 -40.54 5.81 -19.13
C THR B 369 -41.85 5.51 -19.89
N ILE B 370 -42.62 4.58 -19.33
CA ILE B 370 -43.84 4.03 -19.93
C ILE B 370 -45.07 4.48 -19.18
N ASN B 371 -46.01 5.11 -19.88
CA ASN B 371 -47.30 5.41 -19.27
C ASN B 371 -48.41 5.85 -20.20
N ASN B 372 -48.43 5.31 -21.40
CA ASN B 372 -49.59 5.47 -22.26
C ASN B 372 -50.51 4.24 -22.23
N PHE B 373 -50.91 3.81 -21.03
CA PHE B 373 -51.69 2.58 -20.89
C PHE B 373 -53.12 2.70 -21.42
N ASP B 374 -53.68 1.58 -21.85
CA ASP B 374 -55.00 1.60 -22.46
C ASP B 374 -56.11 1.73 -21.41
N THR B 375 -57.13 2.52 -21.71
CA THR B 375 -58.38 2.45 -20.96
C THR B 375 -59.51 2.06 -21.90
N ILE B 376 -60.61 1.57 -21.33
CA ILE B 376 -61.65 0.92 -22.13
C ILE B 376 -62.98 1.65 -22.03
N GLY B 377 -63.64 1.87 -23.17
CA GLY B 377 -64.87 2.65 -23.21
C GLY B 377 -66.07 1.81 -22.83
N PHE B 378 -67.11 2.45 -22.28
CA PHE B 378 -68.34 1.73 -21.91
C PHE B 378 -69.60 2.54 -22.26
N SER B 379 -70.77 1.91 -22.10
CA SER B 379 -72.06 2.52 -22.47
C SER B 379 -73.03 2.50 -21.30
N VAL B 380 -73.84 3.55 -21.21
CA VAL B 380 -74.79 3.75 -20.11
C VAL B 380 -75.99 4.58 -20.55
N ASP B 381 -77.14 4.37 -19.90
CA ASP B 381 -78.33 5.20 -20.12
C ASP B 381 -78.82 5.86 -18.85
N ALA B 462 -74.01 7.39 -20.64
CA ALA B 462 -73.50 8.06 -21.83
C ALA B 462 -72.83 7.01 -22.71
N ILE B 463 -71.77 7.40 -23.43
CA ILE B 463 -71.06 6.45 -24.29
C ILE B 463 -69.55 6.55 -24.05
N THR B 464 -69.16 7.15 -22.92
CA THR B 464 -67.80 7.64 -22.66
C THR B 464 -66.67 6.71 -23.19
N GLU B 465 -65.74 7.29 -23.96
CA GLU B 465 -64.88 6.50 -24.86
C GLU B 465 -63.64 5.92 -24.21
N GLY B 466 -63.12 4.85 -24.80
CA GLY B 466 -61.88 4.25 -24.35
C GLY B 466 -60.68 4.93 -24.98
N HIS B 467 -59.53 4.84 -24.30
CA HIS B 467 -58.26 5.33 -24.84
C HIS B 467 -57.34 4.19 -25.27
N VAL B 468 -56.75 4.33 -26.46
CA VAL B 468 -55.92 3.27 -27.04
C VAL B 468 -54.46 3.68 -27.03
N GLY B 469 -53.59 2.72 -26.70
CA GLY B 469 -52.18 2.99 -26.56
C GLY B 469 -51.34 1.81 -27.01
N TYR B 470 -51.02 0.92 -26.07
CA TYR B 470 -50.21 -0.27 -26.40
C TYR B 470 -51.04 -1.47 -26.86
N ALA B 471 -52.36 -1.30 -27.02
CA ALA B 471 -53.22 -2.43 -27.31
C ALA B 471 -52.83 -3.18 -28.59
N PRO B 472 -52.93 -2.53 -29.77
CA PRO B 472 -52.71 -3.29 -31.01
C PRO B 472 -51.29 -3.85 -31.12
N LEU B 473 -50.38 -3.25 -30.35
CA LEU B 473 -49.03 -3.77 -30.20
C LEU B 473 -49.08 -5.11 -29.51
N PHE B 474 -49.94 -5.23 -28.51
CA PHE B 474 -50.07 -6.47 -27.75
C PHE B 474 -50.66 -7.62 -28.56
N LYS B 475 -51.59 -7.29 -29.45
CA LYS B 475 -52.17 -8.34 -30.31
C LYS B 475 -51.19 -8.81 -31.39
N GLN B 476 -49.97 -8.26 -31.38
CA GLN B 476 -48.91 -8.75 -32.22
C GLN B 476 -47.77 -9.32 -31.37
N ASP B 477 -48.02 -9.47 -30.07
CA ASP B 477 -46.99 -9.89 -29.11
C ASP B 477 -45.74 -8.99 -29.15
N LYS B 478 -45.98 -7.68 -29.10
CA LYS B 478 -44.91 -6.70 -29.06
C LYS B 478 -45.15 -5.66 -27.97
N PHE B 479 -46.18 -5.86 -27.15
CA PHE B 479 -46.35 -4.97 -26.02
C PHE B 479 -45.31 -5.39 -25.01
N GLY B 480 -44.30 -4.54 -24.84
CA GLY B 480 -43.22 -4.83 -23.94
C GLY B 480 -42.05 -3.90 -24.19
N VAL B 481 -41.05 -4.03 -23.32
CA VAL B 481 -39.83 -3.24 -23.40
C VAL B 481 -38.76 -4.09 -24.08
N HIS B 482 -38.11 -3.52 -25.09
CA HIS B 482 -37.17 -4.24 -25.95
C HIS B 482 -35.78 -3.60 -25.94
N LEU B 483 -34.74 -4.45 -25.99
CA LEU B 483 -33.35 -4.00 -25.97
C LEU B 483 -32.69 -4.28 -27.31
N ARG B 484 -32.03 -3.27 -27.87
CA ARG B 484 -31.34 -3.43 -29.13
C ARG B 484 -29.84 -3.37 -28.90
N LEU B 485 -29.23 -4.55 -28.85
CA LEU B 485 -27.79 -4.64 -28.82
C LEU B 485 -27.25 -4.53 -30.24
N GLY B 486 -26.32 -3.60 -30.43
CA GLY B 486 -25.72 -3.35 -31.72
C GLY B 486 -24.25 -3.68 -31.62
N ARG B 487 -23.68 -4.16 -32.72
CA ARG B 487 -22.24 -4.41 -32.76
C ARG B 487 -21.72 -4.21 -34.17
N ILE B 488 -20.43 -3.92 -34.26
CA ILE B 488 -19.73 -3.79 -35.53
C ILE B 488 -19.49 -5.15 -36.20
N SER B 489 -19.30 -5.11 -37.52
CA SER B 489 -18.98 -6.29 -38.33
C SER B 489 -17.96 -7.17 -37.64
N GLN B 490 -18.07 -8.49 -37.83
CA GLN B 490 -17.05 -9.40 -37.32
C GLN B 490 -15.65 -8.97 -37.81
N ASP B 491 -15.51 -8.63 -39.09
CA ASP B 491 -14.19 -8.26 -39.62
C ASP B 491 -13.73 -7.03 -38.87
N GLU B 492 -14.59 -6.00 -38.84
CA GLU B 492 -14.21 -4.74 -38.21
C GLU B 492 -13.84 -4.94 -36.73
N LEU B 493 -14.55 -5.84 -36.06
CA LEU B 493 -14.24 -6.19 -34.67
C LEU B 493 -12.80 -6.73 -34.54
N ASN B 494 -12.35 -7.47 -35.54
CA ASN B 494 -10.98 -7.95 -35.57
C ASN B 494 -9.99 -6.85 -35.88
N ASN B 495 -10.34 -5.95 -36.80
CA ASN B 495 -9.49 -4.81 -37.09
C ASN B 495 -9.18 -4.02 -35.81
N VAL B 496 -10.16 -3.95 -34.92
CA VAL B 496 -9.97 -3.25 -33.66
C VAL B 496 -9.18 -4.15 -32.74
N LYS B 497 -9.60 -5.41 -32.64
CA LYS B 497 -8.91 -6.38 -31.81
C LYS B 497 -7.41 -6.32 -32.13
N LYS B 498 -7.11 -6.38 -33.42
CA LYS B 498 -5.74 -6.34 -33.94
C LYS B 498 -5.05 -5.06 -33.50
N TYR B 499 -5.67 -3.92 -33.82
CA TYR B 499 -5.11 -2.59 -33.52
C TYR B 499 -4.63 -2.44 -32.07
N TYR B 500 -5.47 -2.90 -31.15
CA TYR B 500 -5.13 -2.84 -29.74
C TYR B 500 -4.01 -3.82 -29.45
N ASN B 501 -4.23 -5.07 -29.82
CA ASN B 501 -3.25 -6.13 -29.61
C ASN B 501 -1.87 -5.80 -30.20
N MET B 502 -1.84 -4.93 -31.19
CA MET B 502 -0.62 -4.58 -31.89
C MET B 502 0.10 -3.42 -31.22
N PHE B 503 -0.65 -2.38 -30.86
CA PHE B 503 -0.07 -1.13 -30.42
C PHE B 503 -0.43 -0.79 -28.98
N GLY B 504 -0.85 -1.76 -28.19
CA GLY B 504 -1.19 -1.49 -26.81
C GLY B 504 -2.26 -0.42 -26.69
N TYR B 505 -2.33 0.19 -25.51
CA TYR B 505 -3.31 1.24 -25.26
C TYR B 505 -2.57 2.53 -24.93
N GLU B 506 -3.29 3.64 -25.00
CA GLU B 506 -2.69 4.94 -24.76
C GLU B 506 -2.63 5.26 -23.26
N CYS B 507 -1.42 5.38 -22.72
CA CYS B 507 -1.25 5.87 -21.35
C CYS B 507 -0.52 7.22 -21.39
N ASN B 508 -1.10 8.22 -20.72
CA ASN B 508 -0.46 9.54 -20.57
C ASN B 508 0.34 9.68 -19.26
N ASP B 509 1.01 8.60 -18.88
CA ASP B 509 1.72 8.53 -17.61
C ASP B 509 3.11 9.11 -17.83
N TYR B 510 3.31 10.36 -17.43
CA TYR B 510 4.67 10.88 -17.27
C TYR B 510 5.22 10.22 -16.02
N SER B 511 6.54 10.15 -15.86
CA SER B 511 7.11 9.63 -14.60
C SER B 511 6.41 8.34 -14.08
N THR B 512 6.69 7.21 -14.71
CA THR B 512 6.11 5.92 -14.28
C THR B 512 7.03 4.78 -14.69
N LYS B 513 7.03 3.71 -13.91
CA LYS B 513 7.80 2.52 -14.26
C LYS B 513 7.07 1.82 -15.39
N LEU B 514 7.84 1.33 -16.35
CA LEU B 514 7.26 0.56 -17.43
C LEU B 514 6.40 -0.58 -16.85
N SER B 515 5.24 -0.83 -17.43
CA SER B 515 4.51 -2.05 -17.11
C SER B 515 5.37 -3.21 -17.57
N ASP B 516 5.04 -4.42 -17.15
CA ASP B 516 5.86 -5.56 -17.53
C ASP B 516 6.00 -5.65 -19.06
N ILE B 517 7.13 -6.21 -19.48
CA ILE B 517 7.51 -6.33 -20.89
C ILE B 517 7.00 -7.66 -21.51
N THR B 518 6.57 -8.58 -20.65
CA THR B 518 6.05 -9.87 -21.07
C THR B 518 4.62 -10.01 -20.61
N SER B 519 3.90 -8.90 -20.54
CA SER B 519 2.53 -8.95 -20.10
C SER B 519 1.82 -9.93 -21.03
N MET B 520 2.08 -9.76 -22.32
CA MET B 520 1.29 -10.43 -23.34
C MET B 520 1.81 -11.81 -23.69
N SER B 521 1.09 -12.46 -24.61
CA SER B 521 1.38 -13.80 -25.04
C SER B 521 2.07 -13.83 -26.41
N ILE B 522 1.82 -12.82 -27.23
CA ILE B 522 2.30 -12.81 -28.62
C ILE B 522 3.33 -11.71 -28.82
N CYS B 523 2.98 -10.51 -28.36
CA CYS B 523 3.87 -9.37 -28.50
C CYS B 523 3.50 -8.26 -27.51
N ASN B 524 4.49 -7.45 -27.14
CA ASN B 524 4.29 -6.29 -26.29
C ASN B 524 4.69 -5.02 -27.04
N TRP B 525 3.92 -3.95 -26.89
CA TRP B 525 4.25 -2.72 -27.56
C TRP B 525 4.94 -1.99 -26.46
N VAL B 526 5.81 -1.05 -26.80
CA VAL B 526 6.49 -0.28 -25.77
C VAL B 526 7.06 0.97 -26.41
N GLN B 527 6.57 2.11 -25.94
CA GLN B 527 6.89 3.39 -26.52
C GLN B 527 7.07 4.42 -25.39
N PHE B 528 8.27 4.97 -25.22
CA PHE B 528 8.49 5.96 -24.14
C PHE B 528 9.56 7.06 -24.37
N LYS B 529 9.19 8.27 -23.92
CA LYS B 529 10.04 9.47 -23.94
C LYS B 529 11.06 9.33 -22.79
N GLY B 530 12.11 10.16 -22.80
CA GLY B 530 13.08 10.19 -21.71
C GLY B 530 12.50 10.42 -20.31
N ILE B 531 13.31 10.31 -19.25
CA ILE B 531 14.76 10.10 -19.33
C ILE B 531 15.31 8.87 -18.59
N TRP B 532 16.17 8.14 -19.31
CA TRP B 532 16.70 6.87 -18.86
C TRP B 532 18.05 6.61 -19.50
N THR B 533 18.87 5.82 -18.81
CA THR B 533 20.05 5.25 -19.43
C THR B 533 20.09 3.79 -19.02
N LEU B 534 20.60 2.95 -19.92
CA LEU B 534 20.88 1.56 -19.59
C LEU B 534 22.34 1.40 -19.14
N PRO B 535 22.56 0.60 -18.08
CA PRO B 535 23.91 0.43 -17.55
C PRO B 535 24.96 0.00 -18.59
N ASN B 536 25.93 0.87 -18.82
CA ASN B 536 27.15 0.55 -19.56
C ASN B 536 26.89 0.40 -21.04
N VAL B 537 26.38 1.45 -21.64
CA VAL B 537 26.10 1.42 -23.06
C VAL B 537 26.68 2.64 -23.73
N ASP B 538 27.33 2.41 -24.87
CA ASP B 538 27.95 3.48 -25.63
C ASP B 538 26.96 4.62 -25.78
N THR B 539 27.30 5.76 -25.22
CA THR B 539 26.42 6.91 -25.23
C THR B 539 25.78 7.16 -26.60
N GLY B 540 26.51 6.85 -27.67
CA GLY B 540 25.95 6.98 -29.00
C GLY B 540 24.76 6.07 -29.17
N HIS B 541 24.98 4.79 -28.89
CA HIS B 541 23.94 3.76 -29.01
C HIS B 541 22.73 4.06 -28.12
N MET B 542 22.97 4.74 -27.02
CA MET B 542 21.87 5.14 -26.16
C MET B 542 20.96 6.10 -26.88
N ASN B 543 21.54 7.18 -27.42
CA ASN B 543 20.79 8.17 -28.18
C ASN B 543 19.87 7.53 -29.19
N MET B 544 20.25 6.36 -29.69
CA MET B 544 19.39 5.60 -30.58
C MET B 544 18.27 4.93 -29.80
N LEU B 545 18.63 4.09 -28.83
CA LEU B 545 17.62 3.44 -28.01
C LEU B 545 16.60 4.44 -27.46
N ARG B 546 17.09 5.53 -26.92
CA ARG B 546 16.23 6.51 -26.27
C ARG B 546 15.17 7.01 -27.22
N ALA B 547 15.56 7.14 -28.49
CA ALA B 547 14.70 7.77 -29.51
C ALA B 547 13.98 6.74 -30.38
N LEU B 548 14.48 5.51 -30.38
CA LEU B 548 13.83 4.46 -31.14
C LEU B 548 12.59 4.07 -30.35
N PHE B 549 12.72 4.12 -29.03
CA PHE B 549 11.60 3.80 -28.17
C PHE B 549 10.64 4.96 -28.05
N GLU B 550 11.09 6.19 -28.26
CA GLU B 550 10.16 7.31 -28.26
C GLU B 550 9.12 7.08 -29.35
N ALA B 551 9.51 6.36 -30.40
CA ALA B 551 8.60 6.08 -31.50
C ALA B 551 8.10 4.64 -31.47
N GLY B 552 8.24 3.99 -30.33
CA GLY B 552 7.63 2.69 -30.13
C GLY B 552 8.38 1.55 -30.79
N VAL B 553 8.23 0.37 -30.21
CA VAL B 553 8.92 -0.81 -30.67
C VAL B 553 8.08 -2.04 -30.33
N ARG B 554 7.81 -2.91 -31.28
CA ARG B 554 7.07 -4.13 -30.96
C ARG B 554 8.00 -5.26 -30.55
N LEU B 555 7.81 -5.73 -29.33
CA LEU B 555 8.58 -6.84 -28.77
C LEU B 555 7.86 -8.15 -28.90
N TRP B 556 8.15 -8.88 -29.96
CA TRP B 556 7.50 -10.15 -30.17
C TRP B 556 8.12 -11.17 -29.24
N HIS B 557 7.39 -12.24 -28.96
CA HIS B 557 7.85 -13.23 -27.99
C HIS B 557 8.24 -14.55 -28.63
N LYS B 558 7.57 -14.91 -29.72
CA LYS B 558 7.95 -16.10 -30.51
C LYS B 558 8.21 -15.70 -31.96
N GLU B 559 9.22 -16.31 -32.60
CA GLU B 559 9.49 -15.97 -33.99
C GLU B 559 8.34 -16.42 -34.90
N SER B 560 7.74 -17.57 -34.59
CA SER B 560 6.60 -18.06 -35.36
C SER B 560 5.48 -17.04 -35.45
N ASP B 561 5.25 -16.31 -34.36
CA ASP B 561 4.21 -15.28 -34.32
C ASP B 561 4.49 -14.11 -35.27
N MET B 562 5.74 -13.96 -35.69
CA MET B 562 6.12 -12.88 -36.59
C MET B 562 5.78 -13.16 -38.06
N ILE B 563 5.47 -14.41 -38.37
CA ILE B 563 5.06 -14.76 -39.74
C ILE B 563 3.85 -15.68 -39.75
N ASN B 564 2.95 -15.45 -38.80
CA ASN B 564 1.62 -16.04 -38.86
C ASN B 564 0.61 -15.04 -38.34
N ASN B 565 -0.65 -15.17 -38.74
CA ASN B 565 -1.65 -14.16 -38.42
C ASN B 565 -2.18 -14.30 -37.00
N THR B 566 -1.27 -14.42 -36.03
CA THR B 566 -1.61 -14.80 -34.67
C THR B 566 -1.89 -13.62 -33.75
N VAL B 567 -1.61 -12.41 -34.20
CA VAL B 567 -1.64 -11.27 -33.29
C VAL B 567 -3.07 -11.01 -32.82
N VAL B 568 -4.05 -11.52 -33.58
CA VAL B 568 -5.44 -11.32 -33.25
C VAL B 568 -5.74 -11.99 -31.91
N ASN B 569 -4.97 -13.02 -31.58
CA ASN B 569 -5.09 -13.73 -30.30
C ASN B 569 -4.08 -13.36 -29.22
N ASN B 570 -3.51 -12.16 -29.31
CA ASN B 570 -2.68 -11.66 -28.22
C ASN B 570 -3.55 -11.51 -26.97
N VAL B 571 -2.97 -11.69 -25.79
CA VAL B 571 -3.74 -11.70 -24.54
C VAL B 571 -2.83 -11.75 -23.30
N ILE B 572 -3.37 -11.38 -22.15
CA ILE B 572 -2.57 -11.20 -20.94
C ILE B 572 -2.33 -12.59 -20.33
N ILE B 573 -2.35 -12.70 -18.99
CA ILE B 573 -2.24 -13.98 -18.30
C ILE B 573 -2.88 -13.89 -16.90
N LEU C 3 46.44 21.85 -19.87
CA LEU C 3 46.02 23.00 -19.06
C LEU C 3 44.70 22.75 -18.30
N SER C 4 44.35 21.48 -18.06
CA SER C 4 43.04 21.19 -17.43
C SER C 4 42.83 19.73 -17.00
N LYS C 5 42.33 19.56 -15.76
CA LYS C 5 42.03 18.24 -15.20
C LYS C 5 40.57 17.85 -15.44
N ILE C 6 40.36 16.56 -15.76
CA ILE C 6 39.06 16.10 -16.25
C ILE C 6 38.55 14.84 -15.56
N LYS C 7 37.32 14.88 -15.05
CA LYS C 7 36.61 13.67 -14.63
C LYS C 7 35.70 13.19 -15.77
N LEU C 8 35.34 11.91 -15.79
CA LEU C 8 34.52 11.35 -16.88
C LEU C 8 33.32 10.48 -16.42
N PHE C 9 32.34 11.11 -15.79
CA PHE C 9 31.29 10.37 -15.06
C PHE C 9 30.53 9.28 -15.82
N TYR C 10 30.30 8.16 -15.14
CA TYR C 10 29.70 6.98 -15.74
C TYR C 10 28.20 6.81 -15.39
N ASN C 11 27.43 6.31 -16.35
CA ASN C 11 25.98 6.05 -16.20
C ASN C 11 25.23 7.13 -15.42
N THR C 12 25.27 8.34 -15.94
CA THR C 12 24.72 9.49 -15.25
C THR C 12 23.26 9.65 -15.64
N PRO C 13 22.44 10.31 -14.80
CA PRO C 13 21.04 10.60 -15.18
C PRO C 13 20.89 11.74 -16.18
N PHE C 14 21.76 12.73 -16.07
CA PHE C 14 21.83 13.91 -16.96
C PHE C 14 22.15 13.59 -18.42
N ASN C 15 21.12 13.31 -19.21
CA ASN C 15 21.31 13.10 -20.65
C ASN C 15 20.20 13.68 -21.52
N ASN C 16 19.11 14.12 -20.90
CA ASN C 16 18.20 15.05 -21.53
C ASN C 16 18.87 16.38 -21.42
N MET C 17 18.88 17.13 -22.52
CA MET C 17 19.67 18.34 -22.61
C MET C 17 18.79 19.47 -22.06
N GLN C 18 18.11 19.20 -20.93
CA GLN C 18 16.85 19.88 -20.54
C GLN C 18 16.20 19.41 -19.21
N ASN C 19 16.63 18.24 -18.71
CA ASN C 19 16.46 17.88 -17.30
C ASN C 19 17.78 17.95 -16.56
N THR C 20 17.78 18.70 -15.47
CA THR C 20 19.01 19.01 -14.76
C THR C 20 18.78 18.76 -13.29
N LEU C 21 19.85 18.83 -12.51
CA LEU C 21 19.75 18.85 -11.06
C LEU C 21 20.15 20.24 -10.58
N HIS C 22 19.70 20.61 -9.38
CA HIS C 22 19.92 21.96 -8.87
C HIS C 22 20.37 21.95 -7.43
N PHE C 23 21.43 22.72 -7.17
CA PHE C 23 22.07 22.80 -5.88
C PHE C 23 22.03 24.23 -5.39
N ASN C 24 21.88 24.39 -4.08
CA ASN C 24 21.76 25.70 -3.47
C ASN C 24 22.92 26.62 -3.84
N SER C 25 24.05 26.04 -4.22
CA SER C 25 25.23 26.82 -4.53
C SER C 25 26.28 26.00 -5.26
N ASN C 26 27.09 26.69 -6.06
CA ASN C 26 28.06 26.03 -6.93
C ASN C 26 28.90 24.96 -6.25
N GLU C 27 29.80 25.36 -5.38
CA GLU C 27 30.77 24.41 -4.81
C GLU C 27 30.13 23.32 -3.94
N GLU C 28 28.83 23.41 -3.72
CA GLU C 28 28.06 22.34 -3.10
C GLU C 28 27.78 21.22 -4.11
N ARG C 29 27.69 21.60 -5.38
CA ARG C 29 27.55 20.65 -6.47
C ARG C 29 28.90 20.12 -6.92
N ASP C 30 29.93 20.94 -6.84
CA ASP C 30 31.26 20.45 -7.15
C ASP C 30 31.62 19.45 -6.06
N ALA C 31 31.15 19.72 -4.84
CA ALA C 31 31.34 18.78 -3.75
C ALA C 31 30.60 17.48 -4.04
N TYR C 32 29.38 17.61 -4.55
CA TYR C 32 28.61 16.46 -4.96
C TYR C 32 29.35 15.64 -6.02
N PHE C 33 29.55 16.24 -7.19
CA PHE C 33 30.18 15.55 -8.31
C PHE C 33 31.56 15.00 -7.99
N ASN C 34 32.42 15.80 -7.36
CA ASN C 34 33.78 15.36 -6.99
C ASN C 34 33.83 14.16 -6.03
N SER C 35 32.72 13.43 -5.88
CA SER C 35 32.66 12.37 -4.89
C SER C 35 31.52 11.44 -5.26
N LYS C 36 31.69 10.66 -6.33
CA LYS C 36 30.76 9.56 -6.60
C LYS C 36 31.27 8.45 -7.53
N PHE C 37 32.53 8.51 -7.96
CA PHE C 37 32.94 7.86 -9.21
C PHE C 37 32.94 6.33 -9.17
N ASP C 38 32.82 5.77 -10.38
CA ASP C 38 32.85 4.33 -10.66
C ASP C 38 34.18 3.73 -11.22
N VAL C 39 34.73 4.20 -12.36
CA VAL C 39 36.08 3.71 -12.77
C VAL C 39 37.06 4.55 -13.68
N HIS C 40 37.11 5.89 -13.59
CA HIS C 40 38.02 6.73 -14.44
C HIS C 40 38.05 8.30 -14.34
N GLU C 41 39.24 8.85 -14.09
CA GLU C 41 39.53 10.29 -14.18
C GLU C 41 40.95 10.49 -14.74
N PHE C 42 41.21 11.61 -15.41
CA PHE C 42 42.53 11.83 -16.03
C PHE C 42 42.89 13.32 -16.18
N THR C 43 43.88 13.62 -17.04
CA THR C 43 44.31 15.00 -17.31
C THR C 43 44.80 15.19 -18.75
N SER C 44 44.33 16.24 -19.41
CA SER C 44 44.70 16.53 -20.79
C SER C 44 44.41 18.01 -21.05
N THR C 45 44.06 18.36 -22.28
CA THR C 45 43.51 19.68 -22.59
C THR C 45 42.72 19.56 -23.87
N PHE C 46 41.91 20.57 -24.18
CA PHE C 46 40.94 20.45 -25.26
C PHE C 46 40.52 21.77 -25.90
N ASN C 47 40.05 21.65 -27.13
CA ASN C 47 39.77 22.79 -28.02
C ASN C 47 38.32 23.24 -27.85
N TYR C 48 37.84 24.19 -28.65
CA TYR C 48 36.48 24.69 -28.49
C TYR C 48 36.03 25.53 -29.70
N ARG C 49 34.73 25.50 -29.96
CA ARG C 49 34.14 26.29 -31.06
C ARG C 49 32.62 26.20 -31.02
N GLY C 53 29.27 24.78 -27.69
CA GLY C 53 29.63 23.58 -28.43
C GLY C 53 30.04 23.94 -29.85
N VAL C 54 30.41 22.97 -30.69
CA VAL C 54 30.62 21.55 -30.32
C VAL C 54 32.12 21.29 -30.44
N LEU C 55 32.66 20.37 -29.65
CA LEU C 55 34.10 20.17 -29.58
C LEU C 55 34.52 18.76 -29.14
N ARG C 56 35.80 18.45 -29.31
CA ARG C 56 36.31 17.10 -29.04
C ARG C 56 37.45 17.10 -28.02
N VAL C 57 37.58 15.97 -27.32
CA VAL C 57 38.74 15.70 -26.45
C VAL C 57 39.22 14.25 -26.60
N THR C 58 40.48 14.09 -27.01
CA THR C 58 41.08 12.77 -27.17
C THR C 58 41.44 12.24 -25.78
N ILE C 59 41.42 10.92 -25.64
CA ILE C 59 41.78 10.28 -24.39
C ILE C 59 42.18 8.81 -24.63
N ASP C 60 43.00 8.25 -23.74
CA ASP C 60 43.49 6.88 -23.92
C ASP C 60 43.57 6.01 -22.66
N LEU C 61 43.69 4.70 -22.89
CA LEU C 61 43.65 3.69 -21.85
C LEU C 61 44.76 2.66 -22.06
N VAL C 62 45.88 2.85 -21.35
CA VAL C 62 47.07 2.03 -21.57
C VAL C 62 46.90 0.64 -20.92
N SER C 63 46.04 0.55 -19.90
CA SER C 63 45.81 -0.70 -19.18
C SER C 63 44.66 -1.49 -19.77
N ASP C 64 44.97 -2.46 -20.61
CA ASP C 64 43.91 -3.23 -21.25
C ASP C 64 44.20 -4.70 -21.55
N ARG C 65 43.09 -5.43 -21.66
CA ARG C 65 43.04 -6.86 -21.96
C ARG C 65 41.69 -7.13 -22.66
N SER C 66 40.63 -6.49 -22.15
CA SER C 66 39.34 -6.45 -22.81
C SER C 66 38.68 -5.07 -22.65
N CYS C 67 39.45 -3.99 -22.82
CA CYS C 67 38.95 -2.60 -22.71
C CYS C 67 38.97 -1.91 -24.08
N PHE C 68 40.14 -1.43 -24.50
CA PHE C 68 40.28 -0.71 -25.76
C PHE C 68 39.34 0.54 -25.76
N GLU C 69 38.23 0.50 -26.49
CA GLU C 69 37.20 1.51 -26.30
C GLU C 69 36.52 1.23 -24.96
N GLN C 70 35.47 0.40 -25.00
CA GLN C 70 34.71 -0.09 -23.84
C GLN C 70 35.02 0.54 -22.45
N LEU C 71 35.14 1.86 -22.44
CA LEU C 71 34.92 2.66 -21.25
C LEU C 71 33.41 2.84 -21.19
N MET C 72 32.77 2.80 -22.37
CA MET C 72 31.35 2.52 -22.50
C MET C 72 30.46 3.57 -21.83
N GLY C 73 29.92 3.29 -20.64
CA GLY C 73 28.74 3.98 -20.14
C GLY C 73 28.86 5.47 -19.83
N VAL C 74 30.06 6.04 -19.99
CA VAL C 74 30.26 7.50 -19.85
C VAL C 74 29.36 8.34 -20.72
N ASN C 75 28.73 9.33 -20.09
CA ASN C 75 27.86 10.28 -20.82
C ASN C 75 27.84 11.71 -20.30
N TYR C 76 28.71 12.01 -19.33
CA TYR C 76 28.75 13.33 -18.71
C TYR C 76 30.13 13.50 -18.13
N CYS C 77 30.62 14.73 -18.07
CA CYS C 77 31.97 14.95 -17.59
C CYS C 77 32.15 16.33 -16.98
N GLN C 78 33.13 16.41 -16.10
CA GLN C 78 33.55 17.67 -15.54
C GLN C 78 34.91 18.01 -16.09
N VAL C 79 35.12 19.30 -16.31
CA VAL C 79 36.43 19.82 -16.59
C VAL C 79 36.65 20.95 -15.61
N GLN C 80 37.87 21.05 -15.07
CA GLN C 80 38.27 22.28 -14.41
C GLN C 80 39.63 22.72 -14.91
N TYR C 81 39.64 23.92 -15.48
CA TYR C 81 40.85 24.48 -16.05
C TYR C 81 41.75 24.93 -14.89
N ILE C 82 43.04 24.69 -15.04
CA ILE C 82 44.02 25.15 -14.06
C ILE C 82 45.20 25.71 -14.86
N GLN C 83 45.79 26.84 -14.46
CA GLN C 83 45.32 27.68 -13.36
C GLN C 83 44.29 28.66 -13.89
N SER C 84 43.22 28.78 -13.12
CA SER C 84 41.95 29.36 -13.53
C SER C 84 41.01 28.78 -12.50
N ASN C 85 41.11 27.46 -12.32
CA ASN C 85 40.32 26.71 -11.34
C ASN C 85 38.82 26.93 -11.49
N ARG C 86 38.40 27.30 -12.70
CA ARG C 86 36.99 27.43 -12.98
C ARG C 86 36.52 26.09 -13.46
N VAL C 87 35.28 25.75 -13.14
CA VAL C 87 34.71 24.46 -13.50
C VAL C 87 33.58 24.65 -14.53
N GLU C 88 33.41 23.65 -15.38
CA GLU C 88 32.40 23.67 -16.45
C GLU C 88 32.06 22.23 -16.78
N TYR C 89 30.76 21.92 -16.83
CA TYR C 89 30.31 20.56 -17.12
C TYR C 89 29.79 20.43 -18.54
N LEU C 90 29.96 19.25 -19.11
CA LEU C 90 29.57 19.00 -20.48
C LEU C 90 28.96 17.60 -20.60
N PHE C 91 28.07 17.43 -21.57
CA PHE C 91 27.58 16.10 -21.93
C PHE C 91 28.57 15.53 -22.90
N VAL C 92 28.80 14.22 -22.80
CA VAL C 92 29.60 13.54 -23.83
C VAL C 92 28.62 12.84 -24.76
N THR C 93 28.65 13.25 -26.04
CA THR C 93 27.61 12.92 -27.01
C THR C 93 27.86 11.60 -27.71
N ASP C 94 29.13 11.34 -27.99
CA ASP C 94 29.51 10.13 -28.71
C ASP C 94 30.97 9.82 -28.42
N ILE C 95 31.29 8.53 -28.38
CA ILE C 95 32.66 8.09 -28.20
C ILE C 95 33.15 7.30 -29.41
N GLN C 96 33.54 8.02 -30.46
CA GLN C 96 34.12 7.37 -31.61
C GLN C 96 35.52 6.90 -31.22
N GLN C 97 35.86 5.68 -31.58
CA GLN C 97 37.15 5.12 -31.24
C GLN C 97 38.13 5.33 -32.40
N LEU C 98 39.44 5.30 -32.13
CA LEU C 98 40.47 5.44 -33.16
C LEU C 98 41.34 4.19 -33.33
N ASN C 99 41.92 3.71 -32.23
CA ASN C 99 42.69 2.48 -32.23
C ASN C 99 42.42 1.66 -30.96
N ASP C 100 43.08 0.51 -30.82
CA ASP C 100 42.80 -0.43 -29.73
C ASP C 100 43.10 0.10 -28.31
N LYS C 101 43.26 1.41 -28.13
CA LYS C 101 43.14 2.00 -26.80
C LYS C 101 42.87 3.52 -26.70
N VAL C 102 43.02 4.26 -27.79
CA VAL C 102 42.83 5.71 -27.78
C VAL C 102 41.51 6.11 -28.45
N CYS C 103 40.43 6.25 -27.66
CA CYS C 103 39.11 6.63 -28.17
C CYS C 103 38.88 8.14 -28.02
N GLU C 104 38.18 8.73 -28.99
CA GLU C 104 37.99 10.19 -29.06
C GLU C 104 36.57 10.60 -28.70
N LEU C 105 36.47 11.56 -27.77
CA LEU C 105 35.18 11.99 -27.23
C LEU C 105 34.70 13.29 -27.81
N SER C 106 33.45 13.32 -28.23
CA SER C 106 32.81 14.57 -28.65
C SER C 106 31.97 15.06 -27.48
N LEU C 107 31.90 16.39 -27.32
CA LEU C 107 31.33 17.01 -26.13
C LEU C 107 30.47 18.20 -26.47
N VAL C 108 29.59 18.56 -25.55
CA VAL C 108 28.74 19.73 -25.72
C VAL C 108 28.33 20.29 -24.36
N PRO C 109 28.49 21.62 -24.17
CA PRO C 109 28.44 22.15 -22.81
C PRO C 109 27.08 22.07 -22.15
N ASP C 110 27.05 21.64 -20.89
CA ASP C 110 25.82 21.56 -20.14
C ASP C 110 25.71 22.89 -19.44
N VAL C 111 25.44 23.91 -20.24
CA VAL C 111 25.29 25.27 -19.76
C VAL C 111 24.30 25.38 -18.59
N VAL C 112 23.31 24.49 -18.55
CA VAL C 112 22.28 24.56 -17.51
C VAL C 112 22.85 24.22 -16.12
N MET C 113 23.82 23.30 -16.08
CA MET C 113 24.44 22.91 -14.82
C MET C 113 25.56 23.86 -14.46
N THR C 114 26.22 24.40 -15.46
CA THR C 114 27.41 25.19 -15.23
C THR C 114 27.10 26.54 -14.56
N TYR C 115 26.17 27.29 -15.13
CA TYR C 115 26.02 28.69 -14.79
C TYR C 115 24.81 29.00 -13.89
N THR C 116 23.78 28.17 -13.95
CA THR C 116 22.49 28.52 -13.35
C THR C 116 22.44 28.21 -11.87
N GLN C 117 23.51 27.62 -11.34
CA GLN C 117 23.46 27.04 -10.00
C GLN C 117 23.17 28.04 -8.93
N GLY C 118 22.36 27.60 -7.96
CA GLY C 118 21.99 28.43 -6.82
C GLY C 118 20.87 29.41 -7.08
N ASN C 119 20.89 30.50 -6.32
CA ASN C 119 19.81 31.46 -6.33
C ASN C 119 19.97 32.56 -7.37
N VAL C 120 20.26 32.17 -8.61
CA VAL C 120 20.60 33.17 -9.61
C VAL C 120 19.35 33.64 -10.30
N LEU C 121 18.67 32.70 -10.94
CA LEU C 121 17.59 33.00 -11.88
C LEU C 121 16.48 33.79 -11.23
N ASN C 122 16.41 33.73 -9.91
CA ASN C 122 15.41 34.48 -9.16
C ASN C 122 15.70 35.98 -9.20
N THR C 123 16.97 36.34 -9.33
CA THR C 123 17.36 37.73 -9.40
C THR C 123 16.84 38.42 -10.67
N LEU C 124 16.60 37.62 -11.71
CA LEU C 124 16.19 38.13 -13.01
C LEU C 124 14.86 38.89 -12.97
N ASN C 125 14.87 40.11 -13.49
CA ASN C 125 13.66 40.90 -13.59
C ASN C 125 13.27 41.16 -15.04
N ASN C 126 11.99 41.48 -15.22
CA ASN C 126 11.46 41.85 -16.52
C ASN C 126 11.70 40.77 -17.59
N VAL C 127 11.51 39.51 -17.22
CA VAL C 127 11.55 38.43 -18.19
C VAL C 127 10.16 37.88 -18.42
N ASN C 128 9.79 37.73 -19.68
CA ASN C 128 8.53 37.06 -19.97
C ASN C 128 8.71 35.59 -19.68
N VAL C 129 8.00 35.11 -18.66
CA VAL C 129 8.00 33.69 -18.34
C VAL C 129 6.82 33.05 -19.04
N ILE C 130 6.85 31.73 -19.10
CA ILE C 130 5.84 30.97 -19.79
C ILE C 130 5.18 30.02 -18.81
N ARG C 131 6.01 29.14 -18.27
CA ARG C 131 5.54 28.14 -17.35
C ARG C 131 6.55 28.04 -16.26
N GLN C 132 6.09 28.08 -15.02
CA GLN C 132 6.95 27.76 -13.87
C GLN C 132 6.15 27.07 -12.80
N HIS C 133 6.80 26.87 -11.66
CA HIS C 133 6.15 26.36 -10.49
C HIS C 133 6.01 27.51 -9.49
N TYR C 134 4.95 27.49 -8.69
CA TYR C 134 4.54 28.67 -7.91
C TYR C 134 4.88 28.58 -6.44
N THR C 135 5.21 29.73 -5.84
CA THR C 135 5.33 29.81 -4.38
C THR C 135 3.90 29.77 -3.86
N GLN C 136 3.71 29.49 -2.58
CA GLN C 136 2.34 29.36 -2.07
C GLN C 136 1.56 30.64 -2.26
N THR C 137 2.22 31.77 -2.06
CA THR C 137 1.56 33.06 -2.21
C THR C 137 1.11 33.26 -3.64
N GLU C 138 2.07 33.12 -4.55
CA GLU C 138 1.81 33.40 -5.96
C GLU C 138 0.81 32.39 -6.48
N TYR C 139 0.84 31.19 -5.89
CA TYR C 139 -0.12 30.16 -6.23
C TYR C 139 -1.52 30.72 -6.01
N GLU C 140 -1.80 31.17 -4.80
CA GLU C 140 -3.12 31.69 -4.49
C GLU C 140 -3.53 32.81 -5.44
N GLN C 141 -2.56 33.52 -6.03
CA GLN C 141 -2.84 34.63 -6.94
C GLN C 141 -3.24 34.18 -8.34
N ASN C 142 -2.33 33.48 -9.02
CA ASN C 142 -2.68 32.88 -10.30
C ASN C 142 -3.51 31.58 -10.07
N LEU C 143 -4.45 31.55 -9.11
CA LEU C 143 -5.19 30.31 -8.79
C LEU C 143 -6.48 30.27 -9.60
N GLU C 144 -7.25 31.36 -9.55
CA GLU C 144 -8.50 31.43 -10.29
C GLU C 144 -8.19 31.14 -11.74
N GLN C 145 -7.05 31.64 -12.20
CA GLN C 145 -6.57 31.27 -13.52
C GLN C 145 -6.51 29.75 -13.64
N ILE C 146 -5.57 29.14 -12.92
CA ILE C 146 -5.23 27.74 -13.18
C ILE C 146 -6.43 26.77 -13.08
N ARG C 147 -7.52 27.21 -12.44
CA ARG C 147 -8.73 26.41 -12.34
C ARG C 147 -9.67 26.67 -13.50
N SER C 148 -9.53 27.81 -14.16
CA SER C 148 -10.36 28.16 -15.31
C SER C 148 -9.73 28.01 -16.73
N ASN C 149 -8.41 28.21 -16.85
CA ASN C 149 -7.76 28.11 -18.17
C ASN C 149 -7.86 26.71 -18.76
N ASN C 150 -7.55 26.58 -20.04
CA ASN C 150 -7.63 25.29 -20.72
C ASN C 150 -6.31 24.52 -20.71
N ASP C 151 -5.40 24.98 -19.86
CA ASP C 151 -4.13 24.32 -19.63
C ASP C 151 -4.35 23.13 -18.69
N VAL C 152 -4.85 22.01 -19.24
CA VAL C 152 -4.97 20.75 -18.47
C VAL C 152 -4.83 19.53 -19.38
N LEU C 153 -4.43 18.41 -18.80
CA LEU C 153 -4.21 17.18 -19.54
C LEU C 153 -5.50 16.53 -20.07
N ALA C 154 -5.40 15.97 -21.28
CA ALA C 154 -6.46 15.16 -21.87
C ALA C 154 -7.08 14.24 -20.85
N THR C 155 -8.37 14.42 -20.59
CA THR C 155 -9.08 13.63 -19.59
C THR C 155 -10.45 13.18 -20.09
N SER C 156 -10.83 11.93 -19.80
CA SER C 156 -12.02 11.32 -20.42
C SER C 156 -12.89 10.40 -19.55
N THR C 157 -12.56 10.25 -18.27
CA THR C 157 -13.08 9.13 -17.51
C THR C 157 -13.83 9.58 -16.26
N MET C 158 -14.75 10.53 -16.44
CA MET C 158 -15.58 10.99 -15.34
C MET C 158 -16.64 9.93 -15.02
N ARG C 159 -16.93 9.80 -13.72
CA ARG C 159 -17.89 8.83 -13.25
C ARG C 159 -18.56 9.40 -12.01
N VAL C 160 -19.77 8.94 -11.70
CA VAL C 160 -20.45 9.43 -10.50
C VAL C 160 -19.72 8.83 -9.32
N HIS C 161 -18.93 9.67 -8.65
CA HIS C 161 -17.96 9.20 -7.70
C HIS C 161 -18.61 8.97 -6.35
N ALA C 162 -19.45 9.92 -5.98
CA ALA C 162 -20.10 9.90 -4.68
C ALA C 162 -21.47 10.59 -4.78
N ILE C 163 -22.36 10.23 -3.86
CA ILE C 163 -23.65 10.93 -3.73
C ILE C 163 -24.02 11.26 -2.28
N LYS C 164 -24.34 12.54 -2.05
CA LYS C 164 -24.87 13.02 -0.79
C LYS C 164 -26.22 13.60 -1.13
N SER C 165 -27.15 13.52 -0.19
CA SER C 165 -28.51 13.98 -0.44
C SER C 165 -29.21 14.39 0.84
N GLU C 166 -29.92 15.51 0.76
CA GLU C 166 -30.74 15.99 1.87
C GLU C 166 -32.14 15.45 1.66
N LEU C 167 -32.43 14.36 2.36
CA LEU C 167 -33.66 13.63 2.13
C LEU C 167 -34.81 14.23 2.91
N PHE C 168 -35.97 14.30 2.27
CA PHE C 168 -37.19 14.71 2.94
C PHE C 168 -37.86 13.56 3.65
N THR C 169 -37.63 13.53 4.94
CA THR C 169 -37.81 12.34 5.73
C THR C 169 -39.21 12.36 6.28
N GLN C 170 -39.66 13.51 6.79
CA GLN C 170 -41.01 13.66 7.33
C GLN C 170 -41.70 14.79 6.60
N LEU C 171 -43.03 14.84 6.70
CA LEU C 171 -43.81 15.80 5.94
C LEU C 171 -44.75 16.62 6.81
N GLU C 172 -45.21 17.73 6.22
CA GLU C 172 -46.16 18.64 6.86
C GLU C 172 -47.24 18.96 5.83
N TYR C 173 -48.37 19.52 6.29
CA TYR C 173 -49.53 19.78 5.42
C TYR C 173 -50.19 21.14 5.65
N ILE C 174 -50.50 21.83 4.55
CA ILE C 174 -51.36 23.01 4.56
C ILE C 174 -52.76 22.64 4.03
N LEU C 175 -53.75 22.83 4.89
CA LEU C 175 -55.13 22.64 4.52
C LEU C 175 -55.66 24.03 4.27
N THR C 176 -55.76 24.38 3.00
CA THR C 176 -56.06 25.74 2.63
C THR C 176 -57.49 25.82 2.07
N ILE C 177 -58.41 26.33 2.89
CA ILE C 177 -59.84 26.41 2.56
C ILE C 177 -60.39 27.84 2.75
N GLY C 178 -61.54 28.08 2.14
CA GLY C 178 -62.13 29.42 2.09
C GLY C 178 -63.31 29.55 3.01
N ALA C 179 -63.08 29.19 4.27
CA ALA C 179 -64.12 29.20 5.28
C ALA C 179 -63.43 29.15 6.63
N ASN C 180 -63.91 29.94 7.58
CA ASN C 180 -63.27 29.99 8.87
C ASN C 180 -63.56 28.76 9.71
N LEU C 181 -62.70 27.75 9.62
CA LEU C 181 -62.88 26.46 10.34
C LEU C 181 -63.17 26.49 11.83
N ARG C 182 -62.90 27.61 12.49
CA ARG C 182 -63.00 27.64 13.94
C ARG C 182 -64.17 28.52 14.49
N LYS C 183 -65.28 28.63 13.77
CA LYS C 183 -66.55 29.15 14.31
C LYS C 183 -67.78 28.38 13.74
N SER C 184 -68.99 28.71 14.19
CA SER C 184 -70.18 27.89 13.93
C SER C 184 -70.55 27.52 12.49
N PHE C 185 -70.73 26.22 12.25
CA PHE C 185 -71.20 25.73 10.94
C PHE C 185 -72.72 25.66 10.94
N GLY C 186 -73.29 25.16 12.03
CA GLY C 186 -74.73 24.92 12.11
C GLY C 186 -75.10 23.47 11.86
N THR C 187 -76.28 23.23 11.30
CA THR C 187 -76.72 21.88 10.92
C THR C 187 -77.23 21.85 9.48
N ALA C 188 -77.65 20.67 9.03
CA ALA C 188 -78.12 20.46 7.66
C ALA C 188 -79.26 21.42 7.27
N GLU C 189 -80.23 21.55 8.17
CA GLU C 189 -81.43 22.33 7.88
C GLU C 189 -81.19 23.83 8.07
N LYS C 190 -80.33 24.15 9.05
CA LYS C 190 -79.89 25.53 9.27
C LYS C 190 -78.36 25.66 9.06
N PRO C 191 -77.94 25.99 7.82
CA PRO C 191 -76.50 26.09 7.57
C PRO C 191 -75.94 27.51 7.75
N LYS C 192 -74.73 27.60 8.29
CA LYS C 192 -73.98 28.85 8.38
C LYS C 192 -72.64 28.68 7.65
N PHE C 193 -72.19 29.74 6.98
CA PHE C 193 -70.98 29.68 6.15
C PHE C 193 -70.02 30.80 6.60
N PRO C 194 -69.21 30.52 7.65
CA PRO C 194 -68.23 31.51 8.18
C PRO C 194 -67.13 31.89 7.18
N SER C 195 -67.12 33.14 6.76
CA SER C 195 -66.21 33.60 5.72
C SER C 195 -64.79 33.43 6.22
N SER C 196 -63.87 33.07 5.32
CA SER C 196 -62.46 32.90 5.64
C SER C 196 -61.78 34.23 5.96
N SER C 197 -61.12 34.29 7.11
CA SER C 197 -60.48 35.52 7.57
C SER C 197 -59.33 35.99 6.67
N GLY C 198 -58.44 35.07 6.30
CA GLY C 198 -57.25 35.40 5.55
C GLY C 198 -56.04 35.56 6.45
N SER C 199 -54.89 35.02 6.01
CA SER C 199 -53.62 35.19 6.71
C SER C 199 -52.56 35.66 5.73
N THR C 200 -51.36 35.96 6.24
CA THR C 200 -50.29 36.49 5.40
C THR C 200 -48.93 35.86 5.68
N HIS C 201 -48.45 35.04 4.74
CA HIS C 201 -47.21 34.28 4.95
C HIS C 201 -46.27 34.55 3.81
N ASP C 202 -45.01 34.77 4.16
CA ASP C 202 -44.01 35.12 3.17
C ASP C 202 -44.47 36.30 2.36
N GLY C 203 -45.12 37.25 3.03
CA GLY C 203 -45.53 38.50 2.40
C GLY C 203 -46.52 38.38 1.25
N ILE C 204 -47.36 37.34 1.29
CA ILE C 204 -48.48 37.22 0.36
C ILE C 204 -49.76 36.99 1.16
N TYR C 205 -50.71 37.91 1.00
CA TYR C 205 -52.00 37.78 1.66
C TYR C 205 -52.84 36.79 0.93
N ASN C 206 -53.41 35.90 1.71
CA ASN C 206 -54.27 34.87 1.21
C ASN C 206 -55.70 35.24 1.57
N PRO C 207 -56.62 35.28 0.59
CA PRO C 207 -58.02 35.47 1.01
C PRO C 207 -58.53 34.25 1.77
N TYR C 208 -57.81 33.12 1.69
CA TYR C 208 -58.20 31.87 2.37
C TYR C 208 -57.53 31.70 3.72
N ASP C 209 -58.04 30.75 4.48
CA ASP C 209 -57.41 30.35 5.72
C ASP C 209 -56.47 29.20 5.36
N MET C 210 -55.24 29.28 5.87
CA MET C 210 -54.26 28.18 5.78
C MET C 210 -54.19 27.48 7.14
N TYR C 211 -54.45 26.17 7.16
CA TYR C 211 -54.48 25.42 8.42
C TYR C 211 -53.36 24.39 8.43
N TRP C 212 -52.61 24.40 9.50
CA TRP C 212 -51.38 23.63 9.62
C TRP C 212 -51.63 22.26 10.21
N PHE C 213 -50.81 21.31 9.77
CA PHE C 213 -50.79 19.98 10.38
C PHE C 213 -49.40 19.42 10.21
N ASN C 214 -48.86 18.82 11.27
CA ASN C 214 -47.58 18.13 11.17
C ASN C 214 -47.72 16.65 11.54
N ASP C 215 -48.96 16.16 11.54
CA ASP C 215 -49.23 14.73 11.67
C ASP C 215 -50.37 14.35 10.72
N TYR C 216 -50.22 13.24 9.98
CA TYR C 216 -51.26 12.83 9.04
C TYR C 216 -52.54 12.63 9.81
N GLU C 217 -52.45 11.84 10.88
CA GLU C 217 -53.61 11.48 11.68
C GLU C 217 -54.39 12.73 12.08
N SER C 218 -53.66 13.79 12.45
CA SER C 218 -54.29 15.04 12.83
C SER C 218 -55.15 15.58 11.70
N LEU C 219 -54.55 15.63 10.52
CA LEU C 219 -55.25 16.08 9.33
C LEU C 219 -56.43 15.17 9.00
N LYS C 220 -56.25 13.87 9.22
CA LYS C 220 -57.27 12.90 8.88
C LYS C 220 -58.50 13.14 9.71
N GLU C 221 -58.29 13.30 11.01
CA GLU C 221 -59.39 13.48 11.93
C GLU C 221 -60.25 14.67 11.51
N VAL C 222 -59.59 15.67 10.94
CA VAL C 222 -60.30 16.88 10.54
C VAL C 222 -60.92 16.74 9.13
N MET C 223 -60.24 16.01 8.26
CA MET C 223 -60.80 15.73 6.96
C MET C 223 -62.08 14.90 7.14
N ASP C 224 -62.10 14.08 8.19
CA ASP C 224 -63.25 13.24 8.50
C ASP C 224 -64.36 14.06 9.10
N TYR C 225 -64.01 14.83 10.14
CA TYR C 225 -64.98 15.72 10.77
C TYR C 225 -65.70 16.55 9.68
N LEU C 226 -64.96 16.90 8.64
CA LEU C 226 -65.51 17.77 7.63
C LEU C 226 -66.53 17.08 6.72
N THR C 227 -66.46 15.76 6.59
CA THR C 227 -67.42 15.05 5.77
C THR C 227 -68.84 15.29 6.26
N GLY C 228 -69.00 15.54 7.56
CA GLY C 228 -70.31 15.86 8.09
C GLY C 228 -70.77 17.29 7.82
N TYR C 229 -70.07 18.04 6.97
CA TYR C 229 -70.48 19.40 6.62
C TYR C 229 -70.13 19.72 5.19
N PRO C 230 -70.84 19.09 4.24
CA PRO C 230 -70.57 19.21 2.80
C PRO C 230 -70.65 20.63 2.24
N TRP C 231 -71.12 21.60 3.02
CA TRP C 231 -71.24 22.96 2.53
C TRP C 231 -70.05 23.78 3.02
N ILE C 232 -69.37 23.29 4.07
CA ILE C 232 -68.10 23.85 4.51
C ILE C 232 -66.94 23.19 3.75
N GLN C 233 -67.02 21.89 3.56
CA GLN C 233 -66.01 21.16 2.83
C GLN C 233 -66.00 21.57 1.35
N GLN C 234 -67.15 21.98 0.84
CA GLN C 234 -67.29 22.47 -0.54
C GLN C 234 -66.24 23.52 -0.87
N SER C 235 -65.79 24.26 0.13
CA SER C 235 -64.84 25.33 -0.07
C SER C 235 -63.46 25.00 0.46
N ILE C 236 -62.91 23.87 0.00
CA ILE C 236 -61.48 23.59 0.15
C ILE C 236 -60.80 23.78 -1.21
N LYS C 237 -59.66 24.47 -1.25
CA LYS C 237 -58.92 24.66 -2.49
C LYS C 237 -58.06 23.43 -2.74
N ASN C 238 -57.41 22.98 -1.67
CA ASN C 238 -56.59 21.79 -1.73
C ASN C 238 -56.10 21.48 -0.35
N VAL C 239 -55.47 20.33 -0.21
CA VAL C 239 -54.57 20.07 0.91
C VAL C 239 -53.24 19.72 0.26
N THR C 240 -52.23 20.53 0.50
CA THR C 240 -50.92 20.30 -0.11
C THR C 240 -50.03 19.56 0.87
N ILE C 241 -49.07 18.82 0.33
CA ILE C 241 -48.08 18.09 1.12
C ILE C 241 -46.74 18.73 0.89
N ILE C 242 -46.18 19.35 1.93
CA ILE C 242 -44.86 19.96 1.84
C ILE C 242 -43.87 19.14 2.67
N PRO C 243 -42.54 19.40 2.49
CA PRO C 243 -41.50 18.81 3.34
C PRO C 243 -41.32 19.45 4.72
N SER C 244 -40.92 18.62 5.68
CA SER C 244 -40.87 19.05 7.06
C SER C 244 -39.91 20.21 7.30
N GLY C 245 -40.12 20.91 8.42
CA GLY C 245 -39.18 21.90 8.89
C GLY C 245 -39.01 23.14 8.06
N PHE C 246 -40.03 23.51 7.30
CA PHE C 246 -39.95 24.75 6.54
C PHE C 246 -40.79 25.87 7.10
N ILE C 247 -41.67 25.56 8.05
CA ILE C 247 -42.52 26.59 8.66
C ILE C 247 -42.10 26.97 10.09
N LYS C 248 -42.08 28.28 10.37
CA LYS C 248 -41.67 28.78 11.67
C LYS C 248 -42.79 28.63 12.70
N GLN C 249 -42.44 28.20 13.90
CA GLN C 249 -43.46 27.94 14.91
C GLN C 249 -44.24 29.20 15.21
N GLU C 250 -43.55 30.33 15.22
CA GLU C 250 -44.19 31.61 15.48
C GLU C 250 -44.77 32.22 14.21
N SER C 251 -45.10 31.38 13.24
CA SER C 251 -46.02 31.75 12.17
C SER C 251 -47.36 31.01 12.35
N LEU C 252 -47.52 30.31 13.48
CA LEU C 252 -48.69 29.49 13.74
C LEU C 252 -49.44 29.89 14.99
N ASN C 253 -50.75 30.07 14.86
CA ASN C 253 -51.60 30.22 16.02
C ASN C 253 -51.53 28.96 16.86
N ASP C 254 -51.94 29.07 18.12
CA ASP C 254 -52.05 27.90 18.96
C ASP C 254 -53.26 27.05 18.55
N HIS C 255 -53.40 25.89 19.16
CA HIS C 255 -54.50 25.01 18.85
C HIS C 255 -55.86 25.60 19.24
N GLU C 256 -56.56 26.15 18.26
CA GLU C 256 -57.93 26.58 18.47
C GLU C 256 -58.88 25.45 18.05
N PRO C 257 -60.03 25.34 18.73
CA PRO C 257 -60.96 24.26 18.38
C PRO C 257 -61.67 24.46 17.04
N VAL C 258 -62.08 23.36 16.43
CA VAL C 258 -62.74 23.40 15.14
C VAL C 258 -64.21 23.90 15.33
N ASN C 259 -65.18 23.35 14.62
CA ASN C 259 -66.55 23.86 14.66
C ASN C 259 -67.05 23.85 16.07
N GLY C 260 -67.09 22.67 16.67
CA GLY C 260 -67.53 22.58 18.05
C GLY C 260 -66.48 23.21 18.93
N GLY C 261 -65.35 22.56 19.15
CA GLY C 261 -65.05 21.28 18.56
C GLY C 261 -64.24 20.39 19.49
N ASP C 262 -64.19 19.13 19.11
CA ASP C 262 -63.39 18.14 19.81
C ASP C 262 -61.97 18.21 19.26
N LEU C 263 -61.81 18.76 18.06
CA LEU C 263 -60.54 18.77 17.34
C LEU C 263 -59.98 20.17 17.28
N SER C 264 -58.67 20.27 17.08
CA SER C 264 -58.00 21.57 16.98
C SER C 264 -57.15 21.76 15.72
N VAL C 265 -57.23 22.94 15.14
CA VAL C 265 -56.50 23.26 13.93
C VAL C 265 -55.76 24.55 14.16
N ARG C 266 -54.56 24.67 13.58
CA ARG C 266 -53.68 25.82 13.79
C ARG C 266 -53.52 26.77 12.58
N LYS C 267 -54.20 27.91 12.63
CA LYS C 267 -54.14 28.90 11.55
C LYS C 267 -52.70 29.31 11.35
N LEU C 268 -52.25 29.30 10.10
CA LEU C 268 -50.89 29.75 9.74
C LEU C 268 -50.88 31.15 9.09
N GLY C 269 -50.34 32.15 9.80
CA GLY C 269 -50.33 33.50 9.31
C GLY C 269 -49.30 34.31 10.05
N LYS C 270 -49.76 35.19 10.93
CA LYS C 270 -48.85 35.96 11.79
C LYS C 270 -47.71 36.64 10.98
N GLN C 271 -47.98 37.02 9.73
CA GLN C 271 -47.04 37.82 8.90
C GLN C 271 -45.66 37.20 8.60
N GLY C 272 -45.29 36.14 9.30
CA GLY C 272 -43.92 35.67 9.25
C GLY C 272 -43.52 35.07 7.93
N VAL C 273 -42.25 34.66 7.84
CA VAL C 273 -41.73 33.97 6.67
C VAL C 273 -41.46 32.50 6.98
N SER C 274 -40.96 31.80 5.97
CA SER C 274 -40.55 30.43 6.10
C SER C 274 -39.09 30.38 6.49
N ASN C 275 -38.60 29.19 6.83
CA ASN C 275 -37.19 29.00 7.10
C ASN C 275 -36.46 28.98 5.79
N GLN C 276 -35.55 29.92 5.59
CA GLN C 276 -34.74 29.92 4.39
C GLN C 276 -33.62 28.90 4.53
N LYS C 277 -34.03 27.64 4.63
CA LYS C 277 -33.25 26.57 5.26
C LYS C 277 -31.82 26.43 4.75
N ASP C 278 -30.87 26.40 5.67
CA ASP C 278 -29.50 26.03 5.33
C ASP C 278 -29.57 24.51 5.09
N PHE C 279 -29.45 24.10 3.82
CA PHE C 279 -29.41 22.67 3.43
C PHE C 279 -28.05 22.02 3.73
N ASN C 280 -27.91 21.38 4.89
CA ASN C 280 -26.57 20.96 5.34
C ASN C 280 -26.20 19.54 5.00
N ALA C 281 -27.18 18.64 4.94
CA ALA C 281 -26.89 17.24 4.62
C ALA C 281 -26.14 17.12 3.30
N ILE C 282 -26.35 18.11 2.45
CA ILE C 282 -25.85 18.11 1.10
C ILE C 282 -24.63 19.02 0.90
N SER C 283 -24.38 19.92 1.85
CA SER C 283 -23.29 20.89 1.75
C SER C 283 -21.94 20.37 2.24
N LEU C 284 -20.88 20.74 1.53
CA LEU C 284 -19.52 20.35 1.91
C LEU C 284 -18.63 21.58 2.04
N ASP C 285 -18.17 21.84 3.26
CA ASP C 285 -17.18 22.89 3.47
C ASP C 285 -15.89 22.46 2.79
N TYR C 286 -14.90 23.34 2.75
CA TYR C 286 -13.73 23.08 1.93
C TYR C 286 -13.08 21.75 2.27
N GLN C 287 -12.76 21.61 3.55
CA GLN C 287 -12.07 20.42 4.02
C GLN C 287 -12.88 19.22 3.60
N SER C 288 -14.19 19.31 3.87
CA SER C 288 -15.08 18.19 3.61
C SER C 288 -15.21 17.91 2.13
N LEU C 289 -15.06 18.93 1.30
CA LEU C 289 -15.28 18.74 -0.12
C LEU C 289 -14.09 17.99 -0.71
N MET C 290 -12.91 18.53 -0.47
CA MET C 290 -11.68 17.97 -1.00
C MET C 290 -11.57 16.51 -0.55
N PHE C 291 -11.92 16.30 0.71
CA PHE C 291 -11.98 15.00 1.29
C PHE C 291 -12.87 14.06 0.44
N THR C 292 -14.13 14.43 0.19
CA THR C 292 -15.11 13.49 -0.42
C THR C 292 -14.74 13.12 -1.84
N LEU C 293 -13.94 13.98 -2.46
CA LEU C 293 -13.49 13.76 -3.81
C LEU C 293 -12.15 13.04 -3.88
N GLY C 294 -11.57 12.69 -2.73
CA GLY C 294 -10.28 12.04 -2.71
C GLY C 294 -9.21 12.95 -3.29
N LEU C 295 -9.32 14.23 -2.94
CA LEU C 295 -8.33 15.25 -3.30
C LEU C 295 -7.60 15.69 -2.05
N ASN C 296 -6.28 15.81 -2.13
CA ASN C 296 -5.54 16.25 -0.97
C ASN C 296 -5.75 17.74 -0.75
N PRO C 297 -6.45 18.12 0.31
CA PRO C 297 -6.90 19.50 0.48
C PRO C 297 -5.76 20.50 0.71
N ILE C 298 -4.56 20.00 0.93
CA ILE C 298 -3.47 20.84 1.38
C ILE C 298 -2.82 21.52 0.18
N ASN C 299 -2.75 20.82 -0.94
CA ASN C 299 -2.13 21.38 -2.14
C ASN C 299 -2.79 21.00 -3.47
N ASP C 300 -4.07 20.60 -3.43
CA ASP C 300 -4.80 20.25 -4.67
C ASP C 300 -6.00 21.14 -4.97
N LYS C 301 -6.05 22.34 -4.40
CA LYS C 301 -7.19 23.24 -4.66
C LYS C 301 -7.29 23.60 -6.14
N HIS C 302 -6.15 23.61 -6.82
CA HIS C 302 -6.13 23.90 -8.25
C HIS C 302 -6.80 22.83 -9.10
N LEU C 303 -7.19 21.72 -8.47
CA LEU C 303 -7.84 20.65 -9.20
C LEU C 303 -9.38 20.73 -9.14
N LEU C 304 -9.91 21.70 -8.40
CA LEU C 304 -11.36 21.93 -8.40
C LEU C 304 -11.75 22.64 -9.68
N ARG C 305 -11.68 21.89 -10.77
CA ARG C 305 -12.05 22.41 -12.08
C ARG C 305 -12.88 21.35 -12.78
N PRO C 306 -13.80 21.79 -13.65
CA PRO C 306 -14.87 20.94 -14.18
C PRO C 306 -14.43 19.64 -14.87
N ASN C 307 -13.28 19.61 -15.52
CA ASN C 307 -12.85 18.38 -16.22
C ASN C 307 -12.12 17.37 -15.32
N ILE C 308 -12.02 17.67 -14.03
CA ILE C 308 -11.57 16.73 -13.01
C ILE C 308 -12.69 16.34 -12.02
N VAL C 309 -13.55 17.31 -11.68
CA VAL C 309 -14.67 17.06 -10.78
C VAL C 309 -15.92 17.82 -11.19
N THR C 310 -17.07 17.17 -11.04
CA THR C 310 -18.35 17.74 -11.44
C THR C 310 -19.45 17.51 -10.40
N ALA C 311 -20.29 18.52 -10.22
CA ALA C 311 -21.34 18.47 -9.20
C ALA C 311 -22.68 18.82 -9.83
N GLU C 312 -23.69 18.04 -9.51
CA GLU C 312 -25.02 18.28 -10.05
C GLU C 312 -26.10 17.98 -9.00
N LEU C 313 -27.08 18.89 -8.86
CA LEU C 313 -28.23 18.59 -8.02
C LEU C 313 -29.38 18.05 -8.83
N THR C 314 -30.11 17.08 -8.29
CA THR C 314 -31.34 16.59 -8.93
C THR C 314 -32.39 16.16 -7.91
N ASP C 315 -33.65 16.36 -8.25
CA ASP C 315 -34.76 15.86 -7.44
C ASP C 315 -35.33 14.55 -7.99
N TYR C 316 -34.58 13.93 -8.91
CA TYR C 316 -34.98 12.70 -9.59
C TYR C 316 -36.34 12.84 -10.26
N ALA C 317 -36.72 14.07 -10.58
CA ALA C 317 -37.95 14.33 -11.32
C ALA C 317 -37.64 15.23 -12.49
N GLY C 318 -36.39 15.25 -12.93
CA GLY C 318 -36.02 16.05 -14.09
C GLY C 318 -35.60 17.46 -13.77
N ASN C 319 -35.95 17.98 -12.60
CA ASN C 319 -35.37 19.25 -12.18
C ASN C 319 -33.92 18.98 -11.83
N ARG C 320 -33.02 19.71 -12.46
CA ARG C 320 -31.59 19.54 -12.21
C ARG C 320 -30.88 20.87 -11.95
N LEU C 321 -29.64 20.81 -11.47
CA LEU C 321 -28.78 21.98 -11.40
C LEU C 321 -27.33 21.58 -11.58
N PRO C 322 -26.73 21.94 -12.72
CA PRO C 322 -25.31 21.68 -12.92
C PRO C 322 -24.45 22.66 -12.14
N ILE C 323 -23.28 22.23 -11.68
CA ILE C 323 -22.35 23.09 -10.95
C ILE C 323 -20.89 22.93 -11.45
N ASP C 324 -20.25 24.06 -11.66
CA ASP C 324 -18.92 24.12 -12.23
C ASP C 324 -17.99 24.43 -11.07
N LEU C 325 -17.27 23.43 -10.61
CA LEU C 325 -16.57 23.57 -9.33
C LEU C 325 -15.45 24.63 -9.33
N SER C 326 -15.11 25.16 -10.51
CA SER C 326 -14.09 26.19 -10.61
C SER C 326 -14.61 27.57 -10.13
N LEU C 327 -15.85 27.65 -9.66
CA LEU C 327 -16.46 28.93 -9.33
C LEU C 327 -16.77 29.15 -7.85
N ILE C 328 -16.95 28.08 -7.10
CA ILE C 328 -16.98 28.20 -5.65
C ILE C 328 -15.61 28.61 -5.12
N GLU C 329 -15.52 29.77 -4.47
CA GLU C 329 -14.23 30.28 -3.99
C GLU C 329 -13.53 29.37 -2.96
N THR C 330 -14.29 28.90 -1.97
CA THR C 330 -13.78 27.92 -1.00
C THR C 330 -14.79 26.86 -0.52
N ASN C 331 -16.09 27.10 -0.65
CA ASN C 331 -17.07 26.17 -0.10
C ASN C 331 -18.28 25.89 -0.98
N LEU C 332 -18.54 24.61 -1.19
CA LEU C 332 -19.79 24.16 -1.76
C LEU C 332 -20.90 24.18 -0.70
N GLU C 333 -21.38 25.39 -0.34
CA GLU C 333 -22.50 25.53 0.61
C GLU C 333 -23.79 25.73 -0.17
N PHE C 334 -24.78 24.88 0.13
CA PHE C 334 -26.14 25.03 -0.38
C PHE C 334 -27.04 25.71 0.65
N ASP C 335 -27.57 26.87 0.28
CA ASP C 335 -28.61 27.55 1.06
C ASP C 335 -29.87 27.50 0.21
N SER C 336 -31.03 27.91 0.73
CA SER C 336 -32.25 27.90 -0.07
C SER C 336 -33.07 29.17 0.01
N PHE C 337 -34.03 29.24 -0.90
CA PHE C 337 -34.96 30.35 -1.01
C PHE C 337 -36.35 29.76 -1.14
N VAL C 338 -37.00 29.58 0.00
CA VAL C 338 -38.29 28.91 0.05
C VAL C 338 -39.36 29.90 0.40
N THR C 339 -40.45 29.83 -0.35
CA THR C 339 -41.66 30.57 -0.04
C THR C 339 -42.77 29.52 0.06
N MET C 340 -43.62 29.64 1.08
CA MET C 340 -44.60 28.58 1.39
C MET C 340 -46.00 29.12 1.69
N GLY C 341 -46.95 28.19 1.73
CA GLY C 341 -48.30 28.48 2.16
C GLY C 341 -49.08 29.04 1.01
N ALA C 342 -48.95 30.35 0.84
CA ALA C 342 -49.56 31.04 -0.26
C ALA C 342 -49.08 30.47 -1.61
N LYS C 343 -47.76 30.34 -1.79
CA LYS C 343 -47.14 29.82 -3.02
C LYS C 343 -46.06 28.83 -2.56
N ASN C 344 -46.11 27.60 -3.06
CA ASN C 344 -45.24 26.55 -2.57
C ASN C 344 -44.09 26.26 -3.52
N GLU C 345 -42.89 26.70 -3.14
CA GLU C 345 -41.71 26.56 -4.01
C GLU C 345 -40.41 26.74 -3.26
N ILE C 346 -39.57 25.72 -3.29
CA ILE C 346 -38.25 25.75 -2.68
C ILE C 346 -37.27 25.77 -3.79
N LYS C 347 -36.51 26.86 -3.94
CA LYS C 347 -35.33 26.79 -4.82
C LYS C 347 -34.04 26.91 -4.05
N VAL C 348 -33.18 25.93 -4.27
CA VAL C 348 -31.98 25.77 -3.49
C VAL C 348 -30.84 26.18 -4.40
N TYR C 349 -30.06 27.17 -3.95
CA TYR C 349 -28.95 27.74 -4.71
C TYR C 349 -27.61 27.44 -4.04
N VAL C 350 -26.53 27.82 -4.72
CA VAL C 350 -25.19 27.55 -4.22
C VAL C 350 -24.60 28.89 -3.84
N LYS C 351 -24.04 28.96 -2.63
CA LYS C 351 -23.68 30.25 -2.03
C LYS C 351 -22.49 30.89 -2.73
N ASN C 352 -22.69 32.09 -3.30
CA ASN C 352 -21.60 32.87 -3.90
C ASN C 352 -20.90 32.17 -5.06
N TYR C 353 -21.72 31.52 -5.88
CA TYR C 353 -21.30 30.81 -7.07
C TYR C 353 -20.81 31.82 -8.08
N ASN C 354 -19.62 31.59 -8.61
CA ASN C 354 -19.02 32.48 -9.60
C ASN C 354 -18.70 33.82 -8.98
N ALA C 355 -18.78 33.93 -7.66
CA ALA C 355 -18.58 35.21 -7.03
C ALA C 355 -17.13 35.31 -6.58
N ARG C 356 -16.63 36.56 -6.55
CA ARG C 356 -15.38 36.93 -5.88
C ARG C 356 -15.67 37.49 -4.47
N GLY C 357 -16.17 36.62 -3.58
CA GLY C 357 -16.80 36.98 -2.30
C GLY C 357 -16.21 38.11 -1.49
N ASN C 358 -16.93 38.65 -0.52
CA ASN C 358 -18.24 38.17 -0.06
C ASN C 358 -19.42 39.01 -0.59
N ASN C 359 -19.56 39.13 -1.91
CA ASN C 359 -20.86 39.42 -2.52
C ASN C 359 -21.57 38.13 -2.92
N VAL C 360 -22.89 38.16 -3.04
CA VAL C 360 -23.58 36.96 -3.51
C VAL C 360 -23.33 36.87 -4.97
N GLY C 361 -23.31 35.65 -5.48
CA GLY C 361 -22.95 35.44 -6.86
C GLY C 361 -24.19 35.49 -7.72
N GLN C 362 -24.47 34.34 -8.32
CA GLN C 362 -25.65 34.23 -9.13
C GLN C 362 -26.88 34.18 -8.25
N TYR C 363 -26.68 33.91 -6.95
CA TYR C 363 -27.80 33.88 -6.03
C TYR C 363 -28.76 32.83 -6.55
N ILE C 364 -30.01 33.23 -6.85
CA ILE C 364 -31.06 32.27 -7.21
C ILE C 364 -31.22 32.14 -8.71
N ASP C 365 -30.49 32.94 -9.48
CA ASP C 365 -30.48 32.76 -10.92
C ASP C 365 -29.75 31.47 -11.30
N ASN C 366 -29.15 30.79 -10.33
CA ASN C 366 -28.62 29.46 -10.55
C ASN C 366 -29.07 28.50 -9.46
N ALA C 367 -30.33 28.07 -9.57
CA ALA C 367 -30.96 27.25 -8.55
C ALA C 367 -31.77 26.07 -9.09
N LEU C 368 -31.71 24.97 -8.36
CA LEU C 368 -32.57 23.83 -8.57
C LEU C 368 -33.89 24.21 -7.94
N THR C 369 -34.95 24.32 -8.76
CA THR C 369 -36.21 24.88 -8.27
C THR C 369 -37.30 23.79 -8.18
N ILE C 370 -37.81 23.59 -6.95
CA ILE C 370 -38.78 22.53 -6.62
C ILE C 370 -40.15 23.09 -6.39
N ASN C 371 -41.16 22.57 -7.09
CA ASN C 371 -42.53 22.98 -6.78
C ASN C 371 -43.63 22.17 -7.45
N ASN C 372 -43.39 20.88 -7.63
CA ASN C 372 -44.46 19.96 -7.99
C ASN C 372 -45.00 19.18 -6.77
N PHE C 373 -45.39 19.89 -5.72
CA PHE C 373 -45.79 19.22 -4.49
C PHE C 373 -47.13 18.53 -4.61
N ASP C 374 -47.33 17.46 -3.86
CA ASP C 374 -48.55 16.68 -3.94
C ASP C 374 -49.74 17.36 -3.26
N THR C 375 -50.91 17.26 -3.87
CA THR C 375 -52.17 17.58 -3.19
C THR C 375 -53.04 16.33 -3.16
N ILE C 376 -54.00 16.32 -2.25
CA ILE C 376 -54.73 15.08 -1.95
C ILE C 376 -56.22 15.25 -2.22
N GLY C 377 -56.82 14.24 -2.87
CA GLY C 377 -58.21 14.30 -3.30
C GLY C 377 -59.15 13.95 -2.17
N PHE C 378 -60.38 14.47 -2.21
CA PHE C 378 -61.38 14.14 -1.21
C PHE C 378 -62.78 13.95 -1.82
N SER C 379 -63.74 13.52 -0.98
CA SER C 379 -65.09 13.24 -1.45
C SER C 379 -66.16 13.99 -0.64
N VAL C 380 -67.24 14.38 -1.31
CA VAL C 380 -68.29 15.20 -0.72
C VAL C 380 -69.63 14.97 -1.44
N ASP C 381 -70.74 15.17 -0.72
CA ASP C 381 -72.08 15.15 -1.31
C ASP C 381 -72.86 16.44 -1.06
N ALA C 462 -68.47 16.79 -4.20
CA ALA C 462 -68.05 16.23 -5.48
C ALA C 462 -67.06 15.12 -5.21
N ILE C 463 -66.07 14.94 -6.09
CA ILE C 463 -65.08 13.92 -5.89
C ILE C 463 -63.70 14.50 -6.14
N THR C 464 -63.61 15.83 -6.08
CA THR C 464 -62.46 16.62 -6.58
C THR C 464 -61.07 15.98 -6.32
N GLU C 465 -60.28 15.79 -7.39
CA GLU C 465 -59.15 14.85 -7.38
C GLU C 465 -57.86 15.39 -6.80
N GLY C 466 -57.01 14.48 -6.34
CA GLY C 466 -55.70 14.85 -5.84
C GLY C 466 -54.67 14.95 -6.96
N HIS C 467 -53.61 15.72 -6.73
CA HIS C 467 -52.47 15.80 -7.65
C HIS C 467 -51.23 15.08 -7.09
N VAL C 468 -50.59 14.29 -7.95
CA VAL C 468 -49.46 13.47 -7.53
C VAL C 468 -48.18 14.04 -8.14
N GLY C 469 -47.13 14.03 -7.35
CA GLY C 469 -45.85 14.55 -7.77
C GLY C 469 -44.67 13.76 -7.22
N TYR C 470 -44.21 14.17 -6.04
CA TYR C 470 -43.07 13.51 -5.41
C TYR C 470 -43.49 12.35 -4.51
N ALA C 471 -44.77 12.04 -4.48
CA ALA C 471 -45.27 11.06 -3.52
C ALA C 471 -44.57 9.70 -3.66
N PRO C 472 -44.72 9.02 -4.83
CA PRO C 472 -44.20 7.65 -4.90
C PRO C 472 -42.67 7.58 -4.76
N LEU C 473 -42.03 8.71 -5.04
CA LEU C 473 -40.60 8.87 -4.77
C LEU C 473 -40.35 8.77 -3.29
N PHE C 474 -41.25 9.37 -2.50
CA PHE C 474 -41.10 9.36 -1.06
C PHE C 474 -41.28 7.98 -0.45
N LYS C 475 -42.17 7.18 -1.02
CA LYS C 475 -42.35 5.83 -0.51
C LYS C 475 -41.17 4.94 -0.86
N GLN C 476 -40.18 5.50 -1.55
CA GLN C 476 -38.92 4.80 -1.81
C GLN C 476 -37.76 5.49 -1.10
N ASP C 477 -38.09 6.45 -0.25
CA ASP C 477 -37.09 7.26 0.43
C ASP C 477 -36.16 7.90 -0.56
N LYS C 478 -36.76 8.55 -1.55
CA LYS C 478 -36.00 9.33 -2.51
C LYS C 478 -36.61 10.73 -2.75
N PHE C 479 -37.62 11.08 -1.97
CA PHE C 479 -38.14 12.43 -2.08
C PHE C 479 -37.10 13.27 -1.40
N GLY C 480 -36.38 14.04 -2.19
CA GLY C 480 -35.39 14.92 -1.61
C GLY C 480 -34.48 15.45 -2.69
N VAL C 481 -33.59 16.36 -2.30
CA VAL C 481 -32.62 16.95 -3.21
C VAL C 481 -31.27 16.20 -3.07
N HIS C 482 -30.72 15.79 -4.22
CA HIS C 482 -29.55 14.92 -4.29
C HIS C 482 -28.39 15.55 -5.06
N LEU C 483 -27.17 15.30 -4.60
CA LEU C 483 -25.97 15.87 -5.19
C LEU C 483 -25.11 14.78 -5.80
N ARG C 484 -24.71 14.98 -7.05
CA ARG C 484 -23.89 14.00 -7.74
C ARG C 484 -22.52 14.56 -7.94
N LEU C 485 -21.62 14.14 -7.06
CA LEU C 485 -20.22 14.42 -7.26
C LEU C 485 -19.59 13.41 -8.21
N GLY C 486 -18.97 13.93 -9.26
CA GLY C 486 -18.31 13.11 -10.26
C GLY C 486 -16.82 13.38 -10.23
N ARG C 487 -16.03 12.35 -10.52
CA ARG C 487 -14.59 12.53 -10.59
C ARG C 487 -14.01 11.59 -11.62
N ILE C 488 -12.85 11.93 -12.13
CA ILE C 488 -12.11 11.10 -13.06
C ILE C 488 -11.44 9.92 -12.35
N SER C 489 -11.15 8.86 -13.12
CA SER C 489 -10.42 7.67 -12.65
C SER C 489 -9.26 8.03 -11.74
N GLN C 490 -8.97 7.18 -10.76
CA GLN C 490 -7.80 7.41 -9.92
C GLN C 490 -6.54 7.51 -10.78
N ASP C 491 -6.38 6.63 -11.77
CA ASP C 491 -5.18 6.69 -12.61
C ASP C 491 -5.15 8.04 -13.29
N GLU C 492 -6.24 8.40 -13.96
CA GLU C 492 -6.27 9.64 -14.72
C GLU C 492 -6.04 10.85 -13.83
N LEU C 493 -6.54 10.79 -12.61
CA LEU C 493 -6.30 11.84 -11.66
C LEU C 493 -4.80 12.01 -11.42
N ASN C 494 -4.06 10.91 -11.46
CA ASN C 494 -2.62 10.94 -11.30
C ASN C 494 -1.93 11.47 -12.54
N ASN C 495 -2.43 11.08 -13.71
CA ASN C 495 -1.88 11.59 -14.97
C ASN C 495 -1.90 13.10 -14.96
N VAL C 496 -2.96 13.68 -14.39
CA VAL C 496 -3.10 15.13 -14.30
C VAL C 496 -2.20 15.66 -13.19
N LYS C 497 -2.28 15.03 -12.03
CA LYS C 497 -1.41 15.39 -10.91
C LYS C 497 0.04 15.47 -11.42
N LYS C 498 0.46 14.43 -12.13
CA LYS C 498 1.80 14.33 -12.72
C LYS C 498 2.11 15.47 -13.66
N TYR C 499 1.30 15.59 -14.71
CA TYR C 499 1.41 16.67 -15.67
C TYR C 499 1.67 18.05 -15.06
N TYR C 500 0.88 18.43 -14.06
CA TYR C 500 1.06 19.74 -13.42
C TYR C 500 2.36 19.77 -12.64
N ASN C 501 2.55 18.76 -11.80
CA ASN C 501 3.74 18.63 -10.98
C ASN C 501 5.03 18.60 -11.81
N MET C 502 4.91 18.20 -13.07
CA MET C 502 6.05 18.07 -13.97
C MET C 502 6.35 19.36 -14.74
N PHE C 503 5.32 20.00 -15.24
CA PHE C 503 5.48 21.15 -16.12
C PHE C 503 4.88 22.43 -15.57
N GLY C 504 4.67 22.49 -14.26
CA GLY C 504 4.12 23.71 -13.68
C GLY C 504 2.80 24.10 -14.29
N TYR C 505 2.46 25.37 -14.15
CA TYR C 505 1.23 25.91 -14.68
C TYR C 505 1.57 26.98 -15.73
N GLU C 506 0.59 27.33 -16.55
CA GLU C 506 0.79 28.32 -17.58
C GLU C 506 0.61 29.73 -17.03
N CYS C 507 1.68 30.53 -17.06
CA CYS C 507 1.57 31.96 -16.76
C CYS C 507 1.90 32.78 -18.01
N ASN C 508 1.01 33.71 -18.35
CA ASN C 508 1.23 34.62 -19.48
C ASN C 508 1.82 35.96 -19.02
N ASP C 509 2.75 35.89 -18.07
CA ASP C 509 3.30 37.08 -17.46
C ASP C 509 4.49 37.51 -18.30
N TYR C 510 4.29 38.53 -19.12
CA TYR C 510 5.43 39.22 -19.74
C TYR C 510 5.98 40.07 -18.61
N SER C 511 7.24 40.45 -18.69
CA SER C 511 7.82 41.39 -17.70
C SER C 511 7.49 41.06 -16.24
N THR C 512 8.17 40.05 -15.67
CA THR C 512 7.91 39.60 -14.31
C THR C 512 9.14 38.90 -13.76
N LYS C 513 9.34 38.99 -12.45
CA LYS C 513 10.44 38.28 -11.84
C LYS C 513 10.06 36.82 -11.72
N LEU C 514 11.03 35.95 -11.95
CA LEU C 514 10.79 34.52 -11.82
C LEU C 514 10.26 34.24 -10.42
N SER C 515 9.27 33.35 -10.31
CA SER C 515 8.88 32.84 -9.00
C SER C 515 10.05 32.08 -8.46
N ASP C 516 10.01 31.72 -7.18
CA ASP C 516 11.14 31.04 -6.59
C ASP C 516 11.48 29.75 -7.35
N ILE C 517 12.76 29.40 -7.32
CA ILE C 517 13.28 28.27 -8.05
C ILE C 517 13.20 26.99 -7.22
N THR C 518 12.96 27.14 -5.93
CA THR C 518 12.86 26.02 -5.02
C THR C 518 11.49 25.99 -4.39
N SER C 519 10.48 26.46 -5.12
CA SER C 519 9.12 26.48 -4.60
C SER C 519 8.79 25.04 -4.15
N MET C 520 9.13 24.10 -5.01
CA MET C 520 8.66 22.74 -4.87
C MET C 520 9.59 21.88 -4.04
N SER C 521 9.17 20.63 -3.87
CA SER C 521 9.88 19.65 -3.05
C SER C 521 10.65 18.62 -3.88
N ILE C 522 10.20 18.42 -5.11
CA ILE C 522 10.78 17.38 -5.97
C ILE C 522 11.49 18.02 -7.17
N CYS C 523 10.79 18.91 -7.86
CA CYS C 523 11.35 19.56 -9.04
C CYS C 523 10.60 20.85 -9.35
N ASN C 524 11.28 21.78 -10.00
CA ASN C 524 10.67 23.02 -10.44
C ASN C 524 10.78 23.12 -11.94
N TRP C 525 9.73 23.62 -12.59
CA TRP C 525 9.78 23.76 -14.03
C TRP C 525 10.13 25.22 -14.15
N VAL C 526 10.76 25.58 -15.26
CA VAL C 526 11.13 26.96 -15.49
C VAL C 526 11.35 27.18 -16.98
N GLN C 527 10.51 28.02 -17.57
CA GLN C 527 10.51 28.27 -18.99
C GLN C 527 10.30 29.76 -19.24
N PHE C 528 11.28 30.45 -19.84
CA PHE C 528 11.12 31.89 -20.12
C PHE C 528 11.86 32.50 -21.33
N LYS C 529 11.13 33.40 -21.99
CA LYS C 529 11.61 34.14 -23.15
C LYS C 529 12.49 35.28 -22.61
N GLY C 530 13.28 35.92 -23.47
CA GLY C 530 14.09 37.07 -23.09
C GLY C 530 13.34 38.22 -22.42
N ILE C 531 14.04 39.24 -21.91
CA ILE C 531 15.49 39.41 -22.06
C ILE C 531 16.31 39.55 -20.78
N TRP C 532 17.38 38.76 -20.73
CA TRP C 532 18.20 38.62 -19.54
C TRP C 532 19.64 38.25 -19.91
N THR C 533 20.56 38.63 -19.05
CA THR C 533 21.92 38.10 -19.11
C THR C 533 22.31 37.72 -17.69
N LEU C 534 23.12 36.67 -17.57
CA LEU C 534 23.73 36.32 -16.30
C LEU C 534 25.12 36.93 -16.19
N PRO C 535 25.45 37.45 -15.01
CA PRO C 535 26.74 38.13 -14.84
C PRO C 535 27.96 37.29 -15.25
N ASN C 536 28.70 37.76 -16.26
CA ASN C 536 30.00 37.23 -16.61
C ASN C 536 29.93 35.86 -17.23
N VAL C 537 29.23 35.76 -18.35
CA VAL C 537 29.12 34.50 -19.04
C VAL C 537 29.42 34.70 -20.52
N ASP C 538 30.22 33.78 -21.07
CA ASP C 538 30.58 33.82 -22.46
C ASP C 538 29.32 34.03 -23.29
N THR C 539 29.26 35.17 -23.98
CA THR C 539 28.08 35.53 -24.76
C THR C 539 27.53 34.35 -25.60
N GLY C 540 28.40 33.46 -26.06
CA GLY C 540 27.97 32.29 -26.79
C GLY C 540 27.11 31.39 -25.90
N HIS C 541 27.65 31.06 -24.74
CA HIS C 541 26.96 30.23 -23.77
C HIS C 541 25.65 30.84 -23.32
N MET C 542 25.57 32.15 -23.33
CA MET C 542 24.33 32.82 -22.99
C MET C 542 23.26 32.49 -24.01
N ASN C 543 23.56 32.73 -25.30
CA ASN C 543 22.63 32.40 -26.37
C ASN C 543 22.02 31.02 -26.23
N MET C 544 22.77 30.09 -25.63
CA MET C 544 22.24 28.77 -25.33
C MET C 544 21.28 28.82 -24.14
N LEU C 545 21.75 29.29 -22.99
CA LEU C 545 20.88 29.42 -21.84
C LEU C 545 19.60 30.17 -22.15
N ARG C 546 19.71 31.29 -22.85
CA ARG C 546 18.57 32.13 -23.13
C ARG C 546 17.50 31.36 -23.87
N ALA C 547 17.95 30.46 -24.75
CA ALA C 547 17.07 29.71 -25.64
C ALA C 547 16.77 28.29 -25.13
N LEU C 548 17.58 27.78 -24.21
CA LEU C 548 17.34 26.48 -23.62
C LEU C 548 16.18 26.63 -22.64
N PHE C 549 16.13 27.79 -21.98
CA PHE C 549 15.03 28.13 -21.09
C PHE C 549 13.78 28.63 -21.77
N GLU C 550 13.90 29.18 -22.98
CA GLU C 550 12.69 29.49 -23.73
C GLU C 550 11.87 28.22 -23.95
N ALA C 551 12.55 27.09 -24.03
CA ALA C 551 11.88 25.80 -24.21
C ALA C 551 11.79 24.99 -22.91
N GLY C 552 11.97 25.66 -21.78
CA GLY C 552 11.74 25.02 -20.50
C GLY C 552 12.83 24.07 -20.06
N VAL C 553 13.00 23.96 -18.75
CA VAL C 553 14.03 23.14 -18.16
C VAL C 553 13.54 22.64 -16.80
N ARG C 554 13.60 21.34 -16.56
CA ARG C 554 13.18 20.85 -15.24
C ARG C 554 14.36 20.85 -14.28
N LEU C 555 14.16 21.57 -13.17
CA LEU C 555 15.13 21.66 -12.09
C LEU C 555 14.80 20.72 -10.94
N TRP C 556 15.38 19.54 -10.98
CA TRP C 556 15.16 18.58 -9.93
C TRP C 556 15.95 19.01 -8.71
N HIS C 557 15.52 18.53 -7.54
CA HIS C 557 16.15 18.94 -6.31
C HIS C 557 16.97 17.81 -5.69
N LYS C 558 16.51 16.57 -5.83
CA LYS C 558 17.27 15.41 -5.34
C LYS C 558 17.53 14.46 -6.49
N GLU C 559 18.72 13.87 -6.52
CA GLU C 559 19.04 12.93 -7.59
C GLU C 559 18.15 11.71 -7.50
N SER C 560 17.86 11.27 -6.29
CA SER C 560 17.00 10.11 -6.08
C SER C 560 15.64 10.29 -6.76
N ASP C 561 15.15 11.51 -6.74
CA ASP C 561 13.86 11.81 -7.37
C ASP C 561 13.88 11.67 -8.89
N MET C 562 15.08 11.66 -9.46
CA MET C 562 15.23 11.54 -10.91
C MET C 562 15.13 10.09 -11.40
N ILE C 563 15.20 9.15 -10.48
CA ILE C 563 15.05 7.73 -10.85
C ILE C 563 14.13 6.97 -9.90
N ASN C 564 13.11 7.67 -9.42
CA ASN C 564 12.01 7.02 -8.74
C ASN C 564 10.72 7.74 -9.12
N ASN C 565 9.59 7.06 -8.97
CA ASN C 565 8.32 7.61 -9.44
C ASN C 565 7.71 8.59 -8.45
N THR C 566 8.50 9.55 -8.01
CA THR C 566 8.17 10.43 -6.90
C THR C 566 7.47 11.70 -7.32
N VAL C 567 7.43 11.98 -8.62
CA VAL C 567 7.02 13.30 -9.07
C VAL C 567 5.54 13.53 -8.75
N VAL C 568 4.83 12.43 -8.57
CA VAL C 568 3.40 12.48 -8.27
C VAL C 568 3.22 13.22 -6.95
N ASN C 569 4.21 13.14 -6.07
CA ASN C 569 4.14 13.83 -4.78
C ASN C 569 4.91 15.16 -4.70
N ASN C 570 5.13 15.80 -5.83
CA ASN C 570 5.67 17.16 -5.80
C ASN C 570 4.69 18.05 -5.07
N VAL C 571 5.17 19.10 -4.42
CA VAL C 571 4.32 19.96 -3.58
C VAL C 571 5.08 21.18 -3.06
N ILE C 572 4.35 22.21 -2.64
CA ILE C 572 4.97 23.49 -2.27
C ILE C 572 5.52 23.37 -0.83
N ILE C 573 5.42 24.44 -0.02
CA ILE C 573 5.81 24.40 1.39
C ILE C 573 5.06 25.47 2.18
N LEU D 3 42.82 52.18 -37.15
CA LEU D 3 42.02 53.30 -37.63
C LEU D 3 40.77 53.53 -36.77
N SER D 4 40.72 52.97 -35.57
CA SER D 4 39.48 53.04 -34.78
C SER D 4 39.58 52.61 -33.31
N LYS D 5 39.04 53.46 -32.43
CA LYS D 5 39.06 53.23 -30.98
C LYS D 5 37.80 52.48 -30.55
N ILE D 6 37.98 51.52 -29.64
CA ILE D 6 36.93 50.55 -29.28
C ILE D 6 36.69 50.39 -27.78
N LYS D 7 35.45 50.57 -27.32
CA LYS D 7 35.05 50.15 -25.98
C LYS D 7 34.44 48.75 -26.02
N LEU D 8 34.49 48.00 -24.93
CA LEU D 8 33.92 46.63 -24.89
C LEU D 8 32.96 46.29 -23.74
N PHE D 9 31.75 46.86 -23.76
CA PHE D 9 30.86 46.90 -22.57
C PHE D 9 30.48 45.56 -21.94
N TYR D 10 30.50 45.51 -20.61
CA TYR D 10 30.34 44.27 -19.86
C TYR D 10 28.93 44.13 -19.30
N ASN D 11 28.44 42.90 -19.24
CA ASN D 11 27.10 42.57 -18.72
C ASN D 11 26.01 43.58 -19.06
N THR D 12 25.76 43.75 -20.35
CA THR D 12 24.87 44.78 -20.83
C THR D 12 23.48 44.20 -20.95
N PRO D 13 22.43 45.05 -20.88
CA PRO D 13 21.04 44.57 -21.07
C PRO D 13 20.67 44.27 -22.52
N PHE D 14 21.23 45.06 -23.42
CA PHE D 14 21.08 44.90 -24.89
C PHE D 14 21.63 43.59 -25.46
N ASN D 15 20.81 42.55 -25.47
CA ASN D 15 21.18 41.28 -26.09
C ASN D 15 20.06 40.59 -26.86
N ASN D 16 18.83 41.09 -26.70
CA ASN D 16 17.76 40.78 -27.64
C ASN D 16 18.02 41.68 -28.80
N MET D 17 17.93 41.14 -30.01
CA MET D 17 18.39 41.84 -31.22
C MET D 17 17.21 42.67 -31.70
N GLN D 18 16.50 43.32 -30.76
CA GLN D 18 15.09 43.71 -30.89
C GLN D 18 14.45 44.42 -29.65
N ASN D 19 15.13 44.36 -28.50
CA ASN D 19 14.92 45.31 -27.39
C ASN D 19 16.07 46.28 -27.27
N THR D 20 15.74 47.56 -27.31
CA THR D 20 16.75 48.61 -27.39
C THR D 20 16.47 49.67 -26.34
N LEU D 21 17.40 50.62 -26.20
CA LEU D 21 17.17 51.83 -25.42
C LEU D 21 17.15 53.01 -26.37
N HIS D 22 16.51 54.10 -25.95
CA HIS D 22 16.29 55.22 -26.84
C HIS D 22 16.53 56.52 -26.13
N PHE D 23 17.31 57.37 -26.79
CA PHE D 23 17.75 58.65 -26.26
C PHE D 23 17.25 59.76 -27.18
N ASN D 24 16.89 60.89 -26.58
CA ASN D 24 16.37 62.02 -27.34
C ASN D 24 17.29 62.44 -28.48
N SER D 25 18.58 62.11 -28.38
CA SER D 25 19.56 62.51 -29.38
C SER D 25 20.85 61.72 -29.27
N ASN D 26 21.53 61.58 -30.41
CA ASN D 26 22.73 60.75 -30.51
C ASN D 26 23.75 60.96 -29.40
N GLU D 27 24.43 62.09 -29.44
CA GLU D 27 25.54 62.32 -28.53
C GLU D 27 25.13 62.37 -27.05
N GLU D 28 23.83 62.29 -26.79
CA GLU D 28 23.30 62.11 -25.44
C GLU D 28 23.43 60.66 -25.00
N ARG D 29 23.41 59.76 -25.98
CA ARG D 29 23.65 58.32 -25.78
C ARG D 29 25.13 57.99 -25.82
N ASP D 30 25.87 58.72 -26.62
CA ASP D 30 27.31 58.52 -26.58
C ASP D 30 27.80 59.01 -25.24
N ALA D 31 27.17 60.06 -24.73
CA ALA D 31 27.50 60.57 -23.41
C ALA D 31 27.18 59.49 -22.39
N TYR D 32 26.03 58.85 -22.57
CA TYR D 32 25.64 57.74 -21.70
C TYR D 32 26.70 56.64 -21.72
N PHE D 33 26.84 56.01 -22.88
CA PHE D 33 27.72 54.87 -23.01
C PHE D 33 29.14 55.20 -22.61
N ASN D 34 29.68 56.33 -23.08
CA ASN D 34 31.05 56.72 -22.76
C ASN D 34 31.32 56.92 -21.27
N SER D 35 30.44 56.43 -20.40
CA SER D 35 30.58 56.69 -18.99
C SER D 35 29.78 55.65 -18.23
N LYS D 36 30.27 54.42 -18.21
CA LYS D 36 29.73 53.45 -17.26
C LYS D 36 30.62 52.25 -16.92
N PHE D 37 31.85 52.24 -17.42
CA PHE D 37 32.55 50.96 -17.61
C PHE D 37 32.94 50.23 -16.33
N ASP D 38 33.10 48.90 -16.51
CA ASP D 38 33.55 47.96 -15.47
C ASP D 38 35.05 47.49 -15.51
N VAL D 39 35.58 46.90 -16.61
CA VAL D 39 37.03 46.61 -16.67
C VAL D 39 37.83 46.49 -18.04
N HIS D 40 37.50 47.24 -19.11
CA HIS D 40 38.22 47.14 -20.43
C HIS D 40 37.83 47.99 -21.68
N GLU D 41 38.77 48.81 -22.16
CA GLU D 41 38.68 49.52 -23.44
C GLU D 41 40.06 49.48 -24.14
N PHE D 42 40.09 49.52 -25.48
CA PHE D 42 41.37 49.42 -26.23
C PHE D 42 41.34 50.13 -27.60
N THR D 43 42.28 49.79 -28.49
CA THR D 43 42.32 50.34 -29.83
C THR D 43 42.86 49.33 -30.83
N SER D 44 42.14 49.18 -31.93
CA SER D 44 42.55 48.29 -33.01
C SER D 44 41.90 48.76 -34.33
N THR D 45 41.60 47.83 -35.22
CA THR D 45 40.80 48.12 -36.40
C THR D 45 40.23 46.81 -36.85
N PHE D 46 39.23 46.86 -37.73
CA PHE D 46 38.45 45.66 -38.04
C PHE D 46 37.76 45.69 -39.40
N ASN D 47 37.46 44.49 -39.88
CA ASN D 47 37.00 44.26 -41.25
C ASN D 47 35.47 44.27 -41.26
N TYR D 48 34.85 43.94 -42.39
CA TYR D 48 33.41 43.99 -42.48
C TYR D 48 32.87 43.29 -43.73
N ARG D 49 31.65 42.77 -43.66
CA ARG D 49 31.01 42.15 -44.81
C ARG D 49 29.57 41.79 -44.47
N GLY D 53 26.36 43.02 -40.94
CA GLY D 53 27.13 41.93 -40.39
C GLY D 53 27.58 41.02 -41.52
N VAL D 54 28.30 39.93 -41.23
CA VAL D 54 28.84 39.59 -39.90
C VAL D 54 30.36 39.69 -40.00
N LEU D 55 31.04 40.00 -38.90
CA LEU D 55 32.47 40.28 -38.95
C LEU D 55 33.20 40.03 -37.63
N ARG D 56 34.53 40.03 -37.68
CA ARG D 56 35.37 39.73 -36.51
C ARG D 56 36.36 40.84 -36.15
N VAL D 57 36.70 40.91 -34.86
CA VAL D 57 37.80 41.76 -34.35
C VAL D 57 38.69 41.04 -33.32
N THR D 58 39.97 40.91 -33.65
CA THR D 58 40.89 40.23 -32.76
C THR D 58 41.22 41.20 -31.64
N ILE D 59 41.52 40.66 -30.47
CA ILE D 59 41.94 41.49 -29.33
C ILE D 59 42.75 40.65 -28.33
N ASP D 60 43.58 41.31 -27.52
CA ASP D 60 44.45 40.60 -26.57
C ASP D 60 44.62 41.24 -25.19
N LEU D 61 45.14 40.43 -24.27
CA LEU D 61 45.24 40.78 -22.87
C LEU D 61 46.61 40.36 -22.32
N VAL D 62 47.55 41.31 -22.28
CA VAL D 62 48.95 41.00 -21.92
C VAL D 62 49.08 40.81 -20.40
N SER D 63 48.17 41.41 -19.64
CA SER D 63 48.21 41.34 -18.17
C SER D 63 47.38 40.18 -17.64
N ASP D 64 48.05 39.06 -17.34
CA ASP D 64 47.30 37.90 -16.87
C ASP D 64 48.01 36.98 -15.87
N ARG D 65 47.16 36.27 -15.15
CA ARG D 65 47.52 35.29 -14.12
C ARG D 65 46.38 34.27 -14.04
N SER D 66 45.15 34.76 -14.13
CA SER D 66 43.96 33.94 -14.28
C SER D 66 42.93 34.59 -15.22
N CYS D 67 43.39 35.18 -16.33
CA CYS D 67 42.51 35.83 -17.31
C CYS D 67 42.50 35.04 -18.63
N PHE D 68 43.53 35.21 -19.45
CA PHE D 68 43.60 34.54 -20.75
C PHE D 68 42.38 34.96 -21.64
N GLU D 69 41.40 34.06 -21.81
CA GLU D 69 40.11 34.47 -22.34
C GLU D 69 39.40 35.29 -21.27
N GLN D 70 38.58 34.62 -20.45
CA GLN D 70 37.89 35.18 -19.26
C GLN D 70 37.90 36.73 -19.09
N LEU D 71 37.67 37.43 -20.19
CA LEU D 71 37.12 38.75 -20.19
C LEU D 71 35.62 38.54 -20.07
N MET D 72 35.15 37.37 -20.55
CA MET D 72 33.86 36.80 -20.15
C MET D 72 32.64 37.68 -20.51
N GLY D 73 32.09 38.41 -19.53
CA GLY D 73 30.72 38.91 -19.61
C GLY D 73 30.41 39.94 -20.67
N VAL D 74 31.40 40.36 -21.44
CA VAL D 74 31.19 41.24 -22.60
C VAL D 74 30.18 40.72 -23.60
N ASN D 75 29.25 41.60 -23.99
CA ASN D 75 28.25 41.25 -25.00
C ASN D 75 27.81 42.39 -25.94
N TYR D 76 28.46 43.54 -25.84
CA TYR D 76 28.06 44.73 -26.59
C TYR D 76 29.30 45.60 -26.65
N CYS D 77 29.44 46.38 -27.70
CA CYS D 77 30.61 47.22 -27.83
C CYS D 77 30.34 48.46 -28.67
N GLN D 78 31.15 49.47 -28.43
CA GLN D 78 31.14 50.67 -29.22
C GLN D 78 32.40 50.70 -30.04
N VAL D 79 32.25 51.20 -31.26
CA VAL D 79 33.38 51.54 -32.09
C VAL D 79 33.20 52.97 -32.54
N GLN D 80 34.27 53.76 -32.51
CA GLN D 80 34.30 55.02 -33.24
C GLN D 80 35.54 55.13 -34.11
N TYR D 81 35.29 55.29 -35.40
CA TYR D 81 36.34 55.36 -36.38
C TYR D 81 36.95 56.73 -36.30
N ILE D 82 38.27 56.79 -36.41
CA ILE D 82 39.00 58.04 -36.45
C ILE D 82 40.02 57.91 -37.55
N GLN D 83 40.25 58.94 -38.35
CA GLN D 83 39.47 60.18 -38.32
C GLN D 83 38.29 59.94 -39.20
N SER D 84 37.15 60.43 -38.73
CA SER D 84 35.82 60.06 -39.20
C SER D 84 34.94 60.42 -38.02
N ASN D 85 35.39 59.97 -36.85
CA ASN D 85 34.73 60.25 -35.59
C ASN D 85 33.26 59.89 -35.61
N ARG D 86 32.89 58.97 -36.48
CA ARG D 86 31.53 58.46 -36.52
C ARG D 86 31.46 57.25 -35.61
N VAL D 87 30.33 57.07 -34.94
CA VAL D 87 30.18 56.00 -33.97
C VAL D 87 29.18 54.98 -34.48
N GLU D 88 29.38 53.74 -34.07
CA GLU D 88 28.52 52.64 -34.48
C GLU D 88 28.63 51.57 -33.41
N TYR D 89 27.48 51.07 -32.94
CA TYR D 89 27.46 50.04 -31.91
C TYR D 89 27.12 48.67 -32.47
N LEU D 90 27.66 47.64 -31.85
CA LEU D 90 27.50 46.27 -32.31
C LEU D 90 27.30 45.33 -31.12
N PHE D 91 26.60 44.23 -31.36
CA PHE D 91 26.50 43.15 -30.39
C PHE D 91 27.70 42.29 -30.60
N VAL D 92 28.27 41.79 -29.51
CA VAL D 92 29.33 40.78 -29.62
C VAL D 92 28.67 39.43 -29.38
N THR D 93 28.73 38.57 -30.40
CA THR D 93 27.94 37.37 -30.48
C THR D 93 28.62 36.17 -29.84
N ASP D 94 29.93 36.10 -29.98
CA ASP D 94 30.70 34.98 -29.43
C ASP D 94 32.15 35.40 -29.26
N ILE D 95 32.78 34.87 -28.22
CA ILE D 95 34.20 35.11 -28.01
C ILE D 95 34.99 33.81 -28.09
N GLN D 96 35.31 33.40 -29.31
CA GLN D 96 36.16 32.24 -29.51
C GLN D 96 37.58 32.66 -29.16
N GLN D 97 38.28 31.81 -28.41
CA GLN D 97 39.63 32.13 -27.97
C GLN D 97 40.62 31.49 -28.92
N LEU D 98 41.84 32.02 -28.96
CA LEU D 98 42.88 31.46 -29.79
C LEU D 98 44.06 30.91 -29.00
N ASN D 99 44.64 31.73 -28.12
CA ASN D 99 45.72 31.29 -27.25
C ASN D 99 45.55 31.89 -25.88
N ASP D 100 46.47 31.57 -24.98
CA ASP D 100 46.37 31.96 -23.57
C ASP D 100 46.39 33.48 -23.32
N LYS D 101 46.15 34.31 -24.34
CA LYS D 101 45.74 35.70 -24.07
C LYS D 101 45.05 36.47 -25.19
N VAL D 102 45.07 35.95 -26.41
CA VAL D 102 44.50 36.65 -27.54
C VAL D 102 43.22 35.95 -28.00
N CYS D 103 42.07 36.44 -27.54
CA CYS D 103 40.78 35.88 -27.94
C CYS D 103 40.16 36.70 -29.06
N GLU D 104 39.40 36.03 -29.92
CA GLU D 104 38.83 36.67 -31.12
C GLU D 104 37.32 36.84 -31.03
N LEU D 105 36.87 38.07 -31.28
CA LEU D 105 35.45 38.43 -31.12
C LEU D 105 34.72 38.49 -32.44
N SER D 106 33.54 37.87 -32.49
CA SER D 106 32.67 38.01 -33.64
C SER D 106 31.61 39.02 -33.30
N LEU D 107 31.17 39.80 -34.28
CA LEU D 107 30.32 40.96 -34.03
C LEU D 107 29.20 41.06 -35.04
N VAL D 108 28.15 41.81 -34.68
CA VAL D 108 27.05 42.05 -35.59
C VAL D 108 26.36 43.37 -35.25
N PRO D 109 26.12 44.21 -36.25
CA PRO D 109 25.80 45.60 -35.92
C PRO D 109 24.44 45.83 -35.26
N ASP D 110 24.42 46.66 -34.23
CA ASP D 110 23.18 46.96 -33.57
C ASP D 110 22.63 48.16 -34.28
N VAL D 111 22.15 47.92 -35.48
CA VAL D 111 21.61 48.96 -36.33
C VAL D 111 20.55 49.78 -35.61
N VAL D 112 19.83 49.14 -34.70
CA VAL D 112 18.72 49.82 -34.03
C VAL D 112 19.21 50.95 -33.12
N MET D 113 20.37 50.75 -32.50
CA MET D 113 20.94 51.75 -31.60
C MET D 113 21.70 52.81 -32.39
N THR D 114 22.29 52.39 -33.49
CA THR D 114 23.21 53.23 -34.22
C THR D 114 22.47 54.40 -34.91
N TYR D 115 21.43 54.07 -35.65
CA TYR D 115 20.87 55.01 -36.60
C TYR D 115 19.56 55.64 -36.15
N THR D 116 18.79 54.92 -35.34
CA THR D 116 17.40 55.31 -35.07
C THR D 116 17.27 56.38 -33.99
N GLN D 117 18.40 56.80 -33.42
CA GLN D 117 18.38 57.62 -32.23
C GLN D 117 17.69 58.95 -32.43
N GLY D 118 16.94 59.35 -31.41
CA GLY D 118 16.24 60.61 -31.41
C GLY D 118 14.95 60.60 -32.19
N ASN D 119 14.60 61.79 -32.68
CA ASN D 119 13.32 62.03 -33.28
C ASN D 119 13.32 61.77 -34.76
N VAL D 120 13.79 60.59 -35.15
CA VAL D 120 13.96 60.28 -36.56
C VAL D 120 12.72 59.65 -37.15
N LEU D 121 12.41 58.48 -36.63
CA LEU D 121 11.37 57.62 -37.17
C LEU D 121 10.00 58.30 -37.23
N ASN D 122 9.82 59.38 -36.46
CA ASN D 122 8.59 60.17 -36.52
C ASN D 122 8.45 60.93 -37.82
N THR D 123 9.57 61.28 -38.43
CA THR D 123 9.59 62.02 -39.68
C THR D 123 9.07 61.18 -40.84
N LEU D 124 9.17 59.86 -40.71
CA LEU D 124 8.77 58.94 -41.76
C LEU D 124 7.31 59.03 -42.14
N ASN D 125 7.04 59.19 -43.43
CA ASN D 125 5.67 59.24 -43.92
C ASN D 125 5.36 58.07 -44.84
N ASN D 126 4.09 57.77 -44.96
CA ASN D 126 3.59 56.75 -45.86
C ASN D 126 4.21 55.39 -45.59
N VAL D 127 4.32 55.03 -44.31
CA VAL D 127 4.77 53.68 -43.96
C VAL D 127 3.57 52.92 -43.40
N ASN D 128 3.42 51.69 -43.87
CA ASN D 128 2.43 50.80 -43.27
C ASN D 128 2.96 50.37 -41.92
N VAL D 129 2.29 50.80 -40.85
CA VAL D 129 2.64 50.37 -39.51
C VAL D 129 1.78 49.18 -39.19
N ILE D 130 2.16 48.48 -38.15
CA ILE D 130 1.45 47.29 -37.73
C ILE D 130 0.99 47.48 -36.29
N ARG D 131 1.95 47.69 -35.41
CA ARG D 131 1.69 47.88 -34.00
C ARG D 131 2.57 48.98 -33.48
N GLN D 132 1.99 49.95 -32.79
CA GLN D 132 2.77 50.93 -32.05
C GLN D 132 2.06 51.31 -30.78
N HIS D 133 2.64 52.30 -30.11
CA HIS D 133 2.03 52.88 -28.95
C HIS D 133 1.49 54.25 -29.35
N TYR D 134 0.40 54.66 -28.71
CA TYR D 134 -0.37 55.82 -29.18
C TYR D 134 -0.21 57.06 -28.35
N THR D 135 -0.24 58.21 -29.01
CA THR D 135 -0.30 59.49 -28.32
C THR D 135 -1.72 59.55 -27.76
N GLN D 136 -1.98 60.42 -26.79
CA GLN D 136 -3.30 60.49 -26.20
C GLN D 136 -4.37 60.82 -27.23
N THR D 137 -4.05 61.72 -28.17
CA THR D 137 -5.00 62.08 -29.21
C THR D 137 -5.32 60.87 -30.07
N GLU D 138 -4.28 60.26 -30.63
CA GLU D 138 -4.46 59.13 -31.55
C GLU D 138 -5.11 57.96 -30.82
N TYR D 139 -4.81 57.85 -29.52
CA TYR D 139 -5.42 56.85 -28.67
C TYR D 139 -6.94 56.98 -28.78
N GLU D 140 -7.47 58.16 -28.45
CA GLU D 140 -8.91 58.41 -28.51
C GLU D 140 -9.52 58.11 -29.88
N GLN D 141 -8.71 58.15 -30.94
CA GLN D 141 -9.17 57.87 -32.29
C GLN D 141 -9.27 56.37 -32.59
N ASN D 142 -8.14 55.67 -32.50
CA ASN D 142 -8.15 54.22 -32.61
C ASN D 142 -8.62 53.55 -31.28
N LEU D 143 -9.63 54.11 -30.61
CA LEU D 143 -10.04 53.59 -29.29
C LEU D 143 -11.18 52.58 -29.48
N GLU D 144 -12.22 53.01 -30.19
CA GLU D 144 -13.35 52.15 -30.46
C GLU D 144 -12.83 50.88 -31.07
N GLN D 145 -11.83 51.01 -31.92
CA GLN D 145 -11.14 49.84 -32.42
C GLN D 145 -10.64 49.00 -31.24
N ILE D 146 -9.70 49.53 -30.46
CA ILE D 146 -8.95 48.69 -29.51
C ILE D 146 -9.82 47.99 -28.45
N ARG D 147 -11.05 48.49 -28.28
CA ARG D 147 -12.01 47.87 -27.38
C ARG D 147 -12.88 46.79 -28.05
N SER D 148 -12.99 46.85 -29.38
CA SER D 148 -13.76 45.89 -30.16
C SER D 148 -12.96 44.80 -30.89
N ASN D 149 -11.73 45.09 -31.32
CA ASN D 149 -10.94 44.10 -32.07
C ASN D 149 -10.58 42.88 -31.22
N ASN D 150 -10.14 41.80 -31.87
CA ASN D 150 -9.80 40.57 -31.16
C ASN D 150 -8.34 40.51 -30.75
N ASP D 151 -7.68 41.67 -30.80
CA ASP D 151 -6.31 41.84 -30.36
C ASP D 151 -6.27 41.99 -28.84
N VAL D 152 -6.37 40.87 -28.13
CA VAL D 152 -6.24 40.82 -26.67
C VAL D 152 -5.69 39.46 -26.20
N LEU D 153 -5.08 39.47 -25.02
CA LEU D 153 -4.44 38.29 -24.47
C LEU D 153 -5.44 37.22 -24.01
N ALA D 154 -5.07 35.96 -24.22
CA ALA D 154 -5.79 34.83 -23.67
C ALA D 154 -6.26 35.07 -22.24
N THR D 155 -7.57 35.09 -22.03
CA THR D 155 -8.13 35.39 -20.71
C THR D 155 -9.26 34.42 -20.38
N SER D 156 -9.32 33.94 -19.13
CA SER D 156 -10.22 32.86 -18.75
C SER D 156 -10.91 32.95 -17.37
N THR D 157 -10.70 34.02 -16.62
CA THR D 157 -10.98 33.98 -15.20
C THR D 157 -11.94 35.06 -14.77
N MET D 158 -13.04 35.19 -15.51
CA MET D 158 -14.07 36.15 -15.13
C MET D 158 -14.83 35.64 -13.89
N ARG D 159 -15.20 36.58 -13.02
CA ARG D 159 -15.94 36.26 -11.83
C ARG D 159 -16.88 37.44 -11.53
N VAL D 160 -17.96 37.20 -10.81
CA VAL D 160 -18.85 38.27 -10.39
C VAL D 160 -18.12 39.12 -9.36
N HIS D 161 -17.66 40.27 -9.83
CA HIS D 161 -16.68 41.05 -9.11
C HIS D 161 -17.40 41.93 -8.08
N ALA D 162 -18.47 42.54 -8.54
CA ALA D 162 -19.23 43.48 -7.71
C ALA D 162 -20.71 43.43 -8.10
N ILE D 163 -21.58 43.82 -7.16
CA ILE D 163 -23.00 43.93 -7.44
C ILE D 163 -23.56 45.22 -6.89
N LYS D 164 -24.22 45.98 -7.78
CA LYS D 164 -25.03 47.13 -7.38
C LYS D 164 -26.45 46.86 -7.79
N SER D 165 -27.40 47.39 -7.01
CA SER D 165 -28.81 47.10 -7.25
C SER D 165 -29.73 48.22 -6.79
N GLU D 166 -30.71 48.56 -7.64
CA GLU D 166 -31.75 49.50 -7.27
C GLU D 166 -32.93 48.74 -6.72
N LEU D 167 -32.98 48.69 -5.39
CA LEU D 167 -33.94 47.84 -4.71
C LEU D 167 -35.30 48.51 -4.57
N PHE D 168 -36.37 47.74 -4.83
CA PHE D 168 -37.72 48.24 -4.60
C PHE D 168 -38.09 48.09 -3.14
N THR D 169 -38.04 49.22 -2.47
CA THR D 169 -37.98 49.23 -1.03
C THR D 169 -39.38 49.37 -0.48
N GLN D 170 -40.17 50.26 -1.07
CA GLN D 170 -41.57 50.48 -0.68
C GLN D 170 -42.46 50.29 -1.89
N LEU D 171 -43.75 50.08 -1.64
CA LEU D 171 -44.69 49.74 -2.70
C LEU D 171 -45.89 50.66 -2.74
N GLU D 172 -46.58 50.61 -3.88
CA GLU D 172 -47.81 51.37 -4.14
C GLU D 172 -48.82 50.41 -4.76
N TYR D 173 -50.10 50.80 -4.78
CA TYR D 173 -51.17 49.92 -5.28
C TYR D 173 -52.21 50.62 -6.14
N ILE D 174 -52.58 49.97 -7.25
CA ILE D 174 -53.73 50.39 -8.05
C ILE D 174 -54.89 49.44 -7.81
N LEU D 175 -55.98 50.00 -7.34
CA LEU D 175 -57.19 49.25 -7.16
C LEU D 175 -58.02 49.64 -8.36
N THR D 176 -58.12 48.71 -9.29
CA THR D 176 -58.74 49.00 -10.57
C THR D 176 -60.07 48.24 -10.72
N ILE D 177 -61.18 48.96 -10.55
CA ILE D 177 -62.53 48.38 -10.56
C ILE D 177 -63.44 49.12 -11.52
N GLY D 178 -64.56 48.48 -11.84
CA GLY D 178 -65.48 48.98 -12.84
C GLY D 178 -66.73 49.57 -12.24
N ALA D 179 -66.55 50.49 -11.32
CA ALA D 179 -67.64 51.11 -10.61
C ALA D 179 -67.12 52.37 -9.97
N ASN D 180 -67.89 53.44 -10.00
CA ASN D 180 -67.46 54.70 -9.41
C ASN D 180 -67.55 54.69 -7.88
N LEU D 181 -66.47 54.23 -7.25
CA LEU D 181 -66.39 54.15 -5.80
C LEU D 181 -66.84 55.37 -5.01
N ARG D 182 -66.86 56.55 -5.64
CA ARG D 182 -67.10 57.79 -4.89
C ARG D 182 -68.49 58.41 -5.13
N LYS D 183 -69.50 57.56 -5.38
CA LYS D 183 -70.90 57.97 -5.30
C LYS D 183 -71.79 56.84 -4.78
N SER D 184 -73.08 57.11 -4.58
CA SER D 184 -73.98 56.24 -3.79
C SER D 184 -74.08 54.79 -4.22
N PHE D 185 -73.87 53.86 -3.26
CA PHE D 185 -74.06 52.42 -3.50
C PHE D 185 -75.48 52.01 -3.13
N GLY D 186 -76.01 52.55 -2.05
CA GLY D 186 -77.31 52.15 -1.58
C GLY D 186 -77.21 51.12 -0.47
N THR D 187 -78.20 50.24 -0.41
CA THR D 187 -78.24 49.18 0.59
C THR D 187 -78.55 47.86 -0.09
N ALA D 188 -78.57 46.80 0.69
CA ALA D 188 -78.86 45.46 0.19
C ALA D 188 -80.19 45.35 -0.61
N GLU D 189 -81.26 45.88 -0.01
CA GLU D 189 -82.60 45.78 -0.61
C GLU D 189 -82.78 46.74 -1.78
N LYS D 190 -82.18 47.92 -1.69
CA LYS D 190 -82.18 48.90 -2.79
C LYS D 190 -80.72 49.13 -3.22
N PRO D 191 -80.24 48.34 -4.19
CA PRO D 191 -78.87 48.50 -4.72
C PRO D 191 -78.73 49.51 -5.87
N LYS D 192 -77.67 50.30 -5.86
CA LYS D 192 -77.34 51.18 -6.97
C LYS D 192 -75.95 50.77 -7.45
N PHE D 193 -75.72 50.85 -8.77
CA PHE D 193 -74.45 50.42 -9.36
C PHE D 193 -73.82 51.56 -10.18
N PRO D 194 -73.07 52.47 -9.52
CA PRO D 194 -72.51 53.61 -10.23
C PRO D 194 -71.48 53.19 -11.28
N SER D 195 -71.75 53.49 -12.54
CA SER D 195 -70.86 53.11 -13.63
C SER D 195 -69.52 53.81 -13.51
N SER D 196 -68.45 53.09 -13.83
CA SER D 196 -67.09 53.63 -13.76
C SER D 196 -66.85 54.72 -14.79
N SER D 197 -66.34 55.86 -14.33
CA SER D 197 -66.10 57.02 -15.22
C SER D 197 -65.03 56.75 -16.28
N GLY D 198 -63.90 56.18 -15.89
CA GLY D 198 -62.77 56.01 -16.80
C GLY D 198 -61.76 57.14 -16.67
N SER D 199 -60.47 56.77 -16.62
CA SER D 199 -59.37 57.72 -16.58
C SER D 199 -58.37 57.40 -17.69
N THR D 200 -57.35 58.24 -17.86
CA THR D 200 -56.39 58.06 -18.94
C THR D 200 -54.95 58.29 -18.47
N HIS D 201 -54.18 57.21 -18.38
CA HIS D 201 -52.82 57.29 -17.87
C HIS D 201 -51.86 56.69 -18.86
N ASP D 202 -50.75 57.39 -19.06
CA ASP D 202 -49.77 57.01 -20.06
C ASP D 202 -50.44 56.86 -21.41
N GLY D 203 -51.41 57.73 -21.69
CA GLY D 203 -52.09 57.73 -22.97
C GLY D 203 -52.86 56.47 -23.32
N ILE D 204 -53.41 55.80 -22.31
CA ILE D 204 -54.33 54.69 -22.55
C ILE D 204 -55.57 54.91 -21.73
N TYR D 205 -56.70 55.02 -22.42
CA TYR D 205 -57.98 55.19 -21.76
C TYR D 205 -58.43 53.88 -21.18
N ASN D 206 -58.81 53.95 -19.92
CA ASN D 206 -59.32 52.82 -19.19
C ASN D 206 -60.82 52.99 -19.03
N PRO D 207 -61.60 51.99 -19.45
CA PRO D 207 -63.02 52.12 -19.12
C PRO D 207 -63.26 52.04 -17.61
N TYR D 208 -62.28 51.56 -16.85
CA TYR D 208 -62.40 51.39 -15.41
C TYR D 208 -61.88 52.59 -14.65
N ASP D 209 -62.20 52.62 -13.35
CA ASP D 209 -61.61 53.58 -12.46
C ASP D 209 -60.34 52.96 -11.87
N MET D 210 -59.25 53.72 -11.87
CA MET D 210 -58.03 53.33 -11.19
C MET D 210 -57.92 54.14 -9.88
N TYR D 211 -57.85 53.43 -8.76
CA TYR D 211 -57.77 54.11 -7.46
C TYR D 211 -56.44 53.87 -6.78
N TRP D 212 -55.81 54.95 -6.34
CA TRP D 212 -54.45 54.95 -5.86
C TRP D 212 -54.35 54.67 -4.38
N PHE D 213 -53.27 54.02 -3.97
CA PHE D 213 -52.93 53.84 -2.56
C PHE D 213 -51.43 53.74 -2.42
N ASN D 214 -50.86 54.46 -1.45
CA ASN D 214 -49.44 54.36 -1.16
C ASN D 214 -49.22 53.89 0.27
N ASP D 215 -50.28 53.38 0.90
CA ASP D 215 -50.18 52.71 2.21
C ASP D 215 -51.05 51.47 2.20
N TYR D 216 -50.54 50.33 2.68
CA TYR D 216 -51.33 49.10 2.70
C TYR D 216 -52.59 49.31 3.50
N GLU D 217 -52.42 49.85 4.71
CA GLU D 217 -53.52 50.05 5.63
C GLU D 217 -54.62 50.85 4.95
N SER D 218 -54.25 51.86 4.18
CA SER D 218 -55.23 52.68 3.46
C SER D 218 -56.08 51.81 2.54
N LEU D 219 -55.41 50.97 1.76
CA LEU D 219 -56.07 50.04 0.86
C LEU D 219 -56.89 48.98 1.62
N LYS D 220 -56.37 48.52 2.75
CA LYS D 220 -57.07 47.52 3.54
C LYS D 220 -58.41 48.07 4.04
N GLU D 221 -58.38 49.27 4.59
CA GLU D 221 -59.59 49.93 5.12
C GLU D 221 -60.69 49.97 4.07
N VAL D 222 -60.29 50.14 2.82
CA VAL D 222 -61.24 50.24 1.72
C VAL D 222 -61.62 48.86 1.21
N MET D 223 -60.68 47.91 1.24
CA MET D 223 -61.02 46.54 0.86
C MET D 223 -62.04 45.97 1.83
N ASP D 224 -61.94 46.41 3.08
CA ASP D 224 -62.86 45.99 4.13
C ASP D 224 -64.22 46.67 3.97
N TYR D 225 -64.20 47.99 3.80
CA TYR D 225 -65.44 48.74 3.58
C TYR D 225 -66.23 48.13 2.45
N LEU D 226 -65.51 47.55 1.49
CA LEU D 226 -66.11 46.98 0.28
C LEU D 226 -66.79 45.64 0.52
N THR D 227 -66.35 44.90 1.54
CA THR D 227 -67.03 43.65 1.84
C THR D 227 -68.52 43.84 2.15
N GLY D 228 -68.89 45.00 2.70
CA GLY D 228 -70.29 45.30 2.95
C GLY D 228 -71.07 45.75 1.74
N TYR D 229 -70.50 45.59 0.55
CA TYR D 229 -71.20 45.85 -0.69
C TYR D 229 -70.73 44.87 -1.79
N PRO D 230 -71.13 43.59 -1.68
CA PRO D 230 -70.78 42.51 -2.64
C PRO D 230 -71.19 42.73 -4.09
N TRP D 231 -72.05 43.72 -4.37
CA TRP D 231 -72.49 44.00 -5.74
C TRP D 231 -71.62 45.10 -6.37
N ILE D 232 -70.94 45.89 -5.54
CA ILE D 232 -69.95 46.85 -5.98
C ILE D 232 -68.58 46.15 -6.02
N GLN D 233 -68.35 45.26 -5.06
CA GLN D 233 -67.09 44.51 -4.97
C GLN D 233 -66.98 43.49 -6.09
N GLN D 234 -68.14 43.03 -6.54
CA GLN D 234 -68.22 42.13 -7.67
C GLN D 234 -67.44 42.62 -8.91
N SER D 235 -67.31 43.94 -9.05
CA SER D 235 -66.70 44.51 -10.24
C SER D 235 -65.34 45.10 -9.94
N ILE D 236 -64.48 44.28 -9.35
CA ILE D 236 -63.06 44.61 -9.23
C ILE D 236 -62.33 43.74 -10.23
N LYS D 237 -61.43 44.34 -11.01
CA LYS D 237 -60.61 43.58 -11.95
C LYS D 237 -59.42 42.95 -11.24
N ASN D 238 -58.78 43.77 -10.41
CA ASN D 238 -57.68 43.31 -9.58
C ASN D 238 -57.26 44.44 -8.68
N VAL D 239 -56.40 44.10 -7.75
CA VAL D 239 -55.61 45.11 -7.10
C VAL D 239 -54.17 44.71 -7.40
N THR D 240 -53.43 45.57 -8.09
CA THR D 240 -52.05 45.27 -8.46
C THR D 240 -51.10 45.94 -7.49
N ILE D 241 -49.95 45.29 -7.29
CA ILE D 241 -48.87 45.83 -6.47
C ILE D 241 -47.72 46.28 -7.37
N ILE D 242 -47.50 47.60 -7.41
CA ILE D 242 -46.39 48.14 -8.17
C ILE D 242 -45.30 48.66 -7.24
N PRO D 243 -44.09 48.97 -7.78
CA PRO D 243 -43.04 49.57 -6.98
C PRO D 243 -43.20 51.07 -6.79
N SER D 244 -42.69 51.57 -5.66
CA SER D 244 -42.87 52.97 -5.28
C SER D 244 -42.28 53.99 -6.26
N GLY D 245 -42.81 55.20 -6.21
CA GLY D 245 -42.25 56.34 -6.92
C GLY D 245 -42.31 56.31 -8.42
N PHE D 246 -43.30 55.62 -8.98
CA PHE D 246 -43.45 55.61 -10.42
C PHE D 246 -44.62 56.44 -10.87
N ILE D 247 -45.47 56.87 -9.94
CA ILE D 247 -46.65 57.67 -10.29
C ILE D 247 -46.55 59.15 -9.89
N LYS D 248 -46.86 60.02 -10.85
CA LYS D 248 -46.73 61.46 -10.66
C LYS D 248 -47.88 61.94 -9.78
N GLN D 249 -47.58 62.80 -8.82
CA GLN D 249 -48.61 63.32 -7.92
C GLN D 249 -49.74 64.02 -8.66
N GLU D 250 -49.39 64.80 -9.68
CA GLU D 250 -50.38 65.51 -10.50
C GLU D 250 -50.98 64.64 -11.57
N SER D 251 -50.95 63.32 -11.36
CA SER D 251 -51.77 62.38 -12.11
C SER D 251 -52.86 61.84 -11.19
N LEU D 252 -52.92 62.36 -9.95
CA LEU D 252 -53.86 61.89 -8.94
C LEU D 252 -54.83 62.96 -8.48
N ASN D 253 -56.11 62.62 -8.43
CA ASN D 253 -57.11 63.46 -7.79
C ASN D 253 -56.83 63.54 -6.31
N ASP D 254 -57.40 64.55 -5.66
CA ASP D 254 -57.26 64.70 -4.23
C ASP D 254 -58.14 63.65 -3.56
N HIS D 255 -58.02 63.54 -2.24
CA HIS D 255 -58.77 62.56 -1.47
C HIS D 255 -60.26 62.86 -1.53
N GLU D 256 -60.98 62.16 -2.41
CA GLU D 256 -62.45 62.22 -2.43
C GLU D 256 -63.01 61.09 -1.57
N PRO D 257 -64.16 61.34 -0.92
CA PRO D 257 -64.73 60.33 -0.01
C PRO D 257 -65.34 59.18 -0.78
N VAL D 258 -65.34 58.00 -0.15
CA VAL D 258 -65.85 56.75 -0.75
C VAL D 258 -67.39 56.81 -0.84
N ASN D 259 -68.11 55.72 -0.55
CA ASN D 259 -69.55 55.72 -0.71
C ASN D 259 -70.21 56.80 0.15
N GLY D 260 -69.96 56.73 1.45
CA GLY D 260 -70.51 57.72 2.35
C GLY D 260 -69.81 59.05 2.18
N GLY D 261 -68.59 59.17 2.70
CA GLY D 261 -67.90 58.05 3.31
C GLY D 261 -66.93 58.54 4.36
N ASP D 262 -66.49 57.58 5.17
CA ASP D 262 -65.52 57.85 6.23
C ASP D 262 -64.10 57.74 5.64
N LEU D 263 -63.99 57.07 4.48
CA LEU D 263 -62.72 56.75 3.83
C LEU D 263 -62.52 57.56 2.55
N SER D 264 -61.26 57.74 2.14
CA SER D 264 -61.00 58.49 0.93
C SER D 264 -60.16 57.69 -0.04
N VAL D 265 -60.50 57.79 -1.31
CA VAL D 265 -59.72 57.15 -2.36
C VAL D 265 -59.38 58.14 -3.47
N ARG D 266 -58.19 57.98 -4.07
CA ARG D 266 -57.68 58.95 -5.04
C ARG D 266 -57.70 58.42 -6.47
N LYS D 267 -58.63 58.93 -7.27
CA LYS D 267 -58.73 58.54 -8.68
C LYS D 267 -57.43 58.90 -9.39
N LEU D 268 -56.86 57.95 -10.13
CA LEU D 268 -55.63 58.17 -10.91
C LEU D 268 -55.92 58.34 -12.40
N GLY D 269 -55.73 59.56 -12.92
CA GLY D 269 -56.01 59.85 -14.31
C GLY D 269 -55.31 61.10 -14.77
N LYS D 270 -56.09 62.17 -14.95
CA LYS D 270 -55.51 63.46 -15.28
C LYS D 270 -54.55 63.39 -16.48
N GLN D 271 -54.80 62.49 -17.43
CA GLN D 271 -54.03 62.43 -18.68
C GLN D 271 -52.52 62.18 -18.55
N GLY D 272 -51.95 62.27 -17.35
CA GLY D 272 -50.51 62.37 -17.17
C GLY D 272 -49.80 61.05 -17.44
N VAL D 273 -48.46 61.09 -17.44
CA VAL D 273 -47.64 59.89 -17.61
C VAL D 273 -47.03 59.49 -16.30
N SER D 274 -46.26 58.40 -16.34
CA SER D 274 -45.53 57.93 -15.19
C SER D 274 -44.18 58.60 -15.21
N ASN D 275 -43.43 58.44 -14.11
CA ASN D 275 -42.04 58.86 -14.10
C ASN D 275 -41.18 57.92 -14.93
N GLN D 276 -40.55 58.43 -15.97
CA GLN D 276 -39.63 57.62 -16.75
C GLN D 276 -38.28 57.48 -16.02
N LYS D 277 -38.38 56.85 -14.85
CA LYS D 277 -37.41 56.98 -13.77
C LYS D 277 -35.95 56.83 -14.19
N ASP D 278 -35.11 57.81 -13.83
CA ASP D 278 -33.66 57.66 -13.92
C ASP D 278 -33.28 56.68 -12.76
N PHE D 279 -32.94 55.43 -13.11
CA PHE D 279 -32.47 54.40 -12.17
C PHE D 279 -31.03 54.65 -11.75
N ASN D 280 -30.82 55.34 -10.63
CA ASN D 280 -29.49 55.79 -10.28
C ASN D 280 -28.71 54.87 -9.35
N ALA D 281 -29.38 54.17 -8.44
CA ALA D 281 -28.69 53.27 -7.52
C ALA D 281 -27.82 52.26 -8.27
N ILE D 282 -28.18 52.02 -9.52
CA ILE D 282 -27.57 50.98 -10.32
C ILE D 282 -26.64 51.54 -11.40
N SER D 283 -26.73 52.85 -11.67
CA SER D 283 -25.95 53.53 -12.72
C SER D 283 -24.56 53.98 -12.25
N LEU D 284 -23.56 53.80 -13.11
CA LEU D 284 -22.20 54.26 -12.85
C LEU D 284 -21.69 55.18 -13.95
N ASP D 285 -21.44 56.43 -13.59
CA ASP D 285 -20.82 57.39 -14.50
C ASP D 285 -19.39 56.91 -14.69
N TYR D 286 -18.67 57.56 -15.62
CA TYR D 286 -17.38 57.03 -16.08
C TYR D 286 -16.44 56.79 -14.93
N GLN D 287 -16.26 57.83 -14.13
CA GLN D 287 -15.34 57.78 -13.02
C GLN D 287 -15.72 56.63 -12.10
N SER D 288 -17.00 56.62 -11.75
CA SER D 288 -17.53 55.61 -10.84
C SER D 288 -17.46 54.20 -11.42
N LEU D 289 -17.53 54.07 -12.73
CA LEU D 289 -17.50 52.75 -13.32
C LEU D 289 -16.08 52.16 -13.25
N MET D 290 -15.13 52.93 -13.75
CA MET D 290 -13.73 52.53 -13.78
C MET D 290 -13.28 52.24 -12.37
N PHE D 291 -13.73 53.09 -11.47
CA PHE D 291 -13.58 52.88 -10.04
C PHE D 291 -14.03 51.47 -9.61
N THR D 292 -15.32 51.17 -9.80
CA THR D 292 -15.91 49.98 -9.19
C THR D 292 -15.27 48.71 -9.72
N LEU D 293 -14.67 48.80 -10.90
CA LEU D 293 -14.03 47.65 -11.53
C LEU D 293 -12.55 47.51 -11.20
N GLY D 294 -12.02 48.41 -10.39
CA GLY D 294 -10.60 48.41 -10.07
C GLY D 294 -9.77 48.63 -11.32
N LEU D 295 -10.27 49.52 -12.19
CA LEU D 295 -9.57 49.97 -13.40
C LEU D 295 -9.16 51.41 -13.20
N ASN D 296 -7.93 51.73 -13.58
CA ASN D 296 -7.42 53.08 -13.43
C ASN D 296 -8.03 53.98 -14.48
N PRO D 297 -8.88 54.93 -14.07
CA PRO D 297 -9.74 55.64 -15.03
C PRO D 297 -8.97 56.58 -15.95
N ILE D 298 -7.70 56.79 -15.64
CA ILE D 298 -6.92 57.81 -16.30
C ILE D 298 -6.35 57.31 -17.63
N ASN D 299 -5.94 56.04 -17.67
CA ASN D 299 -5.38 55.46 -18.90
C ASN D 299 -5.78 53.99 -19.18
N ASP D 300 -6.90 53.53 -18.62
CA ASP D 300 -7.38 52.16 -18.86
C ASP D 300 -8.74 52.09 -19.57
N LYS D 301 -9.19 53.15 -20.23
CA LYS D 301 -10.49 53.10 -20.91
C LYS D 301 -10.53 52.02 -21.99
N HIS D 302 -9.38 51.71 -22.56
CA HIS D 302 -9.29 50.67 -23.57
C HIS D 302 -9.56 49.27 -23.03
N LEU D 303 -9.67 49.15 -21.71
CA LEU D 303 -9.93 47.85 -21.09
C LEU D 303 -11.41 47.56 -20.88
N LEU D 304 -12.27 48.54 -21.19
CA LEU D 304 -13.71 48.32 -21.13
C LEU D 304 -14.16 47.52 -22.35
N ARG D 305 -13.79 46.24 -22.34
CA ARG D 305 -14.15 45.35 -23.39
C ARG D 305 -14.59 44.05 -22.75
N PRO D 306 -15.51 43.34 -23.40
CA PRO D 306 -16.23 42.23 -22.80
C PRO D 306 -15.38 41.12 -22.20
N ASN D 307 -14.18 40.83 -22.73
CA ASN D 307 -13.37 39.72 -22.16
C ASN D 307 -12.51 40.12 -20.96
N ILE D 308 -12.65 41.37 -20.52
CA ILE D 308 -12.06 41.84 -19.28
C ILE D 308 -13.12 42.22 -18.23
N VAL D 309 -14.23 42.81 -18.70
CA VAL D 309 -15.35 43.16 -17.82
C VAL D 309 -16.72 42.89 -18.46
N THR D 310 -17.66 42.43 -17.64
CA THR D 310 -18.99 42.08 -18.11
C THR D 310 -20.07 42.59 -17.17
N ALA D 311 -21.17 43.09 -17.75
CA ALA D 311 -22.26 43.66 -16.99
C ALA D 311 -23.59 42.99 -17.36
N GLU D 312 -24.39 42.60 -16.37
CA GLU D 312 -25.67 41.94 -16.63
C GLU D 312 -26.74 42.40 -15.64
N LEU D 313 -27.92 42.73 -16.14
CA LEU D 313 -29.03 43.05 -15.24
C LEU D 313 -29.91 41.84 -15.03
N THR D 314 -30.39 41.67 -13.80
CA THR D 314 -31.37 40.62 -13.53
C THR D 314 -32.36 41.02 -12.46
N ASP D 315 -33.59 40.53 -12.57
CA ASP D 315 -34.61 40.70 -11.54
C ASP D 315 -34.74 39.44 -10.67
N TYR D 316 -33.74 38.56 -10.77
CA TYR D 316 -33.73 37.29 -10.06
C TYR D 316 -34.97 36.45 -10.33
N ALA D 317 -35.64 36.72 -11.45
CA ALA D 317 -36.81 35.97 -11.83
C ALA D 317 -36.64 35.50 -13.26
N GLY D 318 -35.39 35.41 -13.70
CA GLY D 318 -35.13 34.94 -15.05
C GLY D 318 -35.15 36.00 -16.13
N ASN D 319 -35.77 37.15 -15.89
CA ASN D 319 -35.61 38.28 -16.80
C ASN D 319 -34.18 38.79 -16.64
N ARG D 320 -33.42 38.84 -17.72
CA ARG D 320 -32.03 39.30 -17.63
C ARG D 320 -31.77 40.34 -18.71
N LEU D 321 -30.62 41.02 -18.62
CA LEU D 321 -30.11 41.85 -19.70
C LEU D 321 -28.58 41.83 -19.75
N PRO D 322 -28.00 41.18 -20.78
CA PRO D 322 -26.54 41.21 -20.93
C PRO D 322 -26.08 42.55 -21.50
N ILE D 323 -24.89 43.00 -21.11
CA ILE D 323 -24.34 44.27 -21.59
C ILE D 323 -22.88 44.12 -21.96
N ASP D 324 -22.54 44.65 -23.13
CA ASP D 324 -21.21 44.54 -23.71
C ASP D 324 -20.52 45.85 -23.50
N LEU D 325 -19.58 45.89 -22.56
CA LEU D 325 -19.06 47.17 -22.08
C LEU D 325 -18.28 47.96 -23.14
N SER D 326 -17.98 47.33 -24.27
CA SER D 326 -17.27 48.01 -25.35
C SER D 326 -18.17 48.97 -26.14
N LEU D 327 -19.44 49.13 -25.74
CA LEU D 327 -20.40 49.88 -26.53
C LEU D 327 -20.89 51.17 -25.86
N ILE D 328 -20.86 51.21 -24.54
CA ILE D 328 -21.09 52.46 -23.83
C ILE D 328 -19.93 53.40 -24.10
N GLU D 329 -20.23 54.56 -24.71
CA GLU D 329 -19.18 55.50 -25.12
C GLU D 329 -18.40 56.07 -23.93
N THR D 330 -19.11 56.47 -22.88
CA THR D 330 -18.48 56.93 -21.63
C THR D 330 -19.22 56.61 -20.33
N ASN D 331 -20.51 56.27 -20.37
CA ASN D 331 -21.25 56.06 -19.13
C ASN D 331 -22.25 54.92 -19.15
N LEU D 332 -22.12 54.07 -18.15
CA LEU D 332 -23.12 53.07 -17.89
C LEU D 332 -24.28 53.74 -17.14
N GLU D 333 -25.08 54.55 -17.84
CA GLU D 333 -26.30 55.12 -17.25
C GLU D 333 -27.52 54.27 -17.61
N PHE D 334 -28.27 53.86 -16.59
CA PHE D 334 -29.56 53.19 -16.75
C PHE D 334 -30.71 54.18 -16.61
N ASP D 335 -31.49 54.35 -17.69
CA ASP D 335 -32.79 55.04 -17.65
C ASP D 335 -33.90 53.99 -17.89
N SER D 336 -35.16 54.36 -17.71
CA SER D 336 -36.26 53.41 -17.90
C SER D 336 -37.41 53.95 -18.74
N PHE D 337 -38.26 53.01 -19.14
CA PHE D 337 -39.42 53.28 -19.96
C PHE D 337 -40.55 52.53 -19.31
N VAL D 338 -41.25 53.24 -18.43
CA VAL D 338 -42.30 52.64 -17.64
C VAL D 338 -43.67 53.21 -18.04
N THR D 339 -44.61 52.30 -18.21
CA THR D 339 -46.00 52.65 -18.47
C THR D 339 -46.76 51.95 -17.34
N MET D 340 -47.71 52.67 -16.74
CA MET D 340 -48.39 52.17 -15.55
C MET D 340 -49.91 52.35 -15.60
N GLY D 341 -50.56 51.69 -14.66
CA GLY D 341 -51.98 51.86 -14.43
C GLY D 341 -52.76 50.99 -15.39
N ALA D 342 -52.97 51.54 -16.57
CA ALA D 342 -53.63 50.82 -17.63
C ALA D 342 -52.87 49.51 -17.96
N LYS D 343 -51.55 49.64 -18.20
CA LYS D 343 -50.66 48.52 -18.52
C LYS D 343 -49.43 48.63 -17.64
N ASN D 344 -49.09 47.57 -16.90
CA ASN D 344 -48.02 47.64 -15.91
C ASN D 344 -46.75 46.98 -16.38
N GLU D 345 -45.76 47.80 -16.72
CA GLU D 345 -44.53 47.28 -17.28
C GLU D 345 -43.40 48.30 -17.24
N ILE D 346 -42.32 47.95 -16.55
CA ILE D 346 -41.14 48.79 -16.52
C ILE D 346 -40.07 48.10 -17.29
N LYS D 347 -39.60 48.70 -18.39
CA LYS D 347 -38.38 48.21 -19.01
C LYS D 347 -37.28 49.23 -18.91
N VAL D 348 -36.16 48.77 -18.36
CA VAL D 348 -35.04 49.62 -18.05
C VAL D 348 -33.96 49.33 -19.07
N TYR D 349 -33.49 50.38 -19.72
CA TYR D 349 -32.53 50.24 -20.82
C TYR D 349 -31.23 50.91 -20.45
N VAL D 350 -30.23 50.81 -21.33
CA VAL D 350 -28.94 51.42 -21.08
C VAL D 350 -28.76 52.53 -22.11
N LYS D 351 -28.41 53.72 -21.63
CA LYS D 351 -28.45 54.95 -22.42
C LYS D 351 -27.40 54.95 -23.50
N ASN D 352 -27.85 54.99 -24.75
CA ASN D 352 -26.95 55.17 -25.89
C ASN D 352 -25.97 54.00 -26.07
N TYR D 353 -26.50 52.82 -25.83
CA TYR D 353 -25.78 51.57 -25.95
C TYR D 353 -25.50 51.35 -27.43
N ASN D 354 -24.24 51.07 -27.76
CA ASN D 354 -23.80 50.84 -29.14
C ASN D 354 -23.94 52.08 -29.96
N ALA D 355 -24.17 53.22 -29.32
CA ALA D 355 -24.39 54.43 -30.07
C ALA D 355 -23.10 55.20 -30.16
N ARG D 356 -22.98 55.97 -31.25
CA ARG D 356 -21.92 56.98 -31.40
C ARG D 356 -22.49 58.37 -31.07
N GLY D 357 -22.84 58.55 -29.78
CA GLY D 357 -23.66 59.66 -29.28
C GLY D 357 -23.49 61.05 -29.91
N ASN D 358 -24.45 61.97 -29.71
CA ASN D 358 -25.59 61.82 -28.82
C ASN D 358 -26.89 61.50 -29.56
N ASN D 359 -26.92 60.42 -30.33
CA ASN D 359 -28.17 59.78 -30.70
C ASN D 359 -28.45 58.62 -29.72
N VAL D 360 -29.71 58.24 -29.56
CA VAL D 360 -30.01 57.08 -28.73
C VAL D 360 -29.61 55.85 -29.50
N GLY D 361 -29.18 54.83 -28.78
CA GLY D 361 -28.65 53.67 -29.41
C GLY D 361 -29.76 52.69 -29.68
N GLN D 362 -29.66 51.55 -29.03
CA GLN D 362 -30.65 50.53 -29.17
C GLN D 362 -31.93 50.99 -28.47
N TYR D 363 -31.81 51.99 -27.59
CA TYR D 363 -32.96 52.48 -26.84
C TYR D 363 -33.57 51.29 -26.08
N ILE D 364 -34.83 50.95 -26.35
CA ILE D 364 -35.51 49.92 -25.57
C ILE D 364 -35.47 48.55 -26.25
N ASP D 365 -34.95 48.49 -27.47
CA ASP D 365 -34.73 47.21 -28.09
C ASP D 365 -33.61 46.42 -27.38
N ASN D 366 -32.96 47.05 -26.39
CA ASN D 366 -32.06 46.35 -25.48
C ASN D 366 -32.38 46.71 -24.05
N ALA D 367 -33.46 46.10 -23.53
CA ALA D 367 -33.97 46.36 -22.19
C ALA D 367 -34.38 45.12 -21.38
N LEU D 368 -34.09 45.19 -20.07
CA LEU D 368 -34.58 44.24 -19.09
C LEU D 368 -36.01 44.60 -18.80
N THR D 369 -36.94 43.73 -19.17
CA THR D 369 -38.34 44.12 -19.15
C THR D 369 -39.10 43.41 -18.02
N ILE D 370 -39.68 44.22 -17.13
CA ILE D 370 -40.37 43.78 -15.89
C ILE D 370 -41.85 43.95 -16.00
N ASN D 371 -42.62 42.88 -15.79
CA ASN D 371 -44.06 43.02 -15.72
C ASN D 371 -44.83 41.82 -15.19
N ASN D 372 -44.22 41.07 -14.29
CA ASN D 372 -44.96 40.02 -13.56
C ASN D 372 -45.41 40.52 -12.17
N PHE D 373 -46.08 41.66 -12.11
CA PHE D 373 -46.42 42.28 -10.82
C PHE D 373 -47.50 41.50 -10.08
N ASP D 374 -47.47 41.57 -8.76
CA ASP D 374 -48.41 40.81 -7.94
C ASP D 374 -49.79 41.43 -7.91
N THR D 375 -50.82 40.60 -7.94
CA THR D 375 -52.15 41.06 -7.62
C THR D 375 -52.65 40.27 -6.44
N ILE D 376 -53.68 40.78 -5.76
CA ILE D 376 -54.09 40.22 -4.48
C ILE D 376 -55.52 39.72 -4.52
N GLY D 377 -55.75 38.57 -3.91
CA GLY D 377 -57.05 37.92 -3.98
C GLY D 377 -57.99 38.41 -2.90
N PHE D 378 -59.29 38.35 -3.17
CA PHE D 378 -60.29 38.77 -2.20
C PHE D 378 -61.49 37.83 -2.15
N SER D 379 -62.39 38.06 -1.19
CA SER D 379 -63.58 37.24 -0.97
C SER D 379 -64.88 38.07 -0.96
N VAL D 380 -65.95 37.46 -1.46
CA VAL D 380 -67.24 38.14 -1.60
C VAL D 380 -68.38 37.12 -1.56
N ASP D 381 -69.57 37.55 -1.13
CA ASP D 381 -70.78 36.72 -1.18
C ASP D 381 -71.90 37.37 -1.98
N ALA D 462 -67.46 35.99 -4.69
CA ALA D 462 -66.79 34.74 -5.01
C ALA D 462 -65.56 34.63 -4.12
N ILE D 463 -64.48 34.04 -4.63
CA ILE D 463 -63.23 33.91 -3.87
C ILE D 463 -62.03 34.31 -4.73
N THR D 464 -62.32 35.05 -5.80
CA THR D 464 -61.39 35.31 -6.92
C THR D 464 -59.93 35.53 -6.46
N GLU D 465 -59.01 34.74 -7.01
CA GLU D 465 -57.69 34.54 -6.43
C GLU D 465 -56.66 35.58 -6.81
N GLY D 466 -55.62 35.68 -5.99
CA GLY D 466 -54.52 36.59 -6.23
C GLY D 466 -53.43 35.95 -7.07
N HIS D 467 -52.65 36.77 -7.76
CA HIS D 467 -51.50 36.33 -8.54
C HIS D 467 -50.20 36.72 -7.86
N VAL D 468 -49.28 35.76 -7.77
CA VAL D 468 -48.00 35.96 -7.09
C VAL D 468 -46.85 36.02 -8.09
N GLY D 469 -45.91 36.91 -7.84
CA GLY D 469 -44.81 37.15 -8.75
C GLY D 469 -43.54 37.51 -8.03
N TYR D 470 -43.32 38.80 -7.81
CA TYR D 470 -42.14 39.28 -7.08
C TYR D 470 -42.34 39.39 -5.56
N ALA D 471 -43.48 38.95 -5.05
CA ALA D 471 -43.77 39.13 -3.63
C ALA D 471 -42.70 38.48 -2.72
N PRO D 472 -42.56 37.14 -2.75
CA PRO D 472 -41.67 36.53 -1.75
C PRO D 472 -40.22 36.95 -1.87
N LEU D 473 -39.87 37.45 -3.06
CA LEU D 473 -38.58 38.08 -3.32
C LEU D 473 -38.47 39.35 -2.50
N PHE D 474 -39.56 40.09 -2.42
CA PHE D 474 -39.53 41.33 -1.67
C PHE D 474 -39.41 41.12 -0.17
N LYS D 475 -39.99 40.05 0.36
CA LYS D 475 -39.86 39.75 1.80
C LYS D 475 -38.45 39.25 2.15
N GLN D 476 -37.58 39.17 1.16
CA GLN D 476 -36.17 38.89 1.37
C GLN D 476 -35.32 40.10 0.95
N ASP D 477 -35.99 41.23 0.65
CA ASP D 477 -35.35 42.45 0.16
C ASP D 477 -34.52 42.19 -1.07
N LYS D 478 -35.14 41.55 -2.03
CA LYS D 478 -34.51 41.31 -3.31
C LYS D 478 -35.45 41.65 -4.45
N PHE D 479 -36.60 42.23 -4.13
CA PHE D 479 -37.46 42.68 -5.20
C PHE D 479 -36.80 43.90 -5.73
N GLY D 480 -36.21 43.80 -6.92
CA GLY D 480 -35.57 44.96 -7.50
C GLY D 480 -34.72 44.55 -8.65
N VAL D 481 -34.14 45.54 -9.32
CA VAL D 481 -33.29 45.27 -10.48
C VAL D 481 -31.82 45.30 -10.05
N HIS D 482 -31.07 44.27 -10.42
CA HIS D 482 -29.70 44.08 -9.95
C HIS D 482 -28.70 44.04 -11.11
N LEU D 483 -27.50 44.57 -10.87
CA LEU D 483 -26.42 44.64 -11.85
C LEU D 483 -25.24 43.79 -11.44
N ARG D 484 -24.79 42.92 -12.35
CA ARG D 484 -23.67 42.03 -12.08
C ARG D 484 -22.47 42.47 -12.87
N LEU D 485 -21.57 43.19 -12.21
CA LEU D 485 -20.28 43.53 -12.78
C LEU D 485 -19.30 42.39 -12.57
N GLY D 486 -18.73 41.94 -13.67
CA GLY D 486 -17.83 40.80 -13.65
C GLY D 486 -16.49 41.28 -14.13
N ARG D 487 -15.42 40.72 -13.57
CA ARG D 487 -14.07 41.07 -14.01
C ARG D 487 -13.14 39.89 -13.86
N ILE D 488 -12.07 39.91 -14.64
CA ILE D 488 -11.03 38.88 -14.58
C ILE D 488 -10.15 39.05 -13.34
N SER D 489 -9.52 37.94 -12.93
CA SER D 489 -8.56 37.92 -11.81
C SER D 489 -7.65 39.12 -11.82
N GLN D 490 -7.27 39.61 -10.64
CA GLN D 490 -6.28 40.68 -10.57
C GLN D 490 -5.01 40.30 -11.37
N ASP D 491 -4.50 39.06 -11.21
CA ASP D 491 -3.27 38.66 -11.91
C ASP D 491 -3.51 38.76 -13.39
N GLU D 492 -4.59 38.12 -13.86
CA GLU D 492 -4.87 38.12 -15.30
C GLU D 492 -5.08 39.53 -15.84
N LEU D 493 -5.64 40.41 -15.04
CA LEU D 493 -5.81 41.79 -15.46
C LEU D 493 -4.46 42.43 -15.72
N ASN D 494 -3.47 42.04 -14.95
CA ASN D 494 -2.10 42.50 -15.16
C ASN D 494 -1.46 41.86 -16.38
N ASN D 495 -1.66 40.56 -16.58
CA ASN D 495 -1.14 39.92 -17.77
C ASN D 495 -1.59 40.67 -19.03
N VAL D 496 -2.82 41.20 -19.01
CA VAL D 496 -3.35 41.96 -20.15
C VAL D 496 -2.73 43.34 -20.12
N LYS D 497 -2.76 43.98 -18.96
CA LYS D 497 -2.20 45.30 -18.81
C LYS D 497 -0.79 45.24 -19.40
N LYS D 498 -0.04 44.21 -19.01
CA LYS D 498 1.34 44.00 -19.44
C LYS D 498 1.41 43.86 -20.96
N TYR D 499 0.67 42.90 -21.47
CA TYR D 499 0.63 42.64 -22.92
C TYR D 499 0.43 43.86 -23.81
N TYR D 500 -0.52 44.71 -23.45
CA TYR D 500 -0.75 45.93 -24.20
C TYR D 500 0.41 46.89 -24.03
N ASN D 501 0.75 47.18 -22.78
CA ASN D 501 1.86 48.05 -22.44
C ASN D 501 3.18 47.61 -23.07
N MET D 502 3.29 46.33 -23.39
CA MET D 502 4.52 45.80 -23.97
C MET D 502 4.54 45.90 -25.47
N PHE D 503 3.43 45.56 -26.11
CA PHE D 503 3.38 45.41 -27.56
C PHE D 503 2.43 46.39 -28.21
N GLY D 504 2.08 47.47 -27.52
CA GLY D 504 1.18 48.44 -28.12
C GLY D 504 -0.13 47.81 -28.55
N TYR D 505 -0.83 48.49 -29.46
CA TYR D 505 -2.12 48.02 -29.96
C TYR D 505 -2.01 47.77 -31.44
N GLU D 506 -2.97 47.05 -32.00
CA GLU D 506 -2.95 46.70 -33.42
C GLU D 506 -3.56 47.81 -34.26
N CYS D 507 -2.74 48.43 -35.12
CA CYS D 507 -3.23 49.36 -36.15
C CYS D 507 -2.99 48.78 -37.54
N ASN D 508 -4.05 48.73 -38.35
CA ASN D 508 -3.96 48.31 -39.76
C ASN D 508 -3.81 49.50 -40.73
N ASP D 509 -3.02 50.48 -40.30
CA ASP D 509 -2.85 51.72 -41.04
C ASP D 509 -1.75 51.53 -42.05
N TYR D 510 -2.12 51.26 -43.30
CA TYR D 510 -1.15 51.36 -44.38
C TYR D 510 -0.93 52.85 -44.57
N SER D 511 0.19 53.27 -45.14
CA SER D 511 0.37 54.69 -45.49
C SER D 511 0.01 55.66 -44.35
N THR D 512 0.86 55.73 -43.33
CA THR D 512 0.58 56.63 -42.21
C THR D 512 1.88 57.01 -41.54
N LYS D 513 1.94 58.22 -40.98
CA LYS D 513 3.11 58.67 -40.24
C LYS D 513 3.11 57.95 -38.91
N LEU D 514 4.30 57.53 -38.48
CA LEU D 514 4.44 56.89 -37.19
C LEU D 514 3.83 57.80 -36.10
N SER D 515 3.12 57.23 -35.13
CA SER D 515 2.71 57.98 -33.94
C SER D 515 3.98 58.34 -33.22
N ASP D 516 3.92 59.25 -32.25
CA ASP D 516 5.15 59.64 -31.57
C ASP D 516 5.89 58.43 -30.98
N ILE D 517 7.21 58.57 -30.88
CA ILE D 517 8.10 57.48 -30.44
C ILE D 517 8.28 57.51 -28.92
N THR D 518 7.89 58.64 -28.31
CA THR D 518 7.98 58.84 -26.87
C THR D 518 6.59 59.03 -26.27
N SER D 519 5.60 58.40 -26.86
CA SER D 519 4.25 58.54 -26.38
C SER D 519 4.30 58.13 -24.91
N MET D 520 4.95 57.00 -24.68
CA MET D 520 4.86 56.33 -23.39
C MET D 520 5.88 56.83 -22.36
N SER D 521 5.79 56.27 -21.16
CA SER D 521 6.64 56.63 -20.05
C SER D 521 7.75 55.60 -19.78
N ILE D 522 7.52 54.36 -20.22
CA ILE D 522 8.43 53.26 -19.91
C ILE D 522 9.05 52.69 -21.18
N CYS D 523 8.22 52.42 -22.18
CA CYS D 523 8.72 51.88 -23.44
C CYS D 523 7.69 52.06 -24.54
N ASN D 524 8.18 52.15 -25.78
CA ASN D 524 7.31 52.28 -26.95
C ASN D 524 7.52 51.11 -27.87
N TRP D 525 6.45 50.58 -28.43
CA TRP D 525 6.58 49.44 -29.31
C TRP D 525 6.55 50.16 -30.63
N VAL D 526 7.17 49.56 -31.64
CA VAL D 526 7.15 50.13 -32.98
C VAL D 526 7.49 49.03 -33.99
N GLN D 527 6.52 48.75 -34.87
CA GLN D 527 6.62 47.69 -35.85
C GLN D 527 6.02 48.17 -37.21
N PHE D 528 6.82 48.21 -38.28
CA PHE D 528 6.31 48.69 -39.55
C PHE D 528 7.00 48.17 -40.83
N LYS D 529 6.15 47.91 -41.82
CA LYS D 529 6.52 47.40 -43.14
C LYS D 529 6.99 48.61 -43.93
N GLY D 530 7.67 48.38 -45.06
CA GLY D 530 8.09 49.45 -45.96
C GLY D 530 6.99 50.42 -46.40
N ILE D 531 7.34 51.54 -47.07
CA ILE D 531 8.70 51.83 -47.55
C ILE D 531 9.31 53.17 -47.11
N TRP D 532 10.55 53.07 -46.63
CA TRP D 532 11.24 54.18 -46.03
C TRP D 532 12.73 54.02 -46.19
N THR D 533 13.44 55.14 -46.17
CA THR D 533 14.88 55.12 -45.97
C THR D 533 15.23 56.23 -45.01
N LEU D 534 16.26 55.98 -44.21
CA LEU D 534 16.80 57.02 -43.34
C LEU D 534 17.95 57.74 -44.04
N PRO D 535 18.00 59.08 -43.89
CA PRO D 535 19.05 59.86 -44.57
C PRO D 535 20.48 59.37 -44.29
N ASN D 536 21.14 58.85 -45.33
CA ASN D 536 22.59 58.64 -45.40
C ASN D 536 22.99 57.44 -44.58
N VAL D 537 22.43 56.29 -44.94
CA VAL D 537 22.72 55.07 -44.23
C VAL D 537 23.06 53.98 -45.21
N ASP D 538 24.12 53.25 -44.89
CA ASP D 538 24.63 52.21 -45.77
C ASP D 538 23.46 51.36 -46.18
N THR D 539 23.21 51.30 -47.48
CA THR D 539 22.08 50.53 -48.00
C THR D 539 21.95 49.13 -47.41
N GLY D 540 23.08 48.50 -47.10
CA GLY D 540 23.06 47.22 -46.41
C GLY D 540 22.37 47.33 -45.05
N HIS D 541 22.87 48.23 -44.22
CA HIS D 541 22.31 48.46 -42.88
C HIS D 541 20.83 48.83 -42.93
N MET D 542 20.41 49.49 -44.01
CA MET D 542 19.01 49.83 -44.15
C MET D 542 18.19 48.57 -44.24
N ASN D 543 18.55 47.68 -45.16
CA ASN D 543 17.85 46.41 -45.31
C ASN D 543 17.62 45.70 -43.99
N MET D 544 18.51 45.91 -43.04
CA MET D 544 18.32 45.38 -41.68
C MET D 544 17.27 46.18 -40.92
N LEU D 545 17.49 47.48 -40.77
CA LEU D 545 16.49 48.34 -40.11
C LEU D 545 15.09 48.13 -40.68
N ARG D 546 14.97 48.15 -42.00
CA ARG D 546 13.68 48.05 -42.66
C ARG D 546 12.94 46.78 -42.21
N ALA D 547 13.72 45.71 -42.01
CA ALA D 547 13.17 44.38 -41.72
C ALA D 547 13.20 44.01 -40.24
N LEU D 548 14.02 44.71 -39.48
CA LEU D 548 14.08 44.49 -38.05
C LEU D 548 12.82 45.14 -37.45
N PHE D 549 12.40 46.25 -38.05
CA PHE D 549 11.17 46.94 -37.64
C PHE D 549 9.92 46.31 -38.22
N GLU D 550 10.03 45.60 -39.34
CA GLU D 550 8.88 44.85 -39.80
C GLU D 550 8.45 43.87 -38.72
N ALA D 551 9.41 43.38 -37.92
CA ALA D 551 9.09 42.45 -36.84
C ALA D 551 9.10 43.10 -35.46
N GLY D 552 8.96 44.42 -35.42
CA GLY D 552 8.77 45.13 -34.18
C GLY D 552 10.03 45.27 -33.36
N VAL D 553 10.09 46.34 -32.59
CA VAL D 553 11.23 46.67 -31.77
C VAL D 553 10.77 47.45 -30.53
N ARG D 554 11.16 47.02 -29.35
CA ARG D 554 10.78 47.76 -28.16
C ARG D 554 11.79 48.85 -27.86
N LEU D 555 11.30 50.09 -27.83
CA LEU D 555 12.06 51.28 -27.48
C LEU D 555 11.87 51.70 -26.02
N TRP D 556 12.76 51.22 -25.16
CA TRP D 556 12.71 51.55 -23.77
C TRP D 556 13.24 52.96 -23.60
N HIS D 557 12.83 53.61 -22.51
CA HIS D 557 13.20 55.00 -22.30
C HIS D 557 14.19 55.17 -21.16
N LYS D 558 14.13 54.31 -20.15
CA LYS D 558 15.13 54.33 -19.08
C LYS D 558 15.78 52.94 -19.00
N GLU D 559 17.07 52.89 -18.69
CA GLU D 559 17.72 51.60 -18.54
C GLU D 559 17.19 50.85 -17.33
N SER D 560 16.95 51.57 -16.23
CA SER D 560 16.36 50.96 -15.04
C SER D 560 15.08 50.17 -15.33
N ASP D 561 14.26 50.67 -16.23
CA ASP D 561 13.01 50.00 -16.59
C ASP D 561 13.25 48.67 -17.28
N MET D 562 14.45 48.48 -17.82
CA MET D 562 14.77 47.25 -18.53
C MET D 562 15.12 46.10 -17.59
N ILE D 563 15.35 46.39 -16.31
CA ILE D 563 15.62 45.34 -15.32
C ILE D 563 14.85 45.56 -14.02
N ASN D 564 13.64 46.06 -14.17
CA ASN D 564 12.68 46.07 -13.08
C ASN D 564 11.30 45.80 -13.66
N ASN D 565 10.39 45.30 -12.83
CA ASN D 565 9.09 44.89 -13.33
C ASN D 565 8.15 46.07 -13.50
N THR D 566 8.61 47.11 -14.19
CA THR D 566 7.91 48.39 -14.22
C THR D 566 6.94 48.52 -15.37
N VAL D 567 6.97 47.56 -16.30
CA VAL D 567 6.26 47.75 -17.56
C VAL D 567 4.76 47.78 -17.33
N VAL D 568 4.35 47.21 -16.20
CA VAL D 568 2.94 47.15 -15.83
C VAL D 568 2.39 48.59 -15.67
N ASN D 569 3.27 49.53 -15.33
CA ASN D 569 2.90 50.94 -15.18
C ASN D 569 3.27 51.82 -16.36
N ASN D 570 3.42 51.24 -17.53
CA ASN D 570 3.57 52.07 -18.72
C ASN D 570 2.31 52.91 -18.88
N VAL D 571 2.42 54.08 -19.50
CA VAL D 571 1.31 55.02 -19.60
C VAL D 571 1.66 56.24 -20.49
N ILE D 572 0.64 56.94 -21.00
CA ILE D 572 0.84 58.03 -21.95
C ILE D 572 1.23 59.30 -21.16
N ILE D 573 0.76 60.48 -21.58
CA ILE D 573 0.99 61.72 -20.86
C ILE D 573 -0.10 62.75 -21.18
N LEU E 3 32.98 50.54 -71.05
CA LEU E 3 31.93 50.55 -72.07
C LEU E 3 30.58 51.09 -71.54
N SER E 4 30.59 51.83 -70.42
CA SER E 4 29.32 52.31 -69.84
C SER E 4 29.41 53.37 -68.73
N LYS E 5 28.63 54.44 -68.88
CA LYS E 5 28.57 55.52 -67.90
C LYS E 5 27.50 55.23 -66.82
N ILE E 6 27.83 55.54 -65.57
CA ILE E 6 26.99 55.14 -64.41
C ILE E 6 26.71 56.28 -63.42
N LYS E 7 25.44 56.49 -63.11
CA LYS E 7 25.06 57.34 -61.97
C LYS E 7 24.86 56.45 -60.75
N LEU E 8 24.95 57.01 -59.54
CA LEU E 8 24.78 56.22 -58.30
C LEU E 8 23.84 56.84 -57.23
N PHE E 9 22.54 56.88 -57.50
CA PHE E 9 21.60 57.71 -56.74
C PHE E 9 21.54 57.48 -55.24
N TYR E 10 21.44 58.59 -54.50
CA TYR E 10 21.53 58.57 -53.04
C TYR E 10 20.14 58.69 -52.37
N ASN E 11 19.99 58.00 -51.23
CA ASN E 11 18.75 58.00 -50.45
C ASN E 11 17.48 58.01 -51.28
N THR E 12 17.30 56.96 -52.07
CA THR E 12 16.22 56.89 -53.01
C THR E 12 15.02 56.21 -52.37
N PRO E 13 13.77 56.46 -52.85
CA PRO E 13 12.57 55.78 -52.31
C PRO E 13 12.42 54.34 -52.77
N PHE E 14 12.87 54.09 -54.00
CA PHE E 14 12.90 52.76 -54.62
C PHE E 14 13.82 51.73 -53.92
N ASN E 15 13.28 51.01 -52.95
CA ASN E 15 14.01 49.93 -52.30
C ASN E 15 13.16 48.69 -51.95
N ASN E 16 11.84 48.83 -52.00
CA ASN E 16 10.96 47.67 -52.12
C ASN E 16 11.10 47.20 -53.55
N MET E 17 11.24 45.89 -53.75
CA MET E 17 11.59 45.36 -55.05
C MET E 17 10.28 45.13 -55.80
N GLN E 18 9.35 46.09 -55.69
CA GLN E 18 7.89 45.87 -55.83
C GLN E 18 7.00 47.14 -55.67
N ASN E 19 7.56 48.21 -55.09
CA ASN E 19 7.02 49.56 -55.27
C ASN E 19 7.89 50.38 -56.22
N THR E 20 7.25 50.93 -57.24
CA THR E 20 7.96 51.62 -58.30
C THR E 20 7.28 52.96 -58.58
N LEU E 21 7.93 53.76 -59.41
CA LEU E 21 7.32 54.97 -59.91
C LEU E 21 7.07 54.77 -61.39
N HIS E 22 6.14 55.53 -61.95
CA HIS E 22 5.72 55.34 -63.33
C HIS E 22 5.56 56.64 -64.07
N PHE E 23 6.18 56.65 -65.26
CA PHE E 23 6.26 57.83 -66.12
C PHE E 23 5.58 57.51 -67.45
N ASN E 24 4.86 58.50 -67.98
CA ASN E 24 4.15 58.34 -69.23
C ASN E 24 5.02 57.77 -70.35
N SER E 25 6.34 57.94 -70.24
CA SER E 25 7.26 57.51 -71.30
C SER E 25 8.70 57.48 -70.82
N ASN E 26 9.49 56.60 -71.42
CA ASN E 26 10.86 56.34 -70.99
C ASN E 26 11.68 57.59 -70.76
N GLU E 27 12.03 58.27 -71.83
CA GLU E 27 12.97 59.37 -71.72
C GLU E 27 12.46 60.54 -70.89
N GLU E 28 11.21 60.45 -70.46
CA GLU E 28 10.64 61.40 -69.52
C GLU E 28 11.10 61.04 -68.10
N ARG E 29 11.38 59.75 -67.90
CA ARG E 29 11.95 59.27 -66.65
C ARG E 29 13.45 59.37 -66.65
N ASP E 30 14.06 59.22 -67.81
CA ASP E 30 15.48 59.44 -67.87
C ASP E 30 15.73 60.93 -67.63
N ALA E 31 14.82 61.77 -68.12
CA ALA E 31 14.91 63.20 -67.86
C ALA E 31 14.79 63.45 -66.37
N TYR E 32 13.86 62.75 -65.74
CA TYR E 32 13.68 62.83 -64.29
C TYR E 32 14.97 62.47 -63.55
N PHE E 33 15.39 61.21 -63.69
CA PHE E 33 16.55 60.70 -63.00
C PHE E 33 17.83 61.48 -63.29
N ASN E 34 18.09 61.77 -64.57
CA ASN E 34 19.29 62.52 -64.94
C ASN E 34 19.39 63.94 -64.35
N SER E 35 18.59 64.26 -63.33
CA SER E 35 18.51 65.60 -62.83
C SER E 35 17.93 65.57 -61.42
N LYS E 36 18.72 65.08 -60.47
CA LYS E 36 18.35 65.24 -59.06
C LYS E 36 19.49 65.08 -58.03
N PHE E 37 20.73 64.92 -58.50
CA PHE E 37 21.75 64.24 -57.68
C PHE E 37 22.23 65.02 -56.46
N ASP E 38 22.74 64.26 -55.50
CA ASP E 38 23.32 64.74 -54.24
C ASP E 38 24.89 64.79 -54.12
N VAL E 39 25.62 63.68 -54.33
CA VAL E 39 27.12 63.79 -54.38
C VAL E 39 28.02 62.75 -55.16
N HIS E 40 27.60 62.16 -56.30
CA HIS E 40 28.44 61.16 -57.07
C HIS E 40 27.93 60.47 -58.39
N GLU E 41 28.69 60.64 -59.47
CA GLU E 41 28.51 59.89 -60.72
C GLU E 41 29.89 59.55 -61.29
N PHE E 42 30.01 58.46 -62.06
CA PHE E 42 31.31 58.04 -62.60
C PHE E 42 31.22 57.23 -63.91
N THR E 43 32.31 56.53 -64.27
CA THR E 43 32.35 55.69 -65.48
C THR E 43 33.24 54.46 -65.30
N SER E 44 32.72 53.30 -65.69
CA SER E 44 33.44 52.04 -65.58
C SER E 44 32.78 51.05 -66.54
N THR E 45 32.79 49.77 -66.18
CA THR E 45 32.04 48.75 -66.90
C THR E 45 31.83 47.57 -65.97
N PHE E 46 30.92 46.67 -66.32
CA PHE E 46 30.51 45.64 -65.38
C PHE E 46 29.95 44.38 -66.02
N ASN E 47 30.01 43.31 -65.23
CA ASN E 47 29.72 41.96 -65.69
C ASN E 47 28.25 41.64 -65.46
N TYR E 48 27.84 40.39 -65.70
CA TYR E 48 26.42 40.04 -65.52
C TYR E 48 26.20 38.53 -65.54
N ARG E 49 25.15 38.09 -64.86
CA ARG E 49 24.79 36.67 -64.81
C ARG E 49 23.45 36.48 -64.07
N GLY E 53 19.77 39.45 -62.65
CA GLY E 53 20.71 39.50 -61.55
C GLY E 53 21.45 38.18 -61.48
N VAL E 54 22.41 38.03 -60.55
CA VAL E 54 22.91 39.07 -59.65
C VAL E 54 24.36 39.35 -60.05
N LEU E 55 24.84 40.58 -59.84
CA LEU E 55 26.16 40.97 -60.36
C LEU E 55 26.83 42.09 -59.56
N ARG E 56 28.13 42.31 -59.81
CA ARG E 56 28.91 43.30 -59.08
C ARG E 56 29.55 44.37 -59.96
N VAL E 57 29.78 45.56 -59.38
CA VAL E 57 30.54 46.64 -60.02
C VAL E 57 31.49 47.30 -59.00
N THR E 58 32.79 47.25 -59.28
CA THR E 58 33.79 47.86 -58.42
C THR E 58 33.78 49.37 -58.69
N ILE E 59 34.12 50.14 -57.67
CA ILE E 59 34.18 51.58 -57.82
C ILE E 59 35.09 52.17 -56.74
N ASP E 60 35.66 53.35 -56.97
CA ASP E 60 36.58 53.95 -56.01
C ASP E 60 36.46 55.45 -55.83
N LEU E 61 37.10 55.91 -54.76
CA LEU E 61 37.02 57.30 -54.32
C LEU E 61 38.40 57.84 -53.91
N VAL E 62 39.06 58.56 -54.83
CA VAL E 62 40.45 58.98 -54.62
C VAL E 62 40.51 60.20 -53.68
N SER E 63 39.42 60.96 -53.61
CA SER E 63 39.36 62.17 -52.78
C SER E 63 38.82 61.84 -51.39
N ASP E 64 39.71 61.67 -50.43
CA ASP E 64 39.25 61.34 -49.09
C ASP E 64 40.09 61.85 -47.92
N ARG E 65 39.39 61.93 -46.80
CA ARG E 65 39.90 62.37 -45.51
C ARG E 65 39.06 61.68 -44.43
N SER E 66 37.75 61.62 -44.67
CA SER E 66 36.83 60.83 -43.87
C SER E 66 35.75 60.16 -44.74
N CYS E 67 36.15 59.61 -45.89
CA CYS E 67 35.22 58.91 -46.80
C CYS E 67 35.53 57.40 -46.84
N PHE E 68 36.54 57.01 -47.59
CA PHE E 68 36.88 55.60 -47.77
C PHE E 68 35.67 54.80 -48.35
N GLU E 69 34.96 54.05 -47.53
CA GLU E 69 33.64 53.55 -47.94
C GLU E 69 32.67 54.70 -47.93
N GLN E 70 31.99 54.90 -46.80
CA GLN E 70 31.10 56.04 -46.51
C GLN E 70 30.72 56.98 -47.72
N LEU E 71 30.39 56.35 -48.84
CA LEU E 71 29.49 56.92 -49.82
C LEU E 71 28.09 56.60 -49.31
N MET E 72 27.98 55.52 -48.52
CA MET E 72 26.85 55.30 -47.62
C MET E 72 25.50 55.19 -48.32
N GLY E 73 24.71 56.29 -48.33
CA GLY E 73 23.27 56.21 -48.53
C GLY E 73 22.76 55.74 -49.90
N VAL E 74 23.66 55.51 -50.85
CA VAL E 74 23.34 54.94 -52.15
C VAL E 74 22.60 53.61 -52.09
N ASN E 75 21.49 53.52 -52.84
CA ASN E 75 20.70 52.29 -52.93
C ASN E 75 20.05 51.99 -54.29
N TYR E 76 20.37 52.80 -55.30
CA TYR E 76 19.76 52.67 -56.60
C TYR E 76 20.70 53.32 -57.57
N CYS E 77 20.72 52.85 -58.81
CA CYS E 77 21.67 53.38 -59.77
C CYS E 77 21.17 53.26 -61.20
N GLN E 78 21.69 54.14 -62.05
CA GLN E 78 21.45 54.08 -63.49
C GLN E 78 22.73 53.69 -64.16
N VAL E 79 22.57 52.89 -65.19
CA VAL E 79 23.65 52.58 -66.10
C VAL E 79 23.13 52.88 -67.48
N GLN E 80 23.97 53.50 -68.32
CA GLN E 80 23.70 53.53 -69.75
C GLN E 80 24.91 53.11 -70.53
N TYR E 81 24.74 52.05 -71.30
CA TYR E 81 25.82 51.48 -72.08
C TYR E 81 26.04 52.37 -73.29
N ILE E 82 27.31 52.58 -73.61
CA ILE E 82 27.70 53.35 -74.79
C ILE E 82 28.82 52.58 -75.47
N GLN E 83 28.83 52.47 -76.80
CA GLN E 83 27.78 52.92 -77.67
C GLN E 83 26.76 51.81 -77.75
N SER E 84 25.51 52.23 -77.69
CA SER E 84 24.36 51.38 -77.43
C SER E 84 23.32 52.39 -76.93
N ASN E 85 23.77 53.24 -76.00
CA ASN E 85 22.94 54.31 -75.42
C ASN E 85 21.62 53.83 -74.87
N ARG E 86 21.57 52.54 -74.49
CA ARG E 86 20.40 51.98 -73.87
C ARG E 86 20.57 52.10 -72.38
N VAL E 87 19.47 52.36 -71.69
CA VAL E 87 19.51 52.61 -70.26
C VAL E 87 18.85 51.45 -69.53
N GLU E 88 19.34 51.20 -68.31
CA GLU E 88 18.85 50.11 -67.46
C GLU E 88 19.11 50.50 -66.00
N TYR E 89 18.09 50.43 -65.15
CA TYR E 89 18.24 50.76 -63.75
C TYR E 89 18.33 49.52 -62.88
N LEU E 90 19.06 49.63 -61.77
CA LEU E 90 19.29 48.52 -60.86
C LEU E 90 19.21 49.01 -59.43
N PHE E 91 18.87 48.11 -58.52
CA PHE E 91 18.98 48.35 -57.09
C PHE E 91 20.38 47.98 -56.69
N VAL E 92 20.97 48.75 -55.78
CA VAL E 92 22.25 48.36 -55.20
C VAL E 92 21.95 47.77 -53.82
N THR E 93 22.30 46.50 -53.67
CA THR E 93 21.84 45.66 -52.57
C THR E 93 22.74 45.79 -51.37
N ASP E 94 24.04 45.87 -51.61
CA ASP E 94 25.01 45.93 -50.54
C ASP E 94 26.27 46.57 -51.05
N ILE E 95 26.95 47.30 -50.17
CA ILE E 95 28.24 47.89 -50.50
C ILE E 95 29.33 47.31 -49.59
N GLN E 96 29.85 46.14 -49.95
CA GLN E 96 30.99 45.57 -49.26
C GLN E 96 32.24 46.36 -49.67
N GLN E 97 33.07 46.72 -48.69
CA GLN E 97 34.25 47.52 -48.94
C GLN E 97 35.46 46.60 -49.12
N LEU E 98 36.51 47.08 -49.78
CA LEU E 98 37.73 46.30 -49.97
C LEU E 98 38.94 46.93 -49.29
N ASN E 99 39.20 48.19 -49.60
CA ASN E 99 40.28 48.94 -48.96
C ASN E 99 39.85 50.37 -48.67
N ASP E 100 40.74 51.16 -48.07
CA ASP E 100 40.40 52.51 -47.61
C ASP E 100 39.98 53.51 -48.72
N LYS E 101 39.64 53.04 -49.92
CA LYS E 101 38.88 53.86 -50.88
C LYS E 101 38.11 53.17 -52.02
N VAL E 102 38.39 51.89 -52.25
CA VAL E 102 37.76 51.14 -53.34
C VAL E 102 36.73 50.13 -52.80
N CYS E 103 35.46 50.55 -52.73
CA CYS E 103 34.37 49.71 -52.24
C CYS E 103 33.64 49.05 -53.42
N GLU E 104 33.19 47.82 -53.22
CA GLU E 104 32.59 47.01 -54.29
C GLU E 104 31.08 46.87 -54.13
N LEU E 105 30.35 47.17 -55.20
CA LEU E 105 28.89 47.21 -55.16
C LEU E 105 28.26 45.98 -55.78
N SER E 106 27.29 45.38 -55.09
CA SER E 106 26.49 44.31 -55.66
C SER E 106 25.17 44.91 -56.11
N LEU E 107 24.63 44.38 -57.20
CA LEU E 107 23.50 44.99 -57.89
C LEU E 107 22.48 43.96 -58.33
N VAL E 108 21.26 44.42 -58.57
CA VAL E 108 20.19 43.56 -59.08
C VAL E 108 19.15 44.37 -59.86
N PRO E 109 18.79 43.90 -61.07
CA PRO E 109 18.12 44.83 -62.00
C PRO E 109 16.72 45.18 -61.58
N ASP E 110 16.39 46.46 -61.71
CA ASP E 110 15.05 46.93 -61.38
C ASP E 110 14.27 46.86 -62.67
N VAL E 111 14.02 45.61 -63.06
CA VAL E 111 13.27 45.32 -64.27
C VAL E 111 11.96 46.09 -64.35
N VAL E 112 11.39 46.42 -63.19
CA VAL E 112 10.08 47.07 -63.18
C VAL E 112 10.18 48.52 -63.71
N MET E 113 11.30 49.17 -63.42
CA MET E 113 11.53 50.54 -63.86
C MET E 113 12.06 50.57 -65.29
N THR E 114 12.83 49.55 -65.63
CA THR E 114 13.54 49.56 -66.89
C THR E 114 12.60 49.40 -68.11
N TYR E 115 11.76 48.37 -68.06
CA TYR E 115 11.02 47.94 -69.23
C TYR E 115 9.55 48.36 -69.28
N THR E 116 8.92 48.54 -68.12
CA THR E 116 7.48 48.69 -68.05
C THR E 116 6.99 50.12 -68.34
N GLN E 117 7.94 51.03 -68.55
CA GLN E 117 7.60 52.44 -68.59
C GLN E 117 6.62 52.80 -69.66
N GLY E 118 5.74 53.72 -69.33
CA GLY E 118 4.72 54.20 -70.25
C GLY E 118 3.53 53.29 -70.44
N ASN E 119 2.92 53.38 -71.61
CA ASN E 119 1.65 52.74 -71.91
C ASN E 119 1.84 51.36 -72.49
N VAL E 120 2.66 50.54 -71.84
CA VAL E 120 3.01 49.24 -72.39
C VAL E 120 2.03 48.19 -71.94
N LEU E 121 1.98 47.97 -70.64
CA LEU E 121 1.24 46.86 -70.03
C LEU E 121 -0.24 46.85 -70.42
N ASN E 122 -0.76 48.00 -70.84
CA ASN E 122 -2.14 48.11 -71.29
C ASN E 122 -2.37 47.36 -72.60
N THR E 123 -1.31 47.27 -73.41
CA THR E 123 -1.40 46.60 -74.70
C THR E 123 -1.60 45.11 -74.52
N LEU E 124 -1.18 44.58 -73.38
CA LEU E 124 -1.23 43.14 -73.11
C LEU E 124 -2.64 42.57 -73.15
N ASN E 125 -2.84 41.50 -73.92
CA ASN E 125 -4.14 40.84 -74.00
C ASN E 125 -4.05 39.42 -73.49
N ASN E 126 -5.19 38.90 -73.08
CA ASN E 126 -5.32 37.52 -72.65
C ASN E 126 -4.39 37.18 -71.49
N VAL E 127 -4.29 38.08 -70.51
CA VAL E 127 -3.52 37.78 -69.30
C VAL E 127 -4.49 37.66 -68.16
N ASN E 128 -4.30 36.61 -67.36
CA ASN E 128 -5.08 36.45 -66.14
C ASN E 128 -4.60 37.46 -65.13
N VAL E 129 -5.43 38.45 -64.83
CA VAL E 129 -5.09 39.42 -63.80
C VAL E 129 -5.64 38.92 -62.50
N ILE E 130 -5.19 39.56 -61.43
CA ILE E 130 -5.60 39.16 -60.10
C ILE E 130 -6.21 40.36 -59.43
N ARG E 131 -5.41 41.41 -59.29
CA ARG E 131 -5.83 42.62 -58.63
C ARG E 131 -5.31 43.77 -59.42
N GLN E 132 -6.18 44.71 -59.74
CA GLN E 132 -5.74 45.99 -60.27
C GLN E 132 -6.62 47.11 -59.78
N HIS E 133 -6.37 48.29 -60.33
CA HIS E 133 -7.19 49.43 -60.07
C HIS E 133 -8.04 49.66 -61.32
N TYR E 134 -9.24 50.20 -61.12
CA TYR E 134 -10.24 50.23 -62.19
C TYR E 134 -10.47 51.59 -62.82
N THR E 135 -10.75 51.60 -64.12
CA THR E 135 -11.20 52.81 -64.80
C THR E 135 -12.62 53.03 -64.31
N GLN E 136 -13.17 54.23 -64.47
CA GLN E 136 -14.52 54.50 -63.97
C GLN E 136 -15.55 53.57 -64.60
N THR E 137 -15.38 53.26 -65.88
CA THR E 137 -16.31 52.39 -66.57
C THR E 137 -16.25 50.99 -65.98
N GLU E 138 -15.05 50.41 -65.98
CA GLU E 138 -14.85 49.06 -65.50
C GLU E 138 -15.21 48.94 -64.02
N TYR E 139 -15.02 50.04 -63.30
CA TYR E 139 -15.45 50.12 -61.91
C TYR E 139 -16.94 49.78 -61.83
N GLU E 140 -17.76 50.57 -62.51
CA GLU E 140 -19.20 50.35 -62.48
C GLU E 140 -19.58 48.91 -62.85
N GLN E 141 -18.72 48.22 -63.60
CA GLN E 141 -18.99 46.85 -64.02
C GLN E 141 -18.67 45.81 -62.95
N ASN E 142 -17.43 45.75 -62.51
CA ASN E 142 -17.07 44.89 -61.40
C ASN E 142 -17.47 45.59 -60.08
N LEU E 143 -18.62 46.27 -60.01
CA LEU E 143 -19.00 47.01 -58.79
C LEU E 143 -19.83 46.15 -57.84
N GLU E 144 -20.89 45.55 -58.39
CA GLU E 144 -21.72 44.64 -57.62
C GLU E 144 -20.82 43.60 -56.99
N GLN E 145 -19.82 43.15 -57.74
CA GLN E 145 -18.81 42.28 -57.16
C GLN E 145 -18.23 42.94 -55.92
N ILE E 146 -17.49 44.03 -56.11
CA ILE E 146 -16.64 44.56 -55.03
C ILE E 146 -17.40 44.90 -53.71
N ARG E 147 -18.73 45.08 -53.82
CA ARG E 147 -19.56 45.36 -52.65
C ARG E 147 -20.03 44.08 -51.98
N SER E 148 -20.06 42.97 -52.72
CA SER E 148 -20.52 41.67 -52.19
C SER E 148 -19.39 40.69 -51.80
N ASN E 149 -18.27 40.70 -52.52
CA ASN E 149 -17.19 39.73 -52.26
C ASN E 149 -16.60 39.90 -50.85
N ASN E 150 -15.83 38.92 -50.41
CA ASN E 150 -15.25 38.96 -49.08
C ASN E 150 -13.85 39.54 -49.07
N ASP E 151 -13.49 40.18 -50.17
CA ASP E 151 -12.27 40.94 -50.30
C ASP E 151 -12.41 42.30 -49.60
N VAL E 152 -12.27 42.31 -48.27
CA VAL E 152 -12.26 43.58 -47.49
C VAL E 152 -11.41 43.41 -46.23
N LEU E 153 -10.94 44.54 -45.70
CA LEU E 153 -10.07 44.56 -44.51
C LEU E 153 -10.78 44.20 -43.21
N ALA E 154 -10.08 43.48 -42.34
CA ALA E 154 -10.53 43.20 -40.97
C ALA E 154 -11.16 44.42 -40.34
N THR E 155 -12.45 44.32 -40.02
CA THR E 155 -13.19 45.44 -39.44
C THR E 155 -14.05 44.98 -38.26
N SER E 156 -14.10 45.79 -37.20
CA SER E 156 -14.72 45.36 -35.94
C SER E 156 -15.50 46.43 -35.13
N THR E 157 -15.65 47.64 -35.64
CA THR E 157 -16.01 48.77 -34.80
C THR E 157 -17.26 49.47 -35.28
N MET E 158 -18.30 48.71 -35.58
CA MET E 158 -19.54 49.29 -36.01
C MET E 158 -20.22 49.93 -34.81
N ARG E 159 -20.91 51.04 -35.06
CA ARG E 159 -21.65 51.76 -34.04
C ARG E 159 -22.87 52.40 -34.68
N VAL E 160 -23.91 52.67 -33.89
CA VAL E 160 -25.09 53.35 -34.41
C VAL E 160 -24.68 54.79 -34.69
N HIS E 161 -24.50 55.07 -35.97
CA HIS E 161 -23.82 56.27 -36.39
C HIS E 161 -24.80 57.41 -36.46
N ALA E 162 -25.97 57.12 -37.01
CA ALA E 162 -27.02 58.12 -37.21
C ALA E 162 -28.39 57.48 -37.10
N ILE E 163 -29.41 58.28 -36.76
CA ILE E 163 -30.81 57.81 -36.78
C ILE E 163 -31.74 58.81 -37.43
N LYS E 164 -32.52 58.33 -38.40
CA LYS E 164 -33.59 59.11 -38.99
C LYS E 164 -34.84 58.33 -38.71
N SER E 165 -35.97 59.02 -38.59
CA SER E 165 -37.22 58.36 -38.26
C SER E 165 -38.44 59.11 -38.75
N GLU E 166 -39.38 58.38 -39.33
CA GLU E 166 -40.68 58.94 -39.74
C GLU E 166 -41.65 58.77 -38.61
N LEU E 167 -41.78 59.83 -37.84
CA LEU E 167 -42.55 59.78 -36.62
C LEU E 167 -44.04 59.96 -36.88
N PHE E 168 -44.86 59.18 -36.18
CA PHE E 168 -46.32 59.34 -36.23
C PHE E 168 -46.77 60.39 -35.26
N THR E 169 -47.02 61.55 -35.83
CA THR E 169 -47.09 62.77 -35.07
C THR E 169 -48.53 63.04 -34.67
N GLN E 170 -49.47 62.81 -35.59
CA GLN E 170 -50.90 62.97 -35.31
C GLN E 170 -51.60 61.67 -35.63
N LEU E 171 -52.81 61.50 -35.10
CA LEU E 171 -53.54 60.25 -35.25
C LEU E 171 -54.94 60.44 -35.82
N GLU E 172 -55.51 59.31 -36.25
CA GLU E 172 -56.85 59.23 -36.81
C GLU E 172 -57.53 58.00 -36.19
N TYR E 173 -58.86 57.89 -36.32
CA TYR E 173 -59.61 56.82 -35.68
C TYR E 173 -60.72 56.24 -36.56
N ILE E 174 -60.82 54.90 -36.55
CA ILE E 174 -61.97 54.22 -37.12
C ILE E 174 -62.87 53.71 -36.01
N LEU E 175 -64.11 54.17 -36.03
CA LEU E 175 -65.10 53.70 -35.10
C LEU E 175 -65.90 52.72 -35.89
N THR E 176 -65.66 51.44 -35.64
CA THR E 176 -66.26 50.40 -36.47
C THR E 176 -67.32 49.63 -35.68
N ILE E 177 -68.59 49.91 -35.99
CA ILE E 177 -69.75 49.35 -35.28
C ILE E 177 -70.74 48.71 -36.25
N GLY E 178 -71.61 47.87 -35.71
CA GLY E 178 -72.54 47.08 -36.50
C GLY E 178 -73.94 47.62 -36.44
N ALA E 179 -74.08 48.90 -36.72
CA ALA E 179 -75.36 49.57 -36.68
C ALA E 179 -75.22 50.85 -37.47
N ASN E 180 -76.24 51.19 -38.26
CA ASN E 180 -76.19 52.41 -39.05
C ASN E 180 -76.38 53.68 -38.21
N LEU E 181 -75.29 54.23 -37.70
CA LEU E 181 -75.30 55.44 -36.84
C LEU E 181 -76.09 56.65 -37.35
N ARG E 182 -76.42 56.71 -38.63
CA ARG E 182 -77.02 57.91 -39.21
C ARG E 182 -78.52 57.73 -39.61
N LYS E 183 -79.25 56.88 -38.90
CA LYS E 183 -80.73 56.86 -38.94
C LYS E 183 -81.34 56.55 -37.56
N SER E 184 -82.67 56.58 -37.46
CA SER E 184 -83.37 56.62 -36.17
C SER E 184 -83.05 55.51 -35.16
N PHE E 185 -82.69 55.90 -33.93
CA PHE E 185 -82.49 54.95 -32.83
C PHE E 185 -83.79 54.71 -32.07
N GLY E 186 -84.53 55.79 -31.82
CA GLY E 186 -85.74 55.73 -31.02
C GLY E 186 -85.48 56.14 -29.59
N THR E 187 -86.24 55.58 -28.66
CA THR E 187 -86.08 55.85 -27.22
C THR E 187 -85.99 54.56 -26.44
N ALA E 188 -85.81 54.69 -25.11
CA ALA E 188 -85.67 53.54 -24.22
C ALA E 188 -86.84 52.55 -24.35
N GLU E 189 -88.05 53.09 -24.33
CA GLU E 189 -89.26 52.25 -24.31
C GLU E 189 -89.58 51.72 -25.70
N LYS E 190 -89.29 52.52 -26.72
CA LYS E 190 -89.45 52.11 -28.11
C LYS E 190 -88.07 52.15 -28.80
N PRO E 191 -87.34 51.02 -28.78
CA PRO E 191 -86.02 50.99 -29.41
C PRO E 191 -86.04 50.54 -30.87
N LYS E 192 -85.21 51.14 -31.71
CA LYS E 192 -85.00 50.72 -33.10
C LYS E 192 -83.52 50.39 -33.26
N PHE E 193 -83.22 49.37 -34.06
CA PHE E 193 -81.84 48.91 -34.27
C PHE E 193 -81.47 48.92 -35.77
N PRO E 194 -81.05 50.10 -36.30
CA PRO E 194 -80.72 50.22 -37.73
C PRO E 194 -79.54 49.34 -38.14
N SER E 195 -79.78 48.36 -39.01
CA SER E 195 -78.74 47.44 -39.43
C SER E 195 -77.62 48.17 -40.16
N SER E 196 -76.38 47.73 -39.93
CA SER E 196 -75.20 48.34 -40.55
C SER E 196 -75.15 48.08 -42.05
N SER E 197 -75.00 49.15 -42.82
CA SER E 197 -75.00 49.02 -44.29
C SER E 197 -73.81 48.21 -44.83
N GLY E 198 -72.61 48.49 -44.33
CA GLY E 198 -71.40 47.90 -44.88
C GLY E 198 -70.73 48.79 -45.91
N SER E 199 -69.41 48.90 -45.82
CA SER E 199 -68.61 49.63 -46.80
C SER E 199 -67.48 48.74 -47.31
N THR E 200 -66.69 49.24 -48.25
CA THR E 200 -65.62 48.42 -48.83
C THR E 200 -64.33 49.24 -49.01
N HIS E 201 -63.33 48.94 -48.20
CA HIS E 201 -62.08 49.68 -48.23
C HIS E 201 -60.93 48.74 -48.46
N ASP E 202 -60.02 49.14 -49.35
CA ASP E 202 -58.88 48.30 -49.72
C ASP E 202 -59.38 46.94 -50.19
N GLY E 203 -60.50 46.94 -50.89
CA GLY E 203 -61.02 45.72 -51.47
C GLY E 203 -61.43 44.64 -50.48
N ILE E 204 -61.86 45.04 -49.29
CA ILE E 204 -62.45 44.10 -48.34
C ILE E 204 -63.79 44.65 -47.89
N TYR E 205 -64.85 43.89 -48.15
CA TYR E 205 -66.18 44.30 -47.70
C TYR E 205 -66.33 44.00 -46.24
N ASN E 206 -66.81 45.03 -45.54
CA ASN E 206 -67.07 44.96 -44.12
C ASN E 206 -68.57 44.87 -43.91
N PRO E 207 -69.04 43.83 -43.20
CA PRO E 207 -70.46 43.88 -42.87
C PRO E 207 -70.82 45.06 -41.95
N TYR E 208 -69.81 45.68 -41.33
CA TYR E 208 -70.02 46.80 -40.39
C TYR E 208 -69.88 48.13 -41.07
N ASP E 209 -70.27 49.18 -40.35
CA ASP E 209 -70.01 50.53 -40.78
C ASP E 209 -68.69 50.95 -40.17
N MET E 210 -67.85 51.58 -40.98
CA MET E 210 -66.62 52.19 -40.51
C MET E 210 -66.83 53.71 -40.47
N TYR E 211 -66.66 54.33 -39.31
CA TYR E 211 -66.87 55.78 -39.17
C TYR E 211 -65.57 56.51 -38.83
N TRP E 212 -65.30 57.56 -39.59
CA TRP E 212 -64.03 58.24 -39.57
C TRP E 212 -63.99 59.35 -38.56
N PHE E 213 -62.81 59.60 -38.01
CA PHE E 213 -62.57 60.76 -37.15
C PHE E 213 -61.11 61.15 -37.25
N ASN E 214 -60.83 62.43 -37.42
CA ASN E 214 -59.46 62.91 -37.42
C ASN E 214 -59.22 63.93 -36.31
N ASP E 215 -60.15 63.95 -35.34
CA ASP E 215 -59.98 64.73 -34.11
C ASP E 215 -60.51 63.92 -32.94
N TYR E 216 -59.77 63.89 -31.83
CA TYR E 216 -60.20 63.11 -30.68
C TYR E 216 -61.55 63.64 -30.21
N GLU E 217 -61.62 64.96 -30.05
CA GLU E 217 -62.82 65.60 -29.51
C GLU E 217 -64.04 65.21 -30.32
N SER E 218 -63.88 65.13 -31.65
CA SER E 218 -64.96 64.73 -32.56
C SER E 218 -65.47 63.34 -32.18
N LEU E 219 -64.54 62.41 -32.02
CA LEU E 219 -64.88 61.05 -31.62
C LEU E 219 -65.45 61.01 -30.20
N LYS E 220 -64.94 61.86 -29.32
CA LYS E 220 -65.41 61.89 -27.94
C LYS E 220 -66.88 62.29 -27.88
N GLU E 221 -67.22 63.36 -28.59
CA GLU E 221 -68.60 63.86 -28.62
C GLU E 221 -69.59 62.78 -29.03
N VAL E 222 -69.15 61.88 -29.92
CA VAL E 222 -70.04 60.82 -30.41
C VAL E 222 -69.98 59.59 -29.49
N MET E 223 -68.83 59.34 -28.88
CA MET E 223 -68.75 58.26 -27.89
C MET E 223 -69.67 58.59 -26.72
N ASP E 224 -69.80 59.88 -26.44
CA ASP E 224 -70.66 60.39 -25.37
C ASP E 224 -72.13 60.32 -25.76
N TYR E 225 -72.45 60.84 -26.94
CA TYR E 225 -73.80 60.78 -27.48
C TYR E 225 -74.31 59.34 -27.44
N LEU E 226 -73.40 58.38 -27.63
CA LEU E 226 -73.77 56.98 -27.69
C LEU E 226 -74.10 56.36 -26.33
N THR E 227 -73.59 56.94 -25.25
CA THR E 227 -73.90 56.43 -23.92
C THR E 227 -75.39 56.46 -23.67
N GLY E 228 -76.09 57.41 -24.26
CA GLY E 228 -77.54 57.49 -24.12
C GLY E 228 -78.32 56.52 -25.00
N TYR E 229 -77.64 55.55 -25.60
CA TYR E 229 -78.31 54.52 -26.37
C TYR E 229 -77.54 53.20 -26.24
N PRO E 230 -77.63 52.58 -25.05
CA PRO E 230 -76.93 51.34 -24.73
C PRO E 230 -77.26 50.14 -25.63
N TRP E 231 -78.27 50.24 -26.50
CA TRP E 231 -78.64 49.13 -27.38
C TRP E 231 -78.03 49.33 -28.78
N ILE E 232 -77.64 50.57 -29.09
CA ILE E 232 -76.87 50.88 -30.29
C ILE E 232 -75.36 50.79 -29.99
N GLN E 233 -74.98 51.23 -28.80
CA GLN E 233 -73.59 51.16 -28.35
C GLN E 233 -73.15 49.70 -28.13
N GLN E 234 -74.12 48.84 -27.81
CA GLN E 234 -73.89 47.41 -27.62
C GLN E 234 -73.19 46.76 -28.82
N SER E 235 -73.38 47.35 -29.99
CA SER E 235 -72.83 46.79 -31.22
C SER E 235 -71.68 47.63 -31.77
N ILE E 236 -70.68 47.91 -30.92
CA ILE E 236 -69.40 48.44 -31.37
C ILE E 236 -68.39 47.29 -31.32
N LYS E 237 -67.62 47.10 -32.39
CA LYS E 237 -66.56 46.08 -32.41
C LYS E 237 -65.30 46.61 -31.72
N ASN E 238 -64.94 47.85 -32.06
CA ASN E 238 -63.84 48.54 -31.41
C ASN E 238 -63.80 49.96 -31.92
N VAL E 239 -62.97 50.76 -31.29
CA VAL E 239 -62.51 51.98 -31.92
C VAL E 239 -61.00 51.83 -32.00
N THR E 240 -60.45 51.83 -33.22
CA THR E 240 -59.03 51.65 -33.42
C THR E 240 -58.35 53.00 -33.61
N ILE E 241 -57.09 53.08 -33.17
CA ILE E 241 -56.28 54.27 -33.34
C ILE E 241 -55.22 53.99 -34.38
N ILE E 242 -55.32 54.66 -35.52
CA ILE E 242 -54.32 54.52 -36.58
C ILE E 242 -53.47 55.79 -36.68
N PRO E 243 -52.34 55.71 -37.42
CA PRO E 243 -51.55 56.92 -37.71
C PRO E 243 -52.13 57.79 -38.83
N SER E 244 -51.84 59.09 -38.75
CA SER E 244 -52.42 60.07 -39.65
C SER E 244 -52.04 59.87 -41.12
N GLY E 245 -52.85 60.46 -42.00
CA GLY E 245 -52.54 60.56 -43.41
C GLY E 245 -52.49 59.25 -44.17
N PHE E 246 -53.21 58.24 -43.70
CA PHE E 246 -53.25 56.99 -44.45
C PHE E 246 -54.55 56.79 -45.19
N ILE E 247 -55.56 57.60 -44.91
CA ILE E 247 -56.86 57.46 -45.57
C ILE E 247 -57.15 58.56 -46.59
N LYS E 248 -57.62 58.14 -47.77
CA LYS E 248 -57.86 59.07 -48.87
C LYS E 248 -59.15 59.82 -48.60
N GLN E 249 -59.16 61.11 -48.88
CA GLN E 249 -60.34 61.93 -48.62
C GLN E 249 -61.55 61.44 -49.39
N GLU E 250 -61.32 61.01 -50.63
CA GLU E 250 -62.38 60.47 -51.48
C GLU E 250 -62.65 58.99 -51.24
N SER E 251 -62.32 58.52 -50.04
CA SER E 251 -62.83 57.26 -49.53
C SER E 251 -63.82 57.55 -48.39
N LEU E 252 -64.12 58.84 -48.17
CA LEU E 252 -64.98 59.28 -47.08
C LEU E 252 -66.23 60.02 -47.55
N ASN E 253 -67.38 59.61 -47.02
CA ASN E 253 -68.61 60.37 -47.20
C ASN E 253 -68.46 61.71 -46.51
N ASP E 254 -69.30 62.65 -46.89
CA ASP E 254 -69.31 63.96 -46.25
C ASP E 254 -69.94 63.80 -44.87
N HIS E 255 -69.94 64.90 -44.12
CA HIS E 255 -70.49 64.89 -42.77
C HIS E 255 -72.00 64.67 -42.77
N GLU E 256 -72.44 63.43 -42.53
CA GLU E 256 -73.86 63.12 -42.35
C GLU E 256 -74.21 63.17 -40.86
N PRO E 257 -75.43 63.63 -40.51
CA PRO E 257 -75.78 63.74 -39.10
C PRO E 257 -75.99 62.38 -38.43
N VAL E 258 -75.76 62.32 -37.13
CA VAL E 258 -75.87 61.08 -36.35
C VAL E 258 -77.36 60.72 -36.18
N ASN E 259 -77.80 60.26 -35.00
CA ASN E 259 -79.18 59.82 -34.83
C ASN E 259 -80.15 60.94 -35.15
N GLY E 260 -80.04 62.05 -34.43
CA GLY E 260 -80.90 63.17 -34.66
C GLY E 260 -80.54 63.84 -35.98
N GLY E 261 -79.43 64.59 -36.00
CA GLY E 261 -78.53 64.71 -34.88
C GLY E 261 -77.80 66.04 -34.87
N ASP E 262 -77.20 66.33 -33.72
CA ASP E 262 -76.42 67.54 -33.55
C ASP E 262 -74.98 67.29 -34.05
N LEU E 263 -74.60 66.02 -34.12
CA LEU E 263 -73.24 65.61 -34.42
C LEU E 263 -73.17 65.00 -35.81
N SER E 264 -71.98 64.98 -36.39
CA SER E 264 -71.79 64.38 -37.71
C SER E 264 -70.67 63.34 -37.71
N VAL E 265 -70.90 62.24 -38.42
CA VAL E 265 -69.92 61.18 -38.58
C VAL E 265 -69.76 60.83 -40.07
N ARG E 266 -68.53 60.51 -40.47
CA ARG E 266 -68.22 60.29 -41.88
C ARG E 266 -67.98 58.81 -42.23
N LYS E 267 -68.94 58.20 -42.89
CA LYS E 267 -68.81 56.81 -43.32
C LYS E 267 -67.60 56.66 -44.24
N LEU E 268 -66.75 55.66 -43.95
CA LEU E 268 -65.56 55.38 -44.77
C LEU E 268 -65.78 54.15 -45.65
N GLY E 269 -65.90 54.36 -46.96
CA GLY E 269 -66.12 53.25 -47.89
C GLY E 269 -65.71 53.65 -49.28
N LYS E 270 -66.70 53.90 -50.14
CA LYS E 270 -66.44 54.41 -51.48
C LYS E 270 -65.40 53.57 -52.25
N GLN E 271 -65.33 52.26 -51.97
CA GLN E 271 -64.47 51.33 -52.72
C GLN E 271 -62.96 51.60 -52.71
N GLY E 272 -62.53 52.78 -52.25
CA GLY E 272 -61.17 53.23 -52.48
C GLY E 272 -60.14 52.48 -51.65
N VAL E 273 -58.87 52.81 -51.89
CA VAL E 273 -57.77 52.22 -51.13
C VAL E 273 -57.19 53.25 -50.20
N SER E 274 -56.18 52.81 -49.48
CA SER E 274 -55.41 53.68 -48.60
C SER E 274 -54.24 54.30 -49.38
N ASN E 275 -53.58 55.28 -48.78
CA ASN E 275 -52.38 55.83 -49.38
C ASN E 275 -51.25 54.84 -49.18
N GLN E 276 -50.68 54.35 -50.29
CA GLN E 276 -49.53 53.46 -50.19
C GLN E 276 -48.27 54.29 -49.93
N LYS E 277 -48.29 54.96 -48.78
CA LYS E 277 -47.48 56.14 -48.49
C LYS E 277 -46.00 56.00 -48.83
N ASP E 278 -45.48 56.97 -49.58
CA ASP E 278 -44.02 57.07 -49.75
C ASP E 278 -43.52 57.62 -48.39
N PHE E 279 -42.81 56.77 -47.62
CA PHE E 279 -42.17 57.14 -46.33
C PHE E 279 -40.88 57.93 -46.54
N ASN E 280 -40.97 59.26 -46.53
CA ASN E 280 -39.85 60.08 -46.96
C ASN E 280 -38.94 60.58 -45.85
N ALA E 281 -39.47 60.84 -44.67
CA ALA E 281 -38.64 61.27 -43.54
C ALA E 281 -37.50 60.30 -43.25
N ILE E 282 -37.68 59.06 -43.68
CA ILE E 282 -36.76 57.99 -43.37
C ILE E 282 -35.93 57.57 -44.58
N SER E 283 -36.33 58.01 -45.77
CA SER E 283 -35.65 57.62 -47.02
C SER E 283 -34.47 58.51 -47.38
N LEU E 284 -33.39 57.90 -47.86
CA LEU E 284 -32.20 58.64 -48.33
C LEU E 284 -31.84 58.31 -49.76
N ASP E 285 -31.95 59.30 -50.63
CA ASP E 285 -31.54 59.14 -52.02
C ASP E 285 -30.04 59.00 -51.99
N TYR E 286 -29.44 58.69 -53.14
CA TYR E 286 -28.03 58.32 -53.20
C TYR E 286 -27.17 59.37 -52.54
N GLN E 287 -27.32 60.60 -53.02
CA GLN E 287 -26.52 61.70 -52.52
C GLN E 287 -26.70 61.84 -51.03
N SER E 288 -27.95 61.82 -50.60
CA SER E 288 -28.28 61.97 -49.20
C SER E 288 -27.79 60.80 -48.36
N LEU E 289 -27.71 59.61 -48.94
CA LEU E 289 -27.28 58.45 -48.18
C LEU E 289 -25.77 58.50 -47.90
N MET E 290 -25.00 58.62 -48.97
CA MET E 290 -23.55 58.68 -48.87
C MET E 290 -23.17 59.82 -47.95
N PHE E 291 -23.92 60.91 -48.05
CA PHE E 291 -23.81 62.07 -47.17
C PHE E 291 -23.92 61.66 -45.70
N THR E 292 -25.06 61.08 -45.33
CA THR E 292 -25.37 60.84 -43.92
C THR E 292 -24.38 59.89 -43.25
N LEU E 293 -23.73 59.06 -44.06
CA LEU E 293 -22.77 58.09 -43.59
C LEU E 293 -21.35 58.63 -43.56
N GLY E 294 -21.14 59.87 -43.97
CA GLY E 294 -19.81 60.46 -44.05
C GLY E 294 -18.96 59.72 -45.07
N LEU E 295 -19.59 59.33 -46.17
CA LEU E 295 -18.92 58.67 -47.29
C LEU E 295 -18.88 59.63 -48.43
N ASN E 296 -17.74 59.73 -49.11
CA ASN E 296 -17.61 60.62 -50.25
C ASN E 296 -18.35 60.05 -51.47
N PRO E 297 -19.45 60.69 -51.87
CA PRO E 297 -20.37 60.06 -52.82
C PRO E 297 -19.77 59.91 -54.21
N ILE E 298 -18.65 60.55 -54.45
CA ILE E 298 -18.12 60.69 -55.78
C ILE E 298 -17.35 59.42 -56.18
N ASN E 299 -16.65 58.82 -55.22
CA ASN E 299 -15.84 57.62 -55.49
C ASN E 299 -15.81 56.57 -54.37
N ASP E 300 -16.83 56.58 -53.49
CA ASP E 300 -16.92 55.57 -52.41
C ASP E 300 -18.17 54.71 -52.49
N LYS E 301 -18.81 54.61 -53.65
CA LYS E 301 -19.99 53.75 -53.75
C LYS E 301 -19.66 52.30 -53.43
N HIS E 302 -18.41 51.88 -53.68
CA HIS E 302 -17.97 50.52 -53.37
C HIS E 302 -17.86 50.22 -51.87
N LEU E 303 -18.09 51.23 -51.06
CA LEU E 303 -18.10 51.06 -49.60
C LEU E 303 -19.50 50.81 -48.98
N LEU E 304 -20.55 50.86 -49.80
CA LEU E 304 -21.88 50.50 -49.31
C LEU E 304 -22.02 49.00 -49.23
N ARG E 305 -21.34 48.43 -48.24
CA ARG E 305 -21.33 46.99 -48.05
C ARG E 305 -21.47 46.77 -46.57
N PRO E 306 -22.12 45.67 -46.18
CA PRO E 306 -22.55 45.44 -44.82
C PRO E 306 -21.49 45.57 -43.71
N ASN E 307 -20.23 45.24 -43.96
CA ASN E 307 -19.22 45.33 -42.89
C ASN E 307 -18.59 46.72 -42.75
N ILE E 308 -19.10 47.67 -43.52
CA ILE E 308 -18.75 49.07 -43.33
C ILE E 308 -19.95 49.91 -42.89
N VAL E 309 -21.14 49.60 -43.42
CA VAL E 309 -22.37 50.30 -43.05
C VAL E 309 -23.55 49.37 -42.95
N THR E 310 -24.41 49.62 -41.97
CA THR E 310 -25.57 48.77 -41.72
C THR E 310 -26.83 49.57 -41.44
N ALA E 311 -27.96 49.10 -41.95
CA ALA E 311 -29.22 49.82 -41.82
C ALA E 311 -30.30 48.90 -41.26
N GLU E 312 -31.06 49.40 -40.28
CA GLU E 312 -32.10 48.59 -39.64
C GLU E 312 -33.32 49.42 -39.28
N LEU E 313 -34.51 48.93 -39.61
CA LEU E 313 -35.74 49.60 -39.19
C LEU E 313 -36.30 48.97 -37.94
N THR E 314 -36.82 49.79 -37.04
CA THR E 314 -37.52 49.29 -35.85
C THR E 314 -38.64 50.22 -35.41
N ASP E 315 -39.68 49.62 -34.84
CA ASP E 315 -40.79 50.37 -34.27
C ASP E 315 -40.69 50.45 -32.76
N TYR E 316 -39.50 50.09 -32.25
CA TYR E 316 -39.21 50.06 -30.82
C TYR E 316 -40.19 49.16 -30.07
N ALA E 317 -40.79 48.21 -30.77
CA ALA E 317 -41.68 47.25 -30.14
C ALA E 317 -41.29 45.85 -30.57
N GLY E 318 -40.04 45.69 -30.98
CA GLY E 318 -39.56 44.39 -31.35
C GLY E 318 -39.78 44.02 -32.81
N ASN E 319 -40.68 44.69 -33.51
CA ASN E 319 -40.72 44.54 -34.97
C ASN E 319 -39.50 45.21 -35.56
N ARG E 320 -38.70 44.47 -36.31
CA ARG E 320 -37.47 45.00 -36.89
C ARG E 320 -37.37 44.69 -38.38
N LEU E 321 -36.45 45.34 -39.07
CA LEU E 321 -36.08 44.98 -40.44
C LEU E 321 -34.61 45.24 -40.71
N PRO E 322 -33.79 44.18 -40.85
CA PRO E 322 -32.39 44.37 -41.20
C PRO E 322 -32.25 44.69 -42.68
N ILE E 323 -31.25 45.50 -43.03
CA ILE E 323 -31.01 45.86 -44.42
C ILE E 323 -29.51 45.77 -44.76
N ASP E 324 -29.24 45.14 -45.91
CA ASP E 324 -27.89 44.84 -46.36
C ASP E 324 -27.60 45.85 -47.45
N LEU E 325 -26.79 46.86 -47.14
CA LEU E 325 -26.65 48.01 -48.04
C LEU E 325 -25.98 47.67 -49.39
N SER E 326 -25.43 46.46 -49.52
CA SER E 326 -24.84 46.03 -50.78
C SER E 326 -25.87 45.65 -51.85
N LEU E 327 -27.17 45.80 -51.54
CA LEU E 327 -28.22 45.33 -52.42
C LEU E 327 -29.09 46.44 -53.03
N ILE E 328 -29.17 47.60 -52.36
CA ILE E 328 -29.78 48.79 -52.97
C ILE E 328 -28.90 49.29 -54.09
N GLU E 329 -29.42 49.27 -55.32
CA GLU E 329 -28.61 49.61 -56.50
C GLU E 329 -28.08 51.05 -56.45
N THR E 330 -28.96 51.98 -56.09
CA THR E 330 -28.55 53.36 -55.90
C THR E 330 -29.29 54.14 -54.81
N ASN E 331 -30.44 53.67 -54.35
CA ASN E 331 -31.22 54.46 -53.39
C ASN E 331 -31.88 53.66 -52.31
N LEU E 332 -31.64 54.11 -51.07
CA LEU E 332 -32.38 53.65 -49.90
C LEU E 332 -33.74 54.38 -49.84
N GLU E 333 -34.66 54.02 -50.75
CA GLU E 333 -36.05 54.53 -50.70
C GLU E 333 -36.97 53.53 -50.00
N PHE E 334 -37.67 54.02 -48.97
CA PHE E 334 -38.71 53.27 -48.28
C PHE E 334 -40.09 53.66 -48.82
N ASP E 335 -40.80 52.69 -49.40
CA ASP E 335 -42.22 52.84 -49.73
C ASP E 335 -42.98 51.90 -48.81
N SER E 336 -44.32 51.98 -48.79
CA SER E 336 -45.10 51.08 -47.93
C SER E 336 -46.29 50.42 -48.60
N PHE E 337 -46.86 49.46 -47.89
CA PHE E 337 -47.96 48.65 -48.36
C PHE E 337 -48.92 48.58 -47.22
N VAL E 338 -49.83 49.54 -47.21
CA VAL E 338 -50.76 49.69 -46.09
C VAL E 338 -52.17 49.33 -46.55
N THR E 339 -52.84 48.53 -45.72
CA THR E 339 -54.23 48.21 -45.91
C THR E 339 -54.91 48.65 -44.60
N MET E 340 -56.06 49.32 -44.71
CA MET E 340 -56.70 49.92 -43.55
C MET E 340 -58.20 49.70 -43.45
N GLY E 341 -58.75 50.06 -42.29
CA GLY E 341 -60.17 50.01 -42.05
C GLY E 341 -60.60 48.60 -41.71
N ALA E 342 -60.84 47.83 -42.76
CA ALA E 342 -61.19 46.42 -42.64
C ALA E 342 -60.11 45.62 -41.89
N LYS E 343 -58.86 45.78 -42.32
CA LYS E 343 -57.71 45.12 -41.71
C LYS E 343 -56.61 46.17 -41.54
N ASN E 344 -56.09 46.34 -40.33
CA ASN E 344 -55.15 47.42 -40.06
C ASN E 344 -53.71 46.95 -40.01
N GLU E 345 -52.93 47.30 -41.01
CA GLU E 345 -51.56 46.83 -41.11
C GLU E 345 -50.76 47.61 -42.13
N ILE E 346 -49.69 48.24 -41.64
CA ILE E 346 -48.74 48.94 -42.49
C ILE E 346 -47.48 48.13 -42.51
N LYS E 347 -47.10 47.61 -43.68
CA LYS E 347 -45.75 47.08 -43.84
C LYS E 347 -44.95 47.94 -44.81
N VAL E 348 -43.80 48.37 -44.32
CA VAL E 348 -42.93 49.28 -45.04
C VAL E 348 -41.73 48.46 -45.57
N TYR E 349 -41.52 48.54 -46.88
CA TYR E 349 -40.46 47.78 -47.53
C TYR E 349 -39.41 48.71 -48.10
N VAL E 350 -38.36 48.13 -48.65
CA VAL E 350 -37.29 48.92 -49.23
C VAL E 350 -37.33 48.66 -50.73
N LYS E 351 -37.31 49.74 -51.51
CA LYS E 351 -37.60 49.69 -52.94
C LYS E 351 -36.50 49.00 -53.74
N ASN E 352 -36.84 47.89 -54.39
CA ASN E 352 -35.93 47.21 -55.31
C ASN E 352 -34.68 46.66 -54.62
N TYR E 353 -34.92 46.15 -53.40
CA TYR E 353 -33.91 45.57 -52.56
C TYR E 353 -33.45 44.28 -53.23
N ASN E 354 -32.15 44.12 -53.41
CA ASN E 354 -31.55 42.93 -54.02
C ASN E 354 -31.90 42.84 -55.47
N ALA E 355 -32.47 43.90 -56.02
CA ALA E 355 -32.95 43.85 -57.38
C ALA E 355 -31.90 44.43 -58.30
N ARG E 356 -31.86 43.91 -59.52
CA ARG E 356 -31.11 44.52 -60.61
C ARG E 356 -32.05 45.38 -61.46
N GLY E 357 -32.53 46.47 -60.87
CA GLY E 357 -33.64 47.29 -61.38
C GLY E 357 -33.77 47.51 -62.88
N ASN E 358 -34.94 47.94 -63.37
CA ASN E 358 -36.09 48.36 -62.56
C ASN E 358 -37.20 47.30 -62.47
N ASN E 359 -36.89 46.09 -62.02
CA ASN E 359 -37.91 45.20 -61.49
C ASN E 359 -37.95 45.36 -59.97
N VAL E 360 -39.09 45.08 -59.34
CA VAL E 360 -39.15 45.15 -57.88
C VAL E 360 -38.39 43.96 -57.35
N GLY E 361 -37.78 44.14 -56.20
CA GLY E 361 -36.92 43.12 -55.65
C GLY E 361 -37.71 42.17 -54.80
N GLN E 362 -37.39 42.20 -53.52
CA GLN E 362 -38.07 41.36 -52.58
C GLN E 362 -39.47 41.91 -52.35
N TYR E 363 -39.67 43.17 -52.70
CA TYR E 363 -40.97 43.80 -52.54
C TYR E 363 -41.30 43.71 -51.04
N ILE E 364 -42.39 43.03 -50.69
CA ILE E 364 -42.88 43.04 -49.31
C ILE E 364 -42.46 41.78 -48.56
N ASP E 365 -41.81 40.84 -49.26
CA ASP E 365 -41.21 39.71 -48.57
C ASP E 365 -40.00 40.14 -47.71
N ASN E 366 -39.61 41.42 -47.80
CA ASN E 366 -38.63 42.01 -46.90
C ASN E 366 -39.11 43.34 -46.31
N ALA E 367 -40.01 43.24 -45.35
CA ALA E 367 -40.67 44.42 -44.80
C ALA E 367 -40.84 44.39 -43.28
N LEU E 368 -40.71 45.57 -42.69
CA LEU E 368 -41.05 45.82 -41.29
C LEU E 368 -42.55 45.96 -41.20
N THR E 369 -43.21 45.01 -40.55
CA THR E 369 -44.66 44.94 -40.62
C THR E 369 -45.30 45.38 -39.30
N ILE E 370 -46.15 46.41 -39.39
CA ILE E 370 -46.76 47.07 -38.23
C ILE E 370 -48.23 46.74 -38.18
N ASN E 371 -48.71 46.23 -37.04
CA ASN E 371 -50.16 46.05 -36.84
C ASN E 371 -50.66 45.75 -35.42
N ASN E 372 -49.95 46.24 -34.41
CA ASN E 372 -50.45 46.17 -33.04
C ASN E 372 -51.10 47.49 -32.63
N PHE E 373 -52.05 47.98 -33.44
CA PHE E 373 -52.66 49.29 -33.18
C PHE E 373 -53.57 49.33 -31.96
N ASP E 374 -53.65 50.47 -31.30
CA ASP E 374 -54.40 50.59 -30.06
C ASP E 374 -55.90 50.64 -30.33
N THR E 375 -56.68 49.96 -29.49
CA THR E 375 -58.12 50.17 -29.45
C THR E 375 -58.50 50.65 -28.07
N ILE E 376 -59.68 51.27 -27.97
CA ILE E 376 -60.03 52.00 -26.76
C ILE E 376 -61.28 51.41 -26.12
N GLY E 377 -61.26 51.26 -24.80
CA GLY E 377 -62.35 50.64 -24.07
C GLY E 377 -63.46 51.61 -23.75
N PHE E 378 -64.69 51.11 -23.63
CA PHE E 378 -65.83 51.96 -23.27
C PHE E 378 -66.78 51.29 -22.28
N SER E 379 -67.76 52.05 -21.78
CA SER E 379 -68.69 51.57 -20.77
C SER E 379 -70.14 51.71 -21.23
N VAL E 380 -70.98 50.77 -20.80
CA VAL E 380 -72.39 50.70 -21.20
C VAL E 380 -73.24 49.99 -20.15
N ASP E 381 -74.53 50.32 -20.08
CA ASP E 381 -75.46 49.59 -19.20
C ASP E 381 -76.64 49.04 -20.00
N ALA E 462 -71.80 46.95 -21.07
CA ALA E 462 -70.80 46.19 -20.33
C ALA E 462 -69.67 47.13 -19.99
N ILE E 463 -68.43 46.62 -19.95
CA ILE E 463 -67.27 47.44 -19.66
C ILE E 463 -66.15 47.13 -20.63
N THR E 464 -66.51 46.56 -21.78
CA THR E 464 -65.57 45.95 -22.75
C THR E 464 -64.27 46.73 -22.98
N GLU E 465 -63.14 46.04 -22.80
CA GLU E 465 -61.85 46.70 -22.55
C GLU E 465 -61.10 47.14 -23.78
N GLY E 466 -60.24 48.14 -23.60
CA GLY E 466 -59.39 48.64 -24.65
C GLY E 466 -58.11 47.83 -24.76
N HIS E 467 -57.50 47.86 -25.94
CA HIS E 467 -56.22 47.19 -26.17
C HIS E 467 -55.11 48.21 -26.36
N VAL E 468 -53.99 47.96 -25.69
CA VAL E 468 -52.86 48.88 -25.70
C VAL E 468 -51.69 48.32 -26.51
N GLY E 469 -51.06 49.18 -27.29
CA GLY E 469 -49.96 48.78 -28.14
C GLY E 469 -48.91 49.86 -28.25
N TYR E 470 -49.05 50.74 -29.22
CA TYR E 470 -48.06 51.79 -29.42
C TYR E 470 -48.39 53.05 -28.62
N ALA E 471 -49.41 53.01 -27.78
CA ALA E 471 -49.87 54.24 -27.13
C ALA E 471 -48.76 54.91 -26.30
N PRO E 472 -48.27 54.25 -25.23
CA PRO E 472 -47.33 54.95 -24.35
C PRO E 472 -46.02 55.35 -25.04
N LEU E 473 -45.72 54.68 -26.14
CA LEU E 473 -44.64 55.06 -27.01
C LEU E 473 -44.93 56.44 -27.59
N PHE E 474 -46.18 56.68 -27.99
CA PHE E 474 -46.54 57.93 -28.63
C PHE E 474 -46.49 59.11 -27.66
N LYS E 475 -46.81 58.87 -26.39
CA LYS E 475 -46.72 59.94 -25.41
C LYS E 475 -45.27 60.25 -25.04
N GLN E 476 -44.33 59.55 -25.68
CA GLN E 476 -42.90 59.89 -25.60
C GLN E 476 -42.36 60.34 -26.96
N ASP E 477 -43.26 60.57 -27.92
CA ASP E 477 -42.92 60.91 -29.29
C ASP E 477 -41.95 59.91 -29.89
N LYS E 478 -42.29 58.63 -29.76
CA LYS E 478 -41.53 57.55 -30.35
C LYS E 478 -42.43 56.56 -31.12
N PHE E 479 -43.72 56.88 -31.24
CA PHE E 479 -44.56 56.03 -32.04
C PHE E 479 -44.21 56.36 -33.45
N GLY E 480 -43.54 55.43 -34.10
CA GLY E 480 -43.15 55.66 -35.47
C GLY E 480 -42.13 54.66 -35.90
N VAL E 481 -41.77 54.71 -37.17
CA VAL E 481 -40.78 53.79 -37.73
C VAL E 481 -39.43 54.49 -37.77
N HIS E 482 -38.40 53.81 -37.26
CA HIS E 482 -37.07 54.38 -37.08
C HIS E 482 -35.99 53.61 -37.85
N LEU E 483 -35.00 54.33 -38.37
CA LEU E 483 -33.89 53.74 -39.14
C LEU E 483 -32.58 53.91 -38.39
N ARG E 484 -31.85 52.82 -38.25
CA ARG E 484 -30.57 52.84 -37.57
C ARG E 484 -29.47 52.63 -38.60
N LEU E 485 -28.85 53.74 -39.00
CA LEU E 485 -27.64 53.67 -39.78
C LEU E 485 -26.42 53.49 -38.88
N GLY E 486 -25.66 52.43 -39.18
CA GLY E 486 -24.48 52.09 -38.42
C GLY E 486 -23.27 52.26 -39.31
N ARG E 487 -22.15 52.65 -38.71
CA ARG E 487 -20.92 52.75 -39.47
C ARG E 487 -19.72 52.47 -38.60
N ILE E 488 -18.64 52.01 -39.22
CA ILE E 488 -17.39 51.77 -38.53
C ILE E 488 -16.68 53.07 -38.15
N SER E 489 -15.83 53.00 -37.13
CA SER E 489 -14.99 54.12 -36.68
C SER E 489 -14.43 54.89 -37.84
N GLN E 490 -14.28 56.20 -37.68
CA GLN E 490 -13.59 57.00 -38.69
C GLN E 490 -12.19 56.41 -39.02
N ASP E 491 -11.39 56.06 -38.00
CA ASP E 491 -10.05 55.52 -38.26
C ASP E 491 -10.21 54.25 -39.10
N GLU E 492 -11.03 53.31 -38.63
CA GLU E 492 -11.19 52.03 -39.33
C GLU E 492 -11.69 52.25 -40.75
N LEU E 493 -12.51 53.28 -40.95
CA LEU E 493 -13.01 53.61 -42.29
C LEU E 493 -11.86 54.01 -43.22
N ASN E 494 -10.84 54.65 -42.65
CA ASN E 494 -9.64 54.95 -43.39
C ASN E 494 -8.76 53.73 -43.64
N ASN E 495 -8.62 52.85 -42.65
CA ASN E 495 -7.84 51.63 -42.83
C ASN E 495 -8.35 50.88 -44.05
N VAL E 496 -9.67 50.91 -44.26
CA VAL E 496 -10.32 50.24 -45.38
C VAL E 496 -10.09 51.06 -46.63
N LYS E 497 -10.37 52.36 -46.52
CA LYS E 497 -10.13 53.28 -47.62
C LYS E 497 -8.71 53.05 -48.16
N LYS E 498 -7.75 53.04 -47.25
CA LYS E 498 -6.35 52.82 -47.56
C LYS E 498 -6.15 51.48 -48.26
N TYR E 499 -6.57 50.41 -47.60
CA TYR E 499 -6.42 49.05 -48.13
C TYR E 499 -6.83 48.90 -49.59
N TYR E 500 -8.00 49.46 -49.93
CA TYR E 500 -8.48 49.36 -51.30
C TYR E 500 -7.62 50.23 -52.21
N ASN E 501 -7.46 51.48 -51.81
CA ASN E 501 -6.65 52.44 -52.57
C ASN E 501 -5.23 51.97 -52.80
N MET E 502 -4.75 51.08 -51.95
CA MET E 502 -3.38 50.57 -52.03
C MET E 502 -3.26 49.34 -52.89
N PHE E 503 -4.20 48.41 -52.75
CA PHE E 503 -4.10 47.12 -53.41
C PHE E 503 -5.21 46.86 -54.40
N GLY E 504 -5.89 47.91 -54.86
CA GLY E 504 -6.95 47.70 -55.83
C GLY E 504 -8.03 46.76 -55.32
N TYR E 505 -8.79 46.19 -56.24
CA TYR E 505 -9.86 45.28 -55.90
C TYR E 505 -9.55 43.93 -56.51
N GLU E 506 -10.24 42.90 -56.04
CA GLU E 506 -10.02 41.54 -56.52
C GLU E 506 -10.81 41.27 -57.79
N CYS E 507 -10.10 41.02 -58.91
CA CYS E 507 -10.76 40.56 -60.13
C CYS E 507 -10.28 39.15 -60.46
N ASN E 508 -11.24 38.25 -60.68
CA ASN E 508 -10.95 36.86 -61.09
C ASN E 508 -11.00 36.68 -62.62
N ASP E 509 -10.52 37.69 -63.34
CA ASP E 509 -10.62 37.72 -64.78
C ASP E 509 -9.41 36.98 -65.33
N TYR E 510 -9.61 35.73 -65.74
CA TYR E 510 -8.61 35.07 -66.60
C TYR E 510 -8.80 35.68 -67.96
N SER E 511 -7.78 35.63 -68.83
CA SER E 511 -7.93 36.11 -70.21
C SER E 511 -8.62 37.49 -70.33
N THR E 512 -7.90 38.56 -70.02
CA THR E 512 -8.49 39.91 -70.08
C THR E 512 -7.37 40.91 -70.29
N LYS E 513 -7.68 42.01 -70.98
CA LYS E 513 -6.72 43.11 -71.12
C LYS E 513 -6.66 43.90 -69.81
N LEU E 514 -5.45 44.29 -69.44
CA LEU E 514 -5.26 45.06 -68.23
C LEU E 514 -6.15 46.28 -68.29
N SER E 515 -6.76 46.65 -67.16
CA SER E 515 -7.42 47.94 -67.08
C SER E 515 -6.35 48.98 -67.22
N ASP E 516 -6.73 50.24 -67.41
CA ASP E 516 -5.71 51.27 -67.58
C ASP E 516 -4.77 51.32 -66.38
N ILE E 517 -3.52 51.73 -66.67
CA ILE E 517 -2.42 51.75 -65.70
C ILE E 517 -2.38 53.09 -64.96
N THR E 518 -3.10 54.09 -65.48
CA THR E 518 -3.17 55.42 -64.89
C THR E 518 -4.61 55.73 -64.53
N SER E 519 -5.36 54.71 -64.16
CA SER E 519 -6.73 54.91 -63.76
C SER E 519 -6.72 55.94 -62.63
N MET E 520 -5.83 55.70 -61.67
CA MET E 520 -5.83 56.42 -60.42
C MET E 520 -5.05 57.74 -60.45
N SER E 521 -5.08 58.44 -59.33
CA SER E 521 -4.45 59.74 -59.17
C SER E 521 -3.15 59.67 -58.36
N ILE E 522 -3.03 58.64 -57.53
CA ILE E 522 -1.88 58.53 -56.64
C ILE E 522 -1.05 57.30 -56.97
N CYS E 523 -1.71 56.16 -57.12
CA CYS E 523 -1.00 54.92 -57.45
C CYS E 523 -1.96 53.88 -58.03
N ASN E 524 -1.42 52.99 -58.85
CA ASN E 524 -2.18 51.89 -59.43
C ASN E 524 -1.57 50.58 -59.01
N TRP E 525 -2.41 49.60 -58.70
CA TRP E 525 -1.88 48.33 -58.26
C TRP E 525 -1.96 47.59 -59.55
N VAL E 526 -1.14 46.55 -59.69
CA VAL E 526 -1.21 45.71 -60.88
C VAL E 526 -0.51 44.36 -60.62
N GLN E 527 -1.30 43.31 -60.67
CA GLN E 527 -0.87 41.97 -60.32
C GLN E 527 -1.47 40.96 -61.32
N PHE E 528 -0.63 40.27 -62.08
CA PHE E 528 -1.13 39.32 -63.08
C PHE E 528 -0.22 38.12 -63.47
N LYS E 529 -0.89 36.98 -63.59
CA LYS E 529 -0.31 35.69 -63.95
C LYS E 529 -0.11 35.75 -65.49
N GLY E 530 0.70 34.83 -66.03
CA GLY E 530 0.90 34.70 -67.48
C GLY E 530 -0.37 34.59 -68.33
N ILE E 531 -0.26 34.65 -69.66
CA ILE E 531 1.01 34.68 -70.38
C ILE E 531 1.19 35.86 -71.34
N TRP E 532 2.38 36.44 -71.24
CA TRP E 532 2.73 37.65 -71.94
C TRP E 532 4.24 37.74 -72.17
N THR E 533 4.63 38.47 -73.20
CA THR E 533 6.00 38.92 -73.34
C THR E 533 5.98 40.38 -73.75
N LEU E 534 6.99 41.14 -73.32
CA LEU E 534 7.16 42.50 -73.80
C LEU E 534 8.12 42.54 -74.96
N PRO E 535 7.82 43.38 -75.96
CA PRO E 535 8.66 43.40 -77.17
C PRO E 535 10.15 43.65 -76.88
N ASN E 536 11.00 42.67 -77.22
CA ASN E 536 12.47 42.81 -77.27
C ASN E 536 13.10 42.95 -75.91
N VAL E 537 12.87 41.95 -75.06
CA VAL E 537 13.40 41.97 -73.72
C VAL E 537 14.12 40.68 -73.45
N ASP E 538 15.31 40.79 -72.87
CA ASP E 538 16.13 39.64 -72.54
C ASP E 538 15.26 38.63 -71.83
N THR E 539 15.13 37.46 -72.42
CA THR E 539 14.27 36.41 -71.88
C THR E 539 14.47 36.18 -70.37
N GLY E 540 15.68 36.38 -69.88
CA GLY E 540 15.93 36.28 -68.46
C GLY E 540 15.13 37.32 -67.69
N HIS E 541 15.29 38.58 -68.10
CA HIS E 541 14.60 39.71 -67.48
C HIS E 541 13.09 39.57 -67.54
N MET E 542 12.61 38.88 -68.57
CA MET E 542 11.19 38.65 -68.69
C MET E 542 10.73 37.78 -67.54
N ASN E 543 11.40 36.64 -67.37
CA ASN E 543 11.07 35.70 -66.30
C ASN E 543 10.90 36.39 -64.98
N MET E 544 11.62 37.48 -64.80
CA MET E 544 11.46 38.31 -63.60
C MET E 544 10.16 39.12 -63.67
N LEU E 545 10.02 39.95 -64.70
CA LEU E 545 8.82 40.76 -64.87
C LEU E 545 7.56 39.90 -64.73
N ARG E 546 7.55 38.77 -65.45
CA ARG E 546 6.39 37.91 -65.49
C ARG E 546 5.98 37.52 -64.07
N ALA E 547 7.00 37.32 -63.21
CA ALA E 547 6.79 36.75 -61.87
C ALA E 547 6.74 37.82 -60.79
N LEU E 548 7.30 38.97 -61.10
CA LEU E 548 7.31 40.07 -60.17
C LEU E 548 5.89 40.62 -60.17
N PHE E 549 5.26 40.58 -61.33
CA PHE E 549 3.89 41.02 -61.47
C PHE E 549 2.88 39.98 -61.03
N GLU E 550 3.24 38.70 -61.07
CA GLU E 550 2.35 37.69 -60.49
C GLU E 550 2.10 37.99 -59.02
N ALA E 551 3.08 38.63 -58.37
CA ALA E 551 2.95 39.00 -56.96
C ALA E 551 2.65 40.49 -56.75
N GLY E 552 2.16 41.15 -57.79
CA GLY E 552 1.72 42.52 -57.67
C GLY E 552 2.84 43.55 -57.58
N VAL E 553 2.53 44.74 -58.07
CA VAL E 553 3.48 45.84 -58.11
C VAL E 553 2.71 47.16 -58.00
N ARG E 554 3.12 48.04 -57.07
CA ARG E 554 2.45 49.33 -56.98
C ARG E 554 3.14 50.33 -57.88
N LEU E 555 2.35 50.88 -58.81
CA LEU E 555 2.79 51.94 -59.72
C LEU E 555 2.38 53.32 -59.26
N TRP E 556 3.29 53.98 -58.57
CA TRP E 556 3.02 55.28 -58.07
C TRP E 556 3.13 56.24 -59.23
N HIS E 557 2.47 57.39 -59.13
CA HIS E 557 2.45 58.37 -60.20
C HIS E 557 3.29 59.63 -59.91
N LYS E 558 3.37 60.04 -58.64
CA LYS E 558 4.23 61.16 -58.25
C LYS E 558 5.18 60.71 -57.14
N GLU E 559 6.42 61.19 -57.16
CA GLU E 559 7.37 60.78 -56.14
C GLU E 559 6.95 61.31 -54.79
N SER E 560 6.42 62.54 -54.76
CA SER E 560 5.93 63.12 -53.52
C SER E 560 4.94 62.21 -52.80
N ASP E 561 4.10 61.52 -53.57
CA ASP E 561 3.10 60.62 -53.00
C ASP E 561 3.72 59.40 -52.33
N MET E 562 4.97 59.10 -52.64
CA MET E 562 5.67 57.96 -52.04
C MET E 562 6.25 58.23 -50.62
N ILE E 563 6.29 59.51 -50.22
CA ILE E 563 6.73 59.88 -48.88
C ILE E 563 5.80 60.94 -48.25
N ASN E 564 4.52 60.82 -48.52
CA ASN E 564 3.50 61.52 -47.78
C ASN E 564 2.27 60.64 -47.62
N ASN E 565 1.47 60.89 -46.60
CA ASN E 565 0.36 59.99 -46.30
C ASN E 565 -0.83 60.24 -47.22
N THR E 566 -0.59 60.30 -48.53
CA THR E 566 -1.59 60.77 -49.49
C THR E 566 -2.47 59.64 -50.05
N VAL E 567 -2.12 58.40 -49.75
CA VAL E 567 -2.74 57.28 -50.46
C VAL E 567 -4.21 57.19 -50.09
N VAL E 568 -4.55 57.77 -48.94
CA VAL E 568 -5.93 57.77 -48.45
C VAL E 568 -6.82 58.50 -49.46
N ASN E 569 -6.25 59.46 -50.20
CA ASN E 569 -7.00 60.21 -51.20
C ASN E 569 -6.79 59.74 -52.64
N ASN E 570 -6.42 58.47 -52.84
CA ASN E 570 -6.38 57.90 -54.18
C ASN E 570 -7.78 57.88 -54.74
N VAL E 571 -7.91 58.02 -56.07
CA VAL E 571 -9.22 58.20 -56.72
C VAL E 571 -9.12 58.18 -58.25
N ILE E 572 -10.24 57.91 -58.92
CA ILE E 572 -10.25 57.69 -60.37
C ILE E 572 -10.27 59.06 -61.04
N ILE E 573 -11.00 59.21 -62.15
CA ILE E 573 -11.14 60.49 -62.85
C ILE E 573 -12.43 60.49 -63.70
N LEU F 3 26.29 19.62 -86.98
CA LEU F 3 25.40 18.55 -87.40
C LEU F 3 23.93 18.99 -87.34
N SER F 4 23.64 20.29 -87.35
CA SER F 4 22.26 20.77 -87.14
C SER F 4 21.98 22.24 -87.40
N LYS F 5 20.90 22.51 -88.13
CA LYS F 5 20.50 23.86 -88.49
C LYS F 5 19.48 24.39 -87.50
N ILE F 6 19.61 25.67 -87.16
CA ILE F 6 18.84 26.26 -86.06
C ILE F 6 18.15 27.59 -86.39
N LYS F 7 16.85 27.68 -86.14
CA LYS F 7 16.15 28.98 -86.14
C LYS F 7 16.08 29.51 -84.71
N LEU F 8 15.96 30.82 -84.53
CA LEU F 8 15.89 31.42 -83.19
C LEU F 8 14.74 32.44 -82.96
N PHE F 9 13.51 31.95 -82.88
CA PHE F 9 12.32 32.82 -82.98
C PHE F 9 12.20 33.94 -81.96
N TYR F 10 11.77 35.10 -82.45
CA TYR F 10 11.72 36.32 -81.65
C TYR F 10 10.32 36.64 -81.11
N ASN F 11 10.27 37.21 -79.91
CA ASN F 11 9.02 37.63 -79.25
C ASN F 11 7.84 36.68 -79.44
N THR F 12 8.05 35.45 -78.98
CA THR F 12 7.12 34.38 -79.22
C THR F 12 6.08 34.39 -78.08
N PRO F 13 4.86 33.85 -78.32
CA PRO F 13 3.85 33.66 -77.25
C PRO F 13 4.13 32.48 -76.32
N PHE F 14 4.71 31.42 -76.86
CA PHE F 14 5.15 30.23 -76.12
C PHE F 14 6.25 30.48 -75.07
N ASN F 15 5.85 30.85 -73.85
CA ASN F 15 6.78 31.00 -72.74
C ASN F 15 6.29 30.52 -71.38
N ASN F 16 4.99 30.24 -71.27
CA ASN F 16 4.48 29.38 -70.21
C ASN F 16 4.84 27.96 -70.61
N MET F 17 5.35 27.17 -69.67
CA MET F 17 5.94 25.87 -70.00
C MET F 17 4.79 24.86 -69.97
N GLN F 18 3.65 25.23 -70.55
CA GLN F 18 2.32 24.69 -70.17
C GLN F 18 1.11 25.30 -70.94
N ASN F 19 1.32 26.44 -71.62
CA ASN F 19 0.46 26.87 -72.72
C ASN F 19 1.14 26.66 -74.07
N THR F 20 0.47 25.92 -74.95
CA THR F 20 1.05 25.53 -76.22
C THR F 20 0.08 25.85 -77.36
N LEU F 21 0.55 25.69 -78.59
CA LEU F 21 -0.33 25.74 -79.74
C LEU F 21 -0.42 24.32 -80.31
N HIS F 22 -1.49 24.04 -81.04
CA HIS F 22 -1.73 22.71 -81.56
C HIS F 22 -2.16 22.73 -83.01
N PHE F 23 -1.51 21.86 -83.77
CA PHE F 23 -1.68 21.75 -85.22
C PHE F 23 -2.17 20.34 -85.55
N ASN F 24 -3.04 20.25 -86.55
CA ASN F 24 -3.60 18.98 -86.95
C ASN F 24 -2.54 17.94 -87.20
N SER F 25 -1.33 18.39 -87.49
CA SER F 25 -0.29 17.47 -87.85
C SER F 25 1.08 18.18 -87.81
N ASN F 26 2.13 17.45 -87.40
CA ASN F 26 3.55 17.93 -87.42
C ASN F 26 3.97 18.90 -88.52
N GLU F 27 4.33 18.41 -89.70
CA GLU F 27 4.81 19.28 -90.79
C GLU F 27 3.90 20.47 -91.22
N GLU F 28 2.77 20.67 -90.54
CA GLU F 28 1.84 21.72 -90.83
C GLU F 28 2.21 22.79 -89.83
N ARG F 29 2.79 22.37 -88.70
CA ARG F 29 3.41 23.27 -87.75
C ARG F 29 4.84 23.64 -88.15
N ASP F 30 5.56 22.72 -88.74
CA ASP F 30 6.87 23.08 -89.22
C ASP F 30 6.67 24.07 -90.35
N ALA F 31 5.61 23.89 -91.12
CA ALA F 31 5.28 24.82 -92.18
C ALA F 31 4.96 26.18 -91.57
N TYR F 32 4.23 26.16 -90.47
CA TYR F 32 3.92 27.37 -89.74
C TYR F 32 5.20 28.07 -89.30
N PHE F 33 5.96 27.39 -88.44
CA PHE F 33 7.18 27.97 -87.85
C PHE F 33 8.19 28.39 -88.88
N ASN F 34 8.48 27.52 -89.86
CA ASN F 34 9.45 27.84 -90.92
C ASN F 34 9.10 29.06 -91.77
N SER F 35 8.16 29.88 -91.30
CA SER F 35 7.67 30.97 -92.08
C SER F 35 7.05 32.03 -91.21
N LYS F 36 7.88 32.76 -90.46
CA LYS F 36 7.37 33.95 -89.79
C LYS F 36 8.42 34.96 -89.37
N PHE F 37 9.69 34.77 -89.74
CA PHE F 37 10.77 35.33 -88.90
C PHE F 37 10.91 36.84 -88.96
N ASP F 38 11.54 37.37 -87.90
CA ASP F 38 11.87 38.79 -87.72
C ASP F 38 13.34 39.23 -87.99
N VAL F 39 14.37 38.67 -87.33
CA VAL F 39 15.77 39.00 -87.72
C VAL F 39 16.98 38.01 -87.45
N HIS F 40 16.82 36.68 -87.51
CA HIS F 40 17.94 35.69 -87.24
C HIS F 40 17.75 34.13 -87.26
N GLU F 41 18.51 33.47 -88.14
CA GLU F 41 18.66 32.01 -88.18
C GLU F 41 20.13 31.67 -88.51
N PHE F 42 20.61 30.50 -88.08
CA PHE F 42 22.02 30.11 -88.27
C PHE F 42 22.26 28.59 -88.31
N THR F 43 23.51 28.17 -88.12
CA THR F 43 23.85 26.75 -88.06
C THR F 43 25.04 26.46 -87.12
N SER F 44 24.90 25.43 -86.29
CA SER F 44 25.95 25.05 -85.34
C SER F 44 25.70 23.61 -84.93
N THR F 45 26.03 23.26 -83.69
CA THR F 45 25.60 22.00 -83.10
C THR F 45 25.62 22.16 -81.58
N PHE F 46 25.02 21.22 -80.87
CA PHE F 46 24.83 21.41 -79.43
C PHE F 46 24.69 20.11 -78.61
N ASN F 47 24.99 20.25 -77.33
CA ASN F 47 25.11 19.12 -76.40
C ASN F 47 23.77 18.85 -75.72
N TYR F 48 23.71 17.93 -74.76
CA TYR F 48 22.44 17.59 -74.13
C TYR F 48 22.64 16.78 -72.85
N ARG F 49 21.70 16.91 -71.92
CA ARG F 49 21.73 16.15 -70.68
C ARG F 49 20.45 16.39 -69.88
N GLY F 53 16.03 18.31 -70.88
CA GLY F 53 16.85 19.44 -70.48
C GLY F 53 17.91 18.99 -69.49
N VAL F 54 18.79 19.88 -69.02
CA VAL F 54 18.93 21.27 -69.49
C VAL F 54 20.27 21.37 -70.22
N LEU F 55 20.40 22.25 -71.20
CA LEU F 55 21.59 22.28 -72.06
C LEU F 55 21.83 23.66 -72.69
N ARG F 56 23.02 23.82 -73.26
CA ARG F 56 23.43 25.11 -73.81
C ARG F 56 23.82 25.06 -75.27
N VAL F 57 23.66 26.19 -75.98
CA VAL F 57 24.17 26.36 -77.36
C VAL F 57 24.82 27.73 -77.55
N THR F 58 26.10 27.73 -77.92
CA THR F 58 26.82 28.98 -78.13
C THR F 58 26.39 29.51 -79.49
N ILE F 59 26.39 30.83 -79.63
CA ILE F 59 26.10 31.49 -80.90
C ILE F 59 26.73 32.89 -80.98
N ASP F 60 26.97 33.39 -82.19
CA ASP F 60 27.61 34.68 -82.33
C ASP F 60 27.06 35.56 -83.46
N LEU F 61 27.47 36.83 -83.40
CA LEU F 61 26.99 37.90 -84.28
C LEU F 61 28.15 38.79 -84.74
N VAL F 62 28.67 38.52 -85.94
CA VAL F 62 29.88 39.20 -86.43
C VAL F 62 29.53 40.62 -86.92
N SER F 63 28.27 40.82 -87.29
CA SER F 63 27.81 42.11 -87.81
C SER F 63 27.27 43.00 -86.71
N ASP F 64 28.09 43.92 -86.20
CA ASP F 64 27.64 44.78 -85.11
C ASP F 64 28.22 46.19 -85.06
N ARG F 65 27.44 47.02 -84.40
CA ARG F 65 27.72 48.44 -84.16
C ARG F 65 27.01 48.83 -82.86
N SER F 66 25.80 48.31 -82.68
CA SER F 66 25.07 48.41 -81.43
C SER F 66 24.30 47.10 -81.13
N CYS F 67 24.92 45.95 -81.37
CA CYS F 67 24.29 44.63 -81.15
C CYS F 67 24.99 43.91 -79.99
N PHE F 68 26.13 43.29 -80.28
CA PHE F 68 26.84 42.50 -79.28
C PHE F 68 25.94 41.35 -78.71
N GLU F 69 25.37 41.51 -77.53
CA GLU F 69 24.33 40.60 -77.09
C GLU F 69 23.07 40.97 -77.81
N GLN F 70 22.29 41.89 -77.24
CA GLN F 70 21.07 42.51 -77.82
C GLN F 70 20.50 41.93 -79.14
N LEU F 71 20.47 40.60 -79.18
CA LEU F 71 19.56 39.86 -80.03
C LEU F 71 18.26 39.83 -79.23
N MET F 72 18.39 39.91 -77.90
CA MET F 72 17.30 40.33 -77.03
C MET F 72 16.09 39.40 -77.09
N GLY F 73 15.02 39.78 -77.79
CA GLY F 73 13.69 39.26 -77.54
C GLY F 73 13.44 37.78 -77.82
N VAL F 74 14.45 37.07 -78.32
CA VAL F 74 14.39 35.62 -78.49
C VAL F 74 14.03 34.83 -77.25
N ASN F 75 13.06 33.91 -77.39
CA ASN F 75 12.66 33.07 -76.27
C ASN F 75 12.22 31.66 -76.62
N TYR F 76 12.37 31.28 -77.89
CA TYR F 76 11.92 29.99 -78.39
C TYR F 76 12.72 29.69 -79.63
N CYS F 77 12.97 28.42 -79.90
CA CYS F 77 13.80 28.10 -81.05
C CYS F 77 13.48 26.75 -81.63
N GLN F 78 13.82 26.60 -82.91
CA GLN F 78 13.72 25.32 -83.60
C GLN F 78 15.10 24.82 -83.88
N VAL F 79 15.25 23.52 -83.78
CA VAL F 79 16.44 22.84 -84.22
C VAL F 79 15.98 21.73 -85.12
N GLN F 80 16.70 21.52 -86.22
CA GLN F 80 16.52 20.27 -86.95
C GLN F 80 17.87 19.67 -87.25
N TYR F 81 18.05 18.44 -86.77
CA TYR F 81 19.29 17.72 -86.95
C TYR F 81 19.34 17.21 -88.38
N ILE F 82 20.52 17.30 -88.99
CA ILE F 82 20.77 16.79 -90.32
C ILE F 82 22.12 16.08 -90.28
N GLN F 83 22.27 14.91 -90.91
CA GLN F 83 21.18 14.18 -91.55
C GLN F 83 20.52 13.32 -90.48
N SER F 84 19.20 13.30 -90.56
CA SER F 84 18.31 12.85 -89.50
C SER F 84 17.00 13.54 -89.86
N ASN F 85 17.13 14.85 -90.14
CA ASN F 85 16.00 15.69 -90.53
C ASN F 85 14.82 15.62 -89.58
N ARG F 86 15.10 15.29 -88.31
CA ARG F 86 14.08 15.31 -87.28
C ARG F 86 14.08 16.67 -86.64
N VAL F 87 12.91 17.14 -86.27
CA VAL F 87 12.77 18.47 -85.71
C VAL F 87 12.39 18.36 -84.24
N GLU F 88 12.83 19.36 -83.45
CA GLU F 88 12.58 19.41 -82.01
C GLU F 88 12.61 20.87 -81.61
N TYR F 89 11.59 21.31 -80.89
CA TYR F 89 11.55 22.69 -80.41
C TYR F 89 11.90 22.82 -78.91
N LEU F 90 12.48 23.98 -78.56
CA LEU F 90 12.93 24.23 -77.20
C LEU F 90 12.65 25.67 -76.82
N PHE F 91 12.44 25.89 -75.53
CA PHE F 91 12.39 27.25 -74.99
C PHE F 91 13.81 27.71 -74.73
N VAL F 92 14.07 28.99 -74.97
CA VAL F 92 15.36 29.52 -74.59
C VAL F 92 15.09 30.28 -73.31
N THR F 93 15.74 29.82 -72.25
CA THR F 93 15.49 30.27 -70.89
C THR F 93 16.23 31.55 -70.48
N ASP F 94 17.48 31.65 -70.93
CA ASP F 94 18.33 32.79 -70.60
C ASP F 94 19.43 32.95 -71.64
N ILE F 95 19.80 34.20 -71.89
CA ILE F 95 20.90 34.50 -72.79
C ILE F 95 22.03 35.19 -72.05
N GLN F 96 22.86 34.40 -71.40
CA GLN F 96 24.06 34.91 -70.78
C GLN F 96 25.07 35.25 -71.88
N GLN F 97 25.66 36.42 -71.80
CA GLN F 97 26.62 36.88 -72.80
C GLN F 97 28.03 36.51 -72.37
N LEU F 98 28.98 36.43 -73.31
CA LEU F 98 30.39 36.16 -73.00
C LEU F 98 31.33 37.29 -73.40
N ASN F 99 31.23 37.72 -74.65
CA ASN F 99 31.98 38.87 -75.13
C ASN F 99 31.14 39.75 -76.06
N ASP F 100 31.73 40.83 -76.54
CA ASP F 100 31.01 41.83 -77.32
C ASP F 100 30.43 41.31 -78.66
N LYS F 101 30.33 39.99 -78.84
CA LYS F 101 29.46 39.47 -79.89
C LYS F 101 29.01 38.00 -79.78
N VAL F 102 29.64 37.20 -78.93
CA VAL F 102 29.32 35.78 -78.81
C VAL F 102 28.56 35.49 -77.51
N CYS F 103 27.24 35.50 -77.56
CA CYS F 103 26.38 35.26 -76.38
C CYS F 103 25.94 33.80 -76.32
N GLU F 104 25.86 33.24 -75.11
CA GLU F 104 25.57 31.82 -74.92
C GLU F 104 24.15 31.54 -74.42
N LEU F 105 23.43 30.66 -75.12
CA LEU F 105 22.01 30.39 -74.85
C LEU F 105 21.80 29.12 -74.09
N SER F 106 20.98 29.20 -73.04
CA SER F 106 20.57 28.01 -72.30
C SER F 106 19.19 27.64 -72.78
N LEU F 107 18.91 26.34 -72.83
CA LEU F 107 17.72 25.84 -73.50
C LEU F 107 17.06 24.75 -72.71
N VAL F 108 15.78 24.51 -72.99
CA VAL F 108 15.04 23.41 -72.35
C VAL F 108 13.90 22.95 -73.27
N PRO F 109 13.77 21.63 -73.44
CA PRO F 109 12.94 21.17 -74.57
C PRO F 109 11.45 21.41 -74.39
N ASP F 110 10.78 21.87 -75.44
CA ASP F 110 9.34 22.09 -75.39
C ASP F 110 8.72 20.81 -75.86
N VAL F 111 8.82 19.81 -75.01
CA VAL F 111 8.28 18.49 -75.29
C VAL F 111 6.83 18.53 -75.72
N VAL F 112 6.09 19.50 -75.22
CA VAL F 112 4.68 19.57 -75.54
C VAL F 112 4.45 19.87 -77.03
N MET F 113 5.32 20.69 -77.63
CA MET F 113 5.17 21.07 -79.03
C MET F 113 5.78 20.00 -79.92
N THR F 114 6.82 19.34 -79.41
CA THR F 114 7.63 18.46 -80.24
C THR F 114 6.86 17.20 -80.60
N TYR F 115 6.30 16.54 -79.59
CA TYR F 115 5.82 15.16 -79.73
C TYR F 115 4.29 15.01 -79.83
N THR F 116 3.56 15.94 -79.24
CA THR F 116 2.14 15.76 -79.05
C THR F 116 1.32 16.16 -80.25
N GLN F 117 1.98 16.65 -81.29
CA GLN F 117 1.27 17.26 -82.41
C GLN F 117 0.30 16.33 -83.10
N GLY F 118 -0.84 16.89 -83.50
CA GLY F 118 -1.86 16.15 -84.23
C GLY F 118 -2.74 15.30 -83.36
N ASN F 119 -3.25 14.24 -83.96
CA ASN F 119 -4.26 13.40 -83.35
C ASN F 119 -3.64 12.25 -82.54
N VAL F 120 -2.70 12.56 -81.64
CA VAL F 120 -1.96 11.51 -80.96
C VAL F 120 -2.65 11.14 -79.69
N LEU F 121 -2.75 12.12 -78.80
CA LEU F 121 -3.19 11.90 -77.43
C LEU F 121 -4.57 11.23 -77.33
N ASN F 122 -5.35 11.37 -78.41
CA ASN F 122 -6.67 10.75 -78.48
C ASN F 122 -6.57 9.23 -78.56
N THR F 123 -5.47 8.73 -79.10
CA THR F 123 -5.26 7.28 -79.23
C THR F 123 -5.05 6.63 -77.87
N LEU F 124 -4.60 7.41 -76.90
CA LEU F 124 -4.29 6.92 -75.57
C LEU F 124 -5.50 6.31 -74.84
N ASN F 125 -5.34 5.06 -74.38
CA ASN F 125 -6.39 4.39 -73.61
C ASN F 125 -5.96 4.12 -72.17
N ASN F 126 -6.95 4.02 -71.30
CA ASN F 126 -6.74 3.62 -69.91
C ASN F 126 -5.86 4.63 -69.19
N VAL F 127 -6.08 5.92 -69.45
CA VAL F 127 -5.36 6.93 -68.71
C VAL F 127 -6.34 7.63 -67.77
N ASN F 128 -5.94 7.78 -66.51
CA ASN F 128 -6.72 8.58 -65.57
C ASN F 128 -6.60 10.05 -65.95
N VAL F 129 -7.69 10.62 -66.45
CA VAL F 129 -7.73 12.04 -66.76
C VAL F 129 -8.22 12.76 -65.55
N ILE F 130 -8.05 14.07 -65.57
CA ILE F 130 -8.44 14.88 -64.44
C ILE F 130 -9.39 15.95 -64.93
N ARG F 131 -8.93 16.75 -65.87
CA ARG F 131 -9.74 17.81 -66.40
C ARG F 131 -9.50 17.82 -67.88
N GLN F 132 -10.58 17.88 -68.66
CA GLN F 132 -10.43 18.16 -70.08
C GLN F 132 -11.61 18.96 -70.56
N HIS F 133 -11.65 19.15 -71.88
CA HIS F 133 -12.77 19.76 -72.55
C HIS F 133 -13.56 18.66 -73.28
N TYR F 134 -14.88 18.84 -73.39
CA TYR F 134 -15.76 17.74 -73.77
C TYR F 134 -16.30 17.85 -75.15
N THR F 135 -16.44 16.69 -75.81
CA THR F 135 -17.14 16.63 -77.09
C THR F 135 -18.61 16.88 -76.72
N GLN F 136 -19.45 17.24 -77.69
CA GLN F 136 -20.87 17.50 -77.38
C GLN F 136 -21.55 16.27 -76.78
N THR F 137 -21.25 15.09 -77.29
CA THR F 137 -21.80 13.84 -76.77
C THR F 137 -21.40 13.65 -75.31
N GLU F 138 -20.10 13.62 -75.06
CA GLU F 138 -19.56 13.39 -73.73
C GLU F 138 -20.02 14.50 -72.78
N TYR F 139 -20.20 15.70 -73.32
CA TYR F 139 -20.73 16.82 -72.54
C TYR F 139 -22.07 16.41 -71.93
N GLU F 140 -23.01 16.04 -72.78
CA GLU F 140 -24.33 15.63 -72.33
C GLU F 140 -24.26 14.52 -71.26
N GLN F 141 -23.21 13.72 -71.29
CA GLN F 141 -23.07 12.62 -70.32
C GLN F 141 -22.54 13.07 -68.96
N ASN F 142 -21.37 13.68 -68.92
CA ASN F 142 -20.89 14.26 -67.68
C ASN F 142 -21.56 15.64 -67.45
N LEU F 143 -22.85 15.81 -67.79
CA LEU F 143 -23.52 17.13 -67.66
C LEU F 143 -24.17 17.30 -66.27
N GLU F 144 -24.95 16.30 -65.86
CA GLU F 144 -25.59 16.32 -64.55
C GLU F 144 -24.50 16.53 -63.52
N GLN F 145 -23.35 15.87 -63.73
CA GLN F 145 -22.18 16.14 -62.90
C GLN F 145 -21.91 17.64 -62.89
N ILE F 146 -21.47 18.19 -64.03
CA ILE F 146 -20.91 19.54 -64.04
C ILE F 146 -21.85 20.65 -63.50
N ARG F 147 -23.15 20.34 -63.40
CA ARG F 147 -24.13 21.26 -62.83
C ARG F 147 -24.33 21.08 -61.33
N SER F 148 -23.99 19.90 -60.82
CA SER F 148 -24.08 19.62 -59.38
C SER F 148 -22.75 19.66 -58.57
N ASN F 149 -21.60 19.31 -59.17
CA ASN F 149 -20.31 19.30 -58.45
C ASN F 149 -19.90 20.67 -57.94
N ASN F 150 -18.92 20.71 -57.05
CA ASN F 150 -18.48 21.97 -56.46
C ASN F 150 -17.29 22.58 -57.21
N ASP F 151 -17.03 22.04 -58.40
CA ASP F 151 -16.07 22.59 -59.32
C ASP F 151 -16.64 23.83 -60.04
N VAL F 152 -16.64 24.98 -59.36
CA VAL F 152 -17.04 26.27 -59.97
C VAL F 152 -16.31 27.44 -59.31
N LEU F 153 -16.17 28.54 -60.06
CA LEU F 153 -15.43 29.70 -59.60
C LEU F 153 -16.13 30.45 -58.46
N ALA F 154 -15.33 30.96 -57.52
CA ALA F 154 -15.78 31.89 -56.47
C ALA F 154 -16.76 32.93 -56.99
N THR F 155 -17.99 32.89 -56.51
CA THR F 155 -19.03 33.79 -56.99
C THR F 155 -19.83 34.34 -55.83
N SER F 156 -20.20 35.62 -55.91
CA SER F 156 -20.79 36.32 -54.76
C SER F 156 -21.89 37.36 -55.05
N THR F 157 -22.30 37.49 -56.30
CA THR F 157 -23.04 38.70 -56.70
C THR F 157 -24.40 38.39 -57.32
N MET F 158 -25.16 37.53 -56.66
CA MET F 158 -26.50 37.20 -57.12
C MET F 158 -27.41 38.37 -56.87
N ARG F 159 -28.36 38.56 -57.77
CA ARG F 159 -29.32 39.65 -57.67
C ARG F 159 -30.61 39.20 -58.33
N VAL F 160 -31.73 39.80 -57.92
CA VAL F 160 -33.03 39.45 -58.53
C VAL F 160 -32.99 40.03 -59.93
N HIS F 161 -32.78 39.13 -60.88
CA HIS F 161 -32.44 39.52 -62.23
C HIS F 161 -33.69 39.82 -63.02
N ALA F 162 -34.70 38.99 -62.84
CA ALA F 162 -35.94 39.10 -63.58
C ALA F 162 -37.11 38.57 -62.75
N ILE F 163 -38.32 39.04 -63.03
CA ILE F 163 -39.52 38.48 -62.40
C ILE F 163 -40.64 38.24 -63.41
N LYS F 164 -41.17 37.02 -63.39
CA LYS F 164 -42.38 36.67 -64.12
C LYS F 164 -43.39 36.24 -63.10
N SER F 165 -44.66 36.42 -63.40
CA SER F 165 -45.69 36.12 -62.43
C SER F 165 -47.02 35.83 -63.11
N GLU F 166 -47.69 34.78 -62.64
CA GLU F 166 -49.04 34.47 -63.08
C GLU F 166 -50.02 35.13 -62.14
N LEU F 167 -50.52 36.28 -62.58
CA LEU F 167 -51.34 37.13 -61.72
C LEU F 167 -52.79 36.67 -61.70
N PHE F 168 -53.42 36.69 -60.52
CA PHE F 168 -54.85 36.41 -60.41
C PHE F 168 -55.65 37.65 -60.67
N THR F 169 -56.20 37.68 -61.87
CA THR F 169 -56.64 38.92 -62.45
C THR F 169 -58.12 39.11 -62.19
N GLN F 170 -58.89 38.03 -62.31
CA GLN F 170 -60.32 38.04 -62.02
C GLN F 170 -60.62 36.96 -61.01
N LEU F 171 -61.78 37.06 -60.37
CA LEU F 171 -62.11 36.16 -59.28
C LEU F 171 -63.46 35.46 -59.48
N GLU F 172 -63.66 34.40 -58.71
CA GLU F 172 -64.88 33.61 -58.67
C GLU F 172 -65.25 33.36 -57.19
N TYR F 173 -66.50 32.97 -56.93
CA TYR F 173 -66.99 32.83 -55.54
C TYR F 173 -67.80 31.55 -55.33
N ILE F 174 -67.50 30.84 -54.24
CA ILE F 174 -68.38 29.76 -53.77
C ILE F 174 -69.21 30.26 -52.57
N LEU F 175 -70.53 30.21 -52.72
CA LEU F 175 -71.45 30.53 -51.64
C LEU F 175 -71.89 29.19 -51.12
N THR F 176 -71.36 28.81 -49.97
CA THR F 176 -71.55 27.48 -49.46
C THR F 176 -72.42 27.54 -48.21
N ILE F 177 -73.68 27.14 -48.37
CA ILE F 177 -74.67 27.22 -47.30
C ILE F 177 -75.37 25.87 -47.10
N GLY F 178 -76.01 25.71 -45.95
CA GLY F 178 -76.63 24.46 -45.57
C GLY F 178 -78.13 24.49 -45.72
N ALA F 179 -78.58 24.88 -46.90
CA ALA F 179 -80.00 25.00 -47.18
C ALA F 179 -80.16 25.00 -48.68
N ASN F 180 -81.15 24.29 -49.19
CA ASN F 180 -81.37 24.23 -50.63
C ASN F 180 -81.98 25.54 -51.17
N LEU F 181 -81.11 26.48 -51.54
CA LEU F 181 -81.53 27.79 -52.08
C LEU F 181 -82.58 27.81 -53.19
N ARG F 182 -82.79 26.68 -53.87
CA ARG F 182 -83.68 26.67 -55.05
C ARG F 182 -85.01 25.91 -54.83
N LYS F 183 -85.54 25.93 -53.61
CA LYS F 183 -86.94 25.59 -53.33
C LYS F 183 -87.57 26.47 -52.22
N SER F 184 -88.86 26.28 -51.92
CA SER F 184 -89.64 27.24 -51.13
C SER F 184 -89.10 27.58 -49.74
N PHE F 185 -88.96 28.88 -49.45
CA PHE F 185 -88.61 29.38 -48.12
C PHE F 185 -89.86 29.63 -47.28
N GLY F 186 -90.88 30.22 -47.90
CA GLY F 186 -92.09 30.61 -47.19
C GLY F 186 -92.07 32.09 -46.81
N THR F 187 -92.71 32.42 -45.69
CA THR F 187 -92.75 33.78 -45.18
C THR F 187 -92.36 33.82 -43.71
N ALA F 188 -92.33 35.04 -43.14
CA ALA F 188 -91.97 35.24 -41.76
C ALA F 188 -92.81 34.39 -40.80
N GLU F 189 -94.12 34.42 -41.00
CA GLU F 189 -95.05 33.75 -40.09
C GLU F 189 -95.10 32.24 -40.33
N LYS F 190 -94.97 31.85 -41.59
CA LYS F 190 -94.89 30.44 -41.97
C LYS F 190 -93.53 30.16 -42.62
N PRO F 191 -92.52 29.78 -41.82
CA PRO F 191 -91.19 29.50 -42.38
C PRO F 191 -90.99 28.03 -42.79
N LYS F 192 -90.28 27.82 -43.90
CA LYS F 192 -89.85 26.49 -44.34
C LYS F 192 -88.34 26.50 -44.46
N PHE F 193 -87.71 25.37 -44.11
CA PHE F 193 -86.24 25.28 -44.10
C PHE F 193 -85.78 24.12 -44.98
N PRO F 194 -85.65 24.37 -46.29
CA PRO F 194 -85.26 23.29 -47.22
C PRO F 194 -83.85 22.76 -46.94
N SER F 195 -83.74 21.49 -46.56
CA SER F 195 -82.44 20.88 -46.25
C SER F 195 -81.50 20.87 -47.45
N SER F 196 -80.22 21.10 -47.20
CA SER F 196 -79.22 21.12 -48.25
C SER F 196 -78.98 19.74 -48.86
N SER F 197 -79.07 19.66 -50.18
CA SER F 197 -78.91 18.39 -50.88
C SER F 197 -77.50 17.76 -50.74
N GLY F 198 -76.48 18.58 -50.90
CA GLY F 198 -75.12 18.07 -50.93
C GLY F 198 -74.63 17.80 -52.34
N SER F 199 -73.41 18.24 -52.63
CA SER F 199 -72.75 17.99 -53.91
C SER F 199 -71.38 17.36 -53.67
N THR F 200 -70.69 16.94 -54.73
CA THR F 200 -69.39 16.25 -54.61
C THR F 200 -68.36 16.78 -55.61
N HIS F 201 -67.38 17.53 -55.11
CA HIS F 201 -66.36 18.16 -55.95
C HIS F 201 -64.99 17.75 -55.51
N ASP F 202 -64.16 17.39 -56.49
CA ASP F 202 -62.81 16.90 -56.22
C ASP F 202 -62.86 15.70 -55.28
N GLY F 203 -63.87 14.86 -55.45
CA GLY F 203 -63.98 13.66 -54.66
C GLY F 203 -64.16 13.86 -53.16
N ILE F 204 -64.80 14.96 -52.76
CA ILE F 204 -65.19 15.15 -51.38
C ILE F 204 -66.67 15.53 -51.32
N TYR F 205 -67.46 14.71 -50.66
CA TYR F 205 -68.88 15.01 -50.48
C TYR F 205 -69.06 16.09 -49.44
N ASN F 206 -69.85 17.08 -49.81
CA ASN F 206 -70.19 18.19 -48.96
C ASN F 206 -71.64 18.00 -48.49
N PRO F 207 -71.87 17.99 -47.17
CA PRO F 207 -73.27 17.98 -46.76
C PRO F 207 -74.01 19.26 -47.17
N TYR F 208 -73.26 20.30 -47.52
CA TYR F 208 -73.83 21.59 -47.89
C TYR F 208 -74.01 21.72 -49.39
N ASP F 209 -74.75 22.75 -49.77
CA ASP F 209 -74.83 23.16 -51.16
C ASP F 209 -73.72 24.17 -51.42
N MET F 210 -72.99 23.98 -52.52
CA MET F 210 -72.03 24.95 -53.02
C MET F 210 -72.64 25.69 -54.22
N TYR F 211 -72.76 27.01 -54.12
CA TYR F 211 -73.38 27.80 -55.20
C TYR F 211 -72.38 28.73 -55.85
N TRP F 212 -72.35 28.66 -57.17
CA TRP F 212 -71.31 29.29 -57.97
C TRP F 212 -71.66 30.74 -58.35
N PHE F 213 -70.63 31.57 -58.49
CA PHE F 213 -70.77 32.91 -59.03
C PHE F 213 -69.46 33.31 -59.67
N ASN F 214 -69.52 33.84 -60.89
CA ASN F 214 -68.34 34.39 -61.52
C ASN F 214 -68.48 35.91 -61.78
N ASP F 215 -69.45 36.54 -61.12
CA ASP F 215 -69.61 38.00 -61.12
C ASP F 215 -69.98 38.45 -59.70
N TYR F 216 -69.34 39.51 -59.21
CA TYR F 216 -69.66 40.00 -57.87
C TYR F 216 -71.13 40.38 -57.80
N GLU F 217 -71.56 41.20 -58.76
CA GLU F 217 -72.93 41.71 -58.79
C GLU F 217 -73.92 40.55 -58.68
N SER F 218 -73.64 39.44 -59.37
CA SER F 218 -74.49 38.25 -59.33
C SER F 218 -74.63 37.75 -57.90
N LEU F 219 -73.51 37.60 -57.21
CA LEU F 219 -73.50 37.19 -55.82
C LEU F 219 -74.17 38.23 -54.92
N LYS F 220 -73.98 39.51 -55.23
CA LYS F 220 -74.54 40.59 -54.40
C LYS F 220 -76.06 40.54 -54.42
N GLU F 221 -76.62 40.40 -55.62
CA GLU F 221 -78.07 40.32 -55.80
C GLU F 221 -78.67 39.24 -54.95
N VAL F 222 -77.95 38.13 -54.78
CA VAL F 222 -78.45 36.99 -54.02
C VAL F 222 -78.15 37.18 -52.52
N MET F 223 -77.03 37.80 -52.20
CA MET F 223 -76.74 38.11 -50.80
C MET F 223 -77.81 39.07 -50.29
N ASP F 224 -78.31 39.93 -51.17
CA ASP F 224 -79.35 40.89 -50.82
C ASP F 224 -80.70 40.20 -50.69
N TYR F 225 -81.05 39.40 -51.70
CA TYR F 225 -82.30 38.64 -51.69
C TYR F 225 -82.40 37.84 -50.39
N LEU F 226 -81.25 37.41 -49.89
CA LEU F 226 -81.23 36.58 -48.69
C LEU F 226 -81.48 37.33 -47.39
N THR F 227 -81.22 38.65 -47.37
CA THR F 227 -81.49 39.43 -46.18
C THR F 227 -82.96 39.35 -45.78
N GLY F 228 -83.85 39.16 -46.76
CA GLY F 228 -85.25 39.01 -46.47
C GLY F 228 -85.65 37.62 -46.00
N TYR F 229 -84.69 36.76 -45.68
CA TYR F 229 -84.98 35.45 -45.12
C TYR F 229 -83.92 35.07 -44.09
N PRO F 230 -83.94 35.74 -42.93
CA PRO F 230 -82.94 35.53 -41.87
C PRO F 230 -82.84 34.10 -41.32
N TRP F 231 -83.76 33.21 -41.67
CA TRP F 231 -83.75 31.85 -41.16
C TRP F 231 -83.11 30.90 -42.17
N ILE F 232 -83.05 31.35 -43.43
CA ILE F 232 -82.31 30.66 -44.47
C ILE F 232 -80.88 31.20 -44.51
N GLN F 233 -80.72 32.50 -44.30
CA GLN F 233 -79.40 33.14 -44.25
C GLN F 233 -78.60 32.72 -43.04
N GLN F 234 -79.30 32.38 -41.96
CA GLN F 234 -78.69 31.85 -40.75
C GLN F 234 -77.75 30.67 -41.00
N SER F 235 -78.01 29.91 -42.07
CA SER F 235 -77.23 28.71 -42.37
C SER F 235 -76.33 28.90 -43.57
N ILE F 236 -75.51 29.94 -43.54
CA ILE F 236 -74.39 30.11 -44.48
C ILE F 236 -73.12 29.80 -43.71
N LYS F 237 -72.25 28.95 -44.28
CA LYS F 237 -70.95 28.65 -43.66
C LYS F 237 -69.95 29.76 -43.97
N ASN F 238 -69.92 30.19 -45.23
CA ASN F 238 -69.10 31.30 -45.66
C ASN F 238 -69.43 31.61 -47.11
N VAL F 239 -68.87 32.71 -47.58
CA VAL F 239 -68.72 32.89 -49.01
C VAL F 239 -67.23 33.08 -49.21
N THR F 240 -66.60 32.16 -49.93
CA THR F 240 -65.16 32.22 -50.17
C THR F 240 -64.87 32.87 -51.52
N ILE F 241 -63.73 33.55 -51.60
CA ILE F 241 -63.27 34.18 -52.83
C ILE F 241 -62.09 33.39 -53.37
N ILE F 242 -62.28 32.72 -54.49
CA ILE F 242 -61.19 31.99 -55.13
C ILE F 242 -60.72 32.73 -56.39
N PRO F 243 -59.58 32.30 -56.98
CA PRO F 243 -59.12 32.86 -58.26
C PRO F 243 -59.83 32.24 -59.45
N SER F 244 -59.96 33.04 -60.51
CA SER F 244 -60.67 32.65 -61.71
C SER F 244 -60.11 31.40 -62.43
N GLY F 245 -60.98 30.75 -63.20
CA GLY F 245 -60.57 29.69 -64.10
C GLY F 245 -60.12 28.39 -63.47
N PHE F 246 -60.56 28.13 -62.24
CA PHE F 246 -60.22 26.87 -61.59
C PHE F 246 -61.34 25.85 -61.58
N ILE F 247 -62.55 26.29 -61.92
CA ILE F 247 -63.71 25.38 -61.91
C ILE F 247 -64.21 25.03 -63.31
N LYS F 248 -64.44 23.73 -63.51
CA LYS F 248 -64.85 23.22 -64.81
C LYS F 248 -66.31 23.56 -65.04
N GLN F 249 -66.65 24.00 -66.26
CA GLN F 249 -68.02 24.37 -66.57
C GLN F 249 -68.97 23.21 -66.34
N GLU F 250 -68.54 22.01 -66.72
CA GLU F 250 -69.33 20.79 -66.53
C GLU F 250 -69.22 20.19 -65.13
N SER F 251 -68.89 21.02 -64.15
CA SER F 251 -69.08 20.70 -62.77
C SER F 251 -70.21 21.59 -62.21
N LEU F 252 -70.86 22.37 -63.08
CA LEU F 252 -71.88 23.32 -62.67
C LEU F 252 -73.24 23.04 -63.30
N ASN F 253 -74.28 23.02 -62.47
CA ASN F 253 -75.65 23.00 -62.97
C ASN F 253 -75.95 24.27 -63.72
N ASP F 254 -77.00 24.25 -64.52
CA ASP F 254 -77.43 25.43 -65.24
C ASP F 254 -78.10 26.39 -64.28
N HIS F 255 -78.43 27.59 -64.75
CA HIS F 255 -79.05 28.60 -63.92
C HIS F 255 -80.44 28.17 -63.46
N GLU F 256 -80.55 27.64 -62.24
CA GLU F 256 -81.84 27.34 -61.64
C GLU F 256 -82.30 28.54 -60.81
N PRO F 257 -83.61 28.81 -60.76
CA PRO F 257 -84.10 29.98 -60.02
C PRO F 257 -83.97 29.81 -58.50
N VAL F 258 -83.85 30.93 -57.79
CA VAL F 258 -83.68 30.91 -56.33
C VAL F 258 -85.03 30.55 -55.67
N ASN F 259 -85.41 31.21 -54.56
CA ASN F 259 -86.62 30.84 -53.85
C ASN F 259 -87.83 30.93 -54.76
N GLY F 260 -88.08 32.12 -55.29
CA GLY F 260 -89.20 32.31 -56.18
C GLY F 260 -88.93 31.64 -57.51
N GLY F 261 -88.07 32.23 -58.35
CA GLY F 261 -87.33 33.42 -58.02
C GLY F 261 -86.98 34.25 -59.23
N ASP F 262 -86.58 35.48 -58.97
CA ASP F 262 -86.18 36.40 -60.02
C ASP F 262 -84.70 36.17 -60.34
N LEU F 263 -83.98 35.53 -59.41
CA LEU F 263 -82.54 35.35 -59.49
C LEU F 263 -82.19 33.90 -59.74
N SER F 264 -81.01 33.65 -60.28
CA SER F 264 -80.56 32.29 -60.54
C SER F 264 -79.20 32.01 -59.91
N VAL F 265 -79.08 30.81 -59.33
CA VAL F 265 -77.82 30.36 -58.72
C VAL F 265 -77.46 28.98 -59.28
N ARG F 266 -76.16 28.73 -59.44
CA ARG F 266 -75.68 27.52 -60.08
C ARG F 266 -75.00 26.52 -59.12
N LYS F 267 -75.70 25.43 -58.81
CA LYS F 267 -75.17 24.41 -57.91
C LYS F 267 -73.91 23.82 -58.50
N LEU F 268 -72.85 23.75 -57.70
CA LEU F 268 -71.56 23.19 -58.12
C LEU F 268 -71.38 21.78 -57.55
N GLY F 269 -71.38 20.77 -58.41
CA GLY F 269 -71.19 19.40 -57.98
C GLY F 269 -70.82 18.49 -59.15
N LYS F 270 -71.79 17.69 -59.59
CA LYS F 270 -71.61 16.87 -60.78
C LYS F 270 -70.32 16.05 -60.70
N GLN F 271 -69.92 15.66 -59.49
CA GLN F 271 -68.79 14.73 -59.28
C GLN F 271 -67.42 15.21 -59.77
N GLY F 272 -67.38 16.29 -60.56
CA GLY F 272 -66.20 16.60 -61.33
C GLY F 272 -65.06 17.15 -60.49
N VAL F 273 -63.91 17.35 -61.12
CA VAL F 273 -62.73 17.93 -60.46
C VAL F 273 -62.53 19.36 -60.92
N SER F 274 -61.49 19.97 -60.37
CA SER F 274 -61.08 21.31 -60.75
C SER F 274 -60.07 21.21 -61.86
N ASN F 275 -59.72 22.34 -62.45
CA ASN F 275 -58.67 22.37 -63.45
C ASN F 275 -57.34 22.26 -62.75
N GLN F 276 -56.59 21.22 -63.06
CA GLN F 276 -55.24 21.08 -62.51
C GLN F 276 -54.25 22.00 -63.27
N LYS F 277 -54.55 23.29 -63.19
CA LYS F 277 -54.14 24.29 -64.16
C LYS F 277 -52.65 24.24 -64.52
N ASP F 278 -52.35 24.21 -65.82
CA ASP F 278 -50.97 24.44 -66.29
C ASP F 278 -50.73 25.97 -66.10
N PHE F 279 -49.88 26.32 -65.13
CA PHE F 279 -49.50 27.72 -64.84
C PHE F 279 -48.46 28.21 -65.86
N ASN F 280 -48.90 28.87 -66.92
CA ASN F 280 -48.01 29.17 -68.02
C ASN F 280 -47.36 30.54 -68.01
N ALA F 281 -48.04 31.54 -67.47
CA ALA F 281 -47.46 32.89 -67.39
C ALA F 281 -46.12 32.91 -66.64
N ILE F 282 -45.91 31.89 -65.82
CA ILE F 282 -44.75 31.81 -64.95
C ILE F 282 -43.74 30.76 -65.41
N SER F 283 -44.15 29.89 -66.35
CA SER F 283 -43.32 28.76 -66.83
C SER F 283 -42.40 29.16 -67.98
N LEU F 284 -41.17 28.66 -67.94
CA LEU F 284 -40.21 28.88 -69.02
C LEU F 284 -39.66 27.58 -69.59
N ASP F 285 -39.94 27.34 -70.86
CA ASP F 285 -39.38 26.19 -71.56
C ASP F 285 -37.90 26.45 -71.72
N TYR F 286 -37.16 25.47 -72.21
CA TYR F 286 -35.71 25.53 -72.18
C TYR F 286 -35.23 26.81 -72.85
N GLN F 287 -35.66 26.99 -74.08
CA GLN F 287 -35.22 28.12 -74.88
C GLN F 287 -35.54 29.41 -74.15
N SER F 288 -36.77 29.52 -73.67
CA SER F 288 -37.24 30.70 -72.98
C SER F 288 -36.50 30.93 -71.65
N LEU F 289 -36.03 29.86 -71.02
CA LEU F 289 -35.38 30.01 -69.73
C LEU F 289 -34.01 30.59 -69.90
N MET F 290 -33.22 29.92 -70.73
CA MET F 290 -31.86 30.33 -71.03
C MET F 290 -31.85 31.77 -71.51
N PHE F 291 -32.85 32.07 -72.34
CA PHE F 291 -33.12 33.42 -72.82
C PHE F 291 -33.25 34.41 -71.68
N THR F 292 -34.20 34.19 -70.77
CA THR F 292 -34.57 35.18 -69.75
C THR F 292 -33.43 35.47 -68.80
N LEU F 293 -32.52 34.51 -68.67
CA LEU F 293 -31.36 34.61 -67.79
C LEU F 293 -30.14 35.21 -68.48
N GLY F 294 -30.25 35.54 -69.77
CA GLY F 294 -29.10 36.03 -70.51
C GLY F 294 -28.01 34.97 -70.58
N LEU F 295 -28.41 33.71 -70.76
CA LEU F 295 -27.50 32.59 -70.96
C LEU F 295 -27.64 32.13 -72.39
N ASN F 296 -26.53 31.86 -73.05
CA ASN F 296 -26.57 31.38 -74.43
C ASN F 296 -27.04 29.93 -74.48
N PRO F 297 -28.25 29.68 -75.02
CA PRO F 297 -28.88 28.36 -74.84
C PRO F 297 -28.18 27.26 -75.59
N ILE F 298 -27.23 27.61 -76.45
CA ILE F 298 -26.65 26.67 -77.39
C ILE F 298 -25.53 25.86 -76.73
N ASN F 299 -24.77 26.50 -75.84
CA ASN F 299 -23.64 25.86 -75.15
C ASN F 299 -23.43 26.28 -73.69
N ASP F 300 -24.47 26.79 -73.04
CA ASP F 300 -24.36 27.19 -71.62
C ASP F 300 -25.29 26.40 -70.70
N LYS F 301 -25.79 25.25 -71.12
CA LYS F 301 -26.69 24.49 -70.26
C LYS F 301 -25.99 24.09 -68.94
N HIS F 302 -24.67 23.98 -68.98
CA HIS F 302 -23.90 23.63 -67.78
C HIS F 302 -23.86 24.73 -66.74
N LEU F 303 -24.39 25.90 -67.09
CA LEU F 303 -24.47 27.01 -66.14
C LEU F 303 -25.79 27.08 -65.38
N LEU F 304 -26.74 26.18 -65.66
CA LEU F 304 -27.94 26.13 -64.85
C LEU F 304 -27.64 25.40 -63.56
N ARG F 305 -26.94 26.09 -62.67
CA ARG F 305 -26.59 25.56 -61.37
C ARG F 305 -26.79 26.67 -60.36
N PRO F 306 -27.11 26.30 -59.12
CA PRO F 306 -27.61 27.26 -58.12
C PRO F 306 -26.73 28.47 -57.83
N ASN F 307 -25.40 28.36 -57.91
CA ASN F 307 -24.54 29.53 -57.60
C ASN F 307 -24.33 30.50 -58.75
N ILE F 308 -24.99 30.24 -59.87
CA ILE F 308 -25.06 31.18 -60.99
C ILE F 308 -26.48 31.71 -61.23
N VAL F 309 -27.49 30.84 -61.03
CA VAL F 309 -28.89 31.23 -61.17
C VAL F 309 -29.78 30.59 -60.13
N THR F 310 -30.75 31.36 -59.67
CA THR F 310 -31.65 30.92 -58.61
C THR F 310 -33.10 31.29 -58.90
N ALA F 311 -34.01 30.39 -58.56
CA ALA F 311 -35.43 30.58 -58.84
C ALA F 311 -36.27 30.36 -57.57
N GLU F 312 -37.20 31.26 -57.31
CA GLU F 312 -38.02 31.17 -56.11
C GLU F 312 -39.45 31.61 -56.39
N LEU F 313 -40.43 30.84 -55.91
CA LEU F 313 -41.81 31.27 -56.03
C LEU F 313 -42.28 31.89 -54.73
N THR F 314 -43.09 32.95 -54.82
CA THR F 314 -43.70 33.53 -53.64
C THR F 314 -45.07 34.13 -53.95
N ASP F 315 -45.96 34.08 -52.96
CA ASP F 315 -47.28 34.73 -53.06
C ASP F 315 -47.32 36.07 -52.34
N TYR F 316 -46.13 36.57 -52.02
CA TYR F 316 -45.98 37.80 -51.26
C TYR F 316 -46.73 37.76 -49.94
N ALA F 317 -46.97 36.56 -49.41
CA ALA F 317 -47.61 36.40 -48.11
C ALA F 317 -46.82 35.43 -47.27
N GLY F 318 -45.54 35.25 -47.59
CA GLY F 318 -44.68 34.40 -46.79
C GLY F 318 -44.67 32.95 -47.22
N ASN F 319 -45.66 32.51 -47.96
CA ASN F 319 -45.54 31.21 -48.61
C ASN F 319 -44.52 31.35 -49.72
N ARG F 320 -43.49 30.50 -49.70
CA ARG F 320 -42.43 30.56 -50.71
C ARG F 320 -42.13 29.17 -51.27
N LEU F 321 -41.37 29.12 -52.37
CA LEU F 321 -40.81 27.85 -52.85
C LEU F 321 -39.44 28.07 -53.48
N PRO F 322 -38.37 27.61 -52.82
CA PRO F 322 -37.05 27.71 -53.43
C PRO F 322 -36.89 26.66 -54.54
N ILE F 323 -36.11 26.98 -55.57
CA ILE F 323 -35.85 26.04 -56.65
C ILE F 323 -34.36 26.02 -57.04
N ASP F 324 -33.82 24.82 -57.18
CA ASP F 324 -32.41 24.58 -57.49
C ASP F 324 -32.29 24.20 -58.95
N LEU F 325 -31.82 25.14 -59.76
CA LEU F 325 -31.96 25.00 -61.20
C LEU F 325 -31.14 23.84 -61.75
N SER F 326 -30.28 23.24 -60.93
CA SER F 326 -29.49 22.09 -61.37
C SER F 326 -30.31 20.78 -61.44
N LEU F 327 -31.61 20.85 -61.17
CA LEU F 327 -32.43 19.65 -61.07
C LEU F 327 -33.52 19.52 -62.15
N ILE F 328 -33.98 20.64 -62.70
CA ILE F 328 -34.83 20.59 -63.91
C ILE F 328 -34.05 20.07 -65.09
N GLU F 329 -34.43 18.92 -65.63
CA GLU F 329 -33.65 18.28 -66.70
C GLU F 329 -33.56 19.15 -67.96
N THR F 330 -34.67 19.75 -68.36
CA THR F 330 -34.68 20.68 -69.48
C THR F 330 -35.67 21.84 -69.40
N ASN F 331 -36.69 21.76 -68.55
CA ASN F 331 -37.69 22.81 -68.52
C ASN F 331 -38.18 23.17 -67.14
N LEU F 332 -38.21 24.48 -66.91
CA LEU F 332 -38.85 25.04 -65.76
C LEU F 332 -40.35 25.18 -66.03
N GLU F 333 -41.08 24.05 -66.07
CA GLU F 333 -42.55 24.07 -66.20
C GLU F 333 -43.22 23.96 -64.84
N PHE F 334 -44.10 24.93 -64.56
CA PHE F 334 -44.96 24.90 -63.39
C PHE F 334 -46.35 24.36 -63.74
N ASP F 335 -46.70 23.23 -63.12
CA ASP F 335 -48.07 22.71 -63.14
C ASP F 335 -48.64 22.87 -61.71
N SER F 336 -49.93 22.62 -61.51
CA SER F 336 -50.53 22.73 -60.16
C SER F 336 -51.41 21.55 -59.76
N PHE F 337 -51.75 21.56 -58.49
CA PHE F 337 -52.53 20.53 -57.87
C PHE F 337 -53.53 21.26 -57.01
N VAL F 338 -54.67 21.56 -57.61
CA VAL F 338 -55.69 22.35 -56.96
C VAL F 338 -56.91 21.48 -56.63
N THR F 339 -57.42 21.66 -55.43
CA THR F 339 -58.66 21.03 -55.01
C THR F 339 -59.50 22.19 -54.53
N MET F 340 -60.78 22.20 -54.92
CA MET F 340 -61.67 23.34 -54.68
C MET F 340 -63.08 22.99 -54.16
N GLY F 341 -63.76 24.03 -53.70
CA GLY F 341 -65.14 23.93 -53.26
C GLY F 341 -65.20 23.41 -51.84
N ALA F 342 -65.13 22.09 -51.74
CA ALA F 342 -65.12 21.42 -50.45
C ALA F 342 -63.94 21.88 -49.59
N LYS F 343 -62.73 21.86 -50.17
CA LYS F 343 -61.47 22.27 -49.52
C LYS F 343 -60.71 23.17 -50.49
N ASN F 344 -60.38 24.39 -50.07
CA ASN F 344 -59.79 25.36 -51.00
C ASN F 344 -58.28 25.50 -50.87
N GLU F 345 -57.56 24.96 -51.86
CA GLU F 345 -56.10 24.90 -51.79
C GLU F 345 -55.46 24.61 -53.14
N ILE F 346 -54.64 25.56 -53.60
CA ILE F 346 -53.86 25.38 -54.81
C ILE F 346 -52.42 25.24 -54.42
N LYS F 347 -51.83 24.09 -54.68
CA LYS F 347 -50.38 24.01 -54.57
C LYS F 347 -49.76 23.79 -55.94
N VAL F 348 -48.81 24.65 -56.26
CA VAL F 348 -48.17 24.70 -57.57
C VAL F 348 -46.78 24.10 -57.38
N TYR F 349 -46.50 23.07 -58.18
CA TYR F 349 -45.23 22.36 -58.11
C TYR F 349 -44.42 22.56 -59.40
N VAL F 350 -43.19 22.03 -59.43
CA VAL F 350 -42.33 22.17 -60.59
C VAL F 350 -42.17 20.78 -61.18
N LYS F 351 -42.41 20.69 -62.49
CA LYS F 351 -42.56 19.40 -63.15
C LYS F 351 -41.24 18.64 -63.20
N ASN F 352 -41.22 17.45 -62.59
CA ASN F 352 -40.08 16.53 -62.69
C ASN F 352 -38.80 17.11 -62.12
N TYR F 353 -38.99 17.83 -61.03
CA TYR F 353 -37.92 18.44 -60.28
C TYR F 353 -37.09 17.32 -59.65
N ASN F 354 -35.78 17.38 -59.86
CA ASN F 354 -34.85 16.37 -59.32
C ASN F 354 -35.04 15.03 -59.97
N ALA F 355 -35.83 14.98 -61.03
CA ALA F 355 -36.14 13.72 -61.64
C ALA F 355 -35.23 13.48 -62.83
N ARG F 356 -34.99 12.20 -63.09
CA ARG F 356 -34.34 11.76 -64.31
C ARG F 356 -35.39 11.26 -65.26
N GLY F 357 -36.20 12.21 -65.76
CA GLY F 357 -37.45 11.96 -66.50
C GLY F 357 -37.52 10.77 -67.47
N ASN F 358 -38.72 10.34 -67.86
CA ASN F 358 -39.98 11.01 -67.53
C ASN F 358 -40.77 10.30 -66.43
N ASN F 359 -40.18 10.15 -65.24
CA ASN F 359 -40.97 9.95 -64.02
C ASN F 359 -41.21 11.30 -63.37
N VAL F 360 -42.23 11.41 -62.54
CA VAL F 360 -42.40 12.66 -61.79
C VAL F 360 -41.38 12.66 -60.69
N GLY F 361 -40.92 13.84 -60.32
CA GLY F 361 -39.87 13.93 -59.36
C GLY F 361 -40.46 14.01 -57.98
N GLN F 362 -40.23 15.15 -57.34
CA GLN F 362 -40.75 15.38 -56.02
C GLN F 362 -42.28 15.53 -56.08
N TYR F 363 -42.79 15.85 -57.27
CA TYR F 363 -44.20 16.05 -57.47
C TYR F 363 -44.63 17.19 -56.53
N ILE F 364 -45.52 16.93 -55.57
CA ILE F 364 -46.08 18.00 -54.74
C ILE F 364 -45.38 18.11 -53.39
N ASP F 365 -44.48 17.19 -53.09
CA ASP F 365 -43.66 17.33 -51.91
C ASP F 365 -42.71 18.55 -52.02
N ASN F 366 -42.67 19.18 -53.19
CA ASN F 366 -41.95 20.42 -53.37
C ASN F 366 -42.84 21.41 -54.07
N ALA F 367 -43.76 21.99 -53.31
CA ALA F 367 -44.73 22.91 -53.85
C ALA F 367 -44.99 24.14 -52.97
N LEU F 368 -45.22 25.27 -53.66
CA LEU F 368 -45.71 26.49 -53.04
C LEU F 368 -47.18 26.32 -52.83
N THR F 369 -47.62 26.28 -51.57
CA THR F 369 -48.99 25.88 -51.28
C THR F 369 -49.83 27.06 -50.78
N ILE F 370 -50.91 27.35 -51.51
CA ILE F 370 -51.77 28.52 -51.30
C ILE F 370 -53.11 28.08 -50.74
N ASN F 371 -53.52 28.66 -49.61
CA ASN F 371 -54.88 28.42 -49.11
C ASN F 371 -55.37 29.35 -48.01
N ASN F 372 -54.91 30.59 -48.02
CA ASN F 372 -55.46 31.61 -47.14
C ASN F 372 -56.49 32.49 -47.87
N PHE F 373 -57.44 31.86 -48.56
CA PHE F 373 -58.40 32.61 -49.37
C PHE F 373 -59.39 33.44 -48.54
N ASP F 374 -59.84 34.54 -49.12
CA ASP F 374 -60.71 35.47 -48.39
C ASP F 374 -62.15 34.93 -48.27
N THR F 375 -62.78 35.15 -47.11
CA THR F 375 -64.23 34.98 -47.00
C THR F 375 -64.83 36.31 -46.58
N ILE F 376 -66.12 36.46 -46.81
CA ILE F 376 -66.76 37.77 -46.69
C ILE F 376 -67.85 37.74 -45.64
N GLY F 377 -67.88 38.79 -44.81
CA GLY F 377 -68.81 38.88 -43.70
C GLY F 377 -70.17 39.41 -44.10
N PHE F 378 -71.23 38.98 -43.42
CA PHE F 378 -72.59 39.45 -43.71
C PHE F 378 -73.37 39.76 -42.43
N SER F 379 -74.57 40.33 -42.59
CA SER F 379 -75.43 40.75 -41.47
C SER F 379 -76.83 40.14 -41.55
N VAL F 380 -77.40 39.84 -40.38
CA VAL F 380 -78.69 39.15 -40.29
C VAL F 380 -79.39 39.50 -38.96
N ASP F 381 -80.72 39.46 -38.95
CA ASP F 381 -81.51 39.62 -37.72
C ASP F 381 -82.41 38.43 -37.45
N ALA F 462 -77.13 37.48 -37.23
CA ALA F 462 -76.02 37.95 -36.40
C ALA F 462 -75.21 38.96 -37.21
N ILE F 463 -73.89 38.99 -37.02
CA ILE F 463 -73.03 39.91 -37.77
C ILE F 463 -71.80 39.18 -38.29
N THR F 464 -71.90 37.86 -38.36
CA THR F 464 -70.76 36.93 -38.53
C THR F 464 -69.71 37.44 -39.54
N GLU F 465 -68.45 37.49 -39.10
CA GLU F 465 -67.42 38.29 -39.75
C GLU F 465 -66.72 37.64 -40.91
N GLY F 466 -66.15 38.48 -41.79
CA GLY F 466 -65.39 38.01 -42.93
C GLY F 466 -63.93 37.78 -42.57
N HIS F 467 -63.26 36.91 -43.33
CA HIS F 467 -61.83 36.65 -43.16
C HIS F 467 -61.04 37.25 -44.31
N VAL F 468 -59.95 37.92 -43.97
CA VAL F 468 -59.14 38.61 -44.96
C VAL F 468 -57.79 37.90 -45.13
N GLY F 469 -57.33 37.81 -46.37
CA GLY F 469 -56.10 37.11 -46.70
C GLY F 469 -55.34 37.77 -47.84
N TYR F 470 -55.66 37.38 -49.07
CA TYR F 470 -55.01 37.97 -50.24
C TYR F 470 -55.74 39.20 -50.79
N ALA F 471 -56.78 39.67 -50.12
CA ALA F 471 -57.61 40.72 -50.68
C ALA F 471 -56.82 42.00 -50.98
N PRO F 472 -56.23 42.65 -49.96
CA PRO F 472 -55.60 43.95 -50.24
C PRO F 472 -54.42 43.85 -51.18
N LEU F 473 -53.84 42.64 -51.28
CA LEU F 473 -52.82 42.33 -52.29
C LEU F 473 -53.41 42.45 -53.69
N PHE F 474 -54.64 42.00 -53.85
CA PHE F 474 -55.29 42.03 -55.15
C PHE F 474 -55.62 43.45 -55.59
N LYS F 475 -55.97 44.33 -54.65
CA LYS F 475 -56.26 45.71 -55.02
C LYS F 475 -54.99 46.48 -55.39
N GLN F 476 -53.85 45.81 -55.33
CA GLN F 476 -52.59 46.36 -55.83
C GLN F 476 -52.07 45.54 -57.01
N ASP F 477 -52.92 44.65 -57.52
CA ASP F 477 -52.58 43.74 -58.60
C ASP F 477 -51.34 42.93 -58.28
N LYS F 478 -51.35 42.32 -57.11
CA LYS F 478 -50.27 41.46 -56.70
C LYS F 478 -50.80 40.14 -56.14
N PHE F 479 -52.10 39.94 -56.21
CA PHE F 479 -52.62 38.65 -55.81
C PHE F 479 -52.25 37.70 -56.91
N GLY F 480 -51.28 36.84 -56.63
CA GLY F 480 -50.89 35.87 -57.62
C GLY F 480 -49.59 35.24 -57.18
N VAL F 481 -49.15 34.26 -57.96
CA VAL F 481 -47.91 33.54 -57.69
C VAL F 481 -46.79 34.14 -58.55
N HIS F 482 -45.67 34.46 -57.92
CA HIS F 482 -44.56 35.17 -58.56
C HIS F 482 -43.26 34.39 -58.52
N LEU F 483 -42.47 34.51 -59.59
CA LEU F 483 -41.19 33.81 -59.75
C LEU F 483 -40.04 34.79 -59.74
N ARG F 484 -39.04 34.53 -58.90
CA ARG F 484 -37.86 35.38 -58.78
C ARG F 484 -36.67 34.64 -59.35
N LEU F 485 -36.33 34.98 -60.59
CA LEU F 485 -35.10 34.53 -61.20
C LEU F 485 -33.96 35.44 -60.79
N GLY F 486 -32.93 34.82 -60.23
CA GLY F 486 -31.77 35.55 -59.78
C GLY F 486 -30.60 35.13 -60.63
N ARG F 487 -29.68 36.06 -60.84
CA ARG F 487 -28.44 35.74 -61.54
C ARG F 487 -27.29 36.59 -61.02
N ILE F 488 -26.08 36.07 -61.20
CA ILE F 488 -24.86 36.79 -60.87
C ILE F 488 -24.56 37.93 -61.87
N SER F 489 -23.79 38.92 -61.42
CA SER F 489 -23.32 40.04 -62.27
C SER F 489 -22.89 39.58 -63.67
N GLN F 490 -23.11 40.42 -64.68
CA GLN F 490 -22.62 40.11 -66.02
C GLN F 490 -21.11 39.84 -65.97
N ASP F 491 -20.34 40.67 -65.26
CA ASP F 491 -18.89 40.48 -65.19
C ASP F 491 -18.65 39.10 -64.61
N GLU F 492 -19.23 38.85 -63.44
CA GLU F 492 -18.96 37.59 -62.74
C GLU F 492 -19.38 36.41 -63.61
N LEU F 493 -20.45 36.57 -64.36
CA LEU F 493 -20.90 35.52 -65.25
C LEU F 493 -19.79 35.17 -66.27
N ASN F 494 -19.04 36.18 -66.69
CA ASN F 494 -17.94 35.96 -67.59
C ASN F 494 -16.77 35.32 -66.89
N ASN F 495 -16.48 35.74 -65.65
CA ASN F 495 -15.37 35.15 -64.89
C ASN F 495 -15.56 33.63 -64.81
N VAL F 496 -16.82 33.20 -64.69
CA VAL F 496 -17.15 31.78 -64.63
C VAL F 496 -17.02 31.21 -66.05
N LYS F 497 -17.66 31.88 -67.00
CA LYS F 497 -17.62 31.45 -68.39
C LYS F 497 -16.14 31.19 -68.76
N LYS F 498 -15.28 32.14 -68.39
CA LYS F 498 -13.85 32.10 -68.69
C LYS F 498 -13.24 30.89 -68.03
N TYR F 499 -13.39 30.82 -66.70
CA TYR F 499 -12.85 29.73 -65.91
C TYR F 499 -13.09 28.32 -66.49
N TYR F 500 -14.32 28.06 -66.90
CA TYR F 500 -14.66 26.78 -67.48
C TYR F 500 -14.00 26.65 -68.84
N ASN F 501 -14.20 27.66 -69.68
CA ASN F 501 -13.66 27.71 -71.04
C ASN F 501 -12.14 27.58 -71.07
N MET F 502 -11.51 27.94 -69.95
CA MET F 502 -10.06 27.91 -69.83
C MET F 502 -9.52 26.57 -69.31
N PHE F 503 -10.19 26.00 -68.31
CA PHE F 503 -9.69 24.82 -67.63
C PHE F 503 -10.60 23.62 -67.75
N GLY F 504 -11.52 23.63 -68.70
CA GLY F 504 -12.40 22.50 -68.87
C GLY F 504 -13.24 22.24 -67.63
N TYR F 505 -13.71 21.01 -67.51
CA TYR F 505 -14.51 20.59 -66.36
C TYR F 505 -13.80 19.43 -65.68
N GLU F 506 -14.22 19.15 -64.45
CA GLU F 506 -13.59 18.13 -63.63
C GLU F 506 -14.18 16.79 -63.94
N CYS F 507 -13.37 15.88 -64.47
CA CYS F 507 -13.76 14.48 -64.62
C CYS F 507 -12.90 13.58 -63.73
N ASN F 508 -13.53 12.73 -62.92
CA ASN F 508 -12.82 11.77 -62.07
C ASN F 508 -12.73 10.39 -62.72
N ASP F 509 -12.49 10.40 -64.03
CA ASP F 509 -12.48 9.18 -64.81
C ASP F 509 -11.08 8.58 -64.74
N TYR F 510 -10.90 7.56 -63.91
CA TYR F 510 -9.70 6.74 -63.99
C TYR F 510 -9.93 5.87 -65.21
N SER F 511 -8.87 5.34 -65.82
CA SER F 511 -9.05 4.40 -66.94
C SER F 511 -10.07 4.83 -68.01
N THR F 512 -9.70 5.77 -68.87
CA THR F 512 -10.61 6.28 -69.91
C THR F 512 -9.78 6.84 -71.06
N LYS F 513 -10.34 6.78 -72.25
CA LYS F 513 -9.71 7.40 -73.41
C LYS F 513 -9.95 8.89 -73.35
N LEU F 514 -8.93 9.66 -73.70
CA LEU F 514 -9.07 11.11 -73.73
C LEU F 514 -10.26 11.50 -74.61
N SER F 515 -11.03 12.50 -74.19
CA SER F 515 -12.04 13.08 -75.08
C SER F 515 -11.26 13.73 -76.19
N ASP F 516 -11.94 14.14 -77.25
CA ASP F 516 -11.23 14.71 -78.38
C ASP F 516 -10.44 15.94 -77.95
N ILE F 517 -9.35 16.17 -78.68
CA ILE F 517 -8.38 17.21 -78.37
C ILE F 517 -8.77 18.52 -79.07
N THR F 518 -9.67 18.42 -80.03
CA THR F 518 -10.14 19.57 -80.78
C THR F 518 -11.62 19.74 -80.56
N SER F 519 -12.10 19.36 -79.39
CA SER F 519 -13.51 19.50 -79.10
C SER F 519 -13.88 20.97 -79.34
N MET F 520 -13.05 21.84 -78.78
CA MET F 520 -13.36 23.26 -78.71
C MET F 520 -12.98 24.06 -79.96
N SER F 521 -13.28 25.35 -79.92
CA SER F 521 -13.02 26.25 -81.02
C SER F 521 -11.82 27.16 -80.78
N ILE F 522 -11.49 27.40 -79.51
CA ILE F 522 -10.42 28.35 -79.15
C ILE F 522 -9.24 27.62 -78.49
N CYS F 523 -9.54 26.75 -77.53
CA CYS F 523 -8.52 26.00 -76.82
C CYS F 523 -9.11 24.81 -76.08
N ASN F 524 -8.29 23.79 -75.89
CA ASN F 524 -8.69 22.61 -75.16
C ASN F 524 -7.80 22.44 -73.96
N TRP F 525 -8.36 22.02 -72.84
CA TRP F 525 -7.54 21.85 -71.66
C TRP F 525 -7.31 20.37 -71.73
N VAL F 526 -6.24 19.91 -71.10
CA VAL F 526 -5.99 18.47 -71.05
C VAL F 526 -4.98 18.16 -69.92
N GLN F 527 -5.43 17.38 -68.96
CA GLN F 527 -4.68 17.10 -67.76
C GLN F 527 -4.89 15.65 -67.36
N PHE F 528 -3.82 14.85 -67.34
CA PHE F 528 -3.97 13.43 -67.00
C PHE F 528 -2.77 12.68 -66.39
N LYS F 529 -3.10 11.85 -65.41
CA LYS F 529 -2.14 11.03 -64.69
C LYS F 529 -1.83 9.82 -65.58
N GLY F 530 -0.77 9.07 -65.27
CA GLY F 530 -0.41 7.86 -65.99
C GLY F 530 -1.53 6.83 -66.13
N ILE F 531 -1.34 5.75 -66.91
CA ILE F 531 -0.07 5.42 -67.55
C ILE F 531 -0.12 5.25 -69.08
N TRP F 532 0.84 5.90 -69.73
CA TRP F 532 0.90 6.01 -71.16
C TRP F 532 2.32 6.18 -71.64
N THR F 533 2.59 5.75 -72.87
CA THR F 533 3.80 6.13 -73.59
C THR F 533 3.41 6.50 -74.99
N LEU F 534 4.12 7.47 -75.56
CA LEU F 534 3.97 7.79 -76.97
C LEU F 534 4.99 7.02 -77.80
N PRO F 535 4.56 6.49 -78.94
CA PRO F 535 5.47 5.72 -79.78
C PRO F 535 6.78 6.42 -80.15
N ASN F 536 7.89 5.87 -79.66
CA ASN F 536 9.24 6.20 -80.13
C ASN F 536 9.69 7.54 -79.61
N VAL F 537 9.70 7.69 -78.29
CA VAL F 537 10.11 8.94 -77.70
C VAL F 537 11.12 8.68 -76.61
N ASP F 538 12.16 9.50 -76.61
CA ASP F 538 13.24 9.36 -75.65
C ASP F 538 12.64 9.24 -74.26
N THR F 539 12.87 8.10 -73.61
CA THR F 539 12.29 7.85 -72.30
C THR F 539 12.41 9.04 -71.32
N GLY F 540 13.48 9.82 -71.45
CA GLY F 540 13.63 11.02 -70.65
C GLY F 540 12.52 12.01 -70.94
N HIS F 541 12.38 12.35 -72.20
CA HIS F 541 11.35 13.29 -72.66
C HIS F 541 9.94 12.84 -72.29
N MET F 542 9.75 11.53 -72.22
CA MET F 542 8.47 11.01 -71.83
C MET F 542 8.19 11.43 -70.40
N ASN F 543 9.12 11.11 -69.50
CA ASN F 543 8.99 11.48 -68.09
C ASN F 543 8.54 12.92 -67.93
N MET F 544 8.92 13.77 -68.87
CA MET F 544 8.45 15.15 -68.87
C MET F 544 7.01 15.23 -69.33
N LEU F 545 6.74 14.73 -70.53
CA LEU F 545 5.37 14.74 -71.03
C LEU F 545 4.37 14.16 -70.02
N ARG F 546 4.72 12.99 -69.48
CA ARG F 546 3.83 12.27 -68.59
C ARG F 546 3.43 13.16 -67.41
N ALA F 547 4.39 13.98 -66.96
CA ALA F 547 4.25 14.81 -65.74
C ALA F 547 3.87 16.25 -66.01
N LEU F 548 4.09 16.71 -67.24
CA LEU F 548 3.70 18.04 -67.66
C LEU F 548 2.18 18.01 -67.86
N PHE F 549 1.68 16.88 -68.33
CA PHE F 549 0.25 16.71 -68.48
C PHE F 549 -0.46 16.34 -67.18
N GLU F 550 0.23 15.71 -66.23
CA GLU F 550 -0.41 15.49 -64.95
C GLU F 550 -0.83 16.84 -64.36
N ALA F 551 -0.12 17.90 -64.74
CA ALA F 551 -0.45 19.24 -64.24
C ALA F 551 -1.13 20.10 -65.30
N GLY F 552 -1.66 19.47 -66.34
CA GLY F 552 -2.51 20.18 -67.27
C GLY F 552 -1.75 21.03 -68.26
N VAL F 553 -2.34 21.21 -69.43
CA VAL F 553 -1.70 21.89 -70.54
C VAL F 553 -2.78 22.49 -71.41
N ARG F 554 -2.72 23.78 -71.70
CA ARG F 554 -3.74 24.33 -72.58
C ARG F 554 -3.29 24.22 -74.02
N LEU F 555 -4.13 23.58 -74.84
CA LEU F 555 -3.90 23.41 -76.28
C LEU F 555 -4.69 24.41 -77.07
N TRP F 556 -4.06 25.52 -77.41
CA TRP F 556 -4.72 26.54 -78.17
C TRP F 556 -4.79 26.11 -79.63
N HIS F 557 -5.72 26.68 -80.37
CA HIS F 557 -5.95 26.23 -81.72
C HIS F 557 -5.51 27.26 -82.75
N LYS F 558 -5.68 28.53 -82.43
CA LYS F 558 -5.16 29.59 -83.30
C LYS F 558 -4.21 30.48 -82.54
N GLU F 559 -3.16 30.96 -83.19
CA GLU F 559 -2.22 31.82 -82.50
C GLU F 559 -2.89 33.13 -82.10
N SER F 560 -3.74 33.66 -82.98
CA SER F 560 -4.42 34.92 -82.69
C SER F 560 -5.19 34.86 -81.38
N ASP F 561 -5.75 33.70 -81.08
CA ASP F 561 -6.50 33.48 -79.84
C ASP F 561 -5.63 33.56 -78.57
N MET F 562 -4.31 33.42 -78.73
CA MET F 562 -3.38 33.48 -77.62
C MET F 562 -3.07 34.92 -77.19
N ILE F 563 -3.42 35.90 -78.02
CA ILE F 563 -3.18 37.31 -77.69
C ILE F 563 -4.37 38.19 -78.00
N ASN F 564 -5.55 37.62 -77.82
CA ASN F 564 -6.76 38.40 -77.80
C ASN F 564 -7.70 37.83 -76.76
N ASN F 565 -8.64 38.62 -76.29
CA ASN F 565 -9.49 38.20 -75.19
C ASN F 565 -10.65 37.29 -75.64
N THR F 566 -10.32 36.27 -76.44
CA THR F 566 -11.32 35.49 -77.15
C THR F 566 -11.81 34.29 -76.36
N VAL F 567 -11.16 33.98 -75.25
CA VAL F 567 -11.40 32.69 -74.60
C VAL F 567 -12.82 32.63 -74.04
N VAL F 568 -13.40 33.81 -73.85
CA VAL F 568 -14.74 33.93 -73.33
C VAL F 568 -15.73 33.26 -74.31
N ASN F 569 -15.38 33.25 -75.60
CA ASN F 569 -16.21 32.62 -76.61
C ASN F 569 -15.77 31.22 -77.05
N ASN F 570 -15.04 30.51 -76.21
CA ASN F 570 -14.73 29.11 -76.47
C ASN F 570 -16.04 28.35 -76.51
N VAL F 571 -16.09 27.28 -77.30
CA VAL F 571 -17.35 26.53 -77.53
C VAL F 571 -17.13 25.26 -78.36
N ILE F 572 -18.08 24.33 -78.28
CA ILE F 572 -17.93 23.00 -78.89
C ILE F 572 -18.25 23.11 -80.38
N ILE F 573 -18.91 22.09 -80.96
CA ILE F 573 -19.33 22.12 -82.35
C ILE F 573 -20.51 21.17 -82.57
N LEU G 3 -45.00 -45.77 39.55
CA LEU G 3 -44.51 -46.43 38.34
C LEU G 3 -43.12 -47.10 38.52
N SER G 4 -42.70 -47.34 39.76
CA SER G 4 -41.35 -47.89 39.99
C SER G 4 -41.03 -48.39 41.42
N LYS G 5 -40.51 -49.60 41.49
CA LYS G 5 -40.13 -50.23 42.76
C LYS G 5 -38.68 -49.87 43.13
N ILE G 6 -38.44 -49.57 44.42
CA ILE G 6 -37.16 -49.03 44.89
C ILE G 6 -36.56 -49.77 46.11
N LYS G 7 -35.30 -50.19 46.00
CA LYS G 7 -34.52 -50.64 47.16
C LYS G 7 -33.69 -49.46 47.70
N LEU G 8 -33.30 -49.48 48.97
CA LEU G 8 -32.53 -48.36 49.55
C LEU G 8 -31.28 -48.77 50.36
N PHE G 9 -30.26 -49.28 49.68
CA PHE G 9 -29.13 -49.98 50.34
C PHE G 9 -28.38 -49.22 51.45
N TYR G 10 -28.09 -49.96 52.52
CA TYR G 10 -27.50 -49.40 53.73
C TYR G 10 -25.97 -49.64 53.82
N ASN G 11 -25.26 -48.65 54.37
CA ASN G 11 -23.81 -48.71 54.55
C ASN G 11 -23.05 -49.36 53.42
N THR G 12 -23.16 -48.76 52.24
CA THR G 12 -22.60 -49.35 51.04
C THR G 12 -21.18 -48.84 50.85
N PRO G 13 -20.32 -49.59 50.12
CA PRO G 13 -18.95 -49.12 49.79
C PRO G 13 -18.88 -48.04 48.70
N PHE G 14 -19.80 -48.15 47.75
CA PHE G 14 -19.97 -47.18 46.65
C PHE G 14 -20.40 -45.75 47.09
N ASN G 15 -19.42 -44.92 47.37
CA ASN G 15 -19.70 -43.51 47.68
C ASN G 15 -18.67 -42.53 47.10
N ASN G 16 -17.55 -43.05 46.61
CA ASN G 16 -16.71 -42.30 45.70
C ASN G 16 -17.44 -42.37 44.37
N MET G 17 -17.53 -41.23 43.68
CA MET G 17 -18.37 -41.15 42.48
C MET G 17 -17.49 -41.57 41.29
N GLN G 18 -16.71 -42.65 41.47
CA GLN G 18 -15.45 -42.91 40.73
C GLN G 18 -14.70 -44.21 41.12
N ASN G 19 -15.04 -44.79 42.27
CA ASN G 19 -14.77 -46.20 42.57
C ASN G 19 -16.03 -47.06 42.48
N THR G 20 -15.97 -48.07 41.63
CA THR G 20 -17.14 -48.88 41.33
C THR G 20 -16.79 -50.35 41.49
N LEU G 21 -17.80 -51.20 41.41
CA LEU G 21 -17.59 -52.64 41.32
C LEU G 21 -18.01 -53.06 39.91
N HIS G 22 -17.49 -54.20 39.46
CA HIS G 22 -17.72 -54.65 38.10
C HIS G 22 -18.04 -56.12 38.03
N PHE G 23 -19.11 -56.41 37.29
CA PHE G 23 -19.67 -57.74 37.15
C PHE G 23 -19.62 -58.15 35.68
N ASN G 24 -19.35 -59.44 35.43
CA ASN G 24 -19.24 -59.95 34.08
C ASN G 24 -20.47 -59.64 33.22
N SER G 25 -21.61 -59.37 33.86
CA SER G 25 -22.84 -59.11 33.13
C SER G 25 -23.91 -58.50 34.02
N ASN G 26 -24.80 -57.73 33.41
CA ASN G 26 -25.80 -56.96 34.15
C ASN G 26 -26.54 -57.77 35.20
N GLU G 27 -27.40 -58.68 34.77
CA GLU G 27 -28.29 -59.37 35.71
C GLU G 27 -27.57 -60.25 36.73
N GLU G 28 -26.25 -60.36 36.58
CA GLU G 28 -25.43 -61.00 37.59
C GLU G 28 -25.16 -60.03 38.74
N ARG G 29 -25.20 -58.73 38.44
CA ARG G 29 -25.12 -57.65 39.44
C ARG G 29 -26.48 -57.31 40.04
N ASP G 30 -27.54 -57.42 39.26
CA ASP G 30 -28.87 -57.28 39.83
C ASP G 30 -29.13 -58.45 40.77
N ALA G 31 -28.59 -59.62 40.43
CA ALA G 31 -28.66 -60.80 41.31
C ALA G 31 -27.89 -60.53 42.60
N TYR G 32 -26.71 -59.94 42.48
CA TYR G 32 -25.93 -59.50 43.62
C TYR G 32 -26.73 -58.54 44.51
N PHE G 33 -27.04 -57.35 43.98
CA PHE G 33 -27.73 -56.31 44.75
C PHE G 33 -29.05 -56.77 45.32
N ASN G 34 -29.89 -57.41 44.50
CA ASN G 34 -31.20 -57.91 44.96
C ASN G 34 -31.13 -58.93 46.11
N SER G 35 -29.99 -59.06 46.78
CA SER G 35 -29.82 -60.08 47.78
C SER G 35 -28.68 -59.68 48.70
N LYS G 36 -28.89 -58.66 49.53
CA LYS G 36 -27.96 -58.40 50.64
C LYS G 36 -28.50 -57.56 51.81
N PHE G 37 -29.79 -57.23 51.79
CA PHE G 37 -30.26 -56.06 52.54
C PHE G 37 -30.22 -56.18 54.07
N ASP G 38 -30.18 -55.00 54.69
CA ASP G 38 -30.19 -54.80 56.15
C ASP G 38 -31.53 -54.38 56.83
N VAL G 39 -32.19 -53.27 56.44
CA VAL G 39 -33.54 -52.97 56.99
C VAL G 39 -34.61 -52.08 56.21
N HIS G 40 -34.69 -52.11 54.86
CA HIS G 40 -35.69 -51.28 54.09
C HIS G 40 -35.75 -51.28 52.52
N GLU G 41 -36.93 -51.59 51.99
CA GLU G 41 -37.25 -51.44 50.57
C GLU G 41 -38.71 -50.98 50.46
N PHE G 42 -39.08 -50.29 49.38
CA PHE G 42 -40.44 -49.75 49.22
C PHE G 42 -40.87 -49.56 47.76
N THR G 43 -41.92 -48.77 47.54
CA THR G 43 -42.43 -48.45 46.19
C THR G 43 -43.02 -47.04 46.11
N SER G 44 -42.63 -46.30 45.08
CA SER G 44 -43.12 -44.93 44.86
C SER G 44 -42.87 -44.57 43.38
N THR G 45 -42.60 -43.30 43.10
CA THR G 45 -42.13 -42.90 41.78
C THR G 45 -41.43 -41.55 41.96
N PHE G 46 -40.70 -41.13 40.93
CA PHE G 46 -39.80 -39.99 41.09
C PHE G 46 -39.47 -39.25 39.78
N ASN G 47 -39.09 -37.99 39.97
CA ASN G 47 -38.91 -37.03 38.87
C ASN G 47 -37.47 -37.07 38.39
N TYR G 48 -37.09 -36.17 37.49
CA TYR G 48 -35.73 -36.19 36.96
C TYR G 48 -35.40 -34.92 36.18
N ARG G 49 -34.12 -34.55 36.17
CA ARG G 49 -33.65 -33.37 35.41
C ARG G 49 -32.11 -33.28 35.43
N GLY G 53 -28.50 -36.45 36.64
CA GLY G 53 -28.85 -35.83 37.90
C GLY G 53 -29.37 -34.44 37.61
N VAL G 54 -29.77 -33.67 38.63
CA VAL G 54 -29.91 -34.12 40.03
C VAL G 54 -31.40 -34.13 40.35
N LEU G 55 -31.85 -35.00 41.24
CA LEU G 55 -33.29 -35.19 41.48
C LEU G 55 -33.64 -35.71 42.88
N ARG G 56 -34.92 -35.65 43.24
CA ARG G 56 -35.39 -36.05 44.57
C ARG G 56 -36.47 -37.14 44.55
N VAL G 57 -36.52 -37.92 45.63
CA VAL G 57 -37.60 -38.90 45.87
C VAL G 57 -38.05 -38.86 47.32
N THR G 58 -39.32 -38.55 47.53
CA THR G 58 -39.85 -38.50 48.88
C THR G 58 -40.09 -39.94 49.35
N ILE G 59 -40.01 -40.15 50.66
CA ILE G 59 -40.27 -41.47 51.24
C ILE G 59 -40.64 -41.34 52.72
N ASP G 60 -41.37 -42.32 53.26
CA ASP G 60 -41.83 -42.26 54.65
C ASP G 60 -41.78 -43.57 55.45
N LEU G 61 -41.91 -43.42 56.77
CA LEU G 61 -41.74 -44.50 57.73
C LEU G 61 -42.85 -44.43 58.79
N VAL G 62 -43.91 -45.21 58.60
CA VAL G 62 -45.09 -45.13 59.48
C VAL G 62 -44.83 -45.84 60.81
N SER G 63 -43.90 -46.79 60.82
CA SER G 63 -43.57 -47.56 62.01
C SER G 63 -42.44 -46.93 62.81
N ASP G 64 -42.78 -46.16 63.84
CA ASP G 64 -41.74 -45.50 64.61
C ASP G 64 -42.02 -45.30 66.09
N ARG G 65 -40.90 -45.16 66.79
CA ARG G 65 -40.82 -44.93 68.23
C ARG G 65 -39.53 -44.15 68.50
N SER G 66 -38.46 -44.54 67.80
CA SER G 66 -37.22 -43.79 67.77
C SER G 66 -36.59 -43.80 66.36
N CYS G 67 -37.40 -43.64 65.31
CA CYS G 67 -36.93 -43.63 63.91
C CYS G 67 -37.08 -42.23 63.32
N PHE G 68 -38.29 -41.89 62.89
CA PHE G 68 -38.55 -40.61 62.24
C PHE G 68 -37.67 -40.45 60.96
N GLU G 69 -36.60 -39.67 61.02
CA GLU G 69 -35.58 -39.73 59.98
C GLU G 69 -34.79 -41.00 60.16
N GLN G 70 -33.73 -40.94 60.95
CA GLN G 70 -32.88 -42.08 61.37
C GLN G 70 -33.10 -43.46 60.67
N LEU G 71 -33.28 -43.40 59.36
CA LEU G 71 -33.01 -44.52 58.49
C LEU G 71 -31.50 -44.44 58.25
N MET G 72 -30.95 -43.22 58.36
CA MET G 72 -29.53 -43.03 58.58
C MET G 72 -28.63 -43.57 57.46
N GLY G 73 -28.02 -44.74 57.64
CA GLY G 73 -26.81 -45.11 56.90
C GLY G 73 -26.94 -45.35 55.42
N VAL G 74 -28.15 -45.25 54.89
CA VAL G 74 -28.39 -45.33 53.44
C VAL G 74 -27.58 -44.36 52.63
N ASN G 75 -26.93 -44.86 51.58
CA ASN G 75 -26.15 -44.01 50.67
C ASN G 75 -26.14 -44.43 49.19
N TYR G 76 -26.96 -45.41 48.84
CA TYR G 76 -26.99 -45.94 47.48
C TYR G 76 -28.32 -46.61 47.33
N CYS G 77 -28.85 -46.66 46.13
CA CYS G 77 -30.16 -47.24 45.94
C CYS G 77 -30.35 -47.79 44.53
N GLN G 78 -31.26 -48.74 44.41
CA GLN G 78 -31.65 -49.28 43.12
C GLN G 78 -33.06 -48.83 42.85
N VAL G 79 -33.31 -48.55 41.57
CA VAL G 79 -34.67 -48.30 41.10
C VAL G 79 -34.85 -49.22 39.93
N GLN G 80 -36.02 -49.85 39.83
CA GLN G 80 -36.43 -50.46 38.59
C GLN G 80 -37.83 -50.05 38.20
N TYR G 81 -37.93 -49.44 37.03
CA TYR G 81 -39.18 -48.92 36.56
C TYR G 81 -40.00 -50.09 36.07
N ILE G 82 -41.30 -50.07 36.35
CA ILE G 82 -42.23 -51.07 35.86
C ILE G 82 -43.48 -50.33 35.37
N GLN G 83 -44.07 -50.72 34.24
CA GLN G 83 -43.56 -51.74 33.35
C GLN G 83 -42.58 -51.07 32.41
N SER G 84 -41.48 -51.77 32.19
CA SER G 84 -40.25 -51.24 31.59
C SER G 84 -39.22 -52.25 32.06
N ASN G 85 -39.26 -52.51 33.37
CA ASN G 85 -38.38 -53.46 34.03
C ASN G 85 -36.90 -53.19 33.78
N ARG G 86 -36.58 -51.93 33.48
CA ARG G 86 -35.20 -51.53 33.32
C ARG G 86 -34.71 -51.06 34.67
N VAL G 87 -33.44 -51.33 34.96
CA VAL G 87 -32.84 -51.01 36.24
C VAL G 87 -31.81 -49.89 36.09
N GLU G 88 -31.69 -49.08 37.14
CA GLU G 88 -30.78 -47.95 37.18
C GLU G 88 -30.41 -47.66 38.63
N TYR G 89 -29.11 -47.55 38.91
CA TYR G 89 -28.66 -47.31 40.27
C TYR G 89 -28.24 -45.87 40.44
N LEU G 90 -28.41 -45.37 41.67
CA LEU G 90 -28.11 -43.99 42.01
C LEU G 90 -27.45 -43.90 43.39
N PHE G 91 -26.63 -42.86 43.57
CA PHE G 91 -26.13 -42.50 44.88
C PHE G 91 -27.17 -41.64 45.54
N VAL G 92 -27.37 -41.84 46.84
CA VAL G 92 -28.20 -40.92 47.61
C VAL G 92 -27.24 -39.97 48.33
N THR G 93 -27.40 -38.68 48.01
CA THR G 93 -26.42 -37.67 48.38
C THR G 93 -26.69 -37.08 49.74
N ASP G 94 -27.97 -36.89 50.05
CA ASP G 94 -28.36 -36.28 51.30
C ASP G 94 -29.79 -36.68 51.65
N ILE G 95 -30.06 -36.82 52.93
CA ILE G 95 -31.41 -37.13 53.39
C ILE G 95 -31.93 -35.99 54.26
N GLN G 96 -32.43 -34.94 53.63
CA GLN G 96 -33.06 -33.87 54.36
C GLN G 96 -34.41 -34.36 54.85
N GLN G 97 -34.75 -34.07 56.09
CA GLN G 97 -35.99 -34.55 56.68
C GLN G 97 -37.05 -33.46 56.57
N LEU G 98 -38.33 -33.84 56.61
CA LEU G 98 -39.44 -32.90 56.57
C LEU G 98 -40.28 -32.89 57.85
N ASN G 99 -40.77 -34.05 58.25
CA ASN G 99 -41.51 -34.19 59.51
C ASN G 99 -41.13 -35.48 60.23
N ASP G 100 -41.74 -35.71 61.40
CA ASP G 100 -41.33 -36.83 62.25
C ASP G 100 -41.55 -38.24 61.65
N LYS G 101 -41.73 -38.34 60.34
CA LYS G 101 -41.54 -39.64 59.67
C LYS G 101 -41.29 -39.64 58.15
N VAL G 102 -41.55 -38.52 57.47
CA VAL G 102 -41.41 -38.44 56.02
C VAL G 102 -40.16 -37.65 55.62
N CYS G 103 -39.04 -38.35 55.41
CA CYS G 103 -37.78 -37.70 55.04
C CYS G 103 -37.59 -37.74 53.52
N GLU G 104 -36.98 -36.70 52.96
CA GLU G 104 -36.83 -36.55 51.51
C GLU G 104 -35.40 -36.79 51.03
N LEU G 105 -35.26 -37.66 50.04
CA LEU G 105 -33.97 -38.07 49.54
C LEU G 105 -33.58 -37.36 48.26
N SER G 106 -32.36 -36.83 48.20
CA SER G 106 -31.79 -36.32 46.95
C SER G 106 -30.87 -37.39 46.37
N LEU G 107 -30.85 -37.50 45.04
CA LEU G 107 -30.19 -38.61 44.36
C LEU G 107 -29.38 -38.13 43.17
N VAL G 108 -28.44 -38.95 42.73
CA VAL G 108 -27.67 -38.64 41.54
C VAL G 108 -27.18 -39.94 40.89
N PRO G 109 -27.38 -40.08 39.57
CA PRO G 109 -27.22 -41.41 38.96
C PRO G 109 -25.80 -41.97 38.95
N ASP G 110 -25.68 -43.24 39.31
CA ASP G 110 -24.40 -43.89 39.30
C ASP G 110 -24.29 -44.50 37.93
N VAL G 111 -24.14 -43.62 36.96
CA VAL G 111 -23.97 -44.03 35.59
C VAL G 111 -22.90 -45.11 35.41
N VAL G 112 -21.90 -45.13 36.27
CA VAL G 112 -20.79 -46.07 36.10
C VAL G 112 -21.25 -47.52 36.36
N MET G 113 -22.18 -47.69 37.29
CA MET G 113 -22.69 -49.00 37.62
C MET G 113 -23.79 -49.39 36.66
N THR G 114 -24.54 -48.41 36.19
CA THR G 114 -25.74 -48.69 35.43
C THR G 114 -25.44 -49.25 34.05
N TYR G 115 -24.57 -48.57 33.31
CA TYR G 115 -24.42 -48.82 31.89
C TYR G 115 -23.18 -49.64 31.51
N THR G 116 -22.13 -49.52 32.31
CA THR G 116 -20.81 -50.03 31.90
C THR G 116 -20.65 -51.52 32.11
N GLN G 117 -21.66 -52.15 32.70
CA GLN G 117 -21.52 -53.51 33.20
C GLN G 117 -21.16 -54.50 32.13
N GLY G 118 -20.27 -55.42 32.48
CA GLY G 118 -19.83 -56.48 31.59
C GLY G 118 -18.77 -56.07 30.59
N ASN G 119 -18.77 -56.77 29.47
CA ASN G 119 -17.72 -56.65 28.47
C ASN G 119 -18.02 -55.57 27.45
N VAL G 120 -18.38 -54.37 27.92
CA VAL G 120 -18.82 -53.31 27.02
C VAL G 120 -17.64 -52.49 26.52
N LEU G 121 -17.00 -51.82 27.47
CA LEU G 121 -15.97 -50.83 27.19
C LEU G 121 -14.80 -51.39 26.36
N ASN G 122 -14.66 -52.72 26.33
CA ASN G 122 -13.65 -53.37 25.50
C ASN G 122 -13.98 -53.28 24.02
N THR G 123 -15.26 -53.18 23.72
CA THR G 123 -15.71 -53.04 22.33
C THR G 123 -15.32 -51.70 21.72
N LEU G 124 -15.12 -50.68 22.57
CA LEU G 124 -14.79 -49.33 22.13
C LEU G 124 -13.49 -49.22 21.34
N ASN G 125 -13.58 -48.63 20.15
CA ASN G 125 -12.41 -48.42 19.31
C ASN G 125 -12.16 -46.94 19.13
N ASN G 126 -10.91 -46.63 18.81
CA ASN G 126 -10.48 -45.27 18.49
C ASN G 126 -10.77 -44.30 19.62
N VAL G 127 -10.48 -44.72 20.84
CA VAL G 127 -10.59 -43.82 21.98
C VAL G 127 -9.18 -43.54 22.46
N ASN G 128 -8.89 -42.26 22.69
CA ASN G 128 -7.66 -41.90 23.37
C ASN G 128 -7.76 -42.29 24.85
N VAL G 129 -6.95 -43.28 25.25
CA VAL G 129 -6.89 -43.69 26.65
C VAL G 129 -5.75 -42.93 27.27
N ILE G 130 -5.72 -42.95 28.58
CA ILE G 130 -4.73 -42.22 29.34
C ILE G 130 -3.99 -43.19 30.24
N ARG G 131 -4.76 -43.85 31.09
CA ARG G 131 -4.21 -44.80 32.01
C ARG G 131 -5.14 -45.97 32.10
N GLN G 132 -4.59 -47.18 31.96
CA GLN G 132 -5.33 -48.40 32.25
C GLN G 132 -4.43 -49.45 32.84
N HIS G 133 -5.00 -50.63 33.02
CA HIS G 133 -4.26 -51.79 33.43
C HIS G 133 -4.10 -52.71 32.22
N TYR G 134 -2.97 -53.43 32.16
CA TYR G 134 -2.54 -54.12 30.94
C TYR G 134 -2.75 -55.62 30.96
N THR G 135 -3.09 -56.19 29.80
CA THR G 135 -3.13 -57.64 29.64
C THR G 135 -1.66 -58.04 29.59
N GLN G 136 -1.34 -59.32 29.80
CA GLN G 136 0.07 -59.74 29.85
C GLN G 136 0.81 -59.44 28.55
N THR G 137 0.11 -59.62 27.43
CA THR G 137 0.69 -59.33 26.12
C THR G 137 1.01 -57.85 26.00
N GLU G 138 0.00 -57.01 26.20
CA GLU G 138 0.16 -55.57 26.05
C GLU G 138 1.16 -55.01 27.07
N TYR G 139 1.22 -55.64 28.24
CA TYR G 139 2.21 -55.32 29.25
C TYR G 139 3.60 -55.40 28.62
N GLU G 140 3.97 -56.58 28.13
CA GLU G 140 5.27 -56.78 27.51
C GLU G 140 5.61 -55.74 26.40
N GLN G 141 4.57 -55.19 25.78
CA GLN G 141 4.74 -54.19 24.72
C GLN G 141 5.03 -52.79 25.26
N ASN G 142 4.11 -52.23 26.04
CA ASN G 142 4.37 -50.97 26.70
C ASN G 142 5.24 -51.22 27.96
N LEU G 143 6.24 -52.11 27.89
CA LEU G 143 7.06 -52.43 29.09
C LEU G 143 8.30 -51.54 29.16
N GLU G 144 9.03 -51.48 28.06
CA GLU G 144 10.21 -50.63 27.98
C GLU G 144 9.80 -49.23 28.36
N GLN G 145 8.61 -48.81 27.91
CA GLN G 145 8.05 -47.55 28.37
C GLN G 145 7.99 -47.51 29.90
N ILE G 146 7.15 -48.34 30.50
CA ILE G 146 6.84 -48.19 31.92
C ILE G 146 8.06 -48.27 32.85
N ARG G 147 9.18 -48.80 32.36
CA ARG G 147 10.45 -48.84 33.11
C ARG G 147 11.35 -47.60 32.89
N SER G 148 11.12 -46.88 31.80
CA SER G 148 11.86 -45.65 31.48
C SER G 148 11.11 -44.33 31.75
N ASN G 149 9.78 -44.28 31.57
CA ASN G 149 9.03 -43.04 31.78
C ASN G 149 9.12 -42.52 33.23
N ASN G 150 8.72 -41.27 33.44
CA ASN G 150 8.81 -40.65 34.76
C ASN G 150 7.49 -40.77 35.52
N ASP G 151 6.64 -41.68 35.05
CA ASP G 151 5.41 -42.04 35.72
C ASP G 151 5.72 -43.03 36.84
N VAL G 152 6.20 -42.52 37.99
CA VAL G 152 6.43 -43.32 39.20
C VAL G 152 6.26 -42.48 40.46
N LEU G 153 5.96 -43.15 41.58
CA LEU G 153 5.70 -42.49 42.86
C LEU G 153 6.95 -41.93 43.53
N ALA G 154 6.79 -40.76 44.15
CA ALA G 154 7.84 -40.13 44.96
C ALA G 154 8.56 -41.16 45.82
N THR G 155 9.86 -41.32 45.58
CA THR G 155 10.65 -42.32 46.29
C THR G 155 12.00 -41.74 46.71
N SER G 156 12.46 -42.05 47.93
CA SER G 156 13.61 -41.37 48.53
C SER G 156 14.58 -42.24 49.37
N THR G 157 14.35 -43.53 49.44
CA THR G 157 14.96 -44.32 50.51
C THR G 157 15.78 -45.48 49.96
N MET G 158 16.64 -45.18 49.00
CA MET G 158 17.52 -46.22 48.46
C MET G 158 18.62 -46.52 49.46
N ARG G 159 19.00 -47.79 49.54
CA ARG G 159 20.05 -48.23 50.44
C ARG G 159 20.80 -49.38 49.75
N VAL G 160 22.04 -49.63 50.14
CA VAL G 160 22.81 -50.76 49.60
C VAL G 160 22.19 -52.02 50.17
N HIS G 161 21.40 -52.68 49.33
CA HIS G 161 20.51 -53.71 49.78
C HIS G 161 21.27 -55.01 49.87
N ALA G 162 22.10 -55.25 48.87
CA ALA G 162 22.84 -56.49 48.79
C ALA G 162 24.16 -56.26 48.08
N ILE G 163 25.13 -57.14 48.35
CA ILE G 163 26.39 -57.13 47.61
C ILE G 163 26.83 -58.54 47.19
N LYS G 164 27.13 -58.67 45.91
CA LYS G 164 27.78 -59.87 45.38
C LYS G 164 29.10 -59.41 44.79
N SER G 165 30.09 -60.29 44.78
CA SER G 165 31.41 -59.92 44.30
C SER G 165 32.19 -61.11 43.79
N GLU G 166 32.85 -60.94 42.64
CA GLU G 166 33.75 -61.95 42.12
C GLU G 166 35.15 -61.66 42.62
N LEU G 167 35.53 -62.36 43.68
CA LEU G 167 36.76 -62.08 44.37
C LEU G 167 37.95 -62.75 43.72
N PHE G 168 39.06 -62.02 43.64
CA PHE G 168 40.30 -62.57 43.13
C PHE G 168 41.06 -63.29 44.23
N THR G 169 40.90 -64.60 44.17
CA THR G 169 41.19 -65.45 45.30
C THR G 169 42.64 -65.91 45.23
N GLN G 170 43.08 -66.30 44.05
CA GLN G 170 44.46 -66.74 43.84
C GLN G 170 45.07 -65.90 42.74
N LEU G 171 46.40 -65.88 42.67
CA LEU G 171 47.10 -65.02 41.71
C LEU G 171 48.07 -65.78 40.81
N GLU G 172 48.46 -65.10 39.72
CA GLU G 172 49.43 -65.60 38.76
C GLU G 172 50.42 -64.47 38.46
N TYR G 173 51.56 -64.80 37.84
CA TYR G 173 52.65 -63.83 37.60
C TYR G 173 53.28 -63.93 36.21
N ILE G 174 53.48 -62.78 35.57
CA ILE G 174 54.31 -62.70 34.36
C ILE G 174 55.66 -62.08 34.71
N LEU G 175 56.71 -62.84 34.45
CA LEU G 175 58.06 -62.36 34.65
C LEU G 175 58.51 -62.00 33.27
N THR G 176 58.54 -60.70 32.98
CA THR G 176 58.79 -60.24 31.63
C THR G 176 60.16 -59.55 31.55
N ILE G 177 61.12 -60.26 30.95
CA ILE G 177 62.50 -59.81 30.87
C ILE G 177 63.01 -59.88 29.42
N GLY G 178 64.10 -59.17 29.17
CA GLY G 178 64.65 -59.01 27.82
C GLY G 178 65.89 -59.85 27.62
N ALA G 179 65.76 -61.14 27.91
CA ALA G 179 66.86 -62.07 27.81
C ALA G 179 66.26 -63.46 27.79
N ASN G 180 66.79 -64.34 26.95
CA ASN G 180 66.27 -65.70 26.86
C ASN G 180 66.70 -66.57 28.04
N LEU G 181 65.91 -66.57 29.11
CA LEU G 181 66.18 -67.34 30.33
C LEU G 181 66.56 -68.81 30.18
N ARG G 182 66.25 -69.41 29.04
CA ARG G 182 66.43 -70.86 28.88
C ARG G 182 67.60 -71.26 27.94
N LYS G 183 68.66 -70.45 27.87
CA LYS G 183 69.96 -70.86 27.30
C LYS G 183 71.15 -70.25 28.06
N SER G 184 72.38 -70.59 27.67
CA SER G 184 73.59 -70.33 28.49
C SER G 184 73.85 -68.89 28.92
N PHE G 185 74.05 -68.69 30.23
CA PHE G 185 74.44 -67.39 30.77
C PHE G 185 75.95 -67.26 30.81
N GLY G 186 76.62 -68.34 31.25
CA GLY G 186 78.06 -68.32 31.43
C GLY G 186 78.44 -68.11 32.89
N THR G 187 79.58 -67.46 33.11
CA THR G 187 80.05 -67.14 34.46
C THR G 187 80.43 -65.66 34.56
N ALA G 188 80.87 -65.26 35.75
CA ALA G 188 81.26 -63.87 36.02
C ALA G 188 82.32 -63.36 35.04
N GLU G 189 83.37 -64.15 34.87
CA GLU G 189 84.52 -63.75 34.06
C GLU G 189 84.24 -63.87 32.56
N LYS G 190 83.45 -64.88 32.19
CA LYS G 190 82.99 -65.06 30.82
C LYS G 190 81.45 -64.97 30.77
N PRO G 191 80.91 -63.76 30.56
CA PRO G 191 79.45 -63.59 30.49
C PRO G 191 78.87 -63.74 29.07
N LYS G 192 77.71 -64.36 28.98
CA LYS G 192 76.94 -64.45 27.73
C LYS G 192 75.56 -63.81 27.97
N PHE G 193 75.04 -63.11 26.97
CA PHE G 193 73.77 -62.38 27.10
C PHE G 193 72.79 -62.85 26.02
N PRO G 194 72.08 -63.97 26.27
CA PRO G 194 71.13 -64.50 25.28
C PRO G 194 69.97 -63.55 24.98
N SER G 195 69.87 -63.08 23.74
CA SER G 195 68.85 -62.12 23.37
C SER G 195 67.46 -62.73 23.51
N SER G 196 66.50 -61.91 23.96
CA SER G 196 65.12 -62.35 24.15
C SER G 196 64.42 -62.66 22.82
N SER G 197 63.83 -63.84 22.73
CA SER G 197 63.18 -64.29 21.49
C SER G 197 61.95 -63.44 21.10
N GLY G 198 61.08 -63.17 22.06
CA GLY G 198 59.83 -62.49 21.77
C GLY G 198 58.69 -63.48 21.57
N SER G 199 57.55 -63.19 22.19
CA SER G 199 56.34 -63.98 22.03
C SER G 199 55.19 -63.06 21.60
N THR G 200 54.02 -63.62 21.35
CA THR G 200 52.85 -62.84 20.88
C THR G 200 51.54 -63.27 21.55
N HIS G 201 51.04 -62.42 22.46
CA HIS G 201 49.86 -62.75 23.24
C HIS G 201 48.82 -61.67 23.07
N ASP G 202 47.58 -62.10 22.85
CA ASP G 202 46.49 -61.17 22.58
C ASP G 202 46.83 -60.28 21.39
N GLY G 203 47.50 -60.86 20.41
CA GLY G 203 47.84 -60.14 19.20
C GLY G 203 48.75 -58.92 19.38
N ILE G 204 49.63 -58.95 20.38
CA ILE G 204 50.66 -57.91 20.50
C ILE G 204 52.01 -58.60 20.64
N TYR G 205 52.91 -58.34 19.70
CA TYR G 205 54.25 -58.90 19.77
C TYR G 205 55.07 -58.16 20.79
N ASN G 206 55.71 -58.94 21.63
CA ASN G 206 56.57 -58.43 22.67
C ASN G 206 58.02 -58.69 22.23
N PRO G 207 58.85 -57.63 22.20
CA PRO G 207 60.26 -57.94 21.96
C PRO G 207 60.87 -58.76 23.10
N TYR G 208 60.21 -58.80 24.27
CA TYR G 208 60.71 -59.50 25.45
C TYR G 208 60.15 -60.91 25.56
N ASP G 209 60.75 -61.69 26.46
CA ASP G 209 60.19 -62.99 26.81
C ASP G 209 59.23 -62.78 27.98
N MET G 210 58.07 -63.41 27.89
CA MET G 210 57.12 -63.44 29.00
C MET G 210 57.17 -64.82 29.65
N TYR G 211 57.51 -64.90 30.94
CA TYR G 211 57.62 -66.18 31.63
C TYR G 211 56.56 -66.33 32.72
N TRP G 212 55.90 -67.47 32.67
CA TRP G 212 54.72 -67.74 33.47
C TRP G 212 55.04 -68.36 34.82
N PHE G 213 54.20 -68.05 35.80
CA PHE G 213 54.25 -68.69 37.10
C PHE G 213 52.86 -68.65 37.71
N ASN G 214 52.41 -69.78 38.24
CA ASN G 214 51.14 -69.82 38.97
C ASN G 214 51.35 -70.24 40.44
N ASP G 215 52.60 -70.17 40.90
CA ASP G 215 52.91 -70.37 42.31
C ASP G 215 53.99 -69.35 42.69
N TYR G 216 53.83 -68.69 43.84
CA TYR G 216 54.82 -67.71 44.30
C TYR G 216 56.18 -68.38 44.43
N GLU G 217 56.21 -69.52 45.13
CA GLU G 217 57.45 -70.24 45.42
C GLU G 217 58.21 -70.53 44.13
N SER G 218 57.47 -70.90 43.07
CA SER G 218 58.07 -71.16 41.77
C SER G 218 58.83 -69.93 41.28
N LEU G 219 58.16 -68.78 41.31
CA LEU G 219 58.77 -67.51 40.91
C LEU G 219 59.91 -67.11 41.83
N LYS G 220 59.77 -67.41 43.12
CA LYS G 220 60.80 -67.04 44.08
C LYS G 220 62.09 -67.79 43.78
N GLU G 221 61.98 -69.09 43.55
CA GLU G 221 63.13 -69.93 43.26
C GLU G 221 63.92 -69.40 42.09
N VAL G 222 63.21 -68.83 41.12
CA VAL G 222 63.86 -68.30 39.92
C VAL G 222 64.36 -66.85 40.15
N MET G 223 63.63 -66.07 40.94
CA MET G 223 64.10 -64.73 41.29
C MET G 223 65.41 -64.86 42.06
N ASP G 224 65.54 -65.94 42.83
CA ASP G 224 66.74 -66.22 43.60
C ASP G 224 67.87 -66.71 42.71
N TYR G 225 67.57 -67.70 41.88
CA TYR G 225 68.55 -68.22 40.91
C TYR G 225 69.16 -67.06 40.13
N LEU G 226 68.35 -66.03 39.89
CA LEU G 226 68.78 -64.90 39.07
C LEU G 226 69.73 -63.94 39.78
N THR G 227 69.70 -63.90 41.11
CA THR G 227 70.63 -63.07 41.84
C THR G 227 72.08 -63.43 41.53
N GLY G 228 72.35 -64.69 41.21
CA GLY G 228 73.69 -65.09 40.82
C GLY G 228 74.08 -64.78 39.38
N TYR G 229 73.29 -63.95 38.70
CA TYR G 229 73.62 -63.49 37.37
C TYR G 229 73.12 -62.06 37.16
N PRO G 230 73.79 -61.09 37.82
CA PRO G 230 73.42 -59.66 37.77
C PRO G 230 73.42 -59.00 36.38
N TRP G 231 73.93 -59.69 35.36
CA TRP G 231 73.97 -59.15 34.01
C TRP G 231 72.79 -59.67 33.18
N ILE G 232 72.19 -60.78 33.63
CA ILE G 232 70.93 -61.30 33.07
C ILE G 232 69.73 -60.68 33.81
N GLN G 233 69.88 -60.51 35.13
CA GLN G 233 68.85 -59.90 35.95
C GLN G 233 68.71 -58.41 35.65
N GLN G 234 69.80 -57.79 35.22
CA GLN G 234 69.79 -56.38 34.82
C GLN G 234 68.68 -56.07 33.80
N SER G 235 68.29 -57.06 33.00
CA SER G 235 67.30 -56.87 31.94
C SER G 235 65.96 -57.52 32.27
N ILE G 236 65.40 -57.18 33.43
CA ILE G 236 64.02 -57.48 33.76
C ILE G 236 63.26 -56.18 33.66
N LYS G 237 62.10 -56.20 33.00
CA LYS G 237 61.24 -55.01 32.92
C LYS G 237 60.40 -54.88 34.17
N ASN G 238 59.83 -56.00 34.59
CA ASN G 238 59.06 -56.07 35.81
C ASN G 238 58.68 -57.51 36.05
N VAL G 239 58.13 -57.74 37.23
CA VAL G 239 57.32 -58.93 37.42
C VAL G 239 55.97 -58.41 37.85
N THR G 240 54.94 -58.70 37.06
CA THR G 240 53.60 -58.23 37.35
C THR G 240 52.79 -59.31 38.05
N ILE G 241 51.84 -58.88 38.88
CA ILE G 241 50.94 -59.79 39.56
C ILE G 241 49.55 -59.61 38.97
N ILE G 242 49.06 -60.64 38.30
CA ILE G 242 47.73 -60.62 37.75
C ILE G 242 46.82 -61.56 38.54
N PRO G 243 45.49 -61.49 38.31
CA PRO G 243 44.55 -62.43 38.92
C PRO G 243 44.47 -63.78 38.20
N SER G 244 44.15 -64.81 38.96
CA SER G 244 44.15 -66.18 38.47
C SER G 244 43.15 -66.45 37.33
N GLY G 245 43.43 -67.50 36.56
CA GLY G 245 42.51 -68.02 35.55
C GLY G 245 42.25 -67.13 34.36
N PHE G 246 43.19 -66.25 34.02
CA PHE G 246 43.03 -65.41 32.83
C PHE G 246 43.88 -65.85 31.67
N ILE G 247 44.82 -66.76 31.89
CA ILE G 247 45.70 -67.25 30.81
C ILE G 247 45.38 -68.68 30.38
N LYS G 248 45.30 -68.88 29.06
CA LYS G 248 44.96 -70.17 28.47
C LYS G 248 46.17 -71.10 28.56
N GLN G 249 45.93 -72.36 28.91
CA GLN G 249 47.02 -73.32 29.07
C GLN G 249 47.81 -73.48 27.78
N GLU G 250 47.08 -73.52 26.66
CA GLU G 250 47.70 -73.64 25.33
C GLU G 250 48.18 -72.30 24.78
N SER G 251 48.46 -71.35 25.66
CA SER G 251 49.25 -70.18 25.33
C SER G 251 50.62 -70.30 26.03
N LEU G 252 50.87 -71.45 26.67
CA LEU G 252 52.08 -71.66 27.46
C LEU G 252 52.92 -72.83 26.95
N ASN G 253 54.22 -72.59 26.77
CA ASN G 253 55.17 -73.67 26.53
C ASN G 253 55.24 -74.56 27.75
N ASP G 254 55.74 -75.77 27.55
CA ASP G 254 55.91 -76.70 28.66
C ASP G 254 57.10 -76.24 29.49
N HIS G 255 57.32 -76.92 30.60
CA HIS G 255 58.41 -76.57 31.51
C HIS G 255 59.78 -76.81 30.84
N GLU G 256 60.38 -75.74 30.33
CA GLU G 256 61.75 -75.80 29.82
C GLU G 256 62.72 -75.38 30.93
N PRO G 257 63.92 -75.98 30.95
CA PRO G 257 64.85 -75.66 32.05
C PRO G 257 65.46 -74.27 31.91
N VAL G 258 65.85 -73.67 33.04
CA VAL G 258 66.42 -72.31 33.06
C VAL G 258 67.86 -72.34 32.50
N ASN G 259 68.81 -71.62 33.08
CA ASN G 259 70.15 -71.55 32.53
C ASN G 259 70.77 -72.93 32.43
N GLY G 260 70.89 -73.61 33.56
CA GLY G 260 71.45 -74.94 33.56
C GLY G 260 70.49 -75.93 32.93
N GLY G 261 69.43 -76.31 33.63
CA GLY G 261 69.09 -75.76 34.93
C GLY G 261 68.32 -76.73 35.79
N ASP G 262 68.27 -76.40 37.08
CA ASP G 262 67.55 -77.20 38.05
C ASP G 262 66.08 -76.76 38.06
N LEU G 263 65.83 -75.55 37.56
CA LEU G 263 64.51 -74.91 37.62
C LEU G 263 63.91 -74.83 36.24
N SER G 264 62.58 -74.71 36.19
CA SER G 264 61.89 -74.61 34.91
C SER G 264 60.97 -73.39 34.85
N VAL G 265 60.97 -72.74 33.69
CA VAL G 265 60.12 -71.57 33.44
C VAL G 265 59.34 -71.77 32.14
N ARG G 266 58.10 -71.30 32.11
CA ARG G 266 57.20 -71.54 30.98
C ARG G 266 56.94 -70.30 30.11
N LYS G 267 57.55 -70.28 28.93
CA LYS G 267 57.39 -69.17 28.01
C LYS G 267 55.91 -69.02 27.63
N LEU G 268 55.38 -67.79 27.74
CA LEU G 268 53.99 -67.49 27.37
C LEU G 268 53.92 -66.78 26.03
N GLY G 269 53.39 -67.47 25.01
CA GLY G 269 53.29 -66.91 23.68
C GLY G 269 52.27 -67.66 22.86
N LYS G 270 52.75 -68.47 21.92
CA LYS G 270 51.88 -69.34 21.13
C LYS G 270 50.69 -68.59 20.51
N GLN G 271 50.86 -67.31 20.17
CA GLN G 271 49.84 -66.53 19.45
C GLN G 271 48.47 -66.35 20.14
N GLY G 272 48.18 -67.12 21.19
CA GLY G 272 46.82 -67.23 21.69
C GLY G 272 46.35 -65.99 22.42
N VAL G 273 45.08 -66.00 22.81
CA VAL G 273 44.48 -64.91 23.57
C VAL G 273 44.32 -65.29 25.03
N SER G 274 43.76 -64.37 25.80
CA SER G 274 43.41 -64.60 27.19
C SER G 274 41.98 -65.11 27.24
N ASN G 275 41.56 -65.58 28.42
CA ASN G 275 40.17 -65.95 28.64
C ASN G 275 39.34 -64.68 28.75
N GLN G 276 38.38 -64.50 27.84
CA GLN G 276 37.47 -63.36 27.93
C GLN G 276 36.40 -63.66 28.97
N LYS G 277 36.86 -63.82 30.20
CA LYS G 277 36.17 -64.54 31.26
C LYS G 277 34.71 -64.14 31.46
N ASP G 278 33.82 -65.13 31.46
CA ASP G 278 32.45 -64.90 31.91
C ASP G 278 32.55 -64.75 33.44
N PHE G 279 32.35 -63.52 33.93
CA PHE G 279 32.33 -63.21 35.37
C PHE G 279 31.01 -63.64 36.03
N ASN G 280 30.97 -64.84 36.61
CA ASN G 280 29.70 -65.42 37.05
C ASN G 280 29.34 -65.19 38.51
N ALA G 281 30.32 -65.12 39.39
CA ALA G 281 30.05 -64.89 40.81
C ALA G 281 29.25 -63.60 41.02
N ILE G 282 29.36 -62.69 40.06
CA ILE G 282 28.77 -61.37 40.17
C ILE G 282 27.51 -61.22 39.30
N SER G 283 27.29 -62.16 38.37
CA SER G 283 26.17 -62.08 37.43
C SER G 283 24.89 -62.69 37.97
N LEU G 284 23.76 -62.04 37.69
CA LEU G 284 22.45 -62.55 38.06
C LEU G 284 21.53 -62.69 36.85
N ASP G 285 21.15 -63.93 36.54
CA ASP G 285 20.15 -64.17 35.50
C ASP G 285 18.83 -63.60 36.01
N TYR G 286 17.81 -63.58 35.15
CA TYR G 286 16.57 -62.86 35.45
C TYR G 286 16.01 -63.34 36.77
N GLN G 287 15.85 -64.64 36.89
CA GLN G 287 15.25 -65.18 38.08
C GLN G 287 16.05 -64.83 39.29
N SER G 288 17.35 -65.02 39.19
CA SER G 288 18.26 -64.72 40.27
C SER G 288 18.30 -63.23 40.61
N LEU G 289 18.06 -62.36 39.63
CA LEU G 289 18.12 -60.93 39.88
C LEU G 289 16.89 -60.47 40.68
N MET G 290 15.72 -60.78 40.17
CA MET G 290 14.45 -60.42 40.80
C MET G 290 14.41 -60.96 42.21
N PHE G 291 14.90 -62.19 42.35
CA PHE G 291 15.11 -62.84 43.63
C PHE G 291 15.92 -61.96 44.59
N THR G 292 17.15 -61.62 44.23
CA THR G 292 18.10 -60.96 45.14
C THR G 292 17.63 -59.59 45.59
N LEU G 293 16.75 -58.99 44.78
CA LEU G 293 16.18 -57.68 45.09
C LEU G 293 14.86 -57.76 45.86
N GLY G 294 14.40 -58.97 46.16
CA GLY G 294 13.12 -59.13 46.84
C GLY G 294 12.00 -58.58 45.99
N LEU G 295 12.09 -58.80 44.68
CA LEU G 295 11.04 -58.46 43.73
C LEU G 295 10.42 -59.75 43.24
N ASN G 296 9.10 -59.78 43.16
CA ASN G 296 8.41 -60.98 42.69
C ASN G 296 8.60 -61.10 41.18
N PRO G 297 9.36 -62.11 40.73
CA PRO G 297 9.78 -62.17 39.31
C PRO G 297 8.65 -62.41 38.32
N ILE G 298 7.46 -62.73 38.83
CA ILE G 298 6.38 -63.20 37.98
C ILE G 298 5.61 -62.01 37.38
N ASN G 299 5.47 -60.92 38.15
CA ASN G 299 4.74 -59.74 37.69
C ASN G 299 5.32 -58.36 38.16
N ASP G 300 6.61 -58.32 38.50
CA ASP G 300 7.28 -57.06 38.91
C ASP G 300 8.46 -56.67 38.01
N LYS G 301 8.50 -57.17 36.77
CA LYS G 301 9.59 -56.79 35.88
C LYS G 301 9.56 -55.29 35.60
N HIS G 302 8.37 -54.69 35.65
CA HIS G 302 8.24 -53.25 35.43
C HIS G 302 8.88 -52.42 36.54
N LEU G 303 9.35 -53.07 37.60
CA LEU G 303 9.99 -52.38 38.70
C LEU G 303 11.50 -52.31 38.56
N LEU G 304 12.06 -52.95 37.53
CA LEU G 304 13.49 -52.82 37.29
C LEU G 304 13.76 -51.48 36.64
N ARG G 305 13.66 -50.42 37.44
CA ARG G 305 13.90 -49.07 36.96
C ARG G 305 14.71 -48.36 38.04
N PRO G 306 15.56 -47.41 37.63
CA PRO G 306 16.61 -46.83 38.49
C PRO G 306 16.15 -46.25 39.83
N ASN G 307 14.94 -45.70 39.93
CA ASN G 307 14.51 -45.11 41.21
C ASN G 307 13.91 -46.11 42.20
N ILE G 308 13.90 -47.39 41.83
CA ILE G 308 13.54 -48.47 42.73
C ILE G 308 14.75 -49.39 43.01
N VAL G 309 15.59 -49.62 42.00
CA VAL G 309 16.77 -50.45 42.17
C VAL G 309 17.97 -49.90 41.40
N THR G 310 19.15 -50.01 42.01
CA THR G 310 20.39 -49.47 41.44
C THR G 310 21.56 -50.44 41.56
N ALA G 311 22.36 -50.53 40.52
CA ALA G 311 23.47 -51.46 40.49
C ALA G 311 24.76 -50.72 40.14
N GLU G 312 25.84 -51.01 40.88
CA GLU G 312 27.12 -50.35 40.68
C GLU G 312 28.29 -51.31 40.90
N LEU G 313 29.24 -51.32 39.96
CA LEU G 313 30.46 -52.10 40.14
C LEU G 313 31.57 -51.22 40.68
N THR G 314 32.37 -51.78 41.61
CA THR G 314 33.56 -51.09 42.10
C THR G 314 34.67 -52.08 42.46
N ASP G 315 35.92 -51.64 42.26
CA ASP G 315 37.10 -52.41 42.68
C ASP G 315 37.67 -51.88 43.99
N TYR G 316 36.86 -51.04 44.67
CA TYR G 316 37.24 -50.40 45.92
C TYR G 316 38.52 -49.58 45.79
N ALA G 317 38.84 -49.19 44.56
CA ALA G 317 40.01 -48.36 44.30
C ALA G 317 39.59 -47.16 43.48
N GLY G 318 38.31 -46.80 43.54
CA GLY G 318 37.83 -45.64 42.83
C GLY G 318 37.39 -45.89 41.40
N ASN G 319 37.84 -46.99 40.78
CA ASN G 319 37.26 -47.39 39.50
C ASN G 319 35.84 -47.86 39.78
N ARG G 320 34.85 -47.28 39.11
CA ARG G 320 33.44 -47.65 39.34
C ARG G 320 32.73 -47.90 38.02
N LEU G 321 31.54 -48.47 38.09
CA LEU G 321 30.63 -48.53 36.93
C LEU G 321 29.19 -48.46 37.39
N PRO G 322 28.50 -47.35 37.11
CA PRO G 322 27.07 -47.27 37.41
C PRO G 322 26.25 -48.05 36.41
N ILE G 323 25.11 -48.60 36.83
CA ILE G 323 24.25 -49.36 35.93
C ILE G 323 22.78 -49.01 36.16
N ASP G 324 22.08 -48.78 35.07
CA ASP G 324 20.70 -48.33 35.06
C ASP G 324 19.85 -49.53 34.71
N LEU G 325 19.20 -50.10 35.71
CA LEU G 325 18.57 -51.42 35.54
C LEU G 325 17.42 -51.42 34.52
N SER G 326 16.99 -50.24 34.07
CA SER G 326 15.94 -50.16 33.07
C SER G 326 16.42 -50.52 31.65
N LEU G 327 17.69 -50.92 31.51
CA LEU G 327 18.28 -51.12 30.19
C LEU G 327 18.68 -52.57 29.87
N ILE G 328 18.95 -53.37 30.89
CA ILE G 328 19.10 -54.82 30.70
C ILE G 328 17.76 -55.43 30.33
N GLU G 329 17.68 -56.01 29.14
CA GLU G 329 16.41 -56.52 28.63
C GLU G 329 15.84 -57.65 29.49
N THR G 330 16.70 -58.57 29.89
CA THR G 330 16.29 -59.65 30.80
C THR G 330 17.37 -60.12 31.79
N ASN G 331 18.64 -59.86 31.55
CA ASN G 331 19.68 -60.43 32.40
C ASN G 331 20.82 -59.49 32.69
N LEU G 332 21.12 -59.38 33.99
CA LEU G 332 22.34 -58.71 34.45
C LEU G 332 23.51 -59.71 34.35
N GLU G 333 23.95 -60.01 33.12
CA GLU G 333 25.16 -60.81 32.90
C GLU G 333 26.40 -59.92 32.69
N PHE G 334 27.43 -60.17 33.50
CA PHE G 334 28.73 -59.53 33.32
C PHE G 334 29.68 -60.45 32.56
N ASP G 335 30.11 -60.01 31.38
CA ASP G 335 31.22 -60.65 30.65
C ASP G 335 32.42 -59.69 30.73
N SER G 336 33.60 -60.12 30.27
CA SER G 336 34.79 -59.25 30.29
C SER G 336 35.57 -59.22 28.99
N PHE G 337 36.46 -58.23 28.93
CA PHE G 337 37.33 -57.98 27.79
C PHE G 337 38.72 -57.76 28.35
N VAL G 338 39.44 -58.86 28.48
CA VAL G 338 40.74 -58.84 29.13
C VAL G 338 41.84 -59.08 28.08
N THR G 339 42.86 -58.23 28.14
CA THR G 339 44.07 -58.41 27.34
C THR G 339 45.21 -58.50 28.34
N MET G 340 46.11 -59.47 28.14
CA MET G 340 47.13 -59.80 29.15
C MET G 340 48.54 -59.96 28.57
N GLY G 341 49.52 -59.98 29.47
CA GLY G 341 50.91 -60.22 29.13
C GLY G 341 51.58 -58.97 28.63
N ALA G 342 51.40 -58.74 27.34
CA ALA G 342 51.91 -57.54 26.70
C ALA G 342 51.35 -56.26 27.35
N LYS G 343 50.02 -56.21 27.49
CA LYS G 343 49.31 -55.08 28.09
C LYS G 343 48.30 -55.64 29.09
N ASN G 344 48.39 -55.22 30.36
CA ASN G 344 47.58 -55.82 31.44
C ASN G 344 46.36 -54.98 31.79
N GLU G 345 45.19 -55.45 31.38
CA GLU G 345 43.95 -54.71 31.57
C GLU G 345 42.70 -55.56 31.37
N ILE G 346 41.91 -55.65 32.44
CA ILE G 346 40.63 -56.32 32.38
C ILE G 346 39.57 -55.25 32.47
N LYS G 347 38.75 -55.11 31.44
CA LYS G 347 37.54 -54.33 31.59
C LYS G 347 36.29 -55.19 31.48
N VAL G 348 35.45 -55.10 32.50
CA VAL G 348 34.29 -55.96 32.62
C VAL G 348 33.08 -55.11 32.27
N TYR G 349 32.30 -55.59 31.31
CA TYR G 349 31.14 -54.84 30.81
C TYR G 349 29.85 -55.60 31.14
N VAL G 350 28.72 -54.98 30.81
CA VAL G 350 27.43 -55.61 31.07
C VAL G 350 26.79 -55.93 29.71
N LYS G 351 26.37 -57.18 29.57
CA LYS G 351 26.00 -57.73 28.26
C LYS G 351 24.72 -57.09 27.74
N ASN G 352 24.84 -56.44 26.58
CA ASN G 352 23.66 -55.94 25.87
C ASN G 352 22.92 -54.88 26.67
N TYR G 353 23.74 -54.04 27.31
CA TYR G 353 23.26 -52.93 28.08
C TYR G 353 22.68 -51.89 27.14
N ASN G 354 21.46 -51.45 27.40
CA ASN G 354 20.77 -50.46 26.57
C ASN G 354 20.45 -51.02 25.19
N ALA G 355 20.59 -52.32 25.01
CA ALA G 355 20.38 -52.89 23.71
C ALA G 355 18.98 -53.46 23.64
N ARG G 356 18.45 -53.46 22.42
CA ARG G 356 17.24 -54.21 22.08
C ARG G 356 17.63 -55.54 21.41
N GLY G 357 18.22 -56.43 22.22
CA GLY G 357 18.91 -57.63 21.77
C GLY G 357 18.34 -58.42 20.61
N ASN G 358 19.12 -59.32 20.00
CA ASN G 358 20.47 -59.69 20.43
C ASN G 358 21.59 -59.04 19.60
N ASN G 359 21.62 -57.71 19.54
CA ASN G 359 22.86 -57.01 19.19
C ASN G 359 23.56 -56.63 20.50
N VAL G 360 24.87 -56.44 20.47
CA VAL G 360 25.58 -55.96 21.66
C VAL G 360 25.26 -54.49 21.84
N GLY G 361 25.22 -54.04 23.08
CA GLY G 361 24.75 -52.71 23.36
C GLY G 361 25.94 -51.79 23.34
N GLN G 362 26.20 -51.23 24.51
CA GLN G 362 27.31 -50.34 24.65
C GLN G 362 28.61 -51.14 24.58
N TYR G 363 28.51 -52.47 24.78
CA TYR G 363 29.69 -53.31 24.76
C TYR G 363 30.66 -52.76 25.80
N ILE G 364 31.85 -52.32 25.39
CA ILE G 364 32.91 -51.94 26.34
C ILE G 364 32.98 -50.44 26.54
N ASP G 365 32.20 -49.69 25.79
CA ASP G 365 32.07 -48.27 26.07
C ASP G 365 31.33 -48.03 27.40
N ASN G 366 30.84 -49.10 28.04
CA ASN G 366 30.29 -49.00 29.40
C ASN G 366 30.86 -50.13 30.26
N ALA G 367 32.11 -49.92 30.70
CA ALA G 367 32.85 -50.94 31.44
C ALA G 367 33.68 -50.37 32.60
N LEU G 368 33.72 -51.18 33.66
CA LEU G 368 34.60 -50.97 34.80
C LEU G 368 35.96 -51.47 34.38
N THR G 369 36.93 -50.58 34.28
CA THR G 369 38.20 -50.93 33.66
C THR G 369 39.33 -51.00 34.72
N ILE G 370 39.94 -52.19 34.83
CA ILE G 370 40.96 -52.52 35.83
C ILE G 370 42.33 -52.65 35.20
N ASN G 371 43.31 -51.91 35.71
CA ASN G 371 44.69 -52.09 35.24
C ASN G 371 45.78 -51.42 36.08
N ASN G 372 45.56 -51.31 37.38
CA ASN G 372 46.61 -50.87 38.29
C ASN G 372 47.26 -52.08 38.99
N PHE G 373 47.69 -53.08 38.21
CA PHE G 373 48.21 -54.32 38.80
C PHE G 373 49.57 -54.14 39.45
N ASP G 374 49.85 -54.95 40.47
CA ASP G 374 51.06 -54.79 41.26
C ASP G 374 52.28 -55.33 40.50
N THR G 375 53.41 -54.63 40.61
CA THR G 375 54.69 -55.20 40.20
C THR G 375 55.60 -55.24 41.42
N ILE G 376 56.62 -56.08 41.36
CA ILE G 376 57.42 -56.37 42.55
C ILE G 376 58.88 -55.95 42.36
N GLY G 377 59.46 -55.33 43.38
CA GLY G 377 60.81 -54.80 43.33
C GLY G 377 61.86 -55.86 43.63
N PHE G 378 63.04 -55.72 43.04
CA PHE G 378 64.14 -56.65 43.30
C PHE G 378 65.48 -55.94 43.46
N SER G 379 66.51 -56.70 43.84
CA SER G 379 67.86 -56.15 44.10
C SER G 379 68.94 -56.86 43.28
N VAL G 380 69.96 -56.10 42.89
CA VAL G 380 71.03 -56.59 42.01
C VAL G 380 72.32 -55.78 42.25
N ASP G 381 73.48 -56.41 42.00
CA ASP G 381 74.76 -55.71 42.04
C ASP G 381 75.51 -55.82 40.72
N ALA G 462 70.91 -53.01 40.65
CA ALA G 462 70.42 -51.79 41.28
C ALA G 462 69.47 -52.19 42.42
N ILE G 463 68.44 -51.40 42.67
CA ILE G 463 67.46 -51.71 43.71
C ILE G 463 66.04 -51.51 43.18
N THR G 464 65.90 -51.53 41.85
CA THR G 464 64.71 -51.04 41.11
C THR G 464 63.39 -51.46 41.77
N GLU G 465 62.53 -50.48 42.04
CA GLU G 465 61.43 -50.64 43.00
C GLU G 465 60.17 -51.30 42.46
N GLY G 466 59.38 -51.85 43.38
CA GLY G 466 58.10 -52.43 43.02
C GLY G 466 56.98 -51.40 43.03
N HIS G 467 55.92 -51.66 42.27
CA HIS G 467 54.73 -50.83 42.24
C HIS G 467 53.57 -51.50 42.97
N VAL G 468 52.89 -50.74 43.83
CA VAL G 468 51.80 -51.26 44.66
C VAL G 468 50.45 -50.72 44.17
N GLY G 469 49.46 -51.60 44.14
CA GLY G 469 48.15 -51.25 43.65
C GLY G 469 47.06 -51.93 44.44
N TYR G 470 46.66 -53.12 43.99
CA TYR G 470 45.61 -53.88 44.65
C TYR G 470 46.14 -54.82 45.74
N ALA G 471 47.43 -54.76 46.03
CA ALA G 471 48.02 -55.72 46.95
C ALA G 471 47.36 -55.70 48.34
N PRO G 472 47.45 -54.57 49.08
CA PRO G 472 46.95 -54.62 50.46
C PRO G 472 45.45 -54.87 50.53
N LEU G 473 44.73 -54.59 49.44
CA LEU G 473 43.33 -54.96 49.31
C LEU G 473 43.18 -56.46 49.33
N PHE G 474 44.11 -57.14 48.67
CA PHE G 474 44.05 -58.60 48.59
C PHE G 474 44.33 -59.26 49.92
N LYS G 475 45.20 -58.66 50.75
CA LYS G 475 45.47 -59.23 52.06
C LYS G 475 44.30 -59.02 53.04
N GLN G 476 43.24 -58.37 52.57
CA GLN G 476 41.98 -58.25 53.29
C GLN G 476 40.85 -58.99 52.58
N ASP G 477 41.19 -59.77 51.54
CA ASP G 477 40.23 -60.48 50.72
C ASP G 477 39.18 -59.54 50.13
N LYS G 478 39.68 -58.45 49.53
CA LYS G 478 38.83 -57.51 48.83
C LYS G 478 39.41 -57.16 47.46
N PHE G 479 40.47 -57.85 47.04
CA PHE G 479 40.94 -57.63 45.69
C PHE G 479 39.95 -58.34 44.83
N GLY G 480 39.14 -57.57 44.13
CA GLY G 480 38.14 -58.17 43.27
C GLY G 480 37.15 -57.13 42.83
N VAL G 481 36.26 -57.53 41.94
CA VAL G 481 35.23 -56.64 41.42
C VAL G 481 33.93 -56.93 42.17
N HIS G 482 33.30 -55.86 42.66
CA HIS G 482 32.14 -55.95 43.55
C HIS G 482 30.93 -55.22 42.99
N LEU G 483 29.75 -55.78 43.25
CA LEU G 483 28.50 -55.24 42.75
C LEU G 483 27.68 -54.74 43.92
N ARG G 484 27.19 -53.51 43.81
CA ARG G 484 26.33 -52.95 44.82
C ARG G 484 24.89 -52.83 44.32
N LEU G 485 24.05 -53.78 44.73
CA LEU G 485 22.61 -53.71 44.48
C LEU G 485 21.95 -52.88 45.56
N GLY G 486 21.26 -51.83 45.12
CA GLY G 486 20.58 -50.91 45.99
C GLY G 486 19.09 -51.03 45.78
N ARG G 487 18.31 -50.85 46.83
CA ARG G 487 16.86 -50.88 46.69
C ARG G 487 16.23 -49.95 47.72
N ILE G 488 15.01 -49.51 47.42
CA ILE G 488 14.22 -48.70 48.33
C ILE G 488 13.63 -49.53 49.48
N SER G 489 13.33 -48.85 50.59
CA SER G 489 12.71 -49.46 51.77
C SER G 489 11.62 -50.43 51.38
N GLN G 490 11.45 -51.49 52.16
CA GLN G 490 10.31 -52.39 51.95
C GLN G 490 8.95 -51.63 51.92
N ASP G 491 8.74 -50.68 52.85
CA ASP G 491 7.48 -49.92 52.89
C ASP G 491 7.37 -49.16 51.58
N GLU G 492 8.39 -48.38 51.24
CA GLU G 492 8.36 -47.55 50.03
C GLU G 492 8.14 -48.41 48.77
N LEU G 493 8.71 -49.60 48.75
CA LEU G 493 8.49 -50.53 47.65
C LEU G 493 7.02 -50.90 47.52
N ASN G 494 6.33 -50.96 48.65
CA ASN G 494 4.89 -51.19 48.64
C ASN G 494 4.11 -49.97 48.22
N ASN G 495 4.52 -48.79 48.68
CA ASN G 495 3.86 -47.55 48.23
C ASN G 495 3.85 -47.43 46.70
N VAL G 496 4.92 -47.89 46.06
CA VAL G 496 5.01 -47.90 44.60
C VAL G 496 4.20 -49.07 44.05
N LYS G 497 4.39 -50.27 44.60
CA LYS G 497 3.59 -51.42 44.20
C LYS G 497 2.11 -51.02 44.20
N LYS G 498 1.67 -50.41 45.29
CA LYS G 498 0.29 -49.95 45.45
C LYS G 498 -0.11 -48.95 44.36
N TYR G 499 0.63 -47.86 44.26
CA TYR G 499 0.40 -46.81 43.27
C TYR G 499 0.13 -47.34 41.85
N TYR G 500 0.98 -48.25 41.40
CA TYR G 500 0.83 -48.83 40.07
C TYR G 500 -0.43 -49.69 40.04
N ASN G 501 -0.50 -50.64 40.97
CA ASN G 501 -1.64 -51.55 41.11
C ASN G 501 -2.99 -50.81 41.25
N MET G 502 -2.95 -49.57 41.71
CA MET G 502 -4.15 -48.78 41.92
C MET G 502 -4.54 -47.99 40.68
N PHE G 503 -3.55 -47.35 40.05
CA PHE G 503 -3.79 -46.42 38.96
C PHE G 503 -3.20 -46.85 37.63
N GLY G 504 -2.90 -48.12 37.48
CA GLY G 504 -2.38 -48.60 36.22
C GLY G 504 -1.10 -47.90 35.83
N TYR G 505 -0.78 -47.95 34.54
CA TYR G 505 0.40 -47.29 34.00
C TYR G 505 -0.04 -46.23 32.98
N GLU G 506 0.88 -45.33 32.64
CA GLU G 506 0.58 -44.23 31.74
C GLU G 506 0.75 -44.69 30.29
N CYS G 507 -0.35 -44.68 29.51
CA CYS G 507 -0.27 -44.91 28.06
C CYS G 507 -0.71 -43.64 27.34
N ASN G 508 0.14 -43.17 26.42
CA ASN G 508 -0.20 -42.03 25.55
C ASN G 508 -0.82 -42.45 24.19
N ASP G 509 -1.66 -43.47 24.24
CA ASP G 509 -2.23 -44.06 23.05
C ASP G 509 -3.47 -43.26 22.70
N TYR G 510 -3.38 -42.37 21.73
CA TYR G 510 -4.57 -41.81 21.12
C TYR G 510 -5.10 -42.91 20.22
N SER G 511 -6.39 -42.90 19.89
CA SER G 511 -6.91 -43.86 18.91
C SER G 511 -6.46 -45.32 19.17
N THR G 512 -7.05 -45.96 20.18
CA THR G 512 -6.70 -47.35 20.52
C THR G 512 -7.89 -48.02 21.22
N LYS G 513 -8.01 -49.34 21.02
CA LYS G 513 -9.02 -50.11 21.74
C LYS G 513 -8.57 -50.30 23.17
N LEU G 514 -9.52 -50.17 24.09
CA LEU G 514 -9.24 -50.36 25.50
C LEU G 514 -8.57 -51.73 25.67
N SER G 515 -7.54 -51.81 26.51
CA SER G 515 -7.03 -53.10 26.93
C SER G 515 -8.13 -53.79 27.72
N ASP G 516 -7.97 -55.06 28.01
CA ASP G 516 -9.06 -55.77 28.67
C ASP G 516 -9.40 -55.12 30.01
N ILE G 517 -10.67 -55.23 30.39
CA ILE G 517 -11.23 -54.61 31.59
C ILE G 517 -11.05 -55.51 32.81
N THR G 518 -10.73 -56.78 32.56
CA THR G 518 -10.53 -57.78 33.60
C THR G 518 -9.10 -58.31 33.56
N SER G 519 -8.16 -57.46 33.14
CA SER G 519 -6.78 -57.88 33.05
C SER G 519 -6.37 -58.37 34.44
N MET G 520 -6.73 -57.57 35.44
CA MET G 520 -6.22 -57.75 36.79
C MET G 520 -7.05 -58.72 37.63
N SER G 521 -6.60 -58.92 38.86
CA SER G 521 -7.23 -59.85 39.79
C SER G 521 -8.02 -59.13 40.88
N ILE G 522 -7.67 -57.88 41.17
CA ILE G 522 -8.27 -57.15 42.27
C ILE G 522 -9.07 -55.95 41.74
N CYS G 523 -8.44 -55.16 40.88
CA CYS G 523 -9.09 -53.98 40.30
C CYS G 523 -8.42 -53.55 39.00
N ASN G 524 -9.19 -52.89 38.14
CA ASN G 524 -8.69 -52.33 36.90
C ASN G 524 -8.91 -50.83 36.86
N TRP G 525 -7.92 -50.08 36.41
CA TRP G 525 -8.05 -48.66 36.37
C TRP G 525 -8.48 -48.50 34.93
N VAL G 526 -9.20 -47.43 34.63
CA VAL G 526 -9.59 -47.16 33.27
C VAL G 526 -9.93 -45.67 33.13
N GLN G 527 -9.12 -44.97 32.35
CA GLN G 527 -9.25 -43.54 32.15
C GLN G 527 -9.10 -43.17 30.67
N PHE G 528 -10.14 -42.59 30.04
CA PHE G 528 -10.05 -42.24 28.62
C PHE G 528 -10.90 -41.06 28.11
N LYS G 529 -10.28 -40.29 27.22
CA LYS G 529 -10.85 -39.11 26.56
C LYS G 529 -11.71 -39.63 25.41
N GLY G 530 -12.56 -38.78 24.82
CA GLY G 530 -13.39 -39.14 23.67
C GLY G 530 -12.65 -39.72 22.47
N ILE G 531 -13.34 -40.25 21.45
CA ILE G 531 -14.82 -40.21 21.33
C ILE G 531 -15.51 -41.57 21.15
N TRP G 532 -16.58 -41.73 21.92
CA TRP G 532 -17.30 -42.98 22.03
C TRP G 532 -18.74 -42.71 22.46
N THR G 533 -19.64 -43.61 22.05
CA THR G 533 -20.97 -43.68 22.64
C THR G 533 -21.27 -45.14 22.93
N LEU G 534 -22.02 -45.38 24.00
CA LEU G 534 -22.52 -46.71 24.29
C LEU G 534 -23.92 -46.90 23.72
N PRO G 535 -24.17 -48.07 23.13
CA PRO G 535 -25.46 -48.32 22.48
C PRO G 535 -26.69 -48.05 23.38
N ASN G 536 -27.48 -47.04 23.01
CA ASN G 536 -28.83 -46.82 23.54
C ASN G 536 -28.77 -46.27 24.95
N VAL G 537 -28.09 -45.15 25.12
CA VAL G 537 -27.98 -44.51 26.42
C VAL G 537 -28.37 -43.04 26.33
N ASP G 538 -29.18 -42.62 27.29
CA ASP G 538 -29.68 -41.25 27.33
C ASP G 538 -28.50 -40.32 27.15
N THR G 539 -28.55 -39.53 26.08
CA THR G 539 -27.44 -38.63 25.73
C THR G 539 -26.91 -37.82 26.92
N GLY G 540 -27.79 -37.47 27.85
CA GLY G 540 -27.36 -36.80 29.06
C GLY G 540 -26.41 -37.69 29.86
N HIS G 541 -26.86 -38.89 30.18
CA HIS G 541 -26.06 -39.84 30.94
C HIS G 541 -24.75 -40.17 30.25
N MET G 542 -24.74 -40.10 28.92
CA MET G 542 -23.49 -40.32 28.20
C MET G 542 -22.49 -39.23 28.56
N ASN G 543 -22.90 -37.97 28.42
CA ASN G 543 -22.04 -36.83 28.78
C ASN G 543 -21.37 -37.02 30.13
N MET G 544 -22.03 -37.75 31.02
CA MET G 544 -21.43 -38.08 32.31
C MET G 544 -20.40 -39.17 32.15
N LEU G 545 -20.79 -40.33 31.63
CA LEU G 545 -19.84 -41.43 31.42
C LEU G 545 -18.60 -40.97 30.67
N ARG G 546 -18.80 -40.23 29.58
CA ARG G 546 -17.70 -39.78 28.73
C ARG G 546 -16.66 -39.01 29.53
N ALA G 547 -17.15 -38.23 30.50
CA ALA G 547 -16.35 -37.30 31.31
C ALA G 547 -15.93 -37.85 32.67
N LEU G 548 -16.66 -38.84 33.15
CA LEU G 548 -16.32 -39.49 34.39
C LEU G 548 -15.09 -40.36 34.12
N PHE G 549 -15.06 -40.95 32.93
CA PHE G 549 -13.93 -41.78 32.52
C PHE G 549 -12.75 -40.97 32.03
N GLU G 550 -12.98 -39.74 31.57
CA GLU G 550 -11.85 -38.89 31.24
C GLU G 550 -11.00 -38.69 32.50
N ALA G 551 -11.65 -38.75 33.66
CA ALA G 551 -10.94 -38.58 34.94
C ALA G 551 -10.72 -39.91 35.68
N GLY G 552 -10.83 -41.02 34.97
CA GLY G 552 -10.46 -42.30 35.52
C GLY G 552 -11.49 -42.87 36.48
N VAL G 553 -11.56 -44.20 36.51
CA VAL G 553 -12.52 -44.92 37.33
C VAL G 553 -11.91 -46.26 37.73
N ARG G 554 -11.95 -46.59 39.01
CA ARG G 554 -11.42 -47.88 39.42
C ARG G 554 -12.52 -48.95 39.42
N LEU G 555 -12.28 -50.00 38.62
CA LEU G 555 -13.19 -51.12 38.47
C LEU G 555 -12.75 -52.28 39.33
N TRP G 556 -13.30 -52.36 40.52
CA TRP G 556 -12.99 -53.45 41.42
C TRP G 556 -13.70 -54.70 40.95
N HIS G 557 -13.16 -55.85 41.32
CA HIS G 557 -13.70 -57.12 40.84
C HIS G 557 -14.42 -57.87 41.94
N LYS G 558 -13.97 -57.74 43.18
CA LYS G 558 -14.64 -58.35 44.33
C LYS G 558 -14.97 -57.27 45.37
N GLU G 559 -16.13 -57.38 46.01
CA GLU G 559 -16.49 -56.39 47.04
C GLU G 559 -15.55 -56.47 48.23
N SER G 560 -15.16 -57.69 48.61
CA SER G 560 -14.24 -57.88 49.71
C SER G 560 -12.94 -57.09 49.51
N ASP G 561 -12.48 -57.00 48.28
CA ASP G 561 -11.26 -56.26 47.98
C ASP G 561 -11.40 -54.76 48.20
N MET G 562 -12.63 -54.27 48.26
CA MET G 562 -12.89 -52.84 48.48
C MET G 562 -12.76 -52.42 49.94
N ILE G 563 -12.73 -53.38 50.86
CA ILE G 563 -12.58 -53.11 52.30
C ILE G 563 -11.57 -54.05 52.95
N ASN G 564 -10.55 -54.43 52.20
CA ASN G 564 -9.37 -55.05 52.77
C ASN G 564 -8.13 -54.54 52.04
N ASN G 565 -6.98 -54.63 52.70
CA ASN G 565 -5.77 -54.03 52.15
C ASN G 565 -5.12 -54.92 51.09
N THR G 566 -5.92 -55.38 50.13
CA THR G 566 -5.50 -56.41 49.21
C THR G 566 -4.87 -55.88 47.92
N VAL G 567 -4.96 -54.56 47.71
CA VAL G 567 -4.63 -53.99 46.40
C VAL G 567 -3.14 -54.18 46.12
N VAL G 568 -2.38 -54.37 47.19
CA VAL G 568 -0.95 -54.55 47.09
C VAL G 568 -0.64 -55.82 46.29
N ASN G 569 -1.58 -56.78 46.32
CA ASN G 569 -1.44 -58.02 45.57
C ASN G 569 -2.24 -58.08 44.26
N ASN G 570 -2.56 -56.93 43.69
CA ASN G 570 -3.13 -56.93 42.35
C ASN G 570 -2.11 -57.53 41.38
N VAL G 571 -2.58 -58.18 40.31
CA VAL G 571 -1.71 -58.91 39.38
C VAL G 571 -2.48 -59.40 38.14
N ILE G 572 -1.76 -59.72 37.07
CA ILE G 572 -2.39 -60.05 35.79
C ILE G 572 -2.81 -61.52 35.84
N ILE G 573 -2.68 -62.26 34.73
CA ILE G 573 -2.98 -63.69 34.70
C ILE G 573 -2.21 -64.37 33.56
N LEU H 3 -43.37 -25.64 10.80
CA LEU H 3 -42.69 -25.10 9.64
C LEU H 3 -41.39 -25.87 9.32
N SER H 4 -41.24 -27.11 9.79
CA SER H 4 -39.96 -27.82 9.61
C SER H 4 -39.96 -29.31 9.94
N LYS H 5 -39.40 -30.10 9.03
CA LYS H 5 -39.33 -31.55 9.17
C LYS H 5 -38.03 -31.96 9.86
N ILE H 6 -38.11 -32.94 10.77
CA ILE H 6 -37.01 -33.30 11.66
C ILE H 6 -36.69 -34.81 11.71
N LYS H 7 -35.43 -35.17 11.45
CA LYS H 7 -34.91 -36.50 11.79
C LYS H 7 -34.26 -36.48 13.19
N LEU H 8 -34.18 -37.63 13.86
CA LEU H 8 -33.58 -37.71 15.21
C LEU H 8 -32.55 -38.83 15.43
N PHE H 9 -31.38 -38.72 14.80
CA PHE H 9 -30.44 -39.84 14.68
C PHE H 9 -29.96 -40.51 15.98
N TYR H 10 -29.89 -41.84 15.94
CA TYR H 10 -29.62 -42.66 17.12
C TYR H 10 -28.18 -43.15 17.16
N ASN H 11 -27.64 -43.24 18.37
CA ASN H 11 -26.26 -43.70 18.61
C ASN H 11 -25.21 -43.23 17.57
N THR H 12 -25.06 -41.92 17.47
CA THR H 12 -24.24 -41.32 16.44
C THR H 12 -22.82 -41.19 16.98
N PRO H 13 -21.80 -41.14 16.09
CA PRO H 13 -20.40 -40.87 16.52
C PRO H 13 -20.11 -39.41 16.90
N PHE H 14 -20.77 -38.50 16.20
CA PHE H 14 -20.72 -37.04 16.46
C PHE H 14 -21.25 -36.59 17.84
N ASN H 15 -20.38 -36.58 18.82
CA ASN H 15 -20.74 -36.05 20.14
C ASN H 15 -19.62 -35.26 20.84
N ASN H 16 -18.40 -35.35 20.32
CA ASN H 16 -17.39 -34.34 20.59
C ASN H 16 -17.79 -33.13 19.77
N MET H 17 -17.75 -31.94 20.38
CA MET H 17 -18.29 -30.74 19.76
C MET H 17 -17.17 -30.12 18.91
N GLN H 18 -16.43 -30.99 18.18
CA GLN H 18 -15.03 -30.74 17.76
C GLN H 18 -14.37 -31.89 16.95
N ASN H 19 -14.95 -33.08 16.98
CA ASN H 19 -14.71 -34.09 15.95
C ASN H 19 -15.89 -34.20 15.02
N THR H 20 -15.61 -34.05 13.73
CA THR H 20 -16.67 -34.01 12.72
C THR H 20 -16.34 -34.97 11.59
N LEU H 21 -17.30 -35.14 10.69
CA LEU H 21 -17.05 -35.85 9.43
C LEU H 21 -17.13 -34.83 8.31
N HIS H 22 -16.50 -35.14 7.19
CA HIS H 22 -16.40 -34.21 6.09
C HIS H 22 -16.66 -34.84 4.75
N PHE H 23 -17.53 -34.18 3.99
CA PHE H 23 -18.02 -34.66 2.70
C PHE H 23 -17.63 -33.65 1.65
N ASN H 24 -17.28 -34.16 0.46
CA ASN H 24 -16.87 -33.32 -0.66
C ASN H 24 -17.87 -32.20 -0.97
N SER H 25 -19.12 -32.39 -0.59
CA SER H 25 -20.16 -31.42 -0.89
C SER H 25 -21.41 -31.64 -0.06
N ASN H 26 -22.14 -30.56 0.19
CA ASN H 26 -23.31 -30.59 1.05
C ASN H 26 -24.27 -31.74 0.79
N GLU H 27 -25.00 -31.66 -0.30
CA GLU H 27 -26.07 -32.63 -0.54
C GLU H 27 -25.57 -34.08 -0.69
N GLU H 28 -24.25 -34.28 -0.68
CA GLU H 28 -23.66 -35.61 -0.62
C GLU H 28 -23.68 -36.15 0.83
N ARG H 29 -23.67 -35.21 1.78
CA ARG H 29 -23.85 -35.51 3.21
C ARG H 29 -25.33 -35.59 3.60
N ASP H 30 -26.16 -34.79 2.96
CA ASP H 30 -27.58 -34.91 3.21
C ASP H 30 -28.02 -36.25 2.65
N ALA H 31 -27.38 -36.68 1.57
CA ALA H 31 -27.65 -38.00 1.00
C ALA H 31 -27.23 -39.06 1.98
N TYR H 32 -26.06 -38.85 2.58
CA TYR H 32 -25.56 -39.75 3.61
C TYR H 32 -26.57 -39.85 4.75
N PHE H 33 -26.77 -38.74 5.45
CA PHE H 33 -27.64 -38.70 6.63
C PHE H 33 -29.06 -39.15 6.34
N ASN H 34 -29.66 -38.67 5.26
CA ASN H 34 -31.03 -39.06 4.90
C ASN H 34 -31.21 -40.56 4.61
N SER H 35 -30.25 -41.40 5.02
CA SER H 35 -30.28 -42.80 4.67
C SER H 35 -29.41 -43.60 5.62
N LYS H 36 -29.86 -43.75 6.87
CA LYS H 36 -29.21 -44.68 7.78
C LYS H 36 -30.04 -45.13 8.99
N PHE H 37 -31.30 -44.72 9.10
CA PHE H 37 -31.95 -44.62 10.41
C PHE H 37 -32.25 -45.96 11.08
N ASP H 38 -32.37 -45.87 12.41
CA ASP H 38 -32.72 -46.99 13.30
C ASP H 38 -34.19 -47.08 13.83
N VAL H 39 -34.76 -46.05 14.49
CA VAL H 39 -36.20 -46.11 14.84
C VAL H 39 -37.08 -44.81 15.07
N HIS H 40 -36.84 -43.68 14.37
CA HIS H 40 -37.64 -42.42 14.55
C HIS H 40 -37.33 -41.09 13.77
N GLU H 41 -38.35 -40.60 13.04
CA GLU H 41 -38.36 -39.27 12.41
C GLU H 41 -39.76 -38.65 12.53
N PHE H 42 -39.86 -37.33 12.56
CA PHE H 42 -41.16 -36.65 12.76
C PHE H 42 -41.23 -35.23 12.16
N THR H 43 -42.21 -34.44 12.60
CA THR H 43 -42.38 -33.07 12.13
C THR H 43 -42.97 -32.16 13.20
N SER H 44 -42.37 -30.99 13.37
CA SER H 44 -42.82 -30.02 14.36
C SER H 44 -42.27 -28.65 13.95
N THR H 45 -41.96 -27.81 14.94
CA THR H 45 -41.23 -26.57 14.70
C THR H 45 -40.61 -26.16 16.02
N PHE H 46 -39.67 -25.22 15.96
CA PHE H 46 -38.85 -24.94 17.13
C PHE H 46 -38.25 -23.53 17.16
N ASN H 47 -37.94 -23.10 18.38
CA ASN H 47 -37.53 -21.72 18.69
C ASN H 47 -36.01 -21.61 18.61
N TYR H 48 -35.46 -20.46 18.97
CA TYR H 48 -34.01 -20.29 18.87
C TYR H 48 -33.53 -19.04 19.63
N ARG H 49 -32.30 -19.08 20.11
CA ARG H 49 -31.68 -17.95 20.80
C ARG H 49 -30.20 -18.23 21.08
N GLY H 53 -26.90 -21.50 19.46
CA GLY H 53 -27.55 -22.16 20.58
C GLY H 53 -28.00 -21.11 21.57
N VAL H 54 -28.65 -21.51 22.67
CA VAL H 54 -29.09 -22.88 22.96
C VAL H 54 -30.62 -22.85 22.91
N LEU H 55 -31.24 -23.97 22.56
CA LEU H 55 -32.69 -23.99 22.33
C LEU H 55 -33.35 -25.37 22.53
N ARG H 56 -34.68 -25.39 22.59
CA ARG H 56 -35.44 -26.62 22.87
C ARG H 56 -36.47 -26.97 21.79
N VAL H 57 -36.75 -28.28 21.65
CA VAL H 57 -37.83 -28.77 20.78
C VAL H 57 -38.61 -29.89 21.48
N THR H 58 -39.90 -29.66 21.67
CA THR H 58 -40.73 -30.65 22.31
C THR H 58 -41.02 -31.75 21.28
N ILE H 59 -41.23 -32.97 21.75
CA ILE H 59 -41.59 -34.08 20.90
C ILE H 59 -42.31 -35.18 21.70
N ASP H 60 -43.12 -36.00 21.02
CA ASP H 60 -43.90 -37.04 21.70
C ASP H 60 -43.98 -38.40 20.99
N LEU H 61 -44.43 -39.39 21.76
CA LEU H 61 -44.49 -40.78 21.33
C LEU H 61 -45.82 -41.43 21.78
N VAL H 62 -46.79 -41.48 20.87
CA VAL H 62 -48.14 -41.93 21.22
C VAL H 62 -48.18 -43.46 21.32
N SER H 63 -47.26 -44.14 20.63
CA SER H 63 -47.23 -45.61 20.61
C SER H 63 -46.32 -46.15 21.72
N ASP H 64 -46.91 -46.54 22.83
CA ASP H 64 -46.08 -47.04 23.93
C ASP H 64 -46.69 -48.14 24.80
N ARG H 65 -45.76 -48.84 25.44
CA ARG H 65 -46.02 -49.94 26.37
C ARG H 65 -44.85 -50.01 27.35
N SER H 66 -43.64 -49.83 26.83
CA SER H 66 -42.42 -49.65 27.61
C SER H 66 -41.49 -48.60 26.98
N CYS H 67 -42.04 -47.48 26.50
CA CYS H 67 -41.25 -46.41 25.87
C CYS H 67 -41.29 -45.15 26.75
N PHE H 68 -42.38 -44.39 26.66
CA PHE H 68 -42.51 -43.14 27.39
C PHE H 68 -41.36 -42.17 26.99
N GLU H 69 -40.33 -42.01 27.83
CA GLU H 69 -39.11 -41.35 27.39
C GLU H 69 -38.37 -42.32 26.48
N GLN H 70 -37.49 -43.14 27.08
CA GLN H 70 -36.75 -44.24 26.43
C GLN H 70 -36.78 -44.32 24.87
N LEU H 71 -36.68 -43.17 24.25
CA LEU H 71 -36.18 -43.07 22.90
C LEU H 71 -34.65 -43.13 23.06
N MET H 72 -34.16 -42.69 24.21
CA MET H 72 -32.83 -43.04 24.70
C MET H 72 -31.69 -42.58 23.79
N GLY H 73 -31.14 -43.47 22.96
CA GLY H 73 -29.79 -43.30 22.40
C GLY H 73 -29.54 -42.15 21.41
N VAL H 74 -30.59 -41.37 21.11
CA VAL H 74 -30.49 -40.15 20.30
C VAL H 74 -29.54 -39.12 20.84
N ASN H 75 -28.63 -38.63 19.98
CA ASN H 75 -27.69 -37.57 20.36
C ASN H 75 -27.34 -36.56 19.27
N TYR H 76 -28.02 -36.64 18.12
CA TYR H 76 -27.73 -35.80 16.97
C TYR H 76 -28.99 -35.77 16.15
N CYS H 77 -29.23 -34.67 15.45
CA CYS H 77 -30.46 -34.54 14.69
C CYS H 77 -30.31 -33.63 13.49
N GLN H 78 -31.15 -33.87 12.49
CA GLN H 78 -31.25 -33.00 11.32
C GLN H 78 -32.54 -32.26 11.38
N VAL H 79 -32.50 -31.01 10.93
CA VAL H 79 -33.70 -30.23 10.74
C VAL H 79 -33.61 -29.68 9.34
N GLN H 80 -34.71 -29.72 8.60
CA GLN H 80 -34.81 -28.93 7.40
C GLN H 80 -36.09 -28.13 7.37
N TYR H 81 -35.90 -26.81 7.30
CA TYR H 81 -37.02 -25.89 7.31
C TYR H 81 -37.68 -25.96 5.95
N ILE H 82 -39.01 -25.92 5.94
CA ILE H 82 -39.80 -25.86 4.71
C ILE H 82 -40.91 -24.84 4.93
N GLN H 83 -41.22 -23.99 3.96
CA GLN H 83 -40.48 -23.85 2.70
C GLN H 83 -39.32 -22.90 2.93
N SER H 84 -38.19 -23.27 2.37
CA SER H 84 -36.88 -22.74 2.71
C SER H 84 -35.98 -23.86 2.24
N ASN H 85 -36.32 -25.08 2.66
CA ASN H 85 -35.59 -26.28 2.28
C ASN H 85 -34.10 -26.22 2.60
N ARG H 86 -33.74 -25.38 3.57
CA ARG H 86 -32.36 -25.30 4.02
C ARG H 86 -32.20 -26.28 5.16
N VAL H 87 -31.02 -26.89 5.24
CA VAL H 87 -30.76 -27.91 6.24
C VAL H 87 -29.74 -27.38 7.27
N GLU H 88 -29.87 -27.87 8.51
CA GLU H 88 -29.02 -27.47 9.61
C GLU H 88 -28.99 -28.60 10.61
N TYR H 89 -27.80 -29.04 11.00
CA TYR H 89 -27.66 -30.12 11.97
C TYR H 89 -27.32 -29.60 13.36
N LEU H 90 -27.78 -30.34 14.36
CA LEU H 90 -27.58 -29.95 15.76
C LEU H 90 -27.26 -31.18 16.61
N PHE H 91 -26.53 -30.96 17.71
CA PHE H 91 -26.37 -31.98 18.73
C PHE H 91 -27.55 -31.89 19.67
N VAL H 92 -28.05 -33.03 20.13
CA VAL H 92 -29.06 -33.02 21.16
C VAL H 92 -28.31 -33.32 22.46
N THR H 93 -28.41 -32.38 23.39
CA THR H 93 -27.56 -32.33 24.58
C THR H 93 -28.14 -33.10 25.75
N ASP H 94 -29.46 -33.02 25.88
CA ASP H 94 -30.15 -33.69 26.97
C ASP H 94 -31.60 -33.91 26.59
N ILE H 95 -32.16 -35.02 27.07
CA ILE H 95 -33.57 -35.31 26.88
C ILE H 95 -34.32 -35.37 28.22
N GLN H 96 -34.66 -34.20 28.74
CA GLN H 96 -35.47 -34.11 29.95
C GLN H 96 -36.89 -34.53 29.55
N GLN H 97 -37.50 -35.39 30.36
CA GLN H 97 -38.85 -35.86 30.07
C GLN H 97 -39.89 -34.99 30.81
N LEU H 98 -41.13 -34.99 30.33
CA LEU H 98 -42.21 -34.25 30.97
C LEU H 98 -43.32 -35.13 31.52
N ASN H 99 -43.87 -35.99 30.67
CA ASN H 99 -44.88 -36.96 31.09
C ASN H 99 -44.63 -38.31 30.43
N ASP H 100 -45.48 -39.29 30.71
CA ASP H 100 -45.28 -40.66 30.24
C ASP H 100 -45.31 -40.84 28.70
N LYS H 101 -45.18 -39.77 27.93
CA LYS H 101 -44.82 -39.92 26.50
C LYS H 101 -44.24 -38.70 25.78
N VAL H 102 -44.36 -37.51 26.36
CA VAL H 102 -43.89 -36.27 25.74
C VAL H 102 -42.60 -35.77 26.38
N CYS H 103 -41.46 -36.16 25.82
CA CYS H 103 -40.15 -35.76 26.34
C CYS H 103 -39.62 -34.55 25.56
N GLU H 104 -38.93 -33.65 26.26
CA GLU H 104 -38.44 -32.38 25.70
C GLU H 104 -36.93 -32.37 25.46
N LEU H 105 -36.54 -32.03 24.24
CA LEU H 105 -35.14 -32.08 23.81
C LEU H 105 -34.48 -30.71 23.80
N SER H 106 -33.29 -30.64 24.38
CA SER H 106 -32.47 -29.44 24.30
C SER H 106 -31.43 -29.67 23.21
N LEU H 107 -31.11 -28.62 22.48
CA LEU H 107 -30.30 -28.72 21.27
C LEU H 107 -29.24 -27.63 21.19
N VAL H 108 -28.19 -27.89 20.40
CA VAL H 108 -27.15 -26.89 20.16
C VAL H 108 -26.51 -27.14 18.78
N PRO H 109 -26.38 -26.07 17.96
CA PRO H 109 -26.09 -26.28 16.53
C PRO H 109 -24.72 -26.82 16.25
N ASP H 110 -24.64 -27.81 15.37
CA ASP H 110 -23.37 -28.38 14.99
C ASP H 110 -22.94 -27.57 13.80
N VAL H 111 -22.55 -26.33 14.08
CA VAL H 111 -22.07 -25.40 13.07
C VAL H 111 -20.99 -25.99 12.18
N VAL H 112 -20.19 -26.91 12.74
CA VAL H 112 -19.08 -27.50 12.00
C VAL H 112 -19.56 -28.40 10.83
N MET H 113 -20.67 -29.09 11.03
CA MET H 113 -21.24 -29.94 10.00
C MET H 113 -22.07 -29.13 9.04
N THR H 114 -22.70 -28.09 9.54
CA THR H 114 -23.70 -27.37 8.78
C THR H 114 -23.06 -26.58 7.63
N TYR H 115 -22.05 -25.79 7.96
CA TYR H 115 -21.60 -24.75 7.06
C TYR H 115 -20.29 -25.07 6.35
N THR H 116 -19.45 -25.89 6.98
CA THR H 116 -18.07 -26.06 6.52
C THR H 116 -17.93 -27.08 5.41
N GLN H 117 -19.03 -27.69 5.01
CA GLN H 117 -18.97 -28.82 4.11
C GLN H 117 -18.36 -28.50 2.77
N GLY H 118 -17.56 -29.44 2.29
CA GLY H 118 -16.93 -29.32 1.00
C GLY H 118 -15.66 -28.48 0.98
N ASN H 119 -15.40 -27.89 -0.18
CA ASN H 119 -14.14 -27.21 -0.42
C ASN H 119 -14.19 -25.74 -0.05
N VAL H 120 -14.67 -25.43 1.14
CA VAL H 120 -14.92 -24.05 1.51
C VAL H 120 -13.69 -23.46 2.13
N LEU H 121 -13.28 -24.05 3.24
CA LEU H 121 -12.23 -23.51 4.09
C LEU H 121 -10.90 -23.28 3.37
N ASN H 122 -10.69 -23.97 2.27
CA ASN H 122 -9.49 -23.78 1.47
C ASN H 122 -9.48 -22.44 0.76
N THR H 123 -10.67 -21.88 0.49
CA THR H 123 -10.80 -20.59 -0.18
C THR H 123 -10.32 -19.46 0.72
N LEU H 124 -10.36 -19.69 2.04
CA LEU H 124 -9.99 -18.67 3.01
C LEU H 124 -8.55 -18.18 2.90
N ASN H 125 -8.37 -16.88 2.78
CA ASN H 125 -7.04 -16.28 2.71
C ASN H 125 -6.73 -15.43 3.93
N ASN H 126 -5.44 -15.25 4.20
CA ASN H 126 -4.98 -14.36 5.25
C ASN H 126 -5.53 -14.74 6.62
N VAL H 127 -5.56 -16.03 6.91
CA VAL H 127 -5.93 -16.50 8.25
C VAL H 127 -4.69 -17.05 8.95
N ASN H 128 -4.50 -16.63 10.18
CA ASN H 128 -3.46 -17.21 11.00
C ASN H 128 -3.87 -18.63 11.38
N VAL H 129 -3.17 -19.62 10.82
CA VAL H 129 -3.40 -21.01 11.20
C VAL H 129 -2.46 -21.35 12.31
N ILE H 130 -2.74 -22.47 12.96
CA ILE H 130 -1.96 -22.91 14.10
C ILE H 130 -1.44 -24.31 13.84
N ARG H 131 -2.36 -25.22 13.60
CA ARG H 131 -2.03 -26.59 13.32
C ARG H 131 -2.90 -27.06 12.20
N GLN H 132 -2.31 -27.68 11.19
CA GLN H 132 -3.09 -28.40 10.19
C GLN H 132 -2.33 -29.61 9.71
N HIS H 133 -2.92 -30.27 8.72
CA HIS H 133 -2.28 -31.37 8.03
C HIS H 133 -1.80 -30.88 6.66
N TYR H 134 -0.69 -31.42 6.18
CA TYR H 134 0.00 -30.83 5.05
C TYR H 134 -0.17 -31.58 3.74
N THR H 135 -0.24 -30.82 2.64
CA THR H 135 -0.18 -31.42 1.31
C THR H 135 1.27 -31.90 1.16
N GLN H 136 1.56 -32.81 0.22
CA GLN H 136 2.93 -33.32 0.08
C GLN H 136 3.93 -32.21 -0.24
N THR H 137 3.51 -31.23 -1.04
CA THR H 137 4.36 -30.10 -1.39
C THR H 137 4.68 -29.30 -0.14
N GLU H 138 3.64 -28.82 0.53
CA GLU H 138 3.80 -27.99 1.70
C GLU H 138 4.53 -28.75 2.81
N TYR H 139 4.32 -30.05 2.88
CA TYR H 139 5.05 -30.90 3.81
C TYR H 139 6.54 -30.70 3.60
N GLU H 140 7.02 -30.93 2.38
CA GLU H 140 8.44 -30.80 2.08
C GLU H 140 8.99 -29.43 2.47
N GLN H 141 8.11 -28.42 2.50
CA GLN H 141 8.51 -27.04 2.84
C GLN H 141 8.66 -26.80 4.34
N ASN H 142 7.57 -26.99 5.09
CA ASN H 142 7.65 -26.96 6.54
C ASN H 142 8.22 -28.30 7.09
N LEU H 143 9.23 -28.90 6.45
CA LEU H 143 9.74 -30.21 6.86
C LEU H 143 10.92 -30.02 7.81
N GLU H 144 11.88 -29.19 7.40
CA GLU H 144 13.03 -28.92 8.24
C GLU H 144 12.53 -28.43 9.57
N GLN H 145 11.47 -27.62 9.55
CA GLN H 145 10.79 -27.25 10.78
C GLN H 145 10.38 -28.50 11.57
N ILE H 146 9.45 -29.29 11.05
CA ILE H 146 8.81 -30.34 11.85
C ILE H 146 9.79 -31.40 12.44
N ARG H 147 11.01 -31.48 11.88
CA ARG H 147 12.05 -32.36 12.40
C ARG H 147 12.95 -31.72 13.48
N SER H 148 12.97 -30.39 13.52
CA SER H 148 13.75 -29.63 14.52
C SER H 148 12.95 -29.00 15.68
N ASN H 149 11.69 -28.59 15.45
CA ASN H 149 10.87 -27.95 16.51
C ASN H 149 10.61 -28.90 17.69
N ASN H 150 10.14 -28.34 18.80
CA ASN H 150 9.90 -29.15 19.98
C ASN H 150 8.46 -29.63 20.08
N ASP H 151 7.75 -29.51 18.97
CA ASP H 151 6.41 -30.04 18.81
C ASP H 151 6.47 -31.56 18.58
N VAL H 152 6.69 -32.33 19.66
CA VAL H 152 6.62 -33.80 19.60
C VAL H 152 6.17 -34.37 20.93
N LEU H 153 5.61 -35.58 20.88
CA LEU H 153 5.07 -36.26 22.05
C LEU H 153 6.14 -36.74 23.04
N ALA H 154 5.80 -36.65 24.32
CA ALA H 154 6.61 -37.22 25.40
C ALA H 154 7.14 -38.61 25.06
N THR H 155 8.46 -38.72 24.98
CA THR H 155 9.08 -39.98 24.60
C THR H 155 10.28 -40.29 25.48
N SER H 156 10.45 -41.56 25.86
CA SER H 156 11.41 -41.93 26.90
C SER H 156 12.17 -43.25 26.71
N THR H 157 11.95 -43.94 25.61
CA THR H 157 12.31 -45.35 25.56
C THR H 157 13.27 -45.67 24.43
N MET H 158 14.33 -44.87 24.32
CA MET H 158 15.34 -45.11 23.30
C MET H 158 16.18 -46.32 23.70
N ARG H 159 16.55 -47.11 22.69
CA ARG H 159 17.37 -48.30 22.87
C ARG H 159 18.27 -48.48 21.65
N VAL H 160 19.39 -49.17 21.82
CA VAL H 160 20.28 -49.43 20.70
C VAL H 160 19.57 -50.43 19.82
N HIS H 161 19.01 -49.92 18.73
CA HIS H 161 18.05 -50.66 17.92
C HIS H 161 18.80 -51.58 16.98
N ALA H 162 19.83 -51.03 16.35
CA ALA H 162 20.60 -51.74 15.33
C ALA H 162 22.06 -51.29 15.37
N ILE H 163 22.96 -52.16 14.89
CA ILE H 163 24.36 -51.77 14.71
C ILE H 163 24.91 -52.22 13.36
N LYS H 164 25.50 -51.27 12.65
CA LYS H 164 26.28 -51.55 11.44
C LYS H 164 27.68 -51.07 11.71
N SER H 165 28.67 -51.72 11.09
CA SER H 165 30.05 -51.38 11.35
C SER H 165 30.94 -51.72 10.17
N GLU H 166 31.84 -50.79 9.84
CA GLU H 166 32.87 -51.04 8.83
C GLU H 166 34.11 -51.56 9.53
N LEU H 167 34.24 -52.88 9.52
CA LEU H 167 35.28 -53.56 10.29
C LEU H 167 36.61 -53.58 9.54
N PHE H 168 37.68 -53.36 10.26
CA PHE H 168 39.02 -53.45 9.70
C PHE H 168 39.50 -54.88 9.73
N THR H 169 39.42 -55.49 8.57
CA THR H 169 39.45 -56.92 8.47
C THR H 169 40.87 -57.38 8.22
N GLN H 170 41.58 -56.68 7.35
CA GLN H 170 42.98 -56.97 7.05
C GLN H 170 43.81 -55.73 7.30
N LEU H 171 45.12 -55.91 7.44
CA LEU H 171 46.00 -54.80 7.79
C LEU H 171 47.16 -54.64 6.81
N GLU H 172 47.78 -53.46 6.90
CA GLU H 172 48.96 -53.10 6.13
C GLU H 172 49.97 -52.44 7.09
N TYR H 173 51.22 -52.30 6.66
CA TYR H 173 52.29 -51.79 7.54
C TYR H 173 53.24 -50.81 6.85
N ILE H 174 53.54 -49.72 7.55
CA ILE H 174 54.65 -48.83 7.14
C ILE H 174 55.88 -49.08 8.02
N LEU H 175 56.97 -49.47 7.36
CA LEU H 175 58.24 -49.63 8.04
C LEU H 175 59.01 -48.37 7.71
N THR H 176 59.06 -47.46 8.66
CA THR H 176 59.59 -46.12 8.42
C THR H 176 60.94 -45.95 9.13
N ILE H 177 62.02 -46.03 8.35
CA ILE H 177 63.39 -45.98 8.88
C ILE H 177 64.23 -44.92 8.18
N GLY H 178 65.32 -44.53 8.82
CA GLY H 178 66.16 -43.43 8.36
C GLY H 178 67.43 -43.94 7.71
N ALA H 179 67.26 -44.84 6.75
CA ALA H 179 68.39 -45.44 6.06
C ALA H 179 67.83 -46.02 4.77
N ASN H 180 68.55 -45.86 3.67
CA ASN H 180 68.10 -46.38 2.37
C ASN H 180 68.25 -47.90 2.27
N LEU H 181 67.21 -48.64 2.68
CA LEU H 181 67.20 -50.11 2.69
C LEU H 181 67.64 -50.83 1.42
N ARG H 182 67.62 -50.14 0.28
CA ARG H 182 67.88 -50.81 -1.01
C ARG H 182 69.24 -50.45 -1.67
N LYS H 183 70.26 -50.14 -0.86
CA LYS H 183 71.67 -50.12 -1.32
C LYS H 183 72.66 -50.67 -0.24
N SER H 184 73.95 -50.76 -0.57
CA SER H 184 74.93 -51.54 0.22
C SER H 184 75.05 -51.20 1.71
N PHE H 185 74.93 -52.22 2.57
CA PHE H 185 75.17 -52.08 4.00
C PHE H 185 76.65 -52.35 4.33
N GLY H 186 77.22 -53.38 3.72
CA GLY H 186 78.58 -53.79 4.02
C GLY H 186 78.60 -54.97 4.98
N THR H 187 79.64 -55.03 5.80
CA THR H 187 79.77 -56.08 6.83
C THR H 187 80.09 -55.48 8.19
N ALA H 188 80.21 -56.34 9.19
CA ALA H 188 80.49 -55.92 10.56
C ALA H 188 81.75 -55.04 10.65
N GLU H 189 82.82 -55.50 10.01
CA GLU H 189 84.12 -54.82 10.11
C GLU H 189 84.22 -53.59 9.22
N LYS H 190 83.57 -53.65 8.06
CA LYS H 190 83.45 -52.51 7.16
C LYS H 190 81.97 -52.13 7.01
N PRO H 191 81.46 -51.21 7.86
CA PRO H 191 80.06 -50.81 7.78
C PRO H 191 79.83 -49.59 6.86
N LYS H 192 78.73 -49.61 6.12
CA LYS H 192 78.26 -48.46 5.32
C LYS H 192 76.86 -48.08 5.80
N PHE H 193 76.56 -46.78 5.82
CA PHE H 193 75.28 -46.29 6.34
C PHE H 193 74.58 -45.43 5.27
N PRO H 194 73.85 -46.09 4.33
CA PRO H 194 73.17 -45.36 3.25
C PRO H 194 72.08 -44.41 3.75
N SER H 195 72.27 -43.10 3.53
CA SER H 195 71.34 -42.10 4.04
C SER H 195 69.96 -42.28 3.41
N SER H 196 68.91 -42.03 4.20
CA SER H 196 67.54 -42.16 3.74
C SER H 196 67.19 -41.09 2.72
N SER H 197 66.65 -41.52 1.57
CA SER H 197 66.32 -40.59 0.48
C SER H 197 65.20 -39.61 0.84
N GLY H 198 64.12 -40.11 1.44
CA GLY H 198 62.94 -39.29 1.69
C GLY H 198 61.90 -39.43 0.60
N SER H 199 60.65 -39.58 1.00
CA SER H 199 59.51 -39.63 0.08
C SER H 199 58.47 -38.60 0.50
N THR H 200 57.42 -38.42 -0.30
CA THR H 200 56.40 -37.41 -0.02
C THR H 200 54.97 -37.95 -0.20
N HIS H 201 54.26 -38.17 0.91
CA HIS H 201 52.91 -38.77 0.87
C HIS H 201 51.92 -37.85 1.56
N ASP H 202 50.78 -37.64 0.93
CA ASP H 202 49.76 -36.74 1.44
C ASP H 202 50.33 -35.34 1.66
N GLY H 203 51.23 -34.94 0.77
CA GLY H 203 51.81 -33.60 0.84
C GLY H 203 52.64 -33.29 2.06
N ILE H 204 53.28 -34.31 2.64
CA ILE H 204 54.24 -34.11 3.72
C ILE H 204 55.53 -34.85 3.40
N TYR H 205 56.62 -34.09 3.28
CA TYR H 205 57.92 -34.69 3.02
C TYR H 205 58.45 -35.31 4.28
N ASN H 206 58.89 -36.54 4.12
CA ASN H 206 59.50 -37.31 5.17
C ASN H 206 61.01 -37.36 4.95
N PRO H 207 61.80 -36.94 5.95
CA PRO H 207 63.24 -37.17 5.75
C PRO H 207 63.58 -38.67 5.69
N TYR H 208 62.66 -39.52 6.16
CA TYR H 208 62.89 -40.96 6.23
C TYR H 208 62.35 -41.67 5.01
N ASP H 209 62.72 -42.93 4.88
CA ASP H 209 62.12 -43.79 3.87
C ASP H 209 60.94 -44.50 4.50
N MET H 210 59.82 -44.54 3.77
CA MET H 210 58.64 -45.31 4.18
C MET H 210 58.56 -46.57 3.33
N TYR H 211 58.60 -47.74 3.96
CA TYR H 211 58.57 -49.00 3.21
C TYR H 211 57.28 -49.76 3.48
N TRP H 212 56.65 -50.16 2.39
CA TRP H 212 55.34 -50.74 2.41
C TRP H 212 55.35 -52.24 2.61
N PHE H 213 54.32 -52.76 3.27
CA PHE H 213 54.08 -54.20 3.37
C PHE H 213 52.58 -54.43 3.50
N ASN H 214 52.04 -55.38 2.75
CA ASN H 214 50.64 -55.77 2.90
C ASN H 214 50.52 -57.25 3.30
N ASP H 215 51.62 -57.84 3.77
CA ASP H 215 51.61 -59.20 4.34
C ASP H 215 52.55 -59.21 5.54
N TYR H 216 52.12 -59.80 6.65
CA TYR H 216 52.96 -59.85 7.84
C TYR H 216 54.26 -60.55 7.52
N GLU H 217 54.14 -61.73 6.90
CA GLU H 217 55.29 -62.57 6.61
C GLU H 217 56.34 -61.78 5.82
N SER H 218 55.87 -60.96 4.88
CA SER H 218 56.77 -60.12 4.09
C SER H 218 57.59 -59.20 4.98
N LEU H 219 56.90 -58.48 5.87
CA LEU H 219 57.56 -57.61 6.82
C LEU H 219 58.48 -58.41 7.76
N LYS H 220 58.05 -59.62 8.15
CA LYS H 220 58.81 -60.43 9.09
C LYS H 220 60.16 -60.79 8.49
N GLU H 221 60.12 -61.26 7.25
CA GLU H 221 61.33 -61.68 6.55
C GLU H 221 62.35 -60.56 6.53
N VAL H 222 61.88 -59.32 6.45
CA VAL H 222 62.77 -58.17 6.38
C VAL H 222 63.19 -57.73 7.80
N MET H 223 62.27 -57.84 8.76
CA MET H 223 62.62 -57.53 10.13
C MET H 223 63.72 -58.48 10.58
N ASP H 224 63.68 -59.70 10.05
CA ASP H 224 64.67 -60.73 10.36
C ASP H 224 65.99 -60.46 9.66
N TYR H 225 65.93 -60.20 8.36
CA TYR H 225 67.12 -59.86 7.58
C TYR H 225 67.85 -58.71 8.26
N LEU H 226 67.10 -57.81 8.89
CA LEU H 226 67.69 -56.63 9.51
C LEU H 226 68.44 -56.91 10.81
N THR H 227 68.11 -58.00 11.51
CA THR H 227 68.82 -58.35 12.72
C THR H 227 70.32 -58.54 12.46
N GLY H 228 70.68 -58.98 11.25
CA GLY H 228 72.07 -59.13 10.89
C GLY H 228 72.76 -57.83 10.50
N TYR H 229 72.12 -56.69 10.75
CA TYR H 229 72.75 -55.39 10.52
C TYR H 229 72.30 -54.39 11.58
N PRO H 230 72.77 -54.57 12.82
CA PRO H 230 72.41 -53.73 13.96
C PRO H 230 72.72 -52.24 13.81
N TRP H 231 73.46 -51.84 12.78
CA TRP H 231 73.80 -50.42 12.58
C TRP H 231 72.86 -49.77 11.55
N ILE H 232 72.20 -50.60 10.75
CA ILE H 232 71.11 -50.17 9.88
C ILE H 232 69.79 -50.25 10.62
N GLN H 233 69.62 -51.29 11.42
CA GLN H 233 68.41 -51.47 12.22
C GLN H 233 68.30 -50.42 13.33
N GLN H 234 69.45 -49.91 13.78
CA GLN H 234 69.52 -48.84 14.78
C GLN H 234 68.68 -47.62 14.38
N SER H 235 68.49 -47.41 13.09
CA SER H 235 67.76 -46.24 12.59
C SER H 235 66.39 -46.61 12.04
N ILE H 236 65.58 -47.32 12.83
CA ILE H 236 64.15 -47.48 12.57
C ILE H 236 63.39 -46.58 13.54
N LYS H 237 62.43 -45.80 13.03
CA LYS H 237 61.60 -44.95 13.90
C LYS H 237 60.49 -45.77 14.51
N ASN H 238 59.86 -46.59 13.68
CA ASN H 238 58.83 -47.51 14.13
C ASN H 238 58.41 -48.38 12.97
N VAL H 239 57.61 -49.37 13.28
CA VAL H 239 56.80 -50.01 12.26
C VAL H 239 55.38 -49.85 12.74
N THR H 240 54.58 -49.13 11.95
CA THR H 240 53.19 -48.86 12.32
C THR H 240 52.26 -49.85 11.62
N ILE H 241 51.16 -50.18 12.29
CA ILE H 241 50.14 -51.05 11.75
C ILE H 241 48.91 -50.21 11.40
N ILE H 242 48.63 -50.08 10.10
CA ILE H 242 47.44 -49.34 9.66
C ILE H 242 46.39 -50.32 9.13
N PRO H 243 45.15 -49.83 8.91
CA PRO H 243 44.12 -50.68 8.28
C PRO H 243 44.24 -50.75 6.76
N SER H 244 43.77 -51.86 6.21
CA SER H 244 43.91 -52.15 4.79
C SER H 244 43.20 -51.15 3.86
N GLY H 245 43.68 -51.10 2.61
CA GLY H 245 43.03 -50.37 1.55
C GLY H 245 43.02 -48.85 1.68
N PHE H 246 43.99 -48.29 2.37
CA PHE H 246 44.08 -46.84 2.46
C PHE H 246 45.20 -46.24 1.63
N ILE H 247 46.09 -47.09 1.09
CA ILE H 247 47.19 -46.60 0.25
C ILE H 247 47.02 -46.94 -1.23
N LYS H 248 47.25 -45.92 -2.07
CA LYS H 248 47.06 -46.05 -3.50
C LYS H 248 48.23 -46.81 -4.09
N GLN H 249 47.95 -47.72 -5.02
CA GLN H 249 49.00 -48.56 -5.61
C GLN H 249 50.06 -47.70 -6.30
N GLU H 250 49.61 -46.64 -6.97
CA GLU H 250 50.51 -45.71 -7.66
C GLU H 250 51.09 -44.65 -6.74
N SER H 251 51.13 -44.94 -5.44
CA SER H 251 51.97 -44.22 -4.53
C SER H 251 53.15 -45.12 -4.10
N LEU H 252 53.26 -46.31 -4.71
CA LEU H 252 54.27 -47.31 -4.33
C LEU H 252 55.21 -47.64 -5.47
N ASN H 253 56.52 -47.61 -5.19
CA ASN H 253 57.51 -48.14 -6.11
C ASN H 253 57.31 -49.64 -6.26
N ASP H 254 57.86 -50.20 -7.32
CA ASP H 254 57.79 -51.63 -7.52
C ASP H 254 58.75 -52.32 -6.56
N HIS H 255 58.73 -53.65 -6.55
CA HIS H 255 59.59 -54.44 -5.65
C HIS H 255 61.08 -54.26 -5.98
N GLU H 256 61.76 -53.40 -5.24
CA GLU H 256 63.22 -53.26 -5.38
C GLU H 256 63.88 -54.16 -4.35
N PRO H 257 65.06 -54.71 -4.67
CA PRO H 257 65.72 -55.62 -3.73
C PRO H 257 66.32 -54.89 -2.53
N VAL H 258 66.43 -55.59 -1.40
CA VAL H 258 66.94 -55.03 -0.16
C VAL H 258 68.48 -54.87 -0.28
N ASN H 259 69.24 -55.14 0.77
CA ASN H 259 70.68 -54.89 0.74
C ASN H 259 71.33 -55.63 -0.42
N GLY H 260 71.19 -56.95 -0.41
CA GLY H 260 71.75 -57.74 -1.48
C GLY H 260 70.96 -57.53 -2.76
N GLY H 261 69.77 -58.12 -2.87
CA GLY H 261 69.15 -58.86 -1.79
C GLY H 261 68.24 -59.96 -2.30
N ASP H 262 67.87 -60.85 -1.38
CA ASP H 262 66.95 -61.94 -1.67
C ASP H 262 65.51 -61.46 -1.49
N LEU H 263 65.36 -60.36 -0.74
CA LEU H 263 64.06 -59.84 -0.34
C LEU H 263 63.78 -58.54 -1.05
N SER H 264 62.50 -58.19 -1.17
CA SER H 264 62.09 -56.93 -1.81
C SER H 264 61.20 -56.05 -0.93
N VAL H 265 61.47 -54.74 -0.93
CA VAL H 265 60.69 -53.78 -0.17
C VAL H 265 60.24 -52.65 -1.11
N ARG H 266 59.04 -52.14 -0.88
CA ARG H 266 58.43 -51.14 -1.76
C ARG H 266 58.36 -49.73 -1.18
N LYS H 267 59.23 -48.84 -1.65
CA LYS H 267 59.25 -47.46 -1.20
C LYS H 267 57.90 -46.80 -1.47
N LEU H 268 57.33 -46.17 -0.45
CA LEU H 268 56.06 -45.45 -0.56
C LEU H 268 56.31 -43.95 -0.65
N GLY H 269 56.03 -43.36 -1.81
CA GLY H 269 56.23 -41.93 -2.01
C GLY H 269 55.43 -41.44 -3.21
N LYS H 270 56.14 -41.15 -4.31
CA LYS H 270 55.48 -40.79 -5.56
C LYS H 270 54.46 -39.66 -5.40
N GLN H 271 54.69 -38.75 -4.45
CA GLN H 271 53.85 -37.56 -4.28
C GLN H 271 52.36 -37.80 -3.97
N GLY H 272 51.86 -39.02 -4.12
CA GLY H 272 50.43 -39.26 -4.13
C GLY H 272 49.76 -39.11 -2.78
N VAL H 273 48.43 -39.20 -2.77
CA VAL H 273 47.66 -39.14 -1.53
C VAL H 273 47.14 -40.52 -1.17
N SER H 274 46.40 -40.58 -0.06
CA SER H 274 45.75 -41.80 0.38
C SER H 274 44.35 -41.84 -0.18
N ASN H 275 43.68 -42.97 -0.03
CA ASN H 275 42.30 -43.08 -0.45
C ASN H 275 41.46 -42.37 0.58
N GLN H 276 40.74 -41.33 0.16
CA GLN H 276 39.82 -40.63 1.05
C GLN H 276 38.53 -41.46 1.18
N LYS H 277 38.70 -42.67 1.73
CA LYS H 277 37.79 -43.79 1.53
C LYS H 277 36.32 -43.46 1.78
N ASP H 278 35.46 -43.83 0.82
CA ASP H 278 34.03 -43.81 1.04
C ASP H 278 33.75 -45.03 1.94
N PHE H 279 33.41 -44.77 3.21
CA PHE H 279 33.05 -45.81 4.19
C PHE H 279 31.63 -46.32 3.97
N ASN H 280 31.48 -47.42 3.23
CA ASN H 280 30.16 -47.84 2.79
C ASN H 280 29.47 -48.89 3.65
N ALA H 281 30.23 -49.77 4.30
CA ALA H 281 29.62 -50.78 5.19
C ALA H 281 28.76 -50.15 6.29
N ILE H 282 29.05 -48.90 6.59
CA ILE H 282 28.43 -48.20 7.69
C ILE H 282 27.40 -47.16 7.23
N SER H 283 27.43 -46.80 5.94
CA SER H 283 26.58 -45.75 5.40
C SER H 283 25.21 -46.27 4.98
N LEU H 284 24.18 -45.47 5.23
CA LEU H 284 22.82 -45.79 4.80
C LEU H 284 22.20 -44.68 3.93
N ASP H 285 21.92 -45.00 2.68
CA ASP H 285 21.20 -44.09 1.81
C ASP H 285 19.78 -43.97 2.37
N TYR H 286 18.99 -43.06 1.80
CA TYR H 286 17.70 -42.72 2.39
C TYR H 286 16.86 -43.95 2.58
N GLN H 287 16.68 -44.68 1.47
CA GLN H 287 15.82 -45.86 1.49
C GLN H 287 16.31 -46.83 2.54
N SER H 288 17.62 -47.07 2.53
CA SER H 288 18.25 -48.01 3.45
C SER H 288 18.20 -47.52 4.89
N LEU H 289 18.18 -46.21 5.11
CA LEU H 289 18.17 -45.71 6.47
C LEU H 289 16.80 -45.91 7.11
N MET H 290 15.77 -45.40 6.43
CA MET H 290 14.39 -45.50 6.88
C MET H 290 14.01 -46.96 7.10
N PHE H 291 14.46 -47.80 6.19
CA PHE H 291 14.38 -49.26 6.30
C PHE H 291 14.94 -49.76 7.64
N THR H 292 16.23 -49.51 7.92
CA THR H 292 16.92 -50.11 9.07
C THR H 292 16.34 -49.70 10.41
N LEU H 293 15.67 -48.54 10.41
CA LEU H 293 15.01 -48.01 11.60
C LEU H 293 13.55 -48.44 11.73
N GLY H 294 13.05 -49.23 10.79
CA GLY H 294 11.66 -49.64 10.82
C GLY H 294 10.75 -48.43 10.71
N LEU H 295 11.15 -47.49 9.86
CA LEU H 295 10.35 -46.31 9.55
C LEU H 295 9.86 -46.47 8.13
N ASN H 296 8.59 -46.15 7.88
CA ASN H 296 8.06 -46.23 6.54
C ASN H 296 8.59 -45.07 5.68
N PRO H 297 9.45 -45.37 4.69
CA PRO H 297 10.20 -44.31 4.01
C PRO H 297 9.33 -43.40 3.17
N ILE H 298 8.06 -43.76 2.99
CA ILE H 298 7.20 -43.09 2.03
C ILE H 298 6.58 -41.82 2.64
N ASN H 299 6.27 -41.86 3.93
CA ASN H 299 5.63 -40.73 4.59
C ASN H 299 6.06 -40.52 6.06
N ASP H 300 7.25 -41.03 6.42
CA ASP H 300 7.78 -40.86 7.78
C ASP H 300 9.11 -40.13 7.81
N LYS H 301 9.43 -39.33 6.79
CA LYS H 301 10.68 -38.59 6.82
C LYS H 301 10.69 -37.57 7.96
N HIS H 302 9.52 -37.08 8.35
CA HIS H 302 9.43 -36.14 9.48
C HIS H 302 9.77 -36.76 10.86
N LEU H 303 9.98 -38.07 10.90
CA LEU H 303 10.36 -38.75 12.13
C LEU H 303 11.87 -38.93 12.28
N LEU H 304 12.66 -38.48 11.32
CA LEU H 304 14.11 -38.48 11.50
C LEU H 304 14.49 -37.26 12.34
N ARG H 305 14.19 -37.36 13.63
CA ARG H 305 14.50 -36.32 14.60
C ARG H 305 15.03 -37.00 15.86
N PRO H 306 15.94 -36.33 16.56
CA PRO H 306 16.76 -36.96 17.61
C PRO H 306 16.00 -37.70 18.70
N ASN H 307 14.79 -37.26 19.08
CA ASN H 307 14.09 -37.93 20.18
C ASN H 307 13.30 -39.16 19.73
N ILE H 308 13.39 -39.52 18.46
CA ILE H 308 12.84 -40.76 17.94
C ILE H 308 13.94 -41.72 17.46
N VAL H 309 14.99 -41.15 16.88
CA VAL H 309 16.13 -41.92 16.42
C VAL H 309 17.46 -41.20 16.68
N THR H 310 18.46 -41.98 17.04
CA THR H 310 19.78 -41.45 17.37
C THR H 310 20.91 -42.28 16.76
N ALA H 311 21.94 -41.61 16.26
CA ALA H 311 23.05 -42.30 15.60
C ALA H 311 24.38 -41.88 16.22
N GLU H 312 25.23 -42.85 16.51
CA GLU H 312 26.52 -42.57 17.14
C GLU H 312 27.63 -43.45 16.58
N LEU H 313 28.78 -42.86 16.21
CA LEU H 313 29.95 -43.66 15.81
C LEU H 313 30.89 -43.88 16.96
N THR H 314 31.46 -45.08 17.08
CA THR H 314 32.47 -45.35 18.08
C THR H 314 33.50 -46.35 17.58
N ASP H 315 34.75 -46.20 18.03
CA ASP H 315 35.81 -47.17 17.74
C ASP H 315 36.04 -48.10 18.93
N TYR H 316 35.10 -48.08 19.88
CA TYR H 316 35.17 -48.88 21.09
C TYR H 316 36.43 -48.58 21.90
N ALA H 317 37.02 -47.42 21.67
CA ALA H 317 38.20 -46.99 22.44
C ALA H 317 37.98 -45.61 22.99
N GLY H 318 36.71 -45.23 23.12
CA GLY H 318 36.40 -43.94 23.70
C GLY H 318 36.30 -42.81 22.69
N ASN H 319 36.90 -42.95 21.51
CA ASN H 319 36.62 -42.00 20.44
C ASN H 319 35.18 -42.21 19.96
N ARG H 320 34.37 -41.17 20.01
CA ARG H 320 32.96 -41.26 19.62
C ARG H 320 32.56 -40.14 18.65
N LEU H 321 31.39 -40.28 18.02
CA LEU H 321 30.79 -39.18 17.27
C LEU H 321 29.28 -39.26 17.36
N PRO H 322 28.66 -38.32 18.09
CA PRO H 322 27.20 -38.26 18.12
C PRO H 322 26.65 -37.66 16.83
N ILE H 323 25.46 -38.11 16.42
CA ILE H 323 24.82 -37.61 15.21
C ILE H 323 23.33 -37.31 15.44
N ASP H 324 22.91 -36.14 14.96
CA ASP H 324 21.57 -35.63 15.16
C ASP H 324 20.85 -35.81 13.84
N LEU H 325 19.96 -36.78 13.78
CA LEU H 325 19.44 -37.22 12.49
C LEU H 325 18.57 -36.16 11.80
N SER H 326 18.22 -35.10 12.52
CA SER H 326 17.43 -34.01 11.93
C SER H 326 18.22 -33.11 10.99
N LEU H 327 19.50 -33.41 10.78
CA LEU H 327 20.40 -32.53 10.04
C LEU H 327 20.88 -33.09 8.71
N ILE H 328 20.91 -34.42 8.58
CA ILE H 328 21.11 -35.06 7.27
C ILE H 328 19.89 -34.81 6.36
N GLU H 329 20.11 -34.11 5.25
CA GLU H 329 19.00 -33.72 4.38
C GLU H 329 18.26 -34.91 3.78
N THR H 330 19.02 -35.89 3.28
CA THR H 330 18.43 -37.14 2.79
C THR H 330 19.25 -38.42 3.04
N ASN H 331 20.56 -38.32 3.27
CA ASN H 331 21.38 -39.51 3.37
C ASN H 331 22.41 -39.48 4.48
N LEU H 332 22.41 -40.55 5.27
CA LEU H 332 23.48 -40.81 6.22
C LEU H 332 24.67 -41.44 5.49
N GLU H 333 25.39 -40.63 4.70
CA GLU H 333 26.63 -41.09 4.06
C GLU H 333 27.86 -40.71 4.88
N PHE H 334 28.66 -41.70 5.23
CA PHE H 334 29.96 -41.49 5.84
C PHE H 334 31.09 -41.52 4.81
N ASP H 335 31.77 -40.39 4.65
CA ASP H 335 33.02 -40.33 3.86
C ASP H 335 34.16 -40.13 4.87
N SER H 336 35.43 -40.20 4.44
CA SER H 336 36.54 -39.98 5.37
C SER H 336 37.62 -39.03 4.86
N PHE H 337 38.48 -38.63 5.78
CA PHE H 337 39.58 -37.71 5.52
C PHE H 337 40.80 -38.34 6.17
N VAL H 338 41.51 -39.13 5.39
CA VAL H 338 42.63 -39.91 5.90
C VAL H 338 43.92 -39.37 5.34
N THR H 339 44.90 -39.19 6.22
CA THR H 339 46.26 -38.84 5.86
C THR H 339 47.14 -39.94 6.45
N MET H 340 48.09 -40.43 5.66
CA MET H 340 48.87 -41.63 6.03
C MET H 340 50.36 -41.51 5.77
N GLY H 341 51.10 -42.48 6.31
CA GLY H 341 52.54 -42.58 6.10
C GLY H 341 53.26 -41.62 7.00
N ALA H 342 53.38 -40.39 6.54
CA ALA H 342 54.01 -39.32 7.31
C ALA H 342 53.30 -39.10 8.65
N LYS H 343 51.97 -38.93 8.61
CA LYS H 343 51.11 -38.72 9.79
C LYS H 343 49.91 -39.66 9.67
N ASN H 344 49.71 -40.52 10.68
CA ASN H 344 48.68 -41.57 10.60
C ASN H 344 47.38 -41.21 11.33
N GLU H 345 46.34 -40.89 10.56
CA GLU H 345 45.08 -40.42 11.13
C GLU H 345 43.94 -40.45 10.14
N ILE H 346 42.91 -41.24 10.47
CA ILE H 346 41.69 -41.32 9.70
C ILE H 346 40.63 -40.64 10.50
N LYS H 347 40.07 -39.55 10.00
CA LYS H 347 38.84 -39.02 10.59
C LYS H 347 37.68 -39.13 9.62
N VAL H 348 36.62 -39.77 10.11
CA VAL H 348 35.46 -40.10 9.32
C VAL H 348 34.33 -39.15 9.71
N TYR H 349 33.83 -38.42 8.73
CA TYR H 349 32.79 -37.41 8.93
C TYR H 349 31.47 -37.85 8.27
N VAL H 350 30.43 -37.05 8.45
CA VAL H 350 29.14 -37.36 7.86
C VAL H 350 28.85 -36.30 6.83
N LYS H 351 28.46 -36.73 5.63
CA LYS H 351 28.43 -35.87 4.46
C LYS H 351 27.31 -34.85 4.55
N ASN H 352 27.69 -33.57 4.54
CA ASN H 352 26.72 -32.48 4.46
C ASN H 352 25.80 -32.43 5.66
N TYR H 353 26.39 -32.71 6.81
CA TYR H 353 25.71 -32.69 8.10
C TYR H 353 25.33 -31.23 8.42
N ASN H 354 24.07 -31.01 8.78
CA ASN H 354 23.58 -29.68 9.10
C ASN H 354 23.61 -28.74 7.90
N ALA H 355 23.85 -29.29 6.73
CA ALA H 355 23.96 -28.45 5.56
C ALA H 355 22.62 -28.42 4.86
N ARG H 356 22.38 -27.32 4.15
CA ARG H 356 21.29 -27.19 3.19
C ARG H 356 21.82 -27.42 1.76
N GLY H 357 22.25 -28.66 1.48
CA GLY H 357 23.04 -29.05 0.31
C GLY H 357 22.77 -28.37 -1.03
N ASN H 358 23.70 -28.46 -1.99
CA ASN H 358 24.92 -29.27 -1.92
C ASN H 358 26.20 -28.45 -1.61
N ASN H 359 26.21 -27.73 -0.48
CA ASN H 359 27.48 -27.32 0.13
C ASN H 359 27.84 -28.35 1.22
N VAL H 360 29.13 -28.47 1.53
CA VAL H 360 29.53 -29.36 2.62
C VAL H 360 29.12 -28.68 3.91
N GLY H 361 28.78 -29.47 4.90
CA GLY H 361 28.26 -28.91 6.13
C GLY H 361 29.40 -28.62 7.07
N GLN H 362 29.40 -29.36 8.17
CA GLN H 362 30.44 -29.23 9.16
C GLN H 362 31.72 -29.83 8.61
N TYR H 363 31.60 -30.67 7.59
CA TYR H 363 32.77 -31.31 7.00
C TYR H 363 33.46 -32.10 8.12
N ILE H 364 34.72 -31.79 8.42
CA ILE H 364 35.51 -32.57 9.38
C ILE H 364 35.50 -31.97 10.76
N ASP H 365 34.88 -30.80 10.92
CA ASP H 365 34.66 -30.26 12.26
C ASP H 365 33.63 -31.09 13.05
N ASN H 366 33.02 -32.08 12.40
CA ASN H 366 32.21 -33.08 13.10
C ASN H 366 32.59 -34.48 12.66
N ALA H 367 33.71 -34.97 13.19
CA ALA H 367 34.27 -36.26 12.80
C ALA H 367 34.81 -37.09 13.97
N LEU H 368 34.61 -38.40 13.82
CA LEU H 368 35.20 -39.42 14.70
C LEU H 368 36.61 -39.58 14.23
N THR H 369 37.57 -39.23 15.06
CA THR H 369 38.95 -39.12 14.61
C THR H 369 39.82 -40.24 15.23
N ILE H 370 40.40 -41.06 14.36
CA ILE H 370 41.15 -42.25 14.73
C ILE H 370 42.63 -42.04 14.51
N ASN H 371 43.45 -42.26 15.54
CA ASN H 371 44.90 -42.24 15.33
C ASN H 371 45.76 -42.80 16.47
N ASN H 372 45.24 -43.79 17.18
CA ASN H 372 46.06 -44.53 18.13
C ASN H 372 46.54 -45.85 17.54
N PHE H 373 47.18 -45.80 16.37
CA PHE H 373 47.58 -47.02 15.67
C PHE H 373 48.75 -47.73 16.35
N ASP H 374 48.78 -49.06 16.20
CA ASP H 374 49.78 -49.89 16.89
C ASP H 374 51.14 -49.78 16.22
N THR H 375 52.21 -49.71 17.02
CA THR H 375 53.55 -49.91 16.49
C THR H 375 54.15 -51.11 17.19
N ILE H 376 55.17 -51.71 16.59
CA ILE H 376 55.69 -52.99 17.03
C ILE H 376 57.14 -52.91 17.46
N GLY H 377 57.45 -53.54 18.60
CA GLY H 377 58.77 -53.46 19.20
C GLY H 377 59.74 -54.46 18.59
N PHE H 378 61.02 -54.11 18.58
CA PHE H 378 62.06 -55.00 18.06
C PHE H 378 63.31 -55.04 18.95
N SER H 379 64.25 -55.93 18.62
CA SER H 379 65.47 -56.13 19.42
C SER H 379 66.72 -56.00 18.54
N VAL H 380 67.80 -55.47 19.13
CA VAL H 380 69.06 -55.19 18.43
C VAL H 380 70.25 -55.22 19.41
N ASP H 381 71.43 -55.54 18.89
CA ASP H 381 72.67 -55.46 19.68
C ASP H 381 73.68 -54.55 19.01
N ALA H 462 69.20 -52.18 20.77
CA ALA H 462 68.55 -51.97 22.04
C ALA H 462 67.37 -52.95 22.14
N ILE H 463 66.29 -52.55 22.81
CA ILE H 463 65.11 -53.40 22.93
C ILE H 463 63.85 -52.60 22.65
N THR H 464 64.04 -51.46 21.96
CA THR H 464 63.03 -50.40 21.82
C THR H 464 61.58 -50.91 21.60
N GLU H 465 60.66 -50.46 22.47
CA GLU H 465 59.38 -51.13 22.67
C GLU H 465 58.30 -50.77 21.67
N GLY H 466 57.32 -51.67 21.53
CA GLY H 466 56.16 -51.43 20.70
C GLY H 466 55.06 -50.71 21.42
N HIS H 467 54.20 -50.03 20.67
CA HIS H 467 53.04 -49.35 21.23
C HIS H 467 51.75 -50.09 20.86
N VAL H 468 50.88 -50.27 21.85
CA VAL H 468 49.63 -51.01 21.69
C VAL H 468 48.43 -50.06 21.74
N GLY H 469 47.47 -50.31 20.85
CA GLY H 469 46.29 -49.47 20.73
C GLY H 469 45.05 -50.27 20.37
N TYR H 470 44.80 -50.44 19.08
CA TYR H 470 43.64 -51.20 18.62
C TYR H 470 43.94 -52.69 18.42
N ALA H 471 45.13 -53.15 18.79
CA ALA H 471 45.50 -54.52 18.51
C ALA H 471 44.54 -55.55 19.14
N PRO H 472 44.45 -55.62 20.48
CA PRO H 472 43.65 -56.70 21.06
C PRO H 472 42.17 -56.61 20.67
N LEU H 473 41.73 -55.42 20.27
CA LEU H 473 40.40 -55.23 19.70
C LEU H 473 40.28 -56.01 18.39
N PHE H 474 41.35 -55.99 17.60
CA PHE H 474 41.33 -56.66 16.32
C PHE H 474 41.29 -58.16 16.47
N LYS H 475 41.95 -58.70 17.50
CA LYS H 475 41.92 -60.15 17.73
C LYS H 475 40.56 -60.62 18.25
N GLN H 476 39.62 -59.68 18.40
CA GLN H 476 38.22 -59.99 18.70
C GLN H 476 37.30 -59.56 17.54
N ASP H 477 37.90 -59.19 16.41
CA ASP H 477 37.17 -58.68 15.25
C ASP H 477 36.28 -57.52 15.63
N LYS H 478 36.87 -56.56 16.33
CA LYS H 478 36.20 -55.32 16.69
C LYS H 478 37.05 -54.08 16.37
N PHE H 479 38.19 -54.28 15.72
CA PHE H 479 38.96 -53.14 15.29
C PHE H 479 38.21 -52.59 14.12
N GLY H 480 37.58 -51.45 14.32
CA GLY H 480 36.84 -50.82 13.25
C GLY H 480 35.95 -49.72 13.79
N VAL H 481 35.29 -49.04 12.86
CA VAL H 481 34.38 -47.96 13.22
C VAL H 481 32.95 -48.53 13.18
N HIS H 482 32.22 -48.27 14.27
CA HIS H 482 30.88 -48.84 14.49
C HIS H 482 29.81 -47.76 14.64
N LEU H 483 28.61 -48.04 14.11
CA LEU H 483 27.47 -47.11 14.15
C LEU H 483 26.38 -47.67 15.04
N ARG H 484 25.90 -46.83 15.97
CA ARG H 484 24.82 -47.23 16.86
C ARG H 484 23.57 -46.46 16.51
N LEU H 485 22.68 -47.13 15.80
CA LEU H 485 21.36 -46.62 15.55
C LEU H 485 20.43 -46.97 16.72
N GLY H 486 19.85 -45.93 17.31
CA GLY H 486 18.95 -46.08 18.44
C GLY H 486 17.55 -45.66 18.02
N ARG H 487 16.56 -46.30 18.60
CA ARG H 487 15.19 -45.93 18.31
C ARG H 487 14.31 -46.21 19.52
N ILE H 488 13.20 -45.49 19.57
CA ILE H 488 12.20 -45.69 20.62
C ILE H 488 11.39 -46.99 20.42
N SER H 489 10.83 -47.50 21.52
CA SER H 489 9.95 -48.67 21.51
C SER H 489 8.98 -48.63 20.35
N GLN H 490 8.64 -49.79 19.81
CA GLN H 490 7.60 -49.86 18.78
C GLN H 490 6.31 -49.18 19.23
N ASP H 491 5.86 -49.44 20.47
CA ASP H 491 4.61 -48.84 20.98
C ASP H 491 4.78 -47.34 20.96
N GLU H 492 5.83 -46.85 21.60
CA GLU H 492 6.05 -45.41 21.67
C GLU H 492 6.16 -44.76 20.29
N LEU H 493 6.73 -45.47 19.33
CA LEU H 493 6.81 -44.98 17.96
C LEU H 493 5.43 -44.77 17.38
N ASN H 494 4.49 -45.61 17.79
CA ASN H 494 3.10 -45.44 17.38
C ASN H 494 2.41 -44.31 18.12
N ASN H 495 2.66 -44.15 19.41
CA ASN H 495 2.08 -43.04 20.15
C ASN H 495 2.42 -41.73 19.45
N VAL H 496 3.63 -41.63 18.87
CA VAL H 496 4.08 -40.43 18.19
C VAL H 496 3.44 -40.37 16.82
N LYS H 497 3.51 -41.50 16.11
CA LYS H 497 2.88 -41.62 14.80
C LYS H 497 1.42 -41.13 14.94
N LYS H 498 0.73 -41.64 15.95
CA LYS H 498 -0.65 -41.29 16.26
C LYS H 498 -0.82 -39.80 16.52
N TYR H 499 -0.05 -39.29 17.48
CA TYR H 499 -0.06 -37.87 17.84
C TYR H 499 0.01 -36.92 16.65
N TYR H 500 0.95 -37.16 15.75
CA TYR H 500 1.07 -36.34 14.55
C TYR H 500 -0.11 -36.52 13.61
N ASN H 501 -0.39 -37.77 13.26
CA ASN H 501 -1.52 -38.11 12.41
C ASN H 501 -2.86 -37.61 12.93
N MET H 502 -2.95 -37.36 14.23
CA MET H 502 -4.18 -36.90 14.86
C MET H 502 -4.30 -35.38 14.87
N PHE H 503 -3.20 -34.69 15.20
CA PHE H 503 -3.25 -33.25 15.43
C PHE H 503 -2.38 -32.48 14.47
N GLY H 504 -2.00 -33.09 13.35
CA GLY H 504 -1.17 -32.39 12.40
C GLY H 504 0.15 -31.93 12.97
N TYR H 505 0.75 -30.93 12.34
CA TYR H 505 2.01 -30.38 12.80
C TYR H 505 1.79 -28.90 13.14
N GLU H 506 2.74 -28.33 13.87
CA GLU H 506 2.67 -26.95 14.30
C GLU H 506 3.18 -26.00 13.21
N CYS H 507 2.29 -25.15 12.68
CA CYS H 507 2.70 -24.07 11.78
C CYS H 507 2.41 -22.72 12.44
N ASN H 508 3.44 -21.87 12.49
CA ASN H 508 3.28 -20.49 13.00
C ASN H 508 2.98 -19.45 11.90
N ASP H 509 2.19 -19.87 10.93
CA ASP H 509 1.94 -19.08 9.75
C ASP H 509 0.79 -18.14 10.07
N TYR H 510 1.11 -16.89 10.36
CA TYR H 510 0.08 -15.87 10.35
C TYR H 510 -0.21 -15.60 8.89
N SER H 511 -1.38 -15.06 8.56
CA SER H 511 -1.65 -14.65 7.17
C SER H 511 -1.23 -15.70 6.12
N THR H 512 -2.04 -16.77 5.98
CA THR H 512 -1.73 -17.83 5.02
C THR H 512 -3.02 -18.52 4.62
N LYS H 513 -3.06 -19.04 3.41
CA LYS H 513 -4.21 -19.84 2.97
C LYS H 513 -4.13 -21.22 3.59
N LEU H 514 -5.28 -21.73 4.02
CA LEU H 514 -5.30 -23.05 4.59
C LEU H 514 -4.68 -24.04 3.58
N SER H 515 -3.88 -24.98 4.07
CA SER H 515 -3.46 -26.11 3.25
C SER H 515 -4.70 -26.89 2.91
N ASP H 516 -4.61 -27.82 1.99
CA ASP H 516 -5.81 -28.56 1.58
C ASP H 516 -6.45 -29.25 2.77
N ILE H 517 -7.76 -29.38 2.69
CA ILE H 517 -8.61 -29.97 3.75
C ILE H 517 -8.69 -31.50 3.62
N THR H 518 -8.28 -32.03 2.47
CA THR H 518 -8.30 -33.45 2.18
C THR H 518 -6.90 -33.94 1.89
N SER H 519 -5.91 -33.31 2.51
CA SER H 519 -4.54 -33.71 2.28
C SER H 519 -4.45 -35.19 2.62
N MET H 520 -5.03 -35.54 3.75
CA MET H 520 -4.88 -36.87 4.32
C MET H 520 -5.86 -37.92 3.80
N SER H 521 -5.69 -39.14 4.31
CA SER H 521 -6.50 -40.29 3.92
C SER H 521 -7.54 -40.67 4.99
N ILE H 522 -7.27 -40.33 6.25
CA ILE H 522 -8.13 -40.74 7.36
C ILE H 522 -8.81 -39.54 8.00
N CYS H 523 -8.03 -38.51 8.31
CA CYS H 523 -8.56 -37.32 8.93
C CYS H 523 -7.60 -36.14 8.76
N ASN H 524 -8.16 -34.94 8.76
CA ASN H 524 -7.37 -33.73 8.68
C ASN H 524 -7.58 -32.91 9.92
N TRP H 525 -6.52 -32.30 10.46
CA TRP H 525 -6.66 -31.48 11.64
C TRP H 525 -6.75 -30.09 11.01
N VAL H 526 -7.43 -29.15 11.68
CA VAL H 526 -7.52 -27.79 11.17
C VAL H 526 -7.87 -26.86 12.33
N GLN H 527 -6.93 -25.95 12.63
CA GLN H 527 -7.03 -25.07 13.77
C GLN H 527 -6.54 -23.68 13.36
N PHE H 528 -7.41 -22.67 13.42
CA PHE H 528 -7.02 -21.31 13.02
C PHE H 528 -7.74 -20.10 13.65
N LYS H 529 -6.93 -19.09 13.94
CA LYS H 529 -7.35 -17.82 14.51
C LYS H 529 -7.92 -16.99 13.37
N GLY H 530 -8.67 -15.93 13.66
CA GLY H 530 -9.20 -15.02 12.65
C GLY H 530 -8.16 -14.44 11.67
N ILE H 531 -8.59 -13.70 10.65
CA ILE H 531 -9.98 -13.28 10.45
C ILE H 531 -10.61 -13.68 9.12
N TRP H 532 -11.82 -14.22 9.23
CA TRP H 532 -12.52 -14.83 8.11
C TRP H 532 -14.02 -14.78 8.34
N THR H 533 -14.76 -14.79 7.24
CA THR H 533 -16.18 -15.04 7.27
C THR H 533 -16.50 -16.00 6.14
N LEU H 534 -17.48 -16.87 6.36
CA LEU H 534 -18.03 -17.70 5.30
C LEU H 534 -19.24 -17.03 4.67
N PRO H 535 -19.35 -17.09 3.34
CA PRO H 535 -20.46 -16.44 2.66
C PRO H 535 -21.85 -16.85 3.17
N ASN H 536 -22.57 -15.87 3.71
CA ASN H 536 -23.99 -15.95 4.01
C ASN H 536 -24.26 -16.85 5.18
N VAL H 537 -23.68 -16.50 6.32
CA VAL H 537 -23.89 -17.28 7.53
C VAL H 537 -24.28 -16.36 8.67
N ASP H 538 -25.31 -16.76 9.41
CA ASP H 538 -25.80 -15.99 10.53
C ASP H 538 -24.60 -15.58 11.37
N THR H 539 -24.39 -14.26 11.49
CA THR H 539 -23.26 -13.74 12.25
C THR H 539 -23.05 -14.42 13.60
N GLY H 540 -24.15 -14.84 14.26
CA GLY H 540 -24.04 -15.59 15.50
C GLY H 540 -23.28 -16.90 15.29
N HIS H 541 -23.74 -17.71 14.33
CA HIS H 541 -23.12 -18.99 13.98
C HIS H 541 -21.68 -18.85 13.54
N MET H 542 -21.35 -17.70 12.96
CA MET H 542 -19.97 -17.43 12.61
C MET H 542 -19.11 -17.35 13.87
N ASN H 543 -19.50 -16.51 14.83
CA ASN H 543 -18.76 -16.39 16.08
C ASN H 543 -18.42 -17.74 16.68
N MET H 544 -19.26 -18.74 16.43
CA MET H 544 -18.96 -20.10 16.87
C MET H 544 -17.90 -20.74 15.99
N LEU H 545 -18.16 -20.83 14.70
CA LEU H 545 -17.17 -21.40 13.78
C LEU H 545 -15.80 -20.76 13.98
N ARG H 546 -15.76 -19.43 14.06
CA ARG H 546 -14.51 -18.68 14.13
C ARG H 546 -13.69 -19.15 15.33
N ALA H 547 -14.41 -19.46 16.40
CA ALA H 547 -13.80 -19.79 17.68
C ALA H 547 -13.70 -21.30 17.93
N LEU H 548 -14.53 -22.06 17.23
CA LEU H 548 -14.48 -23.51 17.36
C LEU H 548 -13.22 -23.97 16.64
N PHE H 549 -12.90 -23.29 15.55
CA PHE H 549 -11.68 -23.57 14.82
C PHE H 549 -10.43 -22.95 15.43
N GLU H 550 -10.56 -21.89 16.21
CA GLU H 550 -9.39 -21.42 16.94
C GLU H 550 -8.86 -22.53 17.84
N ALA H 551 -9.77 -23.40 18.30
CA ALA H 551 -9.39 -24.51 19.17
C ALA H 551 -9.32 -25.86 18.44
N GLY H 552 -9.22 -25.83 17.11
CA GLY H 552 -8.96 -27.03 16.34
C GLY H 552 -10.18 -27.91 16.19
N VAL H 553 -10.24 -28.62 15.07
CA VAL H 553 -11.36 -29.47 14.73
C VAL H 553 -10.85 -30.60 13.89
N ARG H 554 -11.15 -31.85 14.24
CA ARG H 554 -10.72 -32.97 13.40
C ARG H 554 -11.78 -33.28 12.33
N LEU H 555 -11.33 -33.21 11.07
CA LEU H 555 -12.15 -33.52 9.91
C LEU H 555 -11.88 -34.92 9.41
N TRP H 556 -12.70 -35.86 9.86
CA TRP H 556 -12.56 -37.22 9.44
C TRP H 556 -13.13 -37.36 8.04
N HIS H 557 -12.68 -38.38 7.33
CA HIS H 557 -13.07 -38.55 5.95
C HIS H 557 -14.02 -39.71 5.75
N LYS H 558 -13.84 -40.78 6.52
CA LYS H 558 -14.77 -41.91 6.48
C LYS H 558 -15.36 -42.14 7.87
N GLU H 559 -16.64 -42.52 7.95
CA GLU H 559 -17.25 -42.78 9.25
C GLU H 559 -16.62 -44.00 9.89
N SER H 560 -16.33 -45.02 9.10
CA SER H 560 -15.66 -46.21 9.61
C SER H 560 -14.36 -45.88 10.38
N ASP H 561 -13.62 -44.89 9.90
CA ASP H 561 -12.36 -44.48 10.54
C ASP H 561 -12.57 -43.88 11.93
N MET H 562 -13.79 -43.45 12.21
CA MET H 562 -14.13 -42.84 13.50
C MET H 562 -14.35 -43.87 14.61
N ILE H 563 -14.50 -45.15 14.25
CA ILE H 563 -14.69 -46.22 15.25
C ILE H 563 -13.86 -47.46 14.89
N ASN H 564 -12.69 -47.20 14.32
CA ASN H 564 -11.67 -48.23 14.23
C ASN H 564 -10.30 -47.60 14.45
N ASN H 565 -9.34 -48.41 14.85
CA ASN H 565 -8.06 -47.88 15.26
C ASN H 565 -7.17 -47.56 14.08
N THR H 566 -7.71 -46.84 13.11
CA THR H 566 -7.08 -46.67 11.81
C THR H 566 -6.17 -45.44 11.73
N VAL H 567 -6.22 -44.58 12.74
CA VAL H 567 -5.60 -43.26 12.60
C VAL H 567 -4.10 -43.40 12.52
N VAL H 568 -3.60 -44.54 12.99
CA VAL H 568 -2.16 -44.83 12.95
C VAL H 568 -1.65 -44.87 11.49
N ASN H 569 -2.55 -45.21 10.56
CA ASN H 569 -2.22 -45.26 9.13
C ASN H 569 -2.69 -44.05 8.31
N ASN H 570 -2.87 -42.91 8.97
CA ASN H 570 -3.16 -41.67 8.24
C ASN H 570 -1.94 -41.38 7.39
N VAL H 571 -2.14 -40.71 6.25
CA VAL H 571 -1.06 -40.50 5.28
C VAL H 571 -1.50 -39.55 4.15
N ILE H 572 -0.55 -38.98 3.42
CA ILE H 572 -0.83 -37.99 2.39
C ILE H 572 -1.23 -38.71 1.10
N ILE H 573 -0.84 -38.20 -0.07
CA ILE H 573 -1.11 -38.86 -1.34
C ILE H 573 -0.09 -38.40 -2.40
N LEU I 3 -35.60 8.47 13.32
CA LEU I 3 -34.66 9.58 13.33
C LEU I 3 -33.32 9.17 12.73
N SER I 4 -33.26 8.12 11.92
CA SER I 4 -31.97 7.66 11.39
C SER I 4 -32.02 6.62 10.27
N LYS I 5 -31.23 6.85 9.23
CA LYS I 5 -31.14 5.93 8.08
C LYS I 5 -30.00 4.91 8.24
N ILE I 6 -30.26 3.67 7.84
CA ILE I 6 -29.39 2.55 8.15
C ILE I 6 -29.08 1.67 6.94
N LYS I 7 -27.78 1.44 6.69
CA LYS I 7 -27.32 0.37 5.78
C LYS I 7 -26.99 -0.91 6.56
N LEU I 8 -27.07 -2.08 5.93
CA LEU I 8 -26.80 -3.36 6.65
C LEU I 8 -25.83 -4.33 5.97
N PHE I 9 -24.55 -3.98 5.92
CA PHE I 9 -23.57 -4.63 5.03
C PHE I 9 -23.41 -6.13 5.15
N TYR I 10 -23.31 -6.81 4.00
CA TYR I 10 -23.30 -8.27 3.95
C TYR I 10 -21.91 -8.83 3.77
N ASN I 11 -21.66 -10.00 4.39
CA ASN I 11 -20.36 -10.70 4.31
C ASN I 11 -19.10 -9.82 4.37
N THR I 12 -18.99 -9.07 5.44
CA THR I 12 -17.95 -8.05 5.54
C THR I 12 -16.70 -8.70 6.13
N PRO I 13 -15.51 -8.13 5.89
CA PRO I 13 -14.27 -8.62 6.52
C PRO I 13 -14.09 -8.21 7.97
N PHE I 14 -14.56 -7.01 8.29
CA PHE I 14 -14.59 -6.49 9.67
C PHE I 14 -15.44 -7.29 10.67
N ASN I 15 -14.84 -8.28 11.30
CA ASN I 15 -15.51 -9.03 12.37
C ASN I 15 -14.62 -9.40 13.55
N ASN I 16 -13.32 -9.23 13.41
CA ASN I 16 -12.42 -9.15 14.55
C ASN I 16 -12.64 -7.76 15.11
N MET I 17 -12.76 -7.66 16.43
CA MET I 17 -13.17 -6.42 17.08
C MET I 17 -11.89 -5.61 17.31
N GLN I 18 -11.01 -5.57 16.32
CA GLN I 18 -9.55 -5.36 16.53
C GLN I 18 -8.68 -5.41 15.23
N ASN I 19 -9.24 -5.94 14.13
CA ASN I 19 -8.75 -5.66 12.78
C ASN I 19 -9.68 -4.73 12.06
N THR I 20 -9.12 -3.63 11.58
CA THR I 20 -9.89 -2.56 10.97
C THR I 20 -9.28 -2.18 9.61
N LEU I 21 -10.00 -1.33 8.87
CA LEU I 21 -9.45 -0.74 7.67
C LEU I 21 -9.27 0.75 7.98
N HIS I 22 -8.38 1.40 7.24
CA HIS I 22 -8.05 2.78 7.51
C HIS I 22 -8.02 3.63 6.25
N PHE I 23 -8.71 4.77 6.31
CA PHE I 23 -8.88 5.71 5.21
C PHE I 23 -8.26 7.04 5.57
N ASN I 24 -7.63 7.68 4.60
CA ASN I 24 -6.94 8.96 4.83
C ASN I 24 -7.85 9.96 5.51
N SER I 25 -9.16 9.77 5.39
CA SER I 25 -10.08 10.72 5.91
C SER I 25 -11.48 10.04 5.99
N ASN I 26 -12.24 10.35 7.05
CA ASN I 26 -13.71 10.08 7.16
C ASN I 26 -14.54 9.94 5.88
N GLU I 27 -15.10 11.04 5.33
CA GLU I 27 -15.97 10.94 4.14
C GLU I 27 -15.44 10.22 2.85
N GLU I 28 -14.23 9.70 2.93
CA GLU I 28 -13.57 8.99 1.87
C GLU I 28 -13.84 7.51 2.20
N ARG I 29 -14.04 7.20 3.48
CA ARG I 29 -14.58 5.91 3.91
C ARG I 29 -16.11 5.85 3.85
N ASP I 30 -16.78 6.97 4.07
CA ASP I 30 -18.21 6.99 3.88
C ASP I 30 -18.47 6.83 2.41
N ALA I 31 -17.62 7.43 1.58
CA ALA I 31 -17.72 7.24 0.14
C ALA I 31 -17.51 5.77 -0.24
N TYR I 32 -16.52 5.14 0.40
CA TYR I 32 -16.28 3.72 0.21
C TYR I 32 -17.53 2.89 0.56
N PHE I 33 -17.90 2.93 1.85
CA PHE I 33 -19.01 2.12 2.36
C PHE I 33 -20.30 2.40 1.63
N ASN I 34 -20.66 3.67 1.45
CA ASN I 34 -21.88 4.05 0.72
C ASN I 34 -21.94 3.55 -0.71
N SER I 35 -21.02 2.65 -1.07
CA SER I 35 -20.96 2.15 -2.40
C SER I 35 -20.28 0.77 -2.41
N LYS I 36 -21.01 -0.27 -1.97
CA LYS I 36 -20.60 -1.66 -2.26
C LYS I 36 -21.69 -2.75 -2.21
N PHE I 37 -22.96 -2.37 -2.00
CA PHE I 37 -23.93 -3.31 -1.40
C PHE I 37 -24.36 -4.50 -2.26
N ASP I 38 -24.79 -5.54 -1.54
CA ASP I 38 -25.32 -6.78 -2.10
C ASP I 38 -26.89 -6.96 -2.12
N VAL I 39 -27.61 -6.89 -0.98
CA VAL I 39 -29.11 -6.93 -1.05
C VAL I 39 -30.03 -6.27 0.06
N HIS I 40 -29.65 -5.15 0.70
CA HIS I 40 -30.50 -4.50 1.76
C HIS I 40 -30.07 -3.20 2.53
N GLU I 41 -30.90 -2.17 2.45
CA GLU I 41 -30.78 -0.95 3.26
C GLU I 41 -32.20 -0.47 3.64
N PHE I 42 -32.34 0.25 4.77
CA PHE I 42 -33.67 0.67 5.25
C PHE I 42 -33.64 1.93 6.12
N THR I 43 -34.71 2.17 6.87
CA THR I 43 -34.80 3.29 7.82
C THR I 43 -35.61 2.95 9.07
N SER I 44 -35.08 3.29 10.24
CA SER I 44 -35.79 3.08 11.50
C SER I 44 -35.21 4.03 12.55
N THR I 45 -35.16 3.58 13.80
CA THR I 45 -34.40 4.28 14.82
C THR I 45 -34.11 3.29 15.92
N PHE I 46 -33.18 3.65 16.82
CA PHE I 46 -32.68 2.68 17.79
C PHE I 46 -32.13 3.27 19.10
N ASN I 47 -32.13 2.43 20.12
CA ASN I 47 -31.84 2.83 21.50
C ASN I 47 -30.34 2.66 21.77
N TYR I 48 -29.91 2.85 23.01
CA TYR I 48 -28.49 2.75 23.32
C TYR I 48 -28.22 2.67 24.82
N ARG I 49 -27.13 2.02 25.19
CA ARG I 49 -26.73 1.93 26.59
C ARG I 49 -25.35 1.27 26.71
N GLY I 53 -21.64 0.25 23.57
CA GLY I 53 -22.56 -0.88 23.47
C GLY I 53 -23.26 -1.07 24.80
N VAL I 54 -24.14 -2.06 24.93
CA VAL I 54 -24.62 -2.94 23.85
C VAL I 54 -26.09 -2.60 23.63
N LEU I 55 -26.59 -2.74 22.41
CA LEU I 55 -27.94 -2.29 22.08
C LEU I 55 -28.57 -3.02 20.89
N ARG I 56 -29.88 -2.82 20.70
CA ARG I 56 -30.64 -3.57 19.70
C ARG I 56 -31.39 -2.66 18.73
N VAL I 57 -31.60 -3.17 17.51
CA VAL I 57 -32.45 -2.53 16.46
C VAL I 57 -33.35 -3.56 15.75
N THR I 58 -34.65 -3.36 15.87
CA THR I 58 -35.60 -4.26 15.22
C THR I 58 -35.63 -3.90 13.75
N ILE I 59 -35.91 -4.89 12.92
CA ILE I 59 -36.04 -4.68 11.48
C ILE I 59 -36.89 -5.78 10.85
N ASP I 60 -37.50 -5.50 9.70
CA ASP I 60 -38.39 -6.46 9.04
C ASP I 60 -38.28 -6.56 7.53
N LEU I 61 -38.83 -7.66 7.01
CA LEU I 61 -38.77 -8.01 5.59
C LEU I 61 -40.15 -8.47 5.06
N VAL I 62 -40.90 -7.54 4.45
CA VAL I 62 -42.29 -7.81 4.04
C VAL I 62 -42.32 -8.69 2.78
N SER I 63 -41.24 -8.65 2.00
CA SER I 63 -41.14 -9.41 0.75
C SER I 63 -40.51 -10.77 0.95
N ASP I 64 -41.34 -11.80 1.09
CA ASP I 64 -40.79 -13.12 1.33
C ASP I 64 -41.57 -14.31 0.76
N ARG I 65 -40.81 -15.37 0.58
CA ARG I 65 -41.26 -16.68 0.07
C ARG I 65 -40.34 -17.74 0.66
N SER I 66 -39.04 -17.43 0.73
CA SER I 66 -38.08 -18.23 1.46
C SER I 66 -37.04 -17.35 2.17
N CYS I 67 -37.48 -16.24 2.80
CA CYS I 67 -36.59 -15.29 3.52
C CYS I 67 -36.84 -15.37 5.03
N PHE I 68 -37.91 -14.70 5.48
CA PHE I 68 -38.22 -14.62 6.90
C PHE I 68 -37.02 -14.00 7.68
N GLU I 69 -36.23 -14.82 8.39
CA GLU I 69 -34.97 -14.34 8.91
C GLU I 69 -34.03 -14.25 7.72
N GLN I 70 -33.31 -15.35 7.44
CA GLN I 70 -32.40 -15.52 6.29
C GLN I 70 -32.05 -14.28 5.41
N LEU I 71 -31.79 -13.17 6.10
CA LEU I 71 -30.99 -12.08 5.57
C LEU I 71 -29.56 -12.52 5.82
N MET I 72 -29.38 -13.33 6.86
CA MET I 72 -28.21 -14.17 6.99
C MET I 72 -26.89 -13.39 7.10
N GLY I 73 -26.12 -13.26 6.01
CA GLY I 73 -24.69 -12.97 6.09
C GLY I 73 -24.27 -11.61 6.65
N VAL I 74 -25.24 -10.75 6.94
CA VAL I 74 -24.98 -9.46 7.59
C VAL I 74 -24.18 -9.57 8.86
N ASN I 75 -23.12 -8.75 8.97
CA ASN I 75 -22.32 -8.70 10.19
C ASN I 75 -21.76 -7.31 10.57
N TYR I 76 -22.16 -6.27 9.84
CA TYR I 76 -21.61 -4.93 10.01
C TYR I 76 -22.64 -3.99 9.46
N CYS I 77 -22.73 -2.79 10.02
CA CYS I 77 -23.74 -1.86 9.55
C CYS I 77 -23.35 -0.42 9.75
N GLN I 78 -23.93 0.44 8.93
CA GLN I 78 -23.76 1.88 9.07
C GLN I 78 -25.06 2.46 9.55
N VAL I 79 -24.93 3.48 10.39
CA VAL I 79 -26.07 4.28 10.77
C VAL I 79 -25.63 5.71 10.53
N GLN I 80 -26.54 6.52 9.98
CA GLN I 80 -26.36 7.96 10.08
C GLN I 80 -27.62 8.64 10.57
N TYR I 81 -27.47 9.36 11.67
CA TYR I 81 -28.59 10.03 12.29
C TYR I 81 -28.89 11.26 11.47
N ILE I 82 -30.18 11.54 11.30
CA ILE I 82 -30.64 12.74 10.62
C ILE I 82 -31.81 13.30 11.43
N GLN I 83 -31.89 14.62 11.62
CA GLN I 83 -30.88 15.56 11.20
C GLN I 83 -29.84 15.64 12.30
N SER I 84 -28.60 15.70 11.86
CA SER I 84 -27.44 15.45 12.69
C SER I 84 -26.41 15.10 11.63
N ASN I 85 -26.82 14.18 10.76
CA ASN I 85 -25.99 13.71 9.63
C ASN I 85 -24.62 13.20 10.06
N ARG I 86 -24.51 12.78 11.31
CA ARG I 86 -23.27 12.18 11.80
C ARG I 86 -23.38 10.70 11.53
N VAL I 87 -22.24 10.08 11.26
CA VAL I 87 -22.21 8.67 10.92
C VAL I 87 -21.48 7.89 12.01
N GLU I 88 -21.87 6.64 12.19
CA GLU I 88 -21.29 5.77 13.21
C GLU I 88 -21.49 4.34 12.74
N TYR I 89 -20.41 3.55 12.77
CA TYR I 89 -20.47 2.15 12.34
C TYR I 89 -20.48 1.19 13.54
N LEU I 90 -21.15 0.06 13.36
CA LEU I 90 -21.33 -0.94 14.43
C LEU I 90 -21.22 -2.34 13.86
N PHE I 91 -20.74 -3.26 14.69
CA PHE I 91 -20.75 -4.66 14.31
C PHE I 91 -22.13 -5.14 14.66
N VAL I 92 -22.65 -6.06 13.84
CA VAL I 92 -23.87 -6.77 14.22
C VAL I 92 -23.48 -8.17 14.77
N THR I 93 -23.83 -8.41 16.04
CA THR I 93 -23.27 -9.52 16.80
C THR I 93 -24.09 -10.75 16.62
N ASP I 94 -25.41 -10.57 16.58
CA ASP I 94 -26.34 -11.68 16.49
C ASP I 94 -27.66 -11.20 15.92
N ILE I 95 -28.29 -12.08 15.13
CA ILE I 95 -29.62 -11.83 14.59
C ILE I 95 -30.66 -12.83 15.10
N GLN I 96 -31.14 -12.58 16.32
CA GLN I 96 -32.21 -13.38 16.88
C GLN I 96 -33.49 -13.00 16.14
N GLN I 97 -34.25 -14.01 15.71
CA GLN I 97 -35.47 -13.78 14.95
C GLN I 97 -36.67 -13.73 15.90
N LEU I 98 -37.75 -13.09 15.48
CA LEU I 98 -38.97 -13.02 16.29
C LEU I 98 -40.16 -13.75 15.66
N ASN I 99 -40.48 -13.39 14.43
CA ASN I 99 -41.54 -14.05 13.68
C ASN I 99 -41.12 -14.24 12.23
N ASP I 100 -42.00 -14.83 11.42
CA ASP I 100 -41.65 -15.20 10.05
C ASP I 100 -41.33 -14.00 9.12
N LYS I 101 -41.05 -12.81 9.66
CA LYS I 101 -40.36 -11.79 8.87
C LYS I 101 -39.64 -10.66 9.63
N VAL I 102 -39.91 -10.50 10.92
CA VAL I 102 -39.33 -9.41 11.71
C VAL I 102 -38.25 -9.95 12.64
N CYS I 103 -36.99 -9.88 12.19
CA CYS I 103 -35.85 -10.36 12.96
C CYS I 103 -35.16 -9.18 13.72
N GLU I 104 -34.69 -9.44 14.94
CA GLU I 104 -34.14 -8.39 15.79
C GLU I 104 -32.62 -8.47 15.87
N LEU I 105 -31.94 -7.35 15.60
CA LEU I 105 -30.48 -7.32 15.56
C LEU I 105 -29.86 -6.73 16.80
N SER I 106 -28.83 -7.40 17.31
CA SER I 106 -28.06 -6.83 18.42
C SER I 106 -26.80 -6.25 17.80
N LEU I 107 -26.32 -5.15 18.38
CA LEU I 107 -25.25 -4.34 17.82
C LEU I 107 -24.22 -3.92 18.85
N VAL I 108 -23.03 -3.58 18.37
CA VAL I 108 -21.99 -3.07 19.26
C VAL I 108 -21.05 -2.14 18.46
N PRO I 109 -20.76 -0.94 18.99
CA PRO I 109 -20.13 0.08 18.15
C PRO I 109 -18.69 -0.25 17.73
N ASP I 110 -18.40 -0.03 16.45
CA ASP I 110 -17.05 -0.24 15.96
C ASP I 110 -16.36 1.07 16.10
N VAL I 111 -16.09 1.39 17.35
CA VAL I 111 -15.43 2.64 17.69
C VAL I 111 -14.14 2.86 16.89
N VAL I 112 -13.48 1.78 16.51
CA VAL I 112 -12.20 1.91 15.82
C VAL I 112 -12.38 2.47 14.42
N MET I 113 -13.51 2.18 13.78
CA MET I 113 -13.79 2.67 12.44
C MET I 113 -14.41 4.07 12.52
N THR I 114 -15.17 4.31 13.58
CA THR I 114 -15.96 5.52 13.64
C THR I 114 -15.09 6.76 13.83
N TYR I 115 -14.20 6.71 14.83
CA TYR I 115 -13.55 7.92 15.33
C TYR I 115 -12.10 8.10 14.89
N THR I 116 -11.41 6.99 14.65
CA THR I 116 -9.96 7.02 14.45
C THR I 116 -9.55 7.41 13.05
N GLN I 117 -10.52 7.62 12.17
CA GLN I 117 -10.22 7.77 10.75
C GLN I 117 -9.31 8.93 10.44
N GLY I 118 -8.41 8.69 9.49
CA GLY I 118 -7.49 9.70 9.04
C GLY I 118 -6.28 9.90 9.92
N ASN I 119 -5.76 11.13 9.90
CA ASN I 119 -4.49 11.45 10.54
C ASN I 119 -4.67 11.94 11.96
N VAL I 120 -5.43 11.20 12.76
CA VAL I 120 -5.78 11.64 14.10
C VAL I 120 -4.75 11.20 15.11
N LEU I 121 -4.65 9.88 15.26
CA LEU I 121 -3.83 9.26 16.30
C LEU I 121 -2.37 9.73 16.28
N ASN I 122 -1.91 10.25 15.14
CA ASN I 122 -0.57 10.79 15.04
C ASN I 122 -0.41 12.07 15.85
N THR I 123 -1.50 12.80 16.02
CA THR I 123 -1.48 14.05 16.77
C THR I 123 -1.23 13.80 18.26
N LEU I 124 -1.54 12.59 18.70
CA LEU I 124 -1.44 12.24 20.11
C LEU I 124 -0.02 12.34 20.64
N ASN I 125 0.15 13.08 21.74
CA ASN I 125 1.44 13.18 22.40
C ASN I 125 1.42 12.55 23.80
N ASN I 126 2.61 12.16 24.25
CA ASN I 126 2.80 11.66 25.60
C ASN I 126 1.94 10.46 25.88
N VAL I 127 1.88 9.54 24.92
CA VAL I 127 1.21 8.28 25.16
C VAL I 127 2.27 7.18 25.24
N ASN I 128 2.15 6.32 26.23
CA ASN I 128 2.99 5.14 26.29
C ASN I 128 2.53 4.17 25.22
N VAL I 129 3.36 3.97 24.20
CA VAL I 129 3.07 2.98 23.17
C VAL I 129 3.73 1.69 23.56
N ILE I 130 3.32 0.62 22.90
CA ILE I 130 3.84 -0.69 23.21
C ILE I 130 4.44 -1.29 21.96
N ARG I 131 3.62 -1.38 20.93
CA ARG I 131 4.04 -1.95 19.66
C ARG I 131 3.45 -1.12 18.55
N GLN I 132 4.29 -0.69 17.61
CA GLN I 132 3.76 -0.10 16.39
C GLN I 132 4.65 -0.47 15.24
N HIS I 133 4.35 0.14 14.10
CA HIS I 133 5.14 0.01 12.91
C HIS I 133 5.90 1.34 12.72
N TYR I 134 7.11 1.26 12.17
CA TYR I 134 8.04 2.39 12.19
C TYR I 134 8.21 3.10 10.87
N THR I 135 8.39 4.41 10.94
CA THR I 135 8.76 5.18 9.76
C THR I 135 10.20 4.75 9.45
N GLN I 136 10.70 5.01 8.25
CA GLN I 136 12.09 4.64 7.93
C GLN I 136 13.11 5.29 8.89
N THR I 137 12.88 6.54 9.26
CA THR I 137 13.78 7.25 10.18
C THR I 137 13.80 6.56 11.53
N GLU I 138 12.61 6.46 12.13
CA GLU I 138 12.47 5.89 13.45
C GLU I 138 12.95 4.44 13.46
N TYR I 139 12.75 3.75 12.34
CA TYR I 139 13.23 2.39 12.17
C TYR I 139 14.72 2.38 12.46
N GLU I 140 15.47 3.20 11.72
CA GLU I 140 16.91 3.26 11.90
C GLU I 140 17.31 3.55 13.36
N GLN I 141 16.43 4.20 14.09
CA GLN I 141 16.73 4.55 15.47
C GLN I 141 16.53 3.37 16.42
N ASN I 142 15.30 2.86 16.48
CA ASN I 142 15.03 1.67 17.29
C ASN I 142 15.50 0.41 16.53
N LEU I 143 16.65 0.46 15.82
CA LEU I 143 17.08 -0.67 14.98
C LEU I 143 17.99 -1.61 15.78
N GLU I 144 19.00 -1.03 16.42
CA GLU I 144 19.91 -1.82 17.24
C GLU I 144 19.09 -2.57 18.25
N GLN I 145 18.05 -1.91 18.77
CA GLN I 145 17.09 -2.60 19.62
C GLN I 145 16.58 -3.85 18.88
N ILE I 146 15.78 -3.64 17.84
CA ILE I 146 15.00 -4.73 17.25
C ILE I 146 15.84 -5.94 16.80
N ARG I 147 17.14 -5.74 16.64
CA ARG I 147 18.04 -6.84 16.27
C ARG I 147 18.61 -7.57 17.49
N SER I 148 18.62 -6.90 18.64
CA SER I 148 19.11 -7.48 19.87
C SER I 148 18.05 -7.97 20.88
N ASN I 149 16.89 -7.31 20.97
CA ASN I 149 15.84 -7.71 21.94
C ASN I 149 15.35 -9.13 21.69
N ASN I 150 14.62 -9.69 22.66
CA ASN I 150 14.12 -11.08 22.54
C ASN I 150 12.70 -11.17 21.96
N ASP I 151 12.25 -10.04 21.40
CA ASP I 151 10.99 -9.95 20.66
C ASP I 151 11.15 -10.55 19.25
N VAL I 152 11.12 -11.88 19.18
CA VAL I 152 11.13 -12.59 17.88
C VAL I 152 10.40 -13.93 17.98
N LEU I 153 9.88 -14.40 16.84
CA LEU I 153 9.08 -15.60 16.78
C LEU I 153 9.90 -16.88 17.03
N ALA I 154 9.27 -17.84 17.70
CA ALA I 154 9.82 -19.18 17.88
C ALA I 154 10.44 -19.71 16.60
N THR I 155 11.74 -19.97 16.64
CA THR I 155 12.47 -20.43 15.47
C THR I 155 13.44 -21.56 15.83
N SER I 156 13.54 -22.56 14.94
CA SER I 156 14.24 -23.80 15.28
C SER I 156 15.04 -24.46 14.16
N THR I 157 15.11 -23.87 12.98
CA THR I 157 15.50 -24.62 11.79
C THR I 157 16.71 -24.03 11.08
N MET I 158 17.75 -23.73 11.85
CA MET I 158 18.99 -23.20 11.27
C MET I 158 19.75 -24.31 10.57
N ARG I 159 20.38 -23.96 9.46
CA ARG I 159 21.15 -24.90 8.69
C ARG I 159 22.31 -24.14 8.04
N VAL I 160 23.38 -24.85 7.67
CA VAL I 160 24.51 -24.21 7.00
C VAL I 160 24.05 -23.87 5.59
N HIS I 161 23.75 -22.60 5.39
CA HIS I 161 23.02 -22.15 4.23
C HIS I 161 23.98 -21.95 3.06
N ALA I 162 25.11 -21.33 3.36
CA ALA I 162 26.10 -20.99 2.36
C ALA I 162 27.50 -21.04 2.98
N ILE I 163 28.51 -21.29 2.15
CA ILE I 163 29.91 -21.21 2.58
C ILE I 163 30.75 -20.42 1.60
N LYS I 164 31.47 -19.41 2.13
CA LYS I 164 32.51 -18.71 1.39
C LYS I 164 33.82 -18.97 2.12
N SER I 165 34.93 -18.98 1.39
CA SER I 165 36.21 -19.28 2.00
C SER I 165 37.36 -18.62 1.24
N GLU I 166 38.29 -18.04 1.98
CA GLU I 166 39.53 -17.52 1.43
C GLU I 166 40.59 -18.63 1.50
N LEU I 167 40.75 -19.33 0.39
CA LEU I 167 41.60 -20.51 0.35
C LEU I 167 43.06 -20.14 0.16
N PHE I 168 43.94 -20.85 0.86
CA PHE I 168 45.38 -20.68 0.68
C PHE I 168 45.86 -21.56 -0.44
N THR I 169 46.08 -20.88 -1.57
CA THR I 169 46.17 -21.55 -2.85
C THR I 169 47.62 -21.86 -3.15
N GLN I 170 48.50 -20.90 -2.89
CA GLN I 170 49.94 -21.07 -3.11
C GLN I 170 50.66 -20.78 -1.80
N LEU I 171 51.88 -21.26 -1.69
CA LEU I 171 52.64 -21.15 -0.44
C LEU I 171 54.01 -20.47 -0.63
N GLU I 172 54.57 -20.03 0.51
CA GLU I 172 55.89 -19.40 0.60
C GLU I 172 56.63 -20.06 1.76
N TYR I 173 57.95 -19.87 1.82
CA TYR I 173 58.77 -20.55 2.84
C TYR I 173 59.81 -19.64 3.49
N ILE I 174 59.93 -19.71 4.82
CA ILE I 174 61.07 -19.12 5.50
C ILE I 174 62.06 -20.23 5.91
N LEU I 175 63.28 -20.10 5.41
CA LEU I 175 64.36 -20.99 5.80
C LEU I 175 65.14 -20.19 6.84
N THR I 176 64.96 -20.55 8.11
CA THR I 176 65.50 -19.75 9.19
C THR I 176 66.64 -20.53 9.89
N ILE I 177 67.87 -20.10 9.60
CA ILE I 177 69.08 -20.76 10.08
C ILE I 177 70.03 -19.75 10.75
N GLY I 178 70.97 -20.28 11.53
CA GLY I 178 71.84 -19.47 12.36
C GLY I 178 73.25 -19.44 11.80
N ALA I 179 73.33 -19.08 10.53
CA ALA I 179 74.59 -19.03 9.82
C ALA I 179 74.36 -18.16 8.59
N ASN I 180 75.32 -17.30 8.27
CA ASN I 180 75.19 -16.41 7.12
C ASN I 180 75.40 -17.16 5.80
N LEU I 181 74.32 -17.70 5.24
CA LEU I 181 74.35 -18.47 3.98
C LEU I 181 75.08 -17.85 2.79
N ARG I 182 75.31 -16.54 2.81
CA ARG I 182 75.87 -15.86 1.63
C ARG I 182 77.36 -15.37 1.79
N LYS I 183 78.16 -16.09 2.58
CA LYS I 183 79.63 -15.95 2.58
C LYS I 183 80.35 -17.31 2.78
N SER I 184 81.68 -17.34 2.73
CA SER I 184 82.45 -18.59 2.59
C SER I 184 82.22 -19.67 3.65
N PHE I 185 81.93 -20.90 3.19
CA PHE I 185 81.81 -22.07 4.07
C PHE I 185 83.17 -22.75 4.22
N GLY I 186 83.89 -22.89 3.12
CA GLY I 186 85.16 -23.62 3.11
C GLY I 186 84.99 -25.04 2.60
N THR I 187 85.81 -25.95 3.08
CA THR I 187 85.72 -27.37 2.72
C THR I 187 85.70 -28.26 3.96
N ALA I 188 85.60 -29.57 3.74
CA ALA I 188 85.55 -30.54 4.83
C ALA I 188 86.73 -30.41 5.81
N GLU I 189 87.93 -30.31 5.25
CA GLU I 189 89.17 -30.30 6.06
C GLU I 189 89.42 -28.92 6.69
N LYS I 190 89.04 -27.88 5.97
CA LYS I 190 89.10 -26.50 6.46
C LYS I 190 87.70 -25.88 6.49
N PRO I 191 87.00 -26.03 7.63
CA PRO I 191 85.65 -25.48 7.73
C PRO I 191 85.61 -24.04 8.27
N LYS I 192 84.70 -23.23 7.73
CA LYS I 192 84.40 -21.89 8.25
C LYS I 192 82.92 -21.83 8.62
N PHE I 193 82.60 -21.12 9.70
CA PHE I 193 81.23 -21.05 10.21
C PHE I 193 80.77 -19.58 10.30
N PRO I 194 80.29 -19.02 9.18
CA PRO I 194 79.89 -17.60 9.15
C PRO I 194 78.70 -17.30 10.08
N SER I 195 78.91 -16.47 11.08
CA SER I 195 77.86 -16.17 12.05
C SER I 195 76.67 -15.47 11.40
N SER I 196 75.47 -15.82 11.84
CA SER I 196 74.23 -15.24 11.30
C SER I 196 74.09 -13.76 11.66
N SER I 197 73.88 -12.93 10.65
CA SER I 197 73.79 -11.49 10.86
C SER I 197 72.59 -11.06 11.72
N GLY I 198 71.41 -11.62 11.45
CA GLY I 198 70.19 -11.17 12.10
C GLY I 198 69.44 -10.12 11.31
N SER I 199 68.13 -10.32 11.20
CA SER I 199 67.24 -9.36 10.54
C SER I 199 66.10 -8.98 11.50
N THR I 200 65.24 -8.04 11.09
CA THR I 200 64.16 -7.56 11.97
C THR I 200 62.83 -7.42 11.22
N HIS I 201 61.91 -8.34 11.47
CA HIS I 201 60.62 -8.36 10.77
C HIS I 201 59.48 -8.27 11.73
N ASP I 202 58.53 -7.40 11.42
CA ASP I 202 57.38 -7.13 12.28
C ASP I 202 57.84 -6.67 13.66
N GLY I 203 58.91 -5.89 13.68
CA GLY I 203 59.43 -5.39 14.93
C GLY I 203 59.94 -6.44 15.94
N ILE I 204 60.43 -7.57 15.45
CA ILE I 204 61.13 -8.54 16.32
C ILE I 204 62.47 -8.90 15.73
N TYR I 205 63.54 -8.60 16.47
CA TYR I 205 64.89 -8.93 16.02
C TYR I 205 65.11 -10.42 16.19
N ASN I 206 65.61 -11.00 15.11
CA ASN I 206 65.99 -12.39 15.05
C ASN I 206 67.52 -12.51 15.10
N PRO I 207 68.05 -13.27 16.08
CA PRO I 207 69.49 -13.50 15.98
C PRO I 207 69.86 -14.31 14.74
N TYR I 208 68.87 -14.98 14.13
CA TYR I 208 69.12 -15.82 12.96
C TYR I 208 68.91 -15.07 11.66
N ASP I 209 69.31 -15.70 10.57
CA ASP I 209 68.99 -15.20 9.25
C ASP I 209 67.70 -15.88 8.81
N MET I 210 66.78 -15.08 8.26
CA MET I 210 65.56 -15.59 7.63
C MET I 210 65.71 -15.52 6.11
N TYR I 211 65.63 -16.65 5.43
CA TYR I 211 65.82 -16.67 3.97
C TYR I 211 64.53 -17.05 3.28
N TRP I 212 64.18 -16.22 2.30
CA TRP I 212 62.90 -16.29 1.61
C TRP I 212 62.90 -17.23 0.41
N PHE I 213 61.75 -17.85 0.15
CA PHE I 213 61.54 -18.65 -1.05
C PHE I 213 60.06 -18.59 -1.39
N ASN I 214 59.73 -18.35 -2.66
CA ASN I 214 58.34 -18.42 -3.12
C ASN I 214 58.16 -19.50 -4.19
N ASP I 215 59.14 -20.39 -4.33
CA ASP I 215 59.02 -21.58 -5.16
C ASP I 215 59.64 -22.77 -4.42
N TYR I 216 58.96 -23.93 -4.42
CA TYR I 216 59.50 -25.10 -3.74
C TYR I 216 60.86 -25.45 -4.33
N GLU I 217 60.92 -25.52 -5.66
CA GLU I 217 62.13 -25.92 -6.37
C GLU I 217 63.30 -25.06 -5.94
N SER I 218 63.05 -23.76 -5.80
CA SER I 218 64.07 -22.82 -5.33
C SER I 218 64.64 -23.25 -3.98
N LEU I 219 63.76 -23.50 -3.02
CA LEU I 219 64.16 -23.99 -1.70
C LEU I 219 64.83 -25.37 -1.77
N LYS I 220 64.36 -26.24 -2.67
CA LYS I 220 64.91 -27.58 -2.78
C LYS I 220 66.36 -27.53 -3.21
N GLU I 221 66.62 -26.74 -4.25
CA GLU I 221 67.97 -26.57 -4.78
C GLU I 221 68.96 -26.15 -3.69
N VAL I 222 68.49 -25.35 -2.73
CA VAL I 222 69.35 -24.87 -1.67
C VAL I 222 69.40 -25.88 -0.53
N MET I 223 68.31 -26.59 -0.28
CA MET I 223 68.31 -27.65 0.73
C MET I 223 69.29 -28.73 0.31
N ASP I 224 69.41 -28.92 -1.01
CA ASP I 224 70.33 -29.90 -1.57
C ASP I 224 71.77 -29.42 -1.50
N TYR I 225 72.01 -28.19 -1.95
CA TYR I 225 73.33 -27.58 -1.90
C TYR I 225 73.88 -27.69 -0.49
N LEU I 226 72.97 -27.61 0.49
CA LEU I 226 73.37 -27.62 1.89
C LEU I 226 73.78 -29.00 2.41
N THR I 227 73.33 -30.08 1.78
CA THR I 227 73.76 -31.41 2.20
C THR I 227 75.26 -31.57 2.10
N GLY I 228 75.89 -30.86 1.18
CA GLY I 228 77.34 -30.89 1.08
C GLY I 228 78.07 -30.02 2.09
N TYR I 229 77.38 -29.51 3.10
CA TYR I 229 78.02 -28.76 4.18
C TYR I 229 77.30 -29.03 5.51
N PRO I 230 77.46 -30.27 6.05
CA PRO I 230 76.83 -30.71 7.30
C PRO I 230 77.13 -29.88 8.55
N TRP I 231 78.09 -28.94 8.47
CA TRP I 231 78.44 -28.10 9.61
C TRP I 231 77.76 -26.72 9.51
N ILE I 232 77.32 -26.37 8.29
CA ILE I 232 76.46 -25.22 8.08
C ILE I 232 74.98 -25.62 8.20
N GLN I 233 74.65 -26.81 7.71
CA GLN I 233 73.30 -27.34 7.80
C GLN I 233 72.92 -27.70 9.22
N GLN I 234 73.92 -28.04 10.02
CA GLN I 234 73.72 -28.31 11.45
C GLN I 234 72.97 -27.19 12.18
N SER I 235 73.09 -25.96 11.67
CA SER I 235 72.49 -24.80 12.30
C SER I 235 71.30 -24.26 11.51
N ILE I 236 70.32 -25.13 11.23
CA ILE I 236 68.99 -24.73 10.75
C ILE I 236 67.98 -24.93 11.87
N LYS I 237 67.16 -23.92 12.14
CA LYS I 237 66.15 -24.03 13.19
C LYS I 237 64.95 -24.77 12.65
N ASN I 238 64.56 -24.38 11.44
CA ASN I 238 63.46 -25.03 10.75
C ASN I 238 63.35 -24.43 9.38
N VAL I 239 62.51 -25.05 8.58
CA VAL I 239 61.98 -24.38 7.41
C VAL I 239 60.47 -24.42 7.57
N THR I 240 59.86 -23.26 7.67
CA THR I 240 58.43 -23.18 7.89
C THR I 240 57.73 -22.95 6.56
N ILE I 241 56.49 -23.45 6.48
CA ILE I 241 55.65 -23.24 5.32
C ILE I 241 54.52 -22.29 5.69
N ILE I 242 54.56 -21.09 5.11
CA ILE I 242 53.49 -20.13 5.35
C ILE I 242 52.59 -19.99 4.09
N PRO I 243 51.44 -19.31 4.24
CA PRO I 243 50.60 -19.01 3.08
C PRO I 243 51.08 -17.82 2.27
N SER I 244 50.80 -17.88 0.97
CA SER I 244 51.24 -16.86 0.03
C SER I 244 50.77 -15.43 0.33
N GLY I 245 51.52 -14.46 -0.19
CA GLY I 245 51.12 -13.07 -0.20
C GLY I 245 51.05 -12.38 1.14
N PHE I 246 51.81 -12.85 2.11
CA PHE I 246 51.85 -12.20 3.42
C PHE I 246 53.11 -11.39 3.65
N ILE I 247 54.13 -11.56 2.78
CA ILE I 247 55.39 -10.82 2.92
C ILE I 247 55.58 -9.72 1.89
N LYS I 248 55.94 -8.53 2.38
CA LYS I 248 56.10 -7.38 1.52
C LYS I 248 57.40 -7.53 0.70
N GLN I 249 57.35 -7.18 -0.59
CA GLN I 249 58.54 -7.29 -1.44
C GLN I 249 59.73 -6.47 -0.91
N GLU I 250 59.45 -5.27 -0.42
CA GLU I 250 60.47 -4.38 0.17
C GLU I 250 60.79 -4.71 1.63
N SER I 251 60.54 -5.95 2.03
CA SER I 251 61.10 -6.51 3.24
C SER I 251 62.15 -7.58 2.86
N LEU I 252 62.44 -7.69 1.56
CA LEU I 252 63.34 -8.72 1.04
C LEU I 252 64.55 -8.12 0.30
N ASN I 253 65.75 -8.60 0.65
CA ASN I 253 66.95 -8.30 -0.13
C ASN I 253 66.83 -8.91 -1.50
N ASP I 254 67.62 -8.40 -2.43
CA ASP I 254 67.65 -8.96 -3.78
C ASP I 254 68.36 -10.30 -3.74
N HIS I 255 68.37 -10.99 -4.87
CA HIS I 255 68.98 -12.31 -4.96
C HIS I 255 70.49 -12.22 -4.76
N GLU I 256 70.98 -12.51 -3.56
CA GLU I 256 72.42 -12.61 -3.33
C GLU I 256 72.84 -14.05 -3.48
N PRO I 257 74.07 -14.31 -3.95
CA PRO I 257 74.51 -15.69 -4.15
C PRO I 257 74.80 -16.42 -2.84
N VAL I 258 74.67 -17.75 -2.86
CA VAL I 258 74.86 -18.60 -1.68
C VAL I 258 76.37 -18.69 -1.37
N ASN I 259 76.88 -19.86 -0.99
CA ASN I 259 78.28 -19.97 -0.59
C ASN I 259 79.20 -19.52 -1.71
N GLY I 260 79.09 -20.18 -2.86
CA GLY I 260 79.91 -19.80 -3.99
C GLY I 260 79.43 -18.49 -4.57
N GLY I 261 78.33 -18.48 -5.30
CA GLY I 261 77.49 -19.65 -5.49
C GLY I 261 76.75 -19.63 -6.80
N ASP I 262 76.19 -20.79 -7.15
CA ASP I 262 75.39 -20.93 -8.35
C ASP I 262 73.93 -20.57 -8.04
N LEU I 263 73.57 -20.60 -6.75
CA LEU I 263 72.19 -20.41 -6.30
C LEU I 263 72.06 -19.07 -5.58
N SER I 264 70.84 -18.56 -5.50
CA SER I 264 70.59 -17.30 -4.81
C SER I 264 69.50 -17.42 -3.75
N VAL I 265 69.72 -16.76 -2.60
CA VAL I 265 68.75 -16.74 -1.51
C VAL I 265 68.51 -15.29 -1.08
N ARG I 266 67.28 -14.98 -0.70
CA ARG I 266 66.88 -13.61 -0.38
C ARG I 266 66.64 -13.35 1.12
N LYS I 267 67.57 -12.66 1.76
CA LYS I 267 67.46 -12.33 3.17
C LYS I 267 66.20 -11.52 3.42
N LEU I 268 65.40 -11.93 4.40
CA LEU I 268 64.17 -11.22 4.76
C LEU I 268 64.39 -10.41 6.05
N GLY I 269 64.39 -9.08 5.92
CA GLY I 269 64.57 -8.20 7.07
C GLY I 269 64.09 -6.79 6.76
N LYS I 270 65.03 -5.87 6.57
CA LYS I 270 64.69 -4.51 6.15
C LYS I 270 63.61 -3.86 7.05
N GLN I 271 63.58 -4.23 8.33
CA GLN I 271 62.70 -3.60 9.34
C GLN I 271 61.19 -3.70 9.10
N GLY I 272 60.77 -4.10 7.91
CA GLY I 272 59.38 -3.93 7.49
C GLY I 272 58.43 -4.87 8.19
N VAL I 273 57.13 -4.68 7.94
CA VAL I 273 56.08 -5.52 8.49
C VAL I 273 55.54 -6.46 7.41
N SER I 274 54.57 -7.27 7.79
CA SER I 274 53.88 -8.15 6.88
C SER I 274 52.67 -7.40 6.35
N ASN I 275 52.01 -7.98 5.36
CA ASN I 275 50.74 -7.47 4.89
C ASN I 275 49.65 -7.79 5.91
N GLN I 276 49.02 -6.77 6.49
CA GLN I 276 47.89 -6.97 7.37
C GLN I 276 46.63 -7.24 6.55
N LYS I 277 46.69 -8.36 5.83
CA LYS I 277 45.88 -8.62 4.65
C LYS I 277 44.38 -8.38 4.83
N ASP I 278 43.78 -7.60 3.92
CA ASP I 278 42.34 -7.50 3.87
C ASP I 278 41.89 -8.85 3.25
N PHE I 279 41.27 -9.70 4.05
CA PHE I 279 40.73 -10.99 3.59
C PHE I 279 39.41 -10.79 2.86
N ASN I 280 39.46 -10.74 1.53
CA ASN I 280 38.27 -10.34 0.77
C ASN I 280 37.41 -11.50 0.22
N ALA I 281 38.02 -12.62 -0.11
CA ALA I 281 37.26 -13.78 -0.62
C ALA I 281 36.14 -14.20 0.34
N ILE I 282 36.31 -13.86 1.61
CA ILE I 282 35.43 -14.27 2.67
C ILE I 282 34.54 -13.14 3.19
N SER I 283 34.86 -11.89 2.85
CA SER I 283 34.13 -10.71 3.33
C SER I 283 32.93 -10.38 2.47
N LEU I 284 31.83 -9.98 3.14
CA LEU I 284 30.60 -9.54 2.45
C LEU I 284 30.19 -8.14 2.88
N ASP I 285 30.21 -7.20 1.94
CA ASP I 285 29.69 -5.88 2.20
C ASP I 285 28.19 -6.01 2.38
N TYR I 286 27.52 -4.92 2.75
CA TYR I 286 26.13 -5.00 3.18
C TYR I 286 25.29 -5.64 2.11
N GLN I 287 25.36 -5.06 0.92
CA GLN I 287 24.57 -5.50 -0.19
C GLN I 287 24.84 -6.98 -0.39
N SER I 288 26.12 -7.34 -0.46
CA SER I 288 26.53 -8.72 -0.71
C SER I 288 26.13 -9.67 0.39
N LEU I 289 26.04 -9.17 1.62
CA LEU I 289 25.68 -10.03 2.74
C LEU I 289 24.20 -10.40 2.68
N MET I 290 23.35 -9.37 2.64
CA MET I 290 21.91 -9.55 2.61
C MET I 290 21.54 -10.45 1.44
N PHE I 291 22.24 -10.23 0.31
CA PHE I 291 22.13 -11.04 -0.89
C PHE I 291 22.38 -12.53 -0.58
N THR I 292 23.55 -12.85 -0.03
CA THR I 292 23.98 -14.25 0.11
C THR I 292 23.09 -15.04 1.06
N LEU I 293 22.41 -14.33 1.94
CA LEU I 293 21.48 -14.93 2.90
C LEU I 293 20.04 -15.00 2.41
N GLY I 294 19.77 -14.52 1.19
CA GLY I 294 18.41 -14.50 0.69
C GLY I 294 17.52 -13.60 1.53
N LEU I 295 18.08 -12.46 1.93
CA LEU I 295 17.37 -11.42 2.67
C LEU I 295 17.26 -10.21 1.78
N ASN I 296 16.07 -9.62 1.75
CA ASN I 296 15.86 -8.44 0.93
C ASN I 296 16.57 -7.24 1.56
N PRO I 297 17.64 -6.74 0.93
CA PRO I 297 18.49 -5.74 1.58
C PRO I 297 17.81 -4.40 1.82
N ILE I 298 16.64 -4.20 1.24
CA ILE I 298 16.02 -2.89 1.20
C ILE I 298 15.23 -2.61 2.48
N ASN I 299 14.61 -3.65 3.04
CA ASN I 299 13.83 -3.49 4.27
C ASN I 299 13.89 -4.70 5.23
N ASP I 300 14.95 -5.50 5.17
CA ASP I 300 15.15 -6.62 6.10
C ASP I 300 16.40 -6.52 6.96
N LYS I 301 16.96 -5.32 7.13
CA LYS I 301 18.17 -5.20 7.95
C LYS I 301 17.89 -5.62 9.39
N HIS I 302 16.65 -5.47 9.83
CA HIS I 302 16.28 -5.90 11.17
C HIS I 302 16.32 -7.42 11.38
N LEU I 303 16.54 -8.17 10.31
CA LEU I 303 16.62 -9.63 10.42
C LEU I 303 18.04 -10.16 10.61
N LEU I 304 19.02 -9.28 10.59
CA LEU I 304 20.39 -9.70 10.88
C LEU I 304 20.52 -9.83 12.38
N ARG I 305 19.95 -10.89 12.91
CA ARG I 305 20.03 -11.20 14.32
C ARG I 305 20.25 -12.69 14.44
N PRO I 306 20.95 -13.13 15.50
CA PRO I 306 21.51 -14.48 15.60
C PRO I 306 20.53 -15.64 15.43
N ASN I 307 19.27 -15.49 15.83
CA ASN I 307 18.33 -16.62 15.69
C ASN I 307 17.71 -16.72 14.29
N ILE I 308 18.11 -15.84 13.38
CA ILE I 308 17.72 -15.95 11.98
C ILE I 308 18.93 -16.28 11.09
N VAL I 309 20.08 -15.71 11.43
CA VAL I 309 21.31 -15.94 10.69
C VAL I 309 22.53 -16.04 11.60
N THR I 310 23.43 -16.95 11.26
CA THR I 310 24.61 -17.19 12.07
C THR I 310 25.87 -17.33 11.20
N ALA I 311 26.97 -16.76 11.68
CA ALA I 311 28.23 -16.77 10.93
C ALA I 311 29.36 -17.33 11.80
N GLU I 312 30.16 -18.24 11.25
CA GLU I 312 31.26 -18.84 11.99
C GLU I 312 32.50 -19.05 11.10
N LEU I 313 33.68 -18.67 11.57
CA LEU I 313 34.91 -18.95 10.83
C LEU I 313 35.58 -20.21 11.34
N THR I 314 36.13 -21.03 10.46
CA THR I 314 36.89 -22.20 10.90
C THR I 314 38.01 -22.51 9.93
N ASP I 315 39.10 -23.07 10.46
CA ASP I 315 40.22 -23.51 9.64
C ASP I 315 40.19 -25.03 9.46
N TYR I 316 39.05 -25.62 9.80
CA TYR I 316 38.86 -27.06 9.76
C TYR I 316 39.90 -27.83 10.58
N ALA I 317 40.52 -27.15 11.54
CA ALA I 317 41.47 -27.78 12.45
C ALA I 317 41.07 -27.47 13.88
N GLY I 318 39.80 -27.17 14.10
CA GLY I 318 39.32 -26.90 15.44
C GLY I 318 39.44 -25.46 15.89
N ASN I 319 40.30 -24.66 15.27
CA ASN I 319 40.26 -23.23 15.52
C ASN I 319 38.97 -22.69 14.90
N ARG I 320 38.16 -22.01 15.70
CA ARG I 320 36.89 -21.46 15.23
C ARG I 320 36.71 -19.98 15.65
N LEU I 321 35.72 -19.32 15.05
CA LEU I 321 35.28 -18.00 15.51
C LEU I 321 33.80 -17.82 15.28
N PRO I 322 33.00 -17.81 16.35
CA PRO I 322 31.57 -17.52 16.23
C PRO I 322 31.33 -16.04 16.01
N ILE I 323 30.29 -15.71 15.25
CA ILE I 323 29.95 -14.32 14.98
C ILE I 323 28.44 -14.08 15.12
N ASP I 324 28.11 -13.01 15.83
CA ASP I 324 26.73 -12.64 16.17
C ASP I 324 26.36 -11.50 15.24
N LEU I 325 25.58 -11.80 14.22
CA LEU I 325 25.38 -10.86 13.15
C LEU I 325 24.66 -9.57 13.61
N SER I 326 24.14 -9.55 14.84
CA SER I 326 23.45 -8.36 15.37
C SER I 326 24.41 -7.23 15.77
N LEU I 327 25.71 -7.46 15.61
CA LEU I 327 26.72 -6.55 16.09
C LEU I 327 27.49 -5.81 15.00
N ILE I 328 27.58 -6.40 13.80
CA ILE I 328 28.11 -5.69 12.64
C ILE I 328 27.15 -4.58 12.21
N GLU I 329 27.59 -3.33 12.30
CA GLU I 329 26.71 -2.19 12.05
C GLU I 329 26.15 -2.18 10.62
N THR I 330 27.02 -2.47 9.65
CA THR I 330 26.60 -2.58 8.25
C THR I 330 27.39 -3.59 7.39
N ASN I 331 28.60 -3.98 7.77
CA ASN I 331 29.41 -4.82 6.90
C ASN I 331 30.16 -5.93 7.63
N LEU I 332 29.98 -7.15 7.14
CA LEU I 332 30.79 -8.26 7.56
C LEU I 332 32.14 -8.20 6.80
N GLU I 333 33.03 -7.27 7.19
CA GLU I 333 34.39 -7.21 6.63
C GLU I 333 35.38 -7.91 7.54
N PHE I 334 36.13 -8.86 6.97
CA PHE I 334 37.24 -9.53 7.65
C PHE I 334 38.57 -8.88 7.25
N ASP I 335 39.25 -8.29 8.23
CA ASP I 335 40.64 -7.87 8.10
C ASP I 335 41.49 -8.82 8.95
N SER I 336 42.82 -8.72 8.88
CA SER I 336 43.66 -9.60 9.69
C SER I 336 44.79 -8.89 10.41
N PHE I 337 45.42 -9.63 11.31
CA PHE I 337 46.54 -9.16 12.11
C PHE I 337 47.59 -10.25 12.08
N VAL I 338 48.49 -10.13 11.10
CA VAL I 338 49.47 -11.18 10.84
C VAL I 338 50.86 -10.67 11.18
N THR I 339 51.60 -11.50 11.91
CA THR I 339 52.98 -11.23 12.22
C THR I 339 53.72 -12.47 11.71
N MET I 340 54.83 -12.25 11.02
CA MET I 340 55.54 -13.31 10.31
C MET I 340 57.06 -13.31 10.50
N GLY I 341 57.66 -14.42 10.07
CA GLY I 341 59.10 -14.60 10.07
C GLY I 341 59.59 -15.00 11.43
N ALA I 342 59.78 -13.98 12.27
CA ALA I 342 60.18 -14.18 13.65
C ALA I 342 59.16 -15.04 14.42
N LYS I 343 57.88 -14.66 14.35
CA LYS I 343 56.76 -15.38 14.99
C LYS I 343 55.63 -15.55 13.98
N ASN I 344 55.20 -16.79 13.73
CA ASN I 344 54.28 -17.08 12.62
C ASN I 344 52.85 -17.25 13.09
N GLU I 345 52.01 -16.25 12.84
CA GLU I 345 50.64 -16.25 13.35
C GLU I 345 49.75 -15.22 12.66
N ILE I 346 48.69 -15.73 12.06
CA ILE I 346 47.69 -14.89 11.43
C ILE I 346 46.45 -15.00 12.26
N LYS I 347 46.02 -13.90 12.86
CA LYS I 347 44.67 -13.88 13.42
C LYS I 347 43.78 -12.89 12.68
N VAL I 348 42.66 -13.44 12.21
CA VAL I 348 41.74 -12.72 11.36
C VAL I 348 40.55 -12.34 12.23
N TYR I 349 40.25 -11.04 12.24
CA TYR I 349 39.18 -10.51 13.07
C TYR I 349 38.06 -9.93 12.20
N VAL I 350 36.99 -9.48 12.84
CA VAL I 350 35.85 -8.91 12.12
C VAL I 350 35.76 -7.43 12.47
N LYS I 351 35.66 -6.59 11.44
CA LYS I 351 35.92 -5.15 11.57
C LYS I 351 34.79 -4.50 12.33
N ASN I 352 35.13 -3.89 13.45
CA ASN I 352 34.18 -3.08 14.23
C ASN I 352 33.00 -3.88 14.78
N TYR I 353 33.31 -5.10 15.19
CA TYR I 353 32.36 -6.03 15.73
C TYR I 353 31.89 -5.48 17.06
N ASN I 354 30.59 -5.42 17.26
CA ASN I 354 30.00 -4.91 18.49
C ASN I 354 30.28 -3.44 18.67
N ALA I 355 30.78 -2.79 17.63
CA ALA I 355 31.14 -1.41 17.78
C ALA I 355 30.02 -0.52 17.28
N ARG I 356 29.93 0.68 17.86
CA ARG I 356 29.09 1.75 17.32
C ARG I 356 29.95 2.72 16.50
N GLY I 357 30.47 2.21 15.37
CA GLY I 357 31.53 2.84 14.56
C GLY I 357 31.57 4.37 14.44
N ASN I 358 32.70 4.95 14.02
CA ASN I 358 33.87 4.23 13.51
C ASN I 358 35.01 4.15 14.52
N ASN I 359 34.74 3.60 15.70
CA ASN I 359 35.81 3.04 16.54
C ASN I 359 35.97 1.57 16.25
N VAL I 360 37.14 1.01 16.51
CA VAL I 360 37.28 -0.43 16.37
C VAL I 360 36.58 -1.06 17.55
N GLY I 361 36.04 -2.23 17.34
CA GLY I 361 35.23 -2.86 18.35
C GLY I 361 36.09 -3.74 19.20
N GLN I 362 35.84 -5.05 19.11
CA GLN I 362 36.61 -6.01 19.85
C GLN I 362 38.02 -6.10 19.25
N TYR I 363 38.16 -5.65 18.00
CA TYR I 363 39.45 -5.71 17.35
C TYR I 363 39.87 -7.18 17.37
N ILE I 364 41.01 -7.52 17.97
CA ILE I 364 41.58 -8.88 17.87
C ILE I 364 41.23 -9.74 19.07
N ASP I 365 40.59 -9.15 20.07
CA ASP I 365 40.05 -9.95 21.16
C ASP I 365 38.88 -10.83 20.68
N ASN I 366 38.46 -10.69 19.43
CA ASN I 366 37.53 -11.61 18.79
C ASN I 366 38.03 -12.03 17.42
N ALA I 367 39.01 -12.94 17.43
CA ALA I 367 39.66 -13.40 16.21
C ALA I 367 39.90 -14.91 16.16
N LEU I 368 39.78 -15.44 14.95
CA LEU I 368 40.17 -16.81 14.62
C LEU I 368 41.66 -16.80 14.44
N THR I 369 42.38 -17.49 15.31
CA THR I 369 43.83 -17.34 15.38
C THR I 369 44.55 -18.60 14.84
N ILE I 370 45.35 -18.40 13.80
CA ILE I 370 46.03 -19.47 13.07
C ILE I 370 47.52 -19.42 13.35
N ASN I 371 48.07 -20.55 13.77
CA ASN I 371 49.53 -20.64 13.89
C ASN I 371 50.11 -22.04 14.09
N ASN I 372 49.45 -23.05 13.55
CA ASN I 372 50.01 -24.40 13.51
C ASN I 372 50.67 -24.69 12.16
N PHE I 373 51.57 -23.80 11.71
CA PHE I 373 52.15 -23.93 10.37
C PHE I 373 53.14 -25.08 10.26
N ASP I 374 53.24 -25.66 9.06
CA ASP I 374 54.09 -26.84 8.83
C ASP I 374 55.57 -26.48 8.78
N THR I 375 56.40 -27.32 9.37
CA THR I 375 57.83 -27.24 9.13
C THR I 375 58.27 -28.56 8.55
N ILE I 376 59.42 -28.58 7.89
CA ILE I 376 59.83 -29.73 7.09
C ILE I 376 61.14 -30.32 7.60
N GLY I 377 61.18 -31.66 7.65
CA GLY I 377 62.32 -32.39 8.19
C GLY I 377 63.45 -32.57 7.19
N PHE I 378 64.69 -32.60 7.67
CA PHE I 378 65.84 -32.82 6.79
C PHE I 378 66.85 -33.82 7.40
N SER I 379 67.85 -34.19 6.59
CA SER I 379 68.87 -35.18 6.97
C SER I 379 70.29 -34.62 6.83
N VAL I 380 71.17 -35.04 7.73
CA VAL I 380 72.55 -34.54 7.79
C VAL I 380 73.48 -35.59 8.42
N ASP I 381 74.77 -35.56 8.05
CA ASP I 381 75.79 -36.41 8.69
C ASP I 381 76.92 -35.58 9.27
N ALA I 462 72.07 -34.98 11.55
CA ALA I 462 71.14 -35.83 12.28
C ALA I 462 70.00 -36.17 11.33
N ILE I 463 68.78 -36.32 11.85
CA ILE I 463 67.62 -36.64 11.02
C ILE I 463 66.44 -35.72 11.36
N THR I 464 66.76 -34.59 12.01
CA THR I 464 65.80 -33.74 12.74
C THR I 464 64.46 -33.59 12.01
N GLU I 465 63.36 -33.86 12.72
CA GLU I 465 62.06 -34.13 12.07
C GLU I 465 61.23 -32.90 11.72
N GLY I 466 60.35 -33.08 10.74
CA GLY I 466 59.41 -32.04 10.36
C GLY I 466 58.13 -32.08 11.17
N HIS I 467 57.47 -30.93 11.27
CA HIS I 467 56.19 -30.81 11.96
C HIS I 467 55.06 -30.65 10.94
N VAL I 468 53.99 -31.42 11.14
CA VAL I 468 52.85 -31.42 10.24
C VAL I 468 51.65 -30.73 10.90
N GLY I 469 50.91 -29.95 10.11
CA GLY I 469 49.79 -29.17 10.62
C GLY I 469 48.69 -29.05 9.60
N TYR I 470 48.75 -28.01 8.77
CA TYR I 470 47.76 -27.80 7.72
C TYR I 470 48.11 -28.46 6.39
N ALA I 471 49.18 -29.26 6.36
CA ALA I 471 49.64 -29.81 5.09
C ALA I 471 48.59 -30.70 4.39
N PRO I 472 48.18 -31.82 5.02
CA PRO I 472 47.27 -32.71 4.28
C PRO I 472 45.90 -32.08 3.95
N LEU I 473 45.54 -31.03 4.69
CA LEU I 473 44.38 -30.21 4.38
C LEU I 473 44.59 -29.49 3.06
N PHE I 474 45.81 -29.02 2.83
CA PHE I 474 46.11 -28.29 1.60
C PHE I 474 46.11 -29.18 0.37
N LYS I 475 46.53 -30.45 0.52
CA LYS I 475 46.46 -31.39 -0.60
C LYS I 475 45.02 -31.83 -0.93
N GLN I 476 44.05 -31.28 -0.19
CA GLN I 476 42.63 -31.43 -0.49
C GLN I 476 41.99 -30.07 -0.82
N ASP I 477 42.83 -29.05 -1.00
CA ASP I 477 42.36 -27.69 -1.26
C ASP I 477 41.38 -27.22 -0.20
N LYS I 478 41.78 -27.41 1.06
CA LYS I 478 41.02 -26.92 2.19
C LYS I 478 41.92 -26.20 3.21
N PHE I 479 43.18 -25.97 2.86
CA PHE I 479 44.00 -25.17 3.73
C PHE I 479 43.53 -23.78 3.49
N GLY I 480 42.85 -23.21 4.48
CA GLY I 480 42.38 -21.85 4.37
C GLY I 480 41.38 -21.56 5.45
N VAL I 481 40.92 -20.32 5.50
CA VAL I 481 39.93 -19.88 6.46
C VAL I 481 38.55 -19.89 5.79
N HIS I 482 37.56 -20.51 6.44
CA HIS I 482 36.24 -20.73 5.87
C HIS I 482 35.15 -20.09 6.73
N LEU I 483 34.09 -19.59 6.08
CA LEU I 483 32.96 -18.91 6.75
C LEU I 483 31.71 -19.73 6.56
N ARG I 484 31.00 -19.98 7.66
CA ARG I 484 29.76 -20.75 7.61
C ARG I 484 28.59 -19.85 7.89
N LEU I 485 27.93 -19.41 6.83
CA LEU I 485 26.69 -18.69 6.95
C LEU I 485 25.55 -19.69 7.14
N GLY I 486 24.80 -19.51 8.22
CA GLY I 486 23.66 -20.35 8.53
C GLY I 486 22.39 -19.52 8.48
N ARG I 487 21.29 -20.13 8.07
CA ARG I 487 20.00 -19.44 8.06
C ARG I 487 18.88 -20.42 8.31
N ILE I 488 17.77 -19.89 8.80
CA ILE I 488 16.57 -20.67 9.04
C ILE I 488 15.85 -21.02 7.74
N SER I 489 15.05 -22.09 7.77
CA SER I 489 14.20 -22.52 6.63
C SER I 489 13.54 -21.34 5.94
N GLN I 490 13.37 -21.42 4.63
CA GLN I 490 12.64 -20.40 3.91
C GLN I 490 11.25 -20.22 4.54
N ASP I 491 10.56 -21.31 4.87
CA ASP I 491 9.22 -21.19 5.44
C ASP I 491 9.35 -20.41 6.72
N GLU I 492 10.23 -20.87 7.62
CA GLU I 492 10.38 -20.24 8.92
C GLU I 492 10.79 -18.77 8.81
N LEU I 493 11.59 -18.45 7.81
CA LEU I 493 11.98 -17.08 7.56
C LEU I 493 10.75 -16.23 7.27
N ASN I 494 9.76 -16.82 6.58
CA ASN I 494 8.50 -16.14 6.32
C ASN I 494 7.63 -16.03 7.57
N ASN I 495 7.59 -17.07 8.40
CA ASN I 495 6.82 -17.00 9.65
C ASN I 495 7.29 -15.80 10.47
N VAL I 496 8.60 -15.51 10.42
CA VAL I 496 9.17 -14.36 11.16
C VAL I 496 8.82 -13.08 10.42
N LYS I 497 9.08 -13.07 9.11
CA LYS I 497 8.77 -11.91 8.27
C LYS I 497 7.33 -11.48 8.54
N LYS I 498 6.42 -12.47 8.50
CA LYS I 498 4.99 -12.31 8.78
C LYS I 498 4.77 -11.72 10.17
N TYR I 499 5.31 -12.38 11.18
CA TYR I 499 5.16 -11.95 12.57
C TYR I 499 5.46 -10.47 12.82
N TYR I 500 6.57 -10.01 12.26
CA TYR I 500 6.97 -8.63 12.42
C TYR I 500 6.04 -7.71 11.63
N ASN I 501 5.89 -8.02 10.34
CA ASN I 501 5.02 -7.27 9.44
C ASN I 501 3.58 -7.18 9.94
N MET I 502 3.18 -8.13 10.79
CA MET I 502 1.81 -8.19 11.32
C MET I 502 1.66 -7.37 12.60
N PHE I 503 2.62 -7.51 13.52
CA PHE I 503 2.50 -6.95 14.86
C PHE I 503 3.54 -5.88 15.14
N GLY I 504 4.19 -5.35 14.11
CA GLY I 504 5.19 -4.32 14.35
C GLY I 504 6.33 -4.83 15.21
N TYR I 505 7.00 -3.89 15.87
CA TYR I 505 8.14 -4.22 16.73
C TYR I 505 7.83 -3.70 18.14
N GLU I 506 8.57 -4.20 19.12
CA GLU I 506 8.38 -3.81 20.52
C GLU I 506 9.10 -2.53 20.84
N CYS I 507 8.34 -1.49 21.15
CA CYS I 507 8.90 -0.25 21.69
C CYS I 507 8.44 -0.04 23.14
N ASN I 508 9.38 0.15 24.05
CA ASN I 508 9.08 0.48 25.45
C ASN I 508 9.05 2.00 25.74
N ASP I 509 8.52 2.75 24.78
CA ASP I 509 8.56 4.20 24.83
C ASP I 509 7.36 4.64 25.61
N TYR I 510 7.54 4.98 26.89
CA TYR I 510 6.49 5.69 27.61
C TYR I 510 6.54 7.10 27.07
N SER I 511 5.48 7.89 27.20
CA SER I 511 5.55 9.32 26.82
C SER I 511 6.22 9.59 25.45
N THR I 512 5.50 9.29 24.36
CA THR I 512 6.05 9.47 23.01
C THR I 512 4.90 9.67 22.02
N LYS I 513 5.15 10.43 20.97
CA LYS I 513 4.15 10.61 19.93
C LYS I 513 4.11 9.35 19.09
N LEU I 514 2.92 8.93 18.68
CA LEU I 514 2.79 7.76 17.82
C LEU I 514 3.65 7.94 16.56
N SER I 515 4.32 6.87 16.12
CA SER I 515 4.98 6.91 14.82
C SER I 515 3.87 7.02 13.81
N ASP I 516 4.21 7.31 12.56
CA ASP I 516 3.15 7.50 11.56
C ASP I 516 2.27 6.25 11.47
N ILE I 517 1.01 6.49 11.10
CA ILE I 517 -0.02 5.45 11.04
C ILE I 517 -0.05 4.78 9.65
N THR I 518 0.61 5.42 8.68
CA THR I 518 0.67 4.91 7.32
C THR I 518 2.12 4.64 6.96
N SER I 519 2.90 4.23 7.94
CA SER I 519 4.30 3.95 7.69
C SER I 519 4.35 2.90 6.61
N MET I 520 3.56 1.86 6.83
CA MET I 520 3.61 0.68 5.99
C MET I 520 2.82 0.76 4.68
N SER I 521 2.90 -0.33 3.91
CA SER I 521 2.22 -0.43 2.63
C SER I 521 0.96 -1.31 2.70
N ILE I 522 0.92 -2.23 3.65
CA ILE I 522 -0.18 -3.20 3.72
C ILE I 522 -1.03 -2.99 4.97
N CYS I 523 -0.36 -2.86 6.12
CA CYS I 523 -1.04 -2.66 7.39
C CYS I 523 -0.09 -2.08 8.44
N ASN I 524 -0.66 -1.34 9.39
CA ASN I 524 0.10 -0.79 10.52
C ASN I 524 -0.43 -1.32 11.83
N TRP I 525 0.46 -1.67 12.75
CA TRP I 525 0.00 -2.24 13.99
C TRP I 525 0.01 -0.99 14.83
N VAL I 526 -0.77 -0.96 15.90
CA VAL I 526 -0.76 0.20 16.78
C VAL I 526 -1.39 -0.18 18.12
N GLN I 527 -0.56 -0.17 19.16
CA GLN I 527 -0.95 -0.60 20.50
C GLN I 527 -0.41 0.37 21.55
N PHE I 528 -1.29 1.02 22.31
CA PHE I 528 -0.85 1.99 23.31
C PHE I 528 -1.74 2.25 24.55
N LYS I 529 -1.03 2.37 25.69
CA LYS I 529 -1.61 2.63 27.01
C LYS I 529 -1.91 4.13 27.06
N GLY I 530 -2.72 4.56 28.03
CA GLY I 530 -3.02 5.97 28.25
C GLY I 530 -1.79 6.90 28.37
N ILE I 531 -1.99 8.22 28.40
CA ILE I 531 -3.30 8.86 28.44
C ILE I 531 -3.58 9.87 27.34
N TRP I 532 -4.77 9.72 26.76
CA TRP I 532 -5.19 10.48 25.60
C TRP I 532 -6.70 10.60 25.53
N THR I 533 -7.16 11.66 24.88
CA THR I 533 -8.56 11.76 24.50
C THR I 533 -8.60 12.24 23.06
N LEU I 534 -9.58 11.77 22.30
CA LEU I 534 -9.85 12.34 20.97
C LEU I 534 -10.89 13.44 21.04
N PRO I 535 -10.66 14.54 20.30
CA PRO I 535 -11.58 15.67 20.36
C PRO I 535 -13.04 15.30 20.08
N ASN I 536 -13.89 15.50 21.08
CA ASN I 536 -15.35 15.50 20.94
C ASN I 536 -15.89 14.11 20.75
N VAL I 537 -15.62 13.23 21.71
CA VAL I 537 -16.08 11.86 21.63
C VAL I 537 -16.74 11.47 22.94
N ASP I 538 -17.90 10.83 22.80
CA ASP I 538 -18.65 10.37 23.94
C ASP I 538 -17.71 9.65 24.89
N THR I 539 -17.56 10.20 26.08
CA THR I 539 -16.62 9.64 27.06
C THR I 539 -16.72 8.11 27.20
N GLY I 540 -17.91 7.55 27.00
CA GLY I 540 -18.08 6.12 27.03
C GLY I 540 -17.27 5.48 25.93
N HIS I 541 -17.50 5.95 24.70
CA HIS I 541 -16.81 5.43 23.52
C HIS I 541 -15.31 5.59 23.63
N MET I 542 -14.88 6.61 24.36
CA MET I 542 -13.46 6.79 24.59
C MET I 542 -12.91 5.62 25.41
N ASN I 543 -13.54 5.35 26.55
CA ASN I 543 -13.13 4.23 27.39
C ASN I 543 -12.90 2.95 26.59
N MET I 544 -13.62 2.80 25.48
CA MET I 544 -13.40 1.67 24.58
C MET I 544 -12.15 1.85 23.74
N LEU I 545 -12.08 2.94 22.98
CA LEU I 545 -10.89 3.22 22.20
C LEU I 545 -9.61 3.13 23.01
N ARG I 546 -9.62 3.77 24.18
CA ARG I 546 -8.43 3.83 25.03
C ARG I 546 -7.92 2.43 25.35
N ALA I 547 -8.86 1.50 25.52
CA ALA I 547 -8.58 0.14 25.99
C ALA I 547 -8.53 -0.87 24.85
N LEU I 548 -9.13 -0.51 23.73
CA LEU I 548 -9.08 -1.37 22.57
C LEU I 548 -7.67 -1.26 22.00
N PHE I 549 -7.11 -0.05 22.08
CA PHE I 549 -5.76 0.19 21.62
C PHE I 549 -4.71 -0.26 22.61
N GLU I 550 -5.03 -0.30 23.89
CA GLU I 550 -4.07 -0.87 24.83
C GLU I 550 -3.75 -2.32 24.42
N ALA I 551 -4.72 -2.97 23.77
CA ALA I 551 -4.54 -4.34 23.33
C ALA I 551 -4.28 -4.43 21.82
N GLY I 552 -3.90 -3.32 21.22
CA GLY I 552 -3.45 -3.33 19.84
C GLY I 552 -4.57 -3.47 18.84
N VAL I 553 -4.35 -2.91 17.66
CA VAL I 553 -5.32 -2.87 16.58
C VAL I 553 -4.60 -2.85 15.24
N ARG I 554 -4.94 -3.75 14.32
CA ARG I 554 -4.28 -3.72 13.02
C ARG I 554 -5.05 -2.81 12.07
N LEU I 555 -4.33 -1.80 11.57
CA LEU I 555 -4.85 -0.83 10.60
C LEU I 555 -4.45 -1.19 9.18
N TRP I 556 -5.32 -1.90 8.50
CA TRP I 556 -5.05 -2.28 7.14
C TRP I 556 -5.27 -1.07 6.27
N HIS I 557 -4.65 -1.08 5.10
CA HIS I 557 -4.72 0.06 4.23
C HIS I 557 -5.59 -0.20 2.99
N LYS I 558 -5.57 -1.44 2.49
CA LYS I 558 -6.42 -1.83 1.36
C LYS I 558 -7.29 -3.03 1.79
N GLU I 559 -8.55 -3.04 1.37
CA GLU I 559 -9.44 -4.16 1.72
C GLU I 559 -8.94 -5.44 1.06
N SER I 560 -8.46 -5.38 -0.18
CA SER I 560 -7.91 -6.55 -0.87
C SER I 560 -6.85 -7.23 -0.04
N ASP I 561 -6.05 -6.45 0.70
CA ASP I 561 -4.98 -7.00 1.52
C ASP I 561 -5.51 -7.80 2.70
N MET I 562 -6.77 -7.56 3.07
CA MET I 562 -7.41 -8.27 4.20
C MET I 562 -7.85 -9.72 3.85
N ILE I 563 -7.91 -10.06 2.55
CA ILE I 563 -8.29 -11.40 2.10
C ILE I 563 -7.36 -11.92 1.02
N ASN I 564 -6.10 -11.55 1.11
CA ASN I 564 -5.06 -12.17 0.32
C ASN I 564 -3.82 -12.29 1.18
N ASN I 565 -2.95 -13.23 0.83
CA ASN I 565 -1.80 -13.54 1.67
C ASN I 565 -0.67 -12.54 1.48
N THR I 566 -1.01 -11.25 1.54
CA THR I 566 -0.11 -10.19 1.11
C THR I 566 0.75 -9.63 2.23
N VAL I 567 0.50 -10.03 3.47
CA VAL I 567 1.12 -9.35 4.60
C VAL I 567 2.61 -9.65 4.66
N VAL I 568 3.01 -10.77 4.05
CA VAL I 568 4.42 -11.13 3.97
C VAL I 568 5.24 -10.03 3.25
N ASN I 569 4.60 -9.26 2.36
CA ASN I 569 5.26 -8.17 1.63
C ASN I 569 4.95 -6.77 2.18
N ASN I 570 4.58 -6.69 3.45
CA ASN I 570 4.47 -5.39 4.09
C ASN I 570 5.84 -4.75 4.09
N VAL I 571 5.90 -3.42 4.04
CA VAL I 571 7.16 -2.69 3.90
C VAL I 571 6.97 -1.16 4.02
N ILE I 572 8.06 -0.44 4.32
CA ILE I 572 8.00 0.99 4.63
C ILE I 572 7.92 1.77 3.32
N ILE I 573 8.58 2.94 3.22
CA ILE I 573 8.65 3.71 1.99
C ILE I 573 9.89 4.62 1.99
N LEU J 3 -29.45 22.86 44.75
CA LEU J 3 -28.54 23.28 45.81
C LEU J 3 -27.08 23.33 45.36
N SER J 4 -26.81 23.41 44.05
CA SER J 4 -25.42 23.36 43.56
C SER J 4 -25.19 23.75 42.09
N LYS J 5 -24.20 24.61 41.87
CA LYS J 5 -23.84 25.08 40.53
C LYS J 5 -22.76 24.16 39.91
N ILE J 6 -22.90 23.87 38.61
CA ILE J 6 -22.08 22.86 37.92
C ILE J 6 -21.46 23.33 36.59
N LYS J 7 -20.15 23.17 36.46
CA LYS J 7 -19.47 23.28 35.16
C LYS J 7 -19.33 21.90 34.54
N LEU J 8 -19.21 21.81 33.21
CA LEU J 8 -19.11 20.52 32.51
C LEU J 8 -17.98 20.41 31.46
N PHE J 9 -16.73 20.44 31.92
CA PHE J 9 -15.56 20.64 31.05
C PHE J 9 -15.39 19.69 29.87
N TYR J 10 -15.01 20.26 28.73
CA TYR J 10 -14.95 19.54 27.47
C TYR J 10 -13.51 19.13 27.08
N ASN J 11 -13.39 17.96 26.45
CA ASN J 11 -12.10 17.42 26.00
C ASN J 11 -10.95 17.64 26.95
N THR J 12 -11.08 17.11 28.14
CA THR J 12 -10.13 17.34 29.20
C THR J 12 -9.01 16.29 29.11
N PRO J 13 -7.80 16.58 29.63
CA PRO J 13 -6.74 15.56 29.72
C PRO J 13 -6.94 14.51 30.81
N PHE J 14 -7.54 14.94 31.93
CA PHE J 14 -7.91 14.10 33.08
C PHE J 14 -8.96 13.00 32.79
N ASN J 15 -8.49 11.83 32.39
CA ASN J 15 -9.37 10.68 32.18
C ASN J 15 -8.78 9.33 32.58
N ASN J 16 -7.47 9.29 32.82
CA ASN J 16 -6.86 8.22 33.60
C ASN J 16 -7.24 8.55 35.03
N MET J 17 -7.66 7.53 35.78
CA MET J 17 -8.22 7.74 37.11
C MET J 17 -7.04 7.69 38.09
N GLN J 18 -5.94 8.36 37.73
CA GLN J 18 -4.57 8.04 38.22
C GLN J 18 -3.43 8.95 37.67
N ASN J 19 -3.69 9.68 36.58
CA ASN J 19 -2.89 10.85 36.19
C ASN J 19 -3.64 12.13 36.47
N THR J 20 -3.02 12.99 37.25
CA THR J 20 -3.67 14.21 37.71
C THR J 20 -2.79 15.41 37.42
N LEU J 21 -3.33 16.60 37.69
CA LEU J 21 -2.55 17.82 37.70
C LEU J 21 -2.49 18.33 39.14
N HIS J 22 -1.47 19.12 39.45
CA HIS J 22 -1.22 19.55 40.81
C HIS J 22 -0.88 21.01 40.89
N PHE J 23 -1.55 21.68 41.82
CA PHE J 23 -1.46 23.12 42.00
C PHE J 23 -0.97 23.40 43.41
N ASN J 24 -0.16 24.44 43.55
CA ASN J 24 0.40 24.81 44.84
C ASN J 24 -0.67 24.98 45.91
N SER J 25 -1.91 25.25 45.51
CA SER J 25 -2.98 25.48 46.46
C SER J 25 -4.35 25.39 45.80
N ASN J 26 -5.35 25.02 46.59
CA ASN J 26 -6.70 24.82 46.09
C ASN J 26 -7.23 25.91 45.17
N GLU J 27 -7.55 27.08 45.73
CA GLU J 27 -8.22 28.13 44.94
C GLU J 27 -7.39 28.68 43.78
N GLU J 28 -6.15 28.22 43.66
CA GLU J 28 -5.31 28.48 42.50
C GLU J 28 -5.67 27.53 41.34
N ARG J 29 -6.20 26.36 41.69
CA ARG J 29 -6.76 25.41 40.73
C ARG J 29 -8.22 25.71 40.41
N ASP J 30 -8.97 26.24 41.37
CA ASP J 30 -10.31 26.68 41.07
C ASP J 30 -10.23 27.88 40.16
N ALA J 31 -9.22 28.72 40.36
CA ALA J 31 -8.95 29.85 39.47
C ALA J 31 -8.62 29.33 38.07
N TYR J 32 -7.79 28.28 38.01
CA TYR J 32 -7.48 27.62 36.75
C TYR J 32 -8.75 27.11 36.05
N PHE J 33 -9.43 26.13 36.66
CA PHE J 33 -10.62 25.51 36.07
C PHE J 33 -11.73 26.50 35.75
N ASN J 34 -12.04 27.40 36.68
CA ASN J 34 -13.08 28.42 36.45
C ASN J 34 -12.81 29.38 35.27
N SER J 35 -11.86 29.03 34.38
CA SER J 35 -11.45 29.94 33.35
C SER J 35 -10.77 29.17 32.22
N LYS J 36 -11.55 28.38 31.48
CA LYS J 36 -11.04 27.79 30.25
C LYS J 36 -12.09 27.33 29.24
N PHE J 37 -13.37 27.57 29.50
CA PHE J 37 -14.42 26.75 28.90
C PHE J 37 -14.60 26.89 27.39
N ASP J 38 -15.17 25.82 26.82
CA ASP J 38 -15.53 25.71 25.39
C ASP J 38 -17.02 25.91 24.99
N VAL J 39 -18.00 25.16 25.54
CA VAL J 39 -19.42 25.48 25.25
C VAL J 39 -20.60 25.09 26.23
N HIS J 40 -20.42 25.08 27.57
CA HIS J 40 -21.53 24.71 28.53
C HIS J 40 -21.32 24.65 30.08
N GLU J 41 -22.11 25.45 30.80
CA GLU J 41 -22.21 25.38 32.28
C GLU J 41 -23.68 25.57 32.68
N PHE J 42 -24.10 25.03 33.82
CA PHE J 42 -25.51 25.10 34.24
C PHE J 42 -25.71 25.02 35.77
N THR J 43 -26.95 24.73 36.20
CA THR J 43 -27.28 24.59 37.62
C THR J 43 -28.38 23.55 37.86
N SER J 44 -28.16 22.66 38.83
CA SER J 44 -29.12 21.61 39.19
C SER J 44 -28.77 21.11 40.61
N THR J 45 -29.03 19.84 40.88
CA THR J 45 -28.53 19.21 42.11
C THR J 45 -28.50 17.72 41.86
N PHE J 46 -27.83 16.98 42.74
CA PHE J 46 -27.54 15.58 42.46
C PHE J 46 -27.32 14.71 43.70
N ASN J 47 -27.52 13.42 43.49
CA ASN J 47 -27.56 12.43 44.57
C ASN J 47 -26.17 11.85 44.79
N TYR J 48 -26.04 10.83 45.65
CA TYR J 48 -24.73 10.26 45.92
C TYR J 48 -24.83 8.92 46.66
N ARG J 49 -23.83 8.05 46.44
CA ARG J 49 -23.77 6.76 47.13
C ARG J 49 -22.45 6.05 46.82
N GLY J 53 -18.12 7.46 44.89
CA GLY J 53 -18.95 7.09 43.76
C GLY J 53 -19.94 6.03 44.16
N VAL J 54 -20.80 5.56 43.26
CA VAL J 54 -20.99 6.09 41.89
C VAL J 54 -22.38 6.72 41.86
N LEU J 55 -22.57 7.74 41.04
CA LEU J 55 -23.83 8.51 41.08
C LEU J 55 -24.16 9.19 39.75
N ARG J 56 -25.39 9.70 39.65
CA ARG J 56 -25.88 10.31 38.40
C ARG J 56 -26.39 11.74 38.57
N VAL J 57 -26.31 12.51 37.47
CA VAL J 57 -26.88 13.86 37.37
C VAL J 57 -27.57 14.08 36.03
N THR J 58 -28.87 14.34 36.07
CA THR J 58 -29.62 14.60 34.84
C THR J 58 -29.29 16.01 34.39
N ILE J 59 -29.38 16.24 33.09
CA ILE J 59 -29.16 17.57 32.53
C ILE J 59 -29.85 17.68 31.17
N ASP J 60 -30.18 18.90 30.74
CA ASP J 60 -30.87 19.11 29.46
C ASP J 60 -30.41 20.31 28.61
N LEU J 61 -30.82 20.27 27.35
CA LEU J 61 -30.40 21.24 26.33
C LEU J 61 -31.60 21.68 25.49
N VAL J 62 -32.20 22.82 25.85
CA VAL J 62 -33.44 23.27 25.23
C VAL J 62 -33.14 23.87 23.84
N SER J 63 -31.91 24.35 23.63
CA SER J 63 -31.51 24.98 22.38
C SER J 63 -30.93 23.97 21.41
N ASP J 64 -31.74 23.47 20.49
CA ASP J 64 -31.25 22.47 19.55
C ASP J 64 -31.85 22.46 18.15
N ARG J 65 -31.04 21.89 17.25
CA ARG J 65 -31.33 21.71 15.83
C ARG J 65 -30.55 20.49 15.35
N SER J 66 -29.31 20.37 15.83
CA SER J 66 -28.52 19.17 15.66
C SER J 66 -27.68 18.86 16.92
N CYS J 67 -28.29 18.98 18.11
CA CYS J 67 -27.61 18.72 19.40
C CYS J 67 -28.23 17.48 20.07
N PHE J 68 -29.37 17.64 20.71
CA PHE J 68 -30.01 16.55 21.44
C PHE J 68 -29.05 16.00 22.53
N GLU J 69 -28.44 14.83 22.29
CA GLU J 69 -27.32 14.42 23.13
C GLU J 69 -26.12 15.28 22.76
N GLN J 70 -25.33 14.80 21.80
CA GLN J 70 -24.18 15.50 21.21
C GLN J 70 -23.70 16.79 21.90
N LEU J 71 -23.63 16.75 23.22
CA LEU J 71 -22.74 17.61 23.99
C LEU J 71 -21.40 16.89 23.95
N MET J 72 -21.44 15.57 23.79
CA MET J 72 -20.30 14.79 23.31
C MET J 72 -19.07 14.85 24.20
N GLY J 73 -18.07 15.67 23.85
CA GLY J 73 -16.71 15.50 24.35
C GLY J 73 -16.44 15.70 25.83
N VAL J 74 -17.46 16.11 26.58
CA VAL J 74 -17.40 16.22 28.05
C VAL J 74 -16.92 14.94 28.73
N ASN J 75 -15.95 15.09 29.64
CA ASN J 75 -15.44 13.96 30.41
C ASN J 75 -14.99 14.27 31.83
N TYR J 76 -15.24 15.49 32.29
CA TYR J 76 -14.79 15.93 33.60
C TYR J 76 -15.68 17.08 33.98
N CYS J 77 -15.90 17.29 35.27
CA CYS J 77 -16.81 18.34 35.70
C CYS J 77 -16.49 18.85 37.10
N GLN J 78 -16.90 20.10 37.34
CA GLN J 78 -16.78 20.70 38.64
C GLN J 78 -18.17 20.84 39.18
N VAL J 79 -18.28 20.63 40.48
CA VAL J 79 -19.48 20.96 41.21
C VAL J 79 -19.06 21.83 42.36
N GLN J 80 -19.81 22.88 42.66
CA GLN J 80 -19.68 23.56 43.94
C GLN J 80 -21.04 23.74 44.59
N TYR J 81 -21.16 23.17 45.78
CA TYR J 81 -22.42 23.22 46.51
C TYR J 81 -22.56 24.61 47.10
N ILE J 82 -23.77 25.14 47.06
CA ILE J 82 -24.11 26.41 47.66
C ILE J 82 -25.43 26.22 48.40
N GLN J 83 -25.59 26.78 49.61
CA GLN J 83 -24.53 27.46 50.36
C GLN J 83 -23.77 26.39 51.11
N SER J 84 -22.45 26.55 51.10
CA SER J 84 -21.49 25.52 51.46
C SER J 84 -20.23 26.03 50.77
N ASN J 85 -20.40 26.37 49.49
CA ASN J 85 -19.32 26.89 48.67
C ASN J 85 -18.08 26.01 48.64
N ARG J 86 -18.26 24.72 48.93
CA ARG J 86 -17.16 23.77 48.84
C ARG J 86 -17.17 23.21 47.44
N VAL J 87 -15.98 22.94 46.93
CA VAL J 87 -15.82 22.46 45.56
C VAL J 87 -15.34 21.01 45.56
N GLU J 88 -15.76 20.27 44.53
CA GLU J 88 -15.45 18.86 44.37
C GLU J 88 -15.52 18.51 42.89
N TYR J 89 -14.45 17.90 42.37
CA TYR J 89 -14.38 17.52 40.97
C TYR J 89 -14.65 16.03 40.78
N LEU J 90 -15.28 15.71 39.65
CA LEU J 90 -15.63 14.34 39.31
C LEU J 90 -15.34 14.05 37.82
N PHE J 91 -15.03 12.78 37.52
CA PHE J 91 -14.97 12.33 36.14
C PHE J 91 -16.40 12.05 35.71
N VAL J 92 -16.73 12.35 34.46
CA VAL J 92 -18.01 11.90 33.90
C VAL J 92 -17.68 10.66 33.06
N THR J 93 -18.28 9.53 33.45
CA THR J 93 -17.91 8.21 32.95
C THR J 93 -18.66 7.82 31.68
N ASP J 94 -19.92 8.21 31.62
CA ASP J 94 -20.75 7.88 30.47
C ASP J 94 -21.91 8.87 30.38
N ILE J 95 -22.33 9.16 29.16
CA ILE J 95 -23.49 10.02 28.94
C ILE J 95 -24.58 9.25 28.23
N GLN J 96 -25.36 8.51 29.00
CA GLN J 96 -26.53 7.83 28.46
C GLN J 96 -27.61 8.88 28.22
N GLN J 97 -28.26 8.82 27.06
CA GLN J 97 -29.27 9.81 26.69
C GLN J 97 -30.63 9.25 27.03
N LEU J 98 -31.62 10.13 27.19
CA LEU J 98 -32.99 9.71 27.48
C LEU J 98 -33.98 10.10 26.38
N ASN J 99 -33.99 11.38 26.01
CA ASN J 99 -34.83 11.85 24.92
C ASN J 99 -34.08 12.88 24.08
N ASP J 100 -34.73 13.41 23.05
CA ASP J 100 -34.08 14.31 22.09
C ASP J 100 -33.59 15.65 22.69
N LYS J 101 -33.47 15.77 24.00
CA LYS J 101 -32.63 16.84 24.58
C LYS J 101 -32.14 16.67 26.02
N VAL J 102 -32.69 15.71 26.77
CA VAL J 102 -32.33 15.52 28.17
C VAL J 102 -31.49 14.24 28.35
N CYS J 103 -30.17 14.40 28.36
CA CYS J 103 -29.24 13.27 28.50
C CYS J 103 -28.77 13.17 29.96
N GLU J 104 -28.57 11.94 30.43
CA GLU J 104 -28.23 11.69 31.83
C GLU J 104 -26.77 11.28 32.03
N LEU J 105 -26.10 11.96 32.95
CA LEU J 105 -24.67 11.76 33.17
C LEU J 105 -24.37 10.93 34.39
N SER J 106 -23.50 9.93 34.23
CA SER J 106 -23.00 9.17 35.38
C SER J 106 -21.65 9.77 35.75
N LEU J 107 -21.34 9.77 37.05
CA LEU J 107 -20.16 10.45 37.57
C LEU J 107 -19.42 9.63 38.61
N VAL J 108 -18.17 9.98 38.85
CA VAL J 108 -17.37 9.31 39.87
C VAL J 108 -16.29 10.27 40.36
N PRO J 109 -16.17 10.45 41.69
CA PRO J 109 -15.37 11.57 42.21
C PRO J 109 -13.87 11.47 41.94
N ASP J 110 -13.29 12.58 41.51
CA ASP J 110 -11.87 12.65 41.25
C ASP J 110 -11.25 13.09 42.56
N VAL J 111 -11.30 12.17 43.52
CA VAL J 111 -10.74 12.39 44.84
C VAL J 111 -9.31 12.92 44.78
N VAL J 112 -8.55 12.56 43.74
CA VAL J 112 -7.15 12.94 43.67
C VAL J 112 -6.99 14.46 43.42
N MET J 113 -7.92 15.04 42.67
CA MET J 113 -7.90 16.48 42.39
C MET J 113 -8.56 17.26 43.52
N THR J 114 -9.55 16.66 44.15
CA THR J 114 -10.36 17.38 45.12
C THR J 114 -9.58 17.71 46.41
N TYR J 115 -8.95 16.70 47.00
CA TYR J 115 -8.45 16.78 48.36
C TYR J 115 -6.94 16.97 48.48
N THR J 116 -6.18 16.46 47.51
CA THR J 116 -4.73 16.36 47.65
C THR J 116 -4.01 17.63 47.33
N GLN J 117 -4.75 18.66 46.92
CA GLN J 117 -4.15 19.86 46.38
C GLN J 117 -3.22 20.58 47.34
N GLY J 118 -2.13 21.08 46.79
CA GLY J 118 -1.16 21.83 47.57
C GLY J 118 -0.20 20.95 48.35
N ASN J 119 0.31 21.53 49.43
CA ASN J 119 1.39 20.91 50.19
C ASN J 119 0.88 19.99 51.30
N VAL J 120 -0.03 19.07 50.94
CA VAL J 120 -0.70 18.25 51.95
C VAL J 120 0.06 17.00 52.24
N LEU J 121 0.18 16.17 51.23
CA LEU J 121 0.75 14.83 51.36
C LEU J 121 2.17 14.82 51.93
N ASN J 122 2.86 15.95 51.87
CA ASN J 122 4.19 16.08 52.47
C ASN J 122 4.13 16.05 54.00
N THR J 123 3.02 16.51 54.55
CA THR J 123 2.82 16.53 56.00
C THR J 123 2.70 15.12 56.59
N LEU J 124 2.30 14.17 55.75
CA LEU J 124 2.09 12.80 56.19
C LEU J 124 3.34 12.10 56.70
N ASN J 125 3.24 11.55 57.91
CA ASN J 125 4.35 10.82 58.52
C ASN J 125 4.01 9.36 58.69
N ASN J 126 5.07 8.55 58.76
CA ASN J 126 4.95 7.13 59.04
C ASN J 126 4.09 6.40 58.03
N VAL J 127 4.26 6.73 56.75
CA VAL J 127 3.57 6.01 55.70
C VAL J 127 4.59 5.18 54.96
N ASN J 128 4.28 3.92 54.72
CA ASN J 128 5.13 3.10 53.87
C ASN J 128 4.94 3.56 52.44
N VAL J 129 6.00 4.15 51.86
CA VAL J 129 5.99 4.56 50.45
C VAL J 129 6.56 3.44 49.65
N ILE J 130 6.34 3.51 48.36
CA ILE J 130 6.78 2.45 47.47
C ILE J 130 7.68 3.07 46.42
N ARG J 131 7.13 4.03 45.70
CA ARG J 131 7.83 4.71 44.63
C ARG J 131 7.47 6.16 44.67
N GLN J 132 8.49 7.01 44.69
CA GLN J 132 8.28 8.42 44.51
C GLN J 132 9.42 9.03 43.72
N HIS J 133 9.36 10.35 43.62
CA HIS J 133 10.42 11.12 43.01
C HIS J 133 11.18 11.82 44.15
N TYR J 134 12.48 12.01 43.98
CA TYR J 134 13.37 12.39 45.09
C TYR J 134 13.82 13.83 45.04
N THR J 135 14.00 14.43 46.21
CA THR J 135 14.61 15.76 46.32
C THR J 135 16.07 15.50 46.09
N GLN J 136 16.86 16.53 45.80
CA GLN J 136 18.26 16.32 45.45
C GLN J 136 19.03 15.69 46.61
N THR J 137 18.67 16.09 47.83
CA THR J 137 19.33 15.55 49.01
C THR J 137 19.03 14.07 49.10
N GLU J 138 17.74 13.74 49.12
CA GLU J 138 17.29 12.36 49.29
C GLU J 138 17.78 11.49 48.14
N TYR J 139 17.90 12.11 46.97
CA TYR J 139 18.45 11.44 45.80
C TYR J 139 19.82 10.91 46.17
N GLU J 140 20.72 11.79 46.58
CA GLU J 140 22.08 11.40 46.91
C GLU J 140 22.15 10.27 47.95
N GLN J 141 21.10 10.15 48.77
CA GLN J 141 21.04 9.13 49.83
C GLN J 141 20.62 7.74 49.30
N ASN J 142 19.44 7.66 48.71
CA ASN J 142 19.00 6.44 48.06
C ASN J 142 19.64 6.33 46.65
N LEU J 143 20.92 6.73 46.48
CA LEU J 143 21.55 6.74 45.14
C LEU J 143 22.29 5.44 44.90
N GLU J 144 23.11 5.03 45.86
CA GLU J 144 23.82 3.77 45.73
C GLU J 144 22.80 2.68 45.49
N GLN J 145 21.64 2.78 46.15
CA GLN J 145 20.53 1.89 45.86
C GLN J 145 20.20 1.94 44.37
N ILE J 146 19.66 3.06 43.92
CA ILE J 146 19.09 3.15 42.57
C ILE J 146 20.04 2.75 41.43
N ARG J 147 21.35 2.73 41.71
CA ARG J 147 22.34 2.26 40.73
C ARG J 147 22.64 0.76 40.81
N SER J 148 22.35 0.16 41.96
CA SER J 148 22.55 -1.28 42.16
C SER J 148 21.28 -2.17 42.10
N ASN J 149 20.12 -1.65 42.51
CA ASN J 149 18.89 -2.46 42.49
C ASN J 149 18.50 -2.90 41.08
N ASN J 150 17.58 -3.86 41.00
CA ASN J 150 17.15 -4.39 39.72
C ASN J 150 15.91 -3.68 39.19
N ASP J 151 15.59 -2.54 39.79
CA ASP J 151 14.54 -1.67 39.33
C ASP J 151 15.02 -0.84 38.12
N VAL J 152 15.04 -1.45 36.93
CA VAL J 152 15.35 -0.73 35.68
C VAL J 152 14.63 -1.37 34.49
N LEU J 153 14.41 -0.59 33.44
CA LEU J 153 13.69 -1.04 32.25
C LEU J 153 14.44 -2.10 31.41
N ALA J 154 13.69 -3.04 30.87
CA ALA J 154 14.21 -3.99 29.89
C ALA J 154 15.14 -3.32 28.87
N THR J 155 16.40 -3.73 28.88
CA THR J 155 17.39 -3.14 27.99
C THR J 155 18.27 -4.21 27.35
N SER J 156 18.57 -4.06 26.05
CA SER J 156 19.22 -5.12 25.26
C SER J 156 20.30 -4.70 24.25
N THR J 157 20.61 -3.41 24.17
CA THR J 157 21.28 -2.88 22.98
C THR J 157 22.60 -2.21 23.31
N MET J 158 23.43 -2.88 24.10
CA MET J 158 24.74 -2.36 24.42
C MET J 158 25.66 -2.49 23.21
N ARG J 159 26.51 -1.49 23.03
CA ARG J 159 27.47 -1.48 21.95
C ARG J 159 28.73 -0.77 22.43
N VAL J 160 29.88 -1.07 21.81
CA VAL J 160 31.14 -0.38 22.14
C VAL J 160 31.05 1.05 21.66
N HIS J 161 30.75 1.92 22.62
CA HIS J 161 30.29 3.26 22.33
C HIS J 161 31.48 4.13 22.03
N ALA J 162 32.50 4.02 22.89
CA ALA J 162 33.71 4.83 22.81
C ALA J 162 34.93 4.02 23.25
N ILE J 163 36.12 4.42 22.77
CA ILE J 163 37.37 3.81 23.24
C ILE J 163 38.41 4.88 23.51
N LYS J 164 38.97 4.82 24.72
CA LYS J 164 40.14 5.61 25.11
C LYS J 164 41.24 4.61 25.45
N SER J 165 42.49 5.00 25.23
CA SER J 165 43.58 4.08 25.48
C SER J 165 44.87 4.84 25.79
N GLU J 166 45.59 4.35 26.80
CA GLU J 166 46.92 4.88 27.10
C GLU J 166 47.95 4.03 26.36
N LEU J 167 48.40 4.56 25.24
CA LEU J 167 49.25 3.80 24.34
C LEU J 167 50.72 3.90 24.74
N PHE J 168 51.43 2.78 24.62
CA PHE J 168 52.86 2.74 24.88
C PHE J 168 53.61 3.13 23.65
N THR J 169 54.04 4.37 23.66
CA THR J 169 54.43 5.06 22.46
C THR J 169 55.92 4.86 22.23
N GLN J 170 56.71 5.00 23.30
CA GLN J 170 58.16 4.81 23.26
C GLN J 170 58.56 3.76 24.27
N LEU J 171 59.74 3.16 24.07
CA LEU J 171 60.17 2.04 24.91
C LEU J 171 61.51 2.29 25.60
N GLU J 172 61.78 1.48 26.62
CA GLU J 172 63.04 1.48 27.37
C GLU J 172 63.49 0.02 27.52
N TYR J 173 64.76 -0.18 27.88
CA TYR J 173 65.36 -1.53 27.94
C TYR J 173 66.21 -1.77 29.20
N ILE J 174 66.03 -2.94 29.83
CA ILE J 174 66.94 -3.42 30.87
C ILE J 174 67.83 -4.52 30.29
N LEU J 175 69.13 -4.28 30.33
CA LEU J 175 70.08 -5.27 29.90
C LEU J 175 70.58 -5.84 31.19
N THR J 176 70.10 -7.04 31.51
CA THR J 176 70.36 -7.63 32.81
C THR J 176 71.33 -8.84 32.66
N ILE J 177 72.58 -8.62 33.04
CA ILE J 177 73.67 -9.61 32.89
C ILE J 177 74.42 -9.82 34.21
N GLY J 178 75.13 -10.94 34.28
CA GLY J 178 75.80 -11.34 35.51
C GLY J 178 77.30 -11.10 35.45
N ALA J 179 77.66 -9.87 35.13
CA ALA J 179 79.05 -9.48 35.00
C ALA J 179 79.12 -7.97 35.08
N ASN J 180 80.11 -7.44 35.77
CA ASN J 180 80.23 -6.01 35.93
C ASN J 180 80.77 -5.35 34.66
N LEU J 181 79.84 -4.98 33.77
CA LEU J 181 80.19 -4.35 32.48
C LEU J 181 81.19 -3.18 32.51
N ARG J 182 81.39 -2.54 33.66
CA ARG J 182 82.17 -1.30 33.71
C ARG J 182 83.54 -1.47 34.41
N LYS J 183 84.13 -2.66 34.33
CA LYS J 183 85.57 -2.84 34.64
C LYS J 183 86.23 -3.86 33.68
N SER J 184 87.56 -4.06 33.80
CA SER J 184 88.37 -4.75 32.78
C SER J 184 87.92 -6.16 32.37
N PHE J 185 87.76 -6.37 31.06
CA PHE J 185 87.48 -7.70 30.52
C PHE J 185 88.77 -8.44 30.20
N GLY J 186 89.73 -7.72 29.62
CA GLY J 186 90.99 -8.33 29.17
C GLY J 186 90.98 -8.61 27.69
N THR J 187 91.67 -9.67 27.27
CA THR J 187 91.70 -10.11 25.88
C THR J 187 91.40 -11.61 25.75
N ALA J 188 91.37 -12.09 24.52
CA ALA J 188 91.09 -13.51 24.23
C ALA J 188 92.00 -14.45 25.01
N GLU J 189 93.30 -14.17 24.95
CA GLU J 189 94.30 -15.07 25.56
C GLU J 189 94.39 -14.90 27.08
N LYS J 190 94.17 -13.67 27.54
CA LYS J 190 94.09 -13.38 28.97
C LYS J 190 92.72 -12.83 29.30
N PRO J 191 91.76 -13.70 29.66
CA PRO J 191 90.42 -13.25 30.00
C PRO J 191 90.21 -12.95 31.48
N LYS J 192 89.43 -11.89 31.77
CA LYS J 192 89.02 -11.56 33.13
C LYS J 192 87.49 -11.55 33.17
N PHE J 193 86.91 -12.01 34.28
CA PHE J 193 85.45 -12.13 34.42
C PHE J 193 84.96 -11.34 35.64
N PRO J 194 84.76 -10.02 35.49
CA PRO J 194 84.31 -9.19 36.61
C PRO J 194 82.94 -9.61 37.15
N SER J 195 82.89 -10.04 38.41
CA SER J 195 81.64 -10.50 39.01
C SER J 195 80.63 -9.35 39.11
N SER J 196 79.36 -9.67 38.87
CA SER J 196 78.28 -8.69 38.93
C SER J 196 78.05 -8.16 40.35
N SER J 197 78.05 -6.84 40.50
CA SER J 197 77.88 -6.22 41.83
C SER J 197 76.51 -6.48 42.46
N GLY J 198 75.43 -6.33 41.69
CA GLY J 198 74.08 -6.43 42.23
C GLY J 198 73.50 -5.08 42.60
N SER J 199 72.25 -4.85 42.23
CA SER J 199 71.53 -3.63 42.58
C SER J 199 70.20 -4.01 43.22
N THR J 200 69.44 -3.02 43.68
CA THR J 200 68.17 -3.27 44.38
C THR J 200 67.05 -2.31 43.95
N HIS J 201 66.10 -2.82 43.17
CA HIS J 201 65.03 -2.00 42.62
C HIS J 201 63.69 -2.54 43.03
N ASP J 202 62.80 -1.64 43.45
CA ASP J 202 61.50 -2.03 43.95
C ASP J 202 61.66 -3.04 45.07
N GLY J 203 62.69 -2.87 45.88
CA GLY J 203 62.89 -3.71 47.05
C GLY J 203 63.17 -5.18 46.77
N ILE J 204 63.78 -5.48 45.62
CA ILE J 204 64.24 -6.85 45.35
C ILE J 204 65.69 -6.81 44.93
N TYR J 205 66.54 -7.48 45.69
CA TYR J 205 67.97 -7.51 45.36
C TYR J 205 68.19 -8.46 44.24
N ASN J 206 68.94 -7.97 43.26
CA ASN J 206 69.33 -8.73 42.10
C ASN J 206 70.80 -9.12 42.24
N PRO J 207 71.10 -10.43 42.15
CA PRO J 207 72.53 -10.75 42.11
C PRO J 207 73.20 -10.24 40.84
N TYR J 208 72.41 -9.87 39.84
CA TYR J 208 72.94 -9.39 38.57
C TYR J 208 73.01 -7.86 38.51
N ASP J 209 73.69 -7.36 37.49
CA ASP J 209 73.68 -5.95 37.18
C ASP J 209 72.53 -5.67 36.20
N MET J 210 71.76 -4.62 36.46
CA MET J 210 70.73 -4.16 35.55
C MET J 210 71.25 -2.90 34.86
N TYR J 211 71.34 -2.93 33.53
CA TYR J 211 71.85 -1.77 32.78
C TYR J 211 70.75 -1.14 31.92
N TRP J 212 70.62 0.17 32.07
CA TRP J 212 69.53 0.95 31.52
C TRP J 212 69.84 1.45 30.10
N PHE J 213 68.80 1.56 29.29
CA PHE J 213 68.90 2.20 27.97
C PHE J 213 67.54 2.78 27.65
N ASN J 214 67.52 4.01 27.17
CA ASN J 214 66.29 4.61 26.68
C ASN J 214 66.38 4.98 25.20
N ASP J 215 67.37 4.41 24.51
CA ASP J 215 67.48 4.51 23.05
C ASP J 215 67.93 3.18 22.49
N TYR J 216 67.30 2.69 21.42
CA TYR J 216 67.68 1.41 20.85
C TYR J 216 69.14 1.46 20.45
N GLU J 217 69.51 2.51 19.71
CA GLU J 217 70.86 2.65 19.17
C GLU J 217 71.89 2.53 20.29
N SER J 218 71.59 3.13 21.44
CA SER J 218 72.48 3.06 22.58
C SER J 218 72.72 1.61 22.99
N LEU J 219 71.64 0.84 23.14
CA LEU J 219 71.74 -0.58 23.47
C LEU J 219 72.43 -1.38 22.36
N LYS J 220 72.19 -0.99 21.11
CA LYS J 220 72.77 -1.70 19.98
C LYS J 220 74.29 -1.58 20.01
N GLU J 221 74.77 -0.36 20.23
CA GLU J 221 76.20 -0.09 20.27
C GLU J 221 76.90 -0.97 21.31
N VAL J 222 76.21 -1.25 22.40
CA VAL J 222 76.79 -2.04 23.48
C VAL J 222 76.60 -3.53 23.20
N MET J 223 75.47 -3.91 22.59
CA MET J 223 75.26 -5.30 22.21
C MET J 223 76.32 -5.71 21.21
N ASP J 224 76.76 -4.74 20.40
CA ASP J 224 77.80 -4.96 19.38
C ASP J 224 79.16 -5.02 20.04
N TYR J 225 79.45 -4.05 20.89
CA TYR J 225 80.71 -4.03 21.62
C TYR J 225 80.92 -5.37 22.30
N LEU J 226 79.82 -5.97 22.75
CA LEU J 226 79.88 -7.22 23.50
C LEU J 226 80.20 -8.45 22.67
N THR J 227 79.95 -8.41 21.37
CA THR J 227 80.28 -9.55 20.51
C THR J 227 81.77 -9.85 20.53
N GLY J 228 82.59 -8.83 20.75
CA GLY J 228 84.02 -9.03 20.85
C GLY J 228 84.48 -9.54 22.21
N TYR J 229 83.55 -9.97 23.06
CA TYR J 229 83.90 -10.58 24.34
C TYR J 229 82.93 -11.71 24.70
N PRO J 230 82.98 -12.82 23.95
CA PRO J 230 82.08 -13.96 24.12
C PRO J 230 82.05 -14.62 25.50
N TRP J 231 82.97 -14.26 26.39
CA TRP J 231 83.02 -14.83 27.73
C TRP J 231 82.34 -13.90 28.72
N ILE J 232 82.19 -12.62 28.34
CA ILE J 232 81.41 -11.65 29.10
C ILE J 232 79.95 -11.69 28.62
N GLN J 233 79.77 -11.85 27.31
CA GLN J 233 78.44 -11.94 26.71
C GLN J 233 77.74 -13.24 27.09
N GLN J 234 78.52 -14.28 27.34
CA GLN J 234 78.00 -15.56 27.83
C GLN J 234 77.08 -15.42 29.04
N SER J 235 77.29 -14.39 29.84
CA SER J 235 76.52 -14.19 31.07
C SER J 235 75.53 -13.04 30.97
N ILE J 236 74.70 -13.07 29.93
CA ILE J 236 73.52 -12.22 29.85
C ILE J 236 72.30 -13.09 30.13
N LYS J 237 71.41 -12.61 31.01
CA LYS J 237 70.17 -13.35 31.30
C LYS J 237 69.12 -13.04 30.23
N ASN J 238 69.01 -11.76 29.89
CA ASN J 238 68.13 -11.32 28.82
C ASN J 238 68.34 -9.84 28.61
N VAL J 239 67.74 -9.34 27.55
CA VAL J 239 67.47 -7.93 27.46
C VAL J 239 65.97 -7.82 27.31
N THR J 240 65.32 -7.16 28.25
CA THR J 240 63.89 -7.05 28.22
C THR J 240 63.50 -5.69 27.65
N ILE J 241 62.35 -5.64 27.00
CA ILE J 241 61.79 -4.40 26.49
C ILE J 241 60.59 -4.00 27.32
N ILE J 242 60.73 -2.89 28.05
CA ILE J 242 59.62 -2.37 28.84
C ILE J 242 59.03 -1.11 28.19
N PRO J 243 57.86 -0.67 28.68
CA PRO J 243 57.31 0.62 28.24
C PRO J 243 57.95 1.85 28.90
N SER J 244 57.97 2.96 28.17
CA SER J 244 58.62 4.19 28.61
C SER J 244 58.05 4.80 29.89
N GLY J 245 58.87 5.59 30.57
CA GLY J 245 58.45 6.41 31.69
C GLY J 245 58.07 5.68 32.96
N PHE J 246 58.59 4.47 33.15
CA PHE J 246 58.31 3.71 34.38
C PHE J 246 59.46 3.72 35.36
N ILE J 247 60.65 4.15 34.91
CA ILE J 247 61.83 4.19 35.78
C ILE J 247 62.24 5.61 36.20
N LYS J 248 62.48 5.75 37.51
CA LYS J 248 62.82 7.04 38.09
C LYS J 248 64.28 7.36 37.75
N GLN J 249 64.54 8.63 37.41
CA GLN J 249 65.89 9.05 37.03
C GLN J 249 66.88 8.82 38.17
N GLU J 250 66.46 9.12 39.39
CA GLU J 250 67.29 8.89 40.57
C GLU J 250 67.27 7.45 41.07
N SER J 251 66.98 6.50 40.17
CA SER J 251 67.24 5.09 40.40
C SER J 251 68.36 4.66 39.45
N LEU J 252 68.97 5.62 38.73
CA LEU J 252 69.98 5.32 37.74
C LEU J 252 71.30 6.03 38.04
N ASN J 253 72.39 5.27 37.96
CA ASN J 253 73.72 5.86 38.00
C ASN J 253 73.93 6.70 36.77
N ASP J 254 74.91 7.58 36.83
CA ASP J 254 75.26 8.39 35.68
C ASP J 254 75.98 7.52 34.67
N HIS J 255 76.28 8.10 33.51
CA HIS J 255 76.93 7.36 32.44
C HIS J 255 78.36 6.97 32.84
N GLU J 256 78.55 5.72 33.26
CA GLU J 256 79.88 5.17 33.49
C GLU J 256 80.37 4.46 32.23
N PRO J 257 81.68 4.52 31.94
CA PRO J 257 82.19 3.88 30.73
C PRO J 257 82.17 2.35 30.80
N VAL J 258 82.07 1.70 29.63
CA VAL J 258 82.00 0.23 29.55
C VAL J 258 83.39 -0.38 29.84
N ASN J 259 83.82 -1.40 29.12
CA ASN J 259 85.09 -2.05 29.42
C ASN J 259 86.24 -1.06 29.37
N GLY J 260 86.41 -0.43 28.21
CA GLY J 260 87.47 0.53 28.05
C GLY J 260 87.15 1.80 28.82
N GLY J 261 86.24 2.62 28.30
CA GLY J 261 85.47 2.30 27.11
C GLY J 261 85.02 3.54 26.36
N ASP J 262 84.60 3.32 25.12
CA ASP J 262 84.13 4.40 24.28
C ASP J 262 82.64 4.62 24.56
N LEU J 263 82.00 3.60 25.14
CA LEU J 263 80.55 3.57 25.34
C LEU J 263 80.22 3.70 26.82
N SER J 264 79.00 4.15 27.12
CA SER J 264 78.56 4.29 28.50
C SER J 264 77.26 3.55 28.77
N VAL J 265 77.20 2.89 29.93
CA VAL J 265 76.02 2.19 30.39
C VAL J 265 75.64 2.64 31.82
N ARG J 266 74.34 2.71 32.10
CA ARG J 266 73.86 3.26 33.37
C ARG J 266 73.27 2.20 34.30
N LYS J 267 74.02 1.83 35.34
CA LYS J 267 73.55 0.86 36.31
C LYS J 267 72.25 1.34 36.96
N LEU J 268 71.25 0.46 37.01
CA LEU J 268 69.96 0.75 37.64
C LEU J 268 69.83 0.09 39.00
N GLY J 269 69.85 0.88 40.07
CA GLY J 269 69.76 0.36 41.43
C GLY J 269 69.32 1.43 42.39
N LYS J 270 70.24 1.90 43.22
CA LYS J 270 69.99 3.05 44.11
C LYS J 270 68.72 2.85 44.95
N GLN J 271 68.40 1.59 45.29
CA GLN J 271 67.29 1.27 46.20
C GLN J 271 65.88 1.73 45.79
N GLY J 272 65.76 2.60 44.78
CA GLY J 272 64.50 3.29 44.54
C GLY J 272 63.42 2.39 43.95
N VAL J 273 62.22 2.95 43.80
CA VAL J 273 61.10 2.22 43.21
C VAL J 273 60.85 2.73 41.80
N SER J 274 59.83 2.17 41.17
CA SER J 274 59.38 2.59 39.87
C SER J 274 58.30 3.64 40.06
N ASN J 275 57.90 4.27 38.96
CA ASN J 275 56.78 5.19 39.00
C ASN J 275 55.49 4.39 39.09
N GLN J 276 54.73 4.59 40.17
CA GLN J 276 53.42 3.94 40.29
C GLN J 276 52.38 4.71 39.46
N LYS J 277 52.64 4.69 38.16
CA LYS J 277 52.14 5.69 37.21
C LYS J 277 50.64 5.95 37.30
N ASP J 278 50.27 7.23 37.41
CA ASP J 278 48.89 7.64 37.23
C ASP J 278 48.60 7.53 35.72
N PHE J 279 47.82 6.51 35.32
CA PHE J 279 47.43 6.30 33.92
C PHE J 279 46.33 7.25 33.50
N ASN J 280 46.69 8.38 32.89
CA ASN J 280 45.69 9.44 32.68
C ASN J 280 45.02 9.47 31.31
N ALA J 281 45.71 9.01 30.28
CA ALA J 281 45.12 8.97 28.94
C ALA J 281 43.82 8.16 28.91
N ILE J 282 43.69 7.26 29.88
CA ILE J 282 42.60 6.32 29.95
C ILE J 282 41.58 6.66 31.04
N SER J 283 41.94 7.55 31.96
CA SER J 283 41.08 7.93 33.09
C SER J 283 40.10 9.06 32.78
N LEU J 284 38.88 8.93 33.32
CA LEU J 284 37.86 9.95 33.16
C LEU J 284 37.32 10.39 34.50
N ASP J 285 37.49 11.66 34.80
CA ASP J 285 36.92 12.24 36.01
C ASP J 285 35.42 12.31 35.80
N TYR J 286 34.67 12.68 36.83
CA TYR J 286 33.23 12.56 36.78
C TYR J 286 32.67 13.27 35.57
N GLN J 287 33.02 14.54 35.45
CA GLN J 287 32.50 15.37 34.38
C GLN J 287 32.84 14.76 33.03
N SER J 288 34.10 14.37 32.89
CA SER J 288 34.60 13.78 31.66
C SER J 288 33.95 12.43 31.36
N LEU J 289 33.57 11.67 32.39
CA LEU J 289 32.99 10.36 32.17
C LEU J 289 31.56 10.47 31.64
N MET J 290 30.74 11.21 32.37
CA MET J 290 29.36 11.42 31.99
C MET J 290 29.31 12.01 30.61
N PHE J 291 30.22 12.93 30.35
CA PHE J 291 30.44 13.51 29.03
C PHE J 291 30.62 12.43 27.97
N THR J 292 31.64 11.58 28.13
CA THR J 292 32.03 10.65 27.07
C THR J 292 30.95 9.63 26.77
N LEU J 293 30.06 9.41 27.73
CA LEU J 293 28.94 8.48 27.59
C LEU J 293 27.67 9.12 27.07
N GLY J 294 27.70 10.41 26.78
CA GLY J 294 26.52 11.11 26.34
C GLY J 294 25.44 11.04 27.41
N LEU J 295 25.87 11.15 28.67
CA LEU J 295 24.96 11.23 29.82
C LEU J 295 25.01 12.64 30.38
N ASN J 296 23.86 13.21 30.70
CA ASN J 296 23.83 14.56 31.26
C ASN J 296 24.35 14.55 32.70
N PRO J 297 25.52 15.15 32.96
CA PRO J 297 26.18 14.94 34.25
C PRO J 297 25.46 15.58 35.41
N ILE J 298 24.45 16.41 35.11
CA ILE J 298 23.82 17.24 36.12
C ILE J 298 22.76 16.45 36.91
N ASN J 299 22.03 15.57 36.24
CA ASN J 299 20.96 14.77 36.88
C ASN J 299 20.83 13.34 36.37
N ASP J 300 21.90 12.78 35.80
CA ASP J 300 21.90 11.37 35.33
C ASP J 300 22.94 10.48 36.04
N LYS J 301 23.43 10.88 37.20
CA LYS J 301 24.39 10.02 37.90
C LYS J 301 23.79 8.64 38.22
N HIS J 302 22.47 8.58 38.40
CA HIS J 302 21.79 7.30 38.68
C HIS J 302 21.78 6.33 37.50
N LEU J 303 22.29 6.77 36.35
CA LEU J 303 22.39 5.92 35.17
C LEU J 303 23.74 5.23 35.03
N LEU J 304 24.69 5.52 35.91
CA LEU J 304 25.95 4.79 35.90
C LEU J 304 25.75 3.45 36.56
N ARG J 305 25.05 2.57 35.84
CA ARG J 305 24.80 1.22 36.30
C ARG J 305 25.02 0.29 35.12
N PRO J 306 25.47 -0.94 35.40
CA PRO J 306 26.01 -1.85 34.38
C PRO J 306 25.10 -2.14 33.16
N ASN J 307 23.79 -2.13 33.30
CA ASN J 307 22.92 -2.44 32.14
C ASN J 307 22.60 -1.23 31.25
N ILE J 308 23.21 -0.08 31.56
CA ILE J 308 23.17 1.09 30.69
C ILE J 308 24.57 1.43 30.15
N VAL J 309 25.61 1.27 30.98
CA VAL J 309 27.00 1.53 30.58
C VAL J 309 27.99 0.49 31.13
N THR J 310 28.97 0.12 30.31
CA THR J 310 29.94 -0.90 30.68
C THR J 310 31.35 -0.50 30.29
N ALA J 311 32.31 -0.81 31.18
CA ALA J 311 33.71 -0.41 30.98
C ALA J 311 34.63 -1.63 31.11
N GLU J 312 35.53 -1.81 30.16
CA GLU J 312 36.45 -2.96 30.16
C GLU J 312 37.86 -2.58 29.71
N LEU J 313 38.88 -3.00 30.44
CA LEU J 313 40.25 -2.79 29.99
C LEU J 313 40.78 -4.01 29.29
N THR J 314 41.58 -3.80 28.25
CA THR J 314 42.22 -4.90 27.56
C THR J 314 43.57 -4.46 26.98
N ASP J 315 44.50 -5.40 26.91
CA ASP J 315 45.80 -5.18 26.27
C ASP J 315 45.85 -5.85 24.91
N TYR J 316 44.68 -6.23 24.41
CA TYR J 316 44.54 -6.91 23.12
C TYR J 316 45.38 -8.17 23.05
N ALA J 317 45.72 -8.74 24.21
CA ALA J 317 46.43 -10.00 24.26
C ALA J 317 45.71 -10.97 25.19
N GLY J 318 44.41 -10.75 25.40
CA GLY J 318 43.62 -11.64 26.23
C GLY J 318 43.60 -11.28 27.70
N ASN J 319 44.56 -10.49 28.19
CA ASN J 319 44.43 -9.93 29.53
C ASN J 319 43.34 -8.88 29.52
N ARG J 320 42.33 -9.04 30.37
CA ARG J 320 41.20 -8.11 30.39
C ARG J 320 40.90 -7.65 31.81
N LEU J 321 40.07 -6.62 31.95
CA LEU J 321 39.50 -6.25 33.25
C LEU J 321 38.10 -5.68 33.08
N PRO J 322 37.07 -6.43 33.54
CA PRO J 322 35.70 -5.90 33.51
C PRO J 322 35.49 -4.88 34.63
N ILE J 323 34.66 -3.86 34.39
CA ILE J 323 34.37 -2.85 35.38
C ILE J 323 32.86 -2.54 35.46
N ASP J 324 32.35 -2.50 36.69
CA ASP J 324 30.93 -2.34 36.96
C ASP J 324 30.76 -0.90 37.41
N LEU J 325 30.24 -0.06 36.53
CA LEU J 325 30.26 1.37 36.76
C LEU J 325 29.42 1.80 37.97
N SER J 326 28.63 0.88 38.52
CA SER J 326 27.83 1.21 39.70
C SER J 326 28.65 1.27 40.99
N LEU J 327 29.96 1.06 40.90
CA LEU J 327 30.82 0.94 42.07
C LEU J 327 31.85 2.08 42.27
N ILE J 328 32.23 2.73 41.17
CA ILE J 328 32.99 3.99 41.27
C ILE J 328 32.11 5.08 41.84
N GLU J 329 32.49 5.58 43.02
CA GLU J 329 31.67 6.56 43.74
C GLU J 329 31.48 7.85 42.95
N THR J 330 32.56 8.37 42.38
CA THR J 330 32.48 9.55 41.52
C THR J 330 33.46 9.58 40.32
N ASN J 331 34.52 8.78 40.33
CA ASN J 331 35.53 8.90 39.27
C ASN J 331 36.10 7.58 38.81
N LEU J 332 36.08 7.41 37.49
CA LEU J 332 36.81 6.34 36.85
C LEU J 332 38.28 6.74 36.70
N GLU J 333 39.02 6.74 37.82
CA GLU J 333 40.46 6.97 37.78
C GLU J 333 41.22 5.63 37.80
N PHE J 334 42.08 5.47 36.80
CA PHE J 334 43.04 4.36 36.74
C PHE J 334 44.42 4.77 37.27
N ASP J 335 44.85 4.13 38.36
CA ASP J 335 46.24 4.20 38.84
C ASP J 335 46.88 2.83 38.57
N SER J 336 48.19 2.70 38.81
CA SER J 336 48.84 1.40 38.60
C SER J 336 49.76 0.99 39.73
N PHE J 337 50.19 -0.26 39.65
CA PHE J 337 51.06 -0.89 40.63
C PHE J 337 52.11 -1.65 39.85
N VAL J 338 53.19 -0.96 39.57
CA VAL J 338 54.23 -1.48 38.70
C VAL J 338 55.47 -1.77 39.52
N THR J 339 56.06 -2.93 39.26
CA THR J 339 57.34 -3.31 39.82
C THR J 339 58.19 -3.66 38.62
N MET J 340 59.45 -3.20 38.61
CA MET J 340 60.31 -3.29 37.44
C MET J 340 61.73 -3.73 37.74
N GLY J 341 62.44 -4.08 36.67
CA GLY J 341 63.84 -4.44 36.73
C GLY J 341 64.01 -5.88 37.15
N ALA J 342 63.99 -6.09 38.46
CA ALA J 342 64.07 -7.41 39.04
C ALA J 342 62.90 -8.31 38.57
N LYS J 343 61.68 -7.80 38.64
CA LYS J 343 60.46 -8.50 38.22
C LYS J 343 59.63 -7.52 37.41
N ASN J 344 59.26 -7.89 36.18
CA ASN J 344 58.60 -6.96 35.25
C ASN J 344 57.12 -7.20 35.15
N GLU J 345 56.34 -6.30 35.74
CA GLU J 345 54.88 -6.46 35.80
C GLU J 345 54.18 -5.16 36.17
N ILE J 346 53.30 -4.72 35.29
CA ILE J 346 52.46 -3.56 35.54
C ILE J 346 51.06 -4.08 35.72
N LYS J 347 50.47 -3.92 36.91
CA LYS J 347 49.02 -4.10 37.03
C LYS J 347 48.31 -2.80 37.34
N VAL J 348 47.33 -2.50 36.50
CA VAL J 348 46.63 -1.24 36.54
C VAL J 348 45.26 -1.52 37.13
N TYR J 349 44.94 -0.80 38.19
CA TYR J 349 43.69 -1.01 38.91
C TYR J 349 42.81 0.22 38.81
N VAL J 350 41.61 0.14 39.37
CA VAL J 350 40.68 1.26 39.33
C VAL J 350 40.50 1.76 40.75
N LYS J 351 40.63 3.08 40.92
CA LYS J 351 40.78 3.68 42.25
C LYS J 351 39.49 3.62 43.04
N ASN J 352 39.52 2.93 44.19
CA ASN J 352 38.40 2.91 45.14
C ASN J 352 37.15 2.27 44.56
N TYR J 353 37.40 1.19 43.81
CA TYR J 353 36.38 0.40 43.15
C TYR J 353 35.60 -0.33 44.24
N ASN J 354 34.27 -0.20 44.21
CA ASN J 354 33.40 -0.85 45.18
C ASN J 354 33.60 -0.27 46.55
N ALA J 355 34.30 0.86 46.64
CA ALA J 355 34.59 1.41 47.94
C ALA J 355 33.60 2.50 48.26
N ARG J 356 33.36 2.67 49.55
CA ARG J 356 32.65 3.82 50.10
C ARG J 356 33.67 4.85 50.63
N GLY J 357 34.45 5.42 49.70
CA GLY J 357 35.65 6.21 49.98
C GLY J 357 35.68 7.13 51.19
N ASN J 358 36.86 7.57 51.62
CA ASN J 358 38.13 7.36 50.92
C ASN J 358 38.99 6.27 51.55
N ASN J 359 38.47 5.05 51.64
CA ASN J 359 39.34 3.90 51.76
C ASN J 359 39.56 3.33 50.36
N VAL J 360 40.65 2.62 50.16
CA VAL J 360 40.86 1.94 48.88
C VAL J 360 39.93 0.75 48.83
N GLY J 361 39.48 0.42 47.63
CA GLY J 361 38.47 -0.60 47.50
C GLY J 361 39.14 -1.94 47.35
N GLN J 362 38.94 -2.51 46.17
CA GLN J 362 39.53 -3.79 45.86
C GLN J 362 41.03 -3.61 45.68
N TYR J 363 41.46 -2.38 45.44
CA TYR J 363 42.86 -2.11 45.22
C TYR J 363 43.29 -2.97 44.03
N ILE J 364 44.27 -3.87 44.22
CA ILE J 364 44.87 -4.60 43.10
C ILE J 364 44.26 -5.98 42.93
N ASP J 365 43.39 -6.37 43.86
CA ASP J 365 42.62 -7.59 43.66
C ASP J 365 41.62 -7.44 42.49
N ASN J 366 41.52 -6.24 41.90
CA ASN J 366 40.77 -6.03 40.67
C ASN J 366 41.58 -5.20 39.69
N ALA J 367 42.54 -5.88 39.05
CA ALA J 367 43.48 -5.22 38.14
C ALA J 367 43.78 -6.01 36.87
N LEU J 368 43.95 -5.25 35.79
CA LEU J 368 44.45 -5.77 34.52
C LEU J 368 45.94 -5.90 34.63
N THR J 369 46.43 -7.13 34.58
CA THR J 369 47.82 -7.39 34.95
C THR J 369 48.66 -7.75 33.72
N ILE J 370 49.69 -6.92 33.46
CA ILE J 370 50.55 -6.98 32.26
C ILE J 370 51.94 -7.46 32.62
N ASN J 371 52.39 -8.54 31.97
CA ASN J 371 53.77 -8.98 32.17
C ASN J 371 54.31 -10.02 31.19
N ASN J 372 53.85 -9.96 29.94
CA ASN J 372 54.44 -10.76 28.87
C ASN J 372 55.39 -9.90 28.01
N PHE J 373 56.32 -9.20 28.65
CA PHE J 373 57.20 -8.26 27.94
C PHE J 373 58.21 -8.96 27.05
N ASP J 374 58.59 -8.30 25.97
CA ASP J 374 59.48 -8.92 25.00
C ASP J 374 60.92 -8.97 25.48
N THR J 375 61.61 -10.07 25.20
CA THR J 375 63.08 -10.10 25.32
C THR J 375 63.67 -10.40 23.96
N ILE J 376 64.95 -10.06 23.79
CA ILE J 376 65.59 -10.07 22.47
C ILE J 376 66.74 -11.07 22.41
N GLY J 377 66.80 -11.82 21.31
CA GLY J 377 67.80 -12.86 21.15
C GLY J 377 69.11 -12.33 20.62
N PHE J 378 70.21 -12.98 20.97
CA PHE J 378 71.55 -12.58 20.51
C PHE J 378 72.40 -13.78 20.11
N SER J 379 73.57 -13.52 19.54
CA SER J 379 74.48 -14.56 19.05
C SER J 379 75.88 -14.40 19.64
N VAL J 380 76.54 -15.54 19.86
CA VAL J 380 77.85 -15.60 20.51
C VAL J 380 78.62 -16.85 20.06
N ASP J 381 79.96 -16.77 20.08
CA ASP J 381 80.82 -17.93 19.82
C ASP J 381 81.78 -18.20 20.98
N ALA J 462 76.54 -18.84 21.97
CA ALA J 462 75.48 -19.72 21.49
C ALA J 462 74.59 -18.91 20.53
N ILE J 463 73.29 -19.19 20.51
CA ILE J 463 72.35 -18.44 19.67
C ILE J 463 71.10 -18.06 20.47
N THR J 464 71.23 -18.07 21.81
CA THR J 464 70.10 -18.02 22.76
C THR J 464 68.98 -17.07 22.32
N GLU J 465 67.75 -17.58 22.27
CA GLU J 465 66.67 -16.92 21.52
C GLU J 465 65.90 -15.83 22.28
N GLY J 466 65.27 -14.95 21.52
CA GLY J 466 64.44 -13.89 22.08
C GLY J 466 63.02 -14.36 22.30
N HIS J 467 62.32 -13.70 23.22
CA HIS J 467 60.91 -13.98 23.47
C HIS J 467 60.03 -12.85 22.95
N VAL J 468 58.95 -13.22 22.28
CA VAL J 468 58.05 -12.27 21.65
C VAL J 468 56.72 -12.22 22.40
N GLY J 469 56.20 -11.02 22.58
CA GLY J 469 54.97 -10.80 23.33
C GLY J 469 54.13 -9.67 22.76
N TYR J 470 54.36 -8.46 23.22
CA TYR J 470 53.63 -7.29 22.73
C TYR J 470 54.31 -6.60 21.54
N ALA J 471 55.36 -7.19 20.98
CA ALA J 471 56.12 -6.51 19.91
C ALA J 471 55.29 -6.20 18.66
N PRO J 472 54.78 -7.23 17.95
CA PRO J 472 54.08 -6.92 16.70
C PRO J 472 52.83 -6.06 16.90
N LEU J 473 52.29 -6.07 18.12
CA LEU J 473 51.21 -5.16 18.51
C LEU J 473 51.71 -3.72 18.46
N PHE J 474 52.94 -3.52 18.91
CA PHE J 474 53.50 -2.18 18.96
C PHE J 474 53.78 -1.63 17.58
N LYS J 475 54.17 -2.51 16.65
CA LYS J 475 54.40 -2.05 15.27
C LYS J 475 53.09 -1.73 14.54
N GLN J 476 51.96 -1.88 15.25
CA GLN J 476 50.66 -1.43 14.76
C GLN J 476 50.10 -0.30 15.64
N ASP J 477 50.94 0.21 16.54
CA ASP J 477 50.54 1.22 17.51
C ASP J 477 49.33 0.77 18.32
N LYS J 478 49.42 -0.45 18.83
CA LYS J 478 48.39 -0.99 19.70
C LYS J 478 48.98 -1.61 20.97
N PHE J 479 50.29 -1.43 21.17
CA PHE J 479 50.87 -1.88 22.41
C PHE J 479 50.44 -0.85 23.41
N GLY J 480 49.53 -1.25 24.28
CA GLY J 480 49.04 -0.33 25.29
C GLY J 480 47.82 -0.90 25.96
N VAL J 481 47.35 -0.19 26.98
CA VAL J 481 46.15 -0.59 27.73
C VAL J 481 44.97 0.23 27.21
N HIS J 482 43.86 -0.47 26.89
CA HIS J 482 42.72 0.13 26.21
C HIS J 482 41.45 -0.04 27.02
N LEU J 483 40.58 0.97 26.97
CA LEU J 483 39.33 0.99 27.71
C LEU J 483 38.18 0.92 26.73
N ARG J 484 37.23 0.02 26.98
CA ARG J 484 36.03 -0.08 26.14
C ARG J 484 34.82 0.39 26.91
N LEU J 485 34.41 1.63 26.65
CA LEU J 485 33.16 2.14 27.17
C LEU J 485 32.01 1.72 26.25
N GLY J 486 31.02 1.09 26.88
CA GLY J 486 29.88 0.56 26.16
C GLY J 486 28.66 1.28 26.64
N ARG J 487 27.71 1.50 25.73
CA ARG J 487 26.44 2.10 26.10
C ARG J 487 25.32 1.56 25.24
N ILE J 488 24.11 1.64 25.78
CA ILE J 488 22.89 1.26 25.07
C ILE J 488 22.49 2.30 24.01
N SER J 489 21.76 1.86 22.98
CA SER J 489 21.22 2.73 21.93
C SER J 489 20.70 4.04 22.48
N GLN J 490 20.83 5.12 21.72
CA GLN J 490 20.26 6.41 22.13
C GLN J 490 18.75 6.28 22.42
N ASP J 491 18.01 5.55 21.57
CA ASP J 491 16.57 5.39 21.80
C ASP J 491 16.37 4.68 23.13
N GLU J 492 17.04 3.54 23.30
CA GLU J 492 16.85 2.76 24.52
C GLU J 492 17.25 3.55 25.77
N LEU J 493 18.26 4.40 25.64
CA LEU J 493 18.65 5.28 26.73
C LEU J 493 17.52 6.24 27.14
N ASN J 494 16.72 6.64 26.17
CA ASN J 494 15.55 7.46 26.45
C ASN J 494 14.41 6.66 27.03
N ASN J 495 14.21 5.44 26.56
CA ASN J 495 13.19 4.56 27.14
C ASN J 495 13.39 4.42 28.65
N VAL J 496 14.67 4.38 29.07
CA VAL J 496 15.04 4.26 30.49
C VAL J 496 14.88 5.61 31.14
N LYS J 497 15.46 6.63 30.52
CA LYS J 497 15.30 7.99 31.01
C LYS J 497 13.81 8.26 31.30
N LYS J 498 12.96 7.90 30.34
CA LYS J 498 11.52 8.08 30.43
C LYS J 498 10.98 7.30 31.61
N TYR J 499 11.25 6.00 31.62
CA TYR J 499 10.76 5.09 32.66
C TYR J 499 10.98 5.60 34.08
N TYR J 500 12.18 6.08 34.34
CA TYR J 500 12.51 6.61 35.67
C TYR J 500 11.77 7.93 35.91
N ASN J 501 11.89 8.84 34.95
CA ASN J 501 11.25 10.15 35.01
C ASN J 501 9.74 10.06 35.16
N MET J 502 9.18 8.92 34.74
CA MET J 502 7.73 8.69 34.78
C MET J 502 7.27 8.11 36.10
N PHE J 503 8.00 7.11 36.58
CA PHE J 503 7.56 6.31 37.73
C PHE J 503 8.49 6.43 38.93
N GLY J 504 9.35 7.44 38.96
CA GLY J 504 10.25 7.60 40.08
C GLY J 504 11.15 6.40 40.26
N TYR J 505 11.66 6.24 41.48
CA TYR J 505 12.55 5.14 41.78
C TYR J 505 11.91 4.29 42.88
N GLU J 506 12.39 3.07 43.05
CA GLU J 506 11.86 2.16 44.06
C GLU J 506 12.47 2.44 45.44
N CYS J 507 11.65 2.87 46.39
CA CYS J 507 12.08 2.97 47.78
C CYS J 507 11.28 1.97 48.62
N ASN J 508 11.99 1.14 49.39
CA ASN J 508 11.37 0.19 50.34
C ASN J 508 11.23 0.77 51.78
N ASP J 509 10.92 2.05 51.86
CA ASP J 509 10.88 2.76 53.13
C ASP J 509 9.52 2.55 53.72
N TYR J 510 9.40 1.65 54.69
CA TYR J 510 8.20 1.61 55.53
C TYR J 510 8.37 2.78 56.46
N SER J 511 7.28 3.30 57.04
CA SER J 511 7.40 4.36 58.06
C SER J 511 8.35 5.54 57.69
N THR J 512 7.92 6.43 56.80
CA THR J 512 8.77 7.53 56.33
C THR J 512 7.87 8.66 55.84
N LYS J 513 8.34 9.90 55.97
CA LYS J 513 7.60 11.03 55.44
C LYS J 513 7.79 11.06 53.95
N LEU J 514 6.73 11.42 53.23
CA LEU J 514 6.82 11.55 51.80
C LEU J 514 7.95 12.53 51.43
N SER J 515 8.74 12.21 50.41
CA SER J 515 9.68 13.18 49.86
C SER J 515 8.83 14.30 49.29
N ASP J 516 9.45 15.42 48.96
CA ASP J 516 8.67 16.54 48.46
C ASP J 516 7.84 16.13 47.24
N ILE J 517 6.70 16.78 47.08
CA ILE J 517 5.74 16.50 46.02
C ILE J 517 6.04 17.30 44.74
N THR J 518 6.91 18.30 44.86
CA THR J 518 7.32 19.15 43.75
C THR J 518 8.83 19.05 43.53
N SER J 519 9.39 17.89 43.82
CA SER J 519 10.82 17.68 43.64
C SER J 519 11.11 18.03 42.18
N MET J 520 10.29 17.48 41.30
CA MET J 520 10.55 17.49 39.86
C MET J 520 10.06 18.76 39.15
N SER J 521 10.34 18.82 37.86
CA SER J 521 10.01 19.96 37.03
C SER J 521 8.78 19.69 36.13
N ILE J 522 8.53 18.42 35.82
CA ILE J 522 7.47 18.04 34.89
C ILE J 522 6.36 17.25 35.59
N CYS J 523 6.75 16.28 36.40
CA CYS J 523 5.78 15.45 37.10
C CYS J 523 6.45 14.70 38.24
N ASN J 524 5.65 14.38 39.26
CA ASN J 524 6.11 13.61 40.40
C ASN J 524 5.29 12.35 40.54
N TRP J 525 5.93 11.24 40.83
CA TRP J 525 5.22 9.98 40.95
C TRP J 525 5.04 9.95 42.45
N VAL J 526 4.01 9.25 42.91
CA VAL J 526 3.80 9.11 44.34
C VAL J 526 2.88 7.90 44.59
N GLN J 527 3.44 6.91 45.27
CA GLN J 527 2.77 5.66 45.50
C GLN J 527 3.03 5.20 46.96
N PHE J 528 1.97 5.08 47.77
CA PHE J 528 2.15 4.66 49.18
C PHE J 528 0.99 3.94 49.91
N LYS J 529 1.39 2.91 50.66
CA LYS J 529 0.50 2.05 51.44
C LYS J 529 0.16 2.85 52.70
N GLY J 530 -0.86 2.42 53.45
CA GLY J 530 -1.20 3.04 54.73
C GLY J 530 -0.07 3.18 55.76
N ILE J 531 -0.27 3.88 56.89
CA ILE J 531 -1.57 4.45 57.29
C ILE J 531 -1.60 5.97 57.56
N TRP J 532 -2.63 6.59 56.97
CA TRP J 532 -2.80 8.03 56.93
C TRP J 532 -4.25 8.43 56.78
N THR J 533 -4.57 9.61 57.27
CA THR J 533 -5.83 10.26 56.96
C THR J 533 -5.54 11.72 56.68
N LEU J 534 -6.34 12.29 55.78
CA LEU J 534 -6.27 13.71 55.52
C LEU J 534 -7.31 14.43 56.35
N PRO J 535 -6.94 15.58 56.94
CA PRO J 535 -7.88 16.33 57.77
C PRO J 535 -9.25 16.64 57.10
N ASN J 536 -10.30 16.02 57.64
CA ASN J 536 -11.69 16.43 57.40
C ASN J 536 -12.13 15.96 56.04
N VAL J 537 -12.06 14.66 55.83
CA VAL J 537 -12.45 14.11 54.55
C VAL J 537 -13.40 12.95 54.78
N ASP J 538 -14.49 12.94 54.00
CA ASP J 538 -15.49 11.89 54.08
C ASP J 538 -14.80 10.55 54.08
N THR J 539 -14.96 9.80 55.17
CA THR J 539 -14.27 8.52 55.34
C THR J 539 -14.37 7.61 54.12
N GLY J 540 -15.46 7.70 53.37
CA GLY J 540 -15.61 6.96 52.12
C GLY J 540 -14.57 7.38 51.12
N HIS J 541 -14.49 8.70 50.87
CA HIS J 541 -13.51 9.27 49.95
C HIS J 541 -12.07 8.99 50.34
N MET J 542 -11.83 8.87 51.65
CA MET J 542 -10.51 8.50 52.13
C MET J 542 -10.15 7.10 51.63
N ASN J 543 -11.00 6.11 51.90
CA ASN J 543 -10.79 4.75 51.42
C ASN J 543 -10.35 4.72 49.95
N MET J 544 -10.80 5.70 49.17
CA MET J 544 -10.37 5.82 47.79
C MET J 544 -8.96 6.35 47.70
N LEU J 545 -8.75 7.55 48.22
CA LEU J 545 -7.40 8.12 48.22
C LEU J 545 -6.35 7.14 48.75
N ARG J 546 -6.64 6.50 49.87
CA ARG J 546 -5.67 5.61 50.53
C ARG J 546 -5.23 4.51 49.60
N ALA J 547 -6.18 4.04 48.77
CA ALA J 547 -5.97 2.89 47.87
C ALA J 547 -5.63 3.30 46.44
N LEU J 548 -5.98 4.52 46.07
CA LEU J 548 -5.65 5.02 44.75
C LEU J 548 -4.14 5.30 44.75
N PHE J 549 -3.64 5.77 45.89
CA PHE J 549 -2.21 6.03 46.04
C PHE J 549 -1.40 4.77 46.31
N GLU J 550 -2.02 3.73 46.86
CA GLU J 550 -1.32 2.46 47.00
C GLU J 550 -0.86 1.99 45.61
N ALA J 551 -1.63 2.34 44.59
CA ALA J 551 -1.31 1.96 43.23
C ALA J 551 -0.70 3.12 42.42
N GLY J 552 -0.21 4.14 43.12
CA GLY J 552 0.55 5.20 42.49
C GLY J 552 -0.30 6.19 41.74
N VAL J 553 0.18 7.42 41.66
CA VAL J 553 -0.51 8.51 41.00
C VAL J 553 0.49 9.51 40.44
N ARG J 554 0.38 9.86 39.15
CA ARG J 554 1.32 10.82 38.60
C ARG J 554 0.79 12.23 38.79
N LEU J 555 1.61 13.03 39.47
CA LEU J 555 1.32 14.43 39.73
C LEU J 555 2.05 15.33 38.74
N TRP J 556 1.36 15.69 37.68
CA TRP J 556 1.92 16.59 36.70
C TRP J 556 1.91 18.01 37.24
N HIS J 557 2.81 18.84 36.74
CA HIS J 557 2.91 20.20 37.26
C HIS J 557 2.39 21.25 36.28
N LYS J 558 2.53 21.01 34.99
CA LYS J 558 1.96 21.89 33.98
C LYS J 558 1.02 21.09 33.07
N GLU J 559 -0.10 21.69 32.66
CA GLU J 559 -1.01 20.99 31.76
C GLU J 559 -0.34 20.73 30.41
N SER J 560 0.40 21.70 29.91
CA SER J 560 1.12 21.54 28.65
C SER J 560 1.97 20.28 28.64
N ASP J 561 2.57 19.95 29.77
CA ASP J 561 3.42 18.76 29.88
C ASP J 561 2.63 17.45 29.74
N MET J 562 1.32 17.52 29.93
CA MET J 562 0.46 16.35 29.79
C MET J 562 0.15 15.97 28.32
N ILE J 563 0.39 16.90 27.40
CA ILE J 563 0.16 16.64 25.97
C ILE J 563 1.32 17.12 25.10
N ASN J 564 2.52 17.00 25.64
CA ASN J 564 3.73 17.10 24.83
C ASN J 564 4.75 16.08 25.33
N ASN J 565 5.70 15.69 24.48
CA ASN J 565 6.63 14.61 24.82
C ASN J 565 7.76 15.09 25.71
N THR J 566 7.42 15.78 26.80
CA THR J 566 8.36 16.52 27.62
C THR J 566 8.92 15.71 28.79
N VAL J 567 8.36 14.54 29.05
CA VAL J 567 8.67 13.83 30.29
C VAL J 567 10.12 13.37 30.26
N VAL J 568 10.68 13.26 29.06
CA VAL J 568 12.05 12.83 28.89
C VAL J 568 12.99 13.82 29.58
N ASN J 569 12.56 15.08 29.69
CA ASN J 569 13.34 16.15 30.35
C ASN J 569 12.88 16.48 31.78
N ASN J 570 12.23 15.55 32.45
CA ASN J 570 11.96 15.71 33.87
C ASN J 570 13.29 15.79 34.60
N VAL J 571 13.34 16.52 35.72
CA VAL J 571 14.59 16.78 36.43
C VAL J 571 14.34 17.51 37.77
N ILE J 572 15.31 17.42 38.68
CA ILE J 572 15.14 17.94 40.04
C ILE J 572 15.37 19.45 40.01
N ILE J 573 16.00 20.03 41.03
CA ILE J 573 16.34 21.45 41.05
C ILE J 573 17.50 21.70 42.02
N LEU K 3 -31.18 2.90 73.44
CA LEU K 3 -30.58 2.06 74.48
C LEU K 3 -29.05 2.21 74.52
N SER K 4 -28.51 3.30 73.97
CA SER K 4 -27.03 3.41 73.87
C SER K 4 -26.49 4.79 73.49
N LYS K 5 -25.48 5.23 74.24
CA LYS K 5 -24.82 6.52 74.01
C LYS K 5 -23.61 6.35 73.08
N ILE K 6 -23.44 7.30 72.15
CA ILE K 6 -22.46 7.19 71.06
C ILE K 6 -21.57 8.42 70.88
N LYS K 7 -20.25 8.22 70.88
CA LYS K 7 -19.31 9.25 70.44
C LYS K 7 -18.99 9.01 68.95
N LEU K 8 -18.57 10.05 68.23
CA LEU K 8 -18.25 9.93 66.79
C LEU K 8 -16.89 10.53 66.34
N PHE K 9 -15.79 9.91 66.74
CA PHE K 9 -14.45 10.52 66.65
C PHE K 9 -14.00 10.98 65.26
N TYR K 10 -13.38 12.17 65.23
CA TYR K 10 -13.00 12.84 63.98
C TYR K 10 -11.52 12.65 63.66
N ASN K 11 -11.21 12.55 62.36
CA ASN K 11 -9.84 12.41 61.85
C ASN K 11 -8.94 11.53 62.69
N THR K 12 -9.34 10.27 62.82
CA THR K 12 -8.66 9.35 63.70
C THR K 12 -7.54 8.65 62.91
N PRO K 13 -6.51 8.13 63.61
CA PRO K 13 -5.46 7.33 62.93
C PRO K 13 -5.88 5.90 62.57
N PHE K 14 -6.74 5.31 63.40
CA PHE K 14 -7.35 3.97 63.21
C PHE K 14 -8.28 3.83 61.99
N ASN K 15 -7.69 3.48 60.86
CA ASN K 15 -8.46 3.22 59.67
C ASN K 15 -7.93 2.08 58.82
N ASN K 16 -6.70 1.63 59.09
CA ASN K 16 -6.28 0.30 58.66
C ASN K 16 -6.98 -0.65 59.59
N MET K 17 -7.52 -1.74 59.03
CA MET K 17 -8.40 -2.63 59.80
C MET K 17 -7.49 -3.68 60.43
N GLN K 18 -6.34 -3.23 60.97
CA GLN K 18 -5.13 -4.07 61.15
C GLN K 18 -3.91 -3.35 61.81
N ASN K 19 -3.92 -2.01 61.82
CA ASN K 19 -3.10 -1.21 62.74
C ASN K 19 -3.94 -0.62 63.88
N THR K 20 -3.53 -0.92 65.10
CA THR K 20 -4.31 -0.56 66.28
C THR K 20 -3.40 0.14 67.28
N LEU K 21 -4.01 0.64 68.35
CA LEU K 21 -3.29 1.12 69.51
C LEU K 21 -3.59 0.18 70.67
N HIS K 22 -2.69 0.15 71.64
CA HIS K 22 -2.78 -0.80 72.74
C HIS K 22 -2.51 -0.16 74.06
N PHE K 23 -3.41 -0.43 75.00
CA PHE K 23 -3.41 0.15 76.33
C PHE K 23 -3.28 -0.96 77.36
N ASN K 24 -2.55 -0.68 78.44
CA ASN K 24 -2.30 -1.67 79.49
C ASN K 24 -3.59 -2.28 80.05
N SER K 25 -4.71 -1.58 79.87
CA SER K 25 -5.98 -2.05 80.40
C SER K 25 -7.15 -1.27 79.80
N ASN K 26 -8.31 -1.93 79.76
CA ASN K 26 -9.49 -1.39 79.10
C ASN K 26 -9.80 0.05 79.49
N GLU K 27 -10.26 0.24 80.71
CA GLU K 27 -10.77 1.57 81.09
C GLU K 27 -9.70 2.66 81.08
N GLU K 28 -8.45 2.28 80.83
CA GLU K 28 -7.38 3.24 80.59
C GLU K 28 -7.45 3.79 79.14
N ARG K 29 -8.02 2.97 78.25
CA ARG K 29 -8.31 3.39 76.88
C ARG K 29 -9.67 4.07 76.77
N ASP K 30 -10.63 3.69 77.59
CA ASP K 30 -11.88 4.42 77.61
C ASP K 30 -11.60 5.78 78.16
N ALA K 31 -10.67 5.86 79.11
CA ALA K 31 -10.24 7.14 79.65
C ALA K 31 -9.58 7.97 78.56
N TYR K 32 -8.74 7.33 77.76
CA TYR K 32 -8.13 7.99 76.63
C TYR K 32 -9.21 8.55 75.69
N PHE K 33 -9.98 7.65 75.08
CA PHE K 33 -10.97 8.01 74.08
C PHE K 33 -11.98 9.02 74.59
N ASN K 34 -12.52 8.78 75.78
CA ASN K 34 -13.52 9.70 76.36
C ASN K 34 -13.00 11.11 76.61
N SER K 35 -11.86 11.49 76.01
CA SER K 35 -11.25 12.76 76.32
C SER K 35 -10.31 13.14 75.19
N LYS K 36 -10.88 13.49 74.03
CA LYS K 36 -10.09 14.12 73.00
C LYS K 36 -10.87 14.91 71.94
N PHE K 37 -12.18 15.06 72.10
CA PHE K 37 -13.04 15.33 70.93
C PHE K 37 -12.87 16.70 70.26
N ASP K 38 -13.24 16.73 68.98
CA ASP K 38 -13.24 17.92 68.12
C ASP K 38 -14.62 18.63 67.88
N VAL K 39 -15.66 17.96 67.36
CA VAL K 39 -17.00 18.63 67.30
C VAL K 39 -18.36 17.82 67.29
N HIS K 40 -18.50 16.68 68.00
CA HIS K 40 -19.77 15.88 67.99
C HIS K 40 -19.91 14.54 68.78
N GLU K 41 -20.88 14.50 69.69
CA GLU K 41 -21.33 13.26 70.36
C GLU K 41 -22.88 13.29 70.51
N PHE K 42 -23.53 12.13 70.55
CA PHE K 42 -25.00 12.08 70.62
C PHE K 42 -25.55 10.81 71.29
N THR K 43 -26.84 10.51 71.08
CA THR K 43 -27.47 9.30 71.63
C THR K 43 -28.58 8.76 70.70
N SER K 44 -28.57 7.45 70.50
CA SER K 44 -29.56 6.81 69.66
C SER K 44 -29.57 5.31 70.01
N THR K 45 -29.86 4.45 69.03
CA THR K 45 -29.64 3.01 69.17
C THR K 45 -29.50 2.42 67.77
N PHE K 46 -29.03 1.18 67.69
CA PHE K 46 -28.66 0.62 66.40
C PHE K 46 -28.71 -0.91 66.32
N ASN K 47 -28.82 -1.38 65.08
CA ASN K 47 -29.09 -2.78 64.78
C ASN K 47 -27.76 -3.54 64.59
N TYR K 48 -27.81 -4.80 64.18
CA TYR K 48 -26.58 -5.57 64.02
C TYR K 48 -26.81 -6.88 63.24
N ARG K 49 -25.78 -7.34 62.55
CA ARG K 49 -25.84 -8.59 61.79
C ARG K 49 -24.47 -8.95 61.22
N GLY K 53 -19.80 -7.39 62.08
CA GLY K 53 -20.35 -6.50 61.08
C GLY K 53 -21.39 -7.20 60.22
N VAL K 54 -22.02 -6.54 59.25
CA VAL K 54 -21.90 -5.10 58.99
C VAL K 54 -23.26 -4.49 59.30
N LEU K 55 -23.28 -3.23 59.72
CA LEU K 55 -24.52 -2.62 60.21
C LEU K 55 -24.54 -1.10 60.08
N ARG K 56 -25.72 -0.52 60.27
CA ARG K 56 -25.94 0.92 60.09
C ARG K 56 -26.49 1.64 61.33
N VAL K 57 -26.19 2.93 61.44
CA VAL K 57 -26.78 3.80 62.47
C VAL K 57 -27.14 5.16 61.87
N THR K 58 -28.42 5.52 61.92
CA THR K 58 -28.88 6.81 61.42
C THR K 58 -28.51 7.89 62.45
N ILE K 59 -28.30 9.11 61.96
CA ILE K 59 -27.97 10.23 62.83
C ILE K 59 -28.30 11.55 62.13
N ASP K 60 -28.54 12.60 62.91
CA ASP K 60 -28.92 13.90 62.33
C ASP K 60 -28.31 15.13 62.98
N LEU K 61 -28.43 16.24 62.26
CA LEU K 61 -27.82 17.52 62.64
C LEU K 61 -28.80 18.68 62.41
N VAL K 62 -29.49 19.09 63.49
CA VAL K 62 -30.56 20.08 63.37
C VAL K 62 -29.97 21.49 63.23
N SER K 63 -28.74 21.69 63.71
CA SER K 63 -28.08 23.00 63.66
C SER K 63 -27.25 23.15 62.39
N ASP K 64 -27.82 23.81 61.37
CA ASP K 64 -27.09 23.96 60.13
C ASP K 64 -27.35 25.24 59.31
N ARG K 65 -26.34 25.53 58.51
CA ARG K 65 -26.28 26.68 57.61
C ARG K 65 -25.38 26.27 56.43
N SER K 66 -24.28 25.58 56.75
CA SER K 66 -23.41 24.95 55.77
C SER K 66 -22.90 23.58 56.26
N CYS K 67 -23.77 22.79 56.89
CA CYS K 67 -23.40 21.45 57.40
C CYS K 67 -24.12 20.36 56.59
N PHE K 68 -25.40 20.13 56.89
CA PHE K 68 -26.17 19.07 56.24
C PHE K 68 -25.48 17.68 56.44
N GLU K 69 -24.80 17.14 55.42
CA GLU K 69 -23.90 16.03 55.68
C GLU K 69 -22.67 16.58 56.40
N GLN K 70 -21.68 17.00 55.63
CA GLN K 70 -20.42 17.63 56.07
C GLN K 70 -20.14 17.67 57.59
N LEU K 71 -20.39 16.53 58.25
CA LEU K 71 -19.75 16.18 59.48
C LEU K 71 -18.38 15.61 59.04
N MET K 72 -18.34 15.06 57.82
CA MET K 72 -17.10 14.85 57.09
C MET K 72 -16.10 13.90 57.78
N GLY K 73 -15.08 14.43 58.46
CA GLY K 73 -13.86 13.68 58.76
C GLY K 73 -13.97 12.49 59.71
N VAL K 74 -15.16 12.24 60.26
CA VAL K 74 -15.44 11.06 61.10
C VAL K 74 -15.12 9.72 60.45
N ASN K 75 -14.38 8.88 61.16
CA ASN K 75 -14.03 7.55 60.66
C ASN K 75 -13.95 6.46 61.71
N TYR K 76 -14.33 6.77 62.95
CA TYR K 76 -14.19 5.84 64.05
C TYR K 76 -15.18 6.30 65.10
N CYS K 77 -15.69 5.37 65.90
CA CYS K 77 -16.70 5.73 66.87
C CYS K 77 -16.73 4.78 68.06
N GLN K 78 -17.22 5.30 69.18
CA GLN K 78 -17.44 4.52 70.37
C GLN K 78 -18.93 4.39 70.58
N VAL K 79 -19.32 3.22 71.04
CA VAL K 79 -20.66 3.01 71.50
C VAL K 79 -20.53 2.41 72.88
N GLN K 80 -21.36 2.87 73.82
CA GLN K 80 -21.55 2.14 75.06
C GLN K 80 -23.02 1.95 75.34
N TYR K 81 -23.41 0.68 75.44
CA TYR K 81 -24.80 0.32 75.68
C TYR K 81 -25.12 0.59 77.13
N ILE K 82 -26.31 1.13 77.39
CA ILE K 82 -26.80 1.37 78.74
C ILE K 82 -28.25 0.90 78.76
N GLN K 83 -28.72 0.21 79.81
CA GLN K 83 -27.88 -0.26 80.91
C GLN K 83 -27.29 -1.59 80.50
N SER K 84 -26.02 -1.76 80.84
CA SER K 84 -25.13 -2.77 80.29
C SER K 84 -23.75 -2.17 80.55
N ASN K 85 -23.63 -0.89 80.17
CA ASN K 85 -22.40 -0.12 80.34
C ASN K 85 -21.16 -0.80 79.77
N ARG K 86 -21.36 -1.66 78.79
CA ARG K 86 -20.26 -2.30 78.08
C ARG K 86 -19.92 -1.43 76.88
N VAL K 87 -18.64 -1.37 76.56
CA VAL K 87 -18.18 -0.50 75.48
C VAL K 87 -17.68 -1.37 74.32
N GLU K 88 -17.83 -0.82 73.11
CA GLU K 88 -17.44 -1.48 71.88
C GLU K 88 -17.15 -0.41 70.83
N TYR K 89 -15.99 -0.51 70.19
CA TYR K 89 -15.57 0.45 69.18
C TYR K 89 -15.73 -0.13 67.79
N LEU K 90 -16.01 0.77 66.84
CA LEU K 90 -16.26 0.39 65.45
C LEU K 90 -15.63 1.41 64.51
N PHE K 91 -15.27 0.94 63.32
CA PHE K 91 -14.88 1.83 62.25
C PHE K 91 -16.15 2.31 61.58
N VAL K 92 -16.19 3.56 61.16
CA VAL K 92 -17.28 4.05 60.32
C VAL K 92 -16.73 4.04 58.89
N THR K 93 -17.38 3.24 58.03
CA THR K 93 -16.86 2.89 56.71
C THR K 93 -17.29 3.88 55.65
N ASP K 94 -18.52 4.36 55.75
CA ASP K 94 -19.06 5.30 54.79
C ASP K 94 -20.19 6.09 55.41
N ILE K 95 -20.33 7.34 54.98
CA ILE K 95 -21.41 8.20 55.42
C ILE K 95 -22.30 8.61 54.24
N GLN K 96 -23.19 7.71 53.84
CA GLN K 96 -24.16 8.02 52.81
C GLN K 96 -25.18 8.98 53.44
N GLN K 97 -25.52 10.03 52.72
CA GLN K 97 -26.46 11.02 53.23
C GLN K 97 -27.86 10.70 52.72
N LEU K 98 -28.89 11.20 53.42
CA LEU K 98 -30.30 11.00 53.02
C LEU K 98 -31.00 12.30 52.65
N ASN K 99 -30.96 13.27 53.56
CA ASN K 99 -31.54 14.60 53.29
C ASN K 99 -30.63 15.69 53.86
N ASP K 100 -31.05 16.95 53.70
CA ASP K 100 -30.20 18.10 54.07
C ASP K 100 -29.89 18.23 55.58
N LYS K 101 -30.09 17.17 56.36
CA LYS K 101 -29.44 17.09 57.69
C LYS K 101 -29.30 15.70 58.35
N VAL K 102 -29.98 14.68 57.84
CA VAL K 102 -29.96 13.35 58.43
C VAL K 102 -29.14 12.39 57.56
N CYS K 103 -27.86 12.23 57.88
CA CYS K 103 -26.97 11.34 57.14
C CYS K 103 -26.85 9.98 57.85
N GLU K 104 -26.72 8.91 57.07
CA GLU K 104 -26.72 7.54 57.61
C GLU K 104 -25.34 6.89 57.57
N LEU K 105 -24.92 6.36 58.71
CA LEU K 105 -23.58 5.80 58.85
C LEU K 105 -23.57 4.29 58.78
N SER K 106 -22.66 3.74 58.00
CA SER K 106 -22.41 2.31 58.00
C SER K 106 -21.20 2.05 58.87
N LEU K 107 -21.19 0.92 59.57
CA LEU K 107 -20.20 0.63 60.61
C LEU K 107 -19.70 -0.80 60.56
N VAL K 108 -18.55 -1.03 61.16
CA VAL K 108 -18.00 -2.36 61.23
C VAL K 108 -17.09 -2.48 62.45
N PRO K 109 -17.25 -3.55 63.25
CA PRO K 109 -16.62 -3.55 64.57
C PRO K 109 -15.10 -3.63 64.57
N ASP K 110 -14.48 -2.79 65.39
CA ASP K 110 -13.03 -2.82 65.52
C ASP K 110 -12.76 -3.78 66.64
N VAL K 111 -13.00 -5.05 66.34
CA VAL K 111 -12.78 -6.13 67.28
C VAL K 111 -11.39 -6.07 67.92
N VAL K 112 -10.41 -5.54 67.20
CA VAL K 112 -9.03 -5.53 67.70
C VAL K 112 -8.86 -4.57 68.88
N MET K 113 -9.60 -3.46 68.86
CA MET K 113 -9.55 -2.48 69.95
C MET K 113 -10.48 -2.88 71.09
N THR K 114 -11.58 -3.54 70.76
CA THR K 114 -12.64 -3.83 71.73
C THR K 114 -12.19 -4.88 72.77
N TYR K 115 -11.69 -6.01 72.29
CA TYR K 115 -11.50 -7.19 73.14
C TYR K 115 -10.06 -7.49 73.57
N THR K 116 -9.10 -7.07 72.76
CA THR K 116 -7.71 -7.51 72.95
C THR K 116 -6.96 -6.69 73.99
N GLN K 117 -7.62 -5.68 74.55
CA GLN K 117 -6.94 -4.69 75.38
C GLN K 117 -6.27 -5.31 76.59
N GLY K 118 -5.09 -4.80 76.90
CA GLY K 118 -4.36 -5.23 78.08
C GLY K 118 -3.59 -6.51 77.87
N ASN K 119 -3.37 -7.20 78.99
CA ASN K 119 -2.49 -8.37 79.03
C ASN K 119 -3.23 -9.66 78.75
N VAL K 120 -3.99 -9.69 77.66
CA VAL K 120 -4.85 -10.83 77.36
C VAL K 120 -4.13 -11.87 76.54
N LEU K 121 -3.75 -11.46 75.34
CA LEU K 121 -3.20 -12.36 74.34
C LEU K 121 -1.97 -13.14 74.83
N ASN K 122 -1.30 -12.62 75.87
CA ASN K 122 -0.16 -13.30 76.47
C ASN K 122 -0.57 -14.56 77.22
N THR K 123 -1.80 -14.57 77.72
CA THR K 123 -2.33 -15.73 78.44
C THR K 123 -2.53 -16.92 77.51
N LEU K 124 -2.71 -16.67 76.21
CA LEU K 124 -2.97 -17.71 75.22
C LEU K 124 -1.85 -18.74 75.08
N ASN K 125 -2.22 -20.02 75.20
CA ASN K 125 -1.27 -21.11 75.05
C ASN K 125 -1.60 -21.97 73.85
N ASN K 126 -0.58 -22.67 73.37
CA ASN K 126 -0.71 -23.63 72.29
C ASN K 126 -1.30 -22.99 71.04
N VAL K 127 -0.83 -21.80 70.71
CA VAL K 127 -1.22 -21.17 69.45
C VAL K 127 -0.03 -21.16 68.51
N ASN K 128 -0.26 -21.56 67.27
CA ASN K 128 0.77 -21.45 66.24
C ASN K 128 0.92 -19.99 65.88
N VAL K 129 2.06 -19.40 66.24
CA VAL K 129 2.36 -18.02 65.89
C VAL K 129 3.13 -18.04 64.61
N ILE K 130 3.21 -16.87 63.98
CA ILE K 130 3.87 -16.74 62.71
C ILE K 130 4.98 -15.73 62.83
N ARG K 131 4.59 -14.52 63.19
CA ARG K 131 5.53 -13.45 63.33
C ARG K 131 5.12 -12.67 64.53
N GLN K 132 6.09 -12.40 65.42
CA GLN K 132 5.88 -11.45 66.50
C GLN K 132 7.15 -10.67 66.79
N HIS K 133 7.09 -9.90 67.85
CA HIS K 133 8.24 -9.19 68.35
C HIS K 133 8.71 -9.91 69.64
N TYR K 134 10.02 -9.93 69.89
CA TYR K 134 10.62 -10.80 70.91
C TYR K 134 11.02 -10.10 72.17
N THR K 135 10.89 -10.80 73.29
CA THR K 135 11.42 -10.30 74.55
C THR K 135 12.92 -10.49 74.43
N GLN K 136 13.71 -9.82 75.27
CA GLN K 136 15.16 -9.91 75.15
C GLN K 136 15.63 -11.35 75.31
N THR K 137 14.98 -12.09 76.22
CA THR K 137 15.35 -13.48 76.44
C THR K 137 15.09 -14.31 75.21
N GLU K 138 13.85 -14.24 74.73
CA GLU K 138 13.43 -15.04 73.59
C GLU K 138 14.19 -14.63 72.34
N TYR K 139 14.55 -13.34 72.29
CA TYR K 139 15.37 -12.82 71.21
C TYR K 139 16.65 -13.65 71.12
N GLU K 140 17.42 -13.67 72.20
CA GLU K 140 18.67 -14.43 72.23
C GLU K 140 18.49 -15.90 71.80
N GLN K 141 17.29 -16.46 71.98
CA GLN K 141 17.02 -17.86 71.64
C GLN K 141 16.78 -18.07 70.15
N ASN K 142 15.75 -17.41 69.62
CA ASN K 142 15.54 -17.40 68.18
C ASN K 142 16.49 -16.40 67.49
N LEU K 143 17.77 -16.31 67.91
CA LEU K 143 18.71 -15.32 67.33
C LEU K 143 19.51 -15.93 66.19
N GLU K 144 20.11 -17.08 66.43
CA GLU K 144 20.86 -17.79 65.40
C GLU K 144 19.95 -17.98 64.20
N GLN K 145 18.67 -18.28 64.46
CA GLN K 145 17.68 -18.30 63.38
C GLN K 145 17.71 -16.97 62.66
N ILE K 146 17.27 -15.89 63.31
CA ILE K 146 17.01 -14.62 62.62
C ILE K 146 18.21 -14.06 61.79
N ARG K 147 19.42 -14.52 62.11
CA ARG K 147 20.63 -14.12 61.37
C ARG K 147 20.92 -15.05 60.19
N SER K 148 20.38 -16.27 60.22
CA SER K 148 20.57 -17.24 59.14
C SER K 148 19.38 -17.42 58.17
N ASN K 149 18.14 -17.26 58.65
CA ASN K 149 16.97 -17.47 57.78
C ASN K 149 16.90 -16.43 56.64
N ASN K 150 16.07 -16.70 55.64
CA ASN K 150 15.96 -15.83 54.47
C ASN K 150 14.86 -14.81 54.62
N ASP K 151 14.42 -14.63 55.85
CA ASP K 151 13.46 -13.61 56.20
C ASP K 151 14.18 -12.28 56.36
N VAL K 152 14.47 -11.60 55.25
CA VAL K 152 15.06 -10.25 55.26
C VAL K 152 14.64 -9.46 54.02
N LEU K 153 14.66 -8.13 54.14
CA LEU K 153 14.22 -7.26 53.05
C LEU K 153 15.19 -7.24 51.83
N ALA K 154 14.62 -7.13 50.63
CA ALA K 154 15.38 -6.94 49.40
C ALA K 154 16.50 -5.92 49.56
N THR K 155 17.75 -6.36 49.39
CA THR K 155 18.90 -5.48 49.61
C THR K 155 19.93 -5.67 48.52
N SER K 156 20.54 -4.58 48.07
CA SER K 156 21.37 -4.61 46.86
C SER K 156 22.63 -3.74 46.86
N THR K 157 22.92 -3.06 47.95
CA THR K 157 23.85 -1.93 47.89
C THR K 157 25.03 -2.09 48.84
N MET K 158 25.66 -3.26 48.79
CA MET K 158 26.86 -3.49 49.56
C MET K 158 28.05 -2.72 48.96
N ARG K 159 28.89 -2.20 49.83
CA ARG K 159 30.08 -1.45 49.44
C ARG K 159 31.19 -1.73 50.46
N VAL K 160 32.45 -1.59 50.07
CA VAL K 160 33.55 -1.76 51.02
C VAL K 160 33.51 -0.59 51.97
N HIS K 161 33.00 -0.85 53.17
CA HIS K 161 32.60 0.18 54.08
C HIS K 161 33.79 0.67 54.87
N ALA K 162 34.61 -0.28 55.30
CA ALA K 162 35.77 0.01 56.12
C ALA K 162 36.88 -1.01 55.87
N ILE K 163 38.14 -0.63 56.10
CA ILE K 163 39.25 -1.57 56.04
C ILE K 163 40.17 -1.44 57.26
N LYS K 164 40.44 -2.58 57.89
CA LYS K 164 41.47 -2.69 58.92
C LYS K 164 42.47 -3.70 58.41
N SER K 165 43.73 -3.55 58.82
CA SER K 165 44.79 -4.43 58.32
C SER K 165 45.95 -4.53 59.29
N GLU K 166 46.42 -5.76 59.49
CA GLU K 166 47.62 -6.01 60.28
C GLU K 166 48.81 -6.03 59.33
N LEU K 167 49.48 -4.88 59.24
CA LEU K 167 50.56 -4.68 58.30
C LEU K 167 51.87 -5.26 58.79
N PHE K 168 52.60 -5.90 57.88
CA PHE K 168 53.94 -6.38 58.20
C PHE K 168 54.96 -5.29 58.00
N THR K 169 55.35 -4.74 59.14
CA THR K 169 56.00 -3.45 59.17
C THR K 169 57.48 -3.64 59.12
N GLN K 170 58.00 -4.61 59.89
CA GLN K 170 59.42 -4.94 59.92
C GLN K 170 59.60 -6.40 59.57
N LEU K 171 60.81 -6.77 59.17
CA LEU K 171 61.08 -8.13 58.70
C LEU K 171 62.23 -8.82 59.43
N GLU K 172 62.28 -10.13 59.25
CA GLU K 172 63.30 -10.99 59.85
C GLU K 172 63.76 -11.96 58.75
N TYR K 173 64.90 -12.63 58.95
CA TYR K 173 65.50 -13.48 57.91
C TYR K 173 66.06 -14.79 58.47
N ILE K 174 65.72 -15.91 57.80
CA ILE K 174 66.39 -17.20 58.05
C ILE K 174 67.43 -17.46 56.95
N LEU K 175 68.69 -17.55 57.35
CA LEU K 175 69.75 -17.94 56.45
C LEU K 175 69.95 -19.42 56.70
N THR K 176 69.43 -20.23 55.78
CA THR K 176 69.40 -21.68 55.96
C THR K 176 70.39 -22.34 55.01
N ILE K 177 71.53 -22.77 55.57
CA ILE K 177 72.64 -23.36 54.81
C ILE K 177 73.07 -24.70 55.41
N GLY K 178 73.78 -25.48 54.59
CA GLY K 178 74.14 -26.84 54.93
C GLY K 178 75.59 -26.96 55.33
N ALA K 179 76.00 -26.12 56.27
CA ALA K 179 77.37 -26.06 56.73
C ALA K 179 77.36 -25.36 58.06
N ASN K 180 78.15 -25.85 59.00
CA ASN K 180 78.22 -25.23 60.31
C ASN K 180 79.00 -23.92 60.27
N LEU K 181 78.32 -22.81 60.02
CA LEU K 181 78.92 -21.47 59.99
C LEU K 181 79.82 -21.05 61.15
N ARG K 182 79.75 -21.74 62.29
CA ARG K 182 80.48 -21.29 63.50
C ARG K 182 81.68 -22.21 63.94
N LYS K 183 82.32 -22.87 62.96
CA LYS K 183 83.65 -23.48 63.17
C LYS K 183 84.54 -23.36 61.90
N SER K 184 85.77 -23.84 61.97
CA SER K 184 86.81 -23.50 60.98
C SER K 184 86.52 -23.81 59.51
N PHE K 185 86.69 -22.80 58.64
CA PHE K 185 86.56 -22.97 57.18
C PHE K 185 87.91 -23.32 56.57
N GLY K 186 88.95 -22.64 57.02
CA GLY K 186 90.28 -22.81 56.46
C GLY K 186 90.62 -21.72 55.46
N THR K 187 91.44 -22.06 54.47
CA THR K 187 91.81 -21.14 53.40
C THR K 187 91.60 -21.77 52.04
N ALA K 188 91.91 -21.01 50.98
CA ALA K 188 91.72 -21.45 49.61
C ALA K 188 92.46 -22.76 49.32
N GLU K 189 93.72 -22.82 49.73
CA GLU K 189 94.57 -23.98 49.42
C GLU K 189 94.29 -25.16 50.34
N LYS K 190 93.93 -24.87 51.58
CA LYS K 190 93.52 -25.90 52.53
C LYS K 190 92.08 -25.63 52.97
N PRO K 191 91.10 -26.24 52.28
CA PRO K 191 89.70 -26.00 52.65
C PRO K 191 89.14 -27.03 53.63
N LYS K 192 88.29 -26.59 54.55
CA LYS K 192 87.56 -27.47 55.46
C LYS K 192 86.07 -27.21 55.27
N PHE K 193 85.26 -28.26 55.35
CA PHE K 193 83.81 -28.15 55.11
C PHE K 193 83.03 -28.68 56.32
N PRO K 194 82.84 -27.83 57.36
CA PRO K 194 82.12 -28.22 58.57
C PRO K 194 80.66 -28.62 58.32
N SER K 195 80.33 -29.89 58.55
CA SER K 195 78.98 -30.39 58.29
C SER K 195 77.95 -29.69 59.15
N SER K 196 76.77 -29.42 58.59
CA SER K 196 75.69 -28.75 59.29
C SER K 196 75.12 -29.62 60.39
N SER K 197 75.04 -29.07 61.60
CA SER K 197 74.54 -29.82 62.75
C SER K 197 73.06 -30.23 62.63
N GLY K 198 72.20 -29.31 62.23
CA GLY K 198 70.77 -29.55 62.23
C GLY K 198 70.10 -29.04 63.50
N SER K 199 68.97 -28.36 63.33
CA SER K 199 68.15 -27.87 64.43
C SER K 199 66.71 -28.37 64.24
N THR K 200 65.84 -28.11 65.22
CA THR K 200 64.46 -28.58 65.17
C THR K 200 63.46 -27.51 65.60
N HIS K 201 62.72 -26.96 64.62
CA HIS K 201 61.77 -25.87 64.89
C HIS K 201 60.37 -26.25 64.42
N ASP K 202 59.41 -25.96 65.28
CA ASP K 202 58.04 -26.34 65.04
C ASP K 202 57.97 -27.82 64.78
N GLY K 203 58.75 -28.60 65.51
CA GLY K 203 58.72 -30.04 65.41
C GLY K 203 59.08 -30.64 64.05
N ILE K 204 59.94 -29.94 63.30
CA ILE K 204 60.49 -30.51 62.06
C ILE K 204 62.00 -30.39 62.10
N TYR K 205 62.68 -31.55 62.07
CA TYR K 205 64.13 -31.56 62.07
C TYR K 205 64.64 -31.17 60.71
N ASN K 206 65.58 -30.24 60.74
CA ASN K 206 66.25 -29.74 59.56
C ASN K 206 67.65 -30.35 59.49
N PRO K 207 68.00 -31.02 58.38
CA PRO K 207 69.41 -31.43 58.29
C PRO K 207 70.35 -30.22 58.19
N TYR K 208 69.80 -29.05 57.88
CA TYR K 208 70.59 -27.84 57.72
C TYR K 208 70.64 -27.00 58.98
N ASP K 209 71.53 -26.02 58.98
CA ASP K 209 71.53 -25.02 60.04
C ASP K 209 70.63 -23.87 59.61
N MET K 210 69.81 -23.40 60.52
CA MET K 210 69.01 -22.20 60.31
C MET K 210 69.65 -21.06 61.10
N TYR K 211 70.04 -19.99 60.43
CA TYR K 211 70.66 -18.85 61.12
C TYR K 211 69.79 -17.60 61.08
N TRP K 212 69.60 -17.01 62.24
CA TRP K 212 68.64 -15.94 62.44
C TRP K 212 69.26 -14.57 62.19
N PHE K 213 68.44 -13.65 61.72
CA PHE K 213 68.82 -12.24 61.62
C PHE K 213 67.58 -11.40 61.76
N ASN K 214 67.65 -10.33 62.54
CA ASN K 214 66.54 -9.39 62.63
C ASN K 214 66.95 -7.98 62.22
N ASP K 215 68.08 -7.89 61.52
CA ASP K 215 68.53 -6.65 60.89
C ASP K 215 69.15 -7.00 59.53
N TYR K 216 68.81 -6.24 58.49
CA TYR K 216 69.35 -6.51 57.17
C TYR K 216 70.85 -6.41 57.23
N GLU K 217 71.34 -5.31 57.79
CA GLU K 217 72.77 -5.03 57.83
C GLU K 217 73.52 -6.20 58.44
N SER K 218 72.95 -6.79 59.49
CA SER K 218 73.54 -7.96 60.15
C SER K 218 73.73 -9.09 59.16
N LEU K 219 72.65 -9.41 58.43
CA LEU K 219 72.69 -10.44 57.40
C LEU K 219 73.64 -10.07 56.26
N LYS K 220 73.70 -8.78 55.93
CA LYS K 220 74.56 -8.32 54.83
C LYS K 220 76.01 -8.58 55.17
N GLU K 221 76.41 -8.21 56.39
CA GLU K 221 77.78 -8.36 56.85
C GLU K 221 78.27 -9.80 56.71
N VAL K 222 77.34 -10.74 56.94
CA VAL K 222 77.67 -12.16 56.87
C VAL K 222 77.56 -12.70 55.43
N MET K 223 76.63 -12.17 54.64
CA MET K 223 76.55 -12.56 53.26
C MET K 223 77.85 -12.13 52.56
N ASP K 224 78.42 -11.03 53.03
CA ASP K 224 79.68 -10.48 52.50
C ASP K 224 80.88 -11.29 52.96
N TYR K 225 80.95 -11.53 54.26
CA TYR K 225 82.00 -12.37 54.83
C TYR K 225 82.06 -13.69 54.07
N LEU K 226 80.89 -14.18 53.62
CA LEU K 226 80.81 -15.48 52.95
C LEU K 226 81.34 -15.50 51.52
N THR K 227 81.38 -14.34 50.85
CA THR K 227 81.94 -14.28 49.50
C THR K 227 83.39 -14.74 49.48
N GLY K 228 84.11 -14.53 50.58
CA GLY K 228 85.48 -15.00 50.70
C GLY K 228 85.63 -16.48 51.00
N TYR K 229 84.55 -17.25 50.89
CA TYR K 229 84.62 -18.69 51.08
C TYR K 229 83.61 -19.37 50.18
N PRO K 230 83.86 -19.35 48.86
CA PRO K 230 82.98 -19.93 47.84
C PRO K 230 82.65 -21.42 47.99
N TRP K 231 83.32 -22.13 48.90
CA TRP K 231 83.07 -23.56 49.08
C TRP K 231 82.16 -23.79 50.29
N ILE K 232 82.07 -22.79 51.15
CA ILE K 232 81.08 -22.79 52.23
C ILE K 232 79.78 -22.13 51.74
N GLN K 233 79.92 -21.07 50.92
CA GLN K 233 78.77 -20.36 50.37
C GLN K 233 78.04 -21.22 49.35
N GLN K 234 78.78 -22.12 48.71
CA GLN K 234 78.22 -23.09 47.78
C GLN K 234 77.03 -23.86 48.36
N SER K 235 77.01 -24.03 49.69
CA SER K 235 75.97 -24.79 50.35
C SER K 235 74.99 -23.93 51.12
N ILE K 236 74.42 -22.94 50.44
CA ILE K 236 73.27 -22.20 50.96
C ILE K 236 72.04 -22.68 50.20
N LYS K 237 70.96 -22.98 50.91
CA LYS K 237 69.70 -23.36 50.28
C LYS K 237 68.96 -22.11 49.83
N ASN K 238 68.89 -21.14 50.74
CA ASN K 238 68.26 -19.86 50.44
C ASN K 238 68.49 -18.94 51.60
N VAL K 239 68.11 -17.69 51.41
CA VAL K 239 67.84 -16.83 52.54
C VAL K 239 66.41 -16.36 52.34
N THR K 240 65.55 -16.69 53.27
CA THR K 240 64.16 -16.34 53.14
C THR K 240 63.90 -15.07 53.93
N ILE K 241 62.91 -14.31 53.49
CA ILE K 241 62.44 -13.12 54.21
C ILE K 241 61.05 -13.39 54.81
N ILE K 242 60.98 -13.43 56.15
CA ILE K 242 59.69 -13.61 56.83
C ILE K 242 59.28 -12.31 57.52
N PRO K 243 58.03 -12.24 57.99
CA PRO K 243 57.57 -11.06 58.75
C PRO K 243 57.96 -11.12 60.21
N SER K 244 58.10 -9.94 60.81
CA SER K 244 58.63 -9.79 62.17
C SER K 244 57.76 -10.42 63.25
N GLY K 245 58.40 -10.74 64.37
CA GLY K 245 57.73 -11.19 65.58
C GLY K 245 57.05 -12.54 65.51
N PHE K 246 57.56 -13.44 64.69
CA PHE K 246 57.02 -14.78 64.62
C PHE K 246 57.91 -15.81 65.28
N ILE K 247 59.15 -15.43 65.60
CA ILE K 247 60.07 -16.37 66.23
C ILE K 247 60.33 -16.06 67.71
N LYS K 248 60.24 -17.11 68.53
CA LYS K 248 60.43 -16.97 69.97
C LYS K 248 61.90 -16.78 70.30
N GLN K 249 62.19 -15.86 71.21
CA GLN K 249 63.57 -15.58 71.59
C GLN K 249 64.28 -16.82 72.09
N GLU K 250 63.57 -17.63 72.88
CA GLU K 250 64.13 -18.87 73.42
C GLU K 250 64.04 -20.05 72.46
N SER K 251 63.97 -19.74 71.17
CA SER K 251 64.24 -20.71 70.14
C SER K 251 65.56 -20.38 69.45
N LEU K 252 66.28 -19.37 69.98
CA LEU K 252 67.54 -18.88 69.39
C LEU K 252 68.72 -18.99 70.33
N ASN K 253 69.82 -19.57 69.81
CA ASN K 253 71.10 -19.54 70.50
C ASN K 253 71.58 -18.11 70.63
N ASP K 254 72.51 -17.88 71.54
CA ASP K 254 73.08 -16.55 71.71
C ASP K 254 74.02 -16.30 70.54
N HIS K 255 74.54 -15.08 70.47
CA HIS K 255 75.43 -14.70 69.40
C HIS K 255 76.74 -15.49 69.48
N GLU K 256 76.87 -16.55 68.68
CA GLU K 256 78.13 -17.27 68.54
C GLU K 256 78.92 -16.70 67.35
N PRO K 257 80.26 -16.72 67.44
CA PRO K 257 81.05 -16.12 66.37
C PRO K 257 81.06 -16.98 65.11
N VAL K 258 81.24 -16.35 63.95
CA VAL K 258 81.23 -17.02 62.66
C VAL K 258 82.54 -17.81 62.50
N ASN K 259 83.17 -17.81 61.32
CA ASN K 259 84.34 -18.65 61.10
C ASN K 259 85.45 -18.30 62.07
N GLY K 260 85.86 -17.04 62.05
CA GLY K 260 86.91 -16.60 62.94
C GLY K 260 86.36 -16.50 64.35
N GLY K 261 85.55 -15.48 64.64
CA GLY K 261 85.08 -14.53 63.65
C GLY K 261 84.82 -13.17 64.28
N ASP K 262 84.73 -12.17 63.42
CA ASP K 262 84.44 -10.81 63.85
C ASP K 262 82.91 -10.64 63.96
N LEU K 263 82.17 -11.53 63.30
CA LEU K 263 80.73 -11.44 63.16
C LEU K 263 80.06 -12.53 63.97
N SER K 264 78.80 -12.33 64.33
CA SER K 264 78.05 -13.33 65.07
C SER K 264 76.73 -13.72 64.39
N VAL K 265 76.42 -15.01 64.41
CA VAL K 265 75.17 -15.53 63.86
C VAL K 265 74.47 -16.41 64.88
N ARG K 266 73.13 -16.35 64.90
CA ARG K 266 72.34 -17.04 65.92
C ARG K 266 71.56 -18.28 65.44
N LYS K 267 72.06 -19.45 65.77
CA LYS K 267 71.43 -20.70 65.37
C LYS K 267 70.01 -20.74 65.92
N LEU K 268 69.06 -21.05 65.05
CA LEU K 268 67.65 -21.18 65.43
C LEU K 268 67.23 -22.65 65.54
N GLY K 269 66.95 -23.10 66.76
CA GLY K 269 66.56 -24.48 67.00
C GLY K 269 65.88 -24.63 68.34
N LYS K 270 66.58 -25.24 69.29
CA LYS K 270 66.11 -25.34 70.67
C LYS K 270 64.69 -25.94 70.75
N GLN K 271 64.34 -26.83 69.80
CA GLN K 271 63.05 -27.55 69.82
C GLN K 271 61.76 -26.70 69.79
N GLY K 272 61.86 -25.39 69.99
CA GLY K 272 60.68 -24.58 70.28
C GLY K 272 59.79 -24.37 69.07
N VAL K 273 58.64 -23.73 69.30
CA VAL K 273 57.70 -23.41 68.22
C VAL K 273 57.77 -21.92 67.89
N SER K 274 56.94 -21.52 66.94
CA SER K 274 56.80 -20.12 66.59
C SER K 274 55.67 -19.52 67.41
N ASN K 275 55.53 -18.21 67.33
CA ASN K 275 54.40 -17.55 67.98
C ASN K 275 53.15 -17.80 67.16
N GLN K 276 52.15 -18.45 67.76
CA GLN K 276 50.86 -18.66 67.09
C GLN K 276 50.04 -17.37 67.17
N LYS K 277 50.60 -16.33 66.56
CA LYS K 277 50.30 -14.93 66.86
C LYS K 277 48.82 -14.58 66.91
N ASP K 278 48.40 -13.96 68.01
CA ASP K 278 47.07 -13.35 68.04
C ASP K 278 47.18 -12.11 67.14
N PHE K 279 46.55 -12.16 65.97
CA PHE K 279 46.47 -11.02 65.02
C PHE K 279 45.46 -9.97 65.49
N ASN K 280 45.92 -8.93 66.18
CA ASN K 280 44.99 -8.01 66.84
C ASN K 280 44.65 -6.74 66.07
N ALA K 281 45.57 -6.23 65.27
CA ALA K 281 45.29 -5.02 64.47
C ALA K 281 44.04 -5.20 63.59
N ILE K 282 43.73 -6.44 63.28
CA ILE K 282 42.68 -6.78 62.34
C ILE K 282 41.42 -7.32 63.04
N SER K 283 41.55 -7.71 64.31
CA SER K 283 40.46 -8.32 65.06
C SER K 283 39.53 -7.29 65.67
N LEU K 284 38.23 -7.56 65.66
CA LEU K 284 37.25 -6.71 66.32
C LEU K 284 36.37 -7.47 67.30
N ASP K 285 36.46 -7.12 68.58
CA ASP K 285 35.61 -7.70 69.61
C ASP K 285 34.21 -7.19 69.33
N TYR K 286 33.22 -7.72 70.05
CA TYR K 286 31.83 -7.48 69.70
C TYR K 286 31.55 -6.00 69.62
N GLN K 287 31.89 -5.31 70.70
CA GLN K 287 31.62 -3.89 70.80
C GLN K 287 32.28 -3.17 69.65
N SER K 288 33.55 -3.50 69.42
CA SER K 288 34.32 -2.87 68.37
C SER K 288 33.83 -3.22 66.97
N LEU K 289 33.22 -4.39 66.82
CA LEU K 289 32.73 -4.79 65.50
C LEU K 289 31.46 -4.02 65.12
N MET K 290 30.46 -4.07 66.00
CA MET K 290 29.20 -3.38 65.80
C MET K 290 29.46 -1.90 65.60
N PHE K 291 30.40 -1.39 66.38
CA PHE K 291 30.92 -0.04 66.23
C PHE K 291 31.36 0.25 64.80
N THR K 292 32.35 -0.50 64.30
CA THR K 292 33.00 -0.18 63.03
C THR K 292 32.07 -0.27 61.83
N LEU K 293 30.98 -1.03 62.00
CA LEU K 293 29.95 -1.20 60.99
C LEU K 293 28.80 -0.18 61.10
N GLY K 294 28.85 0.72 62.08
CA GLY K 294 27.78 1.68 62.28
C GLY K 294 26.49 0.97 62.58
N LEU K 295 26.60 -0.11 63.38
CA LEU K 295 25.46 -0.85 63.91
C LEU K 295 25.35 -0.59 65.39
N ASN K 296 24.14 -0.35 65.87
CA ASN K 296 23.96 -0.11 67.29
C ASN K 296 24.11 -1.41 68.08
N PRO K 297 25.17 -1.55 68.88
CA PRO K 297 25.51 -2.84 69.46
C PRO K 297 24.52 -3.34 70.50
N ILE K 298 23.59 -2.49 70.89
CA ILE K 298 22.72 -2.77 72.02
C ILE K 298 21.52 -3.63 71.59
N ASN K 299 20.99 -3.39 70.39
CA ASN K 299 19.85 -4.14 69.89
C ASN K 299 19.86 -4.47 68.37
N ASP K 300 21.04 -4.48 67.75
CA ASP K 300 21.17 -4.81 66.32
C ASP K 300 22.03 -6.05 66.06
N LYS K 301 22.24 -6.91 67.06
CA LYS K 301 23.05 -8.12 66.84
C LYS K 301 22.43 -9.01 65.75
N HIS K 302 21.11 -8.94 65.60
CA HIS K 302 20.42 -9.71 64.58
C HIS K 302 20.71 -9.22 63.17
N LEU K 303 21.45 -8.12 63.05
CA LEU K 303 21.84 -7.60 61.73
C LEU K 303 23.20 -8.11 61.24
N LEU K 304 23.92 -8.86 62.07
CA LEU K 304 25.16 -9.49 61.63
C LEU K 304 24.85 -10.70 60.78
N ARG K 305 24.39 -10.43 59.56
CA ARG K 305 24.06 -11.47 58.61
C ARG K 305 24.60 -11.03 57.27
N PRO K 306 25.01 -11.99 56.43
CA PRO K 306 25.80 -11.72 55.23
C PRO K 306 25.19 -10.69 54.26
N ASN K 307 23.87 -10.55 54.14
CA ASN K 307 23.31 -9.59 53.16
C ASN K 307 23.20 -8.15 53.67
N ILE K 308 23.67 -7.92 54.90
CA ILE K 308 23.81 -6.58 55.45
C ILE K 308 25.27 -6.22 55.70
N VAL K 309 26.08 -7.19 56.11
CA VAL K 309 27.51 -6.99 56.33
C VAL K 309 28.36 -8.18 55.85
N THR K 310 29.51 -7.87 55.26
CA THR K 310 30.40 -8.89 54.72
C THR K 310 31.86 -8.63 55.08
N ALA K 311 32.59 -9.69 55.40
CA ALA K 311 33.98 -9.58 55.81
C ALA K 311 34.87 -10.49 54.95
N GLU K 312 35.98 -9.96 54.46
CA GLU K 312 36.89 -10.75 53.64
C GLU K 312 38.34 -10.43 53.96
N LEU K 313 39.19 -11.45 54.10
CA LEU K 313 40.63 -11.23 54.26
C LEU K 313 41.39 -11.38 52.94
N THR K 314 42.39 -10.54 52.71
CA THR K 314 43.22 -10.68 51.51
C THR K 314 44.61 -10.20 51.78
N ASP K 315 45.58 -10.84 51.11
CA ASP K 315 46.97 -10.41 51.15
C ASP K 315 47.36 -9.60 49.92
N TYR K 316 46.34 -9.18 49.18
CA TYR K 316 46.50 -8.45 47.93
C TYR K 316 47.35 -9.22 46.92
N ALA K 317 47.44 -10.54 47.08
CA ALA K 317 48.16 -11.37 46.14
C ALA K 317 47.27 -12.52 45.70
N GLY K 318 45.96 -12.33 45.81
CA GLY K 318 45.02 -13.32 45.34
C GLY K 318 44.65 -14.35 46.39
N ASN K 319 45.46 -14.51 47.44
CA ASN K 319 45.02 -15.32 48.56
C ASN K 319 43.92 -14.56 49.27
N ARG K 320 42.76 -15.19 49.44
CA ARG K 320 41.62 -14.53 50.07
C ARG K 320 40.98 -15.41 51.14
N LEU K 321 40.10 -14.83 51.95
CA LEU K 321 39.25 -15.59 52.85
C LEU K 321 37.91 -14.88 53.05
N PRO K 322 36.83 -15.44 52.49
CA PRO K 322 35.51 -14.88 52.73
C PRO K 322 35.01 -15.23 54.14
N ILE K 323 34.20 -14.37 54.73
CA ILE K 323 33.65 -14.61 56.06
C ILE K 323 32.17 -14.24 56.14
N ASP K 324 31.39 -15.12 56.74
CA ASP K 324 29.94 -15.00 56.79
C ASP K 324 29.65 -14.59 58.19
N LEU K 325 29.29 -13.32 58.38
CA LEU K 325 29.22 -12.76 59.73
C LEU K 325 28.12 -13.40 60.60
N SER K 326 27.24 -14.19 60.00
CA SER K 326 26.19 -14.87 60.76
C SER K 326 26.69 -16.07 61.58
N LEU K 327 27.98 -16.33 61.57
CA LEU K 327 28.54 -17.54 62.20
C LEU K 327 29.48 -17.29 63.39
N ILE K 328 30.08 -16.11 63.46
CA ILE K 328 30.77 -15.68 64.68
C ILE K 328 29.76 -15.42 65.77
N GLU K 329 29.86 -16.19 66.85
CA GLU K 329 28.87 -16.12 67.93
C GLU K 329 28.84 -14.74 68.59
N THR K 330 30.01 -14.20 68.89
CA THR K 330 30.10 -12.84 69.44
C THR K 330 31.31 -12.01 68.99
N ASN K 331 32.37 -12.64 68.51
CA ASN K 331 33.58 -11.88 68.22
C ASN K 331 34.27 -12.31 66.95
N LEU K 332 34.56 -11.30 66.13
CA LEU K 332 35.45 -11.47 64.99
C LEU K 332 36.91 -11.41 65.48
N GLU K 333 37.36 -12.48 66.15
CA GLU K 333 38.79 -12.58 66.53
C GLU K 333 39.55 -13.43 65.51
N PHE K 334 40.65 -12.87 65.02
CA PHE K 334 41.60 -13.59 64.17
C PHE K 334 42.79 -14.07 64.97
N ASP K 335 42.98 -15.38 65.03
CA ASP K 335 44.20 -15.98 65.57
C ASP K 335 44.94 -16.58 64.37
N SER K 336 46.16 -17.09 64.55
CA SER K 336 46.89 -17.73 63.45
C SER K 336 47.56 -19.06 63.79
N PHE K 337 48.02 -19.72 62.75
CA PHE K 337 48.64 -21.03 62.84
C PHE K 337 49.85 -20.96 61.93
N VAL K 338 50.96 -20.57 62.54
CA VAL K 338 52.20 -20.33 61.80
C VAL K 338 53.23 -21.38 62.16
N THR K 339 53.87 -21.90 61.12
CA THR K 339 54.99 -22.82 61.26
C THR K 339 56.10 -22.16 60.46
N MET K 340 57.31 -22.11 61.04
CA MET K 340 58.43 -21.34 60.47
C MET K 340 59.75 -22.11 60.45
N GLY K 341 60.72 -21.52 59.74
CA GLY K 341 62.07 -22.03 59.69
C GLY K 341 62.15 -23.17 58.71
N ALA K 342 61.81 -24.36 59.19
CA ALA K 342 61.79 -25.56 58.37
C ALA K 342 60.81 -25.43 57.20
N LYS K 343 59.59 -24.98 57.48
CA LYS K 343 58.52 -24.78 56.48
C LYS K 343 57.88 -23.42 56.78
N ASN K 344 57.82 -22.53 55.79
CA ASN K 344 57.38 -21.16 56.03
C ASN K 344 55.95 -20.92 55.56
N GLU K 345 55.04 -20.79 56.52
CA GLU K 345 53.63 -20.67 56.20
C GLU K 345 52.82 -20.18 57.38
N ILE K 346 52.18 -19.03 57.21
CA ILE K 346 51.26 -18.49 58.20
C ILE K 346 49.87 -18.66 57.65
N LYS K 347 49.01 -19.46 58.29
CA LYS K 347 47.59 -19.37 57.95
C LYS K 347 46.78 -18.80 59.09
N VAL K 348 46.02 -17.77 58.76
CA VAL K 348 45.30 -17.01 59.77
C VAL K 348 43.84 -17.42 59.63
N TYR K 349 43.25 -17.85 60.75
CA TYR K 349 41.86 -18.32 60.80
C TYR K 349 40.99 -17.42 61.68
N VAL K 350 39.70 -17.71 61.71
CA VAL K 350 38.77 -16.91 62.49
C VAL K 350 38.26 -17.80 63.61
N LYS K 351 38.33 -17.29 64.84
CA LYS K 351 38.14 -18.11 66.05
C LYS K 351 36.70 -18.56 66.21
N ASN K 352 36.50 -19.88 66.19
CA ASN K 352 35.18 -20.46 66.47
C ASN K 352 34.11 -20.08 65.46
N TYR K 353 34.54 -20.05 64.21
CA TYR K 353 33.71 -19.71 63.07
C TYR K 353 32.73 -20.85 62.89
N ASN K 354 31.45 -20.52 62.79
CA ASN K 354 30.39 -21.51 62.60
C ASN K 354 30.23 -22.38 63.83
N ALA K 355 30.87 -22.01 64.93
CA ALA K 355 30.86 -22.87 66.10
C ALA K 355 29.78 -22.38 67.02
N ARG K 356 29.24 -23.32 67.80
CA ARG K 356 28.39 -23.01 68.94
C ARG K 356 29.22 -23.11 70.23
N GLY K 357 30.16 -22.15 70.36
CA GLY K 357 31.28 -22.13 71.32
C GLY K 357 31.03 -22.71 72.68
N ASN K 358 32.07 -23.17 73.36
CA ASN K 358 33.46 -22.82 73.15
C ASN K 358 34.21 -24.08 72.67
N ASN K 359 33.71 -24.69 71.60
CA ASN K 359 34.53 -25.61 70.81
C ASN K 359 35.08 -24.78 69.63
N VAL K 360 36.22 -25.18 69.11
CA VAL K 360 36.73 -24.52 67.93
C VAL K 360 35.86 -24.93 66.75
N GLY K 361 35.72 -24.02 65.80
CA GLY K 361 34.80 -24.25 64.72
C GLY K 361 35.52 -24.95 63.61
N GLN K 362 35.60 -24.25 62.49
CA GLN K 362 36.26 -24.77 61.33
C GLN K 362 37.77 -24.78 61.59
N TYR K 363 38.22 -24.02 62.60
CA TYR K 363 39.63 -23.95 62.93
C TYR K 363 40.38 -23.49 61.67
N ILE K 364 41.30 -24.30 61.15
CA ILE K 364 42.16 -23.88 60.03
C ILE K 364 41.63 -24.38 58.68
N ASP K 365 40.57 -25.17 58.69
CA ASP K 365 39.90 -25.51 57.43
C ASP K 365 39.18 -24.28 56.83
N ASN K 366 39.17 -23.16 57.54
CA ASN K 366 38.75 -21.88 56.96
C ASN K 366 39.73 -20.78 57.27
N ALA K 367 40.85 -20.78 56.52
CA ALA K 367 41.95 -19.85 56.77
C ALA K 367 42.54 -19.25 55.48
N LEU K 368 42.94 -17.99 55.61
CA LEU K 368 43.73 -17.28 54.60
C LEU K 368 45.15 -17.76 54.80
N THR K 369 45.69 -18.46 53.82
CA THR K 369 46.97 -19.16 53.98
C THR K 369 48.09 -18.49 53.15
N ILE K 370 49.12 -18.02 53.86
CA ILE K 370 50.23 -17.23 53.32
C ILE K 370 51.50 -18.04 53.28
N ASN K 371 52.14 -18.14 52.11
CA ASN K 371 53.45 -18.78 52.05
C ASN K 371 54.22 -18.59 50.74
N ASN K 372 54.04 -17.46 50.09
CA ASN K 372 54.89 -17.07 48.97
C ASN K 372 55.99 -16.10 49.40
N PHE K 373 56.75 -16.45 50.45
CA PHE K 373 57.74 -15.53 51.02
C PHE K 373 58.96 -15.34 50.12
N ASP K 374 59.58 -14.16 50.19
CA ASP K 374 60.69 -13.82 49.30
C ASP K 374 61.99 -14.52 49.72
N THR K 375 62.75 -15.01 48.74
CA THR K 375 64.13 -15.40 49.01
C THR K 375 65.04 -14.53 48.15
N ILE K 376 66.32 -14.47 48.53
CA ILE K 376 67.24 -13.49 47.95
C ILE K 376 68.41 -14.15 47.25
N GLY K 377 68.72 -13.67 46.04
CA GLY K 377 69.75 -14.26 45.21
C GLY K 377 71.14 -13.79 45.59
N PHE K 378 72.13 -14.65 45.39
CA PHE K 378 73.52 -14.28 45.67
C PHE K 378 74.49 -14.74 44.58
N SER K 379 75.76 -14.33 44.69
CA SER K 379 76.78 -14.62 43.68
C SER K 379 78.01 -15.29 44.31
N VAL K 380 78.63 -16.19 43.54
CA VAL K 380 79.75 -17.00 44.02
C VAL K 380 80.65 -17.43 42.85
N ASP K 381 81.94 -17.65 43.11
CA ASP K 381 82.86 -18.20 42.12
C ASP K 381 83.53 -19.49 42.62
N ALA K 462 78.22 -19.73 41.80
CA ALA K 462 77.31 -19.58 40.67
C ALA K 462 76.65 -18.20 40.75
N ILE K 463 75.40 -18.09 40.32
CA ILE K 463 74.67 -16.82 40.39
C ILE K 463 73.27 -17.03 40.94
N THR K 464 73.07 -18.17 41.62
CA THR K 464 71.75 -18.72 41.98
C THR K 464 70.73 -17.66 42.42
N GLU K 465 69.56 -17.66 41.78
CA GLU K 465 68.67 -16.49 41.77
C GLU K 465 67.73 -16.39 42.96
N GLY K 466 67.29 -15.16 43.25
CA GLY K 466 66.31 -14.92 44.29
C GLY K 466 64.88 -15.11 43.81
N HIS K 467 63.98 -15.41 44.73
CA HIS K 467 62.55 -15.51 44.42
C HIS K 467 61.79 -14.32 45.00
N VAL K 468 60.91 -13.74 44.17
CA VAL K 468 60.16 -12.55 44.56
C VAL K 468 58.69 -12.89 44.79
N GLY K 469 58.11 -12.30 45.82
CA GLY K 469 56.74 -12.58 46.20
C GLY K 469 56.04 -11.35 46.73
N TYR K 470 56.11 -11.15 48.05
CA TYR K 470 55.47 -10.00 48.69
C TYR K 470 56.38 -8.76 48.75
N ALA K 471 57.56 -8.83 48.14
CA ALA K 471 58.54 -7.75 48.30
C ALA K 471 57.99 -6.40 47.83
N PRO K 472 57.67 -6.25 46.52
CA PRO K 472 57.28 -4.92 46.04
C PRO K 472 56.01 -4.39 46.69
N LEU K 473 55.21 -5.32 47.22
CA LEU K 473 54.06 -4.96 48.03
C LEU K 473 54.51 -4.26 49.28
N PHE K 474 55.61 -4.75 49.86
CA PHE K 474 56.11 -4.18 51.09
C PHE K 474 56.68 -2.79 50.90
N LYS K 475 57.31 -2.54 49.76
CA LYS K 475 57.83 -1.19 49.50
C LYS K 475 56.72 -0.17 49.23
N GLN K 476 55.46 -0.63 49.29
CA GLN K 476 54.30 0.24 49.22
C GLN K 476 53.51 0.22 50.55
N ASP K 477 54.11 -0.41 51.57
CA ASP K 477 53.43 -0.62 52.86
C ASP K 477 52.08 -1.30 52.71
N LYS K 478 52.08 -2.40 51.95
CA LYS K 478 50.89 -3.21 51.79
C LYS K 478 51.20 -4.70 52.00
N PHE K 479 52.42 -5.02 52.41
CA PHE K 479 52.71 -6.39 52.74
C PHE K 479 52.04 -6.62 54.04
N GLY K 480 50.96 -7.38 54.02
CA GLY K 480 50.23 -7.68 55.24
C GLY K 480 48.89 -8.29 54.91
N VAL K 481 48.18 -8.69 55.95
CA VAL K 481 46.86 -9.27 55.81
C VAL K 481 45.82 -8.17 56.08
N HIS K 482 44.84 -8.05 55.17
CA HIS K 482 43.86 -6.95 55.18
C HIS K 482 42.42 -7.47 55.25
N LEU K 483 41.56 -6.73 55.95
CA LEU K 483 40.16 -7.14 56.17
C LEU K 483 39.26 -6.15 55.48
N ARG K 484 38.31 -6.66 54.72
CA ARG K 484 37.37 -5.81 54.02
C ARG K 484 36.01 -5.97 54.63
N LEU K 485 35.66 -5.02 55.48
CA LEU K 485 34.30 -4.93 55.97
C LEU K 485 33.41 -4.20 54.99
N GLY K 486 32.33 -4.86 54.60
CA GLY K 486 31.39 -4.32 53.64
C GLY K 486 30.05 -4.12 54.33
N ARG K 487 29.32 -3.10 53.93
CA ARG K 487 27.99 -2.88 54.46
C ARG K 487 27.10 -2.25 53.41
N ILE K 488 25.80 -2.41 53.57
CA ILE K 488 24.81 -1.79 52.72
C ILE K 488 24.65 -0.28 53.01
N SER K 489 24.18 0.47 52.01
CA SER K 489 23.85 1.90 52.14
C SER K 489 23.20 2.23 53.47
N GLN K 490 23.48 3.41 54.01
CA GLN K 490 22.80 3.86 55.21
C GLN K 490 21.28 3.82 55.02
N ASP K 491 20.78 4.28 53.86
CA ASP K 491 19.33 4.29 53.64
C ASP K 491 18.85 2.87 53.69
N GLU K 492 19.49 1.99 52.90
CA GLU K 492 19.05 0.59 52.82
C GLU K 492 19.13 -0.10 54.20
N LEU K 493 20.13 0.26 54.99
CA LEU K 493 20.23 -0.26 56.35
C LEU K 493 19.01 0.11 57.19
N ASN K 494 18.43 1.28 56.92
CA ASN K 494 17.19 1.70 57.58
C ASN K 494 15.97 1.01 57.03
N ASN K 495 15.91 0.80 55.73
CA ASN K 495 14.81 0.03 55.15
C ASN K 495 14.69 -1.34 55.83
N VAL K 496 15.83 -1.96 56.13
CA VAL K 496 15.84 -3.27 56.80
C VAL K 496 15.49 -3.07 58.27
N LYS K 497 16.15 -2.10 58.92
CA LYS K 497 15.86 -1.76 60.33
C LYS K 497 14.35 -1.58 60.49
N LYS K 498 13.75 -0.80 59.58
CA LYS K 498 12.32 -0.53 59.53
C LYS K 498 11.51 -1.83 59.39
N TYR K 499 11.80 -2.56 58.32
CA TYR K 499 11.11 -3.83 58.04
C TYR K 499 11.00 -4.78 59.22
N TYR K 500 12.11 -5.00 59.92
CA TYR K 500 12.11 -5.85 61.10
C TYR K 500 11.32 -5.22 62.24
N ASN K 501 11.65 -3.97 62.56
CA ASN K 501 10.96 -3.21 63.60
C ASN K 501 9.46 -3.10 63.36
N MET K 502 9.04 -3.24 62.10
CA MET K 502 7.63 -3.12 61.73
C MET K 502 6.89 -4.44 61.81
N PHE K 503 7.51 -5.52 61.33
CA PHE K 503 6.84 -6.80 61.18
C PHE K 503 7.48 -7.91 62.00
N GLY K 504 8.27 -7.56 63.00
CA GLY K 504 8.87 -8.57 63.84
C GLY K 504 9.74 -9.51 63.04
N TYR K 505 9.96 -10.70 63.60
CA TYR K 505 10.78 -11.71 62.93
C TYR K 505 9.91 -12.94 62.68
N GLU K 506 10.39 -13.84 61.82
CA GLU K 506 9.64 -15.04 61.47
C GLU K 506 9.90 -16.15 62.47
N CYS K 507 8.85 -16.57 63.19
CA CYS K 507 8.93 -17.76 64.06
C CYS K 507 8.00 -18.83 63.52
N ASN K 508 8.54 -20.03 63.31
CA ASN K 508 7.76 -21.21 62.91
C ASN K 508 7.30 -22.06 64.11
N ASP K 509 6.90 -21.37 65.18
CA ASP K 509 6.56 -22.05 66.43
C ASP K 509 5.09 -22.39 66.36
N TYR K 510 4.79 -23.66 66.07
CA TYR K 510 3.44 -24.17 66.30
C TYR K 510 3.36 -24.36 67.80
N SER K 511 2.15 -24.38 68.37
CA SER K 511 1.99 -24.68 69.81
C SER K 511 2.99 -23.95 70.74
N THR K 512 2.75 -22.66 70.97
CA THR K 512 3.65 -21.84 71.80
C THR K 512 2.88 -20.65 72.36
N LYS K 513 3.27 -20.20 73.55
CA LYS K 513 2.64 -19.04 74.17
C LYS K 513 3.16 -17.82 73.47
N LEU K 514 2.29 -16.85 73.24
CA LEU K 514 2.72 -15.59 72.65
C LEU K 514 3.87 -15.01 73.48
N SER K 515 4.89 -14.46 72.80
CA SER K 515 5.89 -13.68 73.50
C SER K 515 5.17 -12.46 74.01
N ASP K 516 5.82 -11.69 74.87
CA ASP K 516 5.14 -10.54 75.44
C ASP K 516 4.64 -9.58 74.35
N ILE K 517 3.55 -8.90 74.68
CA ILE K 517 2.86 -7.99 73.76
C ILE K 517 3.44 -6.57 73.84
N THR K 518 4.22 -6.31 74.89
CA THR K 518 4.85 -5.01 75.11
C THR K 518 6.36 -5.16 75.12
N SER K 519 6.87 -6.12 74.35
CA SER K 519 8.30 -6.34 74.30
C SER K 519 8.92 -5.02 73.90
N MET K 520 8.33 -4.41 72.87
CA MET K 520 8.93 -3.26 72.22
C MET K 520 8.60 -1.91 72.87
N SER K 521 9.17 -0.85 72.30
CA SER K 521 9.00 0.51 72.80
C SER K 521 8.05 1.34 71.94
N ILE K 522 7.90 0.98 70.66
CA ILE K 522 7.09 1.76 69.71
C ILE K 522 5.88 0.98 69.24
N CYS K 523 6.09 -0.28 68.85
CA CYS K 523 5.01 -1.13 68.36
C CYS K 523 5.40 -2.62 68.41
N ASN K 524 4.40 -3.48 68.57
CA ASN K 524 4.59 -4.93 68.54
C ASN K 524 3.81 -5.55 67.40
N TRP K 525 4.41 -6.50 66.71
CA TRP K 525 3.70 -7.13 65.62
C TRP K 525 3.18 -8.36 66.31
N VAL K 526 2.09 -8.91 65.79
CA VAL K 526 1.56 -10.12 66.35
C VAL K 526 0.65 -10.78 65.32
N GLN K 527 1.06 -11.98 64.90
CA GLN K 527 0.40 -12.74 63.85
C GLN K 527 0.34 -14.24 64.21
N PHE K 528 -0.88 -14.78 64.38
CA PHE K 528 -1.04 -16.20 64.78
C PHE K 528 -2.32 -16.95 64.35
N LYS K 529 -2.08 -18.19 63.93
CA LYS K 529 -3.09 -19.14 63.48
C LYS K 529 -3.73 -19.70 64.74
N GLY K 530 -4.89 -20.37 64.60
CA GLY K 530 -5.56 -21.01 65.74
C GLY K 530 -4.71 -22.00 66.54
N ILE K 531 -5.19 -22.51 67.68
CA ILE K 531 -6.56 -22.30 68.17
C ILE K 531 -6.69 -21.72 69.58
N TRP K 532 -7.57 -20.72 69.66
CA TRP K 532 -7.75 -19.93 70.85
C TRP K 532 -9.15 -19.35 70.92
N THR K 533 -9.63 -19.09 72.13
CA THR K 533 -10.81 -18.25 72.33
C THR K 533 -10.52 -17.29 73.46
N LEU K 534 -11.06 -16.09 73.37
CA LEU K 534 -10.97 -15.15 74.47
C LEU K 534 -12.20 -15.26 75.36
N PRO K 535 -11.99 -15.20 76.70
CA PRO K 535 -13.13 -15.36 77.62
C PRO K 535 -14.30 -14.40 77.34
N ASN K 536 -15.45 -14.98 76.96
CA ASN K 536 -16.74 -14.31 76.94
C ASN K 536 -16.84 -13.33 75.80
N VAL K 537 -16.68 -13.83 74.59
CA VAL K 537 -16.76 -13.00 73.39
C VAL K 537 -17.70 -13.61 72.39
N ASP K 538 -18.56 -12.76 71.82
CA ASP K 538 -19.54 -13.20 70.84
C ASP K 538 -18.84 -14.05 69.81
N THR K 539 -19.24 -15.30 69.71
CA THR K 539 -18.57 -16.25 68.79
C THR K 539 -18.35 -15.69 67.37
N GLY K 540 -19.24 -14.81 66.93
CA GLY K 540 -19.05 -14.12 65.67
C GLY K 540 -17.81 -13.26 65.67
N HIS K 541 -17.72 -12.37 66.66
CA HIS K 541 -16.57 -11.49 66.82
C HIS K 541 -15.26 -12.25 66.99
N MET K 542 -15.33 -13.44 67.55
CA MET K 542 -14.14 -14.28 67.68
C MET K 542 -13.62 -14.66 66.31
N ASN K 543 -14.50 -15.24 65.49
CA ASN K 543 -14.14 -15.60 64.13
C ASN K 543 -13.39 -14.49 63.41
N MET K 544 -13.67 -13.25 63.75
CA MET K 544 -12.93 -12.12 63.21
C MET K 544 -11.55 -12.02 63.85
N LEU K 545 -11.49 -11.88 65.17
CA LEU K 545 -10.20 -11.82 65.86
C LEU K 545 -9.28 -12.96 65.44
N ARG K 546 -9.80 -14.18 65.46
CA ARG K 546 -9.00 -15.37 65.17
C ARG K 546 -8.30 -15.22 63.83
N ALA K 547 -9.01 -14.61 62.87
CA ALA K 547 -8.59 -14.50 61.47
C ALA K 547 -7.94 -13.16 61.14
N LEU K 548 -8.22 -12.15 61.94
CA LEU K 548 -7.59 -10.87 61.73
C LEU K 548 -6.14 -11.01 62.21
N PHE K 549 -5.95 -11.81 63.25
CA PHE K 549 -4.61 -12.08 63.75
C PHE K 549 -3.87 -13.10 62.93
N GLU K 550 -4.57 -13.98 62.22
CA GLU K 550 -3.87 -14.89 61.32
C GLU K 550 -3.10 -14.09 60.27
N ALA K 551 -3.62 -12.90 59.95
CA ALA K 551 -2.96 -12.01 58.99
C ALA K 551 -2.22 -10.84 59.64
N GLY K 552 -1.93 -10.96 60.93
CA GLY K 552 -1.07 -10.02 61.61
C GLY K 552 -1.73 -8.71 61.94
N VAL K 553 -1.26 -8.10 63.02
CA VAL K 553 -1.83 -6.86 63.50
C VAL K 553 -0.74 -6.07 64.22
N ARG K 554 -0.58 -4.80 63.88
CA ARG K 554 0.44 -4.00 64.57
C ARG K 554 -0.15 -3.31 65.78
N LEU K 555 0.42 -3.63 66.94
CA LEU K 555 0.04 -3.04 68.22
C LEU K 555 0.93 -1.89 68.60
N TRP K 556 0.52 -0.68 68.26
CA TRP K 556 1.28 0.49 68.61
C TRP K 556 1.10 0.78 70.07
N HIS K 557 2.06 1.49 70.65
CA HIS K 557 2.02 1.73 72.09
C HIS K 557 1.70 3.20 72.41
N LYS K 558 2.14 4.13 71.57
CA LYS K 558 1.81 5.54 71.74
C LYS K 558 1.17 6.05 70.46
N GLU K 559 0.17 6.91 70.59
CA GLU K 559 -0.50 7.45 69.42
C GLU K 559 0.46 8.32 68.62
N SER K 560 1.31 9.08 69.31
CA SER K 560 2.29 9.92 68.63
C SER K 560 3.16 9.11 67.68
N ASP K 561 3.48 7.87 68.06
CA ASP K 561 4.30 7.00 67.22
C ASP K 561 3.60 6.59 65.91
N MET K 562 2.28 6.72 65.85
CA MET K 562 1.53 6.36 64.65
C MET K 562 1.56 7.45 63.56
N ILE K 563 2.01 8.66 63.90
CA ILE K 563 2.10 9.74 62.93
C ILE K 563 3.41 10.51 63.05
N ASN K 564 4.47 9.77 63.39
CA ASN K 564 5.83 10.29 63.26
C ASN K 564 6.75 9.17 62.82
N ASN K 565 7.88 9.51 62.23
CA ASN K 565 8.71 8.50 61.62
C ASN K 565 9.58 7.77 62.64
N THR K 566 8.98 7.29 63.71
CA THR K 566 9.70 6.81 64.88
C THR K 566 10.00 5.33 64.85
N VAL K 567 9.42 4.60 63.92
CA VAL K 567 9.43 3.15 64.00
C VAL K 567 10.87 2.66 63.82
N VAL K 568 11.70 3.49 63.20
CA VAL K 568 13.09 3.14 62.95
C VAL K 568 13.83 2.92 64.26
N ASN K 569 13.35 3.57 65.32
CA ASN K 569 13.92 3.42 66.67
C ASN K 569 13.11 2.49 67.60
N ASN K 570 12.35 1.56 67.03
CA ASN K 570 11.74 0.52 67.83
C ASN K 570 12.86 -0.32 68.46
N VAL K 571 12.62 -0.86 69.67
CA VAL K 571 13.67 -1.55 70.44
C VAL K 571 13.10 -2.23 71.70
N ILE K 572 13.84 -3.21 72.25
CA ILE K 572 13.35 -4.03 73.35
C ILE K 572 13.53 -3.25 74.65
N ILE K 573 13.88 -3.92 75.75
CA ILE K 573 14.17 -3.26 77.03
C ILE K 573 15.10 -4.12 77.90
N LEU L 3 -38.94 -31.30 70.81
CA LEU L 3 -38.55 -32.71 70.71
C LEU L 3 -37.07 -32.95 71.05
N SER L 4 -36.43 -32.03 71.78
CA SER L 4 -34.98 -32.15 72.06
C SER L 4 -34.39 -31.22 73.11
N LYS L 5 -33.60 -31.79 74.01
CA LYS L 5 -32.94 -31.05 75.10
C LYS L 5 -31.54 -30.59 74.67
N ILE L 6 -31.18 -29.36 75.04
CA ILE L 6 -29.97 -28.69 74.52
C ILE L 6 -29.09 -28.07 75.62
N LYS L 7 -27.81 -28.41 75.63
CA LYS L 7 -26.81 -27.67 76.41
C LYS L 7 -26.15 -26.61 75.52
N LEU L 8 -25.61 -25.53 76.09
CA LEU L 8 -24.95 -24.46 75.29
C LEU L 8 -23.55 -24.02 75.77
N PHE L 9 -22.56 -24.88 75.60
CA PHE L 9 -21.25 -24.74 76.28
C PHE L 9 -20.51 -23.43 76.04
N TYR L 10 -19.92 -22.89 77.12
CA TYR L 10 -19.28 -21.57 77.12
C TYR L 10 -17.75 -21.65 77.01
N ASN L 11 -17.17 -20.70 76.29
CA ASN L 11 -15.72 -20.59 76.11
C ASN L 11 -15.01 -21.91 75.92
N THR L 12 -15.40 -22.61 74.87
CA THR L 12 -14.91 -23.95 74.62
C THR L 12 -13.62 -23.88 73.78
N PRO L 13 -12.75 -24.91 73.85
CA PRO L 13 -11.56 -24.94 72.98
C PRO L 13 -11.86 -25.32 71.52
N PHE L 14 -12.86 -26.17 71.33
CA PHE L 14 -13.36 -26.61 70.01
C PHE L 14 -13.98 -25.49 69.14
N ASN L 15 -13.13 -24.81 68.36
CA ASN L 15 -13.60 -23.81 67.40
C ASN L 15 -12.85 -23.80 66.08
N ASN L 16 -11.73 -24.53 66.00
CA ASN L 16 -11.18 -24.93 64.72
C ASN L 16 -12.05 -26.08 64.28
N MET L 17 -12.45 -26.08 63.00
CA MET L 17 -13.45 -27.03 62.49
C MET L 17 -12.67 -28.28 62.03
N GLN L 18 -11.69 -28.71 62.85
CA GLN L 18 -10.52 -29.50 62.41
C GLN L 18 -9.50 -29.88 63.53
N ASN L 19 -9.56 -29.19 64.67
CA ASN L 19 -8.99 -29.69 65.94
C ASN L 19 -10.10 -30.17 66.88
N THR L 20 -9.97 -31.43 67.32
CA THR L 20 -11.01 -32.07 68.10
C THR L 20 -10.38 -32.72 69.33
N LEU L 21 -11.24 -33.24 70.20
CA LEU L 21 -10.80 -34.09 71.30
C LEU L 21 -11.34 -35.49 71.03
N HIS L 22 -10.73 -36.48 71.67
CA HIS L 22 -11.03 -37.86 71.37
C HIS L 22 -11.07 -38.69 72.63
N PHE L 23 -12.15 -39.45 72.75
CA PHE L 23 -12.46 -40.25 73.92
C PHE L 23 -12.54 -41.70 73.51
N ASN L 24 -12.08 -42.59 74.39
CA ASN L 24 -12.07 -44.02 74.11
C ASN L 24 -13.43 -44.55 73.68
N SER L 25 -14.50 -43.84 74.05
CA SER L 25 -15.84 -44.29 73.72
C SER L 25 -16.86 -43.18 73.90
N ASN L 26 -17.96 -43.29 73.17
CA ASN L 26 -18.98 -42.25 73.13
C ASN L 26 -19.42 -41.77 74.49
N GLU L 27 -20.16 -42.59 75.22
CA GLU L 27 -20.77 -42.13 76.47
C GLU L 27 -19.77 -41.73 77.56
N GLU L 28 -18.48 -41.93 77.28
CA GLU L 28 -17.40 -41.43 78.13
C GLU L 28 -17.15 -39.94 77.86
N ARG L 29 -17.47 -39.52 76.64
CA ARG L 29 -17.45 -38.12 76.24
C ARG L 29 -18.76 -37.41 76.58
N ASP L 30 -19.87 -38.13 76.51
CA ASP L 30 -21.11 -37.53 76.96
C ASP L 30 -21.01 -37.33 78.46
N ALA L 31 -20.33 -38.26 79.13
CA ALA L 31 -20.06 -38.12 80.57
C ALA L 31 -19.21 -36.88 80.81
N TYR L 32 -18.19 -36.70 79.97
CA TYR L 32 -17.34 -35.52 80.03
C TYR L 32 -18.17 -34.24 79.88
N PHE L 33 -18.75 -34.07 78.70
CA PHE L 33 -19.49 -32.86 78.38
C PHE L 33 -20.63 -32.59 79.35
N ASN L 34 -21.42 -33.62 79.65
CA ASN L 34 -22.55 -33.45 80.58
C ASN L 34 -22.15 -33.00 82.01
N SER L 35 -20.94 -32.49 82.18
CA SER L 35 -20.45 -32.20 83.50
C SER L 35 -19.28 -31.22 83.40
N LYS L 36 -19.57 -29.97 83.04
CA LYS L 36 -18.55 -28.91 83.16
C LYS L 36 -19.07 -27.47 83.18
N PHE L 37 -20.38 -27.28 83.19
CA PHE L 37 -20.97 -26.04 82.69
C PHE L 37 -20.68 -24.79 83.55
N ASP L 38 -20.76 -23.64 82.88
CA ASP L 38 -20.61 -22.31 83.48
C ASP L 38 -21.92 -21.49 83.77
N VAL L 39 -22.80 -21.21 82.79
CA VAL L 39 -24.09 -20.56 83.13
C VAL L 39 -25.40 -20.73 82.24
N HIS L 40 -25.65 -21.88 81.60
CA HIS L 40 -26.88 -22.08 80.76
C HIS L 40 -27.16 -23.42 79.98
N GLU L 41 -28.34 -24.00 80.24
CA GLU L 41 -28.88 -25.13 79.46
C GLU L 41 -30.41 -24.95 79.36
N PHE L 42 -31.04 -25.49 78.31
CA PHE L 42 -32.48 -25.31 78.07
C PHE L 42 -33.14 -26.44 77.25
N THR L 43 -34.33 -26.17 76.70
CA THR L 43 -35.03 -27.15 75.87
C THR L 43 -35.88 -26.46 74.81
N SER L 44 -35.76 -26.95 73.58
CA SER L 44 -36.53 -26.41 72.45
C SER L 44 -36.58 -27.50 71.35
N THR L 45 -36.57 -27.06 70.10
CA THR L 45 -36.41 -27.96 68.96
C THR L 45 -35.93 -27.14 67.77
N PHE L 46 -35.43 -27.80 66.74
CA PHE L 46 -34.74 -27.09 65.67
C PHE L 46 -34.73 -27.81 64.32
N ASN L 47 -34.57 -27.02 63.28
CA ASN L 47 -34.72 -27.46 61.90
C ASN L 47 -33.38 -27.93 61.36
N TYR L 48 -33.28 -28.24 60.07
CA TYR L 48 -32.01 -28.75 59.51
C TYR L 48 -32.02 -28.72 57.98
N ARG L 49 -30.83 -28.56 57.39
CA ARG L 49 -30.67 -28.59 55.93
C ARG L 49 -29.21 -28.57 55.53
N GLY L 53 -24.94 -29.32 57.94
CA GLY L 53 -25.26 -27.91 58.12
C GLY L 53 -26.05 -27.40 56.93
N VAL L 54 -26.45 -26.11 56.92
CA VAL L 54 -26.30 -25.16 58.03
C VAL L 54 -27.71 -24.86 58.52
N LEU L 55 -27.86 -24.54 59.81
CA LEU L 55 -29.19 -24.41 60.41
C LEU L 55 -29.24 -23.50 61.64
N ARG L 56 -30.44 -23.14 62.06
CA ARG L 56 -30.64 -22.18 63.16
C ARG L 56 -31.47 -22.75 64.31
N VAL L 57 -31.25 -22.22 65.52
CA VAL L 57 -32.09 -22.51 66.69
C VAL L 57 -32.34 -21.22 67.50
N THR L 58 -33.60 -20.86 67.64
CA THR L 58 -33.96 -19.68 68.41
C THR L 58 -33.87 -20.04 69.89
N ILE L 59 -33.59 -19.03 70.72
CA ILE L 59 -33.52 -19.23 72.16
C ILE L 59 -33.71 -17.90 72.88
N ASP L 60 -34.15 -17.95 74.13
CA ASP L 60 -34.41 -16.72 74.90
C ASP L 60 -34.02 -16.75 76.38
N LEU L 61 -33.98 -15.54 76.95
CA LEU L 61 -33.51 -15.30 78.31
C LEU L 61 -34.45 -14.31 79.03
N VAL L 62 -35.38 -14.86 79.82
CA VAL L 62 -36.42 -14.05 80.46
C VAL L 62 -35.86 -13.29 81.67
N SER L 63 -34.77 -13.82 82.27
CA SER L 63 -34.16 -13.20 83.45
C SER L 63 -33.07 -12.23 83.06
N ASP L 64 -33.40 -10.94 83.02
CA ASP L 64 -32.39 -9.96 82.63
C ASP L 64 -32.49 -8.57 83.27
N ARG L 65 -31.33 -7.94 83.25
CA ARG L 65 -31.10 -6.60 83.78
C ARG L 65 -29.93 -6.00 82.97
N SER L 66 -28.91 -6.82 82.71
CA SER L 66 -27.84 -6.47 81.80
C SER L 66 -27.42 -7.70 80.97
N CYS L 67 -28.39 -8.47 80.47
CA CYS L 67 -28.13 -9.68 79.65
C CYS L 67 -28.61 -9.45 78.21
N PHE L 68 -29.91 -9.59 77.96
CA PHE L 68 -30.48 -9.46 76.62
C PHE L 68 -29.82 -10.48 75.65
N GLU L 69 -28.92 -10.04 74.78
CA GLU L 69 -28.06 -10.98 74.08
C GLU L 69 -27.04 -11.53 75.07
N GLN L 70 -25.89 -10.85 75.17
CA GLN L 70 -24.81 -11.12 76.14
C GLN L 70 -24.88 -12.42 76.98
N LEU L 71 -25.25 -13.51 76.31
CA LEU L 71 -24.90 -14.85 76.72
C LEU L 71 -23.46 -15.05 76.19
N MET L 72 -23.13 -14.33 75.11
CA MET L 72 -21.75 -14.07 74.72
C MET L 72 -20.93 -15.33 74.41
N GLY L 73 -20.11 -15.79 75.36
CA GLY L 73 -18.96 -16.63 75.06
C GLY L 73 -19.26 -18.01 74.50
N VAL L 74 -20.54 -18.37 74.40
CA VAL L 74 -20.96 -19.64 73.78
C VAL L 74 -20.44 -19.85 72.36
N ASN L 75 -19.88 -21.03 72.11
CA ASN L 75 -19.39 -21.38 70.78
C ASN L 75 -19.51 -22.86 70.39
N TYR L 76 -20.17 -23.66 71.21
CA TYR L 76 -20.26 -25.09 70.98
C TYR L 76 -21.47 -25.54 71.76
N CYS L 77 -22.15 -26.59 71.30
CA CYS L 77 -23.36 -27.02 71.98
C CYS L 77 -23.64 -28.50 71.77
N GLN L 78 -24.36 -29.07 72.72
CA GLN L 78 -24.84 -30.44 72.61
C GLN L 78 -26.34 -30.41 72.42
N VAL L 79 -26.80 -31.34 71.59
CA VAL L 79 -28.21 -31.59 71.44
C VAL L 79 -28.39 -33.07 71.65
N GLN L 80 -29.43 -33.47 72.37
CA GLN L 80 -29.87 -34.84 72.33
C GLN L 80 -31.36 -34.89 72.10
N TYR L 81 -31.74 -35.58 71.03
CA TYR L 81 -33.13 -35.68 70.66
C TYR L 81 -33.78 -36.70 71.55
N ILE L 82 -35.01 -36.40 71.98
CA ILE L 82 -35.81 -37.30 72.78
C ILE L 82 -37.22 -37.31 72.20
N GLN L 83 -37.88 -38.47 72.08
CA GLN L 83 -37.30 -39.79 72.37
C GLN L 83 -36.60 -40.26 71.12
N SER L 84 -35.43 -40.85 71.33
CA SER L 84 -34.43 -41.08 70.30
C SER L 84 -33.17 -41.22 71.14
N ASN L 85 -32.99 -40.26 72.06
CA ASN L 85 -31.87 -40.22 72.98
C ASN L 85 -30.52 -40.33 72.28
N ARG L 86 -30.48 -39.92 71.01
CA ARG L 86 -29.23 -39.87 70.29
C ARG L 86 -28.65 -38.49 70.47
N VAL L 87 -27.32 -38.43 70.55
CA VAL L 87 -26.62 -37.18 70.81
C VAL L 87 -25.84 -36.75 69.57
N GLU L 88 -25.72 -35.43 69.39
CA GLU L 88 -25.03 -34.84 68.26
C GLU L 88 -24.52 -33.47 68.68
N TYR L 89 -23.24 -33.20 68.42
CA TYR L 89 -22.64 -31.93 68.80
C TYR L 89 -22.47 -31.02 67.58
N LEU L 90 -22.56 -29.72 67.84
CA LEU L 90 -22.47 -28.69 66.79
C LEU L 90 -21.67 -27.49 67.28
N PHE L 91 -21.03 -26.81 66.34
CA PHE L 91 -20.41 -25.53 66.61
C PHE L 91 -21.52 -24.50 66.50
N VAL L 92 -21.49 -23.48 67.35
CA VAL L 92 -22.37 -22.32 67.16
C VAL L 92 -21.53 -21.19 66.53
N THR L 93 -21.94 -20.78 65.33
CA THR L 93 -21.11 -19.99 64.43
C THR L 93 -21.28 -18.52 64.68
N ASP L 94 -22.52 -18.14 64.95
CA ASP L 94 -22.84 -16.74 65.17
C ASP L 94 -24.11 -16.65 66.01
N ILE L 95 -24.18 -15.62 66.85
CA ILE L 95 -25.37 -15.34 67.64
C ILE L 95 -25.96 -13.98 67.26
N GLN L 96 -26.72 -13.96 66.17
CA GLN L 96 -27.45 -12.77 65.78
C GLN L 96 -28.61 -12.59 66.74
N GLN L 97 -28.81 -11.36 67.22
CA GLN L 97 -29.87 -11.08 68.20
C GLN L 97 -31.12 -10.57 67.47
N LEU L 98 -32.28 -10.70 68.11
CA LEU L 98 -33.54 -10.23 67.54
C LEU L 98 -34.18 -9.12 68.36
N ASN L 99 -34.37 -9.37 69.65
CA ASN L 99 -34.90 -8.36 70.56
C ASN L 99 -34.18 -8.43 71.91
N ASP L 100 -34.57 -7.55 72.84
CA ASP L 100 -33.87 -7.41 74.12
C ASP L 100 -33.92 -8.66 75.02
N LYS L 101 -34.26 -9.84 74.49
CA LYS L 101 -33.94 -11.08 75.19
C LYS L 101 -33.92 -12.38 74.37
N VAL L 102 -34.45 -12.36 73.15
CA VAL L 102 -34.53 -13.55 72.33
C VAL L 102 -33.52 -13.50 71.19
N CYS L 103 -32.33 -14.08 71.41
CA CYS L 103 -31.27 -14.13 70.40
C CYS L 103 -31.30 -15.45 69.61
N GLU L 104 -30.96 -15.40 68.32
CA GLU L 104 -31.05 -16.55 67.42
C GLU L 104 -29.68 -17.09 67.03
N LEU L 105 -29.51 -18.40 67.23
CA LEU L 105 -28.22 -19.06 67.03
C LEU L 105 -28.13 -19.81 65.72
N SER L 106 -27.05 -19.60 64.98
CA SER L 106 -26.77 -20.39 63.79
C SER L 106 -25.78 -21.47 64.17
N LEU L 107 -25.91 -22.65 63.57
CA LEU L 107 -25.18 -23.83 63.99
C LEU L 107 -24.66 -24.62 62.81
N VAL L 108 -23.67 -25.47 63.07
CA VAL L 108 -23.11 -26.33 62.03
C VAL L 108 -22.49 -27.56 62.68
N PRO L 109 -22.81 -28.75 62.15
CA PRO L 109 -22.50 -29.96 62.92
C PRO L 109 -21.03 -30.29 63.07
N ASP L 110 -20.62 -30.65 64.28
CA ASP L 110 -19.25 -31.04 64.53
C ASP L 110 -19.23 -32.53 64.33
N VAL L 111 -19.37 -32.90 63.07
CA VAL L 111 -19.34 -34.30 62.66
C VAL L 111 -18.14 -35.05 63.21
N VAL L 112 -17.02 -34.35 63.43
CA VAL L 112 -15.80 -35.02 63.90
C VAL L 112 -15.93 -35.54 65.35
N MET L 113 -16.67 -34.81 66.18
CA MET L 113 -16.90 -35.19 67.57
C MET L 113 -18.05 -36.18 67.68
N THR L 114 -19.03 -36.05 66.80
CA THR L 114 -20.25 -36.82 66.91
C THR L 114 -20.03 -38.30 66.58
N TYR L 115 -19.42 -38.59 65.44
CA TYR L 115 -19.42 -39.94 64.89
C TYR L 115 -18.12 -40.72 65.09
N THR L 116 -16.98 -40.01 65.15
CA THR L 116 -15.66 -40.64 65.07
C THR L 116 -15.20 -41.22 66.38
N GLN L 117 -15.98 -41.04 67.44
CA GLN L 117 -15.54 -41.35 68.79
C GLN L 117 -15.16 -42.81 68.98
N GLY L 118 -14.09 -43.00 69.74
CA GLY L 118 -13.63 -44.34 70.05
C GLY L 118 -12.79 -44.99 68.98
N ASN L 119 -12.82 -46.31 68.97
CA ASN L 119 -11.95 -47.11 68.13
C ASN L 119 -12.57 -47.41 66.78
N VAL L 120 -13.07 -46.38 66.11
CA VAL L 120 -13.81 -46.59 64.88
C VAL L 120 -12.87 -46.60 63.70
N LEU L 121 -12.23 -45.45 63.50
CA LEU L 121 -11.45 -45.17 62.29
C LEU L 121 -10.36 -46.21 62.04
N ASN L 122 -9.96 -46.93 63.10
CA ASN L 122 -8.96 -47.99 62.97
C ASN L 122 -9.51 -49.20 62.21
N THR L 123 -10.82 -49.39 62.28
CA THR L 123 -11.46 -50.50 61.59
C THR L 123 -11.40 -50.34 60.07
N LEU L 124 -11.28 -49.09 59.62
CA LEU L 124 -11.30 -48.75 58.20
C LEU L 124 -10.15 -49.40 57.42
N ASN L 125 -10.51 -50.09 56.33
CA ASN L 125 -9.52 -50.70 55.46
C ASN L 125 -9.54 -50.10 54.07
N ASN L 126 -8.41 -50.23 53.38
CA ASN L 126 -8.27 -49.81 52.00
C ASN L 126 -8.56 -48.32 51.82
N VAL L 127 -8.06 -47.50 52.74
CA VAL L 127 -8.19 -46.05 52.59
C VAL L 127 -6.83 -45.50 52.28
N ASN L 128 -6.74 -44.63 51.26
CA ASN L 128 -5.52 -43.92 51.02
C ASN L 128 -5.33 -42.89 52.11
N VAL L 129 -4.31 -43.08 52.95
CA VAL L 129 -3.98 -42.11 53.98
C VAL L 129 -2.94 -41.19 53.42
N ILE L 130 -2.73 -40.08 54.10
CA ILE L 130 -1.78 -39.08 53.66
C ILE L 130 -0.76 -38.86 54.75
N ARG L 131 -1.25 -38.46 55.92
CA ARG L 131 -0.42 -38.17 57.05
C ARG L 131 -1.09 -38.69 58.28
N GLN L 132 -0.36 -39.45 59.09
CA GLN L 132 -0.85 -39.82 60.40
C GLN L 132 0.29 -39.92 61.36
N HIS L 133 -0.02 -40.38 62.57
CA HIS L 133 0.99 -40.64 63.57
C HIS L 133 1.16 -42.15 63.68
N TYR L 134 2.38 -42.59 64.00
CA TYR L 134 2.74 -44.00 63.85
C TYR L 134 2.83 -44.78 65.14
N THR L 135 2.44 -46.05 65.09
CA THR L 135 2.65 -46.94 66.23
C THR L 135 4.14 -47.20 66.23
N GLN L 136 4.69 -47.70 67.33
CA GLN L 136 6.13 -47.93 67.39
C GLN L 136 6.60 -48.91 66.31
N THR L 137 5.79 -49.94 66.05
CA THR L 137 6.14 -50.93 65.02
C THR L 137 6.19 -50.27 63.65
N GLU L 138 5.09 -49.64 63.26
CA GLU L 138 4.96 -48.99 61.96
C GLU L 138 5.96 -47.86 61.79
N TYR L 139 6.29 -47.20 62.90
CA TYR L 139 7.34 -46.18 62.91
C TYR L 139 8.62 -46.79 62.37
N GLU L 140 9.10 -47.85 63.00
CA GLU L 140 10.33 -48.51 62.57
C GLU L 140 10.30 -48.89 61.09
N GLN L 141 9.11 -49.09 60.53
CA GLN L 141 8.96 -49.50 59.12
C GLN L 141 9.08 -48.31 58.15
N ASN L 142 8.18 -47.34 58.29
CA ASN L 142 8.30 -46.10 57.53
C ASN L 142 9.36 -45.17 58.17
N LEU L 143 10.50 -45.70 58.64
CA LEU L 143 11.50 -44.87 59.34
C LEU L 143 12.54 -44.39 58.34
N GLU L 144 13.09 -45.32 57.56
CA GLU L 144 14.09 -44.99 56.56
C GLU L 144 13.50 -43.92 55.69
N GLN L 145 12.22 -44.04 55.38
CA GLN L 145 11.51 -42.98 54.69
C GLN L 145 11.67 -41.68 55.45
N ILE L 146 11.07 -41.60 56.63
CA ILE L 146 10.94 -40.29 57.30
C ILE L 146 12.27 -39.56 57.54
N ARG L 147 13.40 -40.29 57.48
CA ARG L 147 14.73 -39.69 57.62
C ARG L 147 15.33 -39.22 56.29
N SER L 148 14.83 -39.78 55.18
CA SER L 148 15.30 -39.41 53.84
C SER L 148 14.37 -38.47 53.03
N ASN L 149 13.05 -38.55 53.22
CA ASN L 149 12.11 -37.73 52.44
C ASN L 149 12.29 -36.25 52.72
N ASN L 150 11.69 -35.40 51.89
CA ASN L 150 11.86 -33.97 52.04
C ASN L 150 10.74 -33.34 52.82
N ASP L 151 10.01 -34.20 53.54
CA ASP L 151 8.97 -33.79 54.45
C ASP L 151 9.58 -33.35 55.78
N VAL L 152 10.08 -32.12 55.83
CA VAL L 152 10.61 -31.51 57.08
C VAL L 152 10.45 -30.00 57.04
N LEU L 153 10.44 -29.40 58.22
CA LEU L 153 10.28 -27.97 58.37
C LEU L 153 11.49 -27.14 57.93
N ALA L 154 11.21 -25.98 57.31
CA ALA L 154 12.22 -24.99 56.98
C ALA L 154 13.23 -24.80 58.11
N THR L 155 14.49 -25.11 57.82
CA THR L 155 15.54 -25.06 58.82
C THR L 155 16.81 -24.42 58.24
N SER L 156 17.46 -23.57 59.02
CA SER L 156 18.57 -22.72 58.52
C SER L 156 19.78 -22.52 59.45
N THR L 157 19.80 -23.14 60.62
CA THR L 157 20.66 -22.66 61.70
C THR L 157 21.60 -23.73 62.19
N MET L 158 22.23 -24.42 61.26
CA MET L 158 23.23 -25.41 61.64
C MET L 158 24.49 -24.73 62.17
N ARG L 159 25.12 -25.36 63.16
CA ARG L 159 26.35 -24.86 63.75
C ARG L 159 27.19 -26.04 64.21
N VAL L 160 28.49 -25.85 64.33
CA VAL L 160 29.36 -26.92 64.80
C VAL L 160 29.06 -27.09 66.28
N HIS L 161 28.32 -28.14 66.58
CA HIS L 161 27.69 -28.28 67.87
C HIS L 161 28.66 -28.90 68.84
N ALA L 162 29.39 -29.91 68.37
CA ALA L 162 30.31 -30.65 69.21
C ALA L 162 31.48 -31.16 68.35
N ILE L 163 32.63 -31.39 68.99
CA ILE L 163 33.76 -32.05 68.32
C ILE L 163 34.37 -33.16 69.17
N LYS L 164 34.50 -34.35 68.57
CA LYS L 164 35.28 -35.44 69.15
C LYS L 164 36.40 -35.74 68.17
N SER L 165 37.54 -36.22 68.67
CA SER L 165 38.69 -36.45 67.81
C SER L 165 39.59 -37.55 68.36
N GLU L 166 40.03 -38.44 67.48
CA GLU L 166 41.00 -39.45 67.85
C GLU L 166 42.38 -38.90 67.55
N LEU L 167 43.01 -38.37 68.59
CA LEU L 167 44.28 -37.66 68.44
C LEU L 167 45.48 -38.60 68.39
N PHE L 168 46.41 -38.32 67.48
CA PHE L 168 47.65 -39.09 67.40
C PHE L 168 48.65 -38.54 68.38
N THR L 169 48.75 -39.26 69.47
CA THR L 169 49.34 -38.74 70.68
C THR L 169 50.84 -39.07 70.70
N GLN L 170 51.17 -40.30 70.33
CA GLN L 170 52.57 -40.75 70.27
C GLN L 170 52.86 -41.26 68.89
N LEU L 171 54.14 -41.34 68.53
CA LEU L 171 54.54 -41.70 67.18
C LEU L 171 55.48 -42.90 67.14
N GLU L 172 55.59 -43.48 65.94
CA GLU L 172 56.49 -44.59 65.64
C GLU L 172 57.21 -44.26 64.32
N TYR L 173 58.29 -44.98 64.02
CA TYR L 173 59.13 -44.68 62.85
C TYR L 173 59.57 -45.93 62.09
N ILE L 174 59.45 -45.88 60.75
CA ILE L 174 60.11 -46.86 59.89
C ILE L 174 61.37 -46.25 59.27
N LEU L 175 62.49 -46.91 59.51
CA LEU L 175 63.75 -46.54 58.90
C LEU L 175 63.93 -47.56 57.80
N THR L 176 63.69 -47.13 56.59
CA THR L 176 63.64 -48.05 55.47
C THR L 176 64.85 -47.78 54.55
N ILE L 177 65.83 -48.68 54.63
CA ILE L 177 67.09 -48.55 53.90
C ILE L 177 67.41 -49.83 53.11
N GLY L 178 68.33 -49.70 52.15
CA GLY L 178 68.63 -50.76 51.22
C GLY L 178 69.96 -51.42 51.51
N ALA L 179 70.12 -51.84 52.76
CA ALA L 179 71.36 -52.44 53.22
C ALA L 179 71.02 -53.16 54.50
N ASN L 180 71.56 -54.37 54.67
CA ASN L 180 71.27 -55.14 55.86
C ASN L 180 72.00 -54.60 57.10
N LEU L 181 71.37 -53.67 57.81
CA LEU L 181 71.95 -53.04 59.01
C LEU L 181 72.57 -53.94 60.09
N ARG L 182 72.22 -55.24 60.10
CA ARG L 182 72.65 -56.15 61.17
C ARG L 182 73.72 -57.20 60.76
N LYS L 183 74.59 -56.84 59.82
CA LYS L 183 75.86 -57.58 59.57
C LYS L 183 77.02 -56.61 59.17
N SER L 184 78.22 -57.15 58.99
CA SER L 184 79.45 -56.35 58.91
C SER L 184 79.50 -55.23 57.86
N PHE L 185 79.83 -54.02 58.32
CA PHE L 185 80.07 -52.88 57.42
C PHE L 185 81.54 -52.82 57.01
N GLY L 186 82.44 -53.02 57.95
CA GLY L 186 83.86 -52.89 57.71
C GLY L 186 84.40 -51.55 58.20
N THR L 187 85.42 -51.04 57.52
CA THR L 187 86.00 -49.73 57.83
C THR L 187 86.13 -48.88 56.57
N ALA L 188 86.65 -47.66 56.74
CA ALA L 188 86.79 -46.72 55.64
C ALA L 188 87.61 -47.30 54.47
N GLU L 189 88.74 -47.90 54.81
CA GLU L 189 89.68 -48.40 53.79
C GLU L 189 89.22 -49.73 53.21
N LYS L 190 88.58 -50.55 54.03
CA LYS L 190 87.99 -51.82 53.58
C LYS L 190 86.47 -51.80 53.83
N PRO L 191 85.69 -51.33 52.84
CA PRO L 191 84.24 -51.26 53.01
C PRO L 191 83.51 -52.53 52.53
N LYS L 192 82.46 -52.91 53.26
CA LYS L 192 81.56 -53.99 52.86
C LYS L 192 80.15 -53.41 52.77
N PHE L 193 79.37 -53.89 51.80
CA PHE L 193 78.01 -53.36 51.56
C PHE L 193 76.99 -54.50 51.63
N PRO L 194 76.51 -54.84 52.84
CA PRO L 194 75.56 -55.95 52.99
C PRO L 194 74.21 -55.68 52.32
N SER L 195 73.88 -56.48 51.32
CA SER L 195 72.64 -56.28 50.56
C SER L 195 71.41 -56.45 51.45
N SER L 196 70.40 -55.63 51.21
CA SER L 196 69.16 -55.67 51.97
C SER L 196 68.36 -56.95 51.71
N SER L 197 68.00 -57.64 52.78
CA SER L 197 67.29 -58.91 52.66
C SER L 197 65.88 -58.77 52.04
N GLY L 198 65.12 -57.78 52.49
CA GLY L 198 63.72 -57.64 52.09
C GLY L 198 62.76 -58.29 53.06
N SER L 199 61.69 -57.58 53.39
CA SER L 199 60.63 -58.11 54.24
C SER L 199 59.28 -57.95 53.53
N THR L 200 58.20 -58.45 54.13
CA THR L 200 56.88 -58.40 53.50
C THR L 200 55.78 -58.01 54.48
N HIS L 201 55.28 -56.78 54.36
CA HIS L 201 54.27 -56.27 55.28
C HIS L 201 53.03 -55.84 54.54
N ASP L 202 51.87 -56.21 55.05
CA ASP L 202 50.61 -55.93 54.40
C ASP L 202 50.60 -56.48 52.97
N GLY L 203 51.23 -57.63 52.79
CA GLY L 203 51.24 -58.30 51.50
C GLY L 203 51.95 -57.58 50.38
N ILE L 204 52.95 -56.75 50.72
CA ILE L 204 53.80 -56.11 49.71
C ILE L 204 55.25 -56.36 50.05
N TYR L 205 55.93 -57.06 49.15
CA TYR L 205 57.35 -57.33 49.33
C TYR L 205 58.15 -56.08 49.06
N ASN L 206 59.04 -55.79 50.00
CA ASN L 206 59.94 -54.67 49.90
C ASN L 206 61.33 -55.20 49.57
N PRO L 207 61.97 -54.70 48.50
CA PRO L 207 63.38 -55.10 48.31
C PRO L 207 64.27 -54.57 49.44
N TYR L 208 63.78 -53.58 50.19
CA TYR L 208 64.55 -52.96 51.26
C TYR L 208 64.28 -53.61 52.61
N ASP L 209 65.12 -53.26 53.58
CA ASP L 209 64.85 -53.60 54.96
C ASP L 209 64.05 -52.47 55.60
N MET L 210 63.01 -52.84 56.34
CA MET L 210 62.27 -51.89 57.16
C MET L 210 62.66 -52.07 58.63
N TYR L 211 63.17 -51.03 59.27
CA TYR L 211 63.62 -51.13 60.67
C TYR L 211 62.74 -50.27 61.57
N TRP L 212 62.29 -50.91 62.65
CA TRP L 212 61.29 -50.33 63.53
C TRP L 212 61.91 -49.51 64.65
N PHE L 213 61.17 -48.49 65.07
CA PHE L 213 61.52 -47.73 66.27
C PHE L 213 60.23 -47.16 66.86
N ASN L 214 60.08 -47.28 68.18
CA ASN L 214 58.95 -46.65 68.87
C ASN L 214 59.43 -45.63 69.90
N ASP L 215 60.69 -45.22 69.80
CA ASP L 215 61.23 -44.13 70.61
C ASP L 215 62.15 -43.29 69.74
N TYR L 216 62.04 -41.96 69.82
CA TYR L 216 62.88 -41.08 69.00
C TYR L 216 64.34 -41.35 69.31
N GLU L 217 64.66 -41.35 70.60
CA GLU L 217 66.05 -41.51 71.06
C GLU L 217 66.65 -42.80 70.48
N SER L 218 65.86 -43.86 70.42
CA SER L 218 66.32 -45.12 69.85
C SER L 218 66.76 -44.93 68.39
N LEU L 219 65.91 -44.29 67.60
CA LEU L 219 66.21 -43.99 66.21
C LEU L 219 67.40 -43.02 66.09
N LYS L 220 67.50 -42.05 67.00
CA LYS L 220 68.57 -41.06 66.94
C LYS L 220 69.92 -41.72 67.13
N GLU L 221 70.00 -42.61 68.13
CA GLU L 221 71.24 -43.32 68.43
C GLU L 221 71.74 -44.09 67.21
N VAL L 222 70.82 -44.59 66.40
CA VAL L 222 71.19 -45.36 65.21
C VAL L 222 71.45 -44.42 64.01
N MET L 223 70.72 -43.32 63.92
CA MET L 223 70.98 -42.32 62.88
C MET L 223 72.39 -41.77 63.08
N ASP L 224 72.81 -41.66 64.35
CA ASP L 224 74.13 -41.17 64.70
C ASP L 224 75.20 -42.20 64.40
N TYR L 225 74.97 -43.44 64.85
CA TYR L 225 75.88 -44.55 64.60
C TYR L 225 76.14 -44.63 63.10
N LEU L 226 75.13 -44.29 62.30
CA LEU L 226 75.24 -44.39 60.85
C LEU L 226 76.10 -43.30 60.21
N THR L 227 76.26 -42.15 60.86
CA THR L 227 77.11 -41.10 60.31
C THR L 227 78.55 -41.59 60.12
N GLY L 228 78.98 -42.53 60.95
CA GLY L 228 80.30 -43.11 60.80
C GLY L 228 80.42 -44.17 59.72
N TYR L 229 79.39 -44.30 58.88
CA TYR L 229 79.45 -45.20 57.73
C TYR L 229 78.69 -44.60 56.53
N PRO L 230 79.27 -43.55 55.92
CA PRO L 230 78.65 -42.84 54.80
C PRO L 230 78.33 -43.70 53.56
N TRP L 231 78.80 -44.95 53.49
CA TRP L 231 78.56 -45.80 52.33
C TRP L 231 77.39 -46.76 52.60
N ILE L 232 77.07 -46.94 53.89
CA ILE L 232 75.87 -47.65 54.30
C ILE L 232 74.72 -46.66 54.44
N GLN L 233 75.03 -45.47 54.96
CA GLN L 233 74.03 -44.42 55.09
C GLN L 233 73.55 -43.88 53.73
N GLN L 234 74.42 -43.97 52.74
CA GLN L 234 74.11 -43.58 51.38
C GLN L 234 72.83 -44.24 50.86
N SER L 235 72.52 -45.43 51.39
CA SER L 235 71.39 -46.21 50.92
C SER L 235 70.24 -46.22 51.92
N ILE L 236 69.82 -45.04 52.35
CA ILE L 236 68.56 -44.88 53.08
C ILE L 236 67.54 -44.26 52.12
N LYS L 237 66.33 -44.81 52.05
CA LYS L 237 65.27 -44.25 51.21
C LYS L 237 64.61 -43.09 51.94
N ASN L 238 64.35 -43.31 53.22
CA ASN L 238 63.78 -42.29 54.07
C ASN L 238 63.70 -42.83 55.48
N VAL L 239 63.37 -41.96 56.41
CA VAL L 239 62.82 -42.40 57.68
C VAL L 239 61.45 -41.72 57.78
N THR L 240 60.40 -42.54 57.83
CA THR L 240 59.03 -42.00 57.86
C THR L 240 58.54 -41.95 59.29
N ILE L 241 57.66 -40.99 59.56
CA ILE L 241 57.02 -40.86 60.88
C ILE L 241 55.57 -41.24 60.76
N ILE L 242 55.19 -42.36 61.37
CA ILE L 242 53.79 -42.80 61.37
C ILE L 242 53.18 -42.61 62.76
N PRO L 243 51.84 -42.73 62.87
CA PRO L 243 51.17 -42.69 64.17
C PRO L 243 51.23 -44.02 64.94
N SER L 244 51.23 -43.89 66.26
CA SER L 244 51.43 -45.03 67.15
C SER L 244 50.38 -46.12 67.00
N GLY L 245 50.74 -47.33 67.42
CA GLY L 245 49.79 -48.42 67.57
C GLY L 245 49.19 -48.96 66.29
N PHE L 246 49.89 -48.79 65.17
CA PHE L 246 49.41 -49.35 63.92
C PHE L 246 50.15 -50.61 63.52
N ILE L 247 51.26 -50.93 64.19
CA ILE L 247 52.04 -52.12 63.85
C ILE L 247 51.94 -53.22 64.89
N LYS L 248 51.70 -54.44 64.40
CA LYS L 248 51.54 -55.60 65.26
C LYS L 248 52.90 -56.03 65.79
N GLN L 249 52.95 -56.38 67.07
CA GLN L 249 54.21 -56.80 67.69
C GLN L 249 54.82 -58.02 66.98
N GLU L 250 53.98 -58.98 66.61
CA GLU L 250 54.42 -60.18 65.91
C GLU L 250 54.58 -59.96 64.41
N SER L 251 54.80 -58.72 64.00
CA SER L 251 55.31 -58.41 62.68
C SER L 251 56.74 -57.89 62.83
N LEU L 252 57.28 -57.95 64.04
CA LEU L 252 58.61 -57.43 64.34
C LEU L 252 59.57 -58.49 64.88
N ASN L 253 60.76 -58.55 64.29
CA ASN L 253 61.83 -59.35 64.86
C ASN L 253 62.23 -58.78 66.21
N ASP L 254 62.90 -59.60 67.01
CA ASP L 254 63.39 -59.13 68.29
C ASP L 254 64.59 -58.22 68.06
N HIS L 255 65.09 -57.63 69.14
CA HIS L 255 66.22 -56.70 69.05
C HIS L 255 67.49 -57.42 68.59
N GLU L 256 67.83 -57.32 67.31
CA GLU L 256 69.11 -57.82 66.81
C GLU L 256 70.12 -56.68 66.82
N PRO L 257 71.41 -57.00 67.06
CA PRO L 257 72.42 -55.94 67.13
C PRO L 257 72.74 -55.33 65.75
N VAL L 258 73.16 -54.07 65.74
CA VAL L 258 73.47 -53.35 64.51
C VAL L 258 74.80 -53.89 63.91
N ASN L 259 75.67 -53.03 63.39
CA ASN L 259 76.89 -53.49 62.74
C ASN L 259 77.73 -54.33 63.69
N GLY L 260 78.12 -53.72 64.80
CA GLY L 260 78.91 -54.42 65.79
C GLY L 260 78.06 -55.45 66.50
N GLY L 261 77.19 -55.02 67.42
CA GLY L 261 76.97 -53.61 67.72
C GLY L 261 76.50 -53.36 69.13
N ASP L 262 76.57 -52.09 69.52
CA ASP L 262 76.13 -51.67 70.84
C ASP L 262 74.63 -51.40 70.82
N LEU L 263 74.09 -51.17 69.61
CA LEU L 263 72.70 -50.76 69.40
C LEU L 263 71.90 -51.87 68.77
N SER L 264 70.58 -51.84 68.95
CA SER L 264 69.72 -52.85 68.37
C SER L 264 68.61 -52.26 67.52
N VAL L 265 68.32 -52.91 66.40
CA VAL L 265 67.25 -52.49 65.52
C VAL L 265 66.35 -53.68 65.19
N ARG L 266 65.05 -53.43 65.06
CA ARG L 266 64.06 -54.49 64.88
C ARG L 266 63.47 -54.57 63.46
N LYS L 267 63.89 -55.57 62.71
CA LYS L 267 63.40 -55.77 61.35
C LYS L 267 61.89 -55.99 61.35
N LEU L 268 61.18 -55.25 60.51
CA LEU L 268 59.72 -55.36 60.40
C LEU L 268 59.33 -56.15 59.15
N GLY L 269 58.81 -57.35 59.34
CA GLY L 269 58.39 -58.18 58.23
C GLY L 269 57.41 -59.26 58.67
N LYS L 270 57.90 -60.50 58.74
CA LYS L 270 57.12 -61.61 59.27
C LYS L 270 55.74 -61.73 58.60
N GLN L 271 55.64 -61.34 57.33
CA GLN L 271 54.41 -61.49 56.54
C GLN L 271 53.14 -60.80 57.06
N GLY L 272 53.14 -60.30 58.30
CA GLY L 272 51.91 -59.89 58.97
C GLY L 272 51.31 -58.62 58.39
N VAL L 273 50.13 -58.26 58.89
CA VAL L 273 49.45 -57.02 58.48
C VAL L 273 49.56 -55.99 59.58
N SER L 274 48.96 -54.84 59.32
CA SER L 274 48.85 -53.78 60.31
C SER L 274 47.55 -53.97 61.06
N ASN L 275 47.40 -53.20 62.14
CA ASN L 275 46.14 -53.17 62.88
C ASN L 275 45.13 -52.37 62.06
N GLN L 276 44.04 -53.03 61.67
CA GLN L 276 42.95 -52.33 60.97
C GLN L 276 42.11 -51.58 61.99
N LYS L 277 42.75 -50.60 62.62
CA LYS L 277 42.37 -50.07 63.93
C LYS L 277 40.90 -49.68 64.03
N ASP L 278 40.21 -50.15 65.08
CA ASP L 278 38.89 -49.64 65.43
C ASP L 278 39.16 -48.25 66.07
N PHE L 279 38.82 -47.19 65.36
CA PHE L 279 38.95 -45.79 65.82
C PHE L 279 37.85 -45.43 66.80
N ASN L 280 38.10 -45.56 68.08
CA ASN L 280 37.00 -45.47 69.04
C ASN L 280 36.82 -44.10 69.67
N ALA L 281 37.89 -43.33 69.80
CA ALA L 281 37.78 -42.01 70.41
C ALA L 281 36.79 -41.13 69.65
N ILE L 282 36.59 -41.46 68.39
CA ILE L 282 35.78 -40.66 67.51
C ILE L 282 34.39 -41.29 67.20
N SER L 283 34.23 -42.57 67.55
CA SER L 283 33.00 -43.33 67.27
C SER L 283 31.93 -43.18 68.34
N LEU L 284 30.69 -43.05 67.92
CA LEU L 284 29.56 -42.97 68.83
C LEU L 284 28.50 -44.04 68.55
N ASP L 285 28.32 -44.95 69.49
CA ASP L 285 27.25 -45.93 69.39
C ASP L 285 25.93 -45.17 69.47
N TYR L 286 24.82 -45.87 69.27
CA TYR L 286 23.52 -45.20 69.12
C TYR L 286 23.24 -44.30 70.30
N GLN L 287 23.29 -44.91 71.49
CA GLN L 287 22.96 -44.17 72.70
C GLN L 287 23.85 -42.94 72.82
N SER L 288 25.13 -43.16 72.61
CA SER L 288 26.12 -42.10 72.72
C SER L 288 25.95 -41.04 71.65
N LEU L 289 25.44 -41.41 70.47
CA LEU L 289 25.31 -40.42 69.40
C LEU L 289 24.16 -39.47 69.67
N MET L 290 22.99 -40.05 69.90
CA MET L 290 21.80 -39.28 70.19
C MET L 290 22.07 -38.36 71.38
N PHE L 291 22.76 -38.93 72.37
CA PHE L 291 23.19 -38.21 73.52
C PHE L 291 23.97 -36.97 73.10
N THR L 292 25.07 -37.13 72.37
CA THR L 292 26.00 -36.02 72.11
C THR L 292 25.36 -34.89 71.31
N LEU L 293 24.29 -35.22 70.60
CA LEU L 293 23.55 -34.26 69.78
C LEU L 293 22.38 -33.62 70.51
N GLY L 294 22.19 -33.97 71.77
CA GLY L 294 21.07 -33.40 72.50
C GLY L 294 19.76 -33.83 71.88
N LEU L 295 19.72 -35.07 71.39
CA LEU L 295 18.51 -35.70 70.88
C LEU L 295 18.03 -36.78 71.85
N ASN L 296 16.74 -36.84 72.13
CA ASN L 296 16.23 -37.86 73.03
C ASN L 296 16.21 -39.23 72.33
N PRO L 297 17.09 -40.14 72.76
CA PRO L 297 17.32 -41.38 72.00
C PRO L 297 16.12 -42.32 71.95
N ILE L 298 15.10 -42.03 72.77
CA ILE L 298 14.01 -42.96 72.99
C ILE L 298 12.98 -42.82 71.88
N ASN L 299 12.78 -41.59 71.40
CA ASN L 299 11.78 -41.35 70.34
C ASN L 299 12.15 -40.27 69.32
N ASP L 300 13.44 -39.98 69.18
CA ASP L 300 13.92 -39.02 68.17
C ASP L 300 14.84 -39.61 67.08
N LYS L 301 14.80 -40.92 66.85
CA LYS L 301 15.66 -41.52 65.84
C LYS L 301 15.34 -40.97 64.46
N HIS L 302 14.09 -40.55 64.26
CA HIS L 302 13.68 -39.97 62.99
C HIS L 302 14.29 -38.58 62.71
N LEU L 303 15.01 -38.04 63.69
CA LEU L 303 15.65 -36.76 63.49
C LEU L 303 17.12 -36.88 63.03
N LEU L 304 17.64 -38.09 62.92
CA LEU L 304 18.99 -38.28 62.35
C LEU L 304 18.91 -38.15 60.85
N ARG L 305 18.73 -36.92 60.40
CA ARG L 305 18.66 -36.61 59.00
C ARG L 305 19.49 -35.34 58.78
N PRO L 306 20.09 -35.22 57.60
CA PRO L 306 21.13 -34.21 57.32
C PRO L 306 20.75 -32.75 57.61
N ASN L 307 19.49 -32.35 57.47
CA ASN L 307 19.14 -30.93 57.72
C ASN L 307 18.85 -30.60 59.20
N ILE L 308 19.04 -31.58 60.07
CA ILE L 308 19.00 -31.36 61.51
C ILE L 308 20.38 -31.65 62.15
N VAL L 309 21.07 -32.66 61.66
CA VAL L 309 22.41 -32.99 62.14
C VAL L 309 23.37 -33.39 61.00
N THR L 310 24.61 -32.94 61.13
CA THR L 310 25.63 -33.18 60.13
C THR L 310 26.95 -33.61 60.75
N ALA L 311 27.63 -34.55 60.09
CA ALA L 311 28.88 -35.08 60.60
C ALA L 311 29.97 -35.00 59.52
N GLU L 312 31.16 -34.55 59.90
CA GLU L 312 32.27 -34.41 58.95
C GLU L 312 33.61 -34.77 59.60
N LEU L 313 34.40 -35.62 58.95
CA LEU L 313 35.76 -35.88 59.43
C LEU L 313 36.77 -34.99 58.74
N THR L 314 37.77 -34.52 59.46
CA THR L 314 38.85 -33.74 58.85
C THR L 314 40.18 -33.98 59.57
N ASP L 315 41.28 -33.93 58.82
CA ASP L 315 42.62 -34.02 59.40
C ASP L 315 43.23 -32.64 59.52
N TYR L 316 42.40 -31.61 59.37
CA TYR L 316 42.85 -30.22 59.39
C TYR L 316 43.94 -29.94 58.36
N ALA L 317 44.02 -30.80 57.33
CA ALA L 317 44.98 -30.62 56.25
C ALA L 317 44.23 -30.67 54.93
N GLY L 318 42.92 -30.38 54.97
CA GLY L 318 42.13 -30.37 53.76
C GLY L 318 41.56 -31.72 53.36
N ASN L 319 42.10 -32.83 53.87
CA ASN L 319 41.45 -34.12 53.66
C ASN L 319 40.19 -34.10 54.51
N ARG L 320 39.04 -34.34 53.90
CA ARG L 320 37.77 -34.30 54.63
C ARG L 320 36.96 -35.55 54.32
N LEU L 321 35.89 -35.77 55.09
CA LEU L 321 34.85 -36.75 54.79
C LEU L 321 33.48 -36.31 55.29
N PRO L 322 32.58 -35.92 54.38
CA PRO L 322 31.22 -35.58 54.79
C PRO L 322 30.45 -36.85 55.11
N ILE L 323 29.49 -36.76 56.03
CA ILE L 323 28.65 -37.90 56.39
C ILE L 323 27.19 -37.48 56.53
N ASP L 324 26.30 -38.29 55.97
CA ASP L 324 24.89 -38.02 55.90
C ASP L 324 24.23 -38.94 56.93
N LEU L 325 23.81 -38.36 58.03
CA LEU L 325 23.45 -39.18 59.19
C LEU L 325 22.20 -40.03 58.94
N SER L 326 21.48 -39.78 57.84
CA SER L 326 20.31 -40.57 57.51
C SER L 326 20.64 -41.97 56.97
N LEU L 327 21.93 -42.32 56.92
CA LEU L 327 22.37 -43.55 56.28
C LEU L 327 22.98 -44.60 57.22
N ILE L 328 23.54 -44.14 58.35
CA ILE L 328 23.91 -45.07 59.43
C ILE L 328 22.66 -45.68 60.05
N GLU L 329 22.53 -47.00 59.95
CA GLU L 329 21.32 -47.68 60.40
C GLU L 329 21.09 -47.51 61.89
N THR L 330 22.12 -47.72 62.68
CA THR L 330 22.05 -47.48 64.14
C THR L 330 23.31 -46.88 64.81
N ASN L 331 24.48 -47.01 64.18
CA ASN L 331 25.72 -46.59 64.83
C ASN L 331 26.68 -45.87 63.93
N LEU L 332 27.11 -44.70 64.41
CA LEU L 332 28.24 -44.01 63.82
C LEU L 332 29.56 -44.65 64.32
N GLU L 333 29.87 -45.86 63.83
CA GLU L 333 31.16 -46.49 64.14
C GLU L 333 32.19 -46.24 63.03
N PHE L 334 33.34 -45.69 63.41
CA PHE L 334 34.50 -45.53 62.51
C PHE L 334 35.49 -46.68 62.67
N ASP L 335 35.68 -47.45 61.61
CA ASP L 335 36.76 -48.43 61.51
C ASP L 335 37.75 -47.89 60.49
N SER L 336 38.91 -48.54 60.34
CA SER L 336 39.91 -48.09 59.35
C SER L 336 40.51 -49.20 58.49
N PHE L 337 41.21 -48.75 57.46
CA PHE L 337 41.83 -49.63 56.50
C PHE L 337 43.21 -49.05 56.29
N VAL L 338 44.14 -49.55 57.08
CA VAL L 338 45.49 -49.02 57.09
C VAL L 338 46.44 -50.07 56.51
N THR L 339 47.32 -49.58 55.65
CA THR L 339 48.40 -50.39 55.13
C THR L 339 49.65 -49.60 55.42
N MET L 340 50.70 -50.29 55.88
CA MET L 340 51.89 -49.64 56.40
C MET L 340 53.22 -50.27 55.95
N GLY L 341 54.29 -49.53 56.21
CA GLY L 341 55.64 -49.98 55.97
C GLY L 341 55.99 -49.76 54.52
N ALA L 342 55.59 -50.73 53.71
CA ALA L 342 55.77 -50.67 52.28
C ALA L 342 55.08 -49.43 51.68
N LYS L 343 53.81 -49.24 52.01
CA LYS L 343 53.01 -48.12 51.53
C LYS L 343 52.28 -47.53 52.74
N ASN L 344 52.44 -46.23 52.99
CA ASN L 344 51.92 -45.63 54.21
C ASN L 344 50.63 -44.86 53.98
N GLU L 345 49.52 -45.43 54.44
CA GLU L 345 48.20 -44.86 54.19
C GLU L 345 47.13 -45.45 55.08
N ILE L 346 46.49 -44.58 55.86
CA ILE L 346 45.35 -44.94 56.68
C ILE L 346 44.14 -44.28 56.10
N LYS L 347 43.18 -45.07 55.64
CA LYS L 347 41.89 -44.50 55.33
C LYS L 347 40.83 -45.03 56.29
N VAL L 348 40.13 -44.10 56.90
CA VAL L 348 39.17 -44.40 57.95
C VAL L 348 37.78 -44.21 57.34
N TYR L 349 36.97 -45.26 57.42
CA TYR L 349 35.64 -45.27 56.80
C TYR L 349 34.58 -45.37 57.88
N VAL L 350 33.32 -45.31 57.46
CA VAL L 350 32.21 -45.38 58.40
C VAL L 350 31.49 -46.67 58.14
N LYS L 351 31.30 -47.45 59.21
CA LYS L 351 30.84 -48.85 59.10
C LYS L 351 29.40 -48.95 58.57
N ASN L 352 29.23 -49.59 57.41
CA ASN L 352 27.90 -49.91 56.88
C ASN L 352 27.09 -48.65 56.56
N TYR L 353 27.81 -47.67 56.03
CA TYR L 353 27.24 -46.40 55.62
C TYR L 353 26.35 -46.66 54.39
N ASN L 354 25.11 -46.16 54.45
CA ASN L 354 24.15 -46.33 53.36
C ASN L 354 23.74 -47.77 53.21
N ALA L 355 24.12 -48.63 54.15
CA ALA L 355 23.84 -50.04 54.02
C ALA L 355 22.56 -50.37 54.77
N ARG L 356 21.89 -51.42 54.28
CA ARG L 356 20.78 -52.05 54.98
C ARG L 356 21.29 -53.32 55.67
N GLY L 357 22.17 -53.13 56.67
CA GLY L 357 22.98 -54.17 57.31
C GLY L 357 22.40 -55.58 57.49
N ASN L 358 23.24 -56.58 57.72
CA ASN L 358 24.68 -56.42 57.97
C ASN L 358 25.54 -56.79 56.76
N ASN L 359 25.33 -56.14 55.62
CA ASN L 359 26.36 -56.08 54.58
C ASN L 359 27.16 -54.77 54.75
N VAL L 360 28.39 -54.74 54.26
CA VAL L 360 29.16 -53.50 54.33
C VAL L 360 28.60 -52.57 53.29
N GLY L 361 28.64 -51.29 53.58
CA GLY L 361 27.98 -50.34 52.70
C GLY L 361 28.96 -49.89 51.66
N GLN L 362 29.28 -48.60 51.71
CA GLN L 362 30.25 -48.05 50.79
C GLN L 362 31.65 -48.55 51.12
N TYR L 363 31.82 -49.09 52.33
CA TYR L 363 33.12 -49.58 52.76
C TYR L 363 34.11 -48.43 52.62
N ILE L 364 35.15 -48.59 51.79
CA ILE L 364 36.23 -47.61 51.72
C ILE L 364 36.06 -46.62 50.56
N ASP L 365 35.04 -46.82 49.74
CA ASP L 365 34.71 -45.86 48.71
C ASP L 365 34.14 -44.58 49.34
N ASN L 366 33.91 -44.58 50.65
CA ASN L 366 33.57 -43.37 51.39
C ASN L 366 34.44 -43.22 52.63
N ALA L 367 35.68 -42.79 52.40
CA ALA L 367 36.68 -42.70 53.47
C ALA L 367 37.54 -41.43 53.42
N LEU L 368 37.88 -40.96 54.62
CA LEU L 368 38.86 -39.91 54.83
C LEU L 368 40.23 -40.55 54.74
N THR L 369 41.00 -40.18 53.73
CA THR L 369 42.21 -40.94 53.42
C THR L 369 43.45 -40.11 53.75
N ILE L 370 44.25 -40.65 54.65
CA ILE L 370 45.46 -40.02 55.20
C ILE L 370 46.74 -40.64 54.66
N ASN L 371 47.62 -39.83 54.08
CA ASN L 371 48.93 -40.35 53.69
C ASN L 371 49.98 -39.31 53.31
N ASN L 372 49.91 -38.13 53.92
CA ASN L 372 50.99 -37.15 53.80
C ASN L 372 51.95 -37.22 55.01
N PHE L 373 52.44 -38.41 55.34
CA PHE L 373 53.25 -38.58 56.55
C PHE L 373 54.63 -37.94 56.43
N ASP L 374 55.18 -37.50 57.55
CA ASP L 374 56.47 -36.81 57.56
C ASP L 374 57.67 -37.75 57.37
N THR L 375 58.65 -37.33 56.59
CA THR L 375 59.94 -37.98 56.56
C THR L 375 60.99 -36.99 57.00
N ILE L 376 62.14 -37.49 57.44
CA ILE L 376 63.12 -36.66 58.10
C ILE L 376 64.43 -36.63 57.34
N GLY L 377 65.01 -35.44 57.19
CA GLY L 377 66.23 -35.27 56.42
C GLY L 377 67.50 -35.58 57.20
N PHE L 378 68.54 -36.04 56.51
CA PHE L 378 69.82 -36.36 57.16
C PHE L 378 71.03 -35.86 56.35
N SER L 379 72.22 -35.96 56.93
CA SER L 379 73.47 -35.48 56.32
C SER L 379 74.52 -36.59 56.24
N VAL L 380 75.32 -36.54 55.18
CA VAL L 380 76.33 -37.56 54.89
C VAL L 380 77.48 -36.97 54.07
N ASP L 381 78.67 -37.55 54.20
CA ASP L 381 79.83 -37.17 53.35
C ASP L 381 80.40 -38.38 52.61
N ALA L 462 75.37 -36.86 51.27
CA ALA L 462 74.76 -35.67 50.70
C ALA L 462 74.08 -34.90 51.81
N ILE L 463 72.97 -34.24 51.50
CA ILE L 463 72.23 -33.49 52.51
C ILE L 463 70.74 -33.82 52.41
N THR L 464 70.43 -34.96 51.78
CA THR L 464 69.08 -35.30 51.29
C THR L 464 67.96 -34.91 52.27
N GLU L 465 66.97 -34.15 51.78
CA GLU L 465 66.06 -33.40 52.65
C GLU L 465 64.87 -34.18 53.20
N GLY L 466 64.33 -33.68 54.30
CA GLY L 466 63.14 -34.26 54.89
C GLY L 466 61.87 -33.68 54.28
N HIS L 467 60.78 -34.44 54.37
CA HIS L 467 59.46 -33.98 53.92
C HIS L 467 58.55 -33.68 55.13
N VAL L 468 57.86 -32.54 55.07
CA VAL L 468 57.01 -32.08 56.17
C VAL L 468 55.55 -32.18 55.78
N GLY L 469 54.72 -32.64 56.71
CA GLY L 469 53.31 -32.86 56.46
C GLY L 469 52.46 -32.53 57.67
N TYR L 470 52.24 -33.52 58.52
CA TYR L 470 51.45 -33.33 59.73
C TYR L 470 52.29 -32.91 60.95
N ALA L 471 53.57 -32.66 60.76
CA ALA L 471 54.46 -32.39 61.89
C ALA L 471 54.01 -31.17 62.74
N PRO L 472 54.01 -29.96 62.17
CA PRO L 472 53.70 -28.79 63.03
C PRO L 472 52.28 -28.81 63.60
N LEU L 473 51.40 -29.59 62.98
CA LEU L 473 50.07 -29.87 63.52
C LEU L 473 50.20 -30.65 64.80
N PHE L 474 51.14 -31.58 64.85
CA PHE L 474 51.34 -32.42 66.04
C PHE L 474 51.91 -31.63 67.22
N LYS L 475 52.78 -30.66 66.94
CA LYS L 475 53.31 -29.83 68.02
C LYS L 475 52.27 -28.86 68.60
N GLN L 476 51.06 -28.91 68.06
CA GLN L 476 49.92 -28.19 68.61
C GLN L 476 48.86 -29.17 69.15
N ASP L 477 49.21 -30.46 69.18
CA ASP L 477 48.28 -31.54 69.54
C ASP L 477 47.02 -31.51 68.69
N LYS L 478 47.20 -31.45 67.39
CA LYS L 478 46.11 -31.52 66.43
C LYS L 478 46.39 -32.53 65.32
N PHE L 479 47.50 -33.26 65.44
CA PHE L 479 47.74 -34.31 64.46
C PHE L 479 46.79 -35.40 64.82
N GLY L 480 45.78 -35.61 63.99
CA GLY L 480 44.80 -36.64 64.24
C GLY L 480 43.58 -36.43 63.39
N VAL L 481 42.66 -37.38 63.47
CA VAL L 481 41.40 -37.31 62.73
C VAL L 481 40.32 -36.77 63.65
N HIS L 482 39.58 -35.78 63.15
CA HIS L 482 38.60 -35.04 63.94
C HIS L 482 37.18 -35.14 63.33
N LEU L 483 36.17 -35.17 64.20
CA LEU L 483 34.76 -35.28 63.79
C LEU L 483 33.99 -34.02 64.16
N ARG L 484 33.26 -33.46 63.20
CA ARG L 484 32.49 -32.26 63.42
C ARG L 484 31.04 -32.59 63.38
N LEU L 485 30.46 -32.75 64.57
CA LEU L 485 29.01 -32.88 64.69
C LEU L 485 28.37 -31.49 64.69
N GLY L 486 27.42 -31.31 63.78
CA GLY L 486 26.73 -30.06 63.62
C GLY L 486 25.27 -30.27 63.93
N ARG L 487 24.62 -29.25 64.48
CA ARG L 487 23.20 -29.36 64.77
C ARG L 487 22.57 -27.99 64.65
N ILE L 488 21.27 -27.98 64.42
CA ILE L 488 20.47 -26.76 64.38
C ILE L 488 20.20 -26.20 65.79
N SER L 489 19.93 -24.88 65.85
CA SER L 489 19.57 -24.18 67.09
C SER L 489 18.62 -24.98 67.94
N GLN L 490 18.75 -24.87 69.26
CA GLN L 490 17.79 -25.54 70.14
C GLN L 490 16.36 -25.11 69.82
N ASP L 491 16.12 -23.82 69.53
CA ASP L 491 14.77 -23.35 69.23
C ASP L 491 14.33 -24.05 67.96
N GLU L 492 15.15 -23.98 66.93
CA GLU L 492 14.78 -24.56 65.64
C GLU L 492 14.54 -26.08 65.77
N LEU L 493 15.31 -26.74 66.61
CA LEU L 493 15.13 -28.16 66.85
C LEU L 493 13.75 -28.44 67.43
N ASN L 494 13.22 -27.49 68.21
CA ASN L 494 11.85 -27.60 68.71
C ASN L 494 10.81 -27.29 67.65
N ASN L 495 11.05 -26.30 66.81
CA ASN L 495 10.12 -26.00 65.71
C ASN L 495 9.88 -27.25 64.86
N VAL L 496 10.94 -28.06 64.68
CA VAL L 496 10.84 -29.31 63.93
C VAL L 496 10.16 -30.37 64.79
N LYS L 497 10.63 -30.51 66.02
CA LYS L 497 10.04 -31.45 66.96
C LYS L 497 8.52 -31.22 66.95
N LYS L 498 8.13 -29.95 67.05
CA LYS L 498 6.74 -29.53 67.07
C LYS L 498 6.01 -29.93 65.79
N TYR L 499 6.52 -29.47 64.67
CA TYR L 499 5.95 -29.77 63.36
C TYR L 499 5.62 -31.24 63.14
N TYR L 500 6.54 -32.13 63.47
CA TYR L 500 6.30 -33.56 63.32
C TYR L 500 5.24 -34.02 64.33
N ASN L 501 5.44 -33.68 65.60
CA ASN L 501 4.53 -34.04 66.68
C ASN L 501 3.14 -33.50 66.44
N MET L 502 3.03 -32.45 65.63
CA MET L 502 1.74 -31.83 65.33
C MET L 502 1.02 -32.46 64.14
N PHE L 503 1.77 -32.70 63.06
CA PHE L 503 1.19 -33.14 61.80
C PHE L 503 1.65 -34.52 61.35
N GLY L 504 2.14 -35.33 62.27
CA GLY L 504 2.57 -36.66 61.90
C GLY L 504 3.62 -36.66 60.82
N TYR L 505 3.78 -37.78 60.14
CA TYR L 505 4.75 -37.92 59.07
C TYR L 505 4.01 -38.22 57.77
N GLU L 506 4.69 -38.04 56.65
CA GLU L 506 4.09 -38.23 55.33
C GLU L 506 4.14 -39.70 54.93
N CYS L 507 2.97 -40.33 54.81
CA CYS L 507 2.88 -41.67 54.25
C CYS L 507 2.14 -41.61 52.92
N ASN L 508 2.74 -42.18 51.87
CA ASN L 508 2.09 -42.31 50.56
C ASN L 508 1.38 -43.69 50.36
N ASP L 509 0.74 -44.15 51.42
CA ASP L 509 0.11 -45.46 51.42
C ASP L 509 -1.30 -45.30 50.88
N TYR L 510 -1.49 -45.65 49.62
CA TYR L 510 -2.84 -45.86 49.11
C TYR L 510 -3.27 -47.20 49.68
N SER L 511 -4.56 -47.46 49.80
CA SER L 511 -5.04 -48.79 50.22
C SER L 511 -4.31 -49.36 51.46
N THR L 512 -4.64 -48.84 52.65
CA THR L 512 -3.98 -49.27 53.89
C THR L 512 -4.89 -48.98 55.07
N LYS L 513 -4.79 -49.80 56.10
CA LYS L 513 -5.56 -49.59 57.32
C LYS L 513 -4.91 -48.46 58.08
N LEU L 514 -5.73 -47.60 58.66
CA LEU L 514 -5.21 -46.52 59.48
C LEU L 514 -4.29 -47.10 60.56
N SER L 515 -3.17 -46.44 60.82
CA SER L 515 -2.39 -46.79 62.00
C SER L 515 -3.24 -46.46 63.21
N ASP L 516 -2.83 -46.91 64.39
CA ASP L 516 -3.65 -46.67 65.57
C ASP L 516 -3.91 -45.17 65.77
N ILE L 517 -5.07 -44.88 66.35
CA ILE L 517 -5.55 -43.53 66.56
C ILE L 517 -5.06 -42.95 67.90
N THR L 518 -4.52 -43.82 68.76
CA THR L 518 -4.01 -43.44 70.06
C THR L 518 -2.55 -43.80 70.17
N SER L 519 -1.86 -43.76 69.03
CA SER L 519 -0.47 -44.12 69.03
C SER L 519 0.21 -43.19 70.05
N MET L 520 -0.14 -41.91 69.96
CA MET L 520 0.57 -40.86 70.68
C MET L 520 0.07 -40.64 72.11
N SER L 521 0.71 -39.71 72.79
CA SER L 521 0.41 -39.37 74.17
C SER L 521 -0.33 -38.04 74.31
N ILE L 522 -0.16 -37.15 73.33
CA ILE L 522 -0.74 -35.81 73.40
C ILE L 522 -1.79 -35.60 72.32
N CYS L 523 -1.46 -35.97 71.09
CA CYS L 523 -2.40 -35.82 69.99
C CYS L 523 -2.00 -36.71 68.81
N ASN L 524 -2.98 -37.07 68.00
CA ASN L 524 -2.75 -37.85 66.80
C ASN L 524 -3.25 -37.07 65.59
N TRP L 525 -2.49 -37.11 64.50
CA TRP L 525 -2.89 -36.42 63.30
C TRP L 525 -3.52 -37.55 62.51
N VAL L 526 -4.47 -37.21 61.65
CA VAL L 526 -5.07 -38.22 60.81
C VAL L 526 -5.71 -37.55 59.60
N GLN L 527 -5.20 -37.90 58.44
CA GLN L 527 -5.58 -37.28 57.19
C GLN L 527 -5.68 -38.35 56.08
N PHE L 528 -6.89 -38.56 55.53
CA PHE L 528 -7.07 -39.59 54.50
C PHE L 528 -8.18 -39.41 53.45
N LYS L 529 -7.81 -39.77 52.22
CA LYS L 529 -8.67 -39.70 51.04
C LYS L 529 -9.56 -40.94 51.09
N GLY L 530 -10.65 -40.96 50.31
CA GLY L 530 -11.54 -42.10 50.23
C GLY L 530 -10.88 -43.45 49.92
N ILE L 531 -11.61 -44.57 49.97
CA ILE L 531 -13.06 -44.61 50.20
C ILE L 531 -13.53 -45.46 51.37
N TRP L 532 -14.41 -44.86 52.16
CA TRP L 532 -14.89 -45.41 53.42
C TRP L 532 -16.27 -44.90 53.74
N THR L 533 -17.02 -45.71 54.49
CA THR L 533 -18.23 -45.20 55.15
C THR L 533 -18.21 -45.69 56.59
N LEU L 534 -18.77 -44.88 57.48
CA LEU L 534 -18.98 -45.32 58.86
C LEU L 534 -20.39 -45.87 59.03
N PRO L 535 -20.51 -47.00 59.77
CA PRO L 535 -21.82 -47.64 59.93
C PRO L 535 -22.92 -46.69 60.43
N ASN L 536 -23.93 -46.47 59.60
CA ASN L 536 -25.19 -45.86 60.01
C ASN L 536 -25.05 -44.38 60.24
N VAL L 537 -24.57 -43.67 59.22
CA VAL L 537 -24.42 -42.24 59.33
C VAL L 537 -25.07 -41.54 58.16
N ASP L 538 -25.78 -40.46 58.48
CA ASP L 538 -26.51 -39.70 57.48
C ASP L 538 -25.56 -39.42 56.33
N THR L 539 -25.89 -39.94 55.15
CA THR L 539 -25.02 -39.79 53.99
C THR L 539 -24.49 -38.37 53.80
N GLY L 540 -25.30 -37.37 54.17
CA GLY L 540 -24.84 -35.98 54.12
C GLY L 540 -23.63 -35.77 55.03
N HIS L 541 -23.81 -36.14 56.30
CA HIS L 541 -22.76 -36.03 57.31
C HIS L 541 -21.51 -36.80 56.93
N MET L 542 -21.68 -37.88 56.20
CA MET L 542 -20.54 -38.64 55.72
C MET L 542 -19.71 -37.78 54.77
N ASN L 543 -20.35 -37.23 53.75
CA ASN L 543 -19.68 -36.36 52.80
C ASN L 543 -18.81 -35.31 53.48
N MET L 544 -19.19 -34.91 54.69
CA MET L 544 -18.37 -34.00 55.48
C MET L 544 -17.18 -34.72 56.08
N LEU L 545 -17.42 -35.76 56.87
CA LEU L 545 -16.33 -36.54 57.45
C LEU L 545 -15.33 -36.97 56.41
N ARG L 546 -15.81 -37.51 55.30
CA ARG L 546 -14.94 -38.04 54.28
C ARG L 546 -13.95 -36.97 53.80
N ALA L 547 -14.43 -35.72 53.75
CA ALA L 547 -13.68 -34.60 53.17
C ALA L 547 -13.01 -33.72 54.23
N LEU L 548 -13.49 -33.82 55.47
CA LEU L 548 -12.90 -33.10 56.57
C LEU L 548 -11.58 -33.81 56.88
N PHE L 549 -11.59 -35.13 56.74
CA PHE L 549 -10.40 -35.95 56.97
C PHE L 549 -9.45 -35.94 55.78
N GLU L 550 -9.95 -35.69 54.58
CA GLU L 550 -9.03 -35.54 53.45
C GLU L 550 -8.06 -34.39 53.73
N ALA L 551 -8.52 -33.40 54.50
CA ALA L 551 -7.70 -32.24 54.87
C ALA L 551 -7.16 -32.31 56.31
N GLY L 552 -7.14 -33.52 56.87
CA GLY L 552 -6.51 -33.75 58.15
C GLY L 552 -7.29 -33.23 59.33
N VAL L 553 -7.11 -33.88 60.47
CA VAL L 553 -7.79 -33.54 61.71
C VAL L 553 -6.91 -33.92 62.90
N ARG L 554 -6.72 -33.00 63.84
CA ARG L 554 -5.92 -33.34 65.00
C ARG L 554 -6.80 -33.88 66.09
N LEU L 555 -6.49 -35.10 66.50
CA LEU L 555 -7.17 -35.81 67.59
C LEU L 555 -6.42 -35.70 68.89
N TRP L 556 -6.77 -34.71 69.68
CA TRP L 556 -6.13 -34.52 70.96
C TRP L 556 -6.65 -35.53 71.92
N HIS L 557 -5.87 -35.84 72.96
CA HIS L 557 -6.24 -36.89 73.90
C HIS L 557 -6.66 -36.34 75.26
N LYS L 558 -6.05 -35.23 75.69
CA LYS L 558 -6.46 -34.56 76.93
C LYS L 558 -6.83 -33.11 76.63
N GLU L 559 -7.85 -32.60 77.30
CA GLU L 559 -8.25 -31.20 77.05
C GLU L 559 -7.15 -30.25 77.51
N SER L 560 -6.52 -30.57 78.63
CA SER L 560 -5.42 -29.75 79.15
C SER L 560 -4.34 -29.52 78.10
N ASP L 561 -4.05 -30.54 77.30
CA ASP L 561 -3.03 -30.45 76.26
C ASP L 561 -3.41 -29.46 75.15
N MET L 562 -4.69 -29.10 75.06
CA MET L 562 -5.17 -28.17 74.05
C MET L 562 -4.92 -26.70 74.42
N ILE L 563 -4.58 -26.44 75.68
CA ILE L 563 -4.28 -25.07 76.09
C ILE L 563 -3.04 -25.02 76.97
N ASN L 564 -2.08 -25.89 76.68
CA ASN L 564 -0.75 -25.77 77.23
C ASN L 564 0.25 -26.15 76.15
N ASN L 565 1.47 -25.67 76.28
CA ASN L 565 2.45 -25.85 75.23
C ASN L 565 3.07 -27.24 75.27
N THR L 566 2.25 -28.27 75.37
CA THR L 566 2.72 -29.60 75.68
C THR L 566 3.07 -30.41 74.44
N VAL L 567 2.75 -29.89 73.26
CA VAL L 567 2.80 -30.73 72.05
C VAL L 567 4.24 -31.11 71.74
N VAL L 568 5.18 -30.30 72.25
CA VAL L 568 6.60 -30.53 72.04
C VAL L 568 7.00 -31.89 72.63
N ASN L 569 6.26 -32.35 73.65
CA ASN L 569 6.53 -33.64 74.27
C ASN L 569 5.58 -34.76 73.83
N ASN L 570 4.99 -34.65 72.65
CA ASN L 570 4.24 -35.76 72.10
C ASN L 570 5.21 -36.93 71.88
N VAL L 571 4.72 -38.17 71.96
CA VAL L 571 5.57 -39.35 71.91
C VAL L 571 4.75 -40.65 71.88
N ILE L 572 5.37 -41.75 71.44
CA ILE L 572 4.66 -43.00 71.22
C ILE L 572 4.50 -43.73 72.57
N ILE L 573 4.60 -45.06 72.61
CA ILE L 573 4.55 -45.81 73.85
C ILE L 573 5.27 -47.16 73.67
#